data_5LF6
#
_entry.id   5LF6
#
_cell.length_a   113.870
_cell.length_b   203.480
_cell.length_c   315.630
_cell.angle_alpha   90.00
_cell.angle_beta   90.00
_cell.angle_gamma   90.00
#
_symmetry.space_group_name_H-M   'P 21 21 21'
#
loop_
_entity.id
_entity.type
_entity.pdbx_description
1 polymer 'Proteasome subunit alpha type-2'
2 polymer 'Proteasome subunit alpha type-4'
3 polymer 'Proteasome subunit alpha type-7'
4 polymer 'Proteasome subunit alpha type-5'
5 polymer 'Proteasome subunit alpha type-1'
6 polymer 'Proteasome subunit alpha type-3'
7 polymer 'Proteasome subunit alpha type-6'
8 polymer 'Proteasome subunit beta type-7'
9 polymer 'Proteasome subunit beta type-3'
10 polymer 'Proteasome subunit beta type-2'
11 polymer 'Z-LLY-ketoaldehyde peptide'
12 polymer 'Proteasome subunit beta type-5'
13 polymer 'Proteasome subunit beta type-1'
14 polymer 'Proteasome subunit beta type-4'
15 polymer 'Proteasome subunit beta type-6'
16 non-polymer 'CHLORIDE ION'
17 non-polymer 1-ETHYL-PYRROLIDINE-2,5-DIONE
18 non-polymer 'POTASSIUM ION'
19 non-polymer 'MAGNESIUM ION'
20 non-polymer 'PENTAETHYLENE GLYCOL'
21 water water
#
loop_
_entity_poly.entity_id
_entity_poly.type
_entity_poly.pdbx_seq_one_letter_code
_entity_poly.pdbx_strand_id
1 'polypeptide(L)'
;MAERGYSFSLTTFSPSGKLVQIEYALAAVAGGAPSVGIKAANGVVLATEKKQKSILYDERSVHKVEPITKHIGLVYSGMG
PDYRVLVHRARKLAQQYYLVYQEPIPTAQLVQRVASVMQEYTQSGGVRPFGVSLLICGWNEGRPYLFQSDPSGAYFAWKA
TAMGKNYVNGKTFLEKRYNEDLELEDAIHTAILTLKESFEGQMTEDNIEVGICNEAGFRRLTPTEVKDYLAAIA
;
A,O
2 'polypeptide(L)'
;MSRRYDSRTTIFSPEGRLYQVEYAMEAIGHAGTCLGILANDGVLLAAERRNIHKLLDEVFFSEKIYKLNEDMACSVAGIT
SDANVLTNELRLIAQRYLLQYQEPIPCEQLVTALCDIKQAYTQFGGKRPFGVSLLYIGWDKHYGFQLYQSDPSGNYGGWK
ATCIGNNSAAAVSMLKQDYKEGEMTLKSALALAIKVLNKTMDVSKLSAEKVEIATLTRENGKTVIRVLKQKEVEQLIKKH
EEEEAKAEREKKEKEQKEKDK
;
B,P
3 'polypeptide(L)'
;MSYDRAITVFSPDGHLFQVEYAQEAVKKGSTAVGVRGRDIVVLGVEKKSVAKLQDERTVRKI(YCM)ALDDNVCMAFAGL
TADARIVINRARVECQSHRLTVEDPVTVEYITRYIASLKQRYTQSNGRRPFGISALIVGFDFDGTPRLYQTDPSGTYHAW
KANAIGRGAKSVREFLEKNYTDEAIETDDLTIKLVIKALLEVVQSGGKNIELAVMRRDQSLKILNPEEIEKYVAEIEKEK
EENEKKKQKKAS
;
C,Q
4 'polypeptide(L)'
;MFLTRSEYDRGVNTFSPEGRLFQVEYAIEAIKLGSTAIGIQTSEGVCLAVEKRITSPLMEPSSIEKIVEIDAHIGCAMSG
LIADAKTLIDKARVETQNHWFTYNETMTVESVTQAVSNLALQFGEEDADPGAMSRPFGVALLFGGVDEKGPQLFHMDPSG
TFVQCDARAIGSASEGAQSSLQEVYHKSMTLKEAIKSSLIILKQVMEEKLNATNIELATVQPGQNFHMFTKEELEEVIKD
I
;
D,R
5 'polypeptide(L)'
;MFRNQYDNDVTVWSPQGRIHQIEYAMEAVKQGSATVGLKSKTHAVLVALKRAQSELAAHQKKILHVDNHIGISIAGLTAD
ARLLCNFMRQECLDSRFVFDRPLPVSRLVSLIGSKTQIPTQRYGRRPYGVGLLIAGYDDMGPHIFQTCPSANYFDCRAMS
IGARSQSARTYLERHMSEFMECNLNELVKHGLRALRETLPAEQDLTTKNVSIGIVGKDLEFTIYDDDDVSPFLEGLEERP
QRKAQPAQPADEPAEKADEPMEH
;
E,S
6 'polypeptide(L)'
;MSSIGTGYDLSASTFSPDGRVFQVEYAMKAVENSSTAIGIRCKDGVVFGVEKLVLSKLYEEGSNKRLFNVDRHVGMAVAG
LLADARSLADIAREEASNFRSNFGYNIPLKHLADRVAMYVHAYTLYSAVRPFGCSFMLGSYSVNDGAQLYMIDPSGVSYG
YWGCAIGKARQAAKTEIEKLQMKEMTCRDIVKEVAKIIYIVHDEVKDKAFELELSWVGELTNGRHEIVPKDIREEAEKYA
KESLKEEDESDDDNM
;
F,T
7 'polypeptide(L)'
;MSRGSSAGFDRHITIFSPEGRLYQVEYAFKAINQGGLTSVAVRGKDCAVIVTQKKVPDKLLDSSTVTHLFKITENIGCVM
TGMTADSRSQVQRARYEAANWKYKYGYEIPVDMLCKRIADISQVYTQNAEMRPLGC(YCM)MILIGIDEEQGPQVYKCDP
AGYYCGFKATAAGVKQTESTSFLEKKVKKKFDWTFEQTVETAITCLSTVLSIDFKPSEIEVGVVTVENPKFRILTEAEID
AHLVALAERD
;
G,U
8 'polypeptide(L)'
;TTIAGVVYKDGIVLGADTRATEGMVVADKNCSKIHFISPNIYCCGAGTAADTDMTTQLISSNLELHSLSTGRLPRVVTAN
RMLKQMLFRYQGYIGAALVLGGVDVTGPHLYSIYPHGSTDKLPYVTMGSGSLAAMAVFEDKFRPDMEEEEAKNLVSEAIA
AGIFNDLGSGSNIDLCVISKNKLDFLRPYTVPNKKGTRLGRYRCEKGTTAVLTEKITPLEIEVLEETVQTMDTS
;
H,V
9 'polypeptide(L)'
;MSIMSYNGGAVMAMKGKNCVAIAADRRFGIQAQMVTTDFQKIFPMGDRLYIGLAGLATDVQTVAQRLKFRLNLYELKEGR
QIKPYTLMSMVANLLYEKRFGPYYTEPVIAGLDPKTFKPFICSLDLIGCPMVTDDFVVSGTCAEQMYGMCESLWEPNMDP
DHLFETISQAMLNAVDRDAVSGMGVIVHIIEKDKITTRTLKARMD
;
I,W
10 'polypeptide(L)'
;MEYLIGIQGPDYVLVASDRVAASNIVQMKDDHDKMFKMSEKILLLCVGEAGDTVQFAEYIQKNVQLYKMRNGYELSPTAA
ANFTRRNLADCLRSRTPYHVNLLLAGYDEHEGPALYYMDYLAALAKAPFAAHGYGAFLTLSILDRYYTPTISRERAVELL
RKCLEELQKRFILNLPTFSVRIIDKNGIHDLDNISFPKQGS
;
J,X
11 'polypeptide(L)' (PHQ)LL(6VF) c,d
12 'polypeptide(L)'
;TTTLAFKFRHGVIVAADSRATAGAYIASQTVKKVIEINPYLLGTMAGGAADCSFWERLLARQCRIYELRNKERISVAAAS
KLLANMVYQYKGMGLSMGTMICGWDKRGPGLYYVDSEGNRISGATFSVGSGSVYAYGVMDRGYSYDLEVEQAYDLARRAI
YQATYRDAYSGGAVNLYHVREDGWIRVSSDNVADLHEKYSGSTP
;
K,Y
13 'polypeptide(L)'
;RFSPYVFNGGTILAIAGEDFAIVASDTRLSEGFSIHTRDSPKCYKLTDKTVIGCSGFHGDCLTLTKIIEARLKMYKHSNN
KAMTTGAIAAMLSTILYSRRFFPYYVYNIIGGLDEEGKGAVYSFDPVGSYQRDSFKAGGSASAMLQPLLDNQVGFKNMQN
VEHVPLSLDRAMRLVKDVFISAAERDVYTGDALRICIVTKEGIREETVSLRKD
;
L,Z
14 'polypeptide(L)'
;TQNPMVTGTSVLGVKFEGGVVIAADMLGSYGSLARFRNISRIMRVNNSTMLGASGDYADFQYLKQVLGQMVIDEELLGDG
HSYSPRAIHSWLTRAMYSRRSKMNPLWNTMVIGGYADGESFLGYVDMLGVAYEAPSLATGYGAYLAQPLLREVLEKQPVL
SQTEARDLVERCMRVLYYRDARSYNRFQIATVTEKGVEIEGPLSTETNWDIAHMISGFE
;
M,a
15 'polypeptide(L)'
;TTIMAVQFDGGVVLGADSRTTTGSYIANRVTDKLTPIHDRIFCCRSGSAADTQAVADAVTYQLGFHSIELNEPPLVHTAA
SLFKEMCYRYREDLMAGIIIAGWDPQEGGQVYSVPMGGMMVRQSFAIGGSGSSYIYGYVDATYREGMTKEECLQFTANAL
ALAMERDGSSGGVIRLAAIAESGVERQVLLGDQIPKFAVATLPPA
;
N,b
#
# COMPACT_ATOMS: atom_id res chain seq x y z
N ARG A 4 -26.13 25.73 -40.45
CA ARG A 4 -25.74 25.90 -39.01
C ARG A 4 -26.43 27.08 -38.25
N GLY A 5 -27.53 27.66 -38.77
CA GLY A 5 -28.19 28.83 -38.14
C GLY A 5 -27.68 30.19 -38.70
N TYR A 6 -28.56 31.19 -38.88
CA TYR A 6 -28.11 32.52 -39.29
C TYR A 6 -27.68 33.34 -38.01
N SER A 7 -26.53 33.98 -38.06
CA SER A 7 -25.98 34.62 -36.92
C SER A 7 -26.27 36.12 -36.79
N PHE A 8 -26.86 36.70 -37.85
CA PHE A 8 -27.20 38.13 -37.88
C PHE A 8 -28.61 38.37 -37.39
N SER A 9 -28.86 39.56 -36.85
CA SER A 9 -30.20 39.95 -36.42
C SER A 9 -31.13 40.09 -37.63
N LEU A 10 -32.40 39.71 -37.48
CA LEU A 10 -33.43 39.88 -38.47
C LEU A 10 -34.35 41.03 -38.09
N THR A 11 -34.20 41.51 -36.86
CA THR A 11 -34.77 42.78 -36.47
C THR A 11 -33.64 43.81 -36.35
N THR A 12 -33.74 44.90 -37.14
CA THR A 12 -32.79 46.03 -37.11
C THR A 12 -33.51 47.39 -37.04
N PHE A 13 -32.76 48.46 -36.75
CA PHE A 13 -33.37 49.81 -36.71
C PHE A 13 -33.60 50.37 -38.10
N SER A 14 -34.78 50.91 -38.33
CA SER A 14 -35.03 51.68 -39.56
C SER A 14 -34.41 53.08 -39.40
N PRO A 15 -34.27 53.83 -40.52
CA PRO A 15 -33.71 55.19 -40.46
C PRO A 15 -34.38 56.16 -39.50
N SER A 16 -35.66 55.96 -39.23
CA SER A 16 -36.40 56.74 -38.23
C SER A 16 -36.40 56.15 -36.82
N GLY A 17 -35.53 55.18 -36.55
CA GLY A 17 -35.38 54.62 -35.23
C GLY A 17 -36.42 53.57 -34.83
N LYS A 18 -37.18 53.06 -35.78
CA LYS A 18 -38.19 52.04 -35.51
C LYS A 18 -37.61 50.63 -35.73
N LEU A 19 -38.00 49.69 -34.88
CA LEU A 19 -37.70 48.26 -35.08
C LEU A 19 -38.93 47.68 -35.75
N VAL A 20 -39.01 47.74 -37.08
CA VAL A 20 -40.28 47.40 -37.76
C VAL A 20 -40.75 45.94 -37.56
N GLN A 21 -39.83 44.98 -37.48
CA GLN A 21 -40.30 43.58 -37.19
C GLN A 21 -41.08 43.45 -35.90
N ILE A 22 -40.73 44.26 -34.89
CA ILE A 22 -41.51 44.27 -33.68
C ILE A 22 -42.88 44.89 -33.92
N GLU A 23 -42.92 46.02 -34.62
CA GLU A 23 -44.21 46.60 -34.97
C GLU A 23 -45.09 45.63 -35.74
N TYR A 24 -44.49 44.92 -36.69
CA TYR A 24 -45.27 43.94 -37.43
C TYR A 24 -45.72 42.75 -36.57
N ALA A 25 -44.92 42.34 -35.58
CA ALA A 25 -45.36 41.38 -34.59
C ALA A 25 -46.54 41.89 -33.81
N LEU A 26 -46.52 43.17 -33.41
CA LEU A 26 -47.69 43.81 -32.82
C LEU A 26 -48.93 43.80 -33.74
N ALA A 27 -48.75 43.88 -35.05
CA ALA A 27 -49.88 43.77 -35.98
C ALA A 27 -50.47 42.33 -35.99
N ALA A 28 -49.62 41.31 -35.83
CA ALA A 28 -50.15 39.94 -35.65
C ALA A 28 -50.92 39.84 -34.35
N VAL A 29 -50.46 40.51 -33.28
CA VAL A 29 -51.19 40.50 -32.02
C VAL A 29 -52.54 41.18 -32.19
N ALA A 30 -52.54 42.34 -32.86
CA ALA A 30 -53.77 43.12 -33.03
C ALA A 30 -54.84 42.39 -33.81
N GLY A 31 -54.43 41.56 -34.75
CA GLY A 31 -55.34 40.68 -35.50
C GLY A 31 -55.66 39.39 -34.80
N GLY A 32 -55.16 39.20 -33.59
CA GLY A 32 -55.49 37.99 -32.84
C GLY A 32 -56.88 38.07 -32.28
N ALA A 33 -57.37 36.94 -31.81
CA ALA A 33 -58.65 36.90 -31.12
C ALA A 33 -58.56 37.71 -29.83
N PRO A 34 -59.66 38.35 -29.42
CA PRO A 34 -59.63 39.20 -28.19
C PRO A 34 -59.35 38.44 -26.90
N SER A 35 -58.59 39.10 -26.00
CA SER A 35 -58.34 38.66 -24.63
C SER A 35 -58.52 39.86 -23.68
N VAL A 36 -58.98 39.55 -22.49
CA VAL A 36 -59.27 40.55 -21.46
C VAL A 36 -58.72 40.05 -20.16
N GLY A 37 -58.26 40.99 -19.35
CA GLY A 37 -57.85 40.73 -17.98
C GLY A 37 -58.28 41.87 -17.07
N ILE A 38 -58.82 41.52 -15.91
CA ILE A 38 -59.32 42.47 -14.91
C ILE A 38 -58.81 42.04 -13.54
N LYS A 39 -58.19 42.98 -12.85
CA LYS A 39 -57.73 42.74 -11.48
C LYS A 39 -58.78 43.27 -10.47
N ALA A 40 -59.53 42.37 -9.86
CA ALA A 40 -60.42 42.69 -8.75
C ALA A 40 -59.59 42.92 -7.50
N ALA A 41 -60.26 43.37 -6.45
CA ALA A 41 -59.62 43.63 -5.18
C ALA A 41 -59.09 42.33 -4.62
N ASN A 42 -59.89 41.28 -4.76
CA ASN A 42 -59.61 39.94 -4.18
C ASN A 42 -59.25 38.85 -5.18
N GLY A 43 -58.82 39.25 -6.38
CA GLY A 43 -58.43 38.28 -7.41
C GLY A 43 -58.34 38.83 -8.82
N VAL A 44 -57.98 37.96 -9.77
CA VAL A 44 -57.82 38.36 -11.15
C VAL A 44 -58.59 37.41 -12.03
N VAL A 45 -59.15 37.95 -13.11
CA VAL A 45 -59.82 37.13 -14.12
C VAL A 45 -59.16 37.36 -15.46
N LEU A 46 -58.93 36.27 -16.20
CA LEU A 46 -58.49 36.30 -17.58
C LEU A 46 -59.57 35.66 -18.45
N ALA A 47 -59.94 36.33 -19.54
CA ALA A 47 -60.95 35.80 -20.47
C ALA A 47 -60.53 36.01 -21.90
N THR A 48 -60.92 35.06 -22.75
CA THR A 48 -60.52 35.08 -24.13
C THR A 48 -61.56 34.42 -25.00
N GLU A 49 -61.60 34.90 -26.22
CA GLU A 49 -62.47 34.39 -27.23
C GLU A 49 -61.73 33.28 -27.99
N LYS A 50 -62.36 32.12 -28.05
CA LYS A 50 -61.91 31.11 -28.99
C LYS A 50 -62.30 31.54 -30.41
N LYS A 51 -61.32 31.68 -31.31
CA LYS A 51 -61.60 31.75 -32.77
C LYS A 51 -62.10 30.36 -33.30
N GLN A 52 -63.17 29.88 -32.66
CA GLN A 52 -63.65 28.50 -32.78
C GLN A 52 -64.76 28.48 -33.79
N LYS A 53 -64.38 28.21 -35.03
CA LYS A 53 -65.34 27.89 -36.06
C LYS A 53 -66.03 26.58 -35.68
N SER A 54 -66.07 25.67 -36.64
CA SER A 54 -66.63 24.35 -36.57
C SER A 54 -67.12 23.77 -35.24
N ILE A 55 -68.36 23.29 -35.25
CA ILE A 55 -68.83 22.24 -34.33
C ILE A 55 -67.86 21.01 -34.28
N LEU A 56 -67.06 20.80 -35.31
CA LEU A 56 -66.11 19.69 -35.35
C LEU A 56 -64.96 19.76 -34.34
N TYR A 57 -64.59 20.96 -33.87
CA TYR A 57 -63.52 21.10 -32.91
C TYR A 57 -63.92 20.46 -31.60
N ASP A 58 -62.96 19.79 -30.96
CA ASP A 58 -63.13 19.39 -29.58
C ASP A 58 -62.53 20.54 -28.81
N GLU A 59 -63.40 21.35 -28.24
N GLU A 59 -63.39 21.36 -28.24
CA GLU A 59 -63.01 22.58 -27.53
CA GLU A 59 -62.97 22.59 -27.56
C GLU A 59 -62.11 22.33 -26.34
C GLU A 59 -62.11 22.34 -26.33
N ARG A 60 -62.28 21.18 -25.71
CA ARG A 60 -61.50 20.77 -24.55
C ARG A 60 -60.06 20.36 -24.91
N SER A 61 -59.75 20.13 -26.18
CA SER A 61 -58.49 19.51 -26.55
C SER A 61 -57.27 20.41 -26.44
N VAL A 62 -57.44 21.72 -26.58
CA VAL A 62 -56.34 22.65 -26.33
C VAL A 62 -56.89 23.89 -25.64
N HIS A 63 -56.12 24.51 -24.76
CA HIS A 63 -56.56 25.65 -23.98
C HIS A 63 -55.69 26.87 -24.27
N LYS A 64 -56.32 28.01 -24.25
CA LYS A 64 -55.65 29.28 -24.38
C LYS A 64 -55.29 29.83 -22.98
N VAL A 65 -56.10 29.52 -21.98
CA VAL A 65 -55.90 29.92 -20.65
C VAL A 65 -55.19 28.75 -20.00
N GLU A 66 -53.97 29.01 -19.52
CA GLU A 66 -53.04 27.95 -19.11
C GLU A 66 -52.42 28.25 -17.76
N PRO A 67 -52.27 27.22 -16.91
CA PRO A 67 -51.52 27.39 -15.64
C PRO A 67 -50.00 27.33 -15.81
N ILE A 68 -49.30 28.20 -15.09
CA ILE A 68 -47.84 28.21 -15.02
C ILE A 68 -47.38 27.56 -13.75
N THR A 69 -48.03 27.90 -12.65
CA THR A 69 -47.74 27.32 -11.33
C THR A 69 -49.09 27.25 -10.68
N LYS A 70 -49.12 26.83 -9.43
CA LYS A 70 -50.34 26.81 -8.63
C LYS A 70 -51.00 28.20 -8.50
N HIS A 71 -50.19 29.25 -8.55
CA HIS A 71 -50.63 30.62 -8.23
C HIS A 71 -50.57 31.60 -9.41
N ILE A 72 -50.08 31.15 -10.58
CA ILE A 72 -49.90 31.98 -11.78
C ILE A 72 -50.52 31.32 -13.00
N GLY A 73 -51.22 32.12 -13.81
CA GLY A 73 -51.69 31.68 -15.14
C GLY A 73 -51.59 32.76 -16.21
N LEU A 74 -51.78 32.34 -17.47
CA LEU A 74 -51.55 33.14 -18.68
C LEU A 74 -52.73 33.02 -19.64
N VAL A 75 -52.85 34.05 -20.48
CA VAL A 75 -53.60 33.98 -21.73
C VAL A 75 -52.85 34.89 -22.71
N TYR A 76 -53.33 34.98 -23.96
CA TYR A 76 -52.60 35.72 -24.98
C TYR A 76 -53.55 36.14 -26.08
N SER A 77 -53.05 37.02 -26.94
CA SER A 77 -53.57 37.29 -28.26
C SER A 77 -52.41 37.25 -29.24
N GLY A 78 -52.69 36.74 -30.45
CA GLY A 78 -51.67 36.61 -31.49
C GLY A 78 -51.55 35.17 -31.93
N MET A 79 -50.34 34.74 -32.26
CA MET A 79 -50.15 33.41 -32.83
C MET A 79 -50.05 32.32 -31.79
N GLY A 80 -50.96 31.38 -31.84
CA GLY A 80 -51.02 30.27 -30.87
C GLY A 80 -49.75 29.47 -30.69
N PRO A 81 -49.13 29.01 -31.78
CA PRO A 81 -47.92 28.21 -31.58
C PRO A 81 -46.73 28.98 -30.92
N ASP A 82 -46.64 30.28 -31.16
CA ASP A 82 -45.63 31.11 -30.49
C ASP A 82 -45.91 31.12 -28.98
N TYR A 83 -47.17 31.23 -28.60
CA TYR A 83 -47.59 31.17 -27.22
C TYR A 83 -47.20 29.89 -26.51
N ARG A 84 -47.34 28.74 -27.18
CA ARG A 84 -47.00 27.46 -26.54
C ARG A 84 -45.52 27.41 -26.18
N VAL A 85 -44.67 27.99 -27.02
CA VAL A 85 -43.24 28.13 -26.69
C VAL A 85 -43.04 28.86 -25.34
N LEU A 86 -43.74 29.98 -25.19
CA LEU A 86 -43.58 30.86 -24.03
C LEU A 86 -44.21 30.26 -22.76
N VAL A 87 -45.31 29.51 -22.91
CA VAL A 87 -45.92 28.77 -21.81
C VAL A 87 -44.90 27.76 -21.25
N HIS A 88 -44.26 27.02 -22.16
CA HIS A 88 -43.28 26.02 -21.82
C HIS A 88 -42.09 26.65 -21.10
N ARG A 89 -41.56 27.75 -21.63
CA ARG A 89 -40.44 28.45 -20.99
CA ARG A 89 -40.43 28.44 -21.00
C ARG A 89 -40.83 29.02 -19.64
N ALA A 90 -42.03 29.60 -19.55
CA ALA A 90 -42.50 30.18 -18.31
C ALA A 90 -42.59 29.10 -17.22
N ARG A 91 -43.12 27.96 -17.59
CA ARG A 91 -43.20 26.84 -16.67
C ARG A 91 -41.81 26.45 -16.16
N LYS A 92 -40.89 26.29 -17.08
CA LYS A 92 -39.51 25.91 -16.81
C LYS A 92 -38.79 26.93 -15.92
N LEU A 93 -38.97 28.22 -16.23
CA LEU A 93 -38.44 29.33 -15.37
C LEU A 93 -38.97 29.34 -13.99
N ALA A 94 -40.25 29.06 -13.85
CA ALA A 94 -40.87 28.99 -12.54
C ALA A 94 -40.30 27.85 -11.65
N GLN A 95 -40.01 26.72 -12.28
CA GLN A 95 -39.46 25.57 -11.58
C GLN A 95 -38.00 25.78 -11.24
N GLN A 96 -37.23 26.36 -12.15
CA GLN A 96 -35.85 26.75 -11.86
C GLN A 96 -35.72 27.66 -10.60
N TYR A 97 -36.57 28.69 -10.54
CA TYR A 97 -36.70 29.55 -9.38
C TYR A 97 -37.04 28.74 -8.11
N TYR A 98 -38.05 27.87 -8.23
CA TYR A 98 -38.48 27.09 -7.10
C TYR A 98 -37.38 26.17 -6.56
N LEU A 99 -36.57 25.60 -7.44
CA LEU A 99 -35.52 24.68 -6.97
C LEU A 99 -34.49 25.41 -6.11
N VAL A 100 -34.20 26.65 -6.43
CA VAL A 100 -33.18 27.42 -5.72
C VAL A 100 -33.78 28.01 -4.45
N TYR A 101 -34.93 28.64 -4.53
CA TYR A 101 -35.47 29.43 -3.42
C TYR A 101 -36.50 28.71 -2.56
N GLN A 102 -37.04 27.59 -3.04
CA GLN A 102 -38.07 26.85 -2.31
C GLN A 102 -39.26 27.72 -1.88
N GLU A 103 -39.69 28.58 -2.80
CA GLU A 103 -40.80 29.48 -2.65
C GLU A 103 -41.34 29.70 -4.07
N PRO A 104 -42.68 29.74 -4.24
CA PRO A 104 -43.19 29.99 -5.59
C PRO A 104 -42.70 31.35 -6.16
N ILE A 105 -42.35 31.35 -7.42
CA ILE A 105 -41.87 32.57 -8.09
C ILE A 105 -42.91 33.65 -7.93
N PRO A 106 -42.52 34.84 -7.41
CA PRO A 106 -43.47 35.98 -7.48
C PRO A 106 -43.82 36.32 -8.94
N THR A 107 -45.06 36.74 -9.16
CA THR A 107 -45.62 37.01 -10.47
C THR A 107 -44.76 37.99 -11.25
N ALA A 108 -44.38 39.08 -10.61
CA ALA A 108 -43.51 40.04 -11.21
C ALA A 108 -42.19 39.46 -11.65
N GLN A 109 -41.64 38.52 -10.90
CA GLN A 109 -40.36 37.94 -11.25
C GLN A 109 -40.48 36.98 -12.43
N LEU A 110 -41.59 36.27 -12.50
CA LEU A 110 -41.87 35.43 -13.63
C LEU A 110 -42.06 36.26 -14.92
N VAL A 111 -42.84 37.31 -14.84
CA VAL A 111 -43.04 38.19 -15.98
C VAL A 111 -41.68 38.71 -16.45
N GLN A 112 -40.85 39.20 -15.53
CA GLN A 112 -39.54 39.71 -15.94
C GLN A 112 -38.74 38.72 -16.74
N ARG A 113 -38.71 37.47 -16.27
CA ARG A 113 -37.88 36.47 -16.92
C ARG A 113 -38.46 36.03 -18.27
N VAL A 114 -39.77 35.94 -18.36
CA VAL A 114 -40.43 35.65 -19.64
C VAL A 114 -40.22 36.82 -20.63
N ALA A 115 -40.37 38.05 -20.13
CA ALA A 115 -40.22 39.24 -20.96
C ALA A 115 -38.81 39.31 -21.51
N SER A 116 -37.88 38.83 -20.72
CA SER A 116 -36.50 38.82 -21.13
C SER A 116 -36.28 37.80 -22.27
N VAL A 117 -36.99 36.64 -22.23
CA VAL A 117 -36.89 35.71 -23.32
C VAL A 117 -37.42 36.40 -24.59
N MET A 118 -38.53 37.11 -24.48
CA MET A 118 -39.14 37.77 -25.66
C MET A 118 -38.19 38.80 -26.25
N GLN A 119 -37.45 39.53 -25.39
CA GLN A 119 -36.43 40.47 -25.85
C GLN A 119 -35.35 39.80 -26.68
N GLU A 120 -34.91 38.62 -26.27
CA GLU A 120 -33.85 37.90 -27.05
C GLU A 120 -34.17 37.67 -28.51
N TYR A 121 -35.44 37.37 -28.74
CA TYR A 121 -35.95 37.08 -30.09
C TYR A 121 -36.14 38.35 -30.93
N THR A 122 -35.88 39.54 -30.37
CA THR A 122 -35.78 40.78 -31.14
C THR A 122 -34.36 41.16 -31.54
N GLN A 123 -33.37 40.39 -31.15
CA GLN A 123 -31.95 40.76 -31.36
C GLN A 123 -31.06 39.62 -31.78
N SER A 124 -31.31 38.46 -31.20
CA SER A 124 -30.51 37.32 -31.45
C SER A 124 -30.58 36.83 -32.93
N GLY A 125 -29.63 36.02 -33.35
CA GLY A 125 -29.40 35.74 -34.75
C GLY A 125 -30.47 34.86 -35.37
N GLY A 126 -30.93 35.20 -36.56
CA GLY A 126 -31.74 34.32 -37.42
C GLY A 126 -33.14 33.96 -36.97
N VAL A 127 -33.75 34.77 -36.13
CA VAL A 127 -35.08 34.57 -35.63
C VAL A 127 -35.89 35.84 -35.70
N ARG A 128 -37.20 35.67 -35.78
CA ARG A 128 -38.16 36.76 -35.69
C ARG A 128 -38.71 36.84 -34.28
N PRO A 129 -39.28 38.00 -33.91
CA PRO A 129 -39.93 38.13 -32.63
C PRO A 129 -41.13 37.26 -32.52
N PHE A 130 -41.57 37.01 -31.28
CA PHE A 130 -42.82 36.35 -31.02
C PHE A 130 -43.98 37.24 -31.43
N GLY A 131 -44.95 36.64 -32.11
CA GLY A 131 -46.15 37.36 -32.52
C GLY A 131 -47.23 37.17 -31.51
N VAL A 132 -46.92 37.45 -30.24
CA VAL A 132 -47.93 37.38 -29.18
C VAL A 132 -47.71 38.44 -28.15
N SER A 133 -48.80 38.82 -27.51
CA SER A 133 -48.75 39.50 -26.24
C SER A 133 -49.41 38.59 -25.19
N LEU A 134 -48.79 38.53 -24.02
CA LEU A 134 -49.26 37.73 -22.90
C LEU A 134 -49.93 38.62 -21.86
N LEU A 135 -51.03 38.12 -21.28
CA LEU A 135 -51.56 38.63 -20.03
C LEU A 135 -51.29 37.55 -18.96
N ILE A 136 -50.63 37.97 -17.90
CA ILE A 136 -50.18 37.06 -16.84
C ILE A 136 -50.81 37.51 -15.52
N CYS A 137 -51.46 36.58 -14.83
CA CYS A 137 -52.07 36.86 -13.55
C CYS A 137 -51.42 36.02 -12.46
N GLY A 138 -51.50 36.52 -11.25
CA GLY A 138 -50.96 35.84 -10.11
C GLY A 138 -51.41 36.43 -8.79
N TRP A 139 -51.07 35.73 -7.72
CA TRP A 139 -51.38 36.14 -6.36
C TRP A 139 -50.17 35.82 -5.53
N ASN A 140 -49.56 36.84 -4.95
CA ASN A 140 -48.51 36.60 -3.91
C ASN A 140 -48.33 37.86 -3.07
N GLU A 141 -47.69 37.72 -1.89
CA GLU A 141 -47.74 38.77 -0.86
C GLU A 141 -49.18 39.20 -0.57
N GLY A 142 -50.07 38.25 -0.42
CA GLY A 142 -51.48 38.51 -0.12
C GLY A 142 -52.21 39.46 -1.07
N ARG A 143 -51.82 39.49 -2.34
CA ARG A 143 -52.29 40.57 -3.24
C ARG A 143 -52.33 40.07 -4.69
N PRO A 144 -53.31 40.54 -5.50
CA PRO A 144 -53.39 40.11 -6.91
C PRO A 144 -52.51 40.94 -7.86
N TYR A 145 -52.00 40.30 -8.92
CA TYR A 145 -51.28 41.00 -9.97
C TYR A 145 -51.82 40.61 -11.36
N LEU A 146 -51.80 41.60 -12.26
CA LEU A 146 -52.11 41.45 -13.67
C LEU A 146 -51.04 42.19 -14.49
N PHE A 147 -50.35 41.45 -15.37
CA PHE A 147 -49.30 42.00 -16.21
C PHE A 147 -49.56 41.66 -17.68
N GLN A 148 -49.05 42.53 -18.57
CA GLN A 148 -48.95 42.27 -19.97
C GLN A 148 -47.48 42.23 -20.41
N SER A 149 -47.14 41.32 -21.30
CA SER A 149 -45.81 41.30 -21.90
C SER A 149 -45.95 41.24 -23.42
N ASP A 150 -45.27 42.16 -24.11
CA ASP A 150 -45.46 42.40 -25.55
CA ASP A 150 -45.48 42.41 -25.54
C ASP A 150 -44.27 41.88 -26.35
N PRO A 151 -44.38 41.84 -27.67
CA PRO A 151 -43.31 41.25 -28.47
C PRO A 151 -41.92 41.85 -28.36
N SER A 152 -41.80 43.12 -27.98
CA SER A 152 -40.47 43.68 -27.72
C SER A 152 -39.80 43.11 -26.44
N GLY A 153 -40.59 42.56 -25.52
CA GLY A 153 -40.09 42.18 -24.17
C GLY A 153 -40.41 43.26 -23.15
N ALA A 154 -41.13 44.31 -23.55
CA ALA A 154 -41.59 45.32 -22.58
C ALA A 154 -42.79 44.71 -21.84
N TYR A 155 -42.90 45.05 -20.55
CA TYR A 155 -44.02 44.61 -19.74
C TYR A 155 -44.63 45.76 -18.91
N PHE A 156 -45.90 45.60 -18.55
CA PHE A 156 -46.70 46.64 -17.91
C PHE A 156 -47.63 45.96 -16.93
N ALA A 157 -47.87 46.60 -15.80
CA ALA A 157 -48.84 46.11 -14.79
C ALA A 157 -50.13 46.88 -15.01
N TRP A 158 -51.23 46.15 -15.09
CA TRP A 158 -52.52 46.71 -15.42
C TRP A 158 -53.49 46.44 -14.28
N LYS A 159 -54.46 47.35 -14.14
CA LYS A 159 -55.66 47.09 -13.34
C LYS A 159 -56.69 46.33 -14.21
N ALA A 160 -56.78 46.74 -15.48
CA ALA A 160 -57.58 46.07 -16.46
C ALA A 160 -57.11 46.48 -17.84
N THR A 161 -57.24 45.56 -18.79
CA THR A 161 -56.88 45.82 -20.17
C THR A 161 -57.48 44.79 -21.11
N ALA A 162 -57.24 45.04 -22.39
CA ALA A 162 -57.69 44.20 -23.48
C ALA A 162 -56.65 44.22 -24.58
N MET A 163 -56.63 43.16 -25.38
CA MET A 163 -55.66 43.02 -26.44
C MET A 163 -56.29 42.21 -27.54
N GLY A 164 -55.67 42.17 -28.72
CA GLY A 164 -56.26 41.43 -29.86
C GLY A 164 -57.21 42.33 -30.67
N LYS A 165 -57.99 41.73 -31.59
CA LYS A 165 -59.01 42.49 -32.32
C LYS A 165 -59.81 43.40 -31.43
N ASN A 166 -59.92 44.67 -31.79
CA ASN A 166 -60.88 45.60 -31.20
C ASN A 166 -60.49 46.01 -29.78
N TYR A 167 -59.20 45.93 -29.48
CA TYR A 167 -58.70 46.17 -28.13
C TYR A 167 -58.92 47.64 -27.70
N VAL A 168 -58.71 48.59 -28.63
CA VAL A 168 -58.85 50.01 -28.34
C VAL A 168 -60.21 50.29 -27.71
N ASN A 169 -61.26 49.82 -28.38
CA ASN A 169 -62.61 49.92 -27.83
C ASN A 169 -62.81 49.19 -26.51
N GLY A 170 -62.32 47.95 -26.44
CA GLY A 170 -62.34 47.16 -25.21
C GLY A 170 -61.72 47.88 -24.03
N LYS A 171 -60.64 48.62 -24.28
CA LYS A 171 -59.93 49.36 -23.20
C LYS A 171 -60.77 50.51 -22.70
N THR A 172 -61.40 51.28 -23.62
CA THR A 172 -62.32 52.35 -23.22
C THR A 172 -63.60 51.78 -22.56
N PHE A 173 -64.12 50.67 -23.09
CA PHE A 173 -65.20 49.95 -22.38
C PHE A 173 -64.90 49.64 -20.90
N LEU A 174 -63.68 49.20 -20.61
CA LEU A 174 -63.23 48.96 -19.23
C LEU A 174 -62.96 50.25 -18.43
N GLU A 175 -62.35 51.23 -19.10
CA GLU A 175 -62.11 52.58 -18.51
C GLU A 175 -63.38 53.14 -17.90
N LYS A 176 -64.51 52.94 -18.58
CA LYS A 176 -65.79 53.46 -18.14
C LYS A 176 -66.58 52.37 -17.46
N ARG A 177 -65.97 51.62 -16.54
CA ARG A 177 -66.63 50.42 -15.98
C ARG A 177 -65.94 49.65 -14.88
N TYR A 178 -64.63 49.75 -14.79
CA TYR A 178 -63.86 49.17 -13.69
C TYR A 178 -63.79 50.14 -12.51
N ASN A 179 -63.98 49.64 -11.28
CA ASN A 179 -63.61 50.38 -10.07
C ASN A 179 -62.62 49.57 -9.22
N GLU A 180 -61.78 50.27 -8.44
CA GLU A 180 -60.73 49.68 -7.60
C GLU A 180 -61.30 48.71 -6.57
N ASP A 181 -62.44 49.03 -5.98
CA ASP A 181 -63.03 48.21 -4.91
C ASP A 181 -63.89 47.05 -5.43
N LEU A 182 -63.82 46.75 -6.72
CA LEU A 182 -64.67 45.73 -7.34
C LEU A 182 -64.29 44.30 -6.93
N GLU A 183 -65.31 43.44 -6.80
CA GLU A 183 -65.15 42.02 -6.45
C GLU A 183 -64.79 41.13 -7.64
N LEU A 184 -64.31 39.92 -7.36
CA LEU A 184 -63.94 38.97 -8.41
C LEU A 184 -65.16 38.50 -9.22
N GLU A 185 -66.27 38.20 -8.56
CA GLU A 185 -67.43 37.65 -9.28
C GLU A 185 -68.00 38.66 -10.22
N ASP A 186 -67.95 39.94 -9.84
CA ASP A 186 -68.43 41.03 -10.69
C ASP A 186 -67.44 41.25 -11.85
N ALA A 187 -66.15 41.16 -11.55
CA ALA A 187 -65.08 41.27 -12.55
C ALA A 187 -65.21 40.22 -13.66
N ILE A 188 -65.53 38.98 -13.28
CA ILE A 188 -65.79 37.91 -14.24
C ILE A 188 -66.93 38.36 -15.17
N HIS A 189 -68.00 38.88 -14.57
CA HIS A 189 -69.11 39.44 -15.31
C HIS A 189 -68.67 40.52 -16.31
N THR A 190 -67.86 41.49 -15.88
CA THR A 190 -67.52 42.64 -16.77
C THR A 190 -66.48 42.19 -17.85
N ALA A 191 -65.64 41.23 -17.51
CA ALA A 191 -64.75 40.62 -18.49
C ALA A 191 -65.49 39.93 -19.66
N ILE A 192 -66.51 39.15 -19.33
CA ILE A 192 -67.33 38.49 -20.32
C ILE A 192 -68.15 39.51 -21.15
N LEU A 193 -68.57 40.62 -20.54
CA LEU A 193 -69.24 41.69 -21.30
C LEU A 193 -68.29 42.40 -22.26
N THR A 194 -67.06 42.67 -21.82
CA THR A 194 -66.05 43.23 -22.68
C THR A 194 -65.85 42.36 -23.94
N LEU A 195 -65.85 41.03 -23.80
CA LEU A 195 -65.74 40.18 -24.98
C LEU A 195 -66.97 40.27 -25.86
N LYS A 196 -68.16 40.34 -25.24
CA LYS A 196 -69.45 40.47 -25.97
C LYS A 196 -69.46 41.74 -26.79
N GLU A 197 -68.79 42.81 -26.34
CA GLU A 197 -68.64 44.05 -27.11
C GLU A 197 -68.07 43.87 -28.51
N SER A 198 -67.28 42.84 -28.72
CA SER A 198 -66.66 42.60 -30.00
C SER A 198 -66.86 41.16 -30.50
N PHE A 199 -67.79 40.40 -29.93
CA PHE A 199 -67.81 38.97 -30.16
C PHE A 199 -68.23 38.60 -31.60
N GLU A 200 -69.50 38.80 -31.94
CA GLU A 200 -70.08 38.32 -33.21
C GLU A 200 -70.13 36.77 -33.24
N GLY A 201 -71.31 36.22 -32.98
CA GLY A 201 -71.50 34.77 -33.07
C GLY A 201 -72.47 34.14 -32.11
N GLN A 202 -72.82 34.85 -31.03
CA GLN A 202 -73.58 34.26 -29.92
C GLN A 202 -72.63 33.35 -29.06
N MET A 203 -72.46 33.74 -27.80
CA MET A 203 -71.51 33.14 -26.91
C MET A 203 -72.07 31.92 -26.25
N THR A 204 -71.26 30.86 -26.21
CA THR A 204 -71.50 29.70 -25.42
C THR A 204 -70.28 29.49 -24.55
N GLU A 205 -70.45 28.67 -23.52
CA GLU A 205 -69.33 28.24 -22.67
C GLU A 205 -68.28 27.42 -23.40
N ASP A 206 -68.51 27.08 -24.67
CA ASP A 206 -67.56 26.32 -25.45
C ASP A 206 -66.73 27.18 -26.39
N ASN A 207 -67.00 28.46 -26.47
CA ASN A 207 -66.15 29.31 -27.31
C ASN A 207 -65.60 30.53 -26.59
N ILE A 208 -65.70 30.57 -25.27
CA ILE A 208 -64.85 31.44 -24.49
C ILE A 208 -64.18 30.61 -23.40
N GLU A 209 -63.04 31.10 -22.92
CA GLU A 209 -62.30 30.45 -21.87
C GLU A 209 -62.05 31.49 -20.84
N VAL A 210 -62.22 31.11 -19.58
CA VAL A 210 -62.03 31.99 -18.45
C VAL A 210 -61.16 31.27 -17.43
N GLY A 211 -60.19 32.00 -16.90
CA GLY A 211 -59.41 31.57 -15.76
C GLY A 211 -59.46 32.63 -14.69
N ILE A 212 -59.30 32.18 -13.45
CA ILE A 212 -59.35 33.08 -12.29
C ILE A 212 -58.16 32.82 -11.39
N CYS A 213 -57.82 33.82 -10.61
CA CYS A 213 -56.68 33.81 -9.72
C CYS A 213 -57.03 34.49 -8.41
N ASN A 214 -56.80 33.84 -7.28
CA ASN A 214 -57.07 34.43 -5.98
C ASN A 214 -56.19 33.78 -4.92
N GLU A 215 -56.52 33.98 -3.65
CA GLU A 215 -55.78 33.36 -2.56
C GLU A 215 -55.65 31.84 -2.75
N ALA A 216 -56.74 31.18 -3.14
CA ALA A 216 -56.71 29.73 -3.31
C ALA A 216 -55.79 29.26 -4.46
N GLY A 217 -55.59 30.09 -5.49
CA GLY A 217 -54.65 29.76 -6.59
C GLY A 217 -55.22 30.08 -7.96
N PHE A 218 -54.49 29.68 -8.99
CA PHE A 218 -54.94 29.87 -10.35
C PHE A 218 -55.66 28.65 -10.86
N ARG A 219 -56.77 28.85 -11.54
CA ARG A 219 -57.39 27.76 -12.29
C ARG A 219 -58.30 28.26 -13.43
N ARG A 220 -58.52 27.39 -14.41
CA ARG A 220 -59.56 27.58 -15.41
C ARG A 220 -60.93 27.37 -14.82
N LEU A 221 -61.90 28.20 -15.20
CA LEU A 221 -63.31 27.87 -14.94
C LEU A 221 -63.74 26.68 -15.81
N THR A 222 -64.61 25.83 -15.25
CA THR A 222 -65.16 24.71 -15.98
C THR A 222 -66.23 25.26 -16.92
N PRO A 223 -66.49 24.56 -18.04
CA PRO A 223 -67.64 24.89 -18.90
C PRO A 223 -68.97 25.15 -18.15
N THR A 224 -69.33 24.32 -17.17
CA THR A 224 -70.53 24.57 -16.36
C THR A 224 -70.47 25.91 -15.58
N GLU A 225 -69.31 26.28 -15.06
CA GLU A 225 -69.20 27.58 -14.37
C GLU A 225 -69.38 28.73 -15.34
N VAL A 226 -68.79 28.60 -16.52
CA VAL A 226 -68.88 29.65 -17.53
C VAL A 226 -70.33 29.81 -17.97
N LYS A 227 -70.97 28.67 -18.29
CA LYS A 227 -72.41 28.59 -18.64
C LYS A 227 -73.28 29.39 -17.66
N ASP A 228 -73.02 29.21 -16.37
CA ASP A 228 -73.68 29.94 -15.27
C ASP A 228 -73.49 31.47 -15.32
N TYR A 229 -72.25 31.91 -15.51
CA TYR A 229 -71.99 33.33 -15.71
C TYR A 229 -72.64 33.84 -17.00
N LEU A 230 -72.73 32.98 -18.01
CA LEU A 230 -73.36 33.36 -19.30
C LEU A 230 -74.88 33.56 -19.24
N ALA A 231 -75.57 32.90 -18.32
CA ALA A 231 -77.02 33.09 -18.18
C ALA A 231 -77.48 34.58 -18.04
N ALA A 232 -76.84 35.35 -17.15
CA ALA A 232 -77.08 36.82 -16.99
C ALA A 232 -76.75 37.66 -18.25
N ILE A 233 -75.87 37.15 -19.11
CA ILE A 233 -75.49 37.77 -20.40
C ILE A 233 -76.11 36.98 -21.55
N SER B 2 -26.35 33.24 -44.45
CA SER B 2 -26.77 33.58 -45.84
C SER B 2 -26.63 35.10 -46.13
N ARG B 3 -25.88 35.33 -47.19
CA ARG B 3 -25.38 36.65 -47.54
C ARG B 3 -26.50 37.54 -47.98
N ARG B 4 -27.49 36.98 -48.63
CA ARG B 4 -28.61 37.73 -49.18
C ARG B 4 -29.46 38.38 -48.12
N TYR B 5 -29.63 37.75 -46.97
CA TYR B 5 -30.59 38.27 -46.00
C TYR B 5 -29.90 39.07 -44.90
N ASP B 6 -28.57 39.08 -44.88
CA ASP B 6 -27.81 39.71 -43.78
C ASP B 6 -27.87 41.21 -44.00
N SER B 7 -28.50 41.93 -43.08
CA SER B 7 -28.53 43.39 -43.20
C SER B 7 -27.21 44.12 -42.82
N ARG B 8 -26.25 43.41 -42.24
CA ARG B 8 -24.87 43.88 -42.03
C ARG B 8 -24.81 45.08 -41.09
N THR B 9 -25.14 44.80 -39.84
CA THR B 9 -25.32 45.85 -38.87
C THR B 9 -24.03 46.46 -38.38
N THR B 10 -22.89 45.82 -38.61
CA THR B 10 -21.63 46.16 -37.92
C THR B 10 -20.57 46.52 -38.96
N ILE B 11 -20.97 47.26 -40.00
CA ILE B 11 -20.01 47.72 -41.03
C ILE B 11 -20.04 49.23 -41.17
N PHE B 12 -18.98 49.81 -41.73
CA PHE B 12 -19.00 51.25 -42.05
C PHE B 12 -19.76 51.55 -43.37
N SER B 13 -20.44 52.68 -43.40
CA SER B 13 -20.86 53.39 -44.61
C SER B 13 -19.72 54.24 -45.23
N PRO B 14 -19.95 54.79 -46.44
CA PRO B 14 -18.86 55.52 -47.09
C PRO B 14 -18.28 56.76 -46.40
N GLU B 15 -19.01 57.42 -45.47
CA GLU B 15 -18.43 58.57 -44.75
C GLU B 15 -17.83 58.22 -43.40
N GLY B 16 -17.61 56.93 -43.16
CA GLY B 16 -17.09 56.44 -41.91
C GLY B 16 -18.16 56.41 -40.86
N ARG B 17 -19.43 56.27 -41.25
CA ARG B 17 -20.53 56.22 -40.29
C ARG B 17 -21.03 54.81 -40.02
N LEU B 18 -21.73 54.68 -38.91
CA LEU B 18 -22.30 53.44 -38.46
C LEU B 18 -23.81 53.65 -38.37
N TYR B 19 -24.51 53.25 -39.43
CA TYR B 19 -25.90 53.63 -39.52
C TYR B 19 -26.77 53.14 -38.39
N GLN B 20 -26.60 51.88 -37.97
CA GLN B 20 -27.45 51.34 -36.90
C GLN B 20 -27.32 52.12 -35.61
N VAL B 21 -26.09 52.50 -35.25
CA VAL B 21 -25.87 53.38 -34.10
C VAL B 21 -26.69 54.68 -34.26
N GLU B 22 -26.56 55.32 -35.41
CA GLU B 22 -27.28 56.59 -35.66
C GLU B 22 -28.79 56.39 -35.61
N TYR B 23 -29.24 55.25 -36.17
CA TYR B 23 -30.64 54.99 -36.18
C TYR B 23 -31.18 54.72 -34.80
N ALA B 24 -30.41 54.00 -34.01
CA ALA B 24 -30.75 53.79 -32.58
C ALA B 24 -30.81 55.15 -31.83
N MET B 25 -29.90 56.05 -32.17
CA MET B 25 -29.92 57.43 -31.59
CA MET B 25 -29.93 57.42 -31.60
C MET B 25 -31.23 58.18 -31.95
N GLU B 26 -31.82 57.91 -33.13
CA GLU B 26 -33.16 58.48 -33.43
C GLU B 26 -34.24 57.91 -32.52
N ALA B 27 -34.21 56.59 -32.28
CA ALA B 27 -35.18 55.97 -31.37
C ALA B 27 -35.16 56.67 -29.99
N ILE B 28 -33.95 56.90 -29.48
CA ILE B 28 -33.73 57.50 -28.17
C ILE B 28 -34.33 58.91 -28.10
N GLY B 29 -34.11 59.68 -29.17
CA GLY B 29 -34.57 61.06 -29.21
C GLY B 29 -36.06 61.24 -29.09
N HIS B 30 -36.80 60.21 -29.46
CA HIS B 30 -38.24 60.19 -29.36
C HIS B 30 -38.73 59.72 -28.01
N ALA B 31 -37.90 58.98 -27.27
CA ALA B 31 -38.32 58.42 -25.97
C ALA B 31 -38.48 59.52 -24.89
N GLY B 32 -39.08 59.12 -23.77
CA GLY B 32 -39.31 59.98 -22.62
C GLY B 32 -38.09 60.78 -22.26
N THR B 33 -38.26 62.09 -22.14
CA THR B 33 -37.16 62.97 -21.68
C THR B 33 -36.66 62.59 -20.28
N CYS B 34 -35.35 62.64 -20.11
CA CYS B 34 -34.72 62.19 -18.86
C CYS B 34 -33.51 63.07 -18.56
N LEU B 35 -33.51 63.74 -17.41
CA LEU B 35 -32.40 64.64 -17.08
C LEU B 35 -31.70 64.32 -15.79
N GLY B 36 -30.42 64.70 -15.73
CA GLY B 36 -29.59 64.45 -14.56
C GLY B 36 -28.96 65.74 -14.14
N ILE B 37 -28.93 66.00 -12.83
CA ILE B 37 -28.30 67.25 -12.30
C ILE B 37 -27.43 67.01 -11.06
N LEU B 38 -26.15 67.35 -11.18
CA LEU B 38 -25.19 67.29 -10.07
C LEU B 38 -25.24 68.55 -9.18
N ALA B 39 -25.26 68.34 -7.86
CA ALA B 39 -25.10 69.41 -6.86
C ALA B 39 -23.97 69.13 -5.90
N ASN B 40 -23.68 70.10 -5.01
CA ASN B 40 -22.68 69.94 -3.96
C ASN B 40 -23.03 68.88 -2.94
N ASP B 41 -24.30 68.80 -2.57
CA ASP B 41 -24.75 67.83 -1.55
C ASP B 41 -25.50 66.60 -2.13
N GLY B 42 -25.36 66.33 -3.43
CA GLY B 42 -26.11 65.22 -4.05
C GLY B 42 -26.26 65.32 -5.56
N VAL B 43 -26.99 64.36 -6.10
CA VAL B 43 -27.22 64.21 -7.52
C VAL B 43 -28.66 63.74 -7.69
N LEU B 44 -29.29 64.11 -8.80
CA LEU B 44 -30.68 63.72 -9.05
C LEU B 44 -30.89 63.27 -10.49
N LEU B 45 -31.99 62.54 -10.67
CA LEU B 45 -32.49 62.14 -11.97
C LEU B 45 -33.91 62.54 -11.97
N ALA B 46 -34.37 63.08 -13.08
CA ALA B 46 -35.78 63.38 -13.26
C ALA B 46 -36.23 62.94 -14.64
N ALA B 47 -37.31 62.18 -14.69
CA ALA B 47 -37.70 61.52 -15.97
C ALA B 47 -39.18 61.64 -16.25
N GLU B 48 -39.50 61.91 -17.51
CA GLU B 48 -40.83 61.82 -18.01
C GLU B 48 -41.33 60.39 -17.99
N ARG B 49 -42.42 60.15 -17.30
CA ARG B 49 -43.11 58.87 -17.39
C ARG B 49 -43.88 58.73 -18.72
N ARG B 50 -43.71 57.59 -19.39
CA ARG B 50 -44.60 57.20 -20.49
C ARG B 50 -45.71 56.20 -20.08
N ASN B 51 -45.50 55.41 -19.02
CA ASN B 51 -46.56 54.59 -18.40
C ASN B 51 -47.61 55.41 -17.63
N ILE B 52 -48.49 56.08 -18.37
CA ILE B 52 -49.44 57.09 -17.86
C ILE B 52 -50.95 56.88 -18.08
N HIS B 53 -51.35 55.91 -18.91
CA HIS B 53 -52.79 55.49 -18.98
C HIS B 53 -53.42 55.26 -17.60
N LYS B 54 -54.72 55.51 -17.53
CA LYS B 54 -55.48 55.59 -16.26
C LYS B 54 -55.58 54.19 -15.61
N LEU B 55 -55.89 53.19 -16.43
CA LEU B 55 -55.93 51.78 -16.00
C LEU B 55 -54.61 51.03 -15.63
N LEU B 56 -53.44 51.66 -15.70
CA LEU B 56 -52.20 51.01 -15.25
C LEU B 56 -52.23 50.77 -13.73
N ASP B 57 -51.48 49.77 -13.22
CA ASP B 57 -51.59 49.37 -11.80
C ASP B 57 -50.63 50.00 -10.84
N GLU B 58 -49.40 50.30 -11.23
CA GLU B 58 -48.43 50.86 -10.25
C GLU B 58 -48.05 49.83 -9.19
N VAL B 59 -46.91 49.20 -9.42
CA VAL B 59 -46.53 48.00 -8.71
C VAL B 59 -45.08 48.08 -8.27
N PHE B 60 -44.22 48.73 -9.06
CA PHE B 60 -42.83 48.95 -8.68
C PHE B 60 -42.68 50.35 -8.09
N PHE B 61 -41.56 50.58 -7.43
CA PHE B 61 -41.29 51.90 -6.87
C PHE B 61 -40.90 52.96 -7.94
N SER B 62 -40.58 52.53 -9.15
CA SER B 62 -40.41 53.44 -10.27
C SER B 62 -40.66 52.77 -11.63
N GLU B 63 -40.55 53.56 -12.71
CA GLU B 63 -40.73 53.10 -14.07
C GLU B 63 -39.39 53.04 -14.82
N LYS B 64 -38.53 54.03 -14.64
CA LYS B 64 -37.29 54.17 -15.41
C LYS B 64 -36.06 54.47 -14.55
N ILE B 65 -36.20 54.47 -13.22
CA ILE B 65 -35.07 54.64 -12.32
C ILE B 65 -34.66 53.25 -11.80
N TYR B 66 -33.45 52.84 -12.05
CA TYR B 66 -32.99 51.56 -11.55
C TYR B 66 -31.82 51.74 -10.55
N LYS B 67 -31.92 51.06 -9.42
CA LYS B 67 -30.79 50.90 -8.49
C LYS B 67 -29.79 49.90 -9.07
N LEU B 68 -28.51 50.24 -9.08
CA LEU B 68 -27.46 49.40 -9.63
C LEU B 68 -26.62 48.63 -8.55
N ASN B 69 -26.39 49.28 -7.45
CA ASN B 69 -25.67 48.75 -6.28
C ASN B 69 -25.89 49.77 -5.15
N GLU B 70 -25.12 49.68 -4.07
CA GLU B 70 -25.36 50.49 -2.88
C GLU B 70 -25.24 52.02 -3.13
N ASP B 71 -24.30 52.37 -3.99
CA ASP B 71 -23.89 53.73 -4.23
C ASP B 71 -24.30 54.33 -5.59
N MET B 72 -25.11 53.62 -6.40
CA MET B 72 -25.41 54.09 -7.75
C MET B 72 -26.78 53.72 -8.22
N ALA B 73 -27.30 54.60 -9.07
CA ALA B 73 -28.57 54.39 -9.76
C ALA B 73 -28.47 54.92 -11.19
N CYS B 74 -29.42 54.54 -12.01
CA CYS B 74 -29.44 55.03 -13.37
C CYS B 74 -30.83 55.23 -13.85
N SER B 75 -30.95 56.05 -14.89
CA SER B 75 -32.19 56.10 -15.67
C SER B 75 -31.87 55.86 -17.11
N VAL B 76 -32.91 55.68 -17.91
CA VAL B 76 -32.75 55.29 -19.31
C VAL B 76 -33.73 56.03 -20.24
N ALA B 77 -33.33 56.18 -21.49
CA ALA B 77 -34.23 56.59 -22.53
C ALA B 77 -34.02 55.64 -23.69
N GLY B 78 -35.12 55.13 -24.23
CA GLY B 78 -35.08 54.31 -25.43
C GLY B 78 -35.92 53.04 -25.35
N ILE B 79 -35.43 51.97 -25.92
CA ILE B 79 -36.19 50.72 -25.97
C ILE B 79 -36.16 50.05 -24.56
N THR B 80 -37.31 49.89 -23.91
CA THR B 80 -37.36 49.42 -22.54
C THR B 80 -36.73 48.04 -22.30
N SER B 81 -37.10 47.09 -23.13
CA SER B 81 -36.61 45.74 -23.03
C SER B 81 -35.08 45.71 -23.17
N ASP B 82 -34.54 46.50 -24.11
CA ASP B 82 -33.08 46.65 -24.20
C ASP B 82 -32.50 47.20 -22.86
N ALA B 83 -33.15 48.20 -22.29
CA ALA B 83 -32.70 48.81 -21.04
C ALA B 83 -32.68 47.78 -19.87
N ASN B 84 -33.66 46.85 -19.84
CA ASN B 84 -33.66 45.75 -18.84
C ASN B 84 -32.47 44.83 -18.98
N VAL B 85 -32.12 44.44 -20.20
CA VAL B 85 -30.88 43.67 -20.39
C VAL B 85 -29.66 44.45 -19.84
N LEU B 86 -29.54 45.74 -20.16
CA LEU B 86 -28.33 46.49 -19.79
C LEU B 86 -28.20 46.73 -18.28
N THR B 87 -29.31 47.00 -17.60
CA THR B 87 -29.33 47.32 -16.22
C THR B 87 -29.09 46.06 -15.44
N ASN B 88 -29.59 44.93 -15.94
CA ASN B 88 -29.21 43.64 -15.34
C ASN B 88 -27.69 43.38 -15.43
N GLU B 89 -27.12 43.61 -16.63
CA GLU B 89 -25.68 43.47 -16.80
C GLU B 89 -24.87 44.48 -15.92
N LEU B 90 -25.35 45.72 -15.75
CA LEU B 90 -24.69 46.65 -14.82
C LEU B 90 -24.60 46.08 -13.36
N ARG B 91 -25.71 45.56 -12.88
CA ARG B 91 -25.76 44.96 -11.56
C ARG B 91 -24.76 43.80 -11.41
N LEU B 92 -24.71 42.92 -12.40
CA LEU B 92 -23.71 41.85 -12.43
CA LEU B 92 -23.72 41.85 -12.42
C LEU B 92 -22.26 42.36 -12.41
N ILE B 93 -21.95 43.36 -13.21
CA ILE B 93 -20.61 43.91 -13.26
C ILE B 93 -20.26 44.47 -11.88
N ALA B 94 -21.21 45.19 -11.27
CA ALA B 94 -20.97 45.80 -9.96
C ALA B 94 -20.75 44.75 -8.90
N GLN B 95 -21.46 43.63 -8.95
CA GLN B 95 -21.20 42.52 -7.98
C GLN B 95 -19.90 41.74 -8.21
N ARG B 96 -19.52 41.61 -9.47
CA ARG B 96 -18.24 40.98 -9.79
C ARG B 96 -17.06 41.76 -9.26
N TYR B 97 -17.11 43.08 -9.35
CA TYR B 97 -16.07 43.85 -8.85
C TYR B 97 -16.07 43.59 -7.30
N LEU B 98 -17.23 43.77 -6.66
CA LEU B 98 -17.35 43.73 -5.22
C LEU B 98 -16.82 42.45 -4.68
N LEU B 99 -17.12 41.36 -5.40
CA LEU B 99 -16.60 40.05 -5.03
C LEU B 99 -15.10 39.98 -5.05
N GLN B 100 -14.53 40.50 -6.11
CA GLN B 100 -13.08 40.48 -6.34
C GLN B 100 -12.24 41.40 -5.41
N TYR B 101 -12.73 42.58 -5.16
CA TYR B 101 -11.95 43.63 -4.44
C TYR B 101 -12.47 43.94 -3.03
N GLN B 102 -13.72 43.57 -2.76
CA GLN B 102 -14.44 43.85 -1.52
C GLN B 102 -14.58 45.33 -1.23
N GLU B 103 -14.75 46.13 -2.27
CA GLU B 103 -15.18 47.53 -2.18
C GLU B 103 -16.08 47.78 -3.37
N PRO B 104 -16.94 48.81 -3.26
CA PRO B 104 -17.86 49.13 -4.37
C PRO B 104 -17.15 49.54 -5.65
N ILE B 105 -17.72 49.20 -6.78
CA ILE B 105 -17.13 49.64 -8.05
C ILE B 105 -17.21 51.17 -8.17
N PRO B 106 -16.10 51.81 -8.56
CA PRO B 106 -16.15 53.28 -8.77
C PRO B 106 -17.02 53.55 -9.97
N CYS B 107 -17.72 54.66 -9.95
CA CYS B 107 -18.78 54.94 -10.91
C CYS B 107 -18.33 54.88 -12.34
N GLU B 108 -17.20 55.50 -12.65
CA GLU B 108 -16.74 55.57 -14.04
C GLU B 108 -16.40 54.20 -14.58
N GLN B 109 -15.91 53.36 -13.69
CA GLN B 109 -15.51 51.97 -14.00
C GLN B 109 -16.68 51.11 -14.38
N LEU B 110 -17.81 51.28 -13.72
CA LEU B 110 -19.04 50.61 -14.09
C LEU B 110 -19.53 51.08 -15.46
N VAL B 111 -19.59 52.39 -15.63
CA VAL B 111 -20.00 52.94 -16.90
C VAL B 111 -19.16 52.40 -18.08
N THR B 112 -17.83 52.51 -17.94
CA THR B 112 -16.88 52.03 -18.94
C THR B 112 -17.02 50.55 -19.28
N ALA B 113 -17.21 49.71 -18.26
CA ALA B 113 -17.40 48.28 -18.48
C ALA B 113 -18.63 48.02 -19.39
N LEU B 114 -19.74 48.69 -19.12
CA LEU B 114 -20.94 48.51 -19.94
C LEU B 114 -20.73 49.06 -21.36
N CYS B 115 -20.13 50.22 -21.44
CA CYS B 115 -19.87 50.88 -22.72
C CYS B 115 -19.02 50.00 -23.62
N ASP B 116 -18.14 49.19 -23.04
CA ASP B 116 -17.31 48.30 -23.84
C ASP B 116 -18.16 47.12 -24.48
N ILE B 117 -19.23 46.73 -23.80
CA ILE B 117 -20.20 45.77 -24.31
C ILE B 117 -20.97 46.42 -25.48
N LYS B 118 -21.44 47.64 -25.27
CA LYS B 118 -22.13 48.37 -26.37
C LYS B 118 -21.22 48.56 -27.55
N GLN B 119 -19.96 48.93 -27.29
CA GLN B 119 -18.98 49.08 -28.37
C GLN B 119 -18.84 47.82 -29.21
N ALA B 120 -18.71 46.67 -28.53
CA ALA B 120 -18.54 45.40 -29.22
C ALA B 120 -19.67 45.16 -30.21
N TYR B 121 -20.90 45.50 -29.82
CA TYR B 121 -22.08 45.28 -30.64
C TYR B 121 -22.10 46.15 -31.93
N THR B 122 -21.30 47.22 -31.97
CA THR B 122 -21.10 48.03 -33.15
C THR B 122 -19.95 47.55 -34.01
N GLN B 123 -19.10 46.66 -33.52
CA GLN B 123 -17.90 46.25 -34.28
C GLN B 123 -17.89 44.82 -34.77
N PHE B 124 -18.54 43.90 -34.05
CA PHE B 124 -18.64 42.52 -34.51
C PHE B 124 -19.92 41.85 -34.05
N GLY B 125 -20.15 40.62 -34.51
CA GLY B 125 -21.35 39.87 -34.11
C GLY B 125 -22.55 39.98 -35.03
N GLY B 126 -22.61 41.00 -35.87
CA GLY B 126 -23.71 41.09 -36.85
C GLY B 126 -25.10 41.30 -36.25
N LYS B 127 -25.17 41.80 -35.03
CA LYS B 127 -26.46 42.07 -34.37
C LYS B 127 -26.83 43.58 -34.37
N ARG B 128 -28.11 43.86 -34.15
CA ARG B 128 -28.51 45.21 -33.89
C ARG B 128 -27.96 45.67 -32.53
N PRO B 129 -27.57 46.93 -32.42
CA PRO B 129 -27.18 47.48 -31.13
C PRO B 129 -28.35 47.64 -30.20
N PHE B 130 -28.03 47.96 -28.95
CA PHE B 130 -29.02 48.29 -27.95
C PHE B 130 -29.51 49.71 -28.21
N GLY B 131 -30.82 49.89 -28.16
CA GLY B 131 -31.47 51.18 -28.43
C GLY B 131 -31.72 51.97 -27.17
N VAL B 132 -30.63 52.24 -26.46
CA VAL B 132 -30.72 52.81 -25.12
C VAL B 132 -29.63 53.83 -24.91
N SER B 133 -30.00 54.96 -24.30
CA SER B 133 -29.02 55.84 -23.64
C SER B 133 -29.31 55.82 -22.16
N LEU B 134 -28.29 56.06 -21.36
CA LEU B 134 -28.44 55.97 -19.90
C LEU B 134 -27.82 57.15 -19.20
N LEU B 135 -28.48 57.63 -18.15
CA LEU B 135 -27.84 58.57 -17.20
C LEU B 135 -27.54 57.81 -15.88
N TYR B 136 -26.30 57.92 -15.41
CA TYR B 136 -25.85 57.24 -14.19
C TYR B 136 -25.56 58.29 -13.15
N ILE B 137 -26.10 58.08 -11.93
CA ILE B 137 -25.73 58.87 -10.75
C ILE B 137 -25.12 57.98 -9.67
N GLY B 138 -24.23 58.58 -8.89
CA GLY B 138 -23.51 57.78 -7.93
C GLY B 138 -22.60 58.60 -7.04
N TRP B 139 -22.08 57.92 -6.01
CA TRP B 139 -21.00 58.47 -5.18
C TRP B 139 -19.92 57.41 -5.06
N ASP B 140 -18.66 57.79 -5.22
CA ASP B 140 -17.57 56.92 -4.75
C ASP B 140 -16.52 57.77 -4.00
N LYS B 141 -15.59 57.07 -3.41
CA LYS B 141 -14.56 57.69 -2.56
C LYS B 141 -13.45 58.33 -3.37
N HIS B 142 -13.47 58.24 -4.71
CA HIS B 142 -12.43 58.87 -5.51
C HIS B 142 -12.84 60.23 -6.05
N TYR B 143 -14.08 60.37 -6.52
CA TYR B 143 -14.58 61.63 -7.08
C TYR B 143 -15.93 62.07 -6.51
N GLY B 144 -16.39 61.47 -5.41
CA GLY B 144 -17.61 61.93 -4.74
C GLY B 144 -18.82 61.80 -5.64
N PHE B 145 -19.67 62.83 -5.65
CA PHE B 145 -20.92 62.80 -6.42
C PHE B 145 -20.62 62.92 -7.88
N GLN B 146 -21.28 62.07 -8.70
CA GLN B 146 -20.96 61.97 -10.12
C GLN B 146 -22.19 61.70 -10.94
N LEU B 147 -22.14 62.16 -12.20
CA LEU B 147 -23.22 62.00 -13.18
C LEU B 147 -22.56 61.70 -14.49
N TYR B 148 -23.02 60.59 -15.12
CA TYR B 148 -22.47 60.10 -16.39
C TYR B 148 -23.61 59.87 -17.37
N GLN B 149 -23.26 59.94 -18.66
CA GLN B 149 -24.18 59.63 -19.74
C GLN B 149 -23.51 58.73 -20.73
N SER B 150 -24.26 57.72 -21.20
CA SER B 150 -23.77 56.81 -22.25
C SER B 150 -24.82 56.61 -23.34
N ASP B 151 -24.36 56.27 -24.53
CA ASP B 151 -25.26 56.04 -25.65
C ASP B 151 -24.89 54.80 -26.50
N PRO B 152 -25.67 54.50 -27.56
CA PRO B 152 -25.45 53.25 -28.24
C PRO B 152 -24.13 53.08 -28.95
N SER B 153 -23.40 54.15 -29.22
CA SER B 153 -22.05 54.01 -29.78
C SER B 153 -21.06 53.34 -28.83
N GLY B 154 -21.43 53.22 -27.54
CA GLY B 154 -20.52 52.78 -26.52
C GLY B 154 -19.66 53.92 -26.01
N ASN B 155 -20.10 55.14 -26.25
CA ASN B 155 -19.46 56.37 -25.77
C ASN B 155 -20.12 56.91 -24.55
N TYR B 156 -19.32 57.54 -23.67
CA TYR B 156 -19.86 58.12 -22.44
C TYR B 156 -19.13 59.39 -22.10
N GLY B 157 -19.77 60.20 -21.29
CA GLY B 157 -19.07 61.33 -20.64
C GLY B 157 -19.61 61.65 -19.25
N GLY B 158 -18.78 62.31 -18.44
CA GLY B 158 -19.22 62.92 -17.22
C GLY B 158 -19.82 64.30 -17.50
N TRP B 159 -20.83 64.65 -16.71
CA TRP B 159 -21.59 65.89 -16.82
C TRP B 159 -21.91 66.48 -15.43
N LYS B 160 -22.04 67.81 -15.36
CA LYS B 160 -22.58 68.46 -14.18
C LYS B 160 -24.10 68.55 -14.29
N ALA B 161 -24.56 68.67 -15.53
CA ALA B 161 -25.98 68.47 -15.85
C ALA B 161 -26.13 68.03 -17.30
N THR B 162 -27.14 67.24 -17.57
CA THR B 162 -27.42 66.80 -18.94
C THR B 162 -28.84 66.29 -19.11
N CYS B 163 -29.19 66.03 -20.37
CA CYS B 163 -30.51 65.49 -20.74
C CYS B 163 -30.42 64.52 -21.92
N ILE B 164 -31.25 63.51 -21.90
CA ILE B 164 -31.42 62.60 -23.06
C ILE B 164 -32.92 62.49 -23.34
N GLY B 165 -33.24 61.97 -24.52
CA GLY B 165 -34.63 61.72 -24.87
C GLY B 165 -35.30 62.93 -25.48
N ASN B 166 -36.63 62.94 -25.46
CA ASN B 166 -37.39 64.02 -26.12
C ASN B 166 -37.02 65.45 -25.68
N ASN B 167 -36.81 66.30 -26.67
CA ASN B 167 -36.42 67.70 -26.49
C ASN B 167 -35.08 67.95 -25.77
N SER B 168 -34.17 66.98 -25.85
CA SER B 168 -32.83 67.08 -25.31
C SER B 168 -32.12 68.39 -25.50
N ALA B 169 -32.07 68.86 -26.75
CA ALA B 169 -31.32 70.08 -27.13
C ALA B 169 -31.84 71.29 -26.39
N ALA B 170 -33.18 71.40 -26.32
CA ALA B 170 -33.85 72.48 -25.61
C ALA B 170 -33.54 72.42 -24.11
N ALA B 171 -33.66 71.22 -23.53
CA ALA B 171 -33.34 71.03 -22.10
C ALA B 171 -31.91 71.43 -21.77
N VAL B 172 -30.95 71.04 -22.61
CA VAL B 172 -29.53 71.40 -22.35
C VAL B 172 -29.33 72.91 -22.44
N SER B 173 -30.00 73.56 -23.41
CA SER B 173 -29.96 75.01 -23.51
C SER B 173 -30.37 75.70 -22.20
N MET B 174 -31.51 75.32 -21.65
CA MET B 174 -31.98 75.86 -20.36
C MET B 174 -31.04 75.60 -19.20
N LEU B 175 -30.41 74.41 -19.19
CA LEU B 175 -29.43 74.08 -18.15
C LEU B 175 -28.16 74.91 -18.30
N LYS B 176 -27.65 75.07 -19.53
CA LYS B 176 -26.51 75.95 -19.83
C LYS B 176 -26.67 77.30 -19.18
N GLN B 177 -27.89 77.81 -19.14
CA GLN B 177 -28.11 79.14 -18.61
C GLN B 177 -28.38 79.24 -17.15
N ASP B 178 -29.03 78.24 -16.57
CA ASP B 178 -29.41 78.34 -15.15
C ASP B 178 -28.44 77.69 -14.19
N TYR B 179 -27.59 76.81 -14.69
CA TYR B 179 -26.80 75.98 -13.80
C TYR B 179 -25.56 76.75 -13.33
N LYS B 180 -25.33 76.73 -12.02
CA LYS B 180 -24.22 77.44 -11.40
C LYS B 180 -23.07 76.50 -11.02
N GLU B 181 -22.02 76.42 -11.84
CA GLU B 181 -20.89 75.53 -11.57
C GLU B 181 -20.27 75.80 -10.19
N GLY B 182 -20.42 74.86 -9.26
CA GLY B 182 -19.81 74.93 -7.94
C GLY B 182 -20.79 75.35 -6.86
N GLU B 183 -22.00 75.76 -7.25
CA GLU B 183 -22.85 76.50 -6.31
C GLU B 183 -24.25 75.92 -6.18
N MET B 184 -24.53 74.79 -6.81
CA MET B 184 -25.87 74.19 -6.76
C MET B 184 -26.05 73.31 -5.55
N THR B 185 -27.27 73.33 -5.00
CA THR B 185 -27.67 72.41 -3.95
C THR B 185 -28.76 71.50 -4.49
N LEU B 186 -29.04 70.45 -3.75
CA LEU B 186 -30.07 69.51 -4.14
C LEU B 186 -31.43 70.19 -4.28
N LYS B 187 -31.67 71.18 -3.44
CA LYS B 187 -32.95 71.91 -3.45
C LYS B 187 -33.07 72.82 -4.66
N SER B 188 -31.99 73.51 -5.03
CA SER B 188 -31.95 74.36 -6.24
C SER B 188 -31.92 73.51 -7.52
N ALA B 189 -31.20 72.41 -7.49
CA ALA B 189 -31.18 71.46 -8.62
C ALA B 189 -32.57 70.86 -8.85
N LEU B 190 -33.23 70.45 -7.76
CA LEU B 190 -34.64 69.99 -7.85
C LEU B 190 -35.52 71.06 -8.52
N ALA B 191 -35.36 72.32 -8.09
CA ALA B 191 -36.11 73.42 -8.70
C ALA B 191 -35.79 73.56 -10.16
N LEU B 192 -34.51 73.54 -10.54
CA LEU B 192 -34.13 73.66 -11.95
C LEU B 192 -34.69 72.48 -12.80
N ALA B 193 -34.71 71.26 -12.21
CA ALA B 193 -35.20 70.09 -12.92
C ALA B 193 -36.66 70.29 -13.31
N ILE B 194 -37.45 70.78 -12.34
CA ILE B 194 -38.87 71.02 -12.62
C ILE B 194 -39.09 72.14 -13.63
N LYS B 195 -38.27 73.18 -13.55
CA LYS B 195 -38.28 74.25 -14.58
C LYS B 195 -38.11 73.66 -16.00
N VAL B 196 -37.10 72.81 -16.15
CA VAL B 196 -36.72 72.25 -17.46
C VAL B 196 -37.78 71.32 -18.00
N LEU B 197 -38.30 70.42 -17.15
CA LEU B 197 -39.38 69.51 -17.57
C LEU B 197 -40.66 70.26 -17.91
N ASN B 198 -40.89 71.35 -17.19
CA ASN B 198 -42.04 72.21 -17.46
C ASN B 198 -41.98 72.79 -18.87
N LYS B 199 -40.82 73.31 -19.27
CA LYS B 199 -40.62 73.79 -20.61
C LYS B 199 -40.63 72.68 -21.68
N THR B 200 -40.01 71.52 -21.40
CA THR B 200 -39.78 70.50 -22.42
C THR B 200 -40.85 69.41 -22.51
N MET B 201 -41.86 69.46 -21.66
CA MET B 201 -43.04 68.65 -21.84
C MET B 201 -44.12 69.60 -22.42
N ASP B 202 -43.87 70.18 -23.60
CA ASP B 202 -44.78 71.14 -24.26
C ASP B 202 -45.91 70.42 -24.98
N VAL B 203 -46.43 69.34 -24.40
CA VAL B 203 -47.64 68.65 -24.87
C VAL B 203 -48.21 67.73 -23.73
N SER B 204 -48.65 68.29 -22.57
CA SER B 204 -48.90 69.74 -22.34
C SER B 204 -48.60 70.31 -20.91
N LYS B 205 -49.58 70.28 -19.98
CA LYS B 205 -49.45 70.93 -18.65
C LYS B 205 -48.98 69.96 -17.52
N LEU B 206 -47.78 70.23 -16.97
CA LEU B 206 -47.03 69.31 -16.06
C LEU B 206 -47.69 68.87 -14.75
N SER B 207 -47.43 67.64 -14.34
CA SER B 207 -48.18 66.97 -13.28
C SER B 207 -47.32 65.91 -12.61
N ALA B 208 -47.53 65.69 -11.33
CA ALA B 208 -46.72 64.73 -10.58
C ALA B 208 -46.86 63.28 -11.08
N GLU B 209 -48.05 62.92 -11.57
CA GLU B 209 -48.28 61.59 -12.16
C GLU B 209 -47.48 61.38 -13.45
N LYS B 210 -47.02 62.46 -14.10
CA LYS B 210 -46.21 62.41 -15.35
C LYS B 210 -44.68 62.49 -15.19
N VAL B 211 -44.16 62.62 -13.96
CA VAL B 211 -42.70 62.61 -13.73
C VAL B 211 -42.26 61.71 -12.57
N GLU B 212 -40.99 61.38 -12.62
CA GLU B 212 -40.30 60.58 -11.60
C GLU B 212 -39.05 61.30 -11.25
N ILE B 213 -38.77 61.40 -9.96
CA ILE B 213 -37.57 62.06 -9.50
C ILE B 213 -36.93 61.17 -8.45
N ALA B 214 -35.63 60.96 -8.60
CA ALA B 214 -34.86 60.25 -7.64
C ALA B 214 -33.68 61.11 -7.22
N THR B 215 -33.32 61.02 -5.95
CA THR B 215 -32.15 61.71 -5.40
C THR B 215 -31.18 60.74 -4.79
N LEU B 216 -29.89 61.07 -4.89
CA LEU B 216 -28.80 60.27 -4.34
C LEU B 216 -27.99 61.24 -3.46
N THR B 217 -27.96 60.94 -2.16
CA THR B 217 -27.25 61.74 -1.14
C THR B 217 -26.42 60.87 -0.21
N ARG B 218 -25.64 61.53 0.66
CA ARG B 218 -24.82 60.87 1.67
C ARG B 218 -25.31 61.28 3.06
N GLU B 219 -25.37 60.32 3.99
CA GLU B 219 -25.84 60.49 5.35
C GLU B 219 -25.17 59.47 6.24
N ASN B 220 -24.33 59.96 7.15
CA ASN B 220 -23.61 59.10 8.10
C ASN B 220 -22.70 58.11 7.42
N GLY B 221 -21.93 58.60 6.44
CA GLY B 221 -21.00 57.76 5.67
C GLY B 221 -21.62 56.62 4.85
N LYS B 222 -22.90 56.77 4.47
CA LYS B 222 -23.70 55.76 3.78
C LYS B 222 -24.50 56.45 2.64
N THR B 223 -24.56 55.86 1.45
CA THR B 223 -25.33 56.44 0.33
C THR B 223 -26.84 56.19 0.51
N VAL B 224 -27.66 57.20 0.25
CA VAL B 224 -29.12 57.04 0.32
C VAL B 224 -29.69 57.41 -1.06
N ILE B 225 -30.52 56.52 -1.59
CA ILE B 225 -31.09 56.65 -2.90
C ILE B 225 -32.57 56.59 -2.69
N ARG B 226 -33.32 57.61 -3.13
CA ARG B 226 -34.75 57.69 -2.84
C ARG B 226 -35.50 58.18 -4.04
N VAL B 227 -36.65 57.59 -4.31
CA VAL B 227 -37.58 58.06 -5.31
C VAL B 227 -38.58 58.89 -4.56
N LEU B 228 -38.64 60.18 -4.90
CA LEU B 228 -39.54 61.13 -4.21
C LEU B 228 -40.99 60.69 -4.33
N LYS B 229 -41.74 60.82 -3.24
CA LYS B 229 -43.14 60.44 -3.22
C LYS B 229 -43.94 61.54 -3.93
N GLN B 230 -45.17 61.24 -4.29
CA GLN B 230 -45.94 62.20 -5.11
C GLN B 230 -46.24 63.54 -4.45
N LYS B 231 -46.46 63.50 -3.14
CA LYS B 231 -46.61 64.70 -2.30
C LYS B 231 -45.47 65.71 -2.52
N GLU B 232 -44.24 65.22 -2.48
CA GLU B 232 -43.07 66.07 -2.68
C GLU B 232 -42.97 66.61 -4.09
N VAL B 233 -43.41 65.80 -5.06
CA VAL B 233 -43.36 66.21 -6.46
C VAL B 233 -44.37 67.34 -6.72
N GLU B 234 -45.59 67.22 -6.19
CA GLU B 234 -46.63 68.27 -6.33
C GLU B 234 -46.17 69.56 -5.66
N GLN B 235 -45.63 69.42 -4.45
CA GLN B 235 -45.08 70.52 -3.67
C GLN B 235 -44.05 71.28 -4.48
N LEU B 236 -43.18 70.59 -5.20
CA LEU B 236 -42.11 71.27 -5.95
C LEU B 236 -42.65 71.96 -7.19
N ILE B 237 -43.68 71.36 -7.78
CA ILE B 237 -44.36 71.93 -8.94
C ILE B 237 -45.07 73.20 -8.48
N LYS B 238 -45.74 73.14 -7.32
CA LYS B 238 -46.37 74.30 -6.70
C LYS B 238 -45.39 75.44 -6.52
N LYS B 239 -44.24 75.15 -5.91
CA LYS B 239 -43.21 76.18 -5.69
C LYS B 239 -42.70 76.80 -7.00
N HIS B 240 -42.56 75.99 -8.05
CA HIS B 240 -42.21 76.49 -9.38
C HIS B 240 -43.29 77.44 -9.95
N GLU B 241 -44.56 77.08 -9.76
CA GLU B 241 -45.71 77.86 -10.27
C GLU B 241 -45.88 79.15 -9.46
N GLU B 242 -45.66 79.09 -8.15
CA GLU B 242 -45.55 80.31 -7.34
C GLU B 242 -44.38 81.18 -7.81
N GLU B 243 -43.22 80.56 -8.05
CA GLU B 243 -42.03 81.32 -8.49
C GLU B 243 -42.20 82.05 -9.80
N GLU B 244 -43.04 81.54 -10.71
CA GLU B 244 -43.35 82.23 -11.97
C GLU B 244 -44.31 83.41 -11.78
N ALA B 245 -45.20 83.36 -10.81
CA ALA B 245 -45.99 84.54 -10.39
C ALA B 245 -45.09 85.74 -10.06
N LYS B 246 -43.97 85.47 -9.39
CA LYS B 246 -42.97 86.50 -9.07
C LYS B 246 -42.28 87.14 -10.28
N ALA B 247 -42.28 86.48 -11.43
CA ALA B 247 -41.35 86.83 -12.52
C ALA B 247 -41.22 88.32 -12.96
N GLU B 248 -42.32 89.08 -13.02
CA GLU B 248 -42.37 90.40 -13.71
C GLU B 248 -42.26 91.60 -12.75
N ARG B 249 -43.22 91.69 -11.81
CA ARG B 249 -43.08 92.49 -10.59
C ARG B 249 -42.96 91.52 -9.42
N SER C 2 -21.70 31.74 -34.06
CA SER C 2 -21.00 33.07 -34.16
C SER C 2 -20.90 33.61 -35.61
N TYR C 3 -20.79 34.92 -35.73
CA TYR C 3 -20.96 35.61 -36.97
C TYR C 3 -19.67 35.59 -37.79
N ASP C 4 -19.68 34.88 -38.90
CA ASP C 4 -18.50 34.68 -39.73
C ASP C 4 -18.47 35.43 -41.05
N ARG C 5 -19.33 36.41 -41.25
CA ARG C 5 -19.36 37.12 -42.53
C ARG C 5 -18.01 37.79 -42.82
N ALA C 6 -17.49 37.64 -44.02
CA ALA C 6 -16.37 38.46 -44.53
C ALA C 6 -16.82 39.90 -44.68
N ILE C 7 -16.27 40.80 -43.91
CA ILE C 7 -16.71 42.20 -43.88
C ILE C 7 -15.77 43.06 -44.69
N THR C 8 -14.47 42.93 -44.46
CA THR C 8 -13.52 43.68 -45.27
C THR C 8 -13.11 42.75 -46.41
N VAL C 9 -13.43 43.15 -47.63
CA VAL C 9 -13.11 42.37 -48.86
C VAL C 9 -12.55 43.33 -49.92
N PHE C 10 -11.85 42.78 -50.89
CA PHE C 10 -11.35 43.56 -52.00
C PHE C 10 -12.47 43.88 -52.93
N SER C 11 -12.33 45.04 -53.56
CA SER C 11 -13.16 45.48 -54.70
C SER C 11 -12.35 45.51 -55.99
N PRO C 12 -13.02 45.76 -57.14
CA PRO C 12 -12.25 45.89 -58.38
C PRO C 12 -11.26 47.06 -58.24
N ASP C 13 -10.05 46.88 -58.73
CA ASP C 13 -8.93 47.86 -58.61
C ASP C 13 -8.22 47.88 -57.29
N GLY C 14 -8.50 46.89 -56.47
CA GLY C 14 -7.64 46.57 -55.36
C GLY C 14 -7.92 47.34 -54.10
N HIS C 15 -9.09 47.98 -54.01
CA HIS C 15 -9.49 48.67 -52.82
C HIS C 15 -10.11 47.76 -51.74
N LEU C 16 -9.86 48.16 -50.48
CA LEU C 16 -10.48 47.67 -49.31
C LEU C 16 -11.36 48.78 -48.76
N PHE C 17 -12.61 48.78 -49.20
CA PHE C 17 -13.55 49.84 -48.85
C PHE C 17 -13.82 50.04 -47.35
N GLN C 18 -13.95 48.98 -46.57
CA GLN C 18 -14.11 49.17 -45.15
C GLN C 18 -12.96 49.91 -44.48
N VAL C 19 -11.75 49.65 -44.93
CA VAL C 19 -10.58 50.31 -44.44
C VAL C 19 -10.61 51.81 -44.85
N GLU C 20 -10.92 52.06 -46.13
CA GLU C 20 -11.03 53.45 -46.61
C GLU C 20 -12.08 54.21 -45.80
N TYR C 21 -13.20 53.54 -45.51
CA TYR C 21 -14.27 54.18 -44.75
C TYR C 21 -13.85 54.39 -43.32
N ALA C 22 -13.08 53.46 -42.76
CA ALA C 22 -12.54 53.66 -41.43
C ALA C 22 -11.64 54.95 -41.42
N GLN C 23 -10.84 55.11 -42.47
CA GLN C 23 -10.02 56.33 -42.67
C GLN C 23 -10.86 57.59 -42.77
N GLU C 24 -12.06 57.51 -43.35
CA GLU C 24 -12.98 58.66 -43.34
C GLU C 24 -13.42 59.02 -41.94
N ALA C 25 -13.63 58.01 -41.11
CA ALA C 25 -14.00 58.23 -39.71
C ALA C 25 -12.87 58.97 -38.94
N VAL C 26 -11.62 58.65 -39.25
CA VAL C 26 -10.46 59.29 -38.64
C VAL C 26 -10.41 60.76 -39.05
N LYS C 27 -10.71 61.04 -40.32
CA LYS C 27 -10.62 62.41 -40.84
C LYS C 27 -11.67 63.35 -40.26
N LYS C 28 -12.78 62.83 -39.76
CA LYS C 28 -13.74 63.64 -39.00
C LYS C 28 -13.51 63.69 -37.49
N GLY C 29 -12.40 63.15 -36.99
CA GLY C 29 -12.06 63.28 -35.58
C GLY C 29 -11.40 64.62 -35.33
N SER C 30 -11.22 64.99 -34.08
CA SER C 30 -10.48 66.16 -33.68
C SER C 30 -9.04 66.01 -34.07
N THR C 31 -8.41 67.13 -34.43
CA THR C 31 -7.02 67.15 -34.83
C THR C 31 -6.15 66.73 -33.67
N ALA C 32 -5.10 65.97 -33.95
CA ALA C 32 -4.11 65.63 -32.93
C ALA C 32 -2.74 65.79 -33.52
N VAL C 33 -1.78 66.25 -32.72
CA VAL C 33 -0.44 66.58 -33.22
C VAL C 33 0.60 66.05 -32.29
N GLY C 34 1.71 65.63 -32.85
CA GLY C 34 2.86 65.17 -32.08
C GLY C 34 4.12 65.82 -32.60
N VAL C 35 5.02 66.23 -31.69
CA VAL C 35 6.41 66.53 -32.12
C VAL C 35 7.41 65.82 -31.22
N ARG C 36 8.40 65.24 -31.90
CA ARG C 36 9.55 64.66 -31.26
C ARG C 36 10.64 65.73 -31.08
N GLY C 37 10.80 66.14 -29.81
CA GLY C 37 11.87 67.01 -29.40
C GLY C 37 13.21 66.30 -29.23
N ARG C 38 14.15 67.04 -28.67
CA ARG C 38 15.51 66.58 -28.40
C ARG C 38 15.50 65.66 -27.19
N ASP C 39 14.89 66.10 -26.11
CA ASP C 39 14.74 65.21 -24.94
C ASP C 39 13.37 65.37 -24.28
N ILE C 40 12.39 65.63 -25.12
CA ILE C 40 11.02 65.75 -24.72
C ILE C 40 10.18 65.27 -25.93
N VAL C 41 8.96 64.83 -25.66
CA VAL C 41 7.98 64.59 -26.72
C VAL C 41 6.67 65.19 -26.29
N VAL C 42 5.94 65.74 -27.25
CA VAL C 42 4.78 66.51 -26.93
C VAL C 42 3.61 66.07 -27.80
N LEU C 43 2.43 66.06 -27.19
CA LEU C 43 1.19 65.74 -27.88
C LEU C 43 0.20 66.81 -27.57
N GLY C 44 -0.47 67.30 -28.59
CA GLY C 44 -1.56 68.23 -28.40
C GLY C 44 -2.74 67.76 -29.22
N VAL C 45 -3.94 68.05 -28.72
CA VAL C 45 -5.13 67.68 -29.43
C VAL C 45 -6.24 68.69 -29.22
N GLU C 46 -7.04 68.84 -30.27
CA GLU C 46 -8.09 69.82 -30.35
C GLU C 46 -9.32 69.50 -29.50
N LYS C 47 -9.91 70.57 -28.98
CA LYS C 47 -11.33 70.71 -28.57
C LYS C 47 -11.88 69.76 -27.51
N LYS C 48 -12.88 68.91 -27.77
CA LYS C 48 -13.47 68.56 -29.09
C LYS C 48 -14.69 69.46 -29.47
N SER C 49 -15.62 69.59 -28.51
CA SER C 49 -16.80 70.46 -28.63
C SER C 49 -16.77 71.71 -27.71
N VAL C 50 -15.99 71.70 -26.62
CA VAL C 50 -16.19 72.62 -25.49
C VAL C 50 -17.41 72.08 -24.67
N ALA C 51 -18.30 72.95 -24.18
CA ALA C 51 -19.49 72.62 -23.37
C ALA C 51 -19.22 72.73 -21.87
N LYS C 52 -19.64 73.84 -21.27
CA LYS C 52 -19.31 74.21 -19.86
C LYS C 52 -19.84 73.21 -18.86
N LEU C 53 -20.91 72.49 -19.21
CA LEU C 53 -21.50 71.48 -18.35
C LEU C 53 -20.82 70.08 -18.34
N GLN C 54 -19.78 69.92 -19.16
CA GLN C 54 -18.97 68.71 -19.26
C GLN C 54 -17.89 68.63 -18.20
N ASP C 55 -17.80 67.48 -17.50
CA ASP C 55 -16.62 67.15 -16.71
C ASP C 55 -15.41 66.86 -17.63
N GLU C 56 -14.56 67.87 -17.78
CA GLU C 56 -13.31 67.85 -18.59
C GLU C 56 -12.53 66.49 -18.49
N ARG C 57 -12.22 66.09 -17.24
CA ARG C 57 -11.44 64.87 -16.91
C ARG C 57 -11.86 63.60 -17.69
N THR C 58 -13.18 63.45 -17.89
CA THR C 58 -13.78 62.22 -18.43
C THR C 58 -13.69 62.03 -19.96
N VAL C 59 -13.14 63.02 -20.69
CA VAL C 59 -13.12 62.95 -22.16
C VAL C 59 -11.76 63.28 -22.79
N ARG C 60 -10.66 63.11 -22.08
CA ARG C 60 -9.33 63.36 -22.63
C ARG C 60 -9.03 62.40 -23.75
N LYS C 61 -8.23 62.85 -24.70
CA LYS C 61 -7.86 62.07 -25.86
C LYS C 61 -6.39 61.73 -25.83
N ILE C 62 -5.71 62.06 -24.73
CA ILE C 62 -4.31 61.65 -24.54
C ILE C 62 -4.35 60.67 -23.39
N ALA C 64 -2.18 57.42 -21.07
CA ALA C 64 -1.00 56.62 -20.73
C ALA C 64 -1.24 55.15 -21.07
N LEU C 65 -0.26 54.50 -21.72
CA LEU C 65 -0.31 53.06 -21.94
C LEU C 65 0.48 52.34 -20.88
N ASP C 66 1.60 52.94 -20.50
CA ASP C 66 2.51 52.43 -19.49
C ASP C 66 3.20 53.68 -18.95
N ASP C 67 4.19 53.52 -18.06
CA ASP C 67 4.86 54.70 -17.51
C ASP C 67 5.66 55.44 -18.56
N ASN C 68 6.27 54.73 -19.50
CA ASN C 68 7.17 55.33 -20.52
C ASN C 68 6.57 55.49 -21.96
N VAL C 69 5.25 55.36 -22.10
CA VAL C 69 4.59 55.37 -23.42
C VAL C 69 3.16 55.89 -23.29
N CYS C 70 2.79 56.87 -24.10
CA CYS C 70 1.43 57.34 -24.11
C CYS C 70 0.99 57.52 -25.54
N MET C 71 -0.27 57.86 -25.74
CA MET C 71 -0.79 58.00 -27.06
C MET C 71 -1.91 58.98 -27.10
N ALA C 72 -2.04 59.61 -28.26
CA ALA C 72 -3.24 60.29 -28.63
C ALA C 72 -3.90 59.54 -29.85
N PHE C 73 -5.19 59.73 -30.05
CA PHE C 73 -5.87 59.21 -31.20
C PHE C 73 -6.75 60.25 -31.84
N ALA C 74 -7.14 60.02 -33.10
CA ALA C 74 -8.28 60.67 -33.73
C ALA C 74 -9.20 59.61 -34.37
N GLY C 75 -10.50 59.80 -34.22
CA GLY C 75 -11.53 59.00 -34.86
C GLY C 75 -12.60 58.59 -33.86
N LEU C 76 -13.08 57.33 -33.95
CA LEU C 76 -14.18 56.86 -33.10
C LEU C 76 -13.67 56.60 -31.67
N THR C 77 -14.18 57.40 -30.73
CA THR C 77 -13.61 57.44 -29.38
C THR C 77 -13.83 56.07 -28.70
N ALA C 78 -14.99 55.43 -28.91
CA ALA C 78 -15.25 54.04 -28.40
C ALA C 78 -14.30 52.99 -28.95
N ASP C 79 -14.00 53.08 -30.24
CA ASP C 79 -13.00 52.22 -30.84
C ASP C 79 -11.65 52.42 -30.18
N ALA C 80 -11.25 53.68 -30.00
CA ALA C 80 -9.96 53.95 -29.38
C ALA C 80 -9.84 53.24 -27.99
N ARG C 81 -10.93 53.29 -27.22
CA ARG C 81 -10.89 52.88 -25.82
C ARG C 81 -10.54 51.38 -25.79
N ILE C 82 -11.06 50.66 -26.78
CA ILE C 82 -10.77 49.24 -26.90
C ILE C 82 -9.32 49.01 -27.27
N VAL C 83 -8.82 49.79 -28.22
CA VAL C 83 -7.40 49.68 -28.62
C VAL C 83 -6.48 50.03 -27.44
N ILE C 84 -6.83 51.10 -26.72
CA ILE C 84 -6.02 51.54 -25.58
C ILE C 84 -5.91 50.46 -24.50
N ASN C 85 -7.05 49.85 -24.14
CA ASN C 85 -7.05 48.84 -23.11
CA ASN C 85 -7.06 48.80 -23.13
C ASN C 85 -6.29 47.55 -23.54
N ARG C 86 -6.47 47.13 -24.78
CA ARG C 86 -5.67 46.02 -25.31
C ARG C 86 -4.17 46.32 -25.22
N ALA C 87 -3.75 47.53 -25.58
CA ALA C 87 -2.34 47.94 -25.52
C ALA C 87 -1.82 48.01 -24.06
N ARG C 88 -2.68 48.47 -23.14
CA ARG C 88 -2.32 48.47 -21.72
C ARG C 88 -2.10 47.06 -21.19
N VAL C 89 -2.99 46.12 -21.51
CA VAL C 89 -2.84 44.72 -21.12
C VAL C 89 -1.49 44.20 -21.64
N GLU C 90 -1.23 44.45 -22.92
CA GLU C 90 0.00 43.97 -23.56
C GLU C 90 1.29 44.50 -22.95
N CYS C 91 1.33 45.78 -22.55
CA CYS C 91 2.51 46.36 -21.89
C CYS C 91 2.88 45.59 -20.60
N GLN C 92 1.86 45.18 -19.85
CA GLN C 92 2.05 44.32 -18.71
C GLN C 92 2.47 42.87 -19.06
N SER C 93 1.93 42.26 -20.12
CA SER C 93 2.46 40.98 -20.59
C SER C 93 3.93 41.06 -20.99
N HIS C 94 4.33 42.14 -21.64
CA HIS C 94 5.72 42.29 -22.07
C HIS C 94 6.60 42.33 -20.82
N ARG C 95 6.43 43.35 -19.97
CA ARG C 95 7.12 43.45 -18.65
C ARG C 95 7.17 42.12 -17.90
N LEU C 96 6.10 41.34 -17.96
CA LEU C 96 6.07 40.04 -17.30
C LEU C 96 7.18 39.16 -17.85
N THR C 97 7.25 39.01 -19.19
CA THR C 97 8.06 37.93 -19.84
C THR C 97 9.46 38.37 -20.35
N VAL C 98 9.73 39.66 -20.26
CA VAL C 98 11.01 40.27 -20.67
C VAL C 98 11.64 41.16 -19.59
N GLU C 99 10.87 41.58 -18.59
CA GLU C 99 11.36 42.36 -17.46
C GLU C 99 11.98 43.67 -17.90
N ASP C 100 11.48 44.18 -19.01
CA ASP C 100 11.81 45.52 -19.45
C ASP C 100 10.50 46.15 -19.84
N PRO C 101 10.43 47.48 -19.75
CA PRO C 101 9.30 48.13 -20.35
C PRO C 101 9.32 47.95 -21.89
N VAL C 102 8.15 48.00 -22.49
CA VAL C 102 8.04 47.89 -23.93
C VAL C 102 8.83 49.02 -24.53
N THR C 103 9.48 48.78 -25.64
CA THR C 103 9.90 49.90 -26.49
C THR C 103 8.64 50.52 -27.12
N VAL C 104 8.76 51.76 -27.55
CA VAL C 104 7.66 52.47 -28.19
C VAL C 104 7.30 51.78 -29.52
N GLU C 105 8.32 51.28 -30.21
CA GLU C 105 8.15 50.57 -31.42
C GLU C 105 7.45 49.23 -31.20
N TYR C 106 7.80 48.52 -30.13
CA TYR C 106 7.19 47.25 -29.81
C TYR C 106 5.69 47.42 -29.66
N ILE C 107 5.26 48.37 -28.82
CA ILE C 107 3.81 48.53 -28.60
C ILE C 107 3.07 49.08 -29.83
N THR C 108 3.78 49.93 -30.60
CA THR C 108 3.28 50.46 -31.83
C THR C 108 3.01 49.31 -32.82
N ARG C 109 4.01 48.48 -33.02
CA ARG C 109 3.94 47.30 -33.86
C ARG C 109 2.76 46.36 -33.42
N TYR C 110 2.59 46.21 -32.10
CA TYR C 110 1.50 45.45 -31.53
C TYR C 110 0.14 46.08 -31.86
N ILE C 111 0.00 47.39 -31.67
CA ILE C 111 -1.27 48.08 -31.98
C ILE C 111 -1.60 47.98 -33.47
N ALA C 112 -0.57 48.14 -34.29
CA ALA C 112 -0.71 48.14 -35.71
C ALA C 112 -1.18 46.77 -36.23
N SER C 113 -0.62 45.71 -35.64
CA SER C 113 -0.96 44.42 -36.15
C SER C 113 -2.36 43.98 -35.62
N LEU C 114 -2.76 44.50 -34.45
CA LEU C 114 -4.15 44.37 -34.01
C LEU C 114 -5.12 45.00 -35.02
N LYS C 115 -4.80 46.24 -35.38
CA LYS C 115 -5.55 46.94 -36.40
C LYS C 115 -5.59 46.13 -37.71
N GLN C 116 -4.45 45.61 -38.16
CA GLN C 116 -4.38 44.93 -39.41
C GLN C 116 -5.28 43.67 -39.38
N ARG C 117 -5.19 42.92 -38.29
CA ARG C 117 -6.05 41.77 -38.03
C ARG C 117 -7.55 42.04 -38.17
N TYR C 118 -8.00 43.20 -37.72
CA TYR C 118 -9.40 43.55 -37.85
C TYR C 118 -9.80 44.03 -39.30
N THR C 119 -8.85 44.07 -40.23
CA THR C 119 -9.14 44.28 -41.65
C THR C 119 -9.11 42.98 -42.43
N GLN C 120 -8.77 41.87 -41.77
CA GLN C 120 -8.65 40.58 -42.42
C GLN C 120 -9.30 39.39 -41.64
N SER C 121 -10.23 39.65 -40.71
CA SER C 121 -10.90 38.62 -39.93
C SER C 121 -12.37 38.69 -40.07
N ASN C 122 -12.99 37.54 -40.16
CA ASN C 122 -14.43 37.46 -40.34
C ASN C 122 -15.21 38.01 -39.18
N GLY C 123 -16.37 38.56 -39.46
CA GLY C 123 -17.25 39.04 -38.41
C GLY C 123 -16.98 40.41 -37.82
N ARG C 124 -15.85 41.03 -38.17
CA ARG C 124 -15.39 42.31 -37.59
C ARG C 124 -15.26 43.39 -38.65
N ARG C 125 -15.55 44.64 -38.27
CA ARG C 125 -15.10 45.78 -39.08
C ARG C 125 -13.75 46.34 -38.54
N PRO C 126 -13.00 47.09 -39.36
CA PRO C 126 -11.77 47.70 -38.90
C PRO C 126 -11.98 48.72 -37.78
N PHE C 127 -10.90 49.03 -37.04
CA PHE C 127 -10.99 50.08 -36.01
C PHE C 127 -10.99 51.43 -36.74
N GLY C 128 -11.92 52.31 -36.39
CA GLY C 128 -11.96 53.68 -36.97
C GLY C 128 -11.09 54.73 -36.25
N ILE C 129 -9.80 54.45 -36.08
CA ILE C 129 -8.88 55.36 -35.42
C ILE C 129 -7.48 55.27 -35.99
N SER C 130 -6.78 56.39 -35.87
CA SER C 130 -5.33 56.46 -36.01
C SER C 130 -4.77 56.87 -34.66
N ALA C 131 -3.51 56.58 -34.44
CA ALA C 131 -2.90 56.90 -33.14
C ALA C 131 -1.54 57.48 -33.32
N LEU C 132 -1.19 58.40 -32.43
CA LEU C 132 0.17 58.91 -32.32
C LEU C 132 0.69 58.39 -31.00
N ILE C 133 1.82 57.71 -31.07
CA ILE C 133 2.35 56.98 -29.94
C ILE C 133 3.74 57.51 -29.66
N VAL C 134 3.97 57.90 -28.40
CA VAL C 134 5.25 58.53 -28.04
C VAL C 134 5.82 57.97 -26.77
N GLY C 135 7.14 57.98 -26.71
CA GLY C 135 7.84 57.75 -25.48
C GLY C 135 9.34 57.80 -25.66
N PHE C 136 10.03 57.11 -24.76
CA PHE C 136 11.47 56.97 -24.77
C PHE C 136 11.87 55.52 -24.66
N ASP C 137 12.86 55.12 -25.44
CA ASP C 137 13.55 53.84 -25.27
C ASP C 137 14.51 53.79 -24.08
N PHE C 138 14.83 52.56 -23.64
CA PHE C 138 15.74 52.31 -22.49
C PHE C 138 17.02 53.15 -22.53
N ASP C 139 17.57 53.38 -23.72
CA ASP C 139 18.77 54.20 -23.93
C ASP C 139 18.53 55.73 -24.05
N GLY C 140 17.36 56.21 -23.60
CA GLY C 140 17.02 57.64 -23.70
C GLY C 140 16.56 58.21 -25.07
N THR C 141 16.58 57.44 -26.15
CA THR C 141 16.13 57.96 -27.46
C THR C 141 14.62 58.26 -27.47
N PRO C 142 14.22 59.49 -27.80
CA PRO C 142 12.81 59.88 -27.88
C PRO C 142 12.15 59.36 -29.17
N ARG C 143 10.83 59.10 -29.15
CA ARG C 143 10.15 58.40 -30.29
C ARG C 143 8.73 58.90 -30.56
N LEU C 144 8.38 58.98 -31.84
CA LEU C 144 7.02 59.34 -32.22
C LEU C 144 6.59 58.44 -33.36
N TYR C 145 5.56 57.64 -33.14
CA TYR C 145 5.07 56.69 -34.16
C TYR C 145 3.63 57.01 -34.45
N GLN C 146 3.19 56.65 -35.67
CA GLN C 146 1.79 56.77 -36.03
C GLN C 146 1.26 55.44 -36.65
N THR C 147 0.04 55.07 -36.25
CA THR C 147 -0.67 53.91 -36.80
C THR C 147 -1.98 54.38 -37.48
N ASP C 148 -2.45 53.64 -38.47
CA ASP C 148 -3.78 53.95 -39.03
C ASP C 148 -4.60 52.72 -39.22
N PRO C 149 -5.90 52.88 -39.53
CA PRO C 149 -6.82 51.71 -39.57
C PRO C 149 -6.31 50.53 -40.33
N SER C 150 -5.51 50.74 -41.36
CA SER C 150 -4.98 49.61 -42.17
C SER C 150 -4.00 48.75 -41.41
N GLY C 151 -3.43 49.28 -40.32
CA GLY C 151 -2.35 48.60 -39.59
C GLY C 151 -0.95 49.00 -40.07
N THR C 152 -0.87 49.91 -41.04
CA THR C 152 0.44 50.48 -41.41
C THR C 152 0.92 51.36 -40.28
N TYR C 153 2.22 51.36 -40.06
CA TYR C 153 2.83 52.29 -39.09
C TYR C 153 4.19 52.79 -39.53
N HIS C 154 4.49 54.02 -39.12
CA HIS C 154 5.79 54.67 -39.37
C HIS C 154 6.23 55.57 -38.20
N ALA C 155 7.53 55.81 -38.12
CA ALA C 155 8.09 56.81 -37.17
C ALA C 155 8.08 58.18 -37.84
N TRP C 156 7.90 59.21 -37.03
CA TRP C 156 7.82 60.57 -37.51
C TRP C 156 8.63 61.52 -36.61
N LYS C 157 9.10 62.60 -37.24
CA LYS C 157 9.75 63.71 -36.52
C LYS C 157 8.66 64.54 -35.86
N ALA C 158 7.59 64.73 -36.62
CA ALA C 158 6.37 65.40 -36.17
C ALA C 158 5.28 64.94 -37.14
N ASN C 159 4.02 65.00 -36.70
CA ASN C 159 2.89 64.64 -37.51
C ASN C 159 1.59 65.13 -36.91
N ALA C 160 0.56 65.15 -37.74
CA ALA C 160 -0.78 65.41 -37.30
C ALA C 160 -1.72 64.32 -37.92
N ILE C 161 -2.84 64.05 -37.27
CA ILE C 161 -3.94 63.19 -37.75
C ILE C 161 -5.26 63.85 -37.37
N GLY C 162 -6.38 63.38 -37.93
CA GLY C 162 -7.69 64.02 -37.68
C GLY C 162 -8.02 65.10 -38.69
N ARG C 163 -9.10 65.84 -38.44
CA ARG C 163 -9.51 66.91 -39.38
C ARG C 163 -8.46 68.02 -39.46
N GLY C 164 -8.11 68.38 -40.67
CA GLY C 164 -7.10 69.42 -40.89
C GLY C 164 -5.68 68.94 -40.72
N ALA C 165 -5.47 67.63 -40.60
CA ALA C 165 -4.12 67.08 -40.64
C ALA C 165 -3.27 67.52 -41.86
N LYS C 166 -3.89 67.71 -43.04
CA LYS C 166 -3.16 68.08 -44.27
C LYS C 166 -2.45 69.41 -44.06
N SER C 167 -3.19 70.43 -43.64
CA SER C 167 -2.61 71.76 -43.43
C SER C 167 -1.68 71.81 -42.19
N VAL C 168 -2.05 71.10 -41.10
CA VAL C 168 -1.17 71.05 -39.92
C VAL C 168 0.16 70.38 -40.30
N ARG C 169 0.12 69.31 -41.09
CA ARG C 169 1.37 68.68 -41.54
C ARG C 169 2.20 69.63 -42.42
N GLU C 170 1.52 70.39 -43.29
CA GLU C 170 2.15 71.42 -44.12
C GLU C 170 2.90 72.42 -43.24
N PHE C 171 2.22 73.00 -42.26
CA PHE C 171 2.86 73.87 -41.28
C PHE C 171 4.10 73.26 -40.56
N LEU C 172 4.02 72.00 -40.15
CA LEU C 172 5.13 71.34 -39.48
C LEU C 172 6.34 71.13 -40.40
N GLU C 173 6.07 70.80 -41.66
CA GLU C 173 7.12 70.66 -42.69
C GLU C 173 7.93 71.97 -42.80
N LYS C 174 7.28 73.12 -42.74
CA LYS C 174 7.99 74.43 -42.81
C LYS C 174 8.72 74.74 -41.49
N ASN C 175 8.09 74.41 -40.36
CA ASN C 175 8.48 74.93 -39.04
C ASN C 175 9.26 73.94 -38.14
N TYR C 176 9.46 72.69 -38.57
CA TYR C 176 10.22 71.77 -37.78
C TYR C 176 11.71 71.87 -38.14
N THR C 177 12.47 72.54 -37.27
CA THR C 177 13.91 72.75 -37.45
C THR C 177 14.66 72.57 -36.13
N ASP C 178 15.99 72.36 -36.22
CA ASP C 178 16.85 72.26 -35.03
C ASP C 178 16.60 73.40 -34.06
N GLU C 179 16.35 74.59 -34.62
CA GLU C 179 15.99 75.77 -33.85
C GLU C 179 14.61 75.72 -33.13
N ALA C 180 13.56 75.28 -33.82
CA ALA C 180 12.23 75.15 -33.17
C ALA C 180 12.15 74.11 -32.03
N ILE C 181 13.11 73.17 -32.00
CA ILE C 181 13.20 72.16 -30.91
C ILE C 181 14.52 72.18 -30.12
N GLU C 182 15.23 73.33 -30.13
CA GLU C 182 16.46 73.48 -29.34
C GLU C 182 16.13 73.33 -27.85
N THR C 183 14.99 73.86 -27.42
CA THR C 183 14.55 73.75 -26.04
C THR C 183 13.13 73.24 -25.87
N ASP C 184 12.81 72.88 -24.62
CA ASP C 184 11.50 72.38 -24.23
C ASP C 184 10.31 73.30 -24.50
N ASP C 185 10.46 74.55 -24.12
CA ASP C 185 9.39 75.55 -24.33
C ASP C 185 9.04 75.76 -25.81
N LEU C 186 10.05 75.70 -26.70
CA LEU C 186 9.90 75.95 -28.12
C LEU C 186 9.20 74.73 -28.81
N THR C 187 9.62 73.53 -28.43
CA THR C 187 8.94 72.29 -28.78
C THR C 187 7.46 72.32 -28.40
N ILE C 188 7.17 72.63 -27.14
CA ILE C 188 5.79 72.81 -26.72
C ILE C 188 5.06 73.85 -27.57
N LYS C 189 5.68 75.03 -27.77
CA LYS C 189 5.06 76.12 -28.56
C LYS C 189 4.82 75.74 -30.02
N LEU C 190 5.78 75.02 -30.61
CA LEU C 190 5.61 74.47 -31.98
C LEU C 190 4.30 73.66 -32.13
N VAL C 191 3.94 72.89 -31.10
CA VAL C 191 2.67 72.11 -31.08
C VAL C 191 1.47 73.02 -30.96
N ILE C 192 1.54 73.98 -30.05
CA ILE C 192 0.47 74.94 -29.87
C ILE C 192 0.26 75.81 -31.15
N LYS C 193 1.35 76.24 -31.80
CA LYS C 193 1.24 76.97 -33.09
C LYS C 193 0.56 76.05 -34.13
N ALA C 194 1.09 74.83 -34.25
CA ALA C 194 0.51 73.82 -35.18
C ALA C 194 -1.02 73.64 -35.01
N LEU C 195 -1.49 73.47 -33.78
CA LEU C 195 -2.95 73.45 -33.52
C LEU C 195 -3.62 74.78 -33.83
N LEU C 196 -3.04 75.87 -33.30
CA LEU C 196 -3.70 77.19 -33.26
C LEU C 196 -4.11 77.60 -34.65
N GLU C 197 -3.37 77.16 -35.65
CA GLU C 197 -3.82 77.24 -37.02
C GLU C 197 -5.20 76.72 -37.39
N VAL C 198 -5.48 75.53 -36.92
CA VAL C 198 -6.72 74.87 -37.26
C VAL C 198 -7.77 75.00 -36.14
N VAL C 199 -7.32 75.17 -34.90
CA VAL C 199 -8.22 75.12 -33.73
C VAL C 199 -9.19 76.31 -33.69
N GLN C 200 -10.47 76.07 -34.00
CA GLN C 200 -11.52 77.13 -34.19
C GLN C 200 -11.50 78.39 -33.27
N SER C 201 -12.04 78.32 -32.05
CA SER C 201 -12.07 79.49 -31.16
C SER C 201 -10.81 79.50 -30.28
N GLY C 202 -9.64 79.65 -30.90
CA GLY C 202 -8.35 79.40 -30.24
C GLY C 202 -8.30 80.18 -28.94
N GLY C 203 -7.95 79.59 -27.81
CA GLY C 203 -7.55 78.20 -27.64
C GLY C 203 -7.05 78.03 -26.21
N LYS C 204 -7.92 78.00 -25.19
CA LYS C 204 -9.36 77.75 -25.18
C LYS C 204 -9.41 76.24 -25.07
N ASN C 205 -9.46 75.53 -26.19
CA ASN C 205 -9.59 74.09 -26.17
C ASN C 205 -8.50 73.39 -26.97
N ILE C 206 -7.29 73.37 -26.43
CA ILE C 206 -6.25 72.47 -26.93
C ILE C 206 -5.73 71.76 -25.69
N GLU C 207 -6.01 70.46 -25.55
CA GLU C 207 -5.45 69.66 -24.43
C GLU C 207 -4.02 69.36 -24.86
N LEU C 208 -3.10 69.37 -23.89
CA LEU C 208 -1.69 69.18 -24.18
C LEU C 208 -0.96 68.38 -23.12
N ALA C 209 -0.02 67.56 -23.56
CA ALA C 209 0.79 66.75 -22.67
C ALA C 209 2.21 66.59 -23.19
N VAL C 210 3.09 66.36 -22.23
CA VAL C 210 4.52 66.29 -22.46
C VAL C 210 5.04 65.03 -21.81
N MET C 211 6.18 64.53 -22.31
CA MET C 211 6.89 63.45 -21.68
C MET C 211 8.38 63.68 -21.76
N ARG C 212 9.06 63.62 -20.61
CA ARG C 212 10.50 63.80 -20.56
C ARG C 212 11.21 62.50 -20.24
N ARG C 213 12.47 62.39 -20.69
CA ARG C 213 13.31 61.21 -20.44
C ARG C 213 13.21 60.81 -18.96
N ASP C 214 12.77 59.59 -18.70
CA ASP C 214 12.57 59.04 -17.34
C ASP C 214 11.45 59.68 -16.49
N GLN C 215 10.79 60.74 -16.97
CA GLN C 215 10.02 61.64 -16.09
C GLN C 215 8.51 61.37 -16.02
N SER C 216 8.01 60.42 -16.81
CA SER C 216 6.55 60.11 -16.91
C SER C 216 5.64 61.26 -17.39
N LEU C 217 4.38 60.94 -17.68
CA LEU C 217 3.47 61.86 -18.36
C LEU C 217 3.08 63.05 -17.48
N LYS C 218 3.08 64.26 -18.02
CA LYS C 218 2.53 65.44 -17.35
C LYS C 218 1.56 66.08 -18.33
N ILE C 219 0.31 66.29 -17.91
CA ILE C 219 -0.63 67.09 -18.70
C ILE C 219 -0.63 68.54 -18.18
N LEU C 220 -0.72 69.51 -19.10
CA LEU C 220 -0.83 70.93 -18.74
C LEU C 220 -2.28 71.35 -18.48
N ASN C 221 -2.46 72.23 -17.49
CA ASN C 221 -3.78 72.77 -17.11
CA ASN C 221 -3.77 72.78 -17.11
C ASN C 221 -4.06 74.01 -17.95
N PRO C 222 -5.33 74.49 -17.96
CA PRO C 222 -5.63 75.65 -18.82
C PRO C 222 -4.88 76.95 -18.45
N GLU C 223 -4.53 77.10 -17.16
CA GLU C 223 -3.67 78.21 -16.69
C GLU C 223 -2.27 78.08 -17.30
N GLU C 224 -1.66 76.89 -17.22
CA GLU C 224 -0.31 76.65 -17.75
C GLU C 224 -0.25 76.71 -19.28
N ILE C 225 -1.37 76.44 -19.95
CA ILE C 225 -1.47 76.50 -21.43
C ILE C 225 -1.48 77.93 -21.95
N GLU C 226 -2.39 78.73 -21.40
CA GLU C 226 -2.59 80.11 -21.86
C GLU C 226 -1.38 81.04 -21.57
N LYS C 227 -0.50 80.63 -20.66
CA LYS C 227 0.85 81.21 -20.52
C LYS C 227 1.60 81.11 -21.86
N TYR C 228 1.70 79.90 -22.42
CA TYR C 228 2.35 79.68 -23.72
C TYR C 228 1.63 80.38 -24.88
N VAL C 229 0.30 80.50 -24.79
CA VAL C 229 -0.51 81.10 -25.87
C VAL C 229 -0.15 82.58 -26.03
N ALA C 230 -0.16 83.31 -24.90
CA ALA C 230 0.25 84.73 -24.84
C ALA C 230 1.74 84.92 -25.21
N GLU C 231 2.59 84.09 -24.60
CA GLU C 231 4.05 84.01 -24.90
C GLU C 231 4.43 83.69 -26.38
N ILE C 232 3.47 83.21 -27.18
CA ILE C 232 3.60 83.04 -28.66
C ILE C 232 2.86 84.14 -29.48
N GLU C 233 1.75 84.65 -28.92
CA GLU C 233 0.87 85.65 -29.53
C GLU C 233 1.51 87.05 -29.56
N LYS C 234 2.04 87.46 -28.42
CA LYS C 234 2.81 88.70 -28.34
C LYS C 234 4.16 88.62 -29.08
N GLU C 235 4.70 87.42 -29.31
CA GLU C 235 5.88 87.25 -30.18
C GLU C 235 5.57 87.44 -31.67
N LYS C 236 4.36 87.04 -32.10
CA LYS C 236 3.91 87.24 -33.50
C LYS C 236 3.21 88.61 -33.67
N GLU C 237 3.95 89.69 -33.40
CA GLU C 237 3.52 91.07 -33.65
C GLU C 237 4.67 91.83 -34.30
N GLU C 238 5.82 91.80 -33.63
CA GLU C 238 7.16 91.97 -34.22
C GLU C 238 7.21 91.91 -35.76
N ASP D 9 -23.07 42.05 -54.81
CA ASP D 9 -22.24 41.37 -53.75
C ASP D 9 -22.49 39.84 -53.79
N ARG D 10 -21.39 39.13 -53.58
CA ARG D 10 -21.24 37.69 -53.79
C ARG D 10 -20.21 37.27 -52.75
N GLY D 11 -19.96 35.98 -52.66
CA GLY D 11 -19.09 35.48 -51.65
C GLY D 11 -17.66 35.55 -52.08
N VAL D 12 -16.79 35.59 -51.10
CA VAL D 12 -15.37 35.68 -51.34
C VAL D 12 -14.74 34.51 -52.07
N ASN D 13 -15.36 33.34 -52.06
CA ASN D 13 -14.85 32.22 -52.83
C ASN D 13 -15.62 31.95 -54.12
N THR D 14 -16.05 32.99 -54.80
CA THR D 14 -16.81 32.88 -56.03
C THR D 14 -15.85 32.96 -57.18
N PHE D 15 -16.01 32.04 -58.14
CA PHE D 15 -15.30 32.07 -59.39
C PHE D 15 -16.01 33.02 -60.38
N SER D 16 -15.21 33.67 -61.20
CA SER D 16 -15.70 34.40 -62.42
C SER D 16 -15.90 33.40 -63.56
N PRO D 17 -16.62 33.80 -64.63
CA PRO D 17 -16.76 32.95 -65.80
C PRO D 17 -15.47 32.61 -66.52
N GLU D 18 -14.40 33.31 -66.23
CA GLU D 18 -13.09 33.00 -66.79
C GLU D 18 -12.31 32.06 -65.93
N GLY D 19 -12.89 31.62 -64.83
CA GLY D 19 -12.24 30.60 -64.01
C GLY D 19 -11.24 31.17 -63.03
N ARG D 20 -11.48 32.39 -62.57
CA ARG D 20 -10.61 33.01 -61.57
C ARG D 20 -11.42 33.41 -60.38
N LEU D 21 -10.75 33.47 -59.23
CA LEU D 21 -11.39 33.96 -58.03
C LEU D 21 -11.28 35.47 -58.03
N PHE D 22 -12.43 36.10 -58.04
CA PHE D 22 -12.55 37.55 -58.02
C PHE D 22 -11.63 38.17 -57.01
N GLN D 23 -11.65 37.64 -55.77
CA GLN D 23 -10.85 38.24 -54.69
C GLN D 23 -9.34 38.16 -54.92
N VAL D 24 -8.88 37.07 -55.52
CA VAL D 24 -7.47 36.94 -55.86
C VAL D 24 -7.09 37.92 -56.97
N GLU D 25 -7.96 38.04 -57.99
CA GLU D 25 -7.69 39.00 -59.07
C GLU D 25 -7.63 40.41 -58.53
N TYR D 26 -8.56 40.77 -57.62
CA TYR D 26 -8.56 42.10 -57.03
C TYR D 26 -7.32 42.33 -56.18
N ALA D 27 -6.92 41.30 -55.45
CA ALA D 27 -5.69 41.40 -54.63
C ALA D 27 -4.46 41.64 -55.54
N ILE D 28 -4.45 40.98 -56.71
CA ILE D 28 -3.36 41.18 -57.68
C ILE D 28 -3.32 42.64 -58.17
N GLU D 29 -4.49 43.24 -58.34
CA GLU D 29 -4.56 44.68 -58.66
C GLU D 29 -3.99 45.57 -57.56
N ALA D 30 -4.16 45.20 -56.30
CA ALA D 30 -3.57 45.98 -55.19
C ALA D 30 -2.06 45.97 -55.20
N ILE D 31 -1.41 44.93 -55.75
CA ILE D 31 0.08 44.90 -55.89
C ILE D 31 0.60 46.08 -56.74
N LYS D 32 -0.21 46.45 -57.71
CA LYS D 32 0.14 47.53 -58.59
C LYS D 32 0.14 48.91 -57.91
N LEU D 33 -0.44 49.01 -56.71
CA LEU D 33 -0.41 50.21 -55.91
C LEU D 33 0.86 50.32 -55.07
N GLY D 34 1.67 49.27 -55.04
CA GLY D 34 2.87 49.31 -54.23
C GLY D 34 4.03 50.00 -54.91
N SER D 35 5.07 50.27 -54.12
CA SER D 35 6.34 50.76 -54.66
C SER D 35 7.09 49.64 -55.36
N THR D 36 7.96 50.03 -56.28
CA THR D 36 8.68 49.06 -57.12
C THR D 36 9.76 48.39 -56.32
N ALA D 37 9.87 47.07 -56.47
CA ALA D 37 10.98 46.33 -55.90
C ALA D 37 11.54 45.46 -56.99
N ILE D 38 12.84 45.20 -56.88
CA ILE D 38 13.59 44.44 -57.87
C ILE D 38 14.46 43.36 -57.19
N GLY D 39 14.50 42.19 -57.81
CA GLY D 39 15.41 41.15 -57.39
C GLY D 39 16.20 40.63 -58.54
N ILE D 40 17.46 40.32 -58.32
CA ILE D 40 18.32 39.76 -59.36
C ILE D 40 19.15 38.66 -58.73
N GLN D 41 19.24 37.54 -59.43
CA GLN D 41 19.99 36.38 -59.01
C GLN D 41 21.20 36.19 -59.91
N THR D 42 22.37 36.21 -59.27
CA THR D 42 23.64 35.95 -59.95
C THR D 42 24.32 34.77 -59.29
N SER D 43 25.31 34.22 -59.96
CA SER D 43 26.14 33.16 -59.38
C SER D 43 26.94 33.62 -58.13
N GLU D 44 27.06 34.92 -57.89
CA GLU D 44 27.76 35.44 -56.70
C GLU D 44 26.82 35.87 -55.56
N GLY D 45 25.51 35.74 -55.76
CA GLY D 45 24.54 36.11 -54.73
C GLY D 45 23.32 36.75 -55.34
N VAL D 46 22.40 37.15 -54.48
CA VAL D 46 21.23 37.85 -54.96
C VAL D 46 21.12 39.21 -54.27
N CYS D 47 20.64 40.18 -55.04
CA CYS D 47 20.30 41.49 -54.52
C CYS D 47 18.82 41.78 -54.63
N LEU D 48 18.35 42.53 -53.66
CA LEU D 48 16.98 42.98 -53.55
C LEU D 48 17.11 44.48 -53.39
N ALA D 49 16.29 45.24 -54.12
CA ALA D 49 16.29 46.69 -54.08
C ALA D 49 14.87 47.20 -54.17
N VAL D 50 14.57 48.22 -53.40
CA VAL D 50 13.20 48.67 -53.27
C VAL D 50 13.14 50.18 -53.13
N GLU D 51 12.13 50.76 -53.76
CA GLU D 51 11.82 52.17 -53.69
C GLU D 51 11.08 52.36 -52.38
N LYS D 52 11.52 53.31 -51.57
CA LYS D 52 10.84 53.56 -50.29
C LYS D 52 9.53 54.29 -50.49
N ARG D 53 9.58 55.35 -51.28
CA ARG D 53 8.41 56.18 -51.56
C ARG D 53 8.06 57.04 -50.37
N ILE D 54 8.92 58.02 -50.11
CA ILE D 54 8.78 58.90 -48.95
C ILE D 54 7.67 59.89 -49.28
N THR D 55 6.71 60.07 -48.37
CA THR D 55 5.55 60.95 -48.58
C THR D 55 5.62 62.29 -47.86
N SER D 56 6.56 62.44 -46.92
CA SER D 56 6.80 63.70 -46.15
C SER D 56 8.24 63.68 -45.66
N PRO D 57 8.94 64.83 -45.71
CA PRO D 57 10.29 64.87 -45.09
C PRO D 57 10.29 64.62 -43.57
N LEU D 58 9.15 64.87 -42.93
CA LEU D 58 8.98 64.60 -41.49
C LEU D 58 8.96 63.11 -41.14
N MET D 59 8.71 62.25 -42.13
CA MET D 59 8.74 60.82 -41.92
C MET D 59 10.17 60.32 -41.83
N GLU D 60 10.49 59.56 -40.78
CA GLU D 60 11.77 58.85 -40.69
C GLU D 60 11.93 57.74 -41.74
N PRO D 61 12.87 57.93 -42.70
CA PRO D 61 13.04 56.94 -43.78
C PRO D 61 13.41 55.55 -43.32
N SER D 62 14.16 55.44 -42.24
CA SER D 62 14.57 54.13 -41.80
C SER D 62 13.40 53.32 -41.18
N SER D 63 12.26 53.96 -40.89
CA SER D 63 11.08 53.25 -40.42
C SER D 63 10.23 52.72 -41.59
N ILE D 64 10.72 52.80 -42.82
CA ILE D 64 10.08 52.12 -43.94
C ILE D 64 10.95 50.92 -44.18
N GLU D 65 10.47 49.73 -43.82
CA GLU D 65 11.24 48.52 -44.04
C GLU D 65 10.46 47.61 -44.97
N LYS D 66 10.93 47.53 -46.19
CA LYS D 66 10.31 46.74 -47.22
C LYS D 66 11.23 45.63 -47.68
N ILE D 67 12.45 45.60 -47.13
CA ILE D 67 13.32 44.47 -47.24
C ILE D 67 13.51 44.00 -45.80
N VAL D 68 13.33 42.71 -45.54
CA VAL D 68 13.48 42.14 -44.17
C VAL D 68 14.29 40.84 -44.24
N GLU D 69 14.98 40.56 -43.16
CA GLU D 69 15.67 39.29 -43.01
C GLU D 69 14.64 38.22 -42.59
N ILE D 70 14.69 37.06 -43.24
CA ILE D 70 13.89 35.87 -42.85
C ILE D 70 14.71 34.97 -41.96
N ASP D 71 15.91 34.65 -42.45
CA ASP D 71 16.95 33.99 -41.69
C ASP D 71 18.29 34.56 -42.21
N ALA D 72 19.41 34.07 -41.70
CA ALA D 72 20.74 34.63 -42.05
C ALA D 72 21.02 34.50 -43.53
N HIS D 73 20.39 33.51 -44.15
CA HIS D 73 20.67 33.16 -45.55
C HIS D 73 19.52 33.54 -46.50
N ILE D 74 18.51 34.26 -46.01
CA ILE D 74 17.31 34.55 -46.80
C ILE D 74 16.74 35.91 -46.44
N GLY D 75 16.58 36.76 -47.47
CA GLY D 75 15.87 38.02 -47.32
C GLY D 75 14.59 38.05 -48.12
N CYS D 76 13.77 39.04 -47.79
CA CYS D 76 12.48 39.22 -48.44
C CYS D 76 12.17 40.69 -48.74
N ALA D 77 11.87 40.97 -50.03
CA ALA D 77 11.37 42.28 -50.46
C ALA D 77 9.88 42.14 -50.72
N MET D 78 9.10 43.14 -50.31
CA MET D 78 7.65 43.11 -50.48
C MET D 78 7.16 44.35 -51.27
N SER D 79 6.01 44.20 -51.93
CA SER D 79 5.27 45.30 -52.49
C SER D 79 3.78 45.03 -52.45
N GLY D 80 3.03 46.08 -52.14
CA GLY D 80 1.58 46.03 -52.13
C GLY D 80 1.11 46.59 -50.84
N LEU D 81 0.13 45.95 -50.21
CA LEU D 81 -0.38 46.42 -48.91
C LEU D 81 0.53 45.86 -47.83
N ILE D 82 1.39 46.71 -47.31
CA ILE D 82 2.52 46.33 -46.49
C ILE D 82 2.07 45.77 -45.19
N ALA D 83 0.96 46.24 -44.63
CA ALA D 83 0.48 45.70 -43.36
C ALA D 83 0.11 44.20 -43.47
N ASP D 84 -0.48 43.84 -44.61
CA ASP D 84 -0.76 42.43 -44.91
C ASP D 84 0.52 41.56 -44.94
N ALA D 85 1.66 42.12 -45.31
CA ALA D 85 2.87 41.32 -45.43
C ALA D 85 3.35 40.78 -44.07
N LYS D 86 2.94 41.42 -42.97
CA LYS D 86 3.51 41.14 -41.62
C LYS D 86 3.30 39.72 -41.22
N THR D 87 2.06 39.22 -41.31
CA THR D 87 1.84 37.85 -40.92
C THR D 87 2.57 36.87 -41.84
N LEU D 88 2.79 37.25 -43.11
CA LEU D 88 3.53 36.35 -44.04
C LEU D 88 5.01 36.21 -43.69
N ILE D 89 5.63 37.35 -43.38
CA ILE D 89 7.02 37.42 -42.99
C ILE D 89 7.23 36.63 -41.68
N ASP D 90 6.30 36.76 -40.73
CA ASP D 90 6.41 36.09 -39.44
C ASP D 90 6.34 34.59 -39.67
N LYS D 91 5.43 34.16 -40.53
CA LYS D 91 5.29 32.75 -40.85
C LYS D 91 6.56 32.21 -41.51
N ALA D 92 7.20 32.99 -42.37
CA ALA D 92 8.45 32.51 -42.99
C ALA D 92 9.54 32.32 -41.90
N ARG D 93 9.59 33.27 -40.97
CA ARG D 93 10.59 33.28 -39.91
C ARG D 93 10.45 32.09 -38.99
N VAL D 94 9.23 31.91 -38.51
CA VAL D 94 8.84 30.80 -37.66
C VAL D 94 9.12 29.46 -38.33
N GLU D 95 8.75 29.35 -39.59
CA GLU D 95 8.97 28.11 -40.36
C GLU D 95 10.46 27.76 -40.51
N THR D 96 11.33 28.75 -40.77
CA THR D 96 12.75 28.46 -40.93
C THR D 96 13.36 28.03 -39.57
N GLN D 97 12.87 28.60 -38.47
CA GLN D 97 13.35 28.21 -37.13
C GLN D 97 12.80 26.87 -36.67
N ASN D 98 11.55 26.55 -37.05
CA ASN D 98 11.06 25.20 -36.81
C ASN D 98 11.88 24.16 -37.54
N HIS D 99 12.24 24.49 -38.76
CA HIS D 99 12.99 23.59 -39.56
C HIS D 99 14.36 23.39 -38.94
N TRP D 100 14.99 24.49 -38.49
CA TRP D 100 16.27 24.39 -37.81
C TRP D 100 16.13 23.52 -36.52
N PHE D 101 15.08 23.75 -35.75
CA PHE D 101 14.84 23.00 -34.52
C PHE D 101 14.75 21.51 -34.78
N THR D 102 13.93 21.13 -35.74
CA THR D 102 13.62 19.72 -35.99
C THR D 102 14.75 18.99 -36.69
N TYR D 103 15.32 19.65 -37.70
CA TYR D 103 16.30 19.01 -38.60
C TYR D 103 17.74 19.42 -38.47
N ASN D 104 18.05 20.44 -37.67
CA ASN D 104 19.40 20.96 -37.52
C ASN D 104 20.09 21.29 -38.83
N GLU D 105 19.38 22.00 -39.69
CA GLU D 105 19.87 22.43 -40.99
C GLU D 105 19.08 23.66 -41.38
N THR D 106 19.58 24.41 -42.35
CA THR D 106 18.83 25.53 -42.89
C THR D 106 17.79 25.06 -43.90
N MET D 107 16.68 25.79 -43.98
CA MET D 107 15.61 25.51 -44.92
C MET D 107 15.98 26.12 -46.27
N THR D 108 15.64 25.44 -47.37
CA THR D 108 15.87 26.02 -48.72
C THR D 108 14.98 27.22 -49.01
N VAL D 109 15.43 28.07 -49.91
CA VAL D 109 14.64 29.24 -50.30
C VAL D 109 13.31 28.78 -50.87
N GLU D 110 13.37 27.76 -51.72
CA GLU D 110 12.18 27.18 -52.34
C GLU D 110 11.19 26.67 -51.29
N SER D 111 11.72 25.97 -50.28
CA SER D 111 10.90 25.44 -49.21
C SER D 111 10.22 26.51 -48.37
N VAL D 112 10.94 27.57 -48.08
CA VAL D 112 10.35 28.67 -47.34
C VAL D 112 9.24 29.30 -48.15
N THR D 113 9.54 29.55 -49.41
CA THR D 113 8.55 30.20 -50.26
C THR D 113 7.28 29.35 -50.35
N GLN D 114 7.47 28.05 -50.51
CA GLN D 114 6.35 27.10 -50.53
C GLN D 114 5.46 27.18 -49.29
N ALA D 115 6.10 27.17 -48.12
CA ALA D 115 5.36 27.20 -46.87
C ALA D 115 4.51 28.46 -46.77
N VAL D 116 5.09 29.59 -47.13
CA VAL D 116 4.32 30.84 -47.10
C VAL D 116 3.17 30.78 -48.13
N SER D 117 3.48 30.27 -49.32
CA SER D 117 2.50 30.27 -50.39
C SER D 117 1.28 29.39 -50.04
N ASN D 118 1.47 28.36 -49.21
CA ASN D 118 0.34 27.55 -48.72
C ASN D 118 -0.68 28.27 -47.84
N LEU D 119 -0.37 29.49 -47.41
CA LEU D 119 -1.38 30.34 -46.76
C LEU D 119 -2.29 31.06 -47.76
N ALA D 120 -1.83 31.27 -48.98
CA ALA D 120 -2.54 32.23 -49.84
C ALA D 120 -4.07 32.09 -50.09
N LEU D 121 -4.63 30.90 -50.39
CA LEU D 121 -6.05 30.73 -50.62
C LEU D 121 -6.79 30.31 -49.37
N GLN D 122 -6.17 30.42 -48.21
CA GLN D 122 -6.86 30.05 -46.97
C GLN D 122 -7.73 31.20 -46.45
N PHE D 123 -8.78 31.54 -47.16
CA PHE D 123 -9.74 32.53 -46.70
C PHE D 123 -11.14 32.05 -47.02
N GLY D 124 -12.15 32.56 -46.35
CA GLY D 124 -13.52 32.10 -46.56
C GLY D 124 -14.36 32.27 -45.32
N GLU D 125 -15.68 32.22 -45.47
CA GLU D 125 -16.62 32.55 -44.38
C GLU D 125 -17.57 31.45 -43.89
N GLU D 126 -17.31 30.19 -44.21
CA GLU D 126 -18.07 29.07 -43.56
C GLU D 126 -17.41 27.66 -43.62
N ASP D 127 -16.08 27.64 -43.56
CA ASP D 127 -15.27 26.44 -43.24
C ASP D 127 -14.53 26.52 -41.87
N ALA D 128 -13.88 27.65 -41.56
CA ALA D 128 -12.72 27.70 -40.61
C ALA D 128 -13.02 28.31 -39.20
N ASP D 129 -11.98 28.71 -38.45
CA ASP D 129 -12.12 29.17 -37.03
C ASP D 129 -13.00 30.42 -36.85
N PRO D 130 -13.44 30.73 -35.60
CA PRO D 130 -14.44 31.80 -35.41
C PRO D 130 -14.20 33.17 -36.08
N GLY D 131 -12.93 33.56 -36.28
CA GLY D 131 -12.58 34.70 -37.14
C GLY D 131 -11.31 34.59 -38.01
N ALA D 132 -11.26 33.54 -38.87
CA ALA D 132 -10.12 33.25 -39.76
C ALA D 132 -10.06 34.27 -40.91
N MET D 133 -9.10 34.14 -41.83
CA MET D 133 -8.88 35.18 -42.89
C MET D 133 -10.16 35.40 -43.71
N SER D 134 -10.59 36.64 -43.86
CA SER D 134 -11.76 36.99 -44.67
C SER D 134 -11.48 37.26 -46.15
N ARG D 135 -10.21 37.36 -46.51
CA ARG D 135 -9.83 37.80 -47.84
C ARG D 135 -8.39 37.41 -48.06
N PRO D 136 -7.93 37.38 -49.28
CA PRO D 136 -6.51 37.13 -49.51
C PRO D 136 -5.58 38.32 -49.12
N PHE D 137 -4.28 38.06 -49.22
CA PHE D 137 -3.23 38.99 -48.89
C PHE D 137 -2.99 39.87 -50.12
N GLY D 138 -2.91 41.19 -49.90
CA GLY D 138 -2.65 42.19 -50.99
C GLY D 138 -1.17 42.50 -51.24
N VAL D 139 -0.37 41.46 -51.36
CA VAL D 139 1.05 41.49 -51.25
C VAL D 139 1.69 40.64 -52.28
N ALA D 140 2.77 41.12 -52.88
CA ALA D 140 3.69 40.26 -53.61
C ALA D 140 5.02 40.21 -52.91
N LEU D 141 5.74 39.09 -53.08
CA LEU D 141 6.99 38.88 -52.34
C LEU D 141 8.09 38.29 -53.21
N LEU D 142 9.31 38.82 -52.99
CA LEU D 142 10.53 38.28 -53.58
C LEU D 142 11.39 37.75 -52.44
N PHE D 143 11.63 36.45 -52.43
CA PHE D 143 12.51 35.81 -51.49
C PHE D 143 13.83 35.62 -52.21
N GLY D 144 14.91 36.19 -51.68
CA GLY D 144 16.27 36.03 -52.22
C GLY D 144 17.22 35.47 -51.15
N GLY D 145 17.99 34.46 -51.54
CA GLY D 145 18.85 33.80 -50.58
C GLY D 145 19.78 32.79 -51.21
N VAL D 146 20.56 32.14 -50.34
CA VAL D 146 21.56 31.17 -50.75
C VAL D 146 21.38 29.91 -49.91
N ASP D 147 21.28 28.77 -50.59
CA ASP D 147 21.20 27.44 -49.97
C ASP D 147 22.10 26.53 -50.80
N GLU D 148 22.06 25.22 -50.53
CA GLU D 148 22.87 24.26 -51.32
C GLU D 148 22.60 24.21 -52.84
N LYS D 149 21.47 24.73 -53.32
CA LYS D 149 21.28 24.89 -54.76
C LYS D 149 22.06 26.10 -55.31
N GLY D 150 22.68 26.92 -54.45
CA GLY D 150 23.33 28.17 -54.86
C GLY D 150 22.42 29.35 -54.55
N PRO D 151 22.76 30.55 -55.04
CA PRO D 151 21.90 31.74 -54.92
C PRO D 151 20.55 31.56 -55.62
N GLN D 152 19.51 32.15 -55.08
CA GLN D 152 18.17 31.86 -55.53
C GLN D 152 17.15 32.94 -55.21
N LEU D 153 16.33 33.23 -56.21
CA LEU D 153 15.29 34.25 -56.12
C LEU D 153 13.96 33.66 -56.52
N PHE D 154 12.95 33.89 -55.71
CA PHE D 154 11.62 33.36 -55.96
C PHE D 154 10.61 34.48 -55.77
N HIS D 155 9.57 34.45 -56.61
CA HIS D 155 8.51 35.41 -56.58
C HIS D 155 7.27 34.69 -56.13
N MET D 156 6.46 35.37 -55.33
CA MET D 156 5.16 34.87 -54.95
C MET D 156 4.12 35.99 -55.02
N ASP D 157 2.89 35.66 -55.44
CA ASP D 157 1.78 36.63 -55.48
C ASP D 157 0.54 36.12 -54.73
N PRO D 158 -0.52 36.92 -54.64
CA PRO D 158 -1.68 36.50 -53.84
C PRO D 158 -2.42 35.22 -54.26
N SER D 159 -2.16 34.67 -55.44
CA SER D 159 -2.75 33.38 -55.85
C SER D 159 -2.12 32.18 -55.19
N GLY D 160 -0.96 32.37 -54.57
CA GLY D 160 -0.20 31.28 -53.98
C GLY D 160 0.72 30.61 -54.99
N THR D 161 0.77 31.16 -56.19
CA THR D 161 1.71 30.70 -57.19
C THR D 161 3.08 31.28 -56.88
N PHE D 162 4.10 30.44 -56.92
CA PHE D 162 5.47 30.90 -56.69
C PHE D 162 6.37 30.26 -57.71
N VAL D 163 7.46 30.93 -58.04
CA VAL D 163 8.37 30.44 -59.07
C VAL D 163 9.75 31.10 -58.92
N GLN D 164 10.81 30.37 -59.28
CA GLN D 164 12.17 30.91 -59.35
C GLN D 164 12.25 31.92 -60.52
N CYS D 165 12.96 33.03 -60.35
CA CYS D 165 13.17 34.04 -61.40
C CYS D 165 14.63 34.44 -61.43
N ASP D 166 15.23 34.58 -62.61
CA ASP D 166 16.59 35.10 -62.67
C ASP D 166 16.65 36.58 -62.30
N ALA D 167 15.61 37.32 -62.68
CA ALA D 167 15.41 38.71 -62.29
C ALA D 167 13.93 39.02 -62.35
N ARG D 168 13.44 39.86 -61.46
CA ARG D 168 12.02 40.15 -61.40
C ARG D 168 11.77 41.47 -60.69
N ALA D 169 10.80 42.21 -61.20
CA ALA D 169 10.31 43.42 -60.56
C ALA D 169 8.84 43.25 -60.19
N ILE D 170 8.42 43.92 -59.13
CA ILE D 170 7.03 43.91 -58.66
C ILE D 170 6.64 45.33 -58.25
N GLY D 171 5.34 45.56 -58.19
CA GLY D 171 4.81 46.85 -57.82
C GLY D 171 4.45 47.74 -59.01
N SER D 172 4.22 49.03 -58.72
CA SER D 172 3.68 50.03 -59.70
C SER D 172 4.36 50.00 -61.05
N ALA D 173 5.68 50.03 -61.04
CA ALA D 173 6.40 50.18 -62.32
C ALA D 173 7.02 48.89 -62.85
N SER D 174 6.43 47.74 -62.49
CA SER D 174 7.06 46.45 -62.81
C SER D 174 7.14 46.12 -64.29
N GLU D 175 6.14 46.56 -65.05
N GLU D 175 6.18 46.56 -65.10
CA GLU D 175 6.21 46.59 -66.49
CA GLU D 175 6.26 46.33 -66.58
C GLU D 175 6.87 47.94 -66.62
C GLU D 175 7.52 46.83 -67.30
N GLY D 176 7.69 48.13 -67.59
CA GLY D 176 8.89 48.88 -67.43
C GLY D 176 10.17 48.34 -66.85
N ALA D 177 10.18 48.12 -65.55
CA ALA D 177 11.37 47.58 -64.91
C ALA D 177 11.69 46.16 -65.41
N GLN D 178 10.64 45.36 -65.62
CA GLN D 178 10.85 43.99 -66.12
C GLN D 178 11.46 44.05 -67.50
N SER D 179 11.03 45.01 -68.34
CA SER D 179 11.61 45.19 -69.67
C SER D 179 13.10 45.52 -69.63
N SER D 180 13.46 46.51 -68.81
CA SER D 180 14.88 46.83 -68.62
C SER D 180 15.66 45.63 -68.05
N LEU D 181 15.05 44.82 -67.18
CA LEU D 181 15.74 43.62 -66.68
C LEU D 181 16.03 42.61 -67.80
N GLN D 182 15.07 42.35 -68.69
CA GLN D 182 15.30 41.48 -69.89
C GLN D 182 16.53 41.96 -70.67
N GLU D 183 16.62 43.29 -70.86
CA GLU D 183 17.72 43.93 -71.59
C GLU D 183 19.09 43.75 -70.91
N VAL D 184 19.19 44.11 -69.64
CA VAL D 184 20.49 44.06 -68.94
C VAL D 184 20.93 42.67 -68.43
N TYR D 185 20.00 41.76 -68.15
CA TYR D 185 20.38 40.49 -67.48
C TYR D 185 21.17 39.52 -68.37
N HIS D 186 22.18 38.86 -67.81
CA HIS D 186 22.83 37.72 -68.45
C HIS D 186 23.31 36.73 -67.38
N LYS D 187 23.30 35.43 -67.68
CA LYS D 187 23.65 34.36 -66.73
C LYS D 187 24.95 34.56 -65.96
N SER D 188 25.97 35.10 -66.62
CA SER D 188 27.29 35.29 -66.02
C SER D 188 27.52 36.69 -65.41
N MET D 189 26.49 37.54 -65.36
CA MET D 189 26.55 38.84 -64.67
C MET D 189 27.08 38.73 -63.23
N THR D 190 27.91 39.69 -62.82
CA THR D 190 28.44 39.72 -61.44
C THR D 190 27.42 40.32 -60.50
N LEU D 191 27.58 40.05 -59.21
CA LEU D 191 26.72 40.69 -58.21
C LEU D 191 26.82 42.20 -58.26
N LYS D 192 28.02 42.75 -58.39
CA LYS D 192 28.18 44.21 -58.40
C LYS D 192 27.51 44.85 -59.61
N GLU D 193 27.56 44.18 -60.77
CA GLU D 193 26.79 44.61 -61.95
C GLU D 193 25.28 44.56 -61.72
N ALA D 194 24.82 43.51 -61.05
CA ALA D 194 23.41 43.38 -60.73
C ALA D 194 22.95 44.49 -59.79
N ILE D 195 23.77 44.85 -58.82
CA ILE D 195 23.45 45.96 -57.91
C ILE D 195 23.32 47.30 -58.68
N LYS D 196 24.27 47.58 -59.58
CA LYS D 196 24.24 48.82 -60.40
C LYS D 196 23.01 48.82 -61.33
N SER D 197 22.83 47.74 -62.07
CA SER D 197 21.66 47.58 -62.93
C SER D 197 20.33 47.91 -62.23
N SER D 198 20.16 47.39 -61.01
CA SER D 198 18.88 47.55 -60.32
C SER D 198 18.74 48.96 -59.74
N LEU D 199 19.83 49.57 -59.32
CA LEU D 199 19.78 50.98 -58.97
C LEU D 199 19.49 51.86 -60.21
N ILE D 200 20.08 51.53 -61.36
CA ILE D 200 19.79 52.26 -62.61
C ILE D 200 18.30 52.19 -62.97
N ILE D 201 17.72 51.00 -62.84
CA ILE D 201 16.32 50.79 -63.20
C ILE D 201 15.39 51.51 -62.21
N LEU D 202 15.69 51.39 -60.92
CA LEU D 202 14.91 52.12 -59.93
C LEU D 202 14.96 53.60 -60.23
N LYS D 203 16.16 54.10 -60.54
CA LYS D 203 16.34 55.50 -60.89
C LYS D 203 15.38 55.93 -62.05
N GLN D 204 15.31 55.16 -63.13
CA GLN D 204 14.36 55.46 -64.23
C GLN D 204 12.92 55.50 -63.75
N VAL D 205 12.49 54.45 -63.03
CA VAL D 205 11.06 54.23 -62.82
C VAL D 205 10.50 55.04 -61.68
N MET D 206 11.36 55.47 -60.76
CA MET D 206 10.97 56.29 -59.61
C MET D 206 10.49 57.69 -60.01
N GLU D 207 9.41 58.16 -59.39
CA GLU D 207 8.94 59.55 -59.51
C GLU D 207 9.96 60.53 -58.92
N GLU D 208 10.39 60.26 -57.68
CA GLU D 208 11.44 61.05 -57.01
C GLU D 208 12.84 60.75 -57.56
N LYS D 209 13.71 61.76 -57.42
CA LYS D 209 15.14 61.62 -57.71
C LYS D 209 15.71 60.62 -56.73
N LEU D 210 16.30 59.54 -57.23
CA LEU D 210 16.91 58.52 -56.38
C LEU D 210 17.99 59.15 -55.52
N ASN D 211 18.10 58.71 -54.27
CA ASN D 211 19.23 59.02 -53.39
C ASN D 211 19.38 57.91 -52.33
N ALA D 212 20.36 58.08 -51.44
CA ALA D 212 20.71 57.05 -50.49
C ALA D 212 19.76 56.88 -49.29
N THR D 213 18.71 57.68 -49.16
CA THR D 213 17.70 57.54 -48.12
C THR D 213 16.30 57.10 -48.61
N ASN D 214 15.97 57.29 -49.87
CA ASN D 214 14.63 56.85 -50.38
C ASN D 214 14.64 55.53 -51.21
N ILE D 215 15.67 54.73 -51.02
CA ILE D 215 15.76 53.35 -51.47
C ILE D 215 16.31 52.44 -50.36
N GLU D 216 16.13 51.13 -50.47
CA GLU D 216 16.88 50.16 -49.65
C GLU D 216 17.47 49.12 -50.58
N LEU D 217 18.57 48.52 -50.18
CA LEU D 217 19.19 47.44 -50.92
C LEU D 217 19.73 46.40 -49.94
N ALA D 218 19.57 45.13 -50.27
CA ALA D 218 20.17 44.07 -49.48
C ALA D 218 20.76 43.03 -50.39
N THR D 219 21.74 42.28 -49.87
CA THR D 219 22.29 41.15 -50.61
C THR D 219 22.36 39.91 -49.74
N VAL D 220 22.53 38.76 -50.38
CA VAL D 220 22.89 37.53 -49.71
C VAL D 220 23.84 36.82 -50.66
N GLN D 221 24.98 36.35 -50.16
CA GLN D 221 26.04 35.79 -50.98
C GLN D 221 26.49 34.47 -50.38
N PRO D 222 27.07 33.57 -51.20
CA PRO D 222 27.57 32.30 -50.66
C PRO D 222 28.50 32.48 -49.47
N GLY D 223 29.36 33.48 -49.52
CA GLY D 223 30.23 33.72 -48.39
C GLY D 223 29.52 34.22 -47.14
N GLN D 224 28.51 35.07 -47.32
CA GLN D 224 28.17 36.08 -46.34
C GLN D 224 26.67 36.16 -46.07
N ASN D 225 26.31 36.45 -44.82
CA ASN D 225 24.93 36.55 -44.42
C ASN D 225 24.19 37.72 -45.06
N PHE D 226 22.86 37.62 -45.00
CA PHE D 226 21.97 38.73 -45.30
C PHE D 226 22.59 40.04 -44.86
N HIS D 227 22.71 40.98 -45.79
CA HIS D 227 23.25 42.25 -45.48
C HIS D 227 22.48 43.42 -46.09
N MET D 228 21.86 44.21 -45.22
CA MET D 228 21.29 45.52 -45.57
C MET D 228 22.39 46.55 -45.79
N PHE D 229 22.36 47.26 -46.93
CA PHE D 229 23.31 48.34 -47.18
C PHE D 229 23.07 49.54 -46.26
N THR D 230 24.17 50.06 -45.73
CA THR D 230 24.19 51.28 -44.94
C THR D 230 24.02 52.51 -45.90
N LYS D 231 23.63 53.66 -45.34
CA LYS D 231 23.61 54.93 -46.08
C LYS D 231 24.91 55.12 -46.85
N GLU D 232 26.00 54.89 -46.13
CA GLU D 232 27.36 55.07 -46.65
C GLU D 232 27.62 54.11 -47.83
N GLU D 233 27.35 52.82 -47.64
CA GLU D 233 27.53 51.84 -48.72
C GLU D 233 26.64 52.11 -49.96
N LEU D 234 25.47 52.71 -49.72
CA LEU D 234 24.55 53.09 -50.79
C LEU D 234 25.13 54.28 -51.59
N GLU D 235 25.47 55.35 -50.87
CA GLU D 235 26.17 56.53 -51.47
C GLU D 235 27.32 56.11 -52.37
N GLU D 236 28.19 55.23 -51.89
CA GLU D 236 29.25 54.66 -52.73
C GLU D 236 28.72 54.16 -54.07
N VAL D 237 27.75 53.24 -54.04
CA VAL D 237 27.15 52.69 -55.29
C VAL D 237 26.41 53.72 -56.13
N ILE D 238 25.76 54.70 -55.48
CA ILE D 238 25.02 55.73 -56.19
C ILE D 238 25.90 56.65 -57.05
N LYS D 239 27.18 56.86 -56.67
CA LYS D 239 28.13 57.72 -57.41
C LYS D 239 28.13 57.52 -58.92
N ASP D 240 28.31 56.26 -59.35
CA ASP D 240 28.33 55.90 -60.78
C ASP D 240 26.97 56.08 -61.47
N ILE D 241 25.90 56.07 -60.68
CA ILE D 241 24.51 56.02 -61.14
C ILE D 241 23.82 57.33 -60.81
N ASN E 4 -27.15 33.93 -63.83
CA ASN E 4 -27.00 35.42 -63.43
C ASN E 4 -27.29 35.59 -61.91
N GLN E 5 -28.55 35.52 -61.51
CA GLN E 5 -28.88 35.14 -60.11
C GLN E 5 -28.49 33.67 -59.77
N TYR E 6 -28.19 32.84 -60.78
CA TYR E 6 -27.77 31.47 -60.65
C TYR E 6 -26.30 31.25 -60.78
N ASP E 7 -25.44 32.26 -60.88
CA ASP E 7 -24.02 31.91 -61.09
C ASP E 7 -23.01 32.27 -60.01
N ASN E 8 -23.46 32.64 -58.82
CA ASN E 8 -22.47 33.01 -57.83
C ASN E 8 -22.30 32.01 -56.68
N ASP E 9 -23.22 31.04 -56.54
CA ASP E 9 -23.18 30.10 -55.45
C ASP E 9 -23.19 28.66 -55.95
N VAL E 10 -22.25 27.88 -55.47
CA VAL E 10 -22.20 26.44 -55.80
C VAL E 10 -23.44 25.65 -55.35
N THR E 11 -24.22 26.17 -54.41
CA THR E 11 -25.47 25.59 -53.98
C THR E 11 -26.70 25.96 -54.78
N VAL E 12 -26.57 26.75 -55.83
CA VAL E 12 -27.74 27.21 -56.57
C VAL E 12 -27.75 26.49 -57.92
N TRP E 13 -28.69 25.56 -58.07
CA TRP E 13 -28.99 24.92 -59.38
C TRP E 13 -29.63 25.94 -60.26
N SER E 14 -29.23 25.97 -61.51
CA SER E 14 -29.96 26.81 -62.51
C SER E 14 -31.23 26.09 -62.97
N PRO E 15 -32.12 26.82 -63.66
CA PRO E 15 -33.34 26.16 -64.16
C PRO E 15 -33.10 25.09 -65.23
N GLN E 16 -31.92 25.03 -65.82
CA GLN E 16 -31.52 23.97 -66.73
C GLN E 16 -30.90 22.78 -66.07
N GLY E 17 -30.80 22.74 -64.73
CA GLY E 17 -30.16 21.60 -64.06
C GLY E 17 -28.64 21.64 -64.17
N ARG E 18 -28.10 22.84 -64.08
CA ARG E 18 -26.67 23.03 -64.08
C ARG E 18 -26.20 23.84 -62.88
N ILE E 19 -24.90 23.84 -62.66
CA ILE E 19 -24.35 24.58 -61.53
C ILE E 19 -23.24 25.39 -62.14
N HIS E 20 -23.55 26.67 -62.35
CA HIS E 20 -22.57 27.55 -63.03
C HIS E 20 -21.22 27.67 -62.30
N GLN E 21 -21.20 27.72 -60.96
CA GLN E 21 -19.89 27.76 -60.30
C GLN E 21 -18.98 26.60 -60.64
N ILE E 22 -19.55 25.40 -60.84
CA ILE E 22 -18.74 24.23 -61.17
C ILE E 22 -18.22 24.42 -62.57
N GLU E 23 -19.08 24.86 -63.49
CA GLU E 23 -18.66 25.14 -64.87
C GLU E 23 -17.57 26.23 -64.94
N TYR E 24 -17.70 27.27 -64.12
CA TYR E 24 -16.64 28.30 -64.08
C TYR E 24 -15.32 27.81 -63.58
N ALA E 25 -15.35 26.98 -62.53
CA ALA E 25 -14.12 26.32 -62.04
C ALA E 25 -13.43 25.50 -63.13
N MET E 26 -14.21 24.80 -63.96
CA MET E 26 -13.61 24.06 -65.07
C MET E 26 -12.89 24.96 -66.09
N GLU E 27 -13.28 26.22 -66.20
CA GLU E 27 -12.52 27.16 -67.06
C GLU E 27 -11.12 27.40 -66.55
N ALA E 28 -10.95 27.35 -65.22
CA ALA E 28 -9.63 27.50 -64.65
C ALA E 28 -8.72 26.45 -65.25
N VAL E 29 -9.22 25.26 -65.50
CA VAL E 29 -8.31 24.20 -66.06
C VAL E 29 -8.09 24.37 -67.58
N LYS E 30 -9.15 24.73 -68.32
CA LYS E 30 -9.01 25.01 -69.77
C LYS E 30 -7.98 26.07 -70.09
N GLN E 31 -7.86 27.06 -69.21
CA GLN E 31 -6.86 28.13 -69.36
C GLN E 31 -5.48 27.79 -68.81
N GLY E 32 -5.28 26.65 -68.18
CA GLY E 32 -3.93 26.25 -67.77
C GLY E 32 -3.13 25.76 -68.97
N SER E 33 -1.82 25.62 -68.82
CA SER E 33 -1.02 25.12 -69.92
C SER E 33 -1.25 23.60 -70.09
N ALA E 34 -1.10 23.13 -71.31
CA ALA E 34 -1.50 21.78 -71.64
C ALA E 34 -0.60 20.72 -71.04
N THR E 35 -1.22 19.59 -70.74
CA THR E 35 -0.49 18.41 -70.33
C THR E 35 -1.13 17.19 -70.92
N VAL E 36 -0.30 16.17 -71.13
CA VAL E 36 -0.67 14.95 -71.78
C VAL E 36 -0.30 13.79 -70.83
N GLY E 37 -1.16 12.81 -70.79
CA GLY E 37 -0.95 11.53 -70.09
C GLY E 37 -1.34 10.36 -70.99
N LEU E 38 -0.50 9.34 -71.03
CA LEU E 38 -0.74 8.13 -71.80
C LEU E 38 -0.05 6.91 -71.19
N LYS E 39 -0.46 5.71 -71.61
CA LYS E 39 0.12 4.46 -71.09
C LYS E 39 0.27 3.34 -72.09
N SER E 40 1.16 2.41 -71.74
CA SER E 40 1.40 1.21 -72.51
C SER E 40 0.99 0.04 -71.63
N LYS E 41 1.37 -1.19 -72.00
CA LYS E 41 1.16 -2.37 -71.13
C LYS E 41 1.93 -2.21 -69.82
N THR E 42 3.09 -1.54 -69.85
CA THR E 42 4.04 -1.52 -68.74
C THR E 42 4.38 -0.17 -68.11
N HIS E 43 4.12 0.94 -68.79
CA HIS E 43 4.46 2.27 -68.23
C HIS E 43 3.30 3.25 -68.36
N ALA E 44 3.26 4.23 -67.45
CA ALA E 44 2.37 5.37 -67.54
C ALA E 44 3.23 6.63 -67.58
N VAL E 45 2.96 7.52 -68.54
CA VAL E 45 3.74 8.72 -68.76
C VAL E 45 2.90 9.99 -68.73
N LEU E 46 3.47 11.02 -68.11
CA LEU E 46 2.96 12.38 -68.17
C LEU E 46 3.98 13.30 -68.85
N VAL E 47 3.44 14.24 -69.61
CA VAL E 47 4.25 15.17 -70.37
C VAL E 47 3.57 16.53 -70.17
N ALA E 48 4.31 17.55 -69.75
CA ALA E 48 3.70 18.87 -69.50
C ALA E 48 4.46 20.06 -70.13
N LEU E 49 3.69 21.03 -70.59
CA LEU E 49 4.22 22.32 -71.00
C LEU E 49 4.24 23.23 -69.82
N LYS E 50 5.41 23.74 -69.49
CA LYS E 50 5.55 24.72 -68.42
C LYS E 50 5.52 26.15 -69.02
N ARG E 51 4.66 27.00 -68.49
CA ARG E 51 4.62 28.43 -68.85
C ARG E 51 5.61 29.21 -67.93
N ALA E 52 6.34 30.14 -68.55
CA ALA E 52 7.24 31.05 -67.82
C ALA E 52 6.64 32.46 -67.83
N GLN E 53 6.51 33.06 -66.64
CA GLN E 53 5.92 34.40 -66.47
C GLN E 53 6.57 35.42 -67.42
N SER E 54 7.90 35.47 -67.39
CA SER E 54 8.74 36.29 -68.29
C SER E 54 9.87 35.43 -68.90
N GLU E 55 10.68 36.05 -69.77
CA GLU E 55 11.85 35.39 -70.39
C GLU E 55 12.95 35.00 -69.38
N LEU E 56 12.96 35.66 -68.21
CA LEU E 56 13.94 35.41 -67.14
C LEU E 56 13.46 34.46 -66.01
N ALA E 57 12.15 34.27 -65.87
CA ALA E 57 11.56 33.25 -64.95
C ALA E 57 11.86 31.78 -65.41
N ALA E 58 12.04 30.88 -64.43
CA ALA E 58 12.31 29.42 -64.66
C ALA E 58 11.28 28.68 -65.51
N HIS E 59 10.03 28.70 -65.06
CA HIS E 59 9.00 27.80 -65.60
C HIS E 59 8.36 27.05 -64.41
N GLN E 60 7.03 27.13 -64.36
CA GLN E 60 6.21 26.59 -63.28
C GLN E 60 6.28 25.07 -63.22
N LYS E 61 6.54 24.50 -62.05
CA LYS E 61 6.36 23.05 -61.88
C LYS E 61 4.92 22.64 -62.28
N LYS E 62 4.84 21.68 -63.19
CA LYS E 62 3.58 21.06 -63.54
C LYS E 62 3.45 19.59 -63.09
N ILE E 63 4.55 18.94 -62.75
CA ILE E 63 4.50 17.54 -62.42
C ILE E 63 5.00 17.37 -60.98
N LEU E 64 4.27 16.58 -60.19
CA LEU E 64 4.51 16.43 -58.74
C LEU E 64 4.50 14.98 -58.34
N HIS E 65 5.43 14.62 -57.46
CA HIS E 65 5.51 13.26 -56.85
C HIS E 65 4.39 13.11 -55.79
N VAL E 66 3.73 11.97 -55.79
CA VAL E 66 2.70 11.65 -54.78
C VAL E 66 3.19 10.50 -53.87
N ASP E 67 3.61 9.40 -54.50
CA ASP E 67 4.20 8.26 -53.84
C ASP E 67 5.11 7.54 -54.84
N ASN E 68 5.83 6.51 -54.42
CA ASN E 68 6.74 5.80 -55.34
C ASN E 68 6.08 5.31 -56.61
N HIS E 69 4.78 5.07 -56.53
CA HIS E 69 4.02 4.46 -57.60
C HIS E 69 3.00 5.41 -58.27
N ILE E 70 2.98 6.68 -57.85
CA ILE E 70 1.98 7.64 -58.33
C ILE E 70 2.59 9.04 -58.47
N GLY E 71 2.38 9.68 -59.62
CA GLY E 71 2.68 11.10 -59.80
C GLY E 71 1.55 11.80 -60.50
N ILE E 72 1.54 13.12 -60.45
CA ILE E 72 0.47 13.91 -61.07
C ILE E 72 0.99 15.04 -61.98
N SER E 73 0.14 15.42 -62.94
CA SER E 73 0.31 16.64 -63.72
C SER E 73 -0.93 17.51 -63.49
N ILE E 74 -0.74 18.81 -63.42
CA ILE E 74 -1.76 19.74 -62.93
C ILE E 74 -2.18 20.78 -63.98
N ALA E 75 -3.40 21.28 -63.87
CA ALA E 75 -3.80 22.43 -64.68
C ALA E 75 -4.91 23.18 -63.99
N GLY E 76 -4.73 24.47 -63.80
CA GLY E 76 -5.66 25.31 -63.03
C GLY E 76 -4.96 25.99 -61.89
N LEU E 77 -5.68 26.26 -60.81
CA LEU E 77 -5.07 27.01 -59.69
C LEU E 77 -4.00 26.17 -58.98
N THR E 78 -2.79 26.69 -58.97
CA THR E 78 -1.65 26.00 -58.40
C THR E 78 -1.82 25.69 -56.88
N ALA E 79 -2.48 26.59 -56.14
CA ALA E 79 -2.66 26.43 -54.71
C ALA E 79 -3.65 25.33 -54.40
N ASP E 80 -4.71 25.22 -55.23
CA ASP E 80 -5.60 24.05 -55.18
C ASP E 80 -4.90 22.76 -55.60
N ALA E 81 -4.04 22.83 -56.60
CA ALA E 81 -3.24 21.69 -56.98
C ALA E 81 -2.40 21.17 -55.79
N ARG E 82 -1.72 22.06 -55.06
CA ARG E 82 -0.90 21.64 -53.92
C ARG E 82 -1.74 21.05 -52.77
N LEU E 83 -2.87 21.66 -52.49
CA LEU E 83 -3.72 21.17 -51.42
C LEU E 83 -4.19 19.72 -51.71
N LEU E 84 -4.59 19.50 -52.96
CA LEU E 84 -5.04 18.19 -53.41
C LEU E 84 -3.89 17.19 -53.46
N CYS E 85 -2.76 17.60 -53.99
CA CYS E 85 -1.56 16.81 -53.98
C CYS E 85 -1.19 16.39 -52.55
N ASN E 86 -1.35 17.30 -51.59
CA ASN E 86 -0.98 17.00 -50.18
C ASN E 86 -1.97 16.01 -49.57
N PHE E 87 -3.24 16.15 -49.92
CA PHE E 87 -4.28 15.16 -49.56
C PHE E 87 -3.92 13.76 -50.09
N MET E 88 -3.52 13.70 -51.36
CA MET E 88 -3.19 12.41 -51.99
C MET E 88 -2.01 11.72 -51.33
N ARG E 89 -0.96 12.52 -51.07
CA ARG E 89 0.27 12.09 -50.40
C ARG E 89 -0.02 11.46 -49.07
N GLN E 90 -0.87 12.13 -48.32
CA GLN E 90 -1.28 11.69 -47.02
C GLN E 90 -2.08 10.36 -47.09
N GLU E 91 -2.99 10.24 -48.07
CA GLU E 91 -3.76 9.02 -48.23
C GLU E 91 -2.84 7.85 -48.59
N CYS E 92 -1.83 8.11 -49.41
CA CYS E 92 -0.81 7.11 -49.71
C CYS E 92 0.06 6.71 -48.49
N LEU E 93 0.43 7.70 -47.66
CA LEU E 93 1.24 7.40 -46.48
C LEU E 93 0.42 6.55 -45.52
N ASP E 94 -0.85 6.93 -45.31
CA ASP E 94 -1.76 6.16 -44.44
C ASP E 94 -1.91 4.71 -44.85
N SER E 95 -2.04 4.47 -46.13
CA SER E 95 -2.19 3.11 -46.58
C SER E 95 -0.94 2.27 -46.38
N ARG E 96 0.25 2.84 -46.62
CA ARG E 96 1.51 2.15 -46.28
C ARG E 96 1.74 1.96 -44.77
N PHE E 97 1.35 2.92 -43.95
CA PHE E 97 1.45 2.79 -42.51
C PHE E 97 0.54 1.62 -42.01
N VAL E 98 -0.72 1.61 -42.43
CA VAL E 98 -1.69 0.68 -41.93
C VAL E 98 -1.45 -0.70 -42.51
N PHE E 99 -1.31 -0.77 -43.84
CA PHE E 99 -1.33 -2.10 -44.60
C PHE E 99 0.03 -2.56 -45.12
N ASP E 100 1.02 -1.71 -45.01
CA ASP E 100 2.34 -1.98 -45.53
C ASP E 100 2.36 -2.32 -47.03
N ARG E 101 1.48 -1.68 -47.81
CA ARG E 101 1.45 -1.85 -49.26
CA ARG E 101 1.47 -1.85 -49.25
C ARG E 101 0.92 -0.61 -49.97
N PRO E 102 1.30 -0.41 -51.25
CA PRO E 102 0.84 0.81 -51.93
C PRO E 102 -0.67 0.93 -52.07
N LEU E 103 -1.18 2.14 -52.00
CA LEU E 103 -2.60 2.39 -52.12
C LEU E 103 -2.96 2.20 -53.60
N PRO E 104 -3.95 1.33 -53.91
CA PRO E 104 -4.26 1.15 -55.31
C PRO E 104 -4.72 2.47 -55.98
N VAL E 105 -4.30 2.67 -57.21
CA VAL E 105 -4.49 3.95 -57.86
C VAL E 105 -5.96 4.29 -57.95
N SER E 106 -6.80 3.31 -58.32
CA SER E 106 -8.24 3.59 -58.50
C SER E 106 -8.88 3.93 -57.18
N ARG E 107 -8.39 3.34 -56.08
CA ARG E 107 -8.89 3.75 -54.77
C ARG E 107 -8.53 5.22 -54.39
N LEU E 108 -7.31 5.63 -54.66
CA LEU E 108 -6.93 7.00 -54.42
C LEU E 108 -7.82 7.94 -55.25
N VAL E 109 -8.04 7.59 -56.52
CA VAL E 109 -8.85 8.48 -57.36
C VAL E 109 -10.25 8.61 -56.79
N SER E 110 -10.84 7.50 -56.33
CA SER E 110 -12.12 7.54 -55.59
C SER E 110 -12.18 8.48 -54.39
N LEU E 111 -11.15 8.43 -53.55
CA LEU E 111 -11.00 9.34 -52.42
C LEU E 111 -10.95 10.79 -52.90
N ILE E 112 -10.29 11.05 -54.00
CA ILE E 112 -10.33 12.41 -54.61
C ILE E 112 -11.75 12.85 -54.96
N GLY E 113 -12.50 11.97 -55.64
CA GLY E 113 -13.91 12.29 -56.04
C GLY E 113 -14.80 12.62 -54.86
N SER E 114 -14.62 11.85 -53.82
CA SER E 114 -15.35 12.06 -52.59
C SER E 114 -14.95 13.36 -51.91
N LYS E 115 -13.66 13.58 -51.73
CA LYS E 115 -13.21 14.81 -51.10
C LYS E 115 -13.63 16.05 -51.91
N THR E 116 -13.41 16.03 -53.22
CA THR E 116 -13.71 17.22 -54.05
C THR E 116 -15.18 17.46 -54.26
N GLN E 117 -16.05 16.46 -53.97
CA GLN E 117 -17.49 16.67 -54.16
C GLN E 117 -18.11 17.48 -53.07
N ILE E 118 -17.59 17.28 -51.87
CA ILE E 118 -18.13 17.90 -50.64
C ILE E 118 -18.34 19.42 -50.76
N PRO E 119 -17.31 20.18 -51.13
CA PRO E 119 -17.62 21.62 -51.23
C PRO E 119 -18.54 22.05 -52.37
N THR E 120 -18.91 21.15 -53.32
CA THR E 120 -19.82 21.54 -54.37
C THR E 120 -21.24 21.60 -53.88
N GLN E 121 -21.47 21.22 -52.64
CA GLN E 121 -22.81 21.09 -52.12
C GLN E 121 -23.13 21.91 -50.87
N ARG E 122 -22.17 22.70 -50.39
CA ARG E 122 -22.32 23.48 -49.16
C ARG E 122 -22.15 24.99 -49.40
N TYR E 123 -23.02 25.78 -48.82
CA TYR E 123 -23.06 27.18 -49.05
C TYR E 123 -21.75 27.79 -48.60
N GLY E 124 -21.24 28.68 -49.43
CA GLY E 124 -20.03 29.42 -49.00
C GLY E 124 -18.77 28.62 -49.26
N ARG E 125 -18.86 27.41 -49.84
CA ARG E 125 -17.67 26.70 -50.26
C ARG E 125 -17.58 26.83 -51.78
N ARG E 126 -16.50 26.34 -52.35
CA ARG E 126 -16.34 26.43 -53.75
C ARG E 126 -15.71 25.16 -54.30
N PRO E 127 -15.88 24.89 -55.57
CA PRO E 127 -15.17 23.74 -56.11
C PRO E 127 -13.66 23.94 -56.10
N TYR E 128 -12.94 22.84 -56.23
CA TYR E 128 -11.50 22.89 -56.53
C TYR E 128 -11.28 23.37 -57.95
N GLY E 129 -10.39 24.33 -58.17
CA GLY E 129 -10.23 24.90 -59.51
C GLY E 129 -9.04 24.28 -60.20
N VAL E 130 -8.95 22.95 -60.17
CA VAL E 130 -7.81 22.25 -60.71
C VAL E 130 -8.24 20.93 -61.31
N GLY E 131 -7.51 20.52 -62.34
CA GLY E 131 -7.71 19.25 -62.99
C GLY E 131 -6.38 18.55 -62.94
N LEU E 132 -6.42 17.24 -62.74
CA LEU E 132 -5.24 16.45 -62.67
C LEU E 132 -5.21 15.36 -63.66
N LEU E 133 -4.03 15.08 -64.21
CA LEU E 133 -3.77 13.79 -64.84
C LEU E 133 -2.94 12.97 -63.88
N ILE E 134 -3.33 11.72 -63.64
CA ILE E 134 -2.71 10.89 -62.58
C ILE E 134 -2.11 9.68 -63.24
N ALA E 135 -0.79 9.55 -63.14
CA ALA E 135 -0.07 8.37 -63.62
C ALA E 135 0.28 7.47 -62.43
N GLY E 136 -0.01 6.19 -62.55
CA GLY E 136 0.27 5.24 -61.53
C GLY E 136 0.53 3.85 -62.05
N TYR E 137 1.15 3.03 -61.20
CA TYR E 137 1.34 1.61 -61.49
C TYR E 137 1.08 0.78 -60.21
N ASP E 138 0.28 -0.27 -60.34
CA ASP E 138 -0.06 -1.17 -59.22
C ASP E 138 -0.36 -2.60 -59.74
N ASP E 139 -1.00 -3.44 -58.95
CA ASP E 139 -1.31 -4.83 -59.30
C ASP E 139 -2.07 -4.96 -60.58
N MET E 140 -2.93 -4.01 -60.87
CA MET E 140 -3.67 -4.00 -62.13
C MET E 140 -2.94 -3.25 -63.26
N GLY E 141 -1.65 -2.94 -63.11
CA GLY E 141 -0.86 -2.39 -64.21
C GLY E 141 -0.79 -0.88 -64.18
N PRO E 142 -0.45 -0.27 -65.33
CA PRO E 142 -0.32 1.19 -65.38
C PRO E 142 -1.67 1.82 -65.48
N HIS E 143 -1.77 3.05 -64.99
CA HIS E 143 -3.00 3.83 -65.13
C HIS E 143 -2.76 5.31 -65.48
N ILE E 144 -3.77 5.85 -66.15
CA ILE E 144 -3.93 7.26 -66.34
C ILE E 144 -5.35 7.61 -65.93
N PHE E 145 -5.50 8.41 -64.88
CA PHE E 145 -6.78 8.95 -64.51
C PHE E 145 -6.79 10.47 -64.72
N GLN E 146 -8.00 11.01 -64.85
CA GLN E 146 -8.23 12.41 -64.92
C GLN E 146 -9.28 12.83 -63.90
N THR E 147 -9.06 13.94 -63.21
CA THR E 147 -10.00 14.47 -62.18
C THR E 147 -10.37 15.89 -62.54
N CYS E 148 -11.57 16.33 -62.15
CA CYS E 148 -12.14 17.58 -62.60
C CYS E 148 -12.69 18.32 -61.44
N PRO E 149 -12.87 19.64 -61.57
CA PRO E 149 -13.52 20.45 -60.56
C PRO E 149 -14.95 20.05 -60.24
N SER E 150 -15.61 19.33 -61.12
CA SER E 150 -16.93 18.78 -60.84
C SER E 150 -16.89 17.62 -59.84
N ALA E 151 -15.68 17.14 -59.52
CA ALA E 151 -15.45 15.94 -58.67
C ALA E 151 -15.61 14.62 -59.41
N ASN E 152 -15.94 14.70 -60.70
CA ASN E 152 -15.97 13.55 -61.58
C ASN E 152 -14.55 13.19 -61.95
N TYR E 153 -14.36 11.92 -62.28
CA TYR E 153 -13.10 11.43 -62.72
C TYR E 153 -13.28 10.31 -63.74
N PHE E 154 -12.21 10.02 -64.47
CA PHE E 154 -12.24 9.21 -65.67
C PHE E 154 -11.01 8.35 -65.70
N ASP E 155 -11.17 7.11 -66.14
CA ASP E 155 -10.10 6.19 -66.34
C ASP E 155 -9.79 6.24 -67.80
N CYS E 156 -8.53 6.48 -68.15
CA CYS E 156 -8.18 6.89 -69.53
C CYS E 156 -7.17 5.99 -70.19
N ARG E 157 -7.30 5.83 -71.50
CA ARG E 157 -6.23 5.24 -72.29
C ARG E 157 -5.12 6.26 -72.47
N ALA E 158 -5.56 7.51 -72.64
CA ALA E 158 -4.70 8.66 -72.71
C ALA E 158 -5.59 9.86 -72.58
N MET E 159 -4.99 11.02 -72.30
CA MET E 159 -5.77 12.22 -72.11
C MET E 159 -4.89 13.45 -72.21
N SER E 160 -5.54 14.59 -72.49
CA SER E 160 -4.91 15.91 -72.44
C SER E 160 -5.92 16.89 -71.89
N ILE E 161 -5.43 17.82 -71.07
CA ILE E 161 -6.24 18.92 -70.54
C ILE E 161 -5.43 20.19 -70.68
N GLY E 162 -6.12 21.33 -70.61
CA GLY E 162 -5.47 22.66 -70.63
C GLY E 162 -5.67 23.31 -71.98
N ALA E 163 -4.97 24.41 -72.19
CA ALA E 163 -5.19 25.26 -73.37
C ALA E 163 -4.77 24.53 -74.63
N ARG E 164 -5.70 24.53 -75.58
CA ARG E 164 -5.51 23.85 -76.87
C ARG E 164 -5.26 22.32 -76.78
N SER E 165 -5.75 21.70 -75.73
CA SER E 165 -5.60 20.27 -75.55
C SER E 165 -6.46 19.44 -76.50
N GLN E 166 -7.51 20.03 -77.09
CA GLN E 166 -8.29 19.40 -78.16
C GLN E 166 -7.35 18.82 -79.22
N SER E 167 -6.31 19.56 -79.60
CA SER E 167 -5.38 19.10 -80.63
C SER E 167 -4.61 17.88 -80.16
N ALA E 168 -4.15 17.95 -78.92
CA ALA E 168 -3.48 16.84 -78.29
C ALA E 168 -4.41 15.62 -78.21
N ARG E 169 -5.67 15.85 -77.86
CA ARG E 169 -6.65 14.75 -77.80
C ARG E 169 -6.84 14.08 -79.15
N THR E 170 -6.96 14.91 -80.18
CA THR E 170 -7.09 14.43 -81.57
C THR E 170 -5.88 13.58 -81.98
N TYR E 171 -4.66 14.05 -81.69
CA TYR E 171 -3.47 13.24 -81.96
C TYR E 171 -3.57 11.87 -81.24
N LEU E 172 -3.89 11.93 -79.96
CA LEU E 172 -3.92 10.73 -79.12
C LEU E 172 -4.93 9.70 -79.66
N GLU E 173 -6.14 10.13 -80.02
CA GLU E 173 -7.10 9.24 -80.68
C GLU E 173 -6.55 8.62 -81.95
N ARG E 174 -5.83 9.43 -82.73
CA ARG E 174 -5.25 8.98 -84.00
C ARG E 174 -4.28 7.82 -83.77
N HIS E 175 -3.50 7.84 -82.71
CA HIS E 175 -2.42 6.85 -82.52
C HIS E 175 -2.63 5.83 -81.40
N MET E 176 -3.79 5.85 -80.74
CA MET E 176 -3.91 5.14 -79.44
C MET E 176 -3.88 3.63 -79.57
N SER E 177 -4.24 3.09 -80.73
CA SER E 177 -4.13 1.65 -80.99
C SER E 177 -2.70 1.15 -81.02
N GLU E 178 -1.72 2.05 -81.15
CA GLU E 178 -0.31 1.69 -81.05
C GLU E 178 0.25 1.73 -79.61
N PHE E 179 -0.42 2.41 -78.66
CA PHE E 179 0.22 2.71 -77.35
C PHE E 179 0.53 1.43 -76.52
N MET E 180 -0.37 0.48 -76.49
CA MET E 180 -0.26 -0.66 -75.55
C MET E 180 1.05 -1.48 -75.73
N GLU E 181 1.54 -1.54 -76.96
CA GLU E 181 2.73 -2.29 -77.31
C GLU E 181 4.00 -1.45 -77.44
N CYS E 182 3.97 -0.15 -77.18
CA CYS E 182 5.17 0.69 -77.30
C CYS E 182 6.18 0.42 -76.21
N ASN E 183 7.47 0.48 -76.55
CA ASN E 183 8.50 0.59 -75.52
C ASN E 183 8.45 2.00 -74.94
N LEU E 184 9.17 2.24 -73.86
CA LEU E 184 9.06 3.51 -73.14
C LEU E 184 9.38 4.76 -74.01
N ASN E 185 10.46 4.69 -74.80
CA ASN E 185 10.86 5.82 -75.63
C ASN E 185 9.83 6.16 -76.68
N GLU E 186 9.31 5.12 -77.30
CA GLU E 186 8.21 5.27 -78.25
C GLU E 186 7.00 5.93 -77.62
N LEU E 187 6.67 5.52 -76.41
CA LEU E 187 5.50 6.05 -75.69
C LEU E 187 5.65 7.52 -75.32
N VAL E 188 6.83 7.89 -74.83
CA VAL E 188 7.12 9.27 -74.45
C VAL E 188 7.15 10.17 -75.70
N LYS E 189 7.80 9.70 -76.76
CA LYS E 189 7.78 10.40 -78.10
C LYS E 189 6.32 10.73 -78.48
N HIS E 190 5.44 9.72 -78.40
CA HIS E 190 4.01 9.95 -78.66
C HIS E 190 3.40 11.05 -77.77
N GLY E 191 3.72 11.03 -76.48
CA GLY E 191 3.28 12.06 -75.54
C GLY E 191 3.73 13.44 -75.91
N LEU E 192 5.01 13.54 -76.28
CA LEU E 192 5.59 14.81 -76.74
C LEU E 192 4.96 15.30 -78.05
N ARG E 193 4.72 14.40 -78.99
CA ARG E 193 4.10 14.78 -80.26
C ARG E 193 2.70 15.32 -80.06
N ALA E 194 1.95 14.66 -79.18
CA ALA E 194 0.62 15.14 -78.81
C ALA E 194 0.70 16.54 -78.21
N LEU E 195 1.60 16.72 -77.25
CA LEU E 195 1.76 18.00 -76.55
C LEU E 195 2.20 19.09 -77.56
N ARG E 196 3.06 18.73 -78.48
CA ARG E 196 3.53 19.65 -79.50
C ARG E 196 2.41 20.21 -80.40
N GLU E 197 1.36 19.43 -80.65
CA GLU E 197 0.19 19.91 -81.35
C GLU E 197 -0.50 21.06 -80.63
N THR E 198 -0.32 21.22 -79.33
CA THR E 198 -0.96 22.34 -78.62
C THR E 198 -0.27 23.66 -78.91
N LEU E 199 0.98 23.62 -79.35
CA LEU E 199 1.76 24.84 -79.59
C LEU E 199 1.40 25.68 -80.82
N PRO E 200 1.54 27.03 -80.69
CA PRO E 200 1.54 27.90 -81.88
C PRO E 200 2.61 27.43 -82.87
N ALA E 201 2.31 27.49 -84.17
CA ALA E 201 3.17 26.96 -85.26
C ALA E 201 4.63 27.41 -85.19
N GLU E 202 4.82 28.65 -84.78
CA GLU E 202 6.15 29.20 -84.60
C GLU E 202 6.94 28.33 -83.60
N GLN E 203 6.34 28.11 -82.44
CA GLN E 203 7.07 27.69 -81.27
C GLN E 203 7.38 26.18 -81.28
N ASP E 204 8.39 25.77 -80.51
CA ASP E 204 8.82 24.34 -80.42
C ASP E 204 8.97 23.87 -78.96
N LEU E 205 8.99 22.54 -78.81
CA LEU E 205 9.38 21.92 -77.54
C LEU E 205 10.87 22.14 -77.33
N THR E 206 11.25 22.56 -76.14
CA THR E 206 12.65 22.76 -75.79
C THR E 206 12.85 22.13 -74.43
N THR E 207 14.11 22.05 -74.01
CA THR E 207 14.41 21.59 -72.67
C THR E 207 13.93 22.56 -71.60
N LYS E 208 13.66 23.80 -71.93
CA LYS E 208 13.18 24.79 -70.97
C LYS E 208 11.68 24.67 -70.69
N ASN E 209 10.89 24.29 -71.70
CA ASN E 209 9.41 24.25 -71.51
C ASN E 209 8.72 22.87 -71.34
N VAL E 210 9.48 21.78 -71.43
CA VAL E 210 8.92 20.43 -71.35
C VAL E 210 9.32 19.82 -70.01
N SER E 211 8.36 19.15 -69.38
CA SER E 211 8.57 18.39 -68.17
C SER E 211 7.96 17.00 -68.41
N ILE E 212 8.69 15.98 -67.97
CA ILE E 212 8.27 14.57 -68.14
C ILE E 212 8.21 13.80 -66.79
N GLY E 213 7.16 12.98 -66.66
CA GLY E 213 6.93 12.10 -65.54
C GLY E 213 6.67 10.67 -66.03
N ILE E 214 7.33 9.67 -65.42
CA ILE E 214 7.26 8.27 -65.87
C ILE E 214 7.21 7.34 -64.67
N VAL E 215 6.34 6.33 -64.76
CA VAL E 215 6.30 5.25 -63.78
C VAL E 215 5.96 3.96 -64.49
N GLY E 216 6.48 2.85 -64.00
CA GLY E 216 6.08 1.57 -64.54
C GLY E 216 6.52 0.39 -63.70
N LYS E 217 6.38 -0.79 -64.28
CA LYS E 217 6.70 -2.06 -63.61
C LYS E 217 8.07 -2.07 -62.93
N ASP E 218 9.05 -1.49 -63.60
CA ASP E 218 10.44 -1.52 -63.14
C ASP E 218 10.90 -0.19 -62.54
N LEU E 219 10.05 0.83 -62.52
CA LEU E 219 10.48 2.21 -62.37
C LEU E 219 9.54 3.06 -61.50
N GLU E 220 10.08 3.61 -60.43
CA GLU E 220 9.30 4.45 -59.52
C GLU E 220 9.04 5.81 -60.14
N PHE E 221 8.00 6.49 -59.70
CA PHE E 221 7.65 7.74 -60.35
C PHE E 221 8.85 8.73 -60.34
N THR E 222 9.33 9.06 -61.53
CA THR E 222 10.51 9.89 -61.72
C THR E 222 10.15 11.12 -62.61
N ILE E 223 10.65 12.28 -62.20
CA ILE E 223 10.46 13.51 -62.90
C ILE E 223 11.74 13.89 -63.67
N TYR E 224 11.56 14.31 -64.92
CA TYR E 224 12.64 14.70 -65.81
C TYR E 224 12.43 16.16 -66.25
N ASP E 225 13.39 17.03 -65.91
CA ASP E 225 13.37 18.46 -66.24
C ASP E 225 14.69 18.91 -66.85
N ASP E 226 14.61 19.97 -67.65
CA ASP E 226 15.77 20.68 -68.18
C ASP E 226 16.73 19.78 -68.98
N ASP E 227 17.97 19.60 -68.56
CA ASP E 227 18.88 18.74 -69.34
C ASP E 227 18.43 17.29 -69.41
N ASP E 228 17.76 16.80 -68.36
CA ASP E 228 17.26 15.41 -68.34
C ASP E 228 16.13 15.07 -69.35
N VAL E 229 15.48 16.08 -69.94
CA VAL E 229 14.51 15.79 -71.00
C VAL E 229 15.17 15.62 -72.37
N SER E 230 16.41 16.12 -72.56
CA SER E 230 17.12 16.07 -73.86
C SER E 230 17.20 14.72 -74.55
N PRO E 231 17.53 13.62 -73.83
CA PRO E 231 17.43 12.29 -74.43
C PRO E 231 16.09 12.00 -75.11
N PHE E 232 15.00 12.46 -74.51
CA PHE E 232 13.65 12.19 -75.03
C PHE E 232 13.32 13.11 -76.21
N LEU E 233 13.87 14.33 -76.21
CA LEU E 233 13.59 15.30 -77.28
C LEU E 233 14.39 15.08 -78.59
N GLU E 234 15.61 14.56 -78.49
CA GLU E 234 16.38 14.12 -79.66
C GLU E 234 15.77 12.78 -79.98
N GLY E 235 15.42 12.53 -81.23
CA GLY E 235 14.71 11.31 -81.57
C GLY E 235 13.33 11.63 -82.12
N LEU E 236 12.77 12.78 -81.71
CA LEU E 236 11.70 13.44 -82.50
C LEU E 236 12.24 13.76 -83.89
N GLU E 237 12.33 12.69 -84.70
CA GLU E 237 13.08 12.65 -85.96
C GLU E 237 12.63 11.43 -86.78
N GLY F 7 -36.35 36.83 -56.46
CA GLY F 7 -36.64 35.49 -57.09
C GLY F 7 -36.87 34.34 -56.06
N TYR F 8 -37.91 33.51 -56.33
CA TYR F 8 -38.37 32.42 -55.46
C TYR F 8 -37.69 31.07 -55.66
N ASP F 9 -36.64 30.95 -56.45
CA ASP F 9 -36.06 29.68 -56.84
C ASP F 9 -34.60 29.58 -56.57
N LEU F 10 -34.10 30.30 -55.58
CA LEU F 10 -32.68 30.31 -55.27
C LEU F 10 -32.26 29.46 -54.06
N SER F 11 -33.19 29.08 -53.20
CA SER F 11 -32.88 28.33 -52.01
C SER F 11 -33.89 27.22 -51.82
N ALA F 12 -33.40 26.05 -51.40
CA ALA F 12 -34.28 24.99 -50.92
C ALA F 12 -35.03 25.30 -49.63
N SER F 13 -34.67 26.36 -48.89
CA SER F 13 -35.47 26.78 -47.72
C SER F 13 -36.52 27.85 -48.05
N THR F 14 -36.82 28.05 -49.33
CA THR F 14 -37.84 29.01 -49.72
C THR F 14 -38.92 28.32 -50.56
N PHE F 15 -40.17 28.37 -50.09
CA PHE F 15 -41.30 27.98 -50.91
C PHE F 15 -41.64 29.13 -51.90
N SER F 16 -42.09 28.74 -53.11
CA SER F 16 -42.70 29.69 -54.03
C SER F 16 -44.10 29.94 -53.54
N PRO F 17 -44.77 31.02 -54.05
CA PRO F 17 -46.20 31.26 -53.66
C PRO F 17 -47.19 30.16 -53.97
N ASP F 18 -46.84 29.27 -54.88
CA ASP F 18 -47.70 28.08 -55.13
C ASP F 18 -47.27 26.83 -54.36
N GLY F 19 -46.37 26.98 -53.39
CA GLY F 19 -46.01 25.84 -52.55
C GLY F 19 -45.08 24.87 -53.23
N ARG F 20 -44.20 25.35 -54.10
CA ARG F 20 -43.20 24.51 -54.71
C ARG F 20 -41.82 24.84 -54.17
N VAL F 21 -40.88 23.93 -54.38
CA VAL F 21 -39.50 24.13 -53.99
C VAL F 21 -38.69 23.96 -55.23
N PHE F 22 -38.38 25.07 -55.90
CA PHE F 22 -37.83 25.00 -57.24
C PHE F 22 -36.44 24.42 -57.28
N GLN F 23 -35.63 24.66 -56.26
CA GLN F 23 -34.29 24.07 -56.24
C GLN F 23 -34.34 22.54 -56.31
N VAL F 24 -35.37 21.92 -55.73
CA VAL F 24 -35.52 20.45 -55.82
C VAL F 24 -35.91 20.12 -57.27
N GLU F 25 -36.83 20.88 -57.84
CA GLU F 25 -37.22 20.68 -59.26
C GLU F 25 -36.06 20.85 -60.24
N TYR F 26 -35.16 21.80 -59.97
CA TYR F 26 -34.05 22.00 -60.86
C TYR F 26 -33.07 20.88 -60.81
N ALA F 27 -32.89 20.31 -59.62
CA ALA F 27 -32.05 19.16 -59.40
C ALA F 27 -32.63 17.96 -60.15
N MET F 28 -33.95 17.82 -60.10
CA MET F 28 -34.66 16.82 -60.96
C MET F 28 -34.35 17.00 -62.44
N LYS F 29 -34.17 18.26 -62.90
CA LYS F 29 -33.88 18.49 -64.29
C LYS F 29 -32.52 17.95 -64.65
N ALA F 30 -31.57 17.99 -63.72
CA ALA F 30 -30.26 17.34 -63.97
C ALA F 30 -30.32 15.82 -64.18
N VAL F 31 -31.26 15.18 -63.52
CA VAL F 31 -31.46 13.73 -63.69
C VAL F 31 -32.14 13.54 -65.04
N GLU F 32 -33.14 14.35 -65.32
CA GLU F 32 -33.77 14.24 -66.63
C GLU F 32 -32.89 14.55 -67.88
N ASN F 33 -31.77 15.20 -67.72
CA ASN F 33 -30.80 15.39 -68.81
C ASN F 33 -29.84 14.21 -69.02
N SER F 34 -29.81 13.32 -68.06
CA SER F 34 -28.91 12.22 -68.07
C SER F 34 -29.44 11.14 -69.03
N SER F 35 -28.54 10.31 -69.57
CA SER F 35 -28.98 9.09 -70.30
C SER F 35 -29.66 8.04 -69.39
N THR F 36 -30.30 7.05 -69.97
CA THR F 36 -31.34 6.34 -69.29
C THR F 36 -30.79 5.10 -68.57
N ALA F 37 -31.28 4.87 -67.36
CA ALA F 37 -31.01 3.61 -66.63
C ALA F 37 -32.32 2.95 -66.32
N ILE F 38 -32.35 1.63 -66.29
CA ILE F 38 -33.60 0.91 -65.97
C ILE F 38 -33.35 -0.24 -65.04
N GLY F 39 -34.39 -0.58 -64.31
CA GLY F 39 -34.37 -1.75 -63.44
C GLY F 39 -35.62 -2.54 -63.67
N ILE F 40 -35.52 -3.85 -63.61
CA ILE F 40 -36.68 -4.74 -63.75
C ILE F 40 -36.58 -5.83 -62.74
N ARG F 41 -37.62 -5.91 -61.94
CA ARG F 41 -37.78 -6.92 -60.95
C ARG F 41 -38.48 -8.08 -61.62
N CYS F 42 -38.05 -9.31 -61.30
CA CYS F 42 -38.75 -10.45 -61.86
C CYS F 42 -38.90 -11.58 -60.87
N LYS F 43 -39.17 -12.77 -61.41
CA LYS F 43 -39.52 -13.91 -60.63
C LYS F 43 -38.45 -14.20 -59.60
N ASP F 44 -37.20 -14.18 -60.00
CA ASP F 44 -36.10 -14.69 -59.18
C ASP F 44 -34.96 -13.66 -58.94
N GLY F 45 -35.25 -12.36 -59.06
CA GLY F 45 -34.22 -11.28 -58.86
C GLY F 45 -34.47 -9.99 -59.59
N VAL F 46 -33.42 -9.16 -59.66
CA VAL F 46 -33.52 -7.83 -60.26
C VAL F 46 -32.34 -7.65 -61.21
N VAL F 47 -32.63 -7.03 -62.35
CA VAL F 47 -31.64 -6.75 -63.36
C VAL F 47 -31.63 -5.22 -63.64
N PHE F 48 -30.44 -4.67 -63.77
CA PHE F 48 -30.22 -3.27 -64.10
C PHE F 48 -29.51 -3.17 -65.41
N GLY F 49 -29.88 -2.16 -66.19
CA GLY F 49 -29.14 -1.78 -67.40
C GLY F 49 -28.99 -0.27 -67.49
N VAL F 50 -27.86 0.19 -68.00
CA VAL F 50 -27.60 1.61 -68.21
C VAL F 50 -27.07 1.86 -69.58
N GLU F 51 -27.63 2.90 -70.20
CA GLU F 51 -27.13 3.44 -71.47
C GLU F 51 -26.02 4.38 -71.04
N LYS F 52 -24.78 3.95 -71.19
CA LYS F 52 -23.67 4.74 -70.69
C LYS F 52 -23.00 5.47 -71.87
N LEU F 53 -23.25 6.79 -72.00
CA LEU F 53 -22.77 7.51 -73.16
C LEU F 53 -21.25 7.59 -73.10
N VAL F 54 -20.56 7.42 -74.23
CA VAL F 54 -19.10 7.53 -74.22
C VAL F 54 -18.77 8.88 -74.88
N LEU F 55 -18.20 9.77 -74.09
CA LEU F 55 -18.01 11.15 -74.52
C LEU F 55 -16.68 11.35 -75.16
N SER F 56 -15.77 10.42 -74.94
CA SER F 56 -14.50 10.38 -75.66
C SER F 56 -14.04 8.95 -75.82
N LYS F 57 -13.45 8.68 -76.97
CA LYS F 57 -12.89 7.36 -77.27
C LYS F 57 -11.60 7.10 -76.50
N LEU F 58 -11.05 8.14 -75.87
CA LEU F 58 -9.87 8.01 -75.05
C LEU F 58 -10.13 7.33 -73.70
N TYR F 59 -11.39 7.25 -73.26
CA TYR F 59 -11.76 6.63 -71.99
C TYR F 59 -11.69 5.13 -72.11
N GLU F 60 -11.28 4.46 -71.03
CA GLU F 60 -11.36 2.97 -70.91
C GLU F 60 -12.78 2.48 -70.89
N GLU F 61 -13.01 1.30 -71.44
CA GLU F 61 -14.22 0.51 -71.11
C GLU F 61 -14.40 0.43 -69.60
N GLY F 62 -15.62 0.67 -69.10
CA GLY F 62 -15.87 0.69 -67.66
C GLY F 62 -15.68 2.03 -66.95
N SER F 63 -14.96 2.97 -67.54
CA SER F 63 -14.85 4.29 -66.92
C SER F 63 -16.26 4.87 -66.59
N ASN F 64 -16.35 5.65 -65.52
CA ASN F 64 -17.62 6.27 -65.14
C ASN F 64 -18.80 5.30 -65.04
N LYS F 65 -18.55 4.17 -64.36
CA LYS F 65 -19.60 3.22 -64.01
C LYS F 65 -20.79 3.94 -63.37
N ARG F 66 -21.99 3.54 -63.74
CA ARG F 66 -23.24 3.99 -63.10
C ARG F 66 -23.97 2.85 -62.35
N LEU F 67 -23.33 1.69 -62.24
CA LEU F 67 -23.84 0.62 -61.42
C LEU F 67 -22.86 0.35 -60.30
N PHE F 68 -23.36 0.31 -59.06
CA PHE F 68 -22.50 0.12 -57.85
C PHE F 68 -22.96 -1.04 -57.01
N ASN F 69 -22.04 -1.67 -56.30
CA ASN F 69 -22.41 -2.55 -55.12
C ASN F 69 -22.41 -1.70 -53.86
N VAL F 70 -23.55 -1.62 -53.19
CA VAL F 70 -23.58 -0.90 -51.96
C VAL F 70 -23.62 -1.81 -50.72
N ASP F 71 -24.08 -3.04 -50.88
CA ASP F 71 -23.80 -4.12 -49.92
C ASP F 71 -23.66 -5.38 -50.74
N ARG F 72 -23.27 -6.48 -50.12
CA ARG F 72 -23.01 -7.67 -50.93
C ARG F 72 -24.28 -8.17 -51.62
N HIS F 73 -25.42 -7.90 -51.01
CA HIS F 73 -26.71 -8.21 -51.55
C HIS F 73 -27.46 -7.05 -52.26
N VAL F 74 -26.84 -5.87 -52.43
CA VAL F 74 -27.58 -4.70 -52.89
C VAL F 74 -26.81 -3.97 -53.97
N GLY F 75 -27.49 -3.78 -55.12
CA GLY F 75 -26.96 -3.00 -56.22
C GLY F 75 -27.63 -1.63 -56.29
N MET F 76 -26.90 -0.69 -56.86
CA MET F 76 -27.40 0.64 -57.07
C MET F 76 -27.16 1.03 -58.49
N ALA F 77 -28.19 1.56 -59.10
CA ALA F 77 -28.12 2.15 -60.49
C ALA F 77 -28.51 3.64 -60.46
N VAL F 78 -27.71 4.49 -61.12
CA VAL F 78 -27.85 5.92 -60.96
C VAL F 78 -28.08 6.66 -62.28
N ALA F 79 -28.65 7.86 -62.16
CA ALA F 79 -28.68 8.85 -63.23
C ALA F 79 -28.59 10.22 -62.61
N GLY F 80 -27.97 11.14 -63.33
CA GLY F 80 -27.86 12.56 -62.88
C GLY F 80 -26.42 12.89 -62.73
N LEU F 81 -26.11 13.85 -61.87
CA LEU F 81 -24.76 14.31 -61.69
C LEU F 81 -23.98 13.21 -61.01
N LEU F 82 -22.91 12.75 -61.61
CA LEU F 82 -22.29 11.51 -61.19
C LEU F 82 -21.51 11.60 -59.82
N ALA F 83 -20.82 12.74 -59.58
CA ALA F 83 -20.19 12.99 -58.32
C ALA F 83 -21.21 12.96 -57.17
N ASP F 84 -22.42 13.49 -57.40
CA ASP F 84 -23.48 13.36 -56.38
C ASP F 84 -23.87 11.91 -56.21
N ALA F 85 -24.00 11.15 -57.29
CA ALA F 85 -24.42 9.74 -57.18
C ALA F 85 -23.39 8.91 -56.41
N ARG F 86 -22.10 9.13 -56.69
CA ARG F 86 -21.06 8.38 -56.01
C ARG F 86 -21.06 8.62 -54.52
N SER F 87 -21.39 9.84 -54.16
CA SER F 87 -21.39 10.22 -52.78
C SER F 87 -22.58 9.56 -52.08
N LEU F 88 -23.71 9.49 -52.77
CA LEU F 88 -24.84 8.74 -52.29
C LEU F 88 -24.58 7.22 -52.15
N ALA F 89 -23.79 6.64 -53.05
CA ALA F 89 -23.40 5.31 -52.95
C ALA F 89 -22.57 5.09 -51.71
N ASP F 90 -21.70 6.06 -51.38
CA ASP F 90 -20.96 5.98 -50.11
C ASP F 90 -21.83 6.09 -48.87
N ILE F 91 -22.84 6.96 -48.91
CA ILE F 91 -23.80 7.02 -47.85
C ILE F 91 -24.53 5.67 -47.68
N ALA F 92 -25.02 5.12 -48.80
CA ALA F 92 -25.69 3.83 -48.79
C ALA F 92 -24.78 2.74 -48.20
N ARG F 93 -23.50 2.73 -48.61
CA ARG F 93 -22.54 1.75 -48.11
C ARG F 93 -22.36 1.83 -46.61
N GLU F 94 -22.16 3.06 -46.14
CA GLU F 94 -22.01 3.32 -44.73
C GLU F 94 -23.24 2.89 -43.95
N GLU F 95 -24.41 3.21 -44.46
CA GLU F 95 -25.62 2.83 -43.76
C GLU F 95 -25.78 1.29 -43.63
N ALA F 96 -25.42 0.57 -44.69
CA ALA F 96 -25.51 -0.88 -44.70
C ALA F 96 -24.50 -1.46 -43.71
N SER F 97 -23.32 -0.84 -43.65
CA SER F 97 -22.24 -1.27 -42.77
C SER F 97 -22.61 -1.09 -41.31
N ASN F 98 -23.11 0.09 -40.94
CA ASN F 98 -23.48 0.40 -39.57
C ASN F 98 -24.66 -0.41 -39.13
N PHE F 99 -25.58 -0.66 -40.05
CA PHE F 99 -26.70 -1.52 -39.71
C PHE F 99 -26.21 -2.96 -39.28
N ARG F 100 -25.33 -3.58 -40.04
CA ARG F 100 -24.75 -4.83 -39.71
C ARG F 100 -23.99 -4.81 -38.36
N SER F 101 -23.14 -3.81 -38.14
CA SER F 101 -22.47 -3.63 -36.86
C SER F 101 -23.40 -3.52 -35.63
N ASN F 102 -24.47 -2.76 -35.74
CA ASN F 102 -25.38 -2.53 -34.61
C ASN F 102 -26.40 -3.64 -34.38
N PHE F 103 -26.95 -4.19 -35.46
CA PHE F 103 -28.06 -5.13 -35.34
C PHE F 103 -27.70 -6.57 -35.69
N GLY F 104 -26.54 -6.81 -36.29
CA GLY F 104 -26.01 -8.16 -36.53
C GLY F 104 -26.59 -8.94 -37.71
N TYR F 105 -27.17 -8.27 -38.70
CA TYR F 105 -27.62 -8.98 -39.89
C TYR F 105 -27.68 -8.01 -41.12
N ASN F 106 -27.81 -8.56 -42.32
CA ASN F 106 -27.83 -7.77 -43.54
C ASN F 106 -29.01 -6.83 -43.61
N ILE F 107 -28.76 -5.57 -43.87
CA ILE F 107 -29.86 -4.58 -43.91
C ILE F 107 -30.93 -5.00 -44.96
N PRO F 108 -32.22 -4.99 -44.57
CA PRO F 108 -33.29 -5.21 -45.49
C PRO F 108 -33.38 -4.04 -46.47
N LEU F 109 -33.69 -4.37 -47.71
CA LEU F 109 -33.62 -3.41 -48.79
C LEU F 109 -34.49 -2.21 -48.52
N LYS F 110 -35.70 -2.47 -48.08
CA LYS F 110 -36.61 -1.39 -47.85
C LYS F 110 -36.07 -0.39 -46.84
N HIS F 111 -35.50 -0.91 -45.74
CA HIS F 111 -34.95 -0.06 -44.69
C HIS F 111 -33.77 0.75 -45.24
N LEU F 112 -32.91 0.12 -46.04
CA LEU F 112 -31.83 0.81 -46.63
C LEU F 112 -32.36 1.97 -47.50
N ALA F 113 -33.31 1.65 -48.38
CA ALA F 113 -33.92 2.67 -49.20
C ALA F 113 -34.48 3.82 -48.35
N ASP F 114 -35.24 3.52 -47.29
CA ASP F 114 -35.85 4.57 -46.52
C ASP F 114 -34.77 5.44 -45.85
N ARG F 115 -33.70 4.82 -45.38
CA ARG F 115 -32.67 5.57 -44.67
C ARG F 115 -31.92 6.51 -45.57
N VAL F 116 -31.48 6.01 -46.72
CA VAL F 116 -30.77 6.85 -47.67
C VAL F 116 -31.72 7.96 -48.17
N ALA F 117 -32.98 7.62 -48.41
CA ALA F 117 -33.98 8.60 -48.80
C ALA F 117 -34.13 9.76 -47.76
N MET F 118 -34.01 9.45 -46.47
CA MET F 118 -34.10 10.51 -45.45
C MET F 118 -32.89 11.41 -45.45
N TYR F 119 -31.75 10.83 -45.83
CA TYR F 119 -30.54 11.61 -46.06
C TYR F 119 -30.69 12.57 -47.28
N VAL F 120 -31.14 12.04 -48.43
CA VAL F 120 -31.42 12.86 -49.59
C VAL F 120 -32.41 13.98 -49.20
N HIS F 121 -33.47 13.60 -48.47
CA HIS F 121 -34.49 14.55 -48.05
C HIS F 121 -33.92 15.69 -47.22
N ALA F 122 -32.97 15.39 -46.34
CA ALA F 122 -32.36 16.43 -45.50
C ALA F 122 -31.67 17.53 -46.31
N TYR F 123 -31.29 17.27 -47.54
CA TYR F 123 -30.71 18.29 -48.40
C TYR F 123 -31.74 19.08 -49.21
N THR F 124 -33.01 19.06 -48.82
CA THR F 124 -34.05 19.79 -49.50
C THR F 124 -34.78 20.83 -48.65
N LEU F 125 -34.23 21.11 -47.50
CA LEU F 125 -34.81 22.00 -46.49
C LEU F 125 -34.08 23.33 -46.24
N TYR F 126 -32.83 23.46 -46.72
CA TYR F 126 -31.89 24.47 -46.16
C TYR F 126 -31.20 25.35 -47.21
N SER F 127 -30.95 26.62 -46.86
CA SER F 127 -30.06 27.44 -47.70
C SER F 127 -28.62 26.95 -47.61
N ALA F 128 -28.27 26.22 -46.50
CA ALA F 128 -26.89 25.82 -46.29
C ALA F 128 -26.36 24.80 -47.25
N VAL F 129 -27.27 24.04 -47.90
CA VAL F 129 -26.82 22.98 -48.76
C VAL F 129 -27.80 22.93 -49.95
N ARG F 130 -27.37 22.30 -51.05
CA ARG F 130 -28.24 22.04 -52.15
C ARG F 130 -28.69 20.56 -52.30
N PRO F 131 -29.85 20.38 -52.94
CA PRO F 131 -30.34 19.02 -53.25
C PRO F 131 -29.38 18.24 -54.14
N PHE F 132 -29.33 16.91 -53.93
CA PHE F 132 -28.57 15.99 -54.79
C PHE F 132 -29.16 15.99 -56.21
N GLY F 133 -28.31 16.01 -57.23
CA GLY F 133 -28.73 16.01 -58.60
C GLY F 133 -28.77 14.59 -59.16
N CYS F 134 -29.43 13.69 -58.46
CA CYS F 134 -29.43 12.29 -58.86
CA CYS F 134 -29.41 12.27 -58.78
C CYS F 134 -30.66 11.57 -58.38
N SER F 135 -31.06 10.58 -59.18
CA SER F 135 -32.03 9.60 -58.80
C SER F 135 -31.31 8.27 -58.91
N PHE F 136 -31.75 7.31 -58.09
CA PHE F 136 -31.11 6.04 -58.10
C PHE F 136 -32.07 4.93 -57.74
N MET F 137 -31.74 3.73 -58.23
CA MET F 137 -32.47 2.55 -57.93
C MET F 137 -31.61 1.70 -57.05
N LEU F 138 -32.26 0.96 -56.16
CA LEU F 138 -31.64 -0.11 -55.33
C LEU F 138 -32.34 -1.47 -55.59
N GLY F 139 -31.54 -2.51 -55.76
CA GLY F 139 -32.06 -3.84 -56.06
C GLY F 139 -31.42 -4.89 -55.18
N SER F 140 -32.25 -5.79 -54.68
CA SER F 140 -31.74 -6.98 -54.03
CA SER F 140 -31.75 -6.98 -54.00
C SER F 140 -32.65 -8.21 -54.19
N TYR F 141 -32.10 -9.34 -53.76
CA TYR F 141 -32.79 -10.62 -53.69
C TYR F 141 -32.38 -11.41 -52.45
N SER F 142 -33.34 -12.04 -51.82
CA SER F 142 -33.08 -13.10 -50.83
C SER F 142 -34.21 -14.06 -50.87
N VAL F 143 -34.01 -15.23 -50.26
CA VAL F 143 -35.06 -16.23 -50.22
C VAL F 143 -36.20 -15.73 -49.34
N ASN F 144 -35.89 -15.21 -48.15
CA ASN F 144 -36.92 -14.64 -47.26
C ASN F 144 -37.73 -13.44 -47.76
N ASP F 145 -37.06 -12.46 -48.40
CA ASP F 145 -37.73 -11.24 -48.85
C ASP F 145 -38.10 -11.19 -50.33
N GLY F 146 -37.65 -12.17 -51.11
CA GLY F 146 -37.84 -12.19 -52.55
C GLY F 146 -37.01 -11.09 -53.24
N ALA F 147 -37.49 -10.70 -54.41
CA ALA F 147 -36.87 -9.67 -55.22
C ALA F 147 -37.44 -8.31 -54.83
N GLN F 148 -36.56 -7.34 -54.66
CA GLN F 148 -37.00 -5.96 -54.42
C GLN F 148 -36.22 -4.90 -55.18
N LEU F 149 -36.97 -3.92 -55.71
CA LEU F 149 -36.44 -2.82 -56.54
C LEU F 149 -37.10 -1.56 -55.99
N TYR F 150 -36.27 -0.64 -55.47
CA TYR F 150 -36.75 0.68 -55.02
C TYR F 150 -36.10 1.79 -55.81
N MET F 151 -36.77 2.93 -55.86
CA MET F 151 -36.24 4.08 -56.59
C MET F 151 -36.43 5.31 -55.76
N ILE F 152 -35.38 6.11 -55.70
CA ILE F 152 -35.33 7.33 -54.88
C ILE F 152 -34.95 8.51 -55.81
N ASP F 153 -35.66 9.62 -55.65
CA ASP F 153 -35.43 10.84 -56.40
C ASP F 153 -34.87 11.97 -55.54
N PRO F 154 -34.52 13.13 -56.17
CA PRO F 154 -33.90 14.21 -55.39
C PRO F 154 -34.74 14.82 -54.28
N SER F 155 -36.06 14.66 -54.29
CA SER F 155 -36.86 15.14 -53.20
C SER F 155 -36.75 14.22 -51.97
N GLY F 156 -36.21 13.03 -52.14
CA GLY F 156 -36.18 12.07 -51.05
C GLY F 156 -37.34 11.09 -51.02
N VAL F 157 -38.19 11.10 -52.06
CA VAL F 157 -39.28 10.12 -52.14
C VAL F 157 -38.73 8.74 -52.60
N SER F 158 -39.29 7.69 -52.01
CA SER F 158 -38.83 6.33 -52.18
C SER F 158 -40.03 5.39 -52.39
N TYR F 159 -40.08 4.66 -53.48
CA TYR F 159 -41.14 3.68 -53.68
C TYR F 159 -40.51 2.39 -54.21
N GLY F 160 -41.27 1.31 -54.07
CA GLY F 160 -40.94 0.05 -54.72
C GLY F 160 -41.64 -0.17 -56.08
N TYR F 161 -40.97 -0.88 -56.97
CA TYR F 161 -41.40 -1.08 -58.36
C TYR F 161 -41.27 -2.52 -58.86
N TRP F 162 -42.08 -2.83 -59.87
CA TRP F 162 -41.85 -3.99 -60.75
C TRP F 162 -40.86 -3.68 -61.83
N GLY F 163 -40.97 -2.45 -62.35
CA GLY F 163 -40.04 -1.95 -63.35
C GLY F 163 -39.88 -0.44 -63.23
N CYS F 164 -38.74 0.08 -63.64
CA CYS F 164 -38.42 1.48 -63.37
C CYS F 164 -37.42 2.00 -64.36
N ALA F 165 -37.54 3.28 -64.64
CA ALA F 165 -36.58 3.95 -65.51
C ALA F 165 -36.41 5.40 -65.09
N ILE F 166 -35.18 5.86 -65.22
CA ILE F 166 -34.79 7.22 -64.83
C ILE F 166 -33.89 7.76 -65.94
N GLY F 167 -33.88 9.07 -66.10
CA GLY F 167 -33.10 9.69 -67.14
C GLY F 167 -33.99 10.18 -68.29
N LYS F 168 -33.35 10.59 -69.37
CA LYS F 168 -34.06 11.39 -70.41
C LYS F 168 -35.05 10.61 -71.26
N ALA F 169 -34.91 9.28 -71.38
CA ALA F 169 -35.87 8.47 -72.15
C ALA F 169 -36.72 7.58 -71.23
N ARG F 170 -37.04 8.16 -70.08
CA ARG F 170 -37.77 7.51 -69.01
CA ARG F 170 -37.77 7.51 -69.01
C ARG F 170 -39.11 6.95 -69.49
N GLN F 171 -39.92 7.82 -70.08
CA GLN F 171 -41.24 7.44 -70.55
C GLN F 171 -41.21 6.40 -71.63
N ALA F 172 -40.38 6.59 -72.64
CA ALA F 172 -40.22 5.57 -73.70
C ALA F 172 -39.82 4.21 -73.12
N ALA F 173 -38.94 4.23 -72.12
CA ALA F 173 -38.48 2.99 -71.49
C ALA F 173 -39.61 2.29 -70.74
N LYS F 174 -40.37 3.05 -69.95
CA LYS F 174 -41.51 2.52 -69.18
C LYS F 174 -42.53 1.85 -70.09
N THR F 175 -42.86 2.48 -71.22
CA THR F 175 -43.82 1.88 -72.15
C THR F 175 -43.30 0.53 -72.71
N GLU F 176 -42.01 0.38 -73.00
CA GLU F 176 -41.46 -0.91 -73.40
C GLU F 176 -41.47 -1.95 -72.27
N ILE F 177 -41.15 -1.51 -71.04
CA ILE F 177 -41.12 -2.36 -69.86
C ILE F 177 -42.52 -2.92 -69.54
N GLU F 178 -43.53 -2.05 -69.61
CA GLU F 178 -44.95 -2.46 -69.53
C GLU F 178 -45.38 -3.61 -70.43
N LYS F 179 -44.69 -3.83 -71.54
CA LYS F 179 -45.00 -4.96 -72.43
C LYS F 179 -44.56 -6.31 -71.85
N LEU F 180 -43.68 -6.33 -70.85
CA LEU F 180 -43.20 -7.58 -70.30
C LEU F 180 -44.10 -8.08 -69.19
N GLN F 181 -44.23 -9.40 -69.10
CA GLN F 181 -44.87 -10.04 -67.96
C GLN F 181 -43.74 -10.45 -67.02
N MET F 182 -43.14 -9.44 -66.36
CA MET F 182 -41.90 -9.70 -65.66
C MET F 182 -42.06 -10.65 -64.47
N LYS F 183 -43.24 -10.69 -63.86
CA LYS F 183 -43.53 -11.56 -62.69
C LYS F 183 -43.27 -13.05 -62.91
N GLU F 184 -43.33 -13.47 -64.17
CA GLU F 184 -43.13 -14.85 -64.56
C GLU F 184 -41.79 -15.11 -65.24
N MET F 185 -40.94 -14.11 -65.43
CA MET F 185 -39.69 -14.32 -66.17
C MET F 185 -38.54 -14.44 -65.20
N THR F 186 -37.44 -15.03 -65.66
CA THR F 186 -36.24 -15.18 -64.88
C THR F 186 -35.19 -14.12 -65.28
N CYS F 187 -34.20 -13.93 -64.41
CA CYS F 187 -33.14 -12.97 -64.68
C CYS F 187 -32.42 -13.24 -65.98
N ARG F 188 -32.16 -14.52 -66.30
CA ARG F 188 -31.51 -14.86 -67.60
C ARG F 188 -32.31 -14.33 -68.81
N ASP F 189 -33.65 -14.43 -68.76
CA ASP F 189 -34.56 -13.92 -69.82
C ASP F 189 -34.59 -12.41 -69.80
N ILE F 190 -34.68 -11.83 -68.59
CA ILE F 190 -34.85 -10.38 -68.46
C ILE F 190 -33.62 -9.58 -68.98
N VAL F 191 -32.37 -10.03 -68.77
CA VAL F 191 -31.19 -9.25 -69.26
C VAL F 191 -31.31 -8.95 -70.75
N LYS F 192 -31.77 -9.92 -71.51
CA LYS F 192 -31.95 -9.74 -72.95
C LYS F 192 -32.95 -8.64 -73.22
N GLU F 193 -34.04 -8.62 -72.47
CA GLU F 193 -35.05 -7.60 -72.58
C GLU F 193 -34.62 -6.17 -72.07
N VAL F 194 -33.76 -6.14 -71.06
CA VAL F 194 -33.16 -4.89 -70.59
C VAL F 194 -32.31 -4.34 -71.71
N ALA F 195 -31.43 -5.15 -72.27
CA ALA F 195 -30.58 -4.69 -73.38
C ALA F 195 -31.38 -4.25 -74.55
N LYS F 196 -32.43 -4.97 -74.86
CA LYS F 196 -33.33 -4.60 -75.95
C LYS F 196 -33.94 -3.23 -75.75
N ILE F 197 -34.48 -2.98 -74.55
CA ILE F 197 -35.11 -1.69 -74.23
C ILE F 197 -34.11 -0.50 -74.28
N ILE F 198 -32.88 -0.70 -73.80
CA ILE F 198 -31.85 0.36 -73.87
C ILE F 198 -31.58 0.71 -75.36
N TYR F 199 -31.43 -0.30 -76.21
CA TYR F 199 -31.29 -0.08 -77.66
C TYR F 199 -32.45 0.63 -78.32
N ILE F 200 -33.67 0.33 -77.89
CA ILE F 200 -34.86 1.04 -78.42
C ILE F 200 -34.81 2.53 -78.07
N VAL F 201 -34.61 2.86 -76.79
CA VAL F 201 -34.73 4.24 -76.34
C VAL F 201 -33.53 5.14 -76.66
N HIS F 202 -32.38 4.54 -76.97
CA HIS F 202 -31.20 5.23 -77.42
C HIS F 202 -31.45 5.96 -78.74
N ASP F 203 -31.09 7.23 -78.76
CA ASP F 203 -31.19 8.10 -79.92
C ASP F 203 -29.83 8.10 -80.61
N GLU F 204 -29.70 7.23 -81.61
CA GLU F 204 -28.42 6.99 -82.29
C GLU F 204 -27.95 8.19 -83.16
N VAL F 205 -28.90 9.02 -83.66
CA VAL F 205 -28.53 10.31 -84.33
C VAL F 205 -27.93 11.26 -83.30
N LYS F 206 -28.70 11.68 -82.27
CA LYS F 206 -28.28 12.73 -81.35
C LYS F 206 -27.06 12.39 -80.51
N ASP F 207 -26.98 11.20 -79.91
CA ASP F 207 -25.77 10.82 -79.12
C ASP F 207 -25.20 9.49 -79.60
N LYS F 208 -23.92 9.49 -79.94
CA LYS F 208 -23.41 8.59 -80.98
C LYS F 208 -22.97 7.25 -80.47
N ALA F 209 -22.40 7.23 -79.28
CA ALA F 209 -21.66 6.06 -78.83
C ALA F 209 -21.99 5.80 -77.40
N PHE F 210 -22.41 4.57 -77.11
CA PHE F 210 -22.66 4.13 -75.73
C PHE F 210 -22.13 2.73 -75.43
N GLU F 211 -21.89 2.45 -74.16
CA GLU F 211 -21.59 1.13 -73.66
C GLU F 211 -22.84 0.72 -72.89
N LEU F 212 -23.26 -0.53 -73.07
CA LEU F 212 -24.27 -1.04 -72.24
C LEU F 212 -23.65 -1.57 -70.91
N GLU F 213 -24.25 -1.20 -69.81
CA GLU F 213 -23.79 -1.66 -68.52
C GLU F 213 -24.92 -2.51 -67.94
N LEU F 214 -24.59 -3.72 -67.47
CA LEU F 214 -25.56 -4.65 -66.92
C LEU F 214 -25.11 -5.28 -65.59
N SER F 215 -26.02 -5.35 -64.63
CA SER F 215 -25.79 -6.04 -63.38
C SER F 215 -27.07 -6.71 -62.94
N TRP F 216 -26.93 -7.68 -62.02
CA TRP F 216 -28.07 -8.37 -61.45
C TRP F 216 -27.85 -8.95 -60.07
N VAL F 217 -28.96 -9.27 -59.45
CA VAL F 217 -28.94 -9.91 -58.18
C VAL F 217 -30.15 -10.81 -58.11
N GLY F 218 -29.94 -12.08 -57.83
CA GLY F 218 -31.06 -13.04 -57.86
C GLY F 218 -30.69 -14.43 -57.37
N GLU F 219 -31.64 -15.36 -57.45
CA GLU F 219 -31.37 -16.76 -57.14
C GLU F 219 -30.11 -17.25 -57.81
N LEU F 220 -29.91 -16.85 -59.05
CA LEU F 220 -28.76 -17.32 -59.83
C LEU F 220 -27.40 -16.77 -59.38
N THR F 221 -27.37 -15.68 -58.62
CA THR F 221 -26.12 -15.18 -58.05
C THR F 221 -26.07 -15.44 -56.52
N ASN F 222 -27.06 -16.17 -56.04
CA ASN F 222 -27.23 -16.47 -54.61
C ASN F 222 -27.38 -15.25 -53.74
N GLY F 223 -28.17 -14.29 -54.20
CA GLY F 223 -28.40 -13.08 -53.46
C GLY F 223 -27.24 -12.10 -53.42
N ARG F 224 -26.18 -12.32 -54.19
CA ARG F 224 -25.05 -11.40 -54.31
C ARG F 224 -25.26 -10.49 -55.58
N HIS F 225 -25.06 -9.16 -55.44
CA HIS F 225 -25.19 -8.21 -56.60
C HIS F 225 -23.90 -8.27 -57.35
N GLU F 226 -23.96 -8.54 -58.64
CA GLU F 226 -22.77 -8.85 -59.48
C GLU F 226 -22.94 -8.18 -60.85
N ILE F 227 -21.83 -7.91 -61.51
CA ILE F 227 -21.86 -7.55 -62.94
C ILE F 227 -22.41 -8.74 -63.71
N VAL F 228 -23.19 -8.53 -64.77
CA VAL F 228 -23.60 -9.61 -65.63
C VAL F 228 -22.32 -10.07 -66.34
N PRO F 229 -22.04 -11.39 -66.35
CA PRO F 229 -20.81 -11.82 -67.03
C PRO F 229 -20.76 -11.41 -68.50
N LYS F 230 -19.54 -11.16 -68.97
CA LYS F 230 -19.26 -10.60 -70.29
C LYS F 230 -19.92 -11.40 -71.43
N ASP F 231 -19.80 -12.71 -71.43
CA ASP F 231 -20.42 -13.53 -72.50
C ASP F 231 -21.95 -13.35 -72.59
N ILE F 232 -22.61 -13.37 -71.44
CA ILE F 232 -24.04 -13.10 -71.37
C ILE F 232 -24.40 -11.67 -71.82
N ARG F 233 -23.59 -10.65 -71.45
CA ARG F 233 -23.85 -9.28 -71.89
CA ARG F 233 -23.83 -9.27 -71.87
C ARG F 233 -23.80 -9.18 -73.41
N GLU F 234 -22.80 -9.80 -74.02
CA GLU F 234 -22.58 -9.68 -75.47
C GLU F 234 -23.69 -10.35 -76.27
N GLU F 235 -24.15 -11.49 -75.78
CA GLU F 235 -25.34 -12.11 -76.36
C GLU F 235 -26.60 -11.24 -76.24
N ALA F 236 -26.76 -10.58 -75.08
CA ALA F 236 -27.92 -9.72 -74.89
C ALA F 236 -27.84 -8.53 -75.84
N GLU F 237 -26.64 -7.98 -76.03
CA GLU F 237 -26.42 -6.88 -76.96
C GLU F 237 -26.79 -7.31 -78.37
N LYS F 238 -26.26 -8.46 -78.77
CA LYS F 238 -26.51 -9.00 -80.07
C LYS F 238 -28.00 -9.24 -80.34
N TYR F 239 -28.68 -9.82 -79.37
CA TYR F 239 -30.14 -9.96 -79.38
C TYR F 239 -30.84 -8.62 -79.53
N ALA F 240 -30.42 -7.62 -78.76
CA ALA F 240 -30.99 -6.25 -78.82
C ALA F 240 -30.81 -5.61 -80.22
N LYS F 241 -29.60 -5.72 -80.75
CA LYS F 241 -29.18 -5.11 -82.01
C LYS F 241 -30.00 -5.71 -83.13
N GLU F 242 -30.00 -7.04 -83.20
CA GLU F 242 -30.84 -7.74 -84.19
C GLU F 242 -32.31 -7.51 -84.05
N SER F 243 -32.80 -7.37 -82.83
CA SER F 243 -34.21 -7.06 -82.60
C SER F 243 -34.59 -5.69 -83.17
N LEU F 244 -33.64 -4.76 -83.13
CA LEU F 244 -33.78 -3.42 -83.69
C LEU F 244 -33.94 -3.40 -85.24
N LYS F 245 -33.29 -4.35 -85.96
CA LYS F 245 -33.64 -4.74 -87.36
C LYS F 245 -34.29 -3.65 -88.18
N SER G 2 -50.76 47.58 -45.74
CA SER G 2 -51.64 46.41 -45.41
C SER G 2 -52.58 46.02 -46.56
N ARG G 3 -53.21 44.85 -46.41
CA ARG G 3 -53.99 44.11 -47.43
C ARG G 3 -53.09 43.57 -48.57
N GLY G 4 -52.38 42.46 -48.29
CA GLY G 4 -51.42 41.88 -49.23
C GLY G 4 -50.11 42.64 -49.41
N SER G 5 -49.74 43.50 -48.47
CA SER G 5 -48.45 44.22 -48.58
C SER G 5 -47.21 43.37 -48.18
N SER G 6 -46.06 43.83 -48.64
CA SER G 6 -44.81 43.13 -48.53
C SER G 6 -43.65 44.10 -48.50
N ALA G 7 -42.75 43.93 -47.54
CA ALA G 7 -41.51 44.63 -47.45
C ALA G 7 -40.36 43.62 -47.29
N GLY G 8 -39.24 43.95 -47.93
CA GLY G 8 -37.97 43.30 -47.68
C GLY G 8 -38.07 41.85 -48.10
N PHE G 9 -37.62 40.96 -47.21
CA PHE G 9 -37.53 39.55 -47.55
C PHE G 9 -38.68 38.72 -47.01
N ASP G 10 -39.82 39.35 -46.74
CA ASP G 10 -40.95 38.68 -46.11
C ASP G 10 -41.72 37.64 -46.96
N ARG G 11 -41.37 37.47 -48.22
CA ARG G 11 -41.89 36.36 -48.98
C ARG G 11 -40.88 35.25 -49.24
N HIS G 12 -39.64 35.46 -48.84
CA HIS G 12 -38.60 34.49 -48.98
C HIS G 12 -38.25 33.70 -47.67
N ILE G 13 -38.37 34.35 -46.50
CA ILE G 13 -38.08 33.75 -45.17
C ILE G 13 -39.17 34.08 -44.20
N THR G 14 -39.17 33.42 -43.06
CA THR G 14 -40.21 33.56 -42.06
C THR G 14 -40.00 34.78 -41.13
N ILE G 15 -40.14 35.96 -41.74
CA ILE G 15 -40.24 37.20 -40.97
C ILE G 15 -41.65 37.70 -41.23
N PHE G 16 -42.10 38.60 -40.35
CA PHE G 16 -43.42 39.20 -40.44
C PHE G 16 -43.53 40.15 -41.62
N SER G 17 -44.67 40.08 -42.29
CA SER G 17 -45.08 41.06 -43.33
C SER G 17 -45.73 42.18 -42.57
N PRO G 18 -46.01 43.34 -43.25
CA PRO G 18 -46.55 44.49 -42.52
C PRO G 18 -47.92 44.24 -41.90
N GLU G 19 -48.67 43.23 -42.37
CA GLU G 19 -49.94 42.88 -41.69
C GLU G 19 -49.71 41.89 -40.58
N GLY G 20 -48.47 41.45 -40.36
CA GLY G 20 -48.18 40.45 -39.34
C GLY G 20 -48.39 39.00 -39.80
N ARG G 21 -48.32 38.76 -41.12
CA ARG G 21 -48.38 37.45 -41.66
C ARG G 21 -47.01 36.84 -41.88
N LEU G 22 -47.00 35.51 -42.00
CA LEU G 22 -45.85 34.73 -42.41
C LEU G 22 -46.13 34.07 -43.77
N TYR G 23 -45.81 34.75 -44.85
CA TYR G 23 -46.09 34.22 -46.18
C TYR G 23 -45.48 32.82 -46.42
N GLN G 24 -44.27 32.58 -45.92
CA GLN G 24 -43.63 31.29 -46.12
C GLN G 24 -44.44 30.14 -45.49
N VAL G 25 -45.06 30.44 -44.34
CA VAL G 25 -45.96 29.49 -43.70
C VAL G 25 -47.22 29.25 -44.55
N GLU G 26 -47.81 30.33 -45.04
CA GLU G 26 -48.96 30.23 -45.92
C GLU G 26 -48.62 29.41 -47.14
N TYR G 27 -47.44 29.59 -47.70
CA TYR G 27 -47.04 28.84 -48.87
C TYR G 27 -46.86 27.34 -48.60
N ALA G 28 -46.46 26.98 -47.37
CA ALA G 28 -46.35 25.60 -46.98
C ALA G 28 -47.71 24.93 -47.01
N PHE G 29 -48.78 25.64 -46.69
CA PHE G 29 -50.12 25.08 -46.80
C PHE G 29 -50.49 24.77 -48.27
N LYS G 30 -50.08 25.63 -49.21
CA LYS G 30 -50.29 25.38 -50.64
C LYS G 30 -49.51 24.15 -51.05
N ALA G 31 -48.30 23.99 -50.53
CA ALA G 31 -47.48 22.79 -50.80
C ALA G 31 -48.19 21.47 -50.44
N ILE G 32 -49.09 21.50 -49.46
CA ILE G 32 -49.86 20.30 -49.05
C ILE G 32 -50.74 19.79 -50.23
N ASN G 33 -51.32 20.72 -50.96
CA ASN G 33 -52.19 20.38 -52.10
C ASN G 33 -51.46 19.96 -53.38
N GLN G 34 -50.17 20.26 -53.50
CA GLN G 34 -49.40 19.82 -54.66
C GLN G 34 -49.57 18.36 -54.93
N GLY G 35 -49.57 17.55 -53.88
CA GLY G 35 -49.79 16.10 -53.99
C GLY G 35 -51.10 15.66 -54.64
N GLY G 36 -52.12 16.50 -54.58
CA GLY G 36 -53.39 16.21 -55.19
C GLY G 36 -54.30 15.28 -54.42
N LEU G 37 -53.96 14.91 -53.18
CA LEU G 37 -54.76 13.92 -52.42
C LEU G 37 -55.56 14.61 -51.32
N THR G 38 -56.62 13.91 -50.90
CA THR G 38 -57.45 14.28 -49.75
C THR G 38 -57.56 13.10 -48.75
N SER G 39 -57.56 13.45 -47.47
CA SER G 39 -57.68 12.52 -46.35
C SER G 39 -58.79 12.96 -45.42
N VAL G 40 -59.46 11.99 -44.79
CA VAL G 40 -60.56 12.20 -43.87
C VAL G 40 -60.40 11.35 -42.60
N ALA G 41 -60.80 11.89 -41.46
CA ALA G 41 -60.71 11.15 -40.19
C ALA G 41 -61.91 11.41 -39.33
N VAL G 42 -62.51 10.35 -38.77
CA VAL G 42 -63.69 10.52 -37.87
C VAL G 42 -63.60 9.66 -36.60
N ARG G 43 -64.17 10.19 -35.53
CA ARG G 43 -64.22 9.52 -34.26
C ARG G 43 -65.67 9.34 -33.81
N GLY G 44 -65.94 8.19 -33.21
CA GLY G 44 -67.16 7.95 -32.48
C GLY G 44 -66.83 7.50 -31.08
N LYS G 45 -67.86 6.94 -30.41
CA LYS G 45 -67.72 6.44 -29.02
C LYS G 45 -66.80 5.22 -28.99
N ASP G 46 -66.81 4.39 -30.02
CA ASP G 46 -66.11 3.11 -30.02
C ASP G 46 -64.83 3.05 -30.84
N CYS G 47 -64.76 3.84 -31.90
CA CYS G 47 -63.60 3.84 -32.76
C CYS G 47 -63.21 5.18 -33.36
N ALA G 48 -61.99 5.22 -33.90
CA ALA G 48 -61.51 6.33 -34.72
C ALA G 48 -60.97 5.74 -35.99
N VAL G 49 -61.22 6.41 -37.11
CA VAL G 49 -60.91 5.89 -38.44
CA VAL G 49 -60.94 5.91 -38.44
C VAL G 49 -60.21 6.97 -39.25
N ILE G 50 -59.24 6.54 -40.05
CA ILE G 50 -58.58 7.39 -41.03
C ILE G 50 -58.82 6.74 -42.39
N VAL G 51 -59.23 7.56 -43.36
CA VAL G 51 -59.42 7.13 -44.80
C VAL G 51 -58.66 8.11 -45.67
N THR G 52 -57.92 7.61 -46.63
CA THR G 52 -57.29 8.50 -47.62
C THR G 52 -57.40 7.85 -49.00
N GLN G 53 -57.16 8.65 -50.01
CA GLN G 53 -57.06 8.18 -51.37
C GLN G 53 -55.79 7.44 -51.56
N LYS G 54 -55.84 6.50 -52.47
CA LYS G 54 -54.67 5.74 -52.87
C LYS G 54 -54.67 5.78 -54.41
N LYS G 55 -53.76 6.54 -54.99
CA LYS G 55 -53.62 6.69 -56.43
C LYS G 55 -52.35 6.03 -56.86
N VAL G 56 -52.49 4.98 -57.68
CA VAL G 56 -51.38 4.22 -58.26
C VAL G 56 -51.52 4.37 -59.79
N PRO G 57 -51.15 5.56 -60.35
CA PRO G 57 -51.36 5.82 -61.80
C PRO G 57 -50.48 4.92 -62.66
N ASP G 58 -49.25 4.67 -62.22
CA ASP G 58 -48.28 3.82 -62.90
C ASP G 58 -48.59 2.34 -62.60
N LYS G 59 -48.82 1.52 -63.61
CA LYS G 59 -48.85 0.03 -63.43
C LYS G 59 -47.51 -0.62 -62.93
N LEU G 60 -46.39 0.04 -63.20
CA LEU G 60 -45.08 -0.48 -62.85
C LEU G 60 -44.67 -0.33 -61.37
N LEU G 61 -45.45 0.42 -60.59
CA LEU G 61 -45.29 0.55 -59.14
C LEU G 61 -45.72 -0.73 -58.47
N ASP G 62 -44.99 -1.09 -57.43
CA ASP G 62 -45.43 -2.12 -56.49
C ASP G 62 -46.36 -1.40 -55.57
N SER G 63 -47.65 -1.57 -55.79
CA SER G 63 -48.65 -0.78 -55.07
C SER G 63 -48.74 -1.07 -53.56
N SER G 64 -48.17 -2.17 -53.10
CA SER G 64 -48.08 -2.39 -51.67
C SER G 64 -47.11 -1.42 -50.95
N THR G 65 -46.27 -0.72 -51.71
CA THR G 65 -45.38 0.28 -51.15
C THR G 65 -45.94 1.70 -51.25
N VAL G 66 -47.13 1.85 -51.84
CA VAL G 66 -47.77 3.12 -51.98
C VAL G 66 -48.79 3.23 -50.87
N THR G 67 -48.42 3.93 -49.81
CA THR G 67 -49.32 4.21 -48.70
C THR G 67 -49.05 5.59 -48.08
N HIS G 68 -50.11 6.16 -47.53
CA HIS G 68 -50.00 7.33 -46.67
C HIS G 68 -50.39 7.06 -45.25
N LEU G 69 -50.54 5.77 -44.87
CA LEU G 69 -50.90 5.34 -43.52
C LEU G 69 -49.68 4.77 -42.83
N PHE G 70 -49.50 5.15 -41.57
CA PHE G 70 -48.31 4.77 -40.88
C PHE G 70 -48.59 4.42 -39.43
N LYS G 71 -47.94 3.37 -38.98
CA LYS G 71 -47.98 3.04 -37.56
C LYS G 71 -46.90 3.84 -36.84
N ILE G 72 -47.30 4.55 -35.78
CA ILE G 72 -46.35 5.33 -34.98
C ILE G 72 -45.86 4.53 -33.76
N THR G 73 -46.82 3.97 -33.03
CA THR G 73 -46.61 2.97 -31.99
C THR G 73 -47.65 1.88 -32.30
N GLU G 74 -47.67 0.82 -31.50
CA GLU G 74 -48.69 -0.23 -31.68
C GLU G 74 -50.12 0.33 -31.61
N ASN G 75 -50.32 1.35 -30.77
CA ASN G 75 -51.62 1.95 -30.53
C ASN G 75 -51.92 3.32 -31.18
N ILE G 76 -50.98 3.84 -31.96
CA ILE G 76 -51.18 5.13 -32.62
C ILE G 76 -50.92 5.00 -34.09
N GLY G 77 -51.91 5.37 -34.85
CA GLY G 77 -51.78 5.39 -36.29
C GLY G 77 -51.86 6.80 -36.83
N CYS G 78 -51.50 6.95 -38.09
CA CYS G 78 -51.46 8.23 -38.70
C CYS G 78 -51.70 8.19 -40.18
N VAL G 79 -52.34 9.25 -40.68
CA VAL G 79 -52.35 9.50 -42.11
C VAL G 79 -51.63 10.81 -42.39
N MET G 80 -50.77 10.79 -43.41
CA MET G 80 -50.02 11.95 -43.85
C MET G 80 -50.59 12.50 -45.16
N THR G 81 -50.64 13.84 -45.25
CA THR G 81 -51.10 14.49 -46.41
C THR G 81 -50.11 15.60 -46.79
N GLY G 82 -49.71 15.63 -48.07
CA GLY G 82 -48.83 16.65 -48.57
C GLY G 82 -47.59 16.05 -49.16
N MET G 83 -46.49 16.77 -49.08
CA MET G 83 -45.26 16.39 -49.75
C MET G 83 -44.75 15.14 -49.07
N THR G 84 -44.34 14.16 -49.90
CA THR G 84 -44.17 12.79 -49.45
C THR G 84 -42.96 12.62 -48.57
N ALA G 85 -41.81 13.03 -49.06
CA ALA G 85 -40.60 12.92 -48.32
C ALA G 85 -40.62 13.75 -46.99
N ASP G 86 -41.13 14.97 -47.02
CA ASP G 86 -41.45 15.71 -45.81
C ASP G 86 -42.29 14.86 -44.85
N SER G 87 -43.35 14.27 -45.34
CA SER G 87 -44.21 13.46 -44.53
C SER G 87 -43.47 12.28 -43.88
N ARG G 88 -42.63 11.57 -44.64
CA ARG G 88 -41.87 10.48 -44.09
C ARG G 88 -40.95 10.92 -42.97
N SER G 89 -40.35 12.09 -43.15
CA SER G 89 -39.51 12.67 -42.13
CA SER G 89 -39.49 12.66 -42.11
C SER G 89 -40.32 12.91 -40.87
N GLN G 90 -41.51 13.44 -41.03
CA GLN G 90 -42.32 13.74 -39.88
C GLN G 90 -42.79 12.46 -39.14
N VAL G 91 -43.10 11.42 -39.94
CA VAL G 91 -43.43 10.15 -39.39
C VAL G 91 -42.25 9.59 -38.52
N GLN G 92 -41.01 9.63 -39.02
CA GLN G 92 -39.86 9.15 -38.25
C GLN G 92 -39.67 9.92 -36.94
N ARG G 93 -39.87 11.22 -37.00
CA ARG G 93 -39.77 12.05 -35.84
C ARG G 93 -40.80 11.64 -34.81
N ALA G 94 -42.03 11.47 -35.24
CA ALA G 94 -43.12 11.00 -34.37
C ALA G 94 -42.80 9.66 -33.70
N ARG G 95 -42.25 8.73 -34.47
CA ARG G 95 -41.89 7.41 -33.96
C ARG G 95 -40.80 7.55 -32.87
N TYR G 96 -39.84 8.45 -33.14
CA TYR G 96 -38.76 8.73 -32.22
C TYR G 96 -39.31 9.38 -30.95
N GLU G 97 -40.18 10.38 -31.09
CA GLU G 97 -40.77 11.01 -29.89
C GLU G 97 -41.56 10.06 -29.01
N ALA G 98 -42.37 9.19 -29.61
CA ALA G 98 -43.14 8.25 -28.87
C ALA G 98 -42.26 7.23 -28.16
N ALA G 99 -41.23 6.73 -28.83
CA ALA G 99 -40.38 5.71 -28.22
C ALA G 99 -39.58 6.29 -27.03
N ASN G 100 -39.04 7.49 -27.26
CA ASN G 100 -38.37 8.23 -26.24
C ASN G 100 -39.28 8.54 -25.00
N TRP G 101 -40.52 8.89 -25.22
CA TRP G 101 -41.43 9.15 -24.16
C TRP G 101 -41.62 7.88 -23.29
N LYS G 102 -41.84 6.74 -23.94
CA LYS G 102 -42.03 5.51 -23.19
C LYS G 102 -40.83 5.11 -22.32
N TYR G 103 -39.65 5.22 -22.90
CA TYR G 103 -38.40 4.96 -22.25
C TYR G 103 -38.17 5.87 -21.00
N LYS G 104 -38.43 7.15 -21.14
CA LYS G 104 -38.31 8.10 -20.03
C LYS G 104 -39.39 8.04 -18.98
N TYR G 105 -40.64 7.78 -19.36
CA TYR G 105 -41.76 7.99 -18.45
C TYR G 105 -42.52 6.71 -18.07
N GLY G 106 -42.27 5.62 -18.80
CA GLY G 106 -42.83 4.29 -18.48
C GLY G 106 -44.26 4.02 -18.82
N TYR G 107 -44.85 4.86 -19.65
CA TYR G 107 -46.19 4.64 -20.19
C TYR G 107 -46.24 5.23 -21.57
N GLU G 108 -47.24 4.84 -22.34
CA GLU G 108 -47.32 5.23 -23.73
C GLU G 108 -47.66 6.72 -23.91
N ILE G 109 -47.05 7.37 -24.88
CA ILE G 109 -47.40 8.77 -25.14
C ILE G 109 -48.90 8.88 -25.49
N PRO G 110 -49.64 9.78 -24.79
CA PRO G 110 -50.99 10.09 -25.24
C PRO G 110 -50.96 10.70 -26.64
N VAL G 111 -52.01 10.46 -27.41
CA VAL G 111 -52.08 11.02 -28.74
C VAL G 111 -52.01 12.55 -28.75
N ASP G 112 -52.73 13.21 -27.84
CA ASP G 112 -52.66 14.68 -27.75
C ASP G 112 -51.25 15.16 -27.55
N MET G 113 -50.49 14.47 -26.68
CA MET G 113 -49.14 14.89 -26.41
C MET G 113 -48.22 14.66 -27.60
N LEU G 114 -48.41 13.57 -28.34
CA LEU G 114 -47.57 13.33 -29.49
C LEU G 114 -47.87 14.46 -30.56
N CYS G 115 -49.13 14.76 -30.75
CA CYS G 115 -49.50 15.79 -31.70
C CYS G 115 -48.91 17.14 -31.28
N LYS G 116 -49.04 17.51 -30.02
CA LYS G 116 -48.45 18.74 -29.50
C LYS G 116 -46.95 18.78 -29.70
N ARG G 117 -46.27 17.69 -29.41
CA ARG G 117 -44.85 17.66 -29.68
C ARG G 117 -44.49 17.92 -31.15
N ILE G 118 -45.18 17.29 -32.09
CA ILE G 118 -44.84 17.46 -33.50
C ILE G 118 -45.18 18.92 -33.91
N ALA G 119 -46.28 19.44 -33.39
CA ALA G 119 -46.64 20.83 -33.63
C ALA G 119 -45.62 21.82 -33.09
N ASP G 120 -45.07 21.57 -31.91
CA ASP G 120 -44.02 22.42 -31.36
C ASP G 120 -42.70 22.40 -32.17
N ILE G 121 -42.32 21.23 -32.62
CA ILE G 121 -41.18 21.08 -33.49
C ILE G 121 -41.43 21.90 -34.84
N SER G 122 -42.65 21.86 -35.36
CA SER G 122 -42.99 22.60 -36.58
C SER G 122 -42.95 24.12 -36.32
N GLN G 123 -43.39 24.52 -35.14
CA GLN G 123 -43.33 25.89 -34.76
C GLN G 123 -41.93 26.45 -34.99
N VAL G 124 -40.90 25.67 -34.66
CA VAL G 124 -39.56 26.21 -34.75
C VAL G 124 -39.20 26.69 -36.19
N TYR G 125 -39.70 25.95 -37.18
CA TYR G 125 -39.51 26.30 -38.57
C TYR G 125 -40.24 27.55 -39.02
N THR G 126 -41.26 27.95 -38.30
CA THR G 126 -41.93 29.21 -38.56
C THR G 126 -41.22 30.46 -37.95
N GLN G 127 -40.24 30.25 -37.08
CA GLN G 127 -39.57 31.35 -36.32
C GLN G 127 -38.10 31.48 -36.63
N ASN G 128 -37.45 30.41 -37.06
CA ASN G 128 -36.10 30.42 -37.49
C ASN G 128 -35.96 30.47 -39.02
N ALA G 129 -35.08 31.33 -39.54
CA ALA G 129 -35.08 31.72 -40.95
C ALA G 129 -34.42 30.76 -41.92
N GLU G 130 -33.54 29.90 -41.40
CA GLU G 130 -32.64 29.14 -42.27
C GLU G 130 -33.19 27.80 -42.92
N MET G 131 -34.34 27.34 -42.47
CA MET G 131 -34.98 26.17 -43.03
C MET G 131 -36.42 26.50 -43.38
N ARG G 132 -37.03 25.76 -44.31
CA ARG G 132 -38.45 25.92 -44.59
C ARG G 132 -39.32 25.05 -43.71
N PRO G 133 -40.58 25.42 -43.51
CA PRO G 133 -41.52 24.45 -42.98
C PRO G 133 -41.66 23.18 -43.84
N LEU G 134 -42.13 22.11 -43.22
CA LEU G 134 -42.49 20.86 -43.95
C LEU G 134 -43.83 21.05 -44.56
N GLY G 135 -43.96 20.70 -45.84
CA GLY G 135 -45.18 20.95 -46.58
C GLY G 135 -46.11 19.79 -46.43
N CYS G 136 -46.45 19.48 -45.19
CA CYS G 136 -47.32 18.34 -44.94
C CYS G 136 -48.15 18.53 -43.69
N MET G 138 -50.31 16.14 -40.56
CA MET G 138 -50.34 14.85 -39.88
C MET G 138 -51.66 14.74 -39.16
N ILE G 139 -52.35 13.63 -39.38
CA ILE G 139 -53.51 13.30 -38.57
C ILE G 139 -53.22 12.00 -37.80
N LEU G 140 -53.45 12.05 -36.48
CA LEU G 140 -53.17 10.97 -35.57
C LEU G 140 -54.48 10.42 -35.00
N ILE G 141 -54.57 9.08 -34.92
CA ILE G 141 -55.65 8.40 -34.17
C ILE G 141 -55.10 7.49 -33.07
N GLY G 142 -55.83 7.39 -31.96
CA GLY G 142 -55.51 6.46 -30.88
C GLY G 142 -56.63 6.41 -29.87
N ILE G 143 -56.59 5.42 -28.98
CA ILE G 143 -57.55 5.37 -27.86
C ILE G 143 -56.89 5.94 -26.59
N ASP G 144 -57.57 6.87 -25.95
CA ASP G 144 -57.22 7.32 -24.65
C ASP G 144 -58.07 6.59 -23.62
N GLU G 145 -57.44 6.18 -22.53
CA GLU G 145 -58.10 5.35 -21.50
C GLU G 145 -59.25 6.09 -20.82
N GLU G 146 -59.18 7.41 -20.67
CA GLU G 146 -60.26 8.21 -20.08
C GLU G 146 -61.18 8.84 -21.14
N GLN G 147 -60.61 9.45 -22.19
CA GLN G 147 -61.40 10.23 -23.16
C GLN G 147 -61.97 9.43 -24.35
N GLY G 148 -61.56 8.19 -24.49
CA GLY G 148 -62.01 7.36 -25.60
C GLY G 148 -61.19 7.57 -26.86
N PRO G 149 -61.74 7.20 -28.04
CA PRO G 149 -61.06 7.38 -29.32
C PRO G 149 -60.72 8.84 -29.56
N GLN G 150 -59.57 9.08 -30.14
CA GLN G 150 -59.11 10.45 -30.38
C GLN G 150 -58.75 10.64 -31.84
N VAL G 151 -59.09 11.81 -32.37
CA VAL G 151 -58.50 12.27 -33.64
C VAL G 151 -57.80 13.63 -33.44
N TYR G 152 -56.52 13.71 -33.79
CA TYR G 152 -55.73 14.96 -33.68
C TYR G 152 -55.08 15.28 -35.01
N LYS G 153 -54.93 16.56 -35.29
CA LYS G 153 -54.27 17.02 -36.48
C LYS G 153 -53.32 18.20 -36.17
N CYS G 154 -52.15 18.21 -36.78
CA CYS G 154 -51.28 19.33 -36.73
C CYS G 154 -50.82 19.75 -38.13
N ASP G 155 -50.43 21.02 -38.27
CA ASP G 155 -50.13 21.63 -39.56
C ASP G 155 -48.76 22.37 -39.63
N PRO G 156 -48.42 22.94 -40.84
CA PRO G 156 -47.11 23.60 -40.93
C PRO G 156 -46.92 24.91 -40.17
N ALA G 157 -48.01 25.46 -39.64
CA ALA G 157 -47.93 26.59 -38.75
C ALA G 157 -47.60 26.19 -37.31
N GLY G 158 -47.69 24.90 -36.97
CA GLY G 158 -47.52 24.44 -35.61
C GLY G 158 -48.83 24.54 -34.82
N TYR G 159 -49.95 24.79 -35.49
CA TYR G 159 -51.29 24.71 -34.85
C TYR G 159 -51.68 23.22 -34.72
N TYR G 160 -52.42 22.88 -33.67
CA TYR G 160 -52.94 21.53 -33.51
C TYR G 160 -54.23 21.54 -32.76
N CYS G 161 -55.03 20.51 -32.97
CA CYS G 161 -56.30 20.39 -32.31
C CYS G 161 -56.82 18.99 -32.35
N GLY G 162 -57.61 18.64 -31.35
CA GLY G 162 -58.46 17.45 -31.34
C GLY G 162 -59.80 17.68 -32.08
N PHE G 163 -60.36 16.64 -32.68
CA PHE G 163 -61.54 16.78 -33.51
C PHE G 163 -62.57 15.65 -33.31
N LYS G 164 -63.83 15.97 -33.60
CA LYS G 164 -64.85 14.95 -33.78
C LYS G 164 -64.61 14.28 -35.13
N ALA G 165 -64.30 15.12 -36.13
CA ALA G 165 -63.89 14.62 -37.42
C ALA G 165 -63.11 15.72 -38.08
N THR G 166 -62.26 15.37 -39.04
CA THR G 166 -61.54 16.40 -39.77
C THR G 166 -61.05 15.89 -41.12
N ALA G 167 -60.33 16.75 -41.84
CA ALA G 167 -59.77 16.38 -43.11
C ALA G 167 -58.54 17.18 -43.47
N ALA G 168 -57.87 16.75 -44.53
CA ALA G 168 -56.70 17.44 -45.04
C ALA G 168 -56.55 17.29 -46.54
N GLY G 169 -55.82 18.21 -47.14
CA GLY G 169 -55.52 18.19 -48.56
C GLY G 169 -56.51 18.95 -49.46
N VAL G 170 -56.47 18.61 -50.74
CA VAL G 170 -57.20 19.37 -51.79
C VAL G 170 -58.64 19.71 -51.38
N LYS G 171 -59.39 18.70 -50.91
CA LYS G 171 -60.82 18.88 -50.58
C LYS G 171 -61.17 19.03 -49.12
N GLN G 172 -60.26 19.61 -48.36
CA GLN G 172 -60.42 19.78 -46.92
C GLN G 172 -61.67 20.57 -46.57
N THR G 173 -61.87 21.69 -47.25
CA THR G 173 -62.95 22.62 -46.93
C THR G 173 -64.32 22.00 -47.20
N GLU G 174 -64.41 21.29 -48.33
CA GLU G 174 -65.63 20.61 -48.70
C GLU G 174 -65.90 19.49 -47.72
N SER G 175 -64.85 18.77 -47.32
CA SER G 175 -65.01 17.69 -46.33
C SER G 175 -65.46 18.27 -45.01
N THR G 176 -64.88 19.39 -44.61
CA THR G 176 -65.25 20.03 -43.36
C THR G 176 -66.74 20.38 -43.36
N SER G 177 -67.20 21.06 -44.42
CA SER G 177 -68.64 21.30 -44.71
C SER G 177 -69.53 20.06 -44.60
N PHE G 178 -69.20 19.03 -45.37
CA PHE G 178 -69.92 17.76 -45.30
C PHE G 178 -70.03 17.27 -43.86
N LEU G 179 -68.90 17.26 -43.14
CA LEU G 179 -68.84 16.64 -41.80
C LEU G 179 -69.63 17.46 -40.80
N GLU G 180 -69.51 18.79 -40.86
CA GLU G 180 -70.30 19.69 -39.99
C GLU G 180 -71.80 19.48 -40.16
N LYS G 181 -72.25 19.46 -41.41
CA LYS G 181 -73.68 19.25 -41.73
C LYS G 181 -74.17 17.94 -41.12
N LYS G 182 -73.34 16.91 -41.20
CA LYS G 182 -73.71 15.58 -40.71
C LYS G 182 -73.72 15.46 -39.18
N VAL G 183 -72.75 16.09 -38.47
CA VAL G 183 -72.82 16.05 -36.96
C VAL G 183 -73.94 16.82 -36.29
N LYS G 184 -74.39 17.94 -36.89
CA LYS G 184 -75.47 18.76 -36.29
C LYS G 184 -76.76 17.97 -36.13
N LYS G 185 -77.12 17.22 -37.19
CA LYS G 185 -78.20 16.20 -37.22
C LYS G 185 -78.16 15.17 -36.11
N LYS G 186 -76.95 14.70 -35.78
CA LYS G 186 -76.71 13.62 -34.81
C LYS G 186 -76.79 14.06 -33.31
N PHE G 187 -77.52 13.27 -32.51
CA PHE G 187 -77.75 13.54 -31.06
C PHE G 187 -76.46 13.45 -30.22
N ASP G 188 -76.31 14.44 -29.33
CA ASP G 188 -75.06 14.73 -28.60
C ASP G 188 -73.88 15.02 -29.54
N TRP G 189 -74.19 15.67 -30.67
CA TRP G 189 -73.25 16.03 -31.74
C TRP G 189 -72.11 15.00 -31.96
N THR G 190 -72.46 13.72 -32.11
CA THR G 190 -71.44 12.65 -32.13
C THR G 190 -71.73 11.57 -33.17
N PHE G 191 -70.71 11.24 -33.98
CA PHE G 191 -70.80 10.23 -35.04
C PHE G 191 -70.91 8.82 -34.47
N GLU G 192 -71.51 7.95 -35.24
CA GLU G 192 -71.79 6.57 -34.78
C GLU G 192 -71.40 5.48 -35.82
N GLN G 193 -71.56 5.76 -37.11
CA GLN G 193 -71.18 4.84 -38.16
C GLN G 193 -69.93 5.40 -38.79
N THR G 194 -68.81 5.19 -38.10
CA THR G 194 -67.66 6.06 -38.32
C THR G 194 -66.91 5.75 -39.62
N VAL G 195 -66.67 4.48 -39.89
CA VAL G 195 -66.03 4.09 -41.14
C VAL G 195 -66.85 4.56 -42.37
N GLU G 196 -68.20 4.46 -42.32
CA GLU G 196 -69.08 4.83 -43.46
C GLU G 196 -69.12 6.33 -43.68
N THR G 197 -69.25 7.09 -42.59
CA THR G 197 -69.19 8.56 -42.67
C THR G 197 -67.90 8.97 -43.37
N ALA G 198 -66.78 8.35 -42.97
CA ALA G 198 -65.44 8.70 -43.50
C ALA G 198 -65.38 8.46 -44.99
N ILE G 199 -65.77 7.27 -45.42
CA ILE G 199 -65.68 6.94 -46.85
C ILE G 199 -66.70 7.76 -47.65
N THR G 200 -67.90 7.91 -47.10
CA THR G 200 -68.97 8.68 -47.76
C THR G 200 -68.54 10.13 -47.94
N CYS G 201 -67.96 10.70 -46.90
CA CYS G 201 -67.40 12.05 -47.01
C CYS G 201 -66.47 12.13 -48.19
N LEU G 202 -65.53 11.19 -48.23
CA LEU G 202 -64.50 11.30 -49.23
C LEU G 202 -65.07 11.10 -50.65
N SER G 203 -66.03 10.18 -50.76
CA SER G 203 -66.68 9.86 -52.03
C SER G 203 -67.50 11.03 -52.59
N THR G 204 -68.23 11.71 -51.71
CA THR G 204 -68.99 12.91 -52.05
C THR G 204 -68.10 14.02 -52.55
N VAL G 205 -67.12 14.43 -51.74
CA VAL G 205 -66.32 15.62 -52.05
C VAL G 205 -65.44 15.44 -53.27
N LEU G 206 -65.11 14.20 -53.63
CA LEU G 206 -64.40 13.85 -54.87
C LEU G 206 -65.32 13.43 -56.04
N SER G 207 -66.58 13.07 -55.76
CA SER G 207 -67.49 12.42 -56.72
C SER G 207 -66.90 11.17 -57.36
N ILE G 208 -66.56 10.14 -56.57
CA ILE G 208 -65.85 9.01 -57.16
C ILE G 208 -66.54 7.66 -57.08
N ASP G 209 -67.10 7.27 -55.96
CA ASP G 209 -67.63 5.87 -55.83
C ASP G 209 -66.49 4.86 -56.03
N PHE G 210 -65.82 4.54 -54.93
CA PHE G 210 -64.51 3.93 -54.99
C PHE G 210 -64.51 2.45 -55.28
N LYS G 211 -63.45 1.98 -55.91
CA LYS G 211 -63.10 0.57 -55.82
C LYS G 211 -62.30 0.37 -54.52
N PRO G 212 -62.22 -0.88 -54.02
CA PRO G 212 -61.48 -1.11 -52.78
C PRO G 212 -59.98 -0.86 -52.85
N SER G 213 -59.40 -0.82 -54.04
CA SER G 213 -57.96 -0.56 -54.19
C SER G 213 -57.60 0.93 -54.34
N GLU G 214 -58.60 1.81 -54.27
CA GLU G 214 -58.44 3.25 -54.45
C GLU G 214 -58.55 4.06 -53.14
N ILE G 215 -58.83 3.40 -52.02
CA ILE G 215 -58.71 4.00 -50.72
C ILE G 215 -57.92 3.07 -49.78
N GLU G 216 -57.41 3.67 -48.68
CA GLU G 216 -56.83 2.96 -47.55
C GLU G 216 -57.57 3.38 -46.31
N VAL G 217 -57.66 2.47 -45.36
CA VAL G 217 -58.47 2.66 -44.18
C VAL G 217 -57.70 2.08 -43.03
N GLY G 218 -57.62 2.87 -41.95
CA GLY G 218 -56.95 2.49 -40.70
C GLY G 218 -57.88 2.80 -39.56
N VAL G 219 -57.83 1.96 -38.51
CA VAL G 219 -58.73 2.05 -37.39
C VAL G 219 -58.05 1.78 -36.05
N VAL G 220 -58.63 2.32 -35.00
CA VAL G 220 -58.36 1.90 -33.61
C VAL G 220 -59.71 1.85 -32.94
N THR G 221 -59.90 0.92 -32.00
CA THR G 221 -61.19 0.75 -31.33
C THR G 221 -60.95 0.57 -29.85
N VAL G 222 -61.95 0.88 -29.05
CA VAL G 222 -61.87 0.67 -27.63
C VAL G 222 -61.63 -0.81 -27.29
N GLU G 223 -62.28 -1.73 -28.01
CA GLU G 223 -62.06 -3.13 -27.75
C GLU G 223 -60.74 -3.61 -28.31
N ASN G 224 -60.27 -3.02 -29.40
CA ASN G 224 -59.02 -3.39 -30.05
C ASN G 224 -58.18 -2.12 -30.31
N PRO G 225 -57.43 -1.65 -29.29
CA PRO G 225 -56.73 -0.36 -29.42
C PRO G 225 -55.56 -0.37 -30.36
N LYS G 226 -55.01 -1.54 -30.70
CA LYS G 226 -53.91 -1.56 -31.64
C LYS G 226 -54.31 -1.00 -33.02
N PHE G 227 -53.46 -0.19 -33.62
CA PHE G 227 -53.74 0.36 -34.95
C PHE G 227 -53.80 -0.75 -36.00
N ARG G 228 -54.83 -0.76 -36.81
CA ARG G 228 -55.05 -1.84 -37.81
C ARG G 228 -55.37 -1.22 -39.16
N ILE G 229 -54.71 -1.71 -40.20
CA ILE G 229 -55.04 -1.34 -41.56
C ILE G 229 -55.95 -2.41 -42.19
N LEU G 230 -57.07 -1.97 -42.76
CA LEU G 230 -57.99 -2.89 -43.43
C LEU G 230 -57.37 -3.41 -44.71
N THR G 231 -57.67 -4.68 -44.98
CA THR G 231 -57.36 -5.33 -46.24
C THR G 231 -58.34 -4.81 -47.35
N GLU G 232 -58.06 -5.15 -48.59
CA GLU G 232 -58.94 -4.83 -49.72
C GLU G 232 -60.35 -5.43 -49.55
N ALA G 233 -60.41 -6.68 -49.10
CA ALA G 233 -61.68 -7.37 -48.85
C ALA G 233 -62.50 -6.74 -47.73
N GLU G 234 -61.84 -6.38 -46.65
CA GLU G 234 -62.52 -5.69 -45.56
C GLU G 234 -63.10 -4.35 -46.04
N ILE G 235 -62.34 -3.62 -46.83
CA ILE G 235 -62.81 -2.35 -47.39
C ILE G 235 -63.97 -2.65 -48.35
N ASP G 236 -63.80 -3.67 -49.16
CA ASP G 236 -64.86 -4.04 -50.13
C ASP G 236 -66.20 -4.31 -49.43
N ALA G 237 -66.17 -5.06 -48.34
CA ALA G 237 -67.37 -5.27 -47.55
C ALA G 237 -68.08 -3.98 -47.18
N HIS G 238 -67.31 -2.93 -46.85
CA HIS G 238 -67.88 -1.65 -46.49
C HIS G 238 -68.44 -0.96 -47.72
N LEU G 239 -67.74 -1.03 -48.82
CA LEU G 239 -68.22 -0.40 -50.06
C LEU G 239 -69.53 -1.03 -50.58
N VAL G 240 -69.65 -2.35 -50.42
CA VAL G 240 -70.83 -3.11 -50.84
C VAL G 240 -71.99 -2.76 -49.93
N ALA G 241 -71.76 -2.81 -48.61
CA ALA G 241 -72.80 -2.49 -47.64
C ALA G 241 -73.32 -1.06 -47.79
N LEU G 242 -72.46 -0.17 -48.26
CA LEU G 242 -72.87 1.21 -48.57
C LEU G 242 -73.73 1.26 -49.83
N ALA G 243 -73.30 0.56 -50.87
CA ALA G 243 -74.00 0.52 -52.16
C ALA G 243 -75.46 0.03 -52.05
N GLU G 244 -75.69 -0.95 -51.17
CA GLU G 244 -77.00 -1.60 -50.97
C GLU G 244 -77.98 -1.03 -49.90
N ARG G 245 -78.52 0.19 -50.10
CA ARG G 245 -79.73 0.68 -49.41
C ARG G 245 -80.67 1.50 -50.33
N THR H 1 -31.68 6.12 9.85
CA THR H 1 -33.00 6.25 9.21
C THR H 1 -33.73 4.84 9.22
N THR H 2 -34.98 4.84 9.63
CA THR H 2 -35.91 3.79 9.29
C THR H 2 -37.06 4.37 8.45
N ILE H 3 -37.19 3.90 7.21
CA ILE H 3 -38.33 4.21 6.37
C ILE H 3 -38.95 2.92 5.81
N ALA H 4 -40.23 2.99 5.55
CA ALA H 4 -41.00 1.82 5.16
C ALA H 4 -42.26 2.22 4.45
N GLY H 5 -42.78 1.28 3.70
CA GLY H 5 -44.07 1.42 3.09
C GLY H 5 -44.79 0.09 2.95
N VAL H 6 -46.10 0.20 2.85
CA VAL H 6 -47.03 -0.92 2.64
C VAL H 6 -48.12 -0.55 1.61
N VAL H 7 -48.47 -1.53 0.76
CA VAL H 7 -49.74 -1.51 0.00
C VAL H 7 -50.87 -2.16 0.81
N TYR H 8 -51.95 -1.43 1.06
CA TYR H 8 -53.17 -1.93 1.75
C TYR H 8 -54.34 -1.94 0.78
N LYS H 9 -55.54 -2.32 1.23
CA LYS H 9 -56.68 -2.58 0.31
C LYS H 9 -56.90 -1.41 -0.65
N ASP H 10 -56.89 -0.20 -0.11
CA ASP H 10 -57.27 0.99 -0.84
C ASP H 10 -56.17 2.00 -1.13
N GLY H 11 -54.91 1.62 -0.93
CA GLY H 11 -53.83 2.56 -1.11
C GLY H 11 -52.48 2.14 -0.56
N ILE H 12 -51.74 3.16 -0.14
CA ILE H 12 -50.38 3.07 0.31
C ILE H 12 -50.27 3.71 1.72
N VAL H 13 -49.55 3.07 2.65
CA VAL H 13 -49.07 3.77 3.86
C VAL H 13 -47.55 3.83 3.81
N LEU H 14 -47.00 5.03 3.95
CA LEU H 14 -45.54 5.26 4.14
C LEU H 14 -45.27 5.67 5.55
N GLY H 15 -44.04 5.35 6.01
CA GLY H 15 -43.60 5.65 7.36
C GLY H 15 -42.15 6.03 7.43
N ALA H 16 -41.81 6.78 8.48
CA ALA H 16 -40.46 7.25 8.69
C ALA H 16 -40.21 7.66 10.13
N ASP H 17 -38.96 7.52 10.59
CA ASP H 17 -38.53 8.10 11.82
C ASP H 17 -38.13 9.59 11.56
N THR H 18 -37.69 10.30 12.59
CA THR H 18 -37.34 11.71 12.45
C THR H 18 -35.97 12.13 12.96
N ARG H 19 -35.03 11.17 13.12
CA ARG H 19 -33.68 11.48 13.53
C ARG H 19 -32.74 11.68 12.36
N ALA H 20 -31.91 12.70 12.43
CA ALA H 20 -30.73 12.80 11.59
C ALA H 20 -29.49 12.82 12.48
N THR H 21 -28.44 12.09 12.11
CA THR H 21 -27.22 12.08 12.81
C THR H 21 -26.12 12.65 11.97
N GLU H 22 -25.11 13.21 12.64
CA GLU H 22 -23.85 13.51 12.05
C GLU H 22 -22.80 12.91 12.97
N GLY H 23 -21.95 12.07 12.41
CA GLY H 23 -21.17 11.17 13.24
C GLY H 23 -22.13 10.29 14.05
N MET H 24 -21.87 10.12 15.32
CA MET H 24 -22.77 9.38 16.17
C MET H 24 -23.43 10.35 17.14
N VAL H 25 -23.77 11.55 16.64
CA VAL H 25 -24.47 12.57 17.39
C VAL H 25 -25.74 12.93 16.68
N VAL H 26 -26.82 13.12 17.43
CA VAL H 26 -28.06 13.55 16.86
C VAL H 26 -27.98 15.04 16.57
N ALA H 27 -28.19 15.40 15.31
CA ALA H 27 -28.20 16.81 14.86
C ALA H 27 -29.59 17.37 14.77
N ASP H 28 -30.51 16.56 14.30
CA ASP H 28 -31.91 16.94 14.20
C ASP H 28 -32.74 15.85 14.83
N LYS H 29 -33.62 16.24 15.75
CA LYS H 29 -34.52 15.34 16.41
C LYS H 29 -35.82 15.21 15.67
N ASN H 30 -36.09 16.14 14.75
CA ASN H 30 -37.37 16.16 14.07
C ASN H 30 -37.30 16.52 12.61
N CYS H 31 -36.50 15.78 11.89
CA CYS H 31 -36.38 16.07 10.47
C CYS H 31 -37.50 15.31 9.74
N SER H 32 -37.91 15.81 8.59
CA SER H 32 -39.06 15.27 7.84
C SER H 32 -38.55 14.44 6.69
N LYS H 33 -38.79 13.12 6.71
CA LYS H 33 -38.22 12.24 5.72
C LYS H 33 -39.21 11.77 4.67
N ILE H 34 -40.48 12.12 4.80
CA ILE H 34 -41.49 11.77 3.82
C ILE H 34 -41.70 12.99 2.89
N HIS H 35 -41.17 12.93 1.69
CA HIS H 35 -41.10 14.08 0.76
C HIS H 35 -42.24 14.08 -0.26
N PHE H 36 -42.83 15.25 -0.48
CA PHE H 36 -43.76 15.51 -1.58
C PHE H 36 -43.13 15.19 -2.94
N ILE H 37 -43.81 14.39 -3.76
CA ILE H 37 -43.45 14.25 -5.17
C ILE H 37 -44.51 14.89 -6.09
N SER H 38 -45.77 14.48 -5.89
CA SER H 38 -46.89 15.11 -6.52
C SER H 38 -48.08 14.97 -5.55
N PRO H 39 -49.25 15.61 -5.82
CA PRO H 39 -50.35 15.43 -4.85
C PRO H 39 -50.75 13.96 -4.53
N ASN H 40 -50.54 13.05 -5.47
CA ASN H 40 -50.85 11.63 -5.32
C ASN H 40 -49.66 10.68 -5.10
N ILE H 41 -48.47 11.25 -4.96
CA ILE H 41 -47.24 10.48 -4.83
C ILE H 41 -46.28 11.10 -3.80
N TYR H 42 -45.84 10.27 -2.84
CA TYR H 42 -44.82 10.69 -1.87
C TYR H 42 -43.65 9.69 -1.87
N CYS H 43 -42.54 10.11 -1.25
CA CYS H 43 -41.27 9.39 -1.28
C CYS H 43 -40.53 9.56 0.01
N CYS H 44 -40.30 8.48 0.72
CA CYS H 44 -39.44 8.49 1.93
C CYS H 44 -37.99 8.44 1.50
N GLY H 45 -37.14 9.15 2.23
CA GLY H 45 -35.71 9.18 1.92
C GLY H 45 -34.81 8.73 3.07
N ALA H 46 -33.85 7.88 2.73
CA ALA H 46 -32.76 7.46 3.61
C ALA H 46 -31.39 7.63 2.92
N GLY H 47 -30.35 7.78 3.69
CA GLY H 47 -28.97 7.80 3.16
C GLY H 47 -28.44 9.19 3.35
N THR H 48 -27.67 9.70 2.38
CA THR H 48 -27.09 11.10 2.51
C THR H 48 -28.22 12.13 2.37
N ALA H 49 -28.42 12.89 3.43
CA ALA H 49 -29.59 13.74 3.57
C ALA H 49 -29.70 14.75 2.43
N ALA H 50 -28.60 15.42 2.09
CA ALA H 50 -28.68 16.49 1.05
C ALA H 50 -29.11 15.81 -0.28
N ASP H 51 -28.65 14.60 -0.52
CA ASP H 51 -28.96 13.85 -1.72
C ASP H 51 -30.40 13.40 -1.81
N THR H 52 -31.00 13.02 -0.70
CA THR H 52 -32.41 12.65 -0.73
C THR H 52 -33.27 13.91 -0.91
N ASP H 53 -32.97 14.99 -0.20
CA ASP H 53 -33.71 16.25 -0.39
C ASP H 53 -33.68 16.70 -1.85
N MET H 54 -32.49 16.78 -2.42
CA MET H 54 -32.31 17.42 -3.71
C MET H 54 -32.83 16.52 -4.84
N THR H 55 -32.67 15.21 -4.70
CA THR H 55 -33.15 14.25 -5.69
C THR H 55 -34.68 14.24 -5.74
N THR H 56 -35.33 14.17 -4.59
CA THR H 56 -36.80 14.23 -4.56
C THR H 56 -37.36 15.58 -5.04
N GLN H 57 -36.74 16.67 -4.65
CA GLN H 57 -37.14 18.03 -5.13
C GLN H 57 -37.07 18.12 -6.67
N LEU H 58 -35.97 17.69 -7.24
CA LEU H 58 -35.75 17.76 -8.65
C LEU H 58 -36.78 16.94 -9.44
N ILE H 59 -37.01 15.71 -8.98
CA ILE H 59 -37.98 14.85 -9.63
C ILE H 59 -39.38 15.36 -9.48
N SER H 60 -39.70 15.85 -8.30
CA SER H 60 -40.99 16.49 -8.06
C SER H 60 -41.23 17.68 -9.02
N SER H 61 -40.21 18.47 -9.20
CA SER H 61 -40.26 19.62 -10.07
C SER H 61 -40.47 19.20 -11.53
N ASN H 62 -39.67 18.22 -12.00
CA ASN H 62 -39.81 17.70 -13.36
C ASN H 62 -41.16 17.04 -13.63
N LEU H 63 -41.71 16.37 -12.60
CA LEU H 63 -43.05 15.79 -12.70
C LEU H 63 -44.12 16.86 -12.77
N GLU H 64 -43.95 17.98 -12.06
CA GLU H 64 -44.90 19.04 -12.14
C GLU H 64 -44.89 19.63 -13.59
N LEU H 65 -43.73 19.90 -14.17
CA LEU H 65 -43.61 20.23 -15.58
C LEU H 65 -44.35 19.21 -16.46
N HIS H 66 -44.19 17.92 -16.14
CA HIS H 66 -44.84 16.85 -16.90
C HIS H 66 -46.36 16.94 -16.79
N SER H 67 -46.87 17.06 -15.59
CA SER H 67 -48.32 17.07 -15.43
C SER H 67 -48.97 18.38 -15.89
N LEU H 68 -48.26 19.49 -15.81
CA LEU H 68 -48.74 20.75 -16.37
C LEU H 68 -48.97 20.57 -17.91
N SER H 69 -48.01 19.93 -18.56
CA SER H 69 -48.07 19.69 -19.96
C SER H 69 -49.18 18.69 -20.34
N THR H 70 -49.26 17.55 -19.66
CA THR H 70 -50.25 16.50 -20.01
C THR H 70 -51.65 16.81 -19.54
N GLY H 71 -51.78 17.67 -18.52
CA GLY H 71 -53.04 17.93 -17.87
C GLY H 71 -53.55 16.75 -17.07
N ARG H 72 -52.71 15.76 -16.78
CA ARG H 72 -53.15 14.55 -16.08
C ARG H 72 -52.33 14.34 -14.77
N LEU H 73 -52.96 13.62 -13.87
CA LEU H 73 -52.32 13.18 -12.64
C LEU H 73 -51.14 12.26 -12.99
N PRO H 74 -49.98 12.51 -12.40
CA PRO H 74 -48.81 11.73 -12.77
C PRO H 74 -48.93 10.26 -12.32
N ARG H 75 -48.12 9.42 -12.91
CA ARG H 75 -48.05 8.01 -12.54
C ARG H 75 -46.81 7.68 -11.69
N VAL H 76 -46.94 6.65 -10.87
CA VAL H 76 -45.85 6.27 -10.00
C VAL H 76 -44.72 5.73 -10.82
N VAL H 77 -45.01 4.98 -11.91
CA VAL H 77 -43.92 4.46 -12.77
C VAL H 77 -43.07 5.56 -13.30
N THR H 78 -43.65 6.75 -13.55
CA THR H 78 -42.92 7.86 -14.11
C THR H 78 -41.95 8.43 -13.09
N ALA H 79 -42.41 8.66 -11.87
CA ALA H 79 -41.43 9.00 -10.78
C ALA H 79 -40.31 7.97 -10.65
N ASN H 80 -40.69 6.69 -10.70
CA ASN H 80 -39.71 5.58 -10.59
C ASN H 80 -38.66 5.58 -11.65
N ARG H 81 -39.07 5.68 -12.91
CA ARG H 81 -38.15 5.84 -14.01
C ARG H 81 -37.25 7.04 -13.90
N MET H 82 -37.81 8.19 -13.61
CA MET H 82 -36.98 9.42 -13.52
C MET H 82 -35.92 9.27 -12.39
N LEU H 83 -36.34 8.81 -11.24
CA LEU H 83 -35.38 8.59 -10.13
C LEU H 83 -34.31 7.57 -10.48
N LYS H 84 -34.70 6.42 -11.03
CA LYS H 84 -33.69 5.38 -11.22
C LYS H 84 -32.75 5.74 -12.37
N GLN H 85 -33.27 6.37 -13.43
CA GLN H 85 -32.39 6.76 -14.50
C GLN H 85 -31.33 7.81 -14.06
N MET H 86 -31.72 8.76 -13.22
CA MET H 86 -30.76 9.71 -12.67
C MET H 86 -29.73 9.01 -11.74
N LEU H 87 -30.25 8.22 -10.80
CA LEU H 87 -29.33 7.51 -9.85
C LEU H 87 -28.37 6.60 -10.58
N PHE H 88 -28.83 5.91 -11.62
CA PHE H 88 -27.94 5.04 -12.39
C PHE H 88 -26.83 5.85 -13.03
N ARG H 89 -27.20 6.95 -13.66
CA ARG H 89 -26.23 7.83 -14.31
C ARG H 89 -25.11 8.24 -13.31
N TYR H 90 -25.45 8.48 -12.06
CA TYR H 90 -24.45 8.89 -11.05
C TYR H 90 -23.75 7.73 -10.33
N GLN H 91 -24.06 6.47 -10.68
CA GLN H 91 -23.27 5.31 -10.28
C GLN H 91 -23.18 5.10 -8.78
N GLY H 92 -24.22 5.48 -8.08
CA GLY H 92 -24.21 5.31 -6.64
C GLY H 92 -23.59 6.48 -5.91
N TYR H 93 -23.05 7.47 -6.61
CA TYR H 93 -22.48 8.65 -5.88
C TYR H 93 -23.53 9.55 -5.28
N ILE H 94 -24.76 9.51 -5.75
CA ILE H 94 -25.86 10.16 -5.06
C ILE H 94 -26.41 9.15 -4.10
N GLY H 95 -26.22 9.40 -2.80
CA GLY H 95 -26.53 8.39 -1.79
C GLY H 95 -27.99 8.39 -1.36
N ALA H 96 -28.91 8.26 -2.31
CA ALA H 96 -30.34 8.32 -2.00
C ALA H 96 -30.95 6.90 -2.02
N ALA H 97 -31.53 6.48 -0.89
CA ALA H 97 -32.25 5.24 -0.77
C ALA H 97 -33.71 5.59 -0.43
N LEU H 98 -34.63 5.18 -1.31
CA LEU H 98 -35.96 5.73 -1.39
C LEU H 98 -37.05 4.68 -1.32
N VAL H 99 -38.15 5.06 -0.66
CA VAL H 99 -39.40 4.29 -0.70
C VAL H 99 -40.41 5.21 -1.41
N LEU H 100 -40.77 4.86 -2.64
CA LEU H 100 -41.67 5.65 -3.44
C LEU H 100 -43.06 5.01 -3.44
N GLY H 101 -44.07 5.74 -3.01
CA GLY H 101 -45.42 5.23 -2.98
C GLY H 101 -46.42 6.22 -3.51
N GLY H 102 -47.39 5.74 -4.27
CA GLY H 102 -48.50 6.56 -4.69
C GLY H 102 -49.74 5.83 -5.23
N VAL H 103 -50.71 6.63 -5.62
CA VAL H 103 -51.96 6.13 -6.24
C VAL H 103 -52.24 6.91 -7.52
N ASP H 104 -52.32 6.17 -8.61
CA ASP H 104 -52.57 6.77 -9.94
C ASP H 104 -53.77 6.05 -10.63
N VAL H 105 -54.04 6.37 -11.91
CA VAL H 105 -55.13 5.80 -12.63
C VAL H 105 -55.09 4.31 -12.66
N THR H 106 -53.91 3.68 -12.56
CA THR H 106 -53.80 2.23 -12.45
C THR H 106 -53.77 1.65 -11.04
N GLY H 107 -54.08 2.47 -10.03
CA GLY H 107 -54.08 2.00 -8.63
C GLY H 107 -52.88 2.34 -7.76
N PRO H 108 -52.81 1.72 -6.56
CA PRO H 108 -51.65 1.88 -5.68
C PRO H 108 -50.39 1.20 -6.19
N HIS H 109 -49.23 1.84 -6.02
CA HIS H 109 -47.95 1.26 -6.39
C HIS H 109 -46.87 1.67 -5.39
N LEU H 110 -45.96 0.74 -5.08
CA LEU H 110 -44.88 0.96 -4.11
C LEU H 110 -43.59 0.44 -4.66
N TYR H 111 -42.52 1.24 -4.62
CA TYR H 111 -41.22 0.82 -5.10
C TYR H 111 -40.13 1.13 -4.07
N SER H 112 -39.08 0.31 -4.04
CA SER H 112 -37.86 0.66 -3.34
C SER H 112 -36.89 1.06 -4.41
N ILE H 113 -36.13 2.11 -4.17
CA ILE H 113 -35.15 2.57 -5.12
C ILE H 113 -33.83 2.74 -4.43
N TYR H 114 -32.82 2.10 -4.99
CA TYR H 114 -31.48 2.10 -4.43
C TYR H 114 -30.51 3.10 -5.09
N PRO H 115 -29.45 3.48 -4.38
CA PRO H 115 -28.56 4.51 -4.86
C PRO H 115 -27.94 4.26 -6.17
N HIS H 116 -27.61 3.03 -6.47
CA HIS H 116 -27.03 2.70 -7.78
C HIS H 116 -28.09 2.66 -8.94
N GLY H 117 -29.37 2.81 -8.61
CA GLY H 117 -30.40 2.87 -9.62
C GLY H 117 -31.22 1.61 -9.84
N SER H 118 -31.11 0.56 -8.99
CA SER H 118 -32.02 -0.57 -9.12
C SER H 118 -33.29 -0.22 -8.40
N THR H 119 -34.40 -0.79 -8.85
CA THR H 119 -35.67 -0.68 -8.16
C THR H 119 -36.36 -2.02 -8.07
N ASP H 120 -37.28 -2.13 -7.12
CA ASP H 120 -38.06 -3.33 -6.89
C ASP H 120 -39.48 -2.84 -6.62
N LYS H 121 -40.45 -3.44 -7.30
CA LYS H 121 -41.86 -3.14 -7.09
C LYS H 121 -42.43 -4.24 -6.20
N LEU H 122 -42.94 -3.87 -5.03
CA LEU H 122 -43.26 -4.82 -3.99
C LEU H 122 -44.40 -4.31 -3.12
N PRO H 123 -45.10 -5.24 -2.41
CA PRO H 123 -46.23 -4.83 -1.57
C PRO H 123 -45.78 -4.31 -0.18
N TYR H 124 -44.52 -4.52 0.20
CA TYR H 124 -43.91 -3.89 1.39
C TYR H 124 -42.41 -3.79 1.25
N VAL H 125 -41.86 -2.67 1.71
CA VAL H 125 -40.42 -2.40 1.61
C VAL H 125 -39.93 -1.59 2.77
N THR H 126 -38.64 -1.71 3.05
CA THR H 126 -37.99 -0.89 4.07
C THR H 126 -36.64 -0.47 3.54
N MET H 127 -36.12 0.63 4.08
CA MET H 127 -34.78 1.11 3.78
CA MET H 127 -34.77 1.11 3.80
C MET H 127 -34.18 1.89 5.01
N GLY H 128 -32.88 2.12 4.93
CA GLY H 128 -32.12 2.83 5.95
C GLY H 128 -31.47 1.85 6.93
N SER H 129 -30.77 2.40 7.89
CA SER H 129 -30.02 1.58 8.81
C SER H 129 -30.95 0.75 9.70
N GLY H 130 -32.20 1.17 9.86
CA GLY H 130 -33.21 0.43 10.60
C GLY H 130 -34.05 -0.52 9.73
N SER H 131 -33.65 -0.78 8.50
CA SER H 131 -34.52 -1.48 7.61
C SER H 131 -34.74 -2.96 7.95
N LEU H 132 -33.77 -3.64 8.57
CA LEU H 132 -33.98 -5.05 8.92
C LEU H 132 -34.93 -5.21 10.09
N ALA H 133 -34.90 -4.27 11.01
CA ALA H 133 -35.82 -4.31 12.13
C ALA H 133 -37.24 -4.09 11.64
N ALA H 134 -37.42 -3.05 10.84
CA ALA H 134 -38.70 -2.82 10.20
C ALA H 134 -39.18 -4.02 9.33
N MET H 135 -38.28 -4.64 8.60
CA MET H 135 -38.70 -5.76 7.74
C MET H 135 -39.06 -7.01 8.52
N ALA H 136 -38.43 -7.21 9.68
CA ALA H 136 -38.87 -8.32 10.54
C ALA H 136 -40.32 -8.15 10.89
N VAL H 137 -40.74 -6.95 11.23
CA VAL H 137 -42.11 -6.72 11.60
C VAL H 137 -43.05 -7.07 10.45
N PHE H 138 -42.67 -6.64 9.26
CA PHE H 138 -43.47 -6.88 8.06
C PHE H 138 -43.52 -8.34 7.75
N GLU H 139 -42.38 -9.05 7.79
CA GLU H 139 -42.43 -10.47 7.49
C GLU H 139 -43.31 -11.25 8.50
N ASP H 140 -43.31 -10.82 9.74
CA ASP H 140 -44.08 -11.48 10.80
C ASP H 140 -45.58 -11.17 10.73
N LYS H 141 -45.96 -9.98 10.28
CA LYS H 141 -47.32 -9.49 10.43
C LYS H 141 -48.03 -8.95 9.19
N PHE H 142 -47.34 -8.75 8.07
CA PHE H 142 -48.04 -8.24 6.90
C PHE H 142 -49.09 -9.27 6.42
N ARG H 143 -50.27 -8.79 6.03
CA ARG H 143 -51.21 -9.60 5.27
C ARG H 143 -51.61 -8.78 4.06
N PRO H 144 -51.98 -9.43 2.96
CA PRO H 144 -52.56 -8.64 1.81
C PRO H 144 -53.88 -8.01 2.14
N ASP H 145 -54.16 -6.87 1.55
CA ASP H 145 -55.47 -6.24 1.60
C ASP H 145 -55.89 -5.88 3.00
N MET H 146 -54.99 -5.29 3.76
CA MET H 146 -55.36 -4.75 5.03
C MET H 146 -56.26 -3.53 4.91
N GLU H 147 -57.06 -3.32 5.94
CA GLU H 147 -57.79 -2.08 6.11
C GLU H 147 -56.83 -0.98 6.55
N GLU H 148 -57.25 0.27 6.33
CA GLU H 148 -56.43 1.42 6.56
C GLU H 148 -55.80 1.43 7.95
N GLU H 149 -56.58 1.20 8.99
CA GLU H 149 -56.06 1.29 10.35
C GLU H 149 -55.09 0.17 10.69
N GLU H 150 -55.30 -1.02 10.13
CA GLU H 150 -54.33 -2.10 10.34
C GLU H 150 -53.02 -1.79 9.67
N ALA H 151 -53.08 -1.28 8.44
CA ALA H 151 -51.87 -0.87 7.69
C ALA H 151 -51.09 0.21 8.43
N LYS H 152 -51.80 1.19 8.99
CA LYS H 152 -51.20 2.26 9.78
C LYS H 152 -50.52 1.69 11.03
N ASN H 153 -51.22 0.82 11.75
CA ASN H 153 -50.61 0.07 12.89
C ASN H 153 -49.39 -0.72 12.50
N LEU H 154 -49.46 -1.46 11.40
CA LEU H 154 -48.31 -2.24 11.00
C LEU H 154 -47.11 -1.32 10.66
N VAL H 155 -47.33 -0.27 9.88
CA VAL H 155 -46.20 0.60 9.52
C VAL H 155 -45.59 1.28 10.74
N SER H 156 -46.39 1.81 11.64
CA SER H 156 -45.79 2.44 12.84
C SER H 156 -45.06 1.46 13.71
N GLU H 157 -45.55 0.23 13.81
CA GLU H 157 -44.80 -0.83 14.54
C GLU H 157 -43.44 -1.09 13.90
N ALA H 158 -43.44 -1.11 12.57
CA ALA H 158 -42.22 -1.33 11.84
C ALA H 158 -41.23 -0.21 12.03
N ILE H 159 -41.69 1.02 12.01
CA ILE H 159 -40.82 2.19 12.23
C ILE H 159 -40.31 2.17 13.71
N ALA H 160 -41.21 1.86 14.64
CA ALA H 160 -40.86 1.75 16.05
C ALA H 160 -39.76 0.72 16.28
N ALA H 161 -39.85 -0.43 15.61
CA ALA H 161 -38.76 -1.40 15.67
C ALA H 161 -37.40 -0.81 15.28
N GLY H 162 -37.38 -0.03 14.19
CA GLY H 162 -36.16 0.61 13.76
C GLY H 162 -35.67 1.60 14.80
N ILE H 163 -36.62 2.41 15.32
CA ILE H 163 -36.34 3.46 16.32
C ILE H 163 -35.65 2.94 17.57
N PHE H 164 -36.18 1.83 18.07
CA PHE H 164 -35.70 1.27 19.31
C PHE H 164 -34.52 0.36 19.17
N ASN H 165 -34.26 -0.20 17.97
CA ASN H 165 -33.15 -1.14 17.79
C ASN H 165 -31.98 -0.68 16.93
N ASP H 166 -32.10 0.47 16.32
CA ASP H 166 -31.08 1.03 15.48
C ASP H 166 -30.66 2.41 16.10
N LEU H 167 -29.36 2.54 16.36
CA LEU H 167 -28.81 3.76 16.93
C LEU H 167 -28.92 4.94 15.91
N GLY H 168 -29.03 4.61 14.64
CA GLY H 168 -29.28 5.60 13.60
C GLY H 168 -30.65 6.17 13.47
N SER H 169 -31.60 5.64 14.23
CA SER H 169 -33.00 6.05 14.14
C SER H 169 -33.51 6.47 15.48
N GLY H 170 -34.51 7.33 15.46
CA GLY H 170 -35.12 7.78 16.70
C GLY H 170 -36.24 8.78 16.56
N SER H 171 -36.67 9.29 17.72
CA SER H 171 -37.60 10.36 17.88
C SER H 171 -38.94 9.88 17.40
N ASN H 172 -39.61 10.62 16.51
CA ASN H 172 -41.02 10.41 16.21
C ASN H 172 -41.24 9.43 15.05
N ILE H 173 -42.49 9.00 14.93
CA ILE H 173 -42.97 8.27 13.78
C ILE H 173 -43.89 9.18 12.94
N ASP H 174 -43.54 9.44 11.67
CA ASP H 174 -44.43 10.14 10.68
C ASP H 174 -45.05 9.12 9.76
N LEU H 175 -46.33 9.28 9.40
CA LEU H 175 -46.96 8.45 8.39
C LEU H 175 -47.51 9.33 7.30
N CYS H 176 -47.62 8.76 6.09
CA CYS H 176 -48.42 9.35 5.01
C CYS H 176 -49.34 8.30 4.43
N VAL H 177 -50.66 8.54 4.49
CA VAL H 177 -51.67 7.63 3.94
C VAL H 177 -52.23 8.19 2.62
N ILE H 178 -52.16 7.38 1.58
CA ILE H 178 -52.54 7.78 0.23
C ILE H 178 -53.53 6.80 -0.30
N SER H 179 -54.75 7.27 -0.56
CA SER H 179 -55.77 6.51 -1.32
C SER H 179 -56.29 7.32 -2.52
N LYS H 180 -57.19 6.72 -3.33
CA LYS H 180 -57.90 7.47 -4.42
C LYS H 180 -58.53 8.76 -3.90
N ASN H 181 -59.15 8.69 -2.73
CA ASN H 181 -59.94 9.75 -2.15
C ASN H 181 -59.26 10.69 -1.16
N LYS H 182 -58.06 10.37 -0.70
CA LYS H 182 -57.54 11.00 0.50
C LYS H 182 -56.03 11.00 0.50
N LEU H 183 -55.47 12.07 1.07
CA LEU H 183 -54.08 12.11 1.45
C LEU H 183 -54.01 12.55 2.87
N ASP H 184 -53.51 11.70 3.76
CA ASP H 184 -53.26 12.05 5.16
C ASP H 184 -51.78 12.06 5.46
N PHE H 185 -51.24 13.24 5.64
CA PHE H 185 -49.84 13.44 5.96
C PHE H 185 -49.84 13.61 7.44
N LEU H 186 -49.45 12.57 8.17
CA LEU H 186 -49.57 12.55 9.62
C LEU H 186 -48.19 12.72 10.28
N ARG H 187 -47.79 13.99 10.43
CA ARG H 187 -46.50 14.39 11.01
CA ARG H 187 -46.50 14.39 11.01
C ARG H 187 -46.73 15.27 12.23
N PRO H 188 -46.46 14.81 13.47
CA PRO H 188 -46.08 13.44 13.83
C PRO H 188 -47.29 12.51 13.90
N TYR H 189 -47.08 11.22 13.71
CA TYR H 189 -48.11 10.23 13.95
C TYR H 189 -48.08 9.81 15.37
N THR H 190 -46.88 9.51 15.89
CA THR H 190 -46.62 9.09 17.30
C THR H 190 -45.32 9.74 17.79
N VAL H 191 -45.24 9.97 19.11
CA VAL H 191 -44.06 10.57 19.75
C VAL H 191 -43.68 9.61 20.83
N PRO H 192 -43.08 8.46 20.47
CA PRO H 192 -42.71 7.51 21.53
C PRO H 192 -41.48 7.91 22.36
N ASN H 193 -40.80 9.00 22.02
CA ASN H 193 -39.65 9.45 22.78
C ASN H 193 -39.75 10.93 23.23
N LYS H 194 -39.31 11.19 24.46
CA LYS H 194 -39.39 12.51 25.11
C LYS H 194 -38.11 12.74 25.94
N LYS H 195 -37.62 13.97 25.97
CA LYS H 195 -36.57 14.33 26.91
C LYS H 195 -37.13 14.25 28.31
N GLY H 196 -36.31 13.74 29.23
CA GLY H 196 -36.61 13.85 30.65
C GLY H 196 -36.68 15.30 31.08
N THR H 197 -37.31 15.54 32.22
CA THR H 197 -37.36 16.92 32.76
C THR H 197 -36.04 17.37 33.39
N ARG H 198 -35.86 18.68 33.38
CA ARG H 198 -34.74 19.36 34.02
C ARG H 198 -35.02 19.51 35.52
N LEU H 199 -34.14 18.99 36.36
CA LEU H 199 -34.30 19.01 37.82
C LEU H 199 -33.89 20.33 38.49
N GLY H 200 -32.70 20.84 38.21
CA GLY H 200 -32.22 22.15 38.71
C GLY H 200 -32.30 23.25 37.66
N ARG H 201 -32.56 24.51 38.06
CA ARG H 201 -32.67 25.67 37.09
C ARG H 201 -31.37 26.52 37.00
N TYR H 202 -31.03 26.92 35.78
CA TYR H 202 -29.81 27.63 35.47
C TYR H 202 -30.08 29.00 34.77
N ARG H 203 -31.15 29.70 35.19
CA ARG H 203 -31.48 31.07 34.76
C ARG H 203 -30.48 32.12 35.31
N CYS H 204 -29.43 32.37 34.54
CA CYS H 204 -28.38 33.32 34.92
C CYS H 204 -28.86 34.76 34.72
N GLU H 205 -28.90 35.50 35.82
CA GLU H 205 -29.35 36.90 35.82
C GLU H 205 -28.35 37.85 35.18
N LYS H 206 -28.89 39.00 34.77
CA LYS H 206 -28.11 39.99 34.02
C LYS H 206 -26.87 40.37 34.81
N GLY H 207 -25.72 40.39 34.13
CA GLY H 207 -24.45 40.69 34.76
C GLY H 207 -23.59 39.49 35.12
N THR H 208 -24.18 38.28 35.13
CA THR H 208 -23.42 37.02 35.33
C THR H 208 -22.23 36.87 34.37
N THR H 209 -22.44 37.30 33.12
CA THR H 209 -21.43 37.22 32.07
C THR H 209 -20.72 38.55 31.98
N ALA H 210 -19.41 38.55 32.15
CA ALA H 210 -18.63 39.79 32.07
C ALA H 210 -18.46 40.18 30.60
N VAL H 211 -18.67 41.46 30.30
CA VAL H 211 -18.63 41.99 28.96
C VAL H 211 -17.44 42.89 28.79
N LEU H 212 -16.66 42.75 27.72
CA LEU H 212 -15.55 43.62 27.39
C LEU H 212 -15.95 44.83 26.55
N THR H 213 -16.82 44.64 25.57
CA THR H 213 -17.24 45.74 24.66
C THR H 213 -18.73 45.59 24.34
N GLU H 214 -19.38 46.71 24.07
CA GLU H 214 -20.78 46.73 23.69
C GLU H 214 -21.02 47.83 22.65
N LYS H 215 -21.87 47.51 21.66
CA LYS H 215 -22.31 48.44 20.67
C LYS H 215 -23.78 48.15 20.36
N ILE H 216 -24.63 49.16 20.51
CA ILE H 216 -26.02 49.07 20.16
C ILE H 216 -26.19 49.78 18.84
N THR H 217 -26.71 49.07 17.85
CA THR H 217 -27.08 49.68 16.57
C THR H 217 -28.61 49.72 16.47
N PRO H 218 -29.21 50.93 16.56
CA PRO H 218 -30.67 51.06 16.38
C PRO H 218 -31.12 50.82 14.94
N LEU H 219 -32.34 50.32 14.72
CA LEU H 219 -32.88 50.06 13.37
C LEU H 219 -34.30 50.61 13.16
N GLU H 220 -34.67 50.94 11.92
CA GLU H 220 -36.04 51.44 11.61
C GLU H 220 -37.12 50.35 11.72
N SER I 2 -8.00 15.99 10.26
CA SER I 2 -9.36 16.39 9.75
C SER I 2 -9.43 17.84 9.18
N ILE I 3 -9.97 17.99 7.98
CA ILE I 3 -9.99 19.26 7.25
C ILE I 3 -10.73 20.31 8.03
N MET I 4 -11.87 19.93 8.59
CA MET I 4 -12.69 20.83 9.38
C MET I 4 -12.09 21.27 10.70
N SER I 5 -11.07 20.60 11.19
CA SER I 5 -10.45 21.04 12.42
C SER I 5 -9.11 21.79 12.24
N TYR I 6 -8.70 22.00 10.99
CA TYR I 6 -7.40 22.59 10.65
C TYR I 6 -7.29 24.01 11.26
N ASN I 7 -8.39 24.77 11.17
CA ASN I 7 -8.50 26.10 11.72
C ASN I 7 -9.25 26.23 13.05
N GLY I 8 -10.02 25.22 13.38
CA GLY I 8 -10.79 25.21 14.60
C GLY I 8 -11.93 26.18 14.49
N GLY I 9 -12.64 26.34 15.61
CA GLY I 9 -13.68 27.33 15.71
C GLY I 9 -15.06 26.83 15.96
N ALA I 10 -15.92 27.74 16.38
CA ALA I 10 -17.26 27.41 16.81
C ALA I 10 -18.21 28.54 16.58
N VAL I 11 -19.39 28.23 16.09
CA VAL I 11 -20.49 29.18 16.01
C VAL I 11 -21.72 28.51 16.62
N MET I 12 -22.59 29.31 17.21
CA MET I 12 -23.94 28.89 17.55
C MET I 12 -24.98 29.97 17.37
N ALA I 13 -26.22 29.55 17.28
CA ALA I 13 -27.34 30.46 17.27
C ALA I 13 -28.42 29.94 18.16
N MET I 14 -29.24 30.86 18.63
CA MET I 14 -30.24 30.55 19.62
CA MET I 14 -30.24 30.55 19.62
C MET I 14 -31.47 31.46 19.50
N LYS I 15 -32.64 30.88 19.74
CA LYS I 15 -33.88 31.56 19.61
C LYS I 15 -34.47 31.96 20.96
N GLY I 16 -35.05 33.15 21.00
CA GLY I 16 -35.81 33.65 22.12
C GLY I 16 -37.16 34.20 21.65
N LYS I 17 -37.87 34.84 22.55
N LYS I 17 -37.81 34.91 22.60
CA LYS I 17 -39.29 35.21 22.30
CA LYS I 17 -39.06 35.66 22.42
C LYS I 17 -39.72 35.84 20.91
C LYS I 17 -38.72 36.96 21.76
N ASN I 18 -39.17 37.00 20.53
CA ASN I 18 -39.09 37.96 19.43
C ASN I 18 -37.66 38.43 19.20
N CYS I 19 -36.71 37.52 19.43
CA CYS I 19 -35.31 37.85 19.25
C CYS I 19 -34.53 36.60 18.98
N VAL I 20 -33.36 36.77 18.38
CA VAL I 20 -32.43 35.68 18.13
C VAL I 20 -31.04 36.13 18.54
N ALA I 21 -30.18 35.14 18.73
CA ALA I 21 -28.80 35.38 19.09
C ALA I 21 -27.89 34.54 18.22
N ILE I 22 -26.74 35.08 17.88
CA ILE I 22 -25.69 34.35 17.22
C ILE I 22 -24.33 34.76 17.79
N ALA I 23 -23.43 33.77 17.89
CA ALA I 23 -22.17 33.90 18.59
C ALA I 23 -21.11 33.07 17.93
N ALA I 24 -19.86 33.47 18.13
CA ALA I 24 -18.71 32.81 17.56
C ALA I 24 -17.49 33.03 18.39
N ASP I 25 -16.55 32.10 18.36
CA ASP I 25 -15.22 32.34 18.93
C ASP I 25 -14.46 33.27 17.95
N ARG I 26 -13.25 33.68 18.33
CA ARG I 26 -12.53 34.72 17.58
CA ARG I 26 -12.53 34.72 17.58
C ARG I 26 -11.17 34.29 17.06
N ARG I 27 -10.77 33.05 17.38
CA ARG I 27 -9.45 32.51 16.98
C ARG I 27 -9.37 32.23 15.50
N PHE I 28 -8.27 32.64 14.88
CA PHE I 28 -7.83 32.13 13.60
C PHE I 28 -6.50 31.50 13.92
N GLY I 29 -6.46 30.19 13.83
CA GLY I 29 -5.24 29.42 14.05
C GLY I 29 -5.05 28.45 12.91
N ILE I 30 -3.82 28.00 12.76
CA ILE I 30 -3.43 26.95 11.85
C ILE I 30 -2.84 25.80 12.72
N GLN I 31 -3.63 24.72 12.81
CA GLN I 31 -3.42 23.62 13.71
C GLN I 31 -3.13 24.13 15.15
N ALA I 32 -1.97 23.86 15.73
CA ALA I 32 -1.72 24.32 17.08
C ALA I 32 -1.53 25.87 17.20
N GLN I 33 -1.09 26.52 16.12
CA GLN I 33 -0.68 27.94 16.19
C GLN I 33 -1.79 28.95 16.05
N MET I 34 -1.99 29.78 17.09
CA MET I 34 -2.88 30.93 16.96
C MET I 34 -2.16 31.91 16.04
N VAL I 35 -2.88 32.46 15.07
CA VAL I 35 -2.32 33.53 14.12
C VAL I 35 -2.90 34.89 14.48
N THR I 36 -4.20 34.92 14.78
CA THR I 36 -4.86 36.15 15.11
C THR I 36 -6.03 35.86 16.08
N THR I 37 -6.56 36.88 16.76
CA THR I 37 -7.63 36.72 17.76
C THR I 37 -8.86 37.58 17.53
N ASP I 38 -9.05 38.04 16.31
CA ASP I 38 -10.21 38.88 15.97
C ASP I 38 -10.73 38.50 14.59
N PHE I 39 -10.80 37.20 14.30
CA PHE I 39 -11.17 36.74 13.01
C PHE I 39 -12.70 36.71 12.96
N GLN I 40 -13.24 37.28 11.92
CA GLN I 40 -14.67 37.37 11.76
C GLN I 40 -15.26 36.08 11.14
N LYS I 41 -16.33 35.61 11.74
CA LYS I 41 -17.04 34.40 11.35
C LYS I 41 -18.51 34.58 11.19
N ILE I 42 -19.04 35.69 11.72
CA ILE I 42 -20.43 36.08 11.57
C ILE I 42 -20.51 37.33 10.68
N PHE I 43 -21.40 37.27 9.66
CA PHE I 43 -21.50 38.29 8.61
C PHE I 43 -22.95 38.68 8.39
N PRO I 44 -23.21 39.99 8.31
CA PRO I 44 -24.58 40.48 8.04
C PRO I 44 -25.10 40.13 6.64
N MET I 45 -26.35 39.70 6.56
CA MET I 45 -26.98 39.37 5.31
C MET I 45 -28.32 40.13 5.19
N GLY I 46 -28.43 41.22 5.90
CA GLY I 46 -29.70 41.85 6.19
C GLY I 46 -29.58 42.60 7.50
N ASP I 47 -30.47 43.54 7.69
CA ASP I 47 -30.45 44.32 8.92
C ASP I 47 -30.69 43.40 10.13
N ARG I 48 -31.55 42.40 9.95
CA ARG I 48 -31.95 41.49 10.99
C ARG I 48 -31.65 40.03 10.66
N LEU I 49 -30.56 39.80 9.93
CA LEU I 49 -30.26 38.47 9.42
C LEU I 49 -28.76 38.30 9.23
N TYR I 50 -28.20 37.30 9.93
CA TYR I 50 -26.79 37.05 9.99
C TYR I 50 -26.50 35.56 9.69
N ILE I 51 -25.31 35.30 9.15
CA ILE I 51 -24.84 33.98 8.90
C ILE I 51 -23.49 33.81 9.61
N GLY I 52 -23.35 32.69 10.34
CA GLY I 52 -22.14 32.30 11.05
C GLY I 52 -21.54 31.08 10.40
N LEU I 53 -20.25 31.11 10.14
CA LEU I 53 -19.61 30.02 9.45
C LEU I 53 -18.38 29.54 10.21
N ALA I 54 -18.38 28.25 10.58
CA ALA I 54 -17.18 27.60 11.08
C ALA I 54 -16.72 26.59 10.10
N GLY I 55 -15.45 26.24 10.23
CA GLY I 55 -14.81 25.32 9.35
C GLY I 55 -13.53 25.90 8.81
N LEU I 56 -13.14 25.51 7.60
CA LEU I 56 -11.87 25.95 7.02
C LEU I 56 -11.96 27.44 6.66
N ALA I 57 -10.98 28.23 7.15
CA ALA I 57 -11.12 29.70 7.22
C ALA I 57 -11.24 30.23 5.80
N THR I 58 -10.46 29.67 4.87
CA THR I 58 -10.56 30.12 3.50
C THR I 58 -11.96 30.02 2.92
N ASP I 59 -12.70 28.96 3.30
CA ASP I 59 -14.06 28.67 2.77
C ASP I 59 -15.12 29.44 3.54
N VAL I 60 -14.88 29.71 4.83
CA VAL I 60 -15.71 30.67 5.61
C VAL I 60 -15.85 32.00 4.82
N GLN I 61 -14.71 32.47 4.34
CA GLN I 61 -14.64 33.76 3.68
C GLN I 61 -15.23 33.67 2.26
N THR I 62 -14.87 32.64 1.49
CA THR I 62 -15.38 32.48 0.14
C THR I 62 -16.90 32.29 0.11
N VAL I 63 -17.43 31.46 1.00
CA VAL I 63 -18.88 31.27 1.07
C VAL I 63 -19.59 32.56 1.47
N ALA I 64 -19.07 33.27 2.49
CA ALA I 64 -19.67 34.55 2.89
C ALA I 64 -19.72 35.54 1.67
N GLN I 65 -18.65 35.60 0.89
CA GLN I 65 -18.52 36.54 -0.19
C GLN I 65 -19.37 36.16 -1.40
N ARG I 66 -19.34 34.89 -1.77
CA ARG I 66 -20.13 34.41 -2.90
C ARG I 66 -21.58 34.46 -2.54
N LEU I 67 -21.89 34.17 -1.27
CA LEU I 67 -23.27 34.32 -0.82
C LEU I 67 -23.75 35.79 -0.91
N LYS I 68 -22.94 36.73 -0.45
CA LYS I 68 -23.32 38.15 -0.51
C LYS I 68 -23.55 38.62 -1.98
N PHE I 69 -22.70 38.17 -2.89
CA PHE I 69 -22.85 38.40 -4.32
C PHE I 69 -24.26 38.03 -4.77
N ARG I 70 -24.67 36.82 -4.40
CA ARG I 70 -25.93 36.29 -4.88
C ARG I 70 -27.08 36.99 -4.19
N LEU I 71 -26.92 37.28 -2.91
CA LEU I 71 -28.00 37.94 -2.17
C LEU I 71 -28.22 39.38 -2.68
N ASN I 72 -27.14 40.08 -2.95
CA ASN I 72 -27.24 41.45 -3.47
C ASN I 72 -28.00 41.51 -4.79
N LEU I 73 -27.68 40.58 -5.72
CA LEU I 73 -28.40 40.48 -7.00
C LEU I 73 -29.86 40.16 -6.77
N TYR I 74 -30.11 39.18 -5.87
CA TYR I 74 -31.47 38.85 -5.50
C TYR I 74 -32.26 40.09 -5.04
N GLU I 75 -31.73 40.82 -4.07
CA GLU I 75 -32.45 41.95 -3.51
C GLU I 75 -32.69 43.10 -4.53
N LEU I 76 -31.69 43.43 -5.35
CA LEU I 76 -31.83 44.38 -6.41
C LEU I 76 -32.95 43.96 -7.40
N LYS I 77 -33.04 42.68 -7.72
CA LYS I 77 -33.94 42.19 -8.74
C LYS I 77 -35.37 42.04 -8.22
N GLU I 78 -35.49 41.59 -6.98
CA GLU I 78 -36.79 41.41 -6.36
C GLU I 78 -37.11 42.77 -5.76
N GLY I 79 -38.28 42.96 -5.23
CA GLY I 79 -38.44 44.30 -4.62
C GLY I 79 -37.79 44.61 -3.29
N ARG I 80 -37.01 43.71 -2.70
CA ARG I 80 -37.17 43.48 -1.27
C ARG I 80 -36.05 42.77 -0.55
N GLN I 81 -36.16 42.78 0.76
CA GLN I 81 -35.25 42.05 1.63
C GLN I 81 -35.60 40.56 1.64
N ILE I 82 -34.59 39.72 1.55
CA ILE I 82 -34.77 38.26 1.56
C ILE I 82 -35.36 37.81 2.90
N LYS I 83 -36.28 36.87 2.84
CA LYS I 83 -36.73 36.17 4.02
C LYS I 83 -35.68 35.10 4.56
N PRO I 84 -35.64 34.87 5.89
CA PRO I 84 -34.67 33.91 6.46
C PRO I 84 -34.68 32.53 5.84
N TYR I 85 -35.86 31.96 5.73
CA TYR I 85 -36.03 30.70 5.06
C TYR I 85 -35.49 30.67 3.59
N THR I 86 -35.68 31.78 2.87
CA THR I 86 -35.19 31.88 1.52
C THR I 86 -33.68 31.99 1.48
N LEU I 87 -33.07 32.67 2.43
CA LEU I 87 -31.59 32.70 2.53
C LEU I 87 -31.04 31.26 2.74
N MET I 88 -31.65 30.54 3.65
CA MET I 88 -31.29 29.14 3.87
C MET I 88 -31.28 28.35 2.55
N SER I 89 -32.29 28.55 1.72
CA SER I 89 -32.41 27.82 0.45
C SER I 89 -31.34 28.25 -0.51
N MET I 90 -31.06 29.55 -0.53
CA MET I 90 -29.99 30.11 -1.38
C MET I 90 -28.68 29.49 -1.00
N VAL I 91 -28.40 29.42 0.30
CA VAL I 91 -27.14 28.86 0.81
C VAL I 91 -27.10 27.36 0.47
N ALA I 92 -28.18 26.67 0.72
CA ALA I 92 -28.21 25.21 0.40
C ALA I 92 -27.88 24.94 -1.07
N ASN I 93 -28.44 25.77 -1.94
CA ASN I 93 -28.21 25.62 -3.35
C ASN I 93 -26.76 25.92 -3.68
N LEU I 94 -26.20 27.00 -3.11
CA LEU I 94 -24.77 27.27 -3.27
C LEU I 94 -23.85 26.10 -2.83
N LEU I 95 -24.10 25.56 -1.64
CA LEU I 95 -23.27 24.44 -1.12
C LEU I 95 -23.43 23.15 -1.95
N TYR I 96 -24.64 22.82 -2.33
CA TYR I 96 -24.90 21.59 -3.10
C TYR I 96 -24.35 21.59 -4.57
N GLU I 97 -24.16 22.76 -5.18
CA GLU I 97 -23.42 22.86 -6.43
C GLU I 97 -22.08 22.26 -6.34
N LYS I 98 -21.47 22.29 -5.15
CA LYS I 98 -20.15 21.70 -4.94
C LYS I 98 -20.21 20.34 -4.26
N ARG I 99 -21.31 19.64 -4.50
CA ARG I 99 -21.59 18.34 -3.89
C ARG I 99 -20.36 17.44 -3.91
N PHE I 100 -19.63 17.38 -5.02
CA PHE I 100 -18.50 16.49 -5.17
C PHE I 100 -17.14 17.12 -4.96
N GLY I 101 -17.08 18.30 -4.34
CA GLY I 101 -15.80 18.97 -3.99
C GLY I 101 -16.17 20.14 -3.11
N PRO I 102 -16.74 19.86 -1.96
CA PRO I 102 -17.46 20.88 -1.22
C PRO I 102 -16.57 21.91 -0.56
N TYR I 103 -17.21 23.01 -0.18
CA TYR I 103 -16.62 23.98 0.71
C TYR I 103 -16.67 23.38 2.08
N TYR I 104 -15.61 23.55 2.87
CA TYR I 104 -15.59 22.99 4.21
C TYR I 104 -16.05 23.94 5.25
N THR I 105 -17.33 24.18 5.18
CA THR I 105 -17.98 25.01 6.14
C THR I 105 -19.39 24.55 6.36
N GLU I 106 -19.89 24.76 7.56
CA GLU I 106 -21.21 24.34 7.98
C GLU I 106 -21.86 25.50 8.70
N PRO I 107 -22.62 26.31 7.94
CA PRO I 107 -23.10 27.60 8.46
C PRO I 107 -24.28 27.49 9.39
N VAL I 108 -24.47 28.52 10.21
CA VAL I 108 -25.72 28.72 10.95
C VAL I 108 -26.28 30.07 10.52
N ILE I 109 -27.60 30.18 10.51
CA ILE I 109 -28.24 31.39 10.15
C ILE I 109 -29.12 31.81 11.30
N ALA I 110 -29.13 33.11 11.59
CA ALA I 110 -30.01 33.64 12.62
C ALA I 110 -30.58 34.94 12.15
N GLY I 111 -31.88 35.10 12.27
CA GLY I 111 -32.48 36.35 11.94
C GLY I 111 -33.95 36.49 12.27
N LEU I 112 -34.47 37.67 11.93
CA LEU I 112 -35.90 37.94 12.06
C LEU I 112 -36.45 38.13 10.68
N ASP I 113 -37.67 37.65 10.45
CA ASP I 113 -38.35 37.94 9.17
C ASP I 113 -38.49 39.47 8.92
N PRO I 114 -38.11 39.95 7.71
CA PRO I 114 -38.09 41.44 7.55
C PRO I 114 -39.46 42.13 7.56
N LYS I 115 -40.56 41.38 7.39
CA LYS I 115 -41.91 41.93 7.52
C LYS I 115 -42.56 41.55 8.85
N THR I 116 -42.60 40.26 9.20
CA THR I 116 -43.24 39.78 10.47
C THR I 116 -42.36 39.83 11.76
N PHE I 117 -41.05 40.00 11.62
CA PHE I 117 -40.12 39.97 12.76
C PHE I 117 -40.13 38.65 13.58
N LYS I 118 -40.58 37.58 12.96
CA LYS I 118 -40.64 36.26 13.58
C LYS I 118 -39.21 35.69 13.62
N PRO I 119 -38.81 35.08 14.75
CA PRO I 119 -37.45 34.53 14.84
C PRO I 119 -37.22 33.29 13.99
N PHE I 120 -36.03 33.20 13.44
CA PHE I 120 -35.63 32.03 12.64
C PHE I 120 -34.21 31.64 12.93
N ILE I 121 -34.00 30.35 13.12
CA ILE I 121 -32.63 29.81 13.12
C ILE I 121 -32.54 28.49 12.36
N CYS I 122 -31.37 28.24 11.78
CA CYS I 122 -31.08 27.00 11.10
C CYS I 122 -29.59 26.77 10.99
N SER I 123 -29.22 25.58 10.55
CA SER I 123 -27.88 25.27 10.17
C SER I 123 -27.89 24.39 8.96
N LEU I 124 -26.74 24.25 8.29
CA LEU I 124 -26.65 23.36 7.18
C LEU I 124 -25.37 22.58 7.27
N ASP I 125 -25.35 21.37 6.71
CA ASP I 125 -24.09 20.61 6.59
C ASP I 125 -23.34 21.14 5.38
N LEU I 126 -22.14 20.63 5.16
CA LEU I 126 -21.28 21.17 4.13
C LEU I 126 -21.70 21.02 2.68
N ILE I 127 -22.63 20.09 2.41
CA ILE I 127 -23.23 19.94 1.09
C ILE I 127 -24.65 20.50 1.00
N GLY I 128 -25.11 21.22 2.00
CA GLY I 128 -26.31 21.99 1.89
C GLY I 128 -27.57 21.35 2.37
N CYS I 129 -27.51 20.33 3.20
CA CYS I 129 -28.72 19.84 3.81
C CYS I 129 -29.20 20.82 4.88
N PRO I 130 -30.43 21.34 4.79
CA PRO I 130 -30.84 22.30 5.81
C PRO I 130 -31.51 21.65 7.03
N MET I 131 -31.37 22.31 8.16
CA MET I 131 -31.96 21.90 9.41
C MET I 131 -32.45 23.13 10.21
N VAL I 132 -33.75 23.33 10.28
CA VAL I 132 -34.40 24.36 11.04
C VAL I 132 -34.77 23.84 12.42
N THR I 133 -34.59 24.62 13.48
CA THR I 133 -35.06 24.28 14.82
C THR I 133 -35.71 25.46 15.50
N ASP I 134 -36.40 25.17 16.61
CA ASP I 134 -37.03 26.19 17.44
C ASP I 134 -36.28 26.51 18.73
N ASP I 135 -35.02 26.07 18.85
CA ASP I 135 -34.22 26.33 20.05
C ASP I 135 -32.81 26.82 19.78
N PHE I 136 -31.99 25.94 19.20
CA PHE I 136 -30.62 26.27 18.97
C PHE I 136 -30.03 25.40 17.92
N VAL I 137 -28.93 25.88 17.37
CA VAL I 137 -28.07 25.12 16.47
C VAL I 137 -26.64 25.45 16.79
N VAL I 138 -25.75 24.52 16.48
CA VAL I 138 -24.34 24.66 16.77
C VAL I 138 -23.52 24.14 15.60
N SER I 139 -22.30 24.66 15.43
CA SER I 139 -21.42 24.11 14.41
C SER I 139 -19.98 24.39 14.77
N GLY I 140 -19.10 23.43 14.55
CA GLY I 140 -17.67 23.66 14.85
C GLY I 140 -16.96 22.50 15.55
N THR I 141 -15.70 22.71 15.92
CA THR I 141 -14.87 21.65 16.51
C THR I 141 -15.20 21.31 17.97
N CYS I 142 -16.08 22.03 18.62
CA CYS I 142 -16.59 21.64 19.92
C CYS I 142 -18.10 21.49 19.93
N ALA I 143 -18.66 20.88 18.88
CA ALA I 143 -20.14 20.73 18.77
C ALA I 143 -20.75 19.97 19.95
N GLU I 144 -20.04 18.96 20.42
CA GLU I 144 -20.50 18.18 21.60
C GLU I 144 -20.57 18.98 22.89
N GLN I 145 -19.52 19.72 23.17
CA GLN I 145 -19.51 20.66 24.26
C GLN I 145 -20.66 21.67 24.10
N MET I 146 -20.81 22.23 22.91
CA MET I 146 -21.89 23.13 22.66
C MET I 146 -23.27 22.48 22.87
N TYR I 147 -23.46 21.24 22.41
CA TYR I 147 -24.75 20.57 22.66
C TYR I 147 -25.04 20.34 24.13
N GLY I 148 -24.02 20.01 24.89
CA GLY I 148 -24.18 19.75 26.32
C GLY I 148 -24.66 20.99 27.01
N MET I 149 -24.04 22.15 26.70
CA MET I 149 -24.45 23.40 27.32
C MET I 149 -25.85 23.84 26.89
N CYS I 150 -26.11 23.80 25.57
CA CYS I 150 -27.43 24.21 25.07
C CYS I 150 -28.54 23.31 25.58
N GLU I 151 -28.36 22.00 25.56
CA GLU I 151 -29.41 21.11 26.02
C GLU I 151 -29.73 21.37 27.48
N SER I 152 -28.73 21.70 28.30
CA SER I 152 -28.95 21.93 29.72
C SER I 152 -29.41 23.35 30.07
N LEU I 153 -29.07 24.39 29.31
CA LEU I 153 -29.41 25.77 29.70
C LEU I 153 -30.58 26.35 28.93
N TRP I 154 -30.73 26.03 27.65
CA TRP I 154 -31.76 26.69 26.86
C TRP I 154 -33.15 26.49 27.43
N GLU I 155 -33.96 27.54 27.40
CA GLU I 155 -35.35 27.45 27.81
C GLU I 155 -36.18 28.27 26.80
N PRO I 156 -37.47 27.93 26.63
CA PRO I 156 -38.30 28.71 25.68
C PRO I 156 -38.59 30.16 26.10
N ASN I 157 -38.93 30.97 25.11
CA ASN I 157 -39.43 32.32 25.32
C ASN I 157 -38.56 33.23 26.19
N MET I 158 -37.25 33.13 26.01
CA MET I 158 -36.38 34.01 26.74
C MET I 158 -36.39 35.43 26.19
N ASP I 159 -36.36 36.42 27.09
CA ASP I 159 -36.27 37.81 26.70
C ASP I 159 -34.82 38.08 26.29
N PRO I 160 -34.54 39.22 25.64
CA PRO I 160 -33.18 39.52 25.17
C PRO I 160 -32.04 39.34 26.19
N ASP I 161 -32.25 39.77 27.44
CA ASP I 161 -31.20 39.70 28.48
C ASP I 161 -30.85 38.28 28.90
N HIS I 162 -31.87 37.45 29.07
CA HIS I 162 -31.67 36.06 29.41
C HIS I 162 -31.05 35.30 28.24
N LEU I 163 -31.50 35.62 27.02
CA LEU I 163 -30.96 35.02 25.80
C LEU I 163 -29.49 35.30 25.69
N PHE I 164 -29.10 36.56 25.93
CA PHE I 164 -27.68 36.96 25.95
C PHE I 164 -26.85 36.15 26.95
N GLU I 165 -27.31 36.08 28.20
CA GLU I 165 -26.59 35.29 29.26
C GLU I 165 -26.51 33.80 28.93
N THR I 166 -27.56 33.23 28.35
CA THR I 166 -27.57 31.82 28.06
C THR I 166 -26.58 31.48 26.94
N ILE I 167 -26.63 32.23 25.84
CA ILE I 167 -25.83 31.89 24.68
C ILE I 167 -24.38 32.16 25.09
N SER I 168 -24.14 33.23 25.85
CA SER I 168 -22.78 33.56 26.28
C SER I 168 -22.16 32.43 27.14
N GLN I 169 -22.96 31.88 28.04
CA GLN I 169 -22.49 30.83 28.95
C GLN I 169 -22.35 29.52 28.20
N ALA I 170 -23.24 29.26 27.25
CA ALA I 170 -23.09 28.07 26.41
C ALA I 170 -21.79 28.12 25.61
N MET I 171 -21.49 29.26 24.96
CA MET I 171 -20.24 29.40 24.22
C MET I 171 -18.97 29.34 25.09
N LEU I 172 -18.90 30.19 26.13
CA LEU I 172 -17.66 30.29 26.92
C LEU I 172 -17.21 28.95 27.48
N ASN I 173 -18.16 28.28 28.09
CA ASN I 173 -17.92 26.99 28.77
C ASN I 173 -17.69 25.81 27.80
N ALA I 174 -18.34 25.85 26.63
CA ALA I 174 -18.03 24.90 25.55
C ALA I 174 -16.65 25.03 24.99
N VAL I 175 -16.26 26.24 24.60
CA VAL I 175 -14.92 26.47 24.00
C VAL I 175 -13.73 26.28 24.95
N ASP I 176 -14.00 26.50 26.25
CA ASP I 176 -13.00 26.23 27.28
C ASP I 176 -12.73 24.74 27.46
N ARG I 177 -13.55 23.87 26.86
CA ARG I 177 -13.17 22.47 26.72
C ARG I 177 -12.64 22.05 25.35
N ASP I 178 -12.24 23.00 24.52
CA ASP I 178 -11.70 22.76 23.17
C ASP I 178 -10.39 23.52 22.92
N ALA I 179 -9.32 22.78 22.60
CA ALA I 179 -8.02 23.39 22.41
C ALA I 179 -7.96 24.41 21.29
N VAL I 180 -8.67 24.14 20.20
CA VAL I 180 -8.58 24.91 18.99
C VAL I 180 -9.75 25.86 18.72
N SER I 181 -10.55 26.11 19.74
CA SER I 181 -11.55 27.17 19.72
C SER I 181 -11.33 28.13 20.90
N GLY I 182 -11.74 29.38 20.66
CA GLY I 182 -11.84 30.39 21.70
C GLY I 182 -11.06 31.63 21.33
N MET I 183 -10.10 31.98 22.18
CA MET I 183 -9.41 33.27 22.13
C MET I 183 -10.37 34.44 22.01
N GLY I 184 -11.52 34.36 22.67
CA GLY I 184 -12.53 35.38 22.62
C GLY I 184 -13.82 34.85 22.06
N VAL I 185 -14.93 35.51 22.41
CA VAL I 185 -16.26 35.25 21.94
C VAL I 185 -16.95 36.57 21.56
N ILE I 186 -17.62 36.60 20.42
CA ILE I 186 -18.48 37.73 20.05
C ILE I 186 -19.92 37.26 20.01
N VAL I 187 -20.86 38.09 20.45
CA VAL I 187 -22.27 37.75 20.50
C VAL I 187 -23.09 38.89 19.89
N HIS I 188 -24.02 38.54 19.00
CA HIS I 188 -24.94 39.53 18.42
C HIS I 188 -26.33 39.16 18.88
N ILE I 189 -27.06 40.09 19.51
CA ILE I 189 -28.49 39.89 19.83
C ILE I 189 -29.34 40.67 18.82
N ILE I 190 -30.24 40.01 18.13
CA ILE I 190 -31.06 40.62 17.08
C ILE I 190 -32.50 40.77 17.57
N GLU I 191 -32.92 42.03 17.65
CA GLU I 191 -34.29 42.41 17.99
C GLU I 191 -34.91 43.22 16.84
N LYS I 192 -36.23 43.38 16.87
CA LYS I 192 -37.00 44.21 15.90
C LYS I 192 -36.39 45.61 15.70
N ASP I 193 -36.06 46.27 16.79
CA ASP I 193 -35.63 47.65 16.75
C ASP I 193 -34.12 47.90 16.93
N LYS I 194 -33.27 46.87 17.05
CA LYS I 194 -31.80 47.06 17.23
C LYS I 194 -30.96 45.75 17.27
N ILE I 195 -29.67 45.89 16.92
CA ILE I 195 -28.68 44.87 17.08
C ILE I 195 -27.73 45.29 18.22
N THR I 196 -27.55 44.39 19.18
CA THR I 196 -26.54 44.57 20.24
C THR I 196 -25.41 43.58 20.04
N THR I 197 -24.19 44.12 19.92
CA THR I 197 -22.99 43.38 19.66
C THR I 197 -22.04 43.52 20.85
N ARG I 198 -21.63 42.38 21.41
CA ARG I 198 -20.73 42.31 22.57
C ARG I 198 -19.60 41.33 22.40
N THR I 199 -18.41 41.68 22.87
CA THR I 199 -17.35 40.73 23.09
C THR I 199 -17.28 40.43 24.60
N LEU I 200 -16.96 39.17 24.93
CA LEU I 200 -17.03 38.66 26.27
C LEU I 200 -15.66 38.55 26.92
N LYS I 201 -15.61 38.79 28.22
CA LYS I 201 -14.40 38.49 28.95
C LYS I 201 -14.20 36.97 28.85
N ALA I 202 -13.02 36.53 28.42
CA ALA I 202 -12.82 35.13 28.08
C ALA I 202 -11.39 34.70 28.15
N ARG I 203 -11.19 33.43 28.43
CA ARG I 203 -9.86 32.83 28.44
C ARG I 203 -9.13 33.06 27.12
N MET I 204 -7.80 33.27 27.21
CA MET I 204 -6.93 33.44 26.07
C MET I 204 -5.81 32.42 25.97
N ASP I 205 -6.08 31.18 26.43
CA ASP I 205 -5.17 30.03 26.25
C ASP I 205 -5.79 28.86 25.35
N MET J 1 15.27 28.06 4.69
CA MET J 1 13.77 28.08 4.42
CA MET J 1 13.76 28.07 4.43
C MET J 1 13.24 29.39 4.96
N GLU J 2 12.16 29.87 4.37
CA GLU J 2 12.01 31.32 4.17
C GLU J 2 11.27 32.03 5.28
N TYR J 3 11.76 33.19 5.67
CA TYR J 3 11.20 33.93 6.79
C TYR J 3 10.73 35.27 6.25
N LEU J 4 9.51 35.66 6.66
CA LEU J 4 8.91 36.95 6.43
C LEU J 4 8.42 37.45 7.76
N ILE J 5 8.50 38.77 7.95
CA ILE J 5 7.91 39.39 9.12
C ILE J 5 7.36 40.74 8.71
N GLY J 6 6.28 41.13 9.37
CA GLY J 6 5.77 42.51 9.32
C GLY J 6 5.36 43.04 10.71
N ILE J 7 5.56 44.35 10.94
CA ILE J 7 5.17 45.05 12.15
C ILE J 7 4.55 46.37 11.73
N GLN J 8 3.29 46.58 12.10
CA GLN J 8 2.53 47.76 11.73
C GLN J 8 2.49 48.68 12.92
N GLY J 9 2.99 49.91 12.73
CA GLY J 9 2.82 50.99 13.69
C GLY J 9 1.73 51.98 13.31
N PRO J 10 1.69 53.13 14.01
CA PRO J 10 0.55 54.03 13.88
C PRO J 10 0.40 54.59 12.48
N ASP J 11 1.52 54.84 11.81
CA ASP J 11 1.52 55.50 10.49
C ASP J 11 2.57 54.91 9.56
N TYR J 12 2.98 53.66 9.79
CA TYR J 12 3.90 52.97 8.90
C TYR J 12 3.70 51.45 9.07
N VAL J 13 4.24 50.66 8.15
CA VAL J 13 4.43 49.24 8.32
C VAL J 13 5.84 48.95 7.97
N LEU J 14 6.47 48.16 8.79
CA LEU J 14 7.86 47.76 8.61
C LEU J 14 7.75 46.28 8.20
N VAL J 15 8.61 45.82 7.28
CA VAL J 15 8.63 44.45 6.87
C VAL J 15 10.06 44.04 6.64
N ALA J 16 10.30 42.73 6.78
CA ALA J 16 11.61 42.22 6.53
C ALA J 16 11.51 40.82 6.06
N SER J 17 12.55 40.34 5.38
CA SER J 17 12.56 39.00 4.82
C SER J 17 13.97 38.50 4.72
N ASP J 18 14.18 37.21 4.83
CA ASP J 18 15.52 36.69 4.64
C ASP J 18 15.96 36.76 3.16
N ARG J 19 17.25 36.57 2.91
CA ARG J 19 17.82 36.77 1.59
C ARG J 19 18.52 35.55 1.04
N VAL J 20 18.09 34.39 1.51
CA VAL J 20 18.66 33.15 1.06
C VAL J 20 17.75 32.52 0.01
N ALA J 21 18.37 31.96 -1.02
CA ALA J 21 17.71 31.03 -1.93
C ALA J 21 18.47 29.77 -1.80
N ALA J 22 17.81 28.75 -1.32
CA ALA J 22 18.51 27.52 -1.04
C ALA J 22 18.02 26.43 -1.95
N SER J 23 18.85 25.41 -2.06
CA SER J 23 18.56 24.25 -2.78
C SER J 23 19.31 23.05 -2.19
N ASN J 24 18.56 22.05 -1.71
CA ASN J 24 19.10 20.83 -1.05
C ASN J 24 19.92 21.30 0.14
N ILE J 25 21.21 21.05 0.18
CA ILE J 25 22.00 21.49 1.35
C ILE J 25 22.71 22.85 1.20
N VAL J 26 22.59 23.52 0.04
CA VAL J 26 23.40 24.74 -0.21
C VAL J 26 22.56 25.99 -0.32
N GLN J 27 23.08 27.10 0.20
CA GLN J 27 22.60 28.43 -0.15
CA GLN J 27 22.57 28.42 -0.12
C GLN J 27 23.11 28.70 -1.55
N MET J 28 22.23 29.00 -2.50
CA MET J 28 22.62 29.31 -3.88
C MET J 28 22.67 30.80 -4.20
N LYS J 29 22.04 31.59 -3.35
CA LYS J 29 22.11 33.03 -3.43
C LYS J 29 21.97 33.58 -2.00
N ASP J 30 22.79 34.56 -1.66
CA ASP J 30 22.71 35.22 -0.35
C ASP J 30 22.18 36.65 -0.37
N ASP J 31 21.84 37.18 -1.55
CA ASP J 31 21.21 38.51 -1.70
C ASP J 31 19.84 38.39 -2.39
N HIS J 32 19.10 37.36 -2.08
CA HIS J 32 17.76 37.18 -2.60
C HIS J 32 16.83 38.21 -1.99
N ASP J 33 15.86 38.64 -2.80
CA ASP J 33 14.83 39.60 -2.37
C ASP J 33 13.46 38.93 -2.58
N LYS J 34 12.64 38.89 -1.54
CA LYS J 34 11.37 38.23 -1.54
C LYS J 34 10.23 39.23 -1.51
N MET J 35 10.53 40.50 -1.72
CA MET J 35 9.51 41.55 -1.75
C MET J 35 9.24 41.98 -3.21
N PHE J 36 7.99 42.34 -3.48
CA PHE J 36 7.52 42.73 -4.80
C PHE J 36 6.75 43.99 -4.61
N LYS J 37 7.16 45.04 -5.32
CA LYS J 37 6.44 46.33 -5.25
C LYS J 37 5.19 46.23 -6.14
N MET J 38 4.00 46.41 -5.57
CA MET J 38 2.77 46.29 -6.34
C MET J 38 2.38 47.68 -6.87
N SER J 39 2.72 48.71 -6.08
CA SER J 39 2.28 50.09 -6.29
C SER J 39 3.20 50.97 -5.41
N GLU J 40 2.97 52.28 -5.39
CA GLU J 40 3.81 53.22 -4.62
C GLU J 40 3.83 52.95 -3.13
N LYS J 41 2.70 52.47 -2.62
CA LYS J 41 2.48 52.29 -1.21
C LYS J 41 2.07 50.84 -0.85
N ILE J 42 2.49 49.86 -1.65
CA ILE J 42 2.13 48.41 -1.42
C ILE J 42 3.30 47.47 -1.73
N LEU J 43 3.67 46.65 -0.74
CA LEU J 43 4.61 45.54 -0.94
C LEU J 43 3.88 44.18 -0.72
N LEU J 44 4.17 43.21 -1.57
CA LEU J 44 3.75 41.85 -1.38
C LEU J 44 5.02 41.04 -1.11
N LEU J 45 5.02 40.31 -0.02
CA LEU J 45 6.17 39.45 0.33
C LEU J 45 5.65 38.02 0.17
N CYS J 46 6.40 37.19 -0.53
CA CYS J 46 5.91 35.89 -1.00
C CYS J 46 6.97 34.81 -0.82
N VAL J 47 6.55 33.70 -0.19
CA VAL J 47 7.38 32.52 0.00
C VAL J 47 6.54 31.28 -0.32
N GLY J 48 7.21 30.15 -0.50
CA GLY J 48 6.55 28.92 -0.75
C GLY J 48 7.31 28.16 -1.79
N GLU J 49 6.58 27.45 -2.63
CA GLU J 49 7.18 26.54 -3.55
C GLU J 49 7.83 27.30 -4.68
N ALA J 50 8.98 26.82 -5.10
CA ALA J 50 9.62 27.32 -6.28
C ALA J 50 8.72 27.30 -7.52
N GLY J 51 8.83 28.37 -8.30
CA GLY J 51 8.04 28.57 -9.47
C GLY J 51 6.77 29.29 -9.09
N ASP J 52 6.00 28.66 -8.21
CA ASP J 52 4.69 29.19 -7.78
C ASP J 52 4.84 30.59 -7.20
N THR J 53 5.92 30.81 -6.43
CA THR J 53 6.04 32.05 -5.68
C THR J 53 6.21 33.19 -6.61
N VAL J 54 7.19 33.12 -7.50
CA VAL J 54 7.38 34.22 -8.50
C VAL J 54 6.20 34.31 -9.47
N GLN J 55 5.73 33.17 -10.01
CA GLN J 55 4.63 33.21 -10.98
C GLN J 55 3.40 33.88 -10.37
N PHE J 56 3.08 33.52 -9.13
CA PHE J 56 1.96 34.11 -8.44
C PHE J 56 2.21 35.62 -8.17
N ALA J 57 3.35 35.95 -7.57
CA ALA J 57 3.61 37.35 -7.16
C ALA J 57 3.62 38.28 -8.36
N GLU J 58 4.33 37.90 -9.41
CA GLU J 58 4.35 38.69 -10.66
C GLU J 58 3.01 38.82 -11.38
N TYR J 59 2.14 37.81 -11.30
CA TYR J 59 0.81 37.95 -11.88
C TYR J 59 -0.03 39.00 -11.13
N ILE J 60 0.01 38.96 -9.80
CA ILE J 60 -0.68 39.96 -8.98
C ILE J 60 -0.11 41.39 -9.26
N GLN J 61 1.20 41.48 -9.34
CA GLN J 61 1.90 42.72 -9.55
C GLN J 61 1.48 43.37 -10.91
N LYS J 62 1.64 42.62 -12.00
CA LYS J 62 1.21 43.08 -13.31
C LYS J 62 -0.24 43.52 -13.36
N ASN J 63 -1.10 42.85 -12.61
CA ASN J 63 -2.53 43.19 -12.63
C ASN J 63 -2.82 44.41 -11.77
N VAL J 64 -2.10 44.58 -10.68
CA VAL J 64 -2.28 45.78 -9.85
C VAL J 64 -1.82 47.04 -10.66
N GLN J 65 -0.73 46.91 -11.39
CA GLN J 65 -0.19 47.95 -12.23
C GLN J 65 -1.16 48.20 -13.39
N LEU J 66 -1.76 47.14 -13.91
CA LEU J 66 -2.71 47.31 -14.99
C LEU J 66 -3.90 48.13 -14.50
N TYR J 67 -4.37 47.83 -13.30
CA TYR J 67 -5.49 48.57 -12.74
C TYR J 67 -5.13 50.10 -12.65
N LYS J 68 -3.90 50.39 -12.23
CA LYS J 68 -3.43 51.81 -12.14
C LYS J 68 -3.50 52.48 -13.54
N MET J 69 -2.99 51.82 -14.57
CA MET J 69 -3.00 52.32 -15.91
C MET J 69 -4.38 52.52 -16.46
N ARG J 70 -5.30 51.60 -16.18
CA ARG J 70 -6.64 51.72 -16.71
C ARG J 70 -7.38 52.80 -16.01
N ASN J 71 -7.16 52.98 -14.74
CA ASN J 71 -8.01 53.88 -13.96
C ASN J 71 -7.42 55.19 -13.50
N GLY J 72 -6.11 55.39 -13.61
CA GLY J 72 -5.52 56.64 -13.18
C GLY J 72 -5.10 56.73 -11.73
N TYR J 73 -5.64 55.87 -10.85
CA TYR J 73 -5.28 55.85 -9.42
C TYR J 73 -5.02 54.38 -9.03
N GLU J 74 -4.44 54.19 -7.85
CA GLU J 74 -4.04 52.85 -7.38
C GLU J 74 -5.13 52.11 -6.61
N LEU J 75 -5.07 50.77 -6.62
CA LEU J 75 -5.83 49.99 -5.62
C LEU J 75 -5.34 50.31 -4.23
N SER J 76 -6.26 50.42 -3.28
CA SER J 76 -5.92 50.50 -1.85
C SER J 76 -5.22 49.15 -1.40
N PRO J 77 -4.38 49.17 -0.35
CA PRO J 77 -3.87 47.87 0.22
C PRO J 77 -4.95 46.81 0.50
N THR J 78 -6.09 47.22 1.01
CA THR J 78 -7.15 46.30 1.35
C THR J 78 -7.82 45.65 0.07
N ALA J 79 -8.04 46.49 -0.94
CA ALA J 79 -8.49 46.00 -2.20
C ALA J 79 -7.48 45.07 -2.83
N ALA J 80 -6.18 45.39 -2.77
CA ALA J 80 -5.16 44.53 -3.39
C ALA J 80 -5.08 43.19 -2.64
N ALA J 81 -5.28 43.24 -1.33
CA ALA J 81 -5.24 42.02 -0.46
C ALA J 81 -6.41 41.10 -0.88
N ASN J 82 -7.61 41.67 -1.01
CA ASN J 82 -8.76 40.89 -1.37
C ASN J 82 -8.74 40.38 -2.82
N PHE J 83 -8.19 41.19 -3.71
CA PHE J 83 -7.89 40.74 -5.08
C PHE J 83 -6.93 39.51 -5.08
N THR J 84 -5.88 39.62 -4.27
CA THR J 84 -4.86 38.59 -4.13
C THR J 84 -5.52 37.32 -3.60
N ARG J 85 -6.35 37.49 -2.58
CA ARG J 85 -7.08 36.41 -2.01
C ARG J 85 -8.04 35.73 -3.02
N ARG J 86 -8.76 36.52 -3.82
CA ARG J 86 -9.74 35.99 -4.74
C ARG J 86 -9.00 35.06 -5.67
N ASN J 87 -7.82 35.47 -6.11
CA ASN J 87 -7.08 34.68 -7.05
C ASN J 87 -6.59 33.35 -6.47
N LEU J 88 -6.01 33.42 -5.27
CA LEU J 88 -5.44 32.23 -4.65
C LEU J 88 -6.55 31.26 -4.38
N ALA J 89 -7.62 31.75 -3.78
CA ALA J 89 -8.77 30.93 -3.43
C ALA J 89 -9.45 30.27 -4.67
N ASP J 90 -9.61 31.05 -5.73
CA ASP J 90 -10.21 30.58 -7.00
C ASP J 90 -9.35 29.51 -7.61
N CYS J 91 -8.03 29.58 -7.40
CA CYS J 91 -7.12 28.53 -7.93
C CYS J 91 -6.97 27.29 -7.06
N LEU J 92 -7.46 27.35 -5.80
CA LEU J 92 -7.16 26.33 -4.78
C LEU J 92 -7.64 24.92 -5.20
N ARG J 93 -8.83 24.85 -5.75
CA ARG J 93 -9.40 23.59 -6.19
C ARG J 93 -9.30 23.41 -7.72
N SER J 94 -8.46 24.18 -8.40
CA SER J 94 -8.28 24.12 -9.82
C SER J 94 -7.14 23.18 -10.12
N ARG J 95 -6.85 23.09 -11.40
CA ARG J 95 -5.68 22.38 -11.93
C ARG J 95 -4.37 23.12 -11.68
N THR J 96 -4.44 24.40 -11.34
CA THR J 96 -3.24 25.19 -11.09
C THR J 96 -3.29 25.90 -9.72
N PRO J 97 -3.20 25.15 -8.62
CA PRO J 97 -3.10 25.77 -7.31
C PRO J 97 -1.70 26.39 -7.12
N TYR J 98 -1.62 27.48 -6.37
CA TYR J 98 -0.30 28.08 -6.06
C TYR J 98 0.08 27.83 -4.57
N HIS J 99 1.19 27.16 -4.33
N HIS J 99 1.19 27.13 -4.30
CA HIS J 99 1.59 26.87 -2.97
CA HIS J 99 1.58 26.88 -2.88
C HIS J 99 2.48 28.00 -2.43
C HIS J 99 2.48 28.00 -2.40
N VAL J 100 1.83 29.06 -1.94
CA VAL J 100 2.52 30.27 -1.50
C VAL J 100 1.92 30.80 -0.23
N ASN J 101 2.77 31.36 0.61
CA ASN J 101 2.31 32.07 1.79
C ASN J 101 2.75 33.52 1.65
N LEU J 102 1.94 34.45 2.12
CA LEU J 102 2.16 35.87 1.81
C LEU J 102 1.96 36.77 2.99
N LEU J 103 2.65 37.91 2.93
CA LEU J 103 2.27 39.12 3.66
C LEU J 103 2.04 40.21 2.64
N LEU J 104 1.00 41.01 2.88
CA LEU J 104 0.78 42.21 2.15
C LEU J 104 0.87 43.37 3.08
N ALA J 105 1.79 44.30 2.78
CA ALA J 105 1.97 45.53 3.54
C ALA J 105 1.61 46.74 2.69
N GLY J 106 0.87 47.69 3.28
CA GLY J 106 0.55 48.89 2.58
C GLY J 106 0.25 50.08 3.44
N TYR J 107 0.20 51.24 2.78
CA TYR J 107 -0.23 52.49 3.40
C TYR J 107 -1.29 53.12 2.51
N ASP J 108 -2.46 53.39 3.08
CA ASP J 108 -3.53 54.09 2.38
C ASP J 108 -3.68 55.53 2.91
N GLU J 109 -3.87 56.49 2.00
CA GLU J 109 -4.07 57.90 2.35
C GLU J 109 -5.10 58.05 3.45
N HIS J 110 -6.20 57.31 3.39
CA HIS J 110 -7.33 57.53 4.30
C HIS J 110 -7.50 56.51 5.41
N GLU J 111 -7.00 55.29 5.22
CA GLU J 111 -7.13 54.22 6.22
C GLU J 111 -5.90 54.04 7.09
N GLY J 112 -4.76 54.51 6.63
CA GLY J 112 -3.53 54.35 7.38
C GLY J 112 -2.84 53.07 6.98
N PRO J 113 -1.84 52.63 7.76
CA PRO J 113 -1.02 51.51 7.37
C PRO J 113 -1.80 50.22 7.58
N ALA J 114 -1.48 49.20 6.81
CA ALA J 114 -2.13 47.87 6.97
C ALA J 114 -1.16 46.75 6.69
N LEU J 115 -1.34 45.66 7.42
CA LEU J 115 -0.60 44.44 7.24
C LEU J 115 -1.63 43.30 7.17
N TYR J 116 -1.44 42.48 6.13
CA TYR J 116 -2.31 41.35 5.87
C TYR J 116 -1.51 40.08 5.82
N TYR J 117 -2.05 39.06 6.46
CA TYR J 117 -1.46 37.71 6.43
C TYR J 117 -2.30 36.81 5.57
N MET J 118 -1.64 36.06 4.70
CA MET J 118 -2.33 35.06 3.94
C MET J 118 -1.56 33.75 3.89
N ASP J 119 -2.25 32.63 4.05
CA ASP J 119 -1.67 31.28 3.84
C ASP J 119 -2.09 30.70 2.45
N TYR J 120 -1.46 29.57 2.10
CA TYR J 120 -1.64 28.96 0.80
C TYR J 120 -3.07 28.54 0.58
N LEU J 121 -3.81 28.26 1.65
CA LEU J 121 -5.25 28.01 1.52
C LEU J 121 -6.12 29.27 1.11
N ALA J 122 -5.53 30.44 1.28
CA ALA J 122 -6.10 31.74 0.98
C ALA J 122 -7.01 32.24 2.07
N ALA J 123 -6.77 31.82 3.32
CA ALA J 123 -7.34 32.49 4.48
C ALA J 123 -6.62 33.85 4.62
N LEU J 124 -7.39 34.94 4.74
CA LEU J 124 -6.85 36.30 4.84
C LEU J 124 -7.15 36.91 6.22
N ALA J 125 -6.12 37.45 6.87
CA ALA J 125 -6.25 38.00 8.24
C ALA J 125 -5.51 39.31 8.29
N LYS J 126 -6.17 40.33 8.78
CA LYS J 126 -5.50 41.59 9.03
C LYS J 126 -4.87 41.48 10.42
N ALA J 127 -3.63 41.95 10.59
CA ALA J 127 -2.92 41.80 11.85
C ALA J 127 -2.03 43.01 12.18
N PRO J 128 -1.71 43.24 13.47
CA PRO J 128 -0.74 44.30 13.80
C PRO J 128 0.71 43.90 13.58
N PHE J 129 0.99 42.60 13.62
CA PHE J 129 2.26 42.03 13.20
C PHE J 129 2.04 40.54 12.86
N ALA J 130 2.99 39.96 12.15
CA ALA J 130 2.83 38.62 11.65
C ALA J 130 4.13 38.17 11.06
N ALA J 131 4.24 36.88 10.87
CA ALA J 131 5.42 36.24 10.33
C ALA J 131 5.02 34.88 9.66
N HIS J 132 5.84 34.44 8.71
CA HIS J 132 5.71 33.20 8.03
C HIS J 132 7.07 32.49 8.06
N GLY J 133 7.01 31.16 7.95
CA GLY J 133 8.17 30.31 7.90
C GLY J 133 8.34 29.63 9.27
N TYR J 134 9.16 28.62 9.32
CA TYR J 134 9.58 28.02 10.59
C TYR J 134 10.09 29.03 11.61
N GLY J 135 10.84 30.02 11.14
CA GLY J 135 11.34 31.11 11.99
C GLY J 135 10.26 31.83 12.76
N ALA J 136 9.05 31.85 12.23
CA ALA J 136 7.91 32.47 12.91
C ALA J 136 7.60 31.84 14.27
N PHE J 137 7.82 30.53 14.37
CA PHE J 137 7.55 29.81 15.60
C PHE J 137 8.41 30.33 16.74
N LEU J 138 9.62 30.79 16.43
CA LEU J 138 10.54 31.34 17.44
C LEU J 138 10.46 32.86 17.66
N THR J 139 9.82 33.59 16.74
CA THR J 139 9.75 35.06 16.83
C THR J 139 8.34 35.66 17.17
N LEU J 140 7.27 34.95 16.87
CA LEU J 140 5.93 35.50 17.17
C LEU J 140 5.70 35.84 18.67
N SER J 141 6.26 35.06 19.61
CA SER J 141 6.07 35.33 21.04
C SER J 141 6.90 36.52 21.49
N ILE J 142 8.06 36.73 20.84
CA ILE J 142 8.87 37.95 21.01
C ILE J 142 8.07 39.18 20.61
N LEU J 143 7.42 39.11 19.46
CA LEU J 143 6.50 40.18 19.07
C LEU J 143 5.34 40.35 20.08
N ASP J 144 4.71 39.26 20.50
CA ASP J 144 3.61 39.36 21.48
C ASP J 144 4.11 40.04 22.77
N ARG J 145 5.35 39.77 23.16
CA ARG J 145 5.88 40.22 24.42
C ARG J 145 6.11 41.75 24.46
N TYR J 146 6.66 42.29 23.37
CA TYR J 146 7.15 43.66 23.29
C TYR J 146 6.34 44.62 22.41
N TYR J 147 5.52 44.13 21.49
CA TYR J 147 4.81 45.08 20.66
C TYR J 147 3.79 45.93 21.47
N THR J 148 3.64 47.22 21.08
CA THR J 148 2.45 48.02 21.46
C THR J 148 1.98 48.88 20.28
N PRO J 149 0.67 49.18 20.24
CA PRO J 149 0.10 49.67 18.92
C PRO J 149 0.73 50.98 18.49
N THR J 150 1.27 51.72 19.48
CA THR J 150 1.88 52.99 19.18
C THR J 150 3.39 52.88 19.00
N ILE J 151 3.91 51.68 18.90
CA ILE J 151 5.36 51.49 18.76
C ILE J 151 5.93 52.40 17.68
N SER J 152 7.02 53.07 17.97
CA SER J 152 7.69 53.99 17.02
C SER J 152 8.54 53.20 16.07
N ARG J 153 8.93 53.81 14.97
CA ARG J 153 9.65 53.07 13.93
C ARG J 153 11.07 52.71 14.38
N GLU J 154 11.74 53.63 15.08
CA GLU J 154 13.02 53.35 15.78
C GLU J 154 13.03 52.14 16.77
N ARG J 155 11.96 52.01 17.57
CA ARG J 155 11.72 50.81 18.41
C ARG J 155 11.23 49.54 17.62
N ALA J 156 10.41 49.70 16.58
CA ALA J 156 10.01 48.60 15.66
C ALA J 156 11.23 47.94 15.03
N VAL J 157 12.18 48.75 14.55
CA VAL J 157 13.47 48.21 14.02
C VAL J 157 14.28 47.49 15.12
N GLU J 158 14.21 47.99 16.35
CA GLU J 158 14.80 47.28 17.51
C GLU J 158 14.17 45.93 17.81
N LEU J 159 12.83 45.91 17.82
CA LEU J 159 12.03 44.75 17.99
C LEU J 159 12.30 43.73 16.89
N LEU J 160 12.30 44.19 15.66
CA LEU J 160 12.69 43.34 14.51
C LEU J 160 14.04 42.70 14.72
N ARG J 161 14.99 43.49 15.22
CA ARG J 161 16.35 43.00 15.44
C ARG J 161 16.45 41.94 16.54
N LYS J 162 15.60 42.08 17.55
CA LYS J 162 15.45 41.03 18.53
C LYS J 162 14.99 39.70 17.92
N CYS J 163 13.98 39.77 17.05
CA CYS J 163 13.48 38.60 16.32
C CYS J 163 14.58 37.95 15.47
N LEU J 164 15.31 38.76 14.73
CA LEU J 164 16.36 38.24 13.86
C LEU J 164 17.55 37.68 14.61
N GLU J 165 17.88 38.28 15.76
CA GLU J 165 18.91 37.73 16.65
C GLU J 165 18.49 36.40 17.27
N GLU J 166 17.23 36.30 17.65
CA GLU J 166 16.68 35.02 18.09
C GLU J 166 16.84 33.89 17.05
N LEU J 167 16.74 34.20 15.76
CA LEU J 167 16.97 33.15 14.72
C LEU J 167 18.41 32.71 14.64
N GLN J 168 19.32 33.70 14.72
CA GLN J 168 20.74 33.40 14.78
C GLN J 168 21.02 32.48 15.99
N LYS J 169 20.40 32.77 17.12
CA LYS J 169 20.71 32.02 18.34
C LYS J 169 20.14 30.62 18.26
N ARG J 170 18.86 30.54 17.95
CA ARG J 170 18.04 29.36 18.26
C ARG J 170 17.63 28.53 17.03
N PHE J 171 17.55 29.14 15.85
CA PHE J 171 17.07 28.47 14.65
C PHE J 171 18.15 27.62 13.96
N ILE J 172 17.81 26.40 13.53
CA ILE J 172 18.82 25.54 12.90
C ILE J 172 19.26 25.94 11.52
N LEU J 173 18.57 26.85 10.87
CA LEU J 173 18.96 27.25 9.55
C LEU J 173 19.78 28.53 9.58
N ASN J 174 20.72 28.58 8.66
CA ASN J 174 21.63 29.69 8.47
C ASN J 174 20.98 30.76 7.62
N LEU J 175 20.39 31.73 8.29
CA LEU J 175 19.82 32.91 7.66
C LEU J 175 20.55 34.18 8.09
N PRO J 176 21.68 34.51 7.45
CA PRO J 176 22.54 35.52 8.01
C PRO J 176 22.24 36.97 7.64
N THR J 177 21.40 37.23 6.65
CA THR J 177 21.03 38.60 6.27
C THR J 177 19.57 38.73 5.87
N PHE J 178 19.07 39.94 6.04
CA PHE J 178 17.66 40.26 5.90
C PHE J 178 17.45 41.59 5.21
N SER J 179 16.52 41.59 4.23
CA SER J 179 16.03 42.81 3.59
C SER J 179 15.10 43.48 4.56
N VAL J 180 15.17 44.80 4.64
CA VAL J 180 14.25 45.56 5.49
C VAL J 180 13.74 46.77 4.70
N ARG J 181 12.43 47.01 4.80
CA ARG J 181 11.80 48.11 4.16
C ARG J 181 10.68 48.62 5.03
N ILE J 182 10.34 49.90 4.84
CA ILE J 182 9.20 50.47 5.52
C ILE J 182 8.33 51.25 4.55
N ILE J 183 7.05 51.30 4.86
CA ILE J 183 6.07 52.00 4.07
C ILE J 183 5.29 52.96 4.93
N ASP J 184 5.16 54.20 4.45
CA ASP J 184 4.37 55.21 5.11
C ASP J 184 3.71 56.17 4.05
N LYS J 185 3.18 57.31 4.51
CA LYS J 185 2.63 58.41 3.67
C LYS J 185 3.46 58.73 2.46
N ASN J 186 4.77 58.61 2.57
CA ASN J 186 5.68 58.93 1.49
C ASN J 186 6.18 57.78 0.70
N GLY J 187 5.49 56.63 0.76
CA GLY J 187 5.84 55.48 -0.06
C GLY J 187 6.74 54.49 0.63
N ILE J 188 7.56 53.82 -0.18
CA ILE J 188 8.34 52.67 0.23
C ILE J 188 9.79 53.11 0.36
N HIS J 189 10.41 52.84 1.52
CA HIS J 189 11.79 53.18 1.81
C HIS J 189 12.59 51.92 2.08
N ASP J 190 13.76 51.84 1.45
CA ASP J 190 14.73 50.81 1.72
C ASP J 190 15.57 51.14 2.97
N LEU J 191 15.47 50.32 4.04
CA LEU J 191 16.42 50.47 5.17
C LEU J 191 17.63 49.61 4.88
N ASP J 192 18.66 49.74 5.68
CA ASP J 192 19.84 48.90 5.52
C ASP J 192 19.45 47.49 5.85
N ASN J 193 20.14 46.58 5.20
CA ASN J 193 20.03 45.21 5.54
C ASN J 193 20.54 44.99 6.95
N ILE J 194 19.91 44.04 7.64
CA ILE J 194 20.35 43.62 8.96
C ILE J 194 21.06 42.31 8.68
N SER J 195 22.33 42.29 9.05
CA SER J 195 23.23 41.19 8.74
C SER J 195 24.02 40.75 9.98
N PHE J 196 24.57 39.54 9.89
CA PHE J 196 25.31 38.90 10.98
C PHE J 196 26.61 38.31 10.40
N LEU K 2 19.57 9.01 -20.12
CA LEU K 2 20.87 9.50 -19.63
C LEU K 2 20.84 10.66 -18.66
N LEU K 3 21.78 10.67 -17.74
CA LEU K 3 21.99 11.69 -16.66
C LEU K 3 23.26 12.46 -16.97
N THR L 1 26.35 15.06 -13.77
CA THR L 1 27.08 16.28 -14.24
C THR L 1 27.64 17.11 -13.12
N THR L 2 28.76 17.78 -13.44
CA THR L 2 29.14 19.02 -12.78
C THR L 2 29.28 20.16 -13.80
N THR L 3 28.58 21.26 -13.55
CA THR L 3 28.78 22.52 -14.28
C THR L 3 28.98 23.67 -13.29
N LEU L 4 29.74 24.68 -13.73
CA LEU L 4 29.83 25.93 -12.98
C LEU L 4 29.89 27.13 -13.90
N ALA L 5 29.50 28.27 -13.35
CA ALA L 5 29.77 29.54 -14.00
C ALA L 5 29.97 30.63 -12.97
N PHE L 6 30.72 31.67 -13.34
CA PHE L 6 30.91 32.86 -12.47
C PHE L 6 31.13 34.16 -13.25
N LYS L 7 30.47 35.23 -12.80
CA LYS L 7 30.74 36.58 -13.31
C LYS L 7 32.01 37.08 -12.67
N PHE L 8 32.78 37.84 -13.44
CA PHE L 8 33.93 38.55 -12.87
C PHE L 8 34.24 39.77 -13.75
N ARG L 9 35.29 40.52 -13.40
CA ARG L 9 35.66 41.77 -14.11
C ARG L 9 35.65 41.57 -15.62
N HIS L 10 36.23 40.48 -16.10
CA HIS L 10 36.36 40.25 -17.55
C HIS L 10 35.28 39.35 -18.18
N GLY L 11 34.09 39.32 -17.59
CA GLY L 11 32.93 38.60 -18.16
C GLY L 11 32.41 37.43 -17.34
N VAL L 12 32.21 36.28 -17.99
CA VAL L 12 31.69 35.12 -17.29
C VAL L 12 32.34 33.86 -17.79
N ILE L 13 32.92 33.11 -16.83
CA ILE L 13 33.50 31.81 -17.06
C ILE L 13 32.39 30.74 -16.95
N VAL L 14 32.45 29.76 -17.84
CA VAL L 14 31.51 28.66 -17.90
C VAL L 14 32.30 27.40 -18.12
N ALA L 15 32.07 26.39 -17.27
CA ALA L 15 32.76 25.11 -17.40
C ALA L 15 31.89 23.91 -17.07
N ALA L 16 32.26 22.77 -17.61
CA ALA L 16 31.47 21.56 -17.50
C ALA L 16 32.35 20.35 -17.60
N ASP L 17 31.88 19.23 -17.00
CA ASP L 17 32.43 17.89 -17.28
C ASP L 17 31.79 17.36 -18.58
N SER L 18 32.06 16.09 -18.92
CA SER L 18 31.60 15.54 -20.16
C SER L 18 31.04 14.11 -20.07
N ARG L 19 30.64 13.70 -18.86
CA ARG L 19 30.15 12.32 -18.67
C ARG L 19 28.65 12.24 -18.83
N ALA L 20 28.19 11.09 -19.33
CA ALA L 20 26.79 10.70 -19.23
C ALA L 20 26.69 9.33 -18.64
N THR L 21 25.64 9.12 -17.85
CA THR L 21 25.41 7.81 -17.27
C THR L 21 23.98 7.37 -17.45
N ALA L 22 23.84 6.05 -17.55
CA ALA L 22 22.54 5.41 -17.56
C ALA L 22 22.56 4.44 -16.39
N GLY L 23 21.86 4.76 -15.32
CA GLY L 23 22.10 4.09 -14.03
C GLY L 23 23.56 4.27 -13.66
N ALA L 24 24.21 3.17 -13.32
CA ALA L 24 25.64 3.23 -13.00
C ALA L 24 26.55 3.02 -14.22
N TYR L 25 25.97 2.74 -15.39
CA TYR L 25 26.75 2.55 -16.59
C TYR L 25 27.23 3.89 -17.12
N ILE L 26 28.51 4.01 -17.43
CA ILE L 26 29.04 5.21 -18.11
C ILE L 26 28.70 5.11 -19.61
N ALA L 27 27.79 5.97 -20.07
CA ALA L 27 27.32 5.95 -21.47
C ALA L 27 28.22 6.75 -22.40
N SER L 28 28.81 7.82 -21.87
CA SER L 28 29.72 8.66 -22.66
C SER L 28 30.72 9.38 -21.78
N GLN L 29 31.90 9.68 -22.35
CA GLN L 29 32.87 10.62 -21.75
C GLN L 29 33.05 11.85 -22.64
N THR L 30 32.20 12.03 -23.66
CA THR L 30 32.41 13.06 -24.67
C THR L 30 31.16 13.89 -24.95
N VAL L 31 30.38 14.16 -23.92
CA VAL L 31 29.17 14.96 -24.03
C VAL L 31 29.53 16.45 -24.07
N LYS L 32 28.83 17.20 -24.91
CA LYS L 32 28.91 18.65 -24.92
C LYS L 32 27.80 19.25 -24.08
N LYS L 33 28.10 19.74 -22.89
CA LYS L 33 27.07 20.22 -21.99
C LYS L 33 26.87 21.73 -22.00
N VAL L 34 27.64 22.43 -22.83
CA VAL L 34 27.47 23.86 -23.04
C VAL L 34 26.79 24.04 -24.38
N ILE L 35 25.64 24.67 -24.35
CA ILE L 35 24.90 24.94 -25.58
C ILE L 35 25.13 26.39 -26.04
N GLU L 36 25.47 26.55 -27.33
CA GLU L 36 25.75 27.88 -27.93
C GLU L 36 24.46 28.45 -28.45
N ILE L 37 23.78 29.28 -27.65
CA ILE L 37 22.45 29.81 -28.00
C ILE L 37 22.57 30.88 -29.06
N ASN L 38 23.50 31.79 -28.88
CA ASN L 38 23.95 32.66 -29.98
C ASN L 38 25.41 33.05 -29.70
N PRO L 39 26.06 33.88 -30.54
CA PRO L 39 27.45 34.26 -30.27
C PRO L 39 27.77 34.96 -28.92
N TYR L 40 26.75 35.42 -28.17
CA TYR L 40 26.93 36.13 -26.88
C TYR L 40 26.11 35.50 -25.69
N LEU L 41 25.60 34.27 -25.89
CA LEU L 41 24.73 33.56 -24.92
C LEU L 41 24.98 32.05 -24.89
N LEU L 42 25.35 31.55 -23.72
CA LEU L 42 25.50 30.12 -23.53
C LEU L 42 24.45 29.61 -22.52
N GLY L 43 24.04 28.36 -22.72
CA GLY L 43 23.20 27.61 -21.75
C GLY L 43 24.01 26.40 -21.31
N THR L 44 23.95 26.03 -20.03
CA THR L 44 24.59 24.77 -19.56
C THR L 44 23.54 23.69 -19.23
N MET L 45 23.92 22.42 -19.35
CA MET L 45 23.06 21.28 -19.10
C MET L 45 23.49 20.37 -17.91
N ALA L 46 22.58 20.18 -16.96
CA ALA L 46 22.73 19.23 -15.92
C ALA L 46 21.37 18.63 -15.64
N GLY L 47 21.34 17.32 -15.40
CA GLY L 47 20.12 16.64 -15.04
C GLY L 47 19.80 15.72 -16.15
N GLY L 48 18.53 15.63 -16.54
CA GLY L 48 18.09 14.71 -17.56
C GLY L 48 18.61 15.22 -18.87
N ALA L 49 19.35 14.37 -19.58
CA ALA L 49 19.99 14.75 -20.82
C ALA L 49 18.96 15.20 -21.91
N ALA L 50 17.92 14.39 -22.09
CA ALA L 50 16.94 14.67 -23.09
C ALA L 50 16.21 15.96 -22.75
N ASP L 51 15.85 16.12 -21.48
CA ASP L 51 15.12 17.33 -21.10
C ASP L 51 15.95 18.56 -21.30
N CYS L 52 17.20 18.52 -20.84
CA CYS L 52 18.09 19.68 -21.04
C CYS L 52 18.29 20.07 -22.50
N SER L 53 18.68 19.13 -23.33
CA SER L 53 18.91 19.43 -24.74
C SER L 53 17.65 19.87 -25.47
N PHE L 54 16.51 19.26 -25.20
CA PHE L 54 15.28 19.69 -25.86
C PHE L 54 14.89 21.13 -25.50
N TRP L 55 14.81 21.40 -24.20
CA TRP L 55 14.28 22.70 -23.74
C TRP L 55 15.27 23.84 -24.04
N GLU L 56 16.56 23.54 -24.03
CA GLU L 56 17.52 24.59 -24.36
C GLU L 56 17.61 24.82 -25.87
N ARG L 57 17.36 23.78 -26.66
CA ARG L 57 17.30 23.93 -28.10
C ARG L 57 16.06 24.77 -28.44
N LEU L 58 14.99 24.58 -27.71
CA LEU L 58 13.77 25.36 -27.92
C LEU L 58 13.95 26.80 -27.53
N LEU L 59 14.65 27.02 -26.41
CA LEU L 59 15.04 28.33 -26.01
C LEU L 59 15.81 29.03 -27.12
N ALA L 60 16.78 28.34 -27.71
CA ALA L 60 17.57 28.93 -28.77
C ALA L 60 16.70 29.31 -29.98
N ARG L 61 15.79 28.44 -30.39
CA ARG L 61 14.79 28.79 -31.40
C ARG L 61 14.02 30.08 -31.04
N GLN L 62 13.54 30.18 -29.81
CA GLN L 62 12.75 31.31 -29.39
C GLN L 62 13.56 32.63 -29.35
N CYS L 63 14.80 32.55 -28.88
CA CYS L 63 15.70 33.70 -28.85
C CYS L 63 15.98 34.22 -30.27
N ARG L 64 16.18 33.30 -31.21
CA ARG L 64 16.38 33.68 -32.61
C ARG L 64 15.16 34.37 -33.22
N ILE L 65 14.00 33.80 -33.01
CA ILE L 65 12.73 34.45 -33.42
C ILE L 65 12.61 35.84 -32.81
N TYR L 66 12.95 35.96 -31.52
CA TYR L 66 12.94 37.25 -30.82
C TYR L 66 13.79 38.28 -31.51
N GLU L 67 15.00 37.88 -31.88
CA GLU L 67 15.97 38.73 -32.47
C GLU L 67 15.49 39.23 -33.86
N LEU L 68 14.95 38.31 -34.67
CA LEU L 68 14.34 38.62 -35.95
C LEU L 68 13.16 39.57 -35.80
N ARG L 69 12.27 39.34 -34.84
CA ARG L 69 11.11 40.22 -34.67
C ARG L 69 11.43 41.61 -34.12
N ASN L 70 12.41 41.72 -33.22
CA ASN L 70 12.67 42.94 -32.50
C ASN L 70 13.89 43.72 -32.97
N LYS L 71 14.72 43.13 -33.83
CA LYS L 71 15.92 43.79 -34.36
C LYS L 71 16.98 44.08 -33.29
N GLU L 72 17.03 43.23 -32.27
CA GLU L 72 18.08 43.28 -31.24
C GLU L 72 18.18 41.99 -30.49
N ARG L 73 19.41 41.67 -30.10
CA ARG L 73 19.79 40.63 -29.10
C ARG L 73 18.79 40.61 -27.95
N ILE L 74 18.28 39.42 -27.64
CA ILE L 74 17.56 39.20 -26.38
C ILE L 74 18.54 39.38 -25.20
N SER L 75 18.06 40.02 -24.14
CA SER L 75 18.84 40.09 -22.88
C SER L 75 18.93 38.72 -22.17
N VAL L 76 19.92 38.59 -21.30
CA VAL L 76 20.10 37.41 -20.48
C VAL L 76 18.89 37.25 -19.55
N ALA L 77 18.41 38.36 -18.98
CA ALA L 77 17.21 38.32 -18.14
C ALA L 77 15.98 37.72 -18.90
N ALA L 78 15.74 38.24 -20.08
CA ALA L 78 14.59 37.82 -20.89
C ALA L 78 14.70 36.38 -21.41
N ALA L 79 15.89 35.94 -21.78
CA ALA L 79 16.12 34.58 -22.24
C ALA L 79 15.87 33.57 -21.10
N SER L 80 16.47 33.86 -19.95
CA SER L 80 16.33 33.03 -18.78
C SER L 80 14.84 32.94 -18.39
N LYS L 81 14.12 34.07 -18.55
CA LYS L 81 12.69 34.10 -18.23
C LYS L 81 11.83 33.30 -19.22
N LEU L 82 12.23 33.32 -20.49
CA LEU L 82 11.51 32.53 -21.47
C LEU L 82 11.63 31.08 -21.04
N LEU L 83 12.84 30.63 -20.71
CA LEU L 83 13.07 29.21 -20.31
C LEU L 83 12.25 28.81 -19.04
N ALA L 84 12.25 29.67 -18.07
CA ALA L 84 11.51 29.44 -16.82
C ALA L 84 10.04 29.30 -17.12
N ASN L 85 9.52 30.18 -17.96
CA ASN L 85 8.11 30.16 -18.28
C ASN L 85 7.71 28.93 -19.08
N MET L 86 8.57 28.43 -19.95
CA MET L 86 8.34 27.17 -20.68
C MET L 86 8.22 25.99 -19.73
N VAL L 87 9.18 25.84 -18.79
CA VAL L 87 9.22 24.64 -17.92
C VAL L 87 8.22 24.71 -16.76
N TYR L 88 7.79 25.90 -16.35
CA TYR L 88 6.86 26.05 -15.23
C TYR L 88 5.61 25.19 -15.43
N GLN L 89 5.11 25.13 -16.66
CA GLN L 89 3.85 24.39 -17.01
C GLN L 89 3.96 22.90 -16.74
N TYR L 90 5.18 22.39 -16.77
CA TYR L 90 5.43 21.00 -16.58
C TYR L 90 5.84 20.61 -15.17
N LYS L 91 5.81 21.53 -14.20
CA LYS L 91 6.19 21.14 -12.84
C LYS L 91 5.38 19.93 -12.36
N GLY L 92 6.05 18.99 -11.71
CA GLY L 92 5.42 17.86 -11.16
C GLY L 92 5.24 16.70 -12.16
N MET L 93 5.65 16.85 -13.41
CA MET L 93 5.53 15.81 -14.39
C MET L 93 6.85 15.08 -14.55
N GLY L 94 7.86 15.43 -13.77
CA GLY L 94 9.12 14.68 -13.70
C GLY L 94 10.22 15.14 -14.64
N LEU L 95 10.16 16.38 -15.17
CA LEU L 95 11.31 16.92 -15.88
C LEU L 95 12.43 17.14 -14.86
N SER L 96 13.67 16.92 -15.29
CA SER L 96 14.83 17.14 -14.45
C SER L 96 15.83 17.97 -15.27
N MET L 97 15.92 19.25 -14.95
CA MET L 97 16.79 20.17 -15.67
CA MET L 97 16.80 20.16 -15.64
C MET L 97 17.36 21.20 -14.68
N GLY L 98 18.68 21.38 -14.72
CA GLY L 98 19.34 22.47 -13.98
C GLY L 98 20.24 23.20 -14.96
N THR L 99 19.96 24.47 -15.20
CA THR L 99 20.71 25.22 -16.22
C THR L 99 21.19 26.60 -15.75
N MET L 100 22.34 27.00 -16.28
CA MET L 100 22.81 28.36 -16.16
C MET L 100 22.74 29.07 -17.53
N ILE L 101 22.07 30.23 -17.60
CA ILE L 101 22.04 31.05 -18.81
C ILE L 101 23.08 32.17 -18.64
N CYS L 102 24.09 32.20 -19.51
CA CYS L 102 25.33 32.99 -19.32
C CYS L 102 25.56 33.85 -20.54
N GLY L 103 25.62 35.16 -20.34
CA GLY L 103 25.86 36.10 -21.46
C GLY L 103 26.47 37.43 -21.08
N TRP L 104 26.38 38.36 -22.02
CA TRP L 104 26.78 39.75 -21.82
C TRP L 104 25.83 40.58 -22.65
N ASP L 105 25.03 41.42 -22.01
CA ASP L 105 24.05 42.27 -22.69
C ASP L 105 24.21 43.73 -22.22
N LYS L 106 23.18 44.56 -22.36
CA LYS L 106 23.27 45.98 -22.02
C LYS L 106 23.50 46.25 -20.52
N ARG L 107 23.17 45.30 -19.66
CA ARG L 107 23.50 45.40 -18.24
C ARG L 107 24.86 44.77 -17.90
N GLY L 108 25.66 44.41 -18.92
CA GLY L 108 26.97 43.78 -18.68
C GLY L 108 26.88 42.27 -18.57
N PRO L 109 27.84 41.66 -17.82
CA PRO L 109 27.83 40.19 -17.70
C PRO L 109 26.57 39.68 -17.01
N GLY L 110 25.96 38.62 -17.54
CA GLY L 110 24.71 38.11 -16.97
C GLY L 110 24.79 36.63 -16.68
N LEU L 111 24.24 36.24 -15.53
CA LEU L 111 24.23 34.86 -15.13
C LEU L 111 23.02 34.54 -14.31
N TYR L 112 22.20 33.64 -14.86
CA TYR L 112 20.98 33.18 -14.20
C TYR L 112 20.98 31.64 -14.06
N TYR L 113 20.49 31.18 -12.91
CA TYR L 113 20.25 29.76 -12.67
C TYR L 113 18.76 29.54 -12.93
N VAL L 114 18.44 28.53 -13.73
CA VAL L 114 17.04 28.15 -14.03
C VAL L 114 16.88 26.61 -13.90
N ASP L 115 15.84 26.15 -13.26
CA ASP L 115 15.60 24.70 -13.17
C ASP L 115 14.15 24.28 -13.35
N SER L 116 13.97 22.99 -13.44
CA SER L 116 12.64 22.38 -13.64
C SER L 116 11.73 22.46 -12.43
N GLU L 117 12.30 22.72 -11.25
CA GLU L 117 11.50 23.03 -10.03
C GLU L 117 10.75 24.37 -10.05
N GLY L 118 11.18 25.26 -10.94
CA GLY L 118 10.61 26.56 -11.02
C GLY L 118 11.52 27.72 -10.61
N ASN L 119 12.74 27.46 -10.12
CA ASN L 119 13.65 28.56 -9.69
C ASN L 119 14.19 29.31 -10.91
N ARG L 120 14.28 30.62 -10.77
CA ARG L 120 15.01 31.45 -11.68
C ARG L 120 15.70 32.53 -10.84
N ILE L 121 17.02 32.54 -10.82
CA ILE L 121 17.75 33.51 -10.00
C ILE L 121 19.03 33.98 -10.61
N SER L 122 19.29 35.29 -10.47
CA SER L 122 20.54 35.91 -10.91
C SER L 122 21.58 35.73 -9.82
N GLY L 123 22.85 35.70 -10.17
CA GLY L 123 23.88 35.57 -9.15
C GLY L 123 25.26 35.63 -9.72
N ALA L 124 26.21 35.72 -8.83
CA ALA L 124 27.60 35.97 -9.21
C ALA L 124 28.29 34.67 -9.60
N THR L 125 27.97 33.60 -8.86
CA THR L 125 28.54 32.29 -9.13
C THR L 125 27.42 31.25 -8.92
N PHE L 126 27.56 30.11 -9.57
CA PHE L 126 26.67 28.98 -9.38
C PHE L 126 27.43 27.73 -9.74
N SER L 127 27.01 26.59 -9.19
CA SER L 127 27.41 25.25 -9.69
C SER L 127 26.17 24.40 -9.64
N VAL L 128 26.07 23.45 -10.57
CA VAL L 128 24.81 22.69 -10.79
C VAL L 128 25.14 21.26 -11.19
N GLY L 129 24.42 20.30 -10.58
CA GLY L 129 24.61 18.89 -10.91
C GLY L 129 25.01 18.09 -9.70
N SER L 130 25.16 16.80 -9.90
CA SER L 130 25.46 15.88 -8.85
C SER L 130 26.83 16.20 -8.26
N GLY L 131 27.74 16.77 -9.06
CA GLY L 131 29.03 17.21 -8.53
C GLY L 131 29.14 18.63 -7.98
N SER L 132 28.02 19.36 -7.95
CA SER L 132 28.07 20.76 -7.61
C SER L 132 28.63 21.04 -6.25
N VAL L 133 28.34 20.20 -5.27
CA VAL L 133 28.77 20.46 -3.91
C VAL L 133 30.31 20.50 -3.82
N TYR L 134 30.97 19.65 -4.59
CA TYR L 134 32.41 19.52 -4.62
C TYR L 134 33.01 20.72 -5.40
N ALA L 135 32.40 21.08 -6.53
CA ALA L 135 32.80 22.27 -7.27
C ALA L 135 32.64 23.56 -6.46
N TYR L 136 31.57 23.67 -5.66
CA TYR L 136 31.37 24.88 -4.81
C TYR L 136 32.49 25.10 -3.81
N GLY L 137 32.94 24.02 -3.19
CA GLY L 137 34.00 24.13 -2.22
C GLY L 137 35.24 24.73 -2.83
N VAL L 138 35.67 24.19 -3.97
CA VAL L 138 36.89 24.72 -4.55
C VAL L 138 36.67 26.09 -5.18
N MET L 139 35.57 26.26 -5.91
CA MET L 139 35.28 27.56 -6.51
C MET L 139 35.13 28.64 -5.45
N ASP L 140 34.40 28.35 -4.37
CA ASP L 140 34.17 29.37 -3.38
C ASP L 140 35.49 29.82 -2.72
N ARG L 141 36.47 28.91 -2.52
CA ARG L 141 37.72 29.28 -1.84
C ARG L 141 38.68 30.04 -2.74
N GLY L 142 38.50 30.01 -4.05
CA GLY L 142 39.39 30.72 -4.95
C GLY L 142 38.79 31.92 -5.69
N TYR L 143 37.48 32.12 -5.57
CA TYR L 143 36.79 33.09 -6.39
C TYR L 143 37.05 34.48 -5.89
N SER L 144 37.19 35.38 -6.86
CA SER L 144 37.23 36.80 -6.61
C SER L 144 36.77 37.49 -7.88
N TYR L 145 36.01 38.58 -7.71
CA TYR L 145 35.55 39.38 -8.85
C TYR L 145 36.74 39.92 -9.66
N ASP L 146 37.87 40.16 -9.00
CA ASP L 146 39.06 40.71 -9.66
C ASP L 146 40.09 39.67 -10.06
N LEU L 147 39.68 38.42 -10.20
CA LEU L 147 40.56 37.42 -10.79
C LEU L 147 41.07 37.88 -12.14
N GLU L 148 42.34 37.59 -12.42
CA GLU L 148 42.86 37.75 -13.77
C GLU L 148 42.33 36.64 -14.66
N VAL L 149 42.26 36.92 -15.95
CA VAL L 149 41.68 36.01 -16.88
C VAL L 149 42.25 34.59 -16.71
N GLU L 150 43.58 34.46 -16.74
CA GLU L 150 44.17 33.11 -16.66
C GLU L 150 43.96 32.45 -15.28
N GLN L 151 43.86 33.27 -14.23
CA GLN L 151 43.56 32.71 -12.89
C GLN L 151 42.12 32.19 -12.84
N ALA L 152 41.21 32.85 -13.56
CA ALA L 152 39.81 32.45 -13.58
C ALA L 152 39.66 31.13 -14.34
N TYR L 153 40.39 30.98 -15.44
CA TYR L 153 40.42 29.71 -16.17
C TYR L 153 40.97 28.58 -15.28
N ASP L 154 42.00 28.85 -14.48
CA ASP L 154 42.62 27.82 -13.66
C ASP L 154 41.64 27.32 -12.57
N LEU L 155 40.94 28.26 -11.96
CA LEU L 155 39.98 27.98 -10.93
C LEU L 155 38.81 27.10 -11.41
N ALA L 156 38.19 27.52 -12.51
CA ALA L 156 37.09 26.79 -13.13
C ALA L 156 37.49 25.36 -13.46
N ARG L 157 38.61 25.24 -14.16
CA ARG L 157 39.16 23.95 -14.56
C ARG L 157 39.42 23.04 -13.33
N ARG L 158 40.00 23.61 -12.28
CA ARG L 158 40.35 22.87 -11.07
C ARG L 158 39.10 22.46 -10.26
N ALA L 159 38.13 23.36 -10.14
CA ALA L 159 36.88 23.04 -9.46
C ALA L 159 36.09 21.88 -10.14
N ILE L 160 35.96 21.89 -11.47
CA ILE L 160 35.33 20.78 -12.15
C ILE L 160 36.13 19.51 -12.00
N TYR L 161 37.43 19.62 -12.16
CA TYR L 161 38.33 18.49 -11.94
C TYR L 161 38.08 17.79 -10.58
N GLN L 162 38.05 18.57 -9.50
CA GLN L 162 37.91 18.03 -8.14
C GLN L 162 36.53 17.37 -7.95
N ALA L 163 35.52 17.96 -8.60
CA ALA L 163 34.19 17.34 -8.67
C ALA L 163 34.26 15.99 -9.38
N THR L 164 34.93 15.87 -10.53
CA THR L 164 35.03 14.55 -11.16
C THR L 164 35.67 13.47 -10.26
N TYR L 165 36.57 13.92 -9.40
CA TYR L 165 37.30 13.03 -8.48
C TYR L 165 36.37 12.44 -7.41
N ARG L 166 35.51 13.27 -6.82
CA ARG L 166 34.61 12.80 -5.75
C ARG L 166 33.28 12.21 -6.22
N ASP L 167 32.69 12.78 -7.26
CA ASP L 167 31.38 12.37 -7.75
C ASP L 167 31.51 11.29 -8.83
N ALA L 168 30.90 10.14 -8.56
CA ALA L 168 30.89 9.04 -9.53
C ALA L 168 30.20 9.43 -10.85
N TYR L 169 29.25 10.36 -10.80
CA TYR L 169 28.44 10.72 -11.99
C TYR L 169 29.03 11.90 -12.80
N SER L 170 30.23 12.36 -12.43
CA SER L 170 30.94 13.37 -13.18
C SER L 170 32.28 12.79 -13.65
N GLY L 171 32.68 13.18 -14.86
CA GLY L 171 33.95 12.75 -15.39
C GLY L 171 34.20 13.19 -16.81
N GLY L 172 35.25 12.61 -17.38
CA GLY L 172 35.62 12.82 -18.77
C GLY L 172 36.66 13.92 -18.97
N ALA L 173 36.20 15.09 -19.41
CA ALA L 173 37.06 16.17 -19.75
C ALA L 173 36.42 17.38 -19.19
N VAL L 174 37.21 18.42 -18.92
CA VAL L 174 36.62 19.71 -18.53
C VAL L 174 36.64 20.66 -19.73
N ASN L 175 35.46 21.15 -20.07
CA ASN L 175 35.28 22.04 -21.19
C ASN L 175 34.98 23.41 -20.65
N LEU L 176 35.75 24.39 -21.13
CA LEU L 176 35.80 25.72 -20.56
C LEU L 176 35.53 26.79 -21.64
N TYR L 177 34.70 27.76 -21.28
CA TYR L 177 34.25 28.84 -22.14
C TYR L 177 34.38 30.15 -21.35
N HIS L 178 34.44 31.23 -22.09
CA HIS L 178 34.57 32.56 -21.53
C HIS L 178 33.67 33.46 -22.35
N VAL L 179 32.68 34.09 -21.71
CA VAL L 179 31.83 35.09 -22.36
C VAL L 179 32.45 36.46 -22.15
N ARG L 180 32.84 37.08 -23.27
CA ARG L 180 33.46 38.43 -23.31
C ARG L 180 32.45 39.39 -23.94
N GLU L 181 32.72 40.69 -23.88
CA GLU L 181 31.76 41.71 -24.39
C GLU L 181 31.44 41.58 -25.87
N ASP L 182 32.39 41.08 -26.66
CA ASP L 182 32.15 40.83 -28.09
C ASP L 182 31.79 39.37 -28.44
N GLY L 183 31.39 38.55 -27.47
CA GLY L 183 31.03 37.16 -27.71
C GLY L 183 31.76 36.18 -26.83
N TRP L 184 31.31 34.95 -26.83
CA TRP L 184 31.98 33.88 -26.07
C TRP L 184 33.07 33.30 -26.93
N ILE L 185 34.07 32.73 -26.28
CA ILE L 185 35.06 31.87 -26.92
C ILE L 185 35.10 30.53 -26.20
N ARG L 186 35.40 29.48 -26.96
CA ARG L 186 35.75 28.18 -26.42
C ARG L 186 37.21 28.22 -26.00
N VAL L 187 37.51 28.11 -24.70
CA VAL L 187 38.90 28.32 -24.21
C VAL L 187 39.72 27.03 -24.13
N SER L 188 39.19 25.94 -23.58
CA SER L 188 39.91 24.65 -23.61
C SER L 188 39.04 23.42 -23.35
N SER L 189 39.56 22.26 -23.75
CA SER L 189 39.00 20.96 -23.46
C SER L 189 40.14 20.09 -22.98
N ASP L 190 40.14 19.76 -21.69
CA ASP L 190 41.23 18.99 -21.08
C ASP L 190 40.71 17.70 -20.47
N ASN L 191 41.17 16.55 -20.96
CA ASN L 191 40.85 15.32 -20.32
C ASN L 191 41.29 15.30 -18.83
N VAL L 192 40.41 14.78 -18.00
CA VAL L 192 40.60 14.73 -16.57
C VAL L 192 41.85 13.91 -16.21
N ALA L 193 42.17 12.89 -17.02
CA ALA L 193 43.38 12.07 -16.83
C ALA L 193 44.68 12.86 -17.11
N ASP L 194 44.64 13.78 -18.07
CA ASP L 194 45.78 14.65 -18.36
C ASP L 194 45.91 15.70 -17.25
N LEU L 195 44.78 16.25 -16.78
CA LEU L 195 44.80 17.16 -15.62
C LEU L 195 45.31 16.52 -14.33
N HIS L 196 45.13 15.21 -14.19
CA HIS L 196 45.61 14.48 -13.00
C HIS L 196 47.14 14.41 -12.99
N GLU L 197 47.71 14.10 -14.14
CA GLU L 197 49.15 14.16 -14.39
C GLU L 197 49.68 15.53 -13.97
N LYS L 198 49.07 16.57 -14.48
CA LYS L 198 49.48 17.94 -14.20
C LYS L 198 49.34 18.34 -12.72
N TYR L 199 48.20 18.09 -12.08
CA TYR L 199 48.02 18.60 -10.72
C TYR L 199 48.70 17.72 -9.65
N SER L 200 49.26 16.56 -10.04
CA SER L 200 50.21 15.81 -9.20
C SER L 200 51.16 14.97 -10.06
N ARG M 1 -2.88 -4.26 -13.23
CA ARG M 1 -1.95 -3.41 -14.03
C ARG M 1 -1.57 -4.20 -15.30
N PHE M 2 -2.34 -3.98 -16.36
CA PHE M 2 -1.83 -4.16 -17.72
C PHE M 2 -0.52 -3.39 -17.85
N SER M 3 0.61 -4.02 -18.25
CA SER M 3 1.80 -3.29 -18.63
CA SER M 3 1.82 -3.26 -18.64
C SER M 3 1.89 -3.13 -20.13
N PRO M 4 2.07 -1.88 -20.62
CA PRO M 4 2.15 -1.68 -22.04
C PRO M 4 3.47 -2.03 -22.64
N TYR M 5 4.43 -2.53 -21.85
CA TYR M 5 5.78 -2.82 -22.34
C TYR M 5 6.21 -4.22 -22.01
N VAL M 6 7.10 -4.76 -22.80
CA VAL M 6 7.75 -6.02 -22.52
C VAL M 6 9.11 -5.88 -23.14
N PHE M 7 10.09 -6.62 -22.59
CA PHE M 7 11.46 -6.57 -23.09
C PHE M 7 11.71 -7.69 -24.11
N ASN M 8 12.12 -7.37 -25.34
CA ASN M 8 12.31 -8.39 -26.37
C ASN M 8 13.74 -8.64 -26.77
N GLY M 9 14.67 -8.03 -26.07
CA GLY M 9 16.06 -8.38 -26.24
C GLY M 9 16.69 -7.77 -27.47
N GLY M 10 17.92 -8.18 -27.75
CA GLY M 10 18.57 -7.68 -28.93
C GLY M 10 19.69 -6.71 -28.64
N THR M 11 20.77 -6.88 -29.40
CA THR M 11 21.94 -6.05 -29.33
C THR M 11 22.26 -5.42 -30.68
N ILE M 12 22.59 -4.14 -30.65
CA ILE M 12 22.95 -3.34 -31.82
C ILE M 12 24.33 -2.68 -31.67
N LEU M 13 24.93 -2.37 -32.82
CA LEU M 13 26.27 -1.81 -32.88
C LEU M 13 26.47 -0.99 -34.16
N ALA M 14 27.10 0.18 -34.04
CA ALA M 14 27.52 0.94 -35.22
C ALA M 14 28.95 1.47 -35.06
N ILE M 15 29.70 1.41 -36.17
CA ILE M 15 31.08 1.89 -36.23
C ILE M 15 31.22 2.87 -37.42
N ALA M 16 31.80 4.05 -37.15
CA ALA M 16 32.14 5.04 -38.19
C ALA M 16 33.59 4.85 -38.67
N GLY M 17 33.77 4.60 -39.97
CA GLY M 17 35.11 4.64 -40.60
C GLY M 17 35.32 5.92 -41.37
N GLU M 18 36.48 6.04 -42.02
CA GLU M 18 36.80 7.25 -42.81
C GLU M 18 35.85 7.37 -43.97
N ASP M 19 35.55 6.24 -44.62
CA ASP M 19 34.63 6.23 -45.76
C ASP M 19 33.61 5.08 -45.68
N PHE M 20 33.29 4.62 -44.49
CA PHE M 20 32.21 3.64 -44.36
C PHE M 20 31.52 3.80 -43.05
N ALA M 21 30.36 3.17 -42.94
CA ALA M 21 29.71 2.96 -41.65
C ALA M 21 29.19 1.55 -41.62
N ILE M 22 29.31 0.92 -40.46
CA ILE M 22 28.75 -0.42 -40.19
C ILE M 22 27.61 -0.29 -39.19
N VAL M 23 26.50 -0.98 -39.43
CA VAL M 23 25.44 -1.15 -38.45
C VAL M 23 25.17 -2.63 -38.38
N ALA M 24 25.23 -3.18 -37.18
CA ALA M 24 25.13 -4.63 -36.97
C ALA M 24 24.18 -4.94 -35.84
N SER M 25 23.57 -6.12 -35.90
CA SER M 25 22.67 -6.58 -34.87
C SER M 25 22.54 -8.06 -34.87
N ASP M 26 22.14 -8.65 -33.75
CA ASP M 26 21.79 -10.08 -33.71
C ASP M 26 20.35 -10.24 -34.18
N THR M 27 19.91 -11.48 -34.38
CA THR M 27 18.62 -11.72 -35.04
C THR M 27 17.58 -12.39 -34.15
N ARG M 28 17.87 -12.53 -32.86
CA ARG M 28 16.98 -13.19 -31.92
C ARG M 28 15.96 -12.23 -31.34
N LEU M 29 14.72 -12.67 -31.27
CA LEU M 29 13.70 -11.92 -30.61
C LEU M 29 13.15 -12.79 -29.53
N SER M 30 13.16 -12.27 -28.30
CA SER M 30 12.84 -13.04 -27.11
C SER M 30 11.66 -12.45 -26.39
N GLU M 31 11.15 -13.20 -25.43
CA GLU M 31 10.24 -12.70 -24.44
C GLU M 31 10.29 -13.61 -23.24
N GLY M 32 10.54 -13.06 -22.05
CA GLY M 32 10.69 -13.88 -20.85
C GLY M 32 11.85 -14.84 -20.97
N PHE M 33 11.60 -16.12 -20.75
CA PHE M 33 12.64 -17.14 -20.97
C PHE M 33 12.53 -17.86 -22.35
N SER M 34 11.76 -17.31 -23.28
CA SER M 34 11.50 -17.91 -24.60
C SER M 34 12.04 -17.13 -25.76
N ILE M 35 12.15 -17.82 -26.88
CA ILE M 35 12.51 -17.25 -28.16
C ILE M 35 11.27 -17.20 -29.07
N HIS M 36 10.95 -16.01 -29.53
CA HIS M 36 9.86 -15.79 -30.48
C HIS M 36 10.34 -16.27 -31.84
N THR M 37 11.47 -15.76 -32.30
CA THR M 37 12.01 -16.18 -33.58
C THR M 37 13.49 -15.96 -33.60
N ARG M 38 14.16 -16.72 -34.44
CA ARG M 38 15.62 -16.67 -34.61
C ARG M 38 16.03 -15.79 -35.79
N ASP M 39 15.07 -15.18 -36.47
CA ASP M 39 15.38 -14.40 -37.65
C ASP M 39 14.60 -13.08 -37.66
N SER M 40 14.99 -12.18 -36.78
CA SER M 40 14.38 -10.88 -36.62
C SER M 40 15.53 -9.87 -36.45
N PRO M 41 16.04 -9.33 -37.57
CA PRO M 41 17.11 -8.32 -37.52
C PRO M 41 16.61 -7.01 -36.96
N LYS M 42 17.53 -6.23 -36.46
CA LYS M 42 17.20 -5.00 -35.76
C LYS M 42 17.67 -3.78 -36.51
N CYS M 43 18.15 -4.00 -37.75
CA CYS M 43 18.63 -2.94 -38.61
CA CYS M 43 18.60 -2.94 -38.64
C CYS M 43 17.51 -2.66 -39.64
N TYR M 44 17.34 -1.38 -39.98
CA TYR M 44 16.36 -0.92 -40.98
C TYR M 44 17.02 0.12 -41.88
N LYS M 45 16.96 -0.11 -43.20
CA LYS M 45 17.45 0.85 -44.20
C LYS M 45 16.54 2.07 -44.25
N LEU M 46 17.09 3.26 -44.12
CA LEU M 46 16.30 4.49 -44.23
C LEU M 46 16.47 5.17 -45.59
N THR M 47 17.73 5.30 -46.04
CA THR M 47 18.09 5.84 -47.36
C THR M 47 19.27 5.02 -47.81
N ASP M 48 19.74 5.31 -49.02
CA ASP M 48 20.98 4.73 -49.56
C ASP M 48 22.23 5.01 -48.73
N LYS M 49 22.18 6.02 -47.85
CA LYS M 49 23.29 6.48 -47.03
C LYS M 49 23.08 6.29 -45.54
N THR M 50 21.91 5.84 -45.09
CA THR M 50 21.60 5.77 -43.62
C THR M 50 20.86 4.47 -43.23
N VAL M 51 21.33 3.83 -42.17
CA VAL M 51 20.71 2.66 -41.61
C VAL M 51 20.51 2.97 -40.12
N ILE M 52 19.42 2.45 -39.55
CA ILE M 52 19.14 2.57 -38.13
C ILE M 52 19.02 1.20 -37.47
N GLY M 53 19.59 1.07 -36.27
CA GLY M 53 19.47 -0.12 -35.45
C GLY M 53 18.52 0.20 -34.31
N CYS M 54 17.56 -0.70 -34.04
CA CYS M 54 16.57 -0.51 -32.96
C CYS M 54 16.42 -1.77 -32.11
N SER M 55 16.53 -1.64 -30.79
CA SER M 55 16.22 -2.78 -29.92
C SER M 55 15.41 -2.33 -28.72
N GLY M 56 14.78 -3.29 -28.06
CA GLY M 56 14.06 -2.99 -26.83
C GLY M 56 12.73 -3.66 -26.93
N PHE M 57 11.68 -2.87 -26.71
CA PHE M 57 10.33 -3.36 -26.84
C PHE M 57 9.98 -3.37 -28.34
N HIS M 58 9.79 -4.58 -28.86
CA HIS M 58 9.51 -4.77 -30.30
C HIS M 58 8.31 -4.04 -30.85
N GLY M 59 7.22 -3.98 -30.11
CA GLY M 59 6.08 -3.16 -30.53
C GLY M 59 6.40 -1.71 -30.81
N ASP M 60 7.31 -1.12 -30.02
CA ASP M 60 7.78 0.25 -30.27
C ASP M 60 8.81 0.28 -31.38
N CYS M 61 9.66 -0.74 -31.50
CA CYS M 61 10.58 -0.75 -32.64
C CYS M 61 9.84 -0.72 -33.99
N LEU M 62 8.75 -1.50 -34.09
CA LEU M 62 8.00 -1.53 -35.31
C LEU M 62 7.29 -0.23 -35.55
N THR M 63 6.62 0.30 -34.55
CA THR M 63 5.93 1.55 -34.72
C THR M 63 6.85 2.72 -35.07
N LEU M 64 7.96 2.83 -34.34
CA LEU M 64 8.87 3.93 -34.52
C LEU M 64 9.49 3.91 -35.92
N THR M 65 9.93 2.74 -36.40
CA THR M 65 10.52 2.68 -37.73
C THR M 65 9.51 3.03 -38.88
N LYS M 66 8.24 2.64 -38.74
CA LYS M 66 7.19 3.04 -39.65
C LYS M 66 6.90 4.54 -39.59
N ILE M 67 6.96 5.16 -38.41
CA ILE M 67 6.91 6.62 -38.31
C ILE M 67 8.09 7.29 -39.03
N ILE M 68 9.29 6.79 -38.79
CA ILE M 68 10.45 7.37 -39.43
C ILE M 68 10.31 7.29 -40.96
N GLU M 69 9.89 6.12 -41.46
CA GLU M 69 9.68 5.93 -42.93
C GLU M 69 8.73 6.95 -43.54
N ALA M 70 7.56 7.12 -42.91
CA ALA M 70 6.59 8.14 -43.33
C ALA M 70 7.17 9.57 -43.30
N ARG M 71 7.90 9.91 -42.25
CA ARG M 71 8.47 11.24 -42.12
C ARG M 71 9.53 11.54 -43.14
N LEU M 72 10.34 10.54 -43.51
CA LEU M 72 11.33 10.70 -44.58
C LEU M 72 10.70 11.03 -45.93
N LYS M 73 9.59 10.37 -46.24
CA LYS M 73 8.82 10.70 -47.43
C LYS M 73 8.19 12.06 -47.38
N MET M 74 7.58 12.38 -46.26
CA MET M 74 7.01 13.71 -46.09
C MET M 74 8.08 14.79 -46.31
N TYR M 75 9.25 14.62 -45.70
CA TYR M 75 10.39 15.56 -45.87
C TYR M 75 10.75 15.70 -47.36
N LYS M 76 10.90 14.56 -48.03
CA LYS M 76 11.32 14.52 -49.40
C LYS M 76 10.31 15.20 -50.33
N HIS M 77 9.02 15.06 -50.05
CA HIS M 77 7.99 15.77 -50.78
C HIS M 77 8.00 17.27 -50.53
N SER M 78 8.22 17.73 -49.29
CA SER M 78 8.17 19.17 -49.09
C SER M 78 9.47 19.88 -49.44
N ASN M 79 10.61 19.19 -49.37
CA ASN M 79 11.92 19.80 -49.63
C ASN M 79 12.64 19.32 -50.91
N ASN M 80 12.07 18.40 -51.66
CA ASN M 80 12.68 17.89 -52.91
C ASN M 80 14.09 17.35 -52.81
N LYS M 81 14.41 16.71 -51.70
CA LYS M 81 15.66 15.98 -51.53
C LYS M 81 15.52 14.99 -50.36
N ALA M 82 16.33 13.94 -50.36
CA ALA M 82 16.39 12.97 -49.28
C ALA M 82 16.99 13.62 -48.02
N MET M 83 16.54 13.16 -46.88
CA MET M 83 17.09 13.57 -45.60
C MET M 83 18.52 13.08 -45.43
N THR M 84 19.39 13.95 -44.95
CA THR M 84 20.73 13.56 -44.56
C THR M 84 20.72 12.73 -43.26
N THR M 85 21.83 12.05 -43.03
CA THR M 85 22.03 11.25 -41.81
C THR M 85 21.85 12.11 -40.57
N GLY M 86 22.47 13.28 -40.57
CA GLY M 86 22.38 14.24 -39.47
C GLY M 86 21.00 14.84 -39.26
N ALA M 87 20.26 15.09 -40.33
CA ALA M 87 18.89 15.57 -40.22
C ALA M 87 17.92 14.49 -39.73
N ILE M 88 18.16 13.23 -40.11
CA ILE M 88 17.41 12.11 -39.55
C ILE M 88 17.63 12.02 -38.01
N ALA M 89 18.89 12.14 -37.59
CA ALA M 89 19.24 12.05 -36.18
C ALA M 89 18.53 13.14 -35.38
N ALA M 90 18.60 14.38 -35.90
CA ALA M 90 17.92 15.50 -35.25
C ALA M 90 16.41 15.29 -35.19
N MET M 91 15.83 14.81 -36.30
CA MET M 91 14.39 14.54 -36.34
C MET M 91 13.97 13.48 -35.33
N LEU M 92 14.72 12.39 -35.32
CA LEU M 92 14.43 11.27 -34.39
C LEU M 92 14.48 11.74 -32.94
N SER M 93 15.35 12.67 -32.64
CA SER M 93 15.37 13.20 -31.30
C SER M 93 14.03 13.82 -30.92
N THR M 94 13.44 14.58 -31.84
CA THR M 94 12.16 15.21 -31.56
C THR M 94 11.00 14.20 -31.52
N ILE M 95 11.07 13.13 -32.30
CA ILE M 95 10.02 12.12 -32.28
C ILE M 95 10.04 11.37 -30.94
N LEU M 96 11.24 11.05 -30.45
CA LEU M 96 11.37 10.42 -29.13
C LEU M 96 10.85 11.33 -28.04
N TYR M 97 11.14 12.63 -28.13
CA TYR M 97 10.72 13.55 -27.08
C TYR M 97 9.24 13.79 -27.08
N SER M 98 8.58 13.68 -28.24
CA SER M 98 7.13 13.82 -28.26
C SER M 98 6.44 12.81 -27.32
N ARG M 99 7.05 11.65 -27.09
CA ARG M 99 6.57 10.65 -26.13
C ARG M 99 7.30 10.69 -24.78
N ARG M 100 7.77 11.88 -24.40
CA ARG M 100 8.48 12.05 -23.15
C ARG M 100 7.78 11.49 -21.95
N PHE M 101 6.49 11.67 -21.87
CA PHE M 101 5.67 11.13 -20.82
C PHE M 101 5.02 9.73 -21.03
N PHE M 102 5.31 9.05 -22.16
CA PHE M 102 4.96 7.62 -22.40
C PHE M 102 5.95 7.07 -23.42
N PRO M 103 7.20 6.86 -23.04
CA PRO M 103 8.25 6.71 -24.02
C PRO M 103 8.18 5.51 -24.91
N TYR M 104 8.77 5.66 -26.08
CA TYR M 104 9.21 4.56 -26.88
C TYR M 104 10.34 3.83 -26.16
N TYR M 105 10.10 2.57 -25.79
CA TYR M 105 11.11 1.74 -25.18
C TYR M 105 11.99 1.12 -26.25
N VAL M 106 12.85 1.97 -26.80
CA VAL M 106 13.73 1.63 -27.90
C VAL M 106 15.12 2.27 -27.67
N TYR M 107 16.19 1.52 -27.87
CA TYR M 107 17.52 2.05 -27.96
C TYR M 107 17.82 2.13 -29.45
N ASN M 108 18.20 3.33 -29.90
CA ASN M 108 18.42 3.62 -31.31
C ASN M 108 19.85 4.01 -31.56
N ILE M 109 20.44 3.42 -32.61
CA ILE M 109 21.74 3.83 -33.11
C ILE M 109 21.66 4.00 -34.63
N ILE M 110 21.94 5.21 -35.12
CA ILE M 110 22.02 5.51 -36.56
C ILE M 110 23.47 5.36 -37.04
N GLY M 111 23.66 4.64 -38.14
CA GLY M 111 24.94 4.58 -38.83
C GLY M 111 24.76 4.94 -40.30
N GLY M 112 25.66 5.79 -40.80
CA GLY M 112 25.62 6.21 -42.21
C GLY M 112 26.75 7.14 -42.63
N LEU M 113 26.58 7.74 -43.80
CA LEU M 113 27.57 8.67 -44.30
C LEU M 113 27.09 10.09 -44.11
N ASP M 114 27.99 10.99 -43.70
CA ASP M 114 27.66 12.40 -43.57
C ASP M 114 27.74 13.09 -44.94
N GLU M 115 27.55 14.41 -44.97
CA GLU M 115 27.61 15.15 -46.25
C GLU M 115 29.01 15.26 -46.88
N GLU M 116 30.07 15.00 -46.14
CA GLU M 116 31.40 14.91 -46.71
C GLU M 116 31.78 13.48 -47.11
N GLY M 117 30.88 12.50 -46.97
CA GLY M 117 31.16 11.09 -47.35
C GLY M 117 31.87 10.30 -46.26
N LYS M 118 31.97 10.87 -45.07
CA LYS M 118 32.58 10.15 -43.98
C LYS M 118 31.55 9.38 -43.14
N GLY M 119 32.02 8.32 -42.47
CA GLY M 119 31.23 7.57 -41.50
C GLY M 119 30.67 8.43 -40.40
N ALA M 120 29.41 8.19 -40.03
CA ALA M 120 28.75 8.90 -38.99
C ALA M 120 27.89 7.96 -38.18
N VAL M 121 28.08 7.97 -36.86
CA VAL M 121 27.25 7.25 -35.92
C VAL M 121 26.60 8.22 -34.95
N TYR M 122 25.30 8.05 -34.75
CA TYR M 122 24.55 8.76 -33.72
C TYR M 122 23.84 7.75 -32.84
N SER M 123 23.89 7.97 -31.53
CA SER M 123 23.32 7.09 -30.50
C SER M 123 22.37 7.88 -29.63
N PHE M 124 21.31 7.22 -29.17
CA PHE M 124 20.18 7.87 -28.55
C PHE M 124 19.78 7.17 -27.27
N ASP M 125 19.20 7.93 -26.35
CA ASP M 125 18.42 7.35 -25.28
C ASP M 125 16.94 7.28 -25.68
N PRO M 126 16.13 6.53 -24.93
CA PRO M 126 14.71 6.35 -25.32
C PRO M 126 13.87 7.62 -25.46
N VAL M 127 14.22 8.69 -24.75
CA VAL M 127 13.49 9.96 -24.86
C VAL M 127 14.20 11.04 -25.70
N GLY M 128 15.24 10.69 -26.43
CA GLY M 128 15.73 11.55 -27.51
C GLY M 128 17.04 12.28 -27.36
N SER M 129 17.69 12.18 -26.19
CA SER M 129 19.06 12.67 -26.03
C SER M 129 19.93 11.96 -27.05
N TYR M 130 20.80 12.68 -27.72
CA TYR M 130 21.71 12.02 -28.68
C TYR M 130 22.98 12.76 -28.92
N GLN M 131 23.94 12.07 -29.50
CA GLN M 131 25.16 12.69 -29.96
C GLN M 131 25.82 11.83 -31.02
N ARG M 132 26.81 12.40 -31.67
CA ARG M 132 27.64 11.70 -32.60
C ARG M 132 28.70 10.94 -31.83
N ASP M 133 29.05 9.76 -32.31
CA ASP M 133 30.07 8.92 -31.73
C ASP M 133 30.91 8.36 -32.86
N SER M 134 32.10 7.90 -32.53
CA SER M 134 32.94 7.15 -33.45
C SER M 134 32.45 5.71 -33.57
N PHE M 135 31.96 5.16 -32.47
CA PHE M 135 31.40 3.80 -32.46
C PHE M 135 30.56 3.63 -31.22
N LYS M 136 29.56 2.78 -31.29
CA LYS M 136 28.64 2.67 -30.18
C LYS M 136 27.89 1.35 -30.16
N ALA M 137 27.79 0.74 -28.98
CA ALA M 137 26.96 -0.44 -28.79
C ALA M 137 25.66 -0.07 -28.06
N GLY M 138 24.62 -0.85 -28.30
CA GLY M 138 23.33 -0.60 -27.70
C GLY M 138 22.60 -1.90 -27.45
N GLY M 139 21.60 -1.82 -26.60
CA GLY M 139 20.74 -2.96 -26.34
C GLY M 139 21.34 -3.88 -25.31
N SER M 140 20.88 -5.11 -25.37
CA SER M 140 21.00 -6.07 -24.30
C SER M 140 22.43 -6.34 -23.82
N ALA M 141 23.34 -6.58 -24.76
CA ALA M 141 24.73 -6.86 -24.47
C ALA M 141 25.64 -5.63 -24.59
N SER M 142 25.11 -4.41 -24.53
CA SER M 142 25.94 -3.24 -24.82
C SER M 142 27.08 -3.02 -23.85
N ALA M 143 26.89 -3.36 -22.59
CA ALA M 143 27.99 -3.26 -21.64
C ALA M 143 29.05 -4.30 -21.89
N MET M 144 28.72 -5.37 -22.59
CA MET M 144 29.71 -6.36 -23.01
C MET M 144 30.48 -5.95 -24.25
N LEU M 145 29.83 -5.28 -25.19
CA LEU M 145 30.54 -4.88 -26.41
C LEU M 145 31.40 -3.63 -26.24
N GLN M 146 30.90 -2.63 -25.51
CA GLN M 146 31.47 -1.30 -25.54
C GLN M 146 32.92 -1.23 -25.03
N PRO M 147 33.21 -1.85 -23.88
CA PRO M 147 34.59 -1.80 -23.37
C PRO M 147 35.67 -2.28 -24.30
N LEU M 148 35.42 -3.42 -24.95
CA LEU M 148 36.38 -3.93 -25.92
C LEU M 148 36.60 -2.94 -27.06
N LEU M 149 35.55 -2.29 -27.50
CA LEU M 149 35.68 -1.30 -28.58
C LEU M 149 36.41 -0.05 -28.11
N ASP M 150 36.11 0.42 -26.91
CA ASP M 150 36.92 1.47 -26.28
C ASP M 150 38.43 1.18 -26.39
N ASN M 151 38.80 -0.04 -26.02
CA ASN M 151 40.15 -0.49 -26.01
C ASN M 151 40.76 -0.66 -27.40
N GLN M 152 40.07 -1.37 -28.27
CA GLN M 152 40.60 -1.76 -29.59
C GLN M 152 40.48 -0.72 -30.67
N VAL M 153 39.38 0.04 -30.68
CA VAL M 153 39.14 1.10 -31.66
C VAL M 153 39.57 2.45 -31.10
N GLY M 154 39.28 2.72 -29.82
CA GLY M 154 39.70 3.95 -29.20
C GLY M 154 41.12 3.93 -28.66
N PHE M 155 41.78 2.77 -28.72
CA PHE M 155 43.13 2.57 -28.18
C PHE M 155 43.24 2.89 -26.70
N LYS M 156 42.12 2.79 -25.99
CA LYS M 156 42.11 3.16 -24.58
C LYS M 156 42.91 2.24 -23.64
N ASN M 157 43.51 2.86 -22.62
CA ASN M 157 44.37 2.20 -21.65
C ASN M 157 45.62 1.50 -22.23
N MET M 158 45.99 1.83 -23.46
CA MET M 158 47.16 1.23 -24.11
C MET M 158 48.33 2.21 -24.26
N GLN M 159 49.52 1.79 -23.81
CA GLN M 159 50.78 2.52 -24.05
C GLN M 159 51.49 1.95 -25.28
N ASN M 160 52.29 2.79 -25.92
CA ASN M 160 53.19 2.34 -27.01
C ASN M 160 52.48 1.56 -28.13
N VAL M 161 51.35 2.08 -28.63
CA VAL M 161 50.69 1.57 -29.87
C VAL M 161 50.42 2.74 -30.79
N GLU M 162 50.62 2.54 -32.11
CA GLU M 162 50.34 3.58 -33.11
C GLU M 162 48.82 3.66 -33.30
N HIS M 163 48.27 4.87 -33.17
CA HIS M 163 46.84 5.16 -33.37
C HIS M 163 46.52 5.23 -34.88
N VAL M 164 46.49 4.07 -35.52
CA VAL M 164 46.18 3.98 -36.95
C VAL M 164 44.67 4.18 -37.27
N PRO M 165 44.38 4.59 -38.55
CA PRO M 165 42.99 4.62 -39.01
C PRO M 165 42.32 3.25 -39.05
N LEU M 166 41.02 3.21 -38.81
CA LEU M 166 40.29 1.96 -38.74
C LEU M 166 39.96 1.50 -40.16
N SER M 167 40.56 0.37 -40.56
CA SER M 167 40.25 -0.29 -41.81
C SER M 167 38.94 -1.06 -41.69
N LEU M 168 38.25 -1.16 -42.81
CA LEU M 168 37.00 -1.90 -42.90
C LEU M 168 37.18 -3.34 -42.44
N ASP M 169 38.29 -3.98 -42.84
CA ASP M 169 38.53 -5.40 -42.55
C ASP M 169 38.70 -5.61 -41.07
N ARG M 170 39.46 -4.74 -40.41
CA ARG M 170 39.64 -4.85 -38.99
C ARG M 170 38.31 -4.58 -38.30
N ALA M 171 37.59 -3.55 -38.73
CA ALA M 171 36.31 -3.20 -38.11
C ALA M 171 35.35 -4.38 -38.19
N MET M 172 35.34 -5.05 -39.33
CA MET M 172 34.54 -6.25 -39.52
C MET M 172 34.93 -7.43 -38.59
N ARG M 173 36.22 -7.67 -38.43
CA ARG M 173 36.73 -8.71 -37.55
C ARG M 173 36.34 -8.37 -36.09
N LEU M 174 36.39 -7.09 -35.73
CA LEU M 174 35.96 -6.62 -34.41
C LEU M 174 34.47 -6.85 -34.14
N VAL M 175 33.64 -6.48 -35.11
CA VAL M 175 32.20 -6.63 -34.99
C VAL M 175 31.85 -8.08 -34.74
N LYS M 176 32.40 -8.98 -35.53
CA LYS M 176 32.11 -10.39 -35.37
C LYS M 176 32.61 -10.93 -34.01
N ASP M 177 33.81 -10.54 -33.62
CA ASP M 177 34.35 -10.95 -32.33
C ASP M 177 33.48 -10.56 -31.16
N VAL M 178 33.07 -9.29 -31.08
CA VAL M 178 32.32 -8.83 -29.90
C VAL M 178 30.92 -9.48 -29.83
N PHE M 179 30.28 -9.72 -30.98
CA PHE M 179 29.00 -10.42 -30.94
C PHE M 179 29.15 -11.89 -30.56
N ILE M 180 30.23 -12.50 -31.01
CA ILE M 180 30.54 -13.87 -30.60
C ILE M 180 30.81 -13.95 -29.10
N SER M 181 31.54 -12.99 -28.55
CA SER M 181 31.76 -12.96 -27.09
C SER M 181 30.48 -12.69 -26.35
N ALA M 182 29.65 -11.83 -26.92
CA ALA M 182 28.37 -11.53 -26.31
C ALA M 182 27.44 -12.74 -26.30
N ALA M 183 27.41 -13.51 -27.38
CA ALA M 183 26.53 -14.68 -27.43
C ALA M 183 26.89 -15.73 -26.37
N GLU M 184 28.14 -15.72 -25.91
CA GLU M 184 28.61 -16.58 -24.81
C GLU M 184 27.93 -16.28 -23.47
N ARG M 185 27.56 -15.01 -23.23
CA ARG M 185 27.19 -14.54 -21.90
C ARG M 185 25.82 -13.87 -21.75
N ASP M 186 25.39 -13.07 -22.72
CA ASP M 186 24.03 -12.53 -22.73
C ASP M 186 23.10 -13.63 -23.26
N VAL M 187 22.10 -13.99 -22.45
CA VAL M 187 21.13 -15.00 -22.91
C VAL M 187 20.29 -14.50 -24.08
N TYR M 188 20.09 -13.18 -24.22
CA TYR M 188 19.25 -12.64 -25.30
C TYR M 188 19.92 -12.52 -26.67
N THR M 189 21.26 -12.54 -26.70
CA THR M 189 22.01 -12.39 -27.92
C THR M 189 22.42 -13.74 -28.48
N GLY M 190 22.02 -13.99 -29.71
CA GLY M 190 22.32 -15.26 -30.35
C GLY M 190 21.73 -15.40 -31.73
N ASP M 191 21.75 -16.65 -32.23
CA ASP M 191 21.18 -17.10 -33.51
C ASP M 191 21.99 -16.67 -34.72
N ALA M 192 22.04 -15.38 -34.98
CA ALA M 192 22.82 -14.88 -36.11
C ALA M 192 23.18 -13.41 -35.91
N LEU M 193 24.26 -13.00 -36.57
CA LEU M 193 24.71 -11.63 -36.60
C LEU M 193 24.46 -11.09 -38.04
N ARG M 194 23.69 -10.02 -38.15
CA ARG M 194 23.45 -9.32 -39.44
C ARG M 194 24.31 -8.03 -39.48
N ILE M 195 25.13 -7.88 -40.51
CA ILE M 195 26.03 -6.71 -40.68
C ILE M 195 25.68 -5.91 -41.98
N CYS M 196 25.39 -4.62 -41.85
CA CYS M 196 25.16 -3.73 -42.98
C CYS M 196 26.38 -2.84 -43.09
N ILE M 197 26.94 -2.76 -44.28
CA ILE M 197 28.08 -1.88 -44.58
C ILE M 197 27.64 -0.79 -45.55
N VAL M 198 27.60 0.45 -45.07
CA VAL M 198 27.24 1.59 -45.89
C VAL M 198 28.52 2.25 -46.42
N THR M 199 28.61 2.37 -47.74
CA THR M 199 29.68 3.13 -48.42
C THR M 199 29.04 3.93 -49.57
N LYS M 200 29.84 4.75 -50.24
CA LYS M 200 29.40 5.49 -51.42
C LYS M 200 28.79 4.61 -52.53
N GLU M 201 29.27 3.38 -52.67
CA GLU M 201 28.72 2.40 -53.63
C GLU M 201 27.33 1.89 -53.25
N GLY M 202 26.97 1.91 -51.97
CA GLY M 202 25.64 1.53 -51.49
C GLY M 202 25.73 0.81 -50.15
N ILE M 203 24.78 -0.10 -49.92
CA ILE M 203 24.67 -0.81 -48.66
C ILE M 203 24.75 -2.28 -48.97
N ARG M 204 25.77 -2.96 -48.47
CA ARG M 204 25.76 -4.42 -48.60
C ARG M 204 25.62 -5.12 -47.23
N GLU M 205 25.37 -6.42 -47.30
CA GLU M 205 24.83 -7.17 -46.20
C GLU M 205 25.68 -8.41 -46.04
N GLU M 206 26.19 -8.66 -44.84
CA GLU M 206 26.80 -9.96 -44.46
C GLU M 206 26.02 -10.56 -43.29
N THR M 207 25.94 -11.89 -43.24
CA THR M 207 25.36 -12.55 -42.09
C THR M 207 26.24 -13.72 -41.61
N VAL M 208 26.43 -13.82 -40.29
CA VAL M 208 27.31 -14.76 -39.61
C VAL M 208 26.51 -15.55 -38.58
N SER M 209 26.72 -16.85 -38.51
CA SER M 209 26.01 -17.69 -37.57
C SER M 209 26.49 -17.43 -36.13
N LEU M 210 25.58 -17.45 -35.16
CA LEU M 210 25.90 -17.41 -33.72
C LEU M 210 25.25 -18.61 -33.06
N ARG M 211 25.70 -18.92 -31.85
CA ARG M 211 25.15 -20.01 -31.01
C ARG M 211 23.63 -19.92 -30.87
N LYS M 212 22.99 -21.06 -30.84
CA LYS M 212 21.53 -21.14 -30.80
C LYS M 212 20.89 -21.44 -29.45
N ASP M 213 21.72 -21.74 -28.43
CA ASP M 213 21.25 -21.90 -27.04
C ASP M 213 20.90 -20.60 -26.29
N THR N 1 -10.23 -4.02 -22.94
CA THR N 1 -10.30 -4.98 -21.80
C THR N 1 -9.18 -4.76 -20.80
N GLN N 2 -9.54 -4.55 -19.54
CA GLN N 2 -8.61 -4.56 -18.41
C GLN N 2 -8.49 -5.98 -17.79
N ASN N 3 -9.61 -6.69 -17.73
CA ASN N 3 -9.70 -7.99 -17.12
C ASN N 3 -10.32 -8.98 -18.09
N PRO N 4 -9.54 -9.93 -18.63
CA PRO N 4 -10.15 -10.87 -19.56
C PRO N 4 -11.24 -11.74 -18.88
N MET N 5 -12.26 -12.16 -19.64
CA MET N 5 -13.35 -12.92 -19.07
C MET N 5 -13.31 -14.34 -19.62
N VAL N 6 -14.10 -14.67 -20.65
CA VAL N 6 -13.95 -15.94 -21.29
C VAL N 6 -12.75 -15.91 -22.22
N THR N 7 -11.86 -16.89 -22.10
CA THR N 7 -10.58 -16.90 -22.82
C THR N 7 -10.33 -18.24 -23.57
N GLY N 8 -9.51 -18.18 -24.62
CA GLY N 8 -9.04 -19.36 -25.32
C GLY N 8 -7.55 -19.50 -25.14
N THR N 9 -7.08 -20.76 -25.25
CA THR N 9 -5.70 -21.10 -24.98
C THR N 9 -4.93 -21.06 -26.28
N SER N 10 -3.90 -21.86 -26.40
CA SER N 10 -3.02 -21.84 -27.57
C SER N 10 -3.61 -21.87 -28.97
N VAL N 11 -2.87 -21.27 -29.90
CA VAL N 11 -3.10 -21.39 -31.30
C VAL N 11 -1.76 -21.75 -31.88
N LEU N 12 -1.78 -22.72 -32.81
CA LEU N 12 -0.58 -23.22 -33.50
C LEU N 12 -0.64 -22.87 -34.97
N GLY N 13 0.54 -22.73 -35.59
CA GLY N 13 0.63 -22.52 -37.02
C GLY N 13 1.94 -23.03 -37.55
N VAL N 14 1.93 -23.60 -38.74
CA VAL N 14 3.16 -24.06 -39.37
C VAL N 14 3.02 -23.91 -40.91
N LYS N 15 4.08 -23.43 -41.55
CA LYS N 15 4.13 -23.37 -42.99
C LYS N 15 4.48 -24.74 -43.57
N PHE N 16 3.89 -25.02 -44.73
CA PHE N 16 4.21 -26.19 -45.55
C PHE N 16 4.28 -25.78 -47.02
N GLU N 17 4.76 -26.70 -47.86
CA GLU N 17 4.89 -26.44 -49.29
C GLU N 17 3.51 -26.34 -49.90
N GLY N 18 3.15 -25.11 -50.28
CA GLY N 18 1.83 -24.84 -50.88
C GLY N 18 0.79 -24.27 -49.91
N GLY N 19 1.20 -23.97 -48.67
CA GLY N 19 0.23 -23.42 -47.74
C GLY N 19 0.66 -23.22 -46.30
N VAL N 20 -0.35 -23.04 -45.45
CA VAL N 20 -0.15 -22.90 -44.04
C VAL N 20 -1.29 -23.63 -43.37
N VAL N 21 -1.00 -24.29 -42.24
CA VAL N 21 -2.03 -24.88 -41.40
C VAL N 21 -2.01 -24.20 -40.02
N ILE N 22 -3.19 -23.95 -39.46
CA ILE N 22 -3.34 -23.53 -38.11
C ILE N 22 -4.34 -24.39 -37.36
N ALA N 23 -4.20 -24.40 -36.03
CA ALA N 23 -5.04 -25.26 -35.16
C ALA N 23 -5.40 -24.58 -33.86
N ALA N 24 -6.61 -24.87 -33.38
CA ALA N 24 -7.06 -24.33 -32.13
C ALA N 24 -8.21 -25.12 -31.62
N ASP N 25 -8.20 -25.35 -30.30
CA ASP N 25 -9.27 -26.03 -29.65
C ASP N 25 -10.52 -25.13 -29.60
N MET N 26 -11.63 -25.72 -29.20
CA MET N 26 -12.93 -25.08 -29.30
C MET N 26 -13.49 -24.62 -27.99
N LEU N 27 -12.59 -24.26 -27.05
CA LEU N 27 -12.97 -24.00 -25.65
C LEU N 27 -12.84 -22.53 -25.30
N GLY N 28 -13.87 -22.02 -24.67
CA GLY N 28 -13.81 -20.77 -23.96
C GLY N 28 -13.84 -21.07 -22.46
N SER N 29 -12.73 -20.76 -21.77
CA SER N 29 -12.65 -20.97 -20.30
C SER N 29 -12.98 -19.68 -19.54
N TYR N 30 -13.64 -19.82 -18.40
CA TYR N 30 -13.99 -18.73 -17.52
C TYR N 30 -13.23 -19.01 -16.24
N GLY N 31 -12.01 -18.51 -16.19
CA GLY N 31 -11.09 -18.91 -15.16
C GLY N 31 -10.77 -20.41 -15.41
N SER N 32 -10.88 -21.22 -14.37
CA SER N 32 -10.55 -22.64 -14.54
C SER N 32 -11.73 -23.43 -15.19
N LEU N 33 -12.95 -22.91 -15.11
CA LEU N 33 -14.14 -23.51 -15.63
C LEU N 33 -14.09 -23.60 -17.16
N ALA N 34 -14.28 -24.81 -17.67
CA ALA N 34 -14.42 -25.08 -19.13
C ALA N 34 -15.89 -24.82 -19.47
N ARG N 35 -16.18 -23.58 -19.78
CA ARG N 35 -17.53 -23.09 -19.80
C ARG N 35 -18.23 -23.27 -21.16
N PHE N 36 -17.61 -22.81 -22.23
CA PHE N 36 -18.22 -22.86 -23.62
C PHE N 36 -17.38 -23.74 -24.47
N ARG N 37 -17.88 -24.94 -24.71
CA ARG N 37 -17.06 -26.00 -25.29
C ARG N 37 -17.22 -26.25 -26.76
N ASN N 38 -17.96 -25.40 -27.44
CA ASN N 38 -18.05 -25.54 -28.88
C ASN N 38 -17.96 -24.21 -29.64
N ILE N 39 -16.92 -23.41 -29.35
CA ILE N 39 -16.78 -22.10 -29.98
C ILE N 39 -15.61 -22.23 -30.91
N SER N 40 -15.68 -21.57 -32.07
CA SER N 40 -14.59 -21.54 -33.02
C SER N 40 -13.70 -20.31 -32.70
N ARG N 41 -12.40 -20.53 -32.66
CA ARG N 41 -11.37 -19.52 -32.41
C ARG N 41 -10.54 -19.24 -33.66
N ILE N 42 -11.09 -19.62 -34.81
CA ILE N 42 -10.49 -19.44 -36.09
C ILE N 42 -11.51 -18.74 -37.00
N MET N 43 -10.98 -17.85 -37.83
CA MET N 43 -11.75 -17.00 -38.75
C MET N 43 -11.17 -17.09 -40.14
N ARG N 44 -12.01 -17.35 -41.12
CA ARG N 44 -11.60 -17.15 -42.51
C ARG N 44 -11.72 -15.65 -42.73
N VAL N 45 -10.63 -14.99 -43.05
CA VAL N 45 -10.68 -13.53 -43.29
C VAL N 45 -11.14 -13.27 -44.76
N ASN N 46 -10.40 -13.84 -45.71
CA ASN N 46 -10.76 -13.85 -47.15
C ASN N 46 -10.16 -15.13 -47.72
N ASN N 47 -10.07 -15.22 -49.03
CA ASN N 47 -9.63 -16.44 -49.70
C ASN N 47 -8.19 -16.83 -49.49
N SER N 48 -7.36 -15.86 -49.14
CA SER N 48 -5.93 -16.08 -49.04
C SER N 48 -5.46 -16.11 -47.59
N THR N 49 -6.34 -15.78 -46.64
CA THR N 49 -5.96 -15.45 -45.26
C THR N 49 -6.87 -16.03 -44.20
N MET N 50 -6.26 -16.56 -43.16
CA MET N 50 -7.00 -16.94 -41.96
C MET N 50 -6.32 -16.49 -40.67
N LEU N 51 -7.11 -16.50 -39.62
CA LEU N 51 -6.74 -15.95 -38.35
C LEU N 51 -7.20 -16.85 -37.19
N GLY N 52 -6.29 -17.11 -36.27
CA GLY N 52 -6.63 -17.76 -34.98
C GLY N 52 -6.26 -16.90 -33.76
N ALA N 53 -7.12 -16.90 -32.75
CA ALA N 53 -6.95 -16.08 -31.58
C ALA N 53 -6.99 -16.80 -30.22
N SER N 54 -5.90 -16.61 -29.47
CA SER N 54 -5.88 -16.82 -27.97
C SER N 54 -6.40 -15.58 -27.26
N GLY N 55 -6.76 -15.79 -26.01
CA GLY N 55 -7.11 -14.71 -25.12
C GLY N 55 -8.57 -14.43 -25.14
N ASP N 56 -8.96 -13.19 -24.84
CA ASP N 56 -10.36 -12.89 -24.54
C ASP N 56 -11.26 -13.05 -25.76
N TYR N 57 -12.29 -13.89 -25.64
CA TYR N 57 -13.11 -14.26 -26.79
C TYR N 57 -14.02 -13.16 -27.29
N ALA N 58 -14.54 -12.33 -26.39
CA ALA N 58 -15.31 -11.17 -26.80
C ALA N 58 -14.49 -10.23 -27.63
N ASP N 59 -13.25 -9.99 -27.22
CA ASP N 59 -12.35 -9.15 -28.03
C ASP N 59 -12.09 -9.78 -29.38
N PHE N 60 -11.90 -11.08 -29.42
CA PHE N 60 -11.81 -11.77 -30.71
C PHE N 60 -13.07 -11.58 -31.58
N GLN N 61 -14.25 -11.69 -30.98
CA GLN N 61 -15.47 -11.45 -31.73
C GLN N 61 -15.55 -10.04 -32.27
N TYR N 62 -15.01 -9.08 -31.54
CA TYR N 62 -14.96 -7.69 -32.02
C TYR N 62 -14.06 -7.59 -33.22
N LEU N 63 -12.86 -8.16 -33.13
CA LEU N 63 -11.95 -8.14 -34.26
C LEU N 63 -12.56 -8.82 -35.50
N LYS N 64 -13.28 -9.93 -35.30
CA LYS N 64 -13.94 -10.63 -36.38
C LYS N 64 -14.97 -9.75 -37.08
N GLN N 65 -15.75 -9.05 -36.28
CA GLN N 65 -16.75 -8.13 -36.77
C GLN N 65 -16.08 -6.97 -37.57
N VAL N 66 -15.02 -6.40 -37.03
CA VAL N 66 -14.35 -5.26 -37.72
C VAL N 66 -13.68 -5.75 -39.00
N LEU N 67 -12.96 -6.84 -38.88
CA LEU N 67 -12.19 -7.32 -40.03
C LEU N 67 -13.09 -7.85 -41.17
N GLY N 68 -14.17 -8.53 -40.77
CA GLY N 68 -15.16 -9.00 -41.70
C GLY N 68 -15.81 -7.87 -42.48
N GLN N 69 -16.15 -6.78 -41.82
CA GLN N 69 -16.68 -5.64 -42.48
C GLN N 69 -15.67 -4.98 -43.45
N MET N 70 -14.38 -4.92 -43.07
CA MET N 70 -13.38 -4.38 -43.99
C MET N 70 -13.24 -5.20 -45.25
N VAL N 71 -13.29 -6.52 -45.13
CA VAL N 71 -13.23 -7.39 -46.30
C VAL N 71 -14.44 -7.18 -47.20
N ILE N 72 -15.64 -7.09 -46.63
CA ILE N 72 -16.83 -6.79 -47.40
C ILE N 72 -16.69 -5.45 -48.13
N ASP N 73 -16.27 -4.40 -47.42
CA ASP N 73 -16.07 -3.05 -47.98
C ASP N 73 -15.21 -3.09 -49.21
N GLU N 74 -14.12 -3.83 -49.12
CA GLU N 74 -13.22 -4.00 -50.22
C GLU N 74 -13.79 -4.81 -51.39
N GLU N 75 -14.54 -5.90 -51.12
CA GLU N 75 -15.16 -6.66 -52.16
C GLU N 75 -16.19 -5.88 -52.97
N LEU N 76 -16.94 -5.02 -52.30
CA LEU N 76 -17.86 -4.16 -52.94
C LEU N 76 -17.25 -3.38 -54.08
N LEU N 77 -15.96 -3.06 -54.02
CA LEU N 77 -15.38 -2.22 -55.10
C LEU N 77 -15.14 -2.98 -56.40
N GLY N 78 -15.03 -4.30 -56.32
CA GLY N 78 -14.77 -5.15 -57.46
C GLY N 78 -13.65 -4.69 -58.37
N ASP N 79 -12.56 -4.22 -57.81
CA ASP N 79 -11.51 -3.55 -58.55
C ASP N 79 -10.24 -4.39 -58.77
N GLY N 80 -10.29 -5.69 -58.51
CA GLY N 80 -9.08 -6.51 -58.70
C GLY N 80 -7.97 -6.43 -57.65
N HIS N 81 -8.19 -5.69 -56.56
CA HIS N 81 -7.21 -5.58 -55.49
C HIS N 81 -7.82 -6.21 -54.26
N SER N 82 -6.99 -6.90 -53.50
CA SER N 82 -7.42 -7.60 -52.31
C SER N 82 -6.41 -7.50 -51.25
N TYR N 83 -6.84 -7.45 -50.01
CA TYR N 83 -5.88 -7.52 -48.90
C TYR N 83 -5.11 -8.84 -48.92
N SER N 84 -3.78 -8.75 -49.08
CA SER N 84 -2.91 -9.90 -48.90
C SER N 84 -2.86 -10.32 -47.38
N PRO N 85 -2.39 -11.52 -47.06
CA PRO N 85 -2.17 -11.92 -45.68
C PRO N 85 -1.25 -10.98 -44.93
N ARG N 86 -0.22 -10.51 -45.60
CA ARG N 86 0.71 -9.55 -45.06
C ARG N 86 0.06 -8.23 -44.71
N ALA N 87 -0.86 -7.76 -45.55
CA ALA N 87 -1.57 -6.51 -45.30
C ALA N 87 -2.47 -6.64 -44.09
N ILE N 88 -3.17 -7.77 -43.99
CA ILE N 88 -4.04 -8.01 -42.85
C ILE N 88 -3.22 -8.09 -41.56
N HIS N 89 -2.08 -8.74 -41.62
CA HIS N 89 -1.15 -8.80 -40.48
C HIS N 89 -0.66 -7.40 -40.06
N SER N 90 -0.33 -6.56 -41.06
CA SER N 90 0.07 -5.18 -40.79
C SER N 90 -1.07 -4.43 -40.12
N TRP N 91 -2.25 -4.52 -40.66
CA TRP N 91 -3.41 -3.84 -40.08
C TRP N 91 -3.62 -4.24 -38.60
N LEU N 92 -3.47 -5.53 -38.35
CA LEU N 92 -3.68 -6.06 -37.03
C LEU N 92 -2.60 -5.56 -36.05
N THR N 93 -1.36 -5.51 -36.49
CA THR N 93 -0.30 -4.94 -35.69
C THR N 93 -0.66 -3.52 -35.27
N ARG N 94 -1.14 -2.70 -36.20
CA ARG N 94 -1.42 -1.32 -35.90
C ARG N 94 -2.59 -1.21 -34.97
N ALA N 95 -3.62 -2.02 -35.19
CA ALA N 95 -4.81 -1.98 -34.37
C ALA N 95 -4.45 -2.37 -32.93
N MET N 96 -3.64 -3.42 -32.73
CA MET N 96 -3.30 -3.85 -31.39
C MET N 96 -2.38 -2.83 -30.69
N TYR N 97 -1.35 -2.35 -31.38
CA TYR N 97 -0.51 -1.30 -30.87
C TYR N 97 -1.31 -0.08 -30.43
N SER N 98 -2.22 0.35 -31.28
CA SER N 98 -2.99 1.54 -31.03
C SER N 98 -3.85 1.42 -29.76
N ARG N 99 -4.46 0.24 -29.57
CA ARG N 99 -5.27 -0.01 -28.42
C ARG N 99 -4.41 -0.13 -27.15
N ARG N 100 -3.26 -0.79 -27.28
CA ARG N 100 -2.23 -0.83 -26.22
C ARG N 100 -1.82 0.60 -25.80
N SER N 101 -1.65 1.49 -26.80
CA SER N 101 -1.16 2.88 -26.52
C SER N 101 -2.22 3.76 -25.95
N LYS N 102 -3.49 3.35 -26.02
CA LYS N 102 -4.52 3.96 -25.19
C LYS N 102 -4.76 3.33 -23.83
N MET N 103 -3.94 2.37 -23.44
CA MET N 103 -4.09 1.65 -22.16
C MET N 103 -5.43 0.92 -22.08
N ASN N 104 -5.87 0.39 -23.23
CA ASN N 104 -7.13 -0.33 -23.30
C ASN N 104 -6.99 -1.44 -24.36
N PRO N 105 -6.15 -2.44 -24.05
CA PRO N 105 -5.82 -3.43 -25.05
C PRO N 105 -6.98 -4.32 -25.47
N LEU N 106 -6.83 -4.88 -26.65
CA LEU N 106 -7.61 -6.03 -27.06
C LEU N 106 -6.78 -7.20 -26.56
N TRP N 107 -7.39 -8.01 -25.68
CA TRP N 107 -6.64 -9.02 -24.91
C TRP N 107 -6.47 -10.35 -25.68
N ASN N 108 -5.65 -10.33 -26.71
CA ASN N 108 -5.51 -11.43 -27.61
C ASN N 108 -4.09 -11.57 -28.07
N THR N 109 -3.76 -12.82 -28.42
CA THR N 109 -2.55 -13.13 -29.13
C THR N 109 -2.98 -13.90 -30.37
N MET N 110 -2.49 -13.50 -31.54
CA MET N 110 -3.01 -14.02 -32.78
C MET N 110 -2.00 -14.57 -33.74
N VAL N 111 -2.49 -15.50 -34.56
CA VAL N 111 -1.73 -16.17 -35.61
C VAL N 111 -2.46 -16.00 -36.93
N ILE N 112 -1.81 -15.35 -37.90
CA ILE N 112 -2.35 -15.05 -39.22
C ILE N 112 -1.62 -16.02 -40.13
N GLY N 113 -2.40 -16.79 -40.85
CA GLY N 113 -1.84 -17.72 -41.86
C GLY N 113 -2.38 -17.40 -43.24
N GLY N 114 -1.55 -17.51 -44.25
CA GLY N 114 -1.99 -17.16 -45.57
C GLY N 114 -1.21 -17.78 -46.68
N TYR N 115 -1.77 -17.67 -47.87
CA TYR N 115 -1.12 -18.13 -49.11
C TYR N 115 -1.48 -17.17 -50.24
N ALA N 116 -0.47 -16.55 -50.83
CA ALA N 116 -0.67 -15.55 -51.88
C ALA N 116 0.58 -15.46 -52.73
N ASP N 117 0.38 -15.31 -54.05
CA ASP N 117 1.48 -15.16 -55.02
C ASP N 117 2.53 -16.27 -54.85
N GLY N 118 2.09 -17.51 -54.70
CA GLY N 118 3.02 -18.61 -54.43
C GLY N 118 3.80 -18.68 -53.13
N GLU N 119 3.60 -17.73 -52.20
CA GLU N 119 4.33 -17.68 -50.91
C GLU N 119 3.42 -18.08 -49.72
N SER N 120 3.94 -18.88 -48.78
CA SER N 120 3.24 -19.11 -47.50
C SER N 120 3.50 -17.95 -46.54
N PHE N 121 2.45 -17.41 -45.93
CA PHE N 121 2.59 -16.36 -44.90
C PHE N 121 2.17 -16.86 -43.52
N LEU N 122 3.03 -16.63 -42.52
CA LEU N 122 2.68 -16.93 -41.13
C LEU N 122 3.16 -15.81 -40.21
N GLY N 123 2.23 -15.16 -39.52
CA GLY N 123 2.60 -14.04 -38.68
C GLY N 123 1.89 -14.03 -37.33
N TYR N 124 2.57 -13.46 -36.35
CA TYR N 124 2.13 -13.38 -34.97
C TYR N 124 1.85 -11.94 -34.64
N VAL N 125 0.77 -11.68 -33.89
CA VAL N 125 0.57 -10.34 -33.27
C VAL N 125 0.06 -10.53 -31.89
N ASP N 126 0.59 -9.75 -30.91
CA ASP N 126 0.14 -9.87 -29.52
C ASP N 126 -0.52 -8.57 -29.10
N MET N 127 -1.00 -8.53 -27.87
CA MET N 127 -1.82 -7.43 -27.42
C MET N 127 -1.07 -6.13 -27.25
N LEU N 128 0.25 -6.19 -27.34
CA LEU N 128 1.05 -5.00 -27.24
C LEU N 128 1.52 -4.49 -28.60
N GLY N 129 1.16 -5.15 -29.68
CA GLY N 129 1.69 -4.81 -30.97
C GLY N 129 3.01 -5.45 -31.32
N VAL N 130 3.46 -6.44 -30.53
CA VAL N 130 4.63 -7.25 -30.91
C VAL N 130 4.23 -8.15 -32.09
N ALA N 131 4.96 -8.08 -33.19
CA ALA N 131 4.59 -8.81 -34.35
C ALA N 131 5.83 -9.24 -35.11
N TYR N 132 5.74 -10.41 -35.73
CA TYR N 132 6.85 -10.92 -36.48
C TYR N 132 6.37 -12.10 -37.31
N GLU N 133 7.24 -12.60 -38.16
CA GLU N 133 6.90 -13.81 -38.94
C GLU N 133 7.85 -14.96 -38.64
N ALA N 134 7.36 -16.17 -38.80
CA ALA N 134 8.19 -17.34 -38.62
C ALA N 134 7.65 -18.56 -39.35
N PRO N 135 8.52 -19.59 -39.54
CA PRO N 135 8.10 -20.86 -40.14
C PRO N 135 7.03 -21.60 -39.32
N SER N 136 7.07 -21.43 -38.01
CA SER N 136 6.04 -21.98 -37.11
C SER N 136 5.81 -21.02 -35.94
N LEU N 137 4.60 -21.10 -35.38
CA LEU N 137 4.19 -20.24 -34.29
C LEU N 137 3.38 -21.06 -33.30
N ALA N 138 3.44 -20.69 -32.03
CA ALA N 138 2.57 -21.24 -31.01
C ALA N 138 2.36 -20.27 -29.86
N THR N 139 1.12 -19.89 -29.59
CA THR N 139 0.79 -18.90 -28.59
C THR N 139 0.49 -19.61 -27.28
N GLY N 140 0.52 -18.87 -26.22
CA GLY N 140 0.21 -19.38 -24.89
C GLY N 140 1.08 -20.55 -24.46
N TYR N 141 0.47 -21.54 -23.81
CA TYR N 141 1.25 -22.73 -23.38
C TYR N 141 1.91 -23.44 -24.55
N GLY N 142 1.35 -23.25 -25.74
CA GLY N 142 1.96 -23.75 -26.92
C GLY N 142 3.37 -23.29 -27.20
N ALA N 143 3.67 -22.05 -26.78
CA ALA N 143 5.05 -21.54 -26.88
C ALA N 143 6.07 -22.46 -26.15
N TYR N 144 5.65 -23.07 -25.04
CA TYR N 144 6.51 -23.93 -24.21
C TYR N 144 6.45 -25.41 -24.54
N LEU N 145 5.25 -25.88 -24.95
CA LEU N 145 5.00 -27.29 -25.18
C LEU N 145 5.01 -27.67 -26.66
N ALA N 146 4.49 -26.83 -27.55
CA ALA N 146 4.41 -27.16 -28.99
C ALA N 146 5.57 -26.65 -29.80
N GLN N 147 5.95 -25.39 -29.61
CA GLN N 147 7.06 -24.78 -30.40
C GLN N 147 8.38 -25.56 -30.35
N PRO N 148 8.75 -26.15 -29.19
CA PRO N 148 9.96 -26.96 -29.21
C PRO N 148 9.90 -28.15 -30.20
N LEU N 149 8.77 -28.83 -30.25
CA LEU N 149 8.58 -29.92 -31.22
C LEU N 149 8.53 -29.40 -32.66
N LEU N 150 7.81 -28.30 -32.89
CA LEU N 150 7.74 -27.73 -34.25
C LEU N 150 9.13 -27.37 -34.78
N ARG N 151 9.91 -26.69 -33.97
CA ARG N 151 11.21 -26.19 -34.42
C ARG N 151 12.22 -27.28 -34.60
N GLU N 152 12.16 -28.29 -33.74
CA GLU N 152 13.05 -29.43 -33.88
C GLU N 152 12.85 -30.14 -35.26
N VAL N 153 11.60 -30.39 -35.63
CA VAL N 153 11.28 -31.00 -36.89
C VAL N 153 11.79 -30.10 -38.04
N LEU N 154 11.40 -28.85 -38.04
CA LEU N 154 11.76 -27.88 -39.09
C LEU N 154 13.25 -27.62 -39.31
N GLU N 155 14.06 -27.92 -38.30
CA GLU N 155 15.51 -27.78 -38.38
C GLU N 155 16.12 -28.96 -39.15
N LYS N 156 15.68 -30.17 -38.87
CA LYS N 156 16.02 -31.35 -39.68
C LYS N 156 15.39 -31.37 -41.09
N GLN N 157 14.33 -30.60 -41.33
CA GLN N 157 13.60 -30.65 -42.61
C GLN N 157 12.74 -29.39 -42.71
N PRO N 158 13.29 -28.31 -43.29
CA PRO N 158 12.58 -27.04 -43.32
C PRO N 158 11.34 -27.04 -44.18
N VAL N 159 11.32 -27.89 -45.20
CA VAL N 159 10.20 -27.91 -46.13
C VAL N 159 9.37 -29.15 -45.86
N LEU N 160 8.14 -28.95 -45.41
CA LEU N 160 7.24 -30.02 -45.02
C LEU N 160 6.17 -30.09 -46.07
N SER N 161 5.67 -31.29 -46.30
CA SER N 161 4.51 -31.48 -47.09
C SER N 161 3.30 -31.14 -46.26
N GLN N 162 2.17 -31.00 -46.93
CA GLN N 162 0.92 -30.70 -46.28
C GLN N 162 0.57 -31.77 -45.25
N THR N 163 0.71 -33.05 -45.60
CA THR N 163 0.33 -34.13 -44.69
C THR N 163 1.31 -34.26 -43.48
N GLU N 164 2.60 -34.01 -43.72
CA GLU N 164 3.59 -33.99 -42.63
C GLU N 164 3.32 -32.87 -41.59
N ALA N 165 2.92 -31.69 -42.07
CA ALA N 165 2.58 -30.56 -41.24
C ALA N 165 1.30 -30.80 -40.45
N ARG N 166 0.34 -31.44 -41.09
CA ARG N 166 -0.88 -31.85 -40.42
C ARG N 166 -0.61 -32.87 -39.27
N ASP N 167 0.24 -33.89 -39.49
CA ASP N 167 0.52 -34.89 -38.47
CA ASP N 167 0.57 -34.88 -38.44
C ASP N 167 1.32 -34.26 -37.29
N LEU N 168 2.22 -33.33 -37.63
CA LEU N 168 3.02 -32.62 -36.66
C LEU N 168 2.11 -31.74 -35.75
N VAL N 169 1.16 -31.03 -36.37
CA VAL N 169 0.18 -30.28 -35.64
C VAL N 169 -0.67 -31.17 -34.73
N GLU N 170 -1.18 -32.31 -35.23
CA GLU N 170 -1.95 -33.26 -34.41
C GLU N 170 -1.13 -33.77 -33.21
N ARG N 171 0.16 -34.01 -33.40
CA ARG N 171 1.04 -34.47 -32.31
C ARG N 171 1.19 -33.39 -31.23
N CYS N 172 1.37 -32.14 -31.65
CA CYS N 172 1.42 -30.99 -30.72
C CYS N 172 0.11 -30.79 -30.00
N MET N 173 -1.03 -30.97 -30.68
CA MET N 173 -2.31 -30.81 -30.00
C MET N 173 -2.53 -31.88 -28.91
N ARG N 174 -1.97 -33.07 -29.12
CA ARG N 174 -2.03 -34.13 -28.12
C ARG N 174 -1.23 -33.74 -26.87
N VAL N 175 -0.02 -33.23 -27.08
CA VAL N 175 0.81 -32.79 -25.98
C VAL N 175 0.10 -31.71 -25.15
N LEU N 176 -0.54 -30.76 -25.83
CA LEU N 176 -1.25 -29.69 -25.16
C LEU N 176 -2.42 -30.22 -24.33
N TYR N 177 -3.16 -31.17 -24.90
CA TYR N 177 -4.24 -31.80 -24.13
C TYR N 177 -3.70 -32.51 -22.88
N TYR N 178 -2.55 -33.12 -23.01
CA TYR N 178 -1.95 -33.78 -21.81
C TYR N 178 -1.47 -32.79 -20.69
N ARG N 179 -0.98 -31.59 -21.09
CA ARG N 179 -0.15 -30.75 -20.20
C ARG N 179 -0.60 -29.32 -19.94
N ASP N 180 -1.58 -28.83 -20.70
CA ASP N 180 -2.23 -27.54 -20.47
C ASP N 180 -3.60 -27.81 -19.85
N ALA N 181 -3.78 -27.34 -18.61
CA ALA N 181 -5.03 -27.51 -17.88
C ALA N 181 -6.21 -26.66 -18.37
N ARG N 182 -5.99 -25.79 -19.38
CA ARG N 182 -7.07 -25.02 -19.98
C ARG N 182 -7.34 -25.48 -21.41
N SER N 183 -6.75 -26.61 -21.80
CA SER N 183 -7.03 -27.18 -23.11
C SER N 183 -8.29 -28.04 -23.06
N TYR N 184 -8.67 -28.46 -24.25
CA TYR N 184 -9.84 -29.33 -24.46
C TYR N 184 -9.60 -30.19 -25.71
N ASN N 185 -10.04 -31.45 -25.64
CA ASN N 185 -9.79 -32.42 -26.74
C ASN N 185 -10.82 -32.39 -27.87
N ARG N 186 -11.08 -31.22 -28.39
CA ARG N 186 -12.04 -30.94 -29.47
C ARG N 186 -11.46 -29.69 -30.12
N PHE N 187 -10.89 -29.87 -31.30
CA PHE N 187 -10.23 -28.78 -32.00
C PHE N 187 -10.60 -28.66 -33.51
N GLN N 188 -10.20 -27.52 -34.09
CA GLN N 188 -10.31 -27.28 -35.53
C GLN N 188 -8.94 -27.17 -36.13
N ILE N 189 -8.83 -27.59 -37.36
CA ILE N 189 -7.66 -27.37 -38.14
C ILE N 189 -8.11 -26.56 -39.34
N ALA N 190 -7.39 -25.49 -39.64
CA ALA N 190 -7.69 -24.66 -40.80
C ALA N 190 -6.49 -24.62 -41.71
N THR N 191 -6.71 -24.74 -43.01
CA THR N 191 -5.63 -24.85 -43.94
C THR N 191 -5.83 -23.82 -45.05
N VAL N 192 -4.76 -23.21 -45.51
CA VAL N 192 -4.89 -22.30 -46.65
C VAL N 192 -3.90 -22.74 -47.68
N THR N 193 -4.38 -22.78 -48.94
CA THR N 193 -3.59 -23.16 -50.10
C THR N 193 -4.04 -22.24 -51.27
N GLU N 194 -3.52 -22.51 -52.47
CA GLU N 194 -4.07 -22.04 -53.75
C GLU N 194 -5.58 -22.07 -53.88
N LYS N 195 -6.20 -23.10 -53.33
CA LYS N 195 -7.62 -23.32 -53.47
C LYS N 195 -8.43 -22.44 -52.52
N GLY N 196 -7.82 -21.82 -51.51
CA GLY N 196 -8.58 -21.08 -50.52
C GLY N 196 -8.40 -21.60 -49.11
N VAL N 197 -9.37 -21.30 -48.26
CA VAL N 197 -9.30 -21.61 -46.85
C VAL N 197 -10.35 -22.63 -46.50
N GLU N 198 -9.90 -23.72 -45.89
CA GLU N 198 -10.75 -24.78 -45.34
C GLU N 198 -10.59 -24.87 -43.82
N ILE N 199 -11.70 -24.96 -43.14
CA ILE N 199 -11.75 -25.17 -41.72
C ILE N 199 -12.38 -26.55 -41.51
N GLU N 200 -11.66 -27.46 -40.86
CA GLU N 200 -12.14 -28.78 -40.50
C GLU N 200 -12.33 -28.90 -39.00
N GLY N 201 -13.36 -29.65 -38.63
CA GLY N 201 -13.62 -30.01 -37.26
C GLY N 201 -15.08 -30.35 -37.08
N PRO N 202 -15.51 -30.71 -35.90
CA PRO N 202 -14.64 -30.88 -34.70
C PRO N 202 -13.77 -32.14 -34.76
N LEU N 203 -12.53 -32.02 -34.29
CA LEU N 203 -11.56 -33.07 -34.33
C LEU N 203 -11.11 -33.43 -32.93
N SER N 204 -10.58 -34.64 -32.77
CA SER N 204 -10.07 -35.16 -31.48
C SER N 204 -8.76 -35.82 -31.67
N THR N 205 -7.90 -35.79 -30.67
CA THR N 205 -6.70 -36.66 -30.69
C THR N 205 -7.00 -37.92 -29.88
N GLU N 206 -6.43 -39.04 -30.35
CA GLU N 206 -6.29 -40.26 -29.53
C GLU N 206 -5.38 -39.96 -28.36
N THR N 207 -5.66 -40.55 -27.21
CA THR N 207 -4.75 -40.42 -26.06
C THR N 207 -4.34 -41.76 -25.47
N ASN N 208 -3.20 -41.79 -24.79
CA ASN N 208 -2.68 -42.98 -24.16
C ASN N 208 -2.43 -42.75 -22.66
N TRP N 209 -2.97 -43.63 -21.83
CA TRP N 209 -2.98 -43.50 -20.42
C TRP N 209 -2.28 -44.68 -19.73
N ASP N 210 -1.40 -45.37 -20.46
CA ASP N 210 -0.66 -46.55 -19.94
C ASP N 210 0.16 -46.21 -18.70
N ILE N 211 0.67 -44.97 -18.66
CA ILE N 211 1.50 -44.55 -17.51
C ILE N 211 0.73 -44.54 -16.18
N ALA N 212 -0.60 -44.47 -16.23
CA ALA N 212 -1.44 -44.64 -15.03
C ALA N 212 -1.15 -45.91 -14.23
N HIS N 213 -0.68 -46.97 -14.91
CA HIS N 213 -0.23 -48.21 -14.24
C HIS N 213 1.28 -48.36 -14.00
N MET N 214 2.08 -47.34 -14.30
CA MET N 214 3.55 -47.36 -14.09
C MET N 214 3.99 -46.54 -12.85
N ILE N 215 3.23 -46.63 -11.76
CA ILE N 215 3.53 -46.02 -10.47
C ILE N 215 3.46 -47.14 -9.40
N SER N 216 4.56 -47.45 -8.71
CA SER N 216 4.48 -48.31 -7.51
C SER N 216 5.73 -48.21 -6.61
N THR O 1 -27.83 -15.15 -8.07
CA THR O 1 -28.78 -15.64 -9.10
C THR O 1 -28.47 -17.02 -9.70
N THR O 2 -29.53 -17.70 -10.09
CA THR O 2 -29.40 -18.75 -11.07
C THR O 2 -30.43 -18.53 -12.19
N ILE O 3 -29.94 -18.59 -13.43
CA ILE O 3 -30.79 -18.41 -14.62
C ILE O 3 -30.51 -19.54 -15.60
N MET O 4 -31.53 -19.85 -16.41
CA MET O 4 -31.43 -20.93 -17.39
C MET O 4 -32.44 -20.73 -18.51
N ALA O 5 -32.07 -21.16 -19.70
CA ALA O 5 -33.03 -21.22 -20.82
C ALA O 5 -32.72 -22.43 -21.66
N VAL O 6 -33.78 -22.98 -22.28
CA VAL O 6 -33.67 -24.21 -23.04
C VAL O 6 -34.46 -24.16 -24.37
N GLN O 7 -33.82 -24.52 -25.47
CA GLN O 7 -34.49 -24.51 -26.78
C GLN O 7 -35.30 -25.83 -26.96
N PHE O 8 -36.50 -25.73 -27.52
CA PHE O 8 -37.24 -26.92 -28.01
C PHE O 8 -37.80 -26.68 -29.40
N ASP O 9 -38.34 -27.71 -30.03
CA ASP O 9 -38.85 -27.55 -31.39
C ASP O 9 -40.11 -26.68 -31.37
N GLY O 10 -39.97 -25.41 -31.80
CA GLY O 10 -41.03 -24.43 -31.76
C GLY O 10 -40.97 -23.38 -30.68
N GLY O 11 -39.92 -23.36 -29.85
CA GLY O 11 -39.90 -22.37 -28.77
C GLY O 11 -38.79 -22.52 -27.78
N VAL O 12 -38.94 -21.77 -26.69
CA VAL O 12 -37.97 -21.76 -25.63
C VAL O 12 -38.66 -21.80 -24.29
N VAL O 13 -37.95 -22.38 -23.33
CA VAL O 13 -38.26 -22.26 -21.90
C VAL O 13 -37.15 -21.43 -21.21
N LEU O 14 -37.56 -20.55 -20.33
CA LEU O 14 -36.63 -19.74 -19.53
C LEU O 14 -37.01 -19.89 -18.06
N GLY O 15 -36.01 -19.76 -17.17
CA GLY O 15 -36.26 -19.82 -15.72
C GLY O 15 -35.24 -19.03 -14.90
N ALA O 16 -35.69 -18.58 -13.75
CA ALA O 16 -34.82 -17.92 -12.77
C ALA O 16 -35.31 -18.20 -11.38
N ASP O 17 -34.40 -18.05 -10.45
CA ASP O 17 -34.73 -17.98 -8.99
C ASP O 17 -35.19 -16.55 -8.72
N SER O 18 -35.52 -16.22 -7.49
CA SER O 18 -36.09 -14.90 -7.21
C SER O 18 -35.34 -14.11 -6.12
N ARG O 19 -34.11 -14.47 -5.82
CA ARG O 19 -33.38 -13.85 -4.70
C ARG O 19 -32.53 -12.64 -5.14
N THR O 20 -32.67 -11.53 -4.44
CA THR O 20 -31.75 -10.37 -4.56
C THR O 20 -31.08 -10.11 -3.21
N THR O 21 -29.75 -10.01 -3.19
CA THR O 21 -29.01 -9.84 -1.94
C THR O 21 -28.12 -8.62 -1.96
N THR O 22 -27.97 -7.96 -0.80
CA THR O 22 -26.82 -7.04 -0.53
C THR O 22 -26.11 -7.64 0.65
N GLY O 23 -24.86 -8.00 0.48
CA GLY O 23 -24.13 -8.76 1.53
C GLY O 23 -24.92 -10.08 1.62
N SER O 24 -25.31 -10.49 2.81
CA SER O 24 -26.12 -11.68 2.94
C SER O 24 -27.55 -11.32 3.40
N TYR O 25 -27.94 -10.03 3.27
CA TYR O 25 -29.34 -9.63 3.46
C TYR O 25 -30.16 -9.83 2.15
N ILE O 26 -31.35 -10.40 2.26
CA ILE O 26 -32.22 -10.63 1.10
C ILE O 26 -33.12 -9.42 0.98
N ALA O 27 -32.79 -8.58 0.02
CA ALA O 27 -33.49 -7.28 -0.21
C ALA O 27 -34.77 -7.52 -0.96
N ASN O 28 -34.81 -8.59 -1.75
CA ASN O 28 -36.08 -9.01 -2.39
C ASN O 28 -36.10 -10.50 -2.49
N ARG O 29 -37.12 -11.14 -1.93
CA ARG O 29 -37.20 -12.64 -1.96
C ARG O 29 -38.13 -13.18 -3.11
N VAL O 30 -38.79 -12.27 -3.83
CA VAL O 30 -39.66 -12.66 -4.94
C VAL O 30 -39.34 -11.87 -6.24
N THR O 31 -38.07 -11.55 -6.43
CA THR O 31 -37.57 -10.88 -7.61
C THR O 31 -38.05 -11.53 -8.93
N ASP O 32 -38.41 -10.70 -9.89
CA ASP O 32 -38.66 -11.15 -11.24
C ASP O 32 -37.46 -10.85 -12.14
N LYS O 33 -36.69 -11.86 -12.50
CA LYS O 33 -35.47 -11.68 -13.28
C LYS O 33 -35.60 -12.03 -14.76
N LEU O 34 -36.82 -12.38 -15.18
CA LEU O 34 -37.09 -12.65 -16.56
C LEU O 34 -37.81 -11.41 -17.05
N THR O 35 -37.18 -10.58 -17.87
CA THR O 35 -37.85 -9.36 -18.30
C THR O 35 -38.21 -9.43 -19.81
N PRO O 36 -39.44 -9.08 -20.16
CA PRO O 36 -39.83 -9.08 -21.60
C PRO O 36 -39.18 -7.94 -22.37
N ILE O 37 -38.46 -8.27 -23.42
CA ILE O 37 -37.83 -7.30 -24.30
C ILE O 37 -38.70 -6.96 -25.52
N HIS O 38 -39.46 -7.95 -26.01
CA HIS O 38 -40.47 -7.73 -27.02
C HIS O 38 -41.53 -8.81 -26.83
N ASP O 39 -42.55 -8.87 -27.69
CA ASP O 39 -43.69 -9.80 -27.57
C ASP O 39 -43.25 -11.26 -27.33
N ARG O 40 -42.20 -11.71 -28.00
CA ARG O 40 -41.71 -13.06 -27.86
C ARG O 40 -40.22 -13.21 -27.61
N ILE O 41 -39.63 -12.22 -26.92
CA ILE O 41 -38.20 -12.22 -26.62
C ILE O 41 -38.03 -11.73 -25.17
N PHE O 42 -37.37 -12.58 -24.36
CA PHE O 42 -37.14 -12.30 -22.96
C PHE O 42 -35.66 -12.28 -22.69
N CYS O 43 -35.27 -11.56 -21.65
CA CYS O 43 -33.91 -11.80 -21.14
C CYS O 43 -33.98 -12.30 -19.69
N CYS O 44 -33.03 -13.17 -19.32
CA CYS O 44 -32.78 -13.56 -17.94
C CYS O 44 -31.59 -12.73 -17.43
N ARG O 45 -31.74 -12.15 -16.27
CA ARG O 45 -30.75 -11.19 -15.70
C ARG O 45 -29.97 -11.76 -14.54
N SER O 46 -28.65 -11.75 -14.63
CA SER O 46 -27.79 -11.98 -13.47
C SER O 46 -26.68 -10.93 -13.36
N GLY O 47 -26.15 -10.79 -12.13
CA GLY O 47 -25.10 -9.87 -11.82
C GLY O 47 -25.69 -8.69 -11.09
N SER O 48 -25.24 -7.50 -11.40
CA SER O 48 -25.78 -6.30 -10.72
C SER O 48 -27.21 -5.99 -11.20
N ALA O 49 -28.08 -5.78 -10.23
CA ALA O 49 -29.44 -5.45 -10.48
C ALA O 49 -29.56 -4.12 -11.15
N ALA O 50 -28.82 -3.10 -10.74
CA ALA O 50 -28.91 -1.82 -11.40
C ALA O 50 -28.51 -1.89 -12.88
N ASP O 51 -27.37 -2.54 -13.14
CA ASP O 51 -26.82 -2.65 -14.46
C ASP O 51 -27.73 -3.44 -15.41
N THR O 52 -28.23 -4.58 -14.95
CA THR O 52 -29.06 -5.37 -15.83
C THR O 52 -30.41 -4.73 -16.05
N GLN O 53 -30.99 -4.06 -15.05
CA GLN O 53 -32.21 -3.28 -15.30
C GLN O 53 -31.97 -2.12 -16.31
N ALA O 54 -30.85 -1.42 -16.19
CA ALA O 54 -30.57 -0.25 -17.07
C ALA O 54 -30.41 -0.73 -18.50
N VAL O 55 -29.63 -1.82 -18.66
CA VAL O 55 -29.34 -2.34 -19.96
C VAL O 55 -30.60 -2.93 -20.66
N ALA O 56 -31.41 -3.62 -19.88
CA ALA O 56 -32.61 -4.25 -20.40
C ALA O 56 -33.57 -3.17 -20.85
N ASP O 57 -33.70 -2.11 -20.05
CA ASP O 57 -34.59 -0.99 -20.43
C ASP O 57 -34.15 -0.31 -21.75
N ALA O 58 -32.83 -0.10 -21.86
CA ALA O 58 -32.27 0.50 -23.05
C ALA O 58 -32.44 -0.35 -24.30
N VAL O 59 -32.21 -1.65 -24.18
CA VAL O 59 -32.40 -2.57 -25.31
C VAL O 59 -33.86 -2.70 -25.73
N THR O 60 -34.76 -2.71 -24.75
CA THR O 60 -36.18 -2.71 -25.02
C THR O 60 -36.56 -1.49 -25.90
N TYR O 61 -36.07 -0.31 -25.50
CA TYR O 61 -36.20 0.89 -26.30
C TYR O 61 -35.65 0.75 -27.69
N GLN O 62 -34.40 0.31 -27.81
CA GLN O 62 -33.77 0.19 -29.14
C GLN O 62 -34.56 -0.80 -30.04
N LEU O 63 -34.96 -1.92 -29.48
CA LEU O 63 -35.60 -2.97 -30.24
C LEU O 63 -37.04 -2.60 -30.66
N GLY O 64 -37.75 -1.92 -29.79
CA GLY O 64 -39.09 -1.48 -30.12
C GLY O 64 -39.08 -0.47 -31.28
N PHE O 65 -38.13 0.48 -31.27
CA PHE O 65 -38.06 1.51 -32.27
C PHE O 65 -37.70 0.85 -33.60
N HIS O 66 -36.65 0.03 -33.55
CA HIS O 66 -36.21 -0.78 -34.67
C HIS O 66 -37.37 -1.57 -35.32
N SER O 67 -38.19 -2.15 -34.47
CA SER O 67 -39.26 -3.04 -34.92
C SER O 67 -40.41 -2.28 -35.58
N ILE O 68 -40.75 -1.11 -35.04
CA ILE O 68 -41.70 -0.22 -35.65
C ILE O 68 -41.21 0.26 -37.03
N GLU O 69 -39.95 0.68 -37.13
CA GLU O 69 -39.36 1.12 -38.39
C GLU O 69 -39.43 0.08 -39.49
N LEU O 70 -39.15 -1.15 -39.14
CA LEU O 70 -39.15 -2.24 -40.08
C LEU O 70 -40.53 -2.79 -40.35
N ASN O 71 -41.48 -2.51 -39.45
CA ASN O 71 -42.82 -3.07 -39.54
C ASN O 71 -42.88 -4.61 -39.61
N GLU O 72 -42.03 -5.25 -38.80
CA GLU O 72 -41.96 -6.70 -38.67
C GLU O 72 -41.55 -7.06 -37.25
N PRO O 73 -41.90 -8.28 -36.81
CA PRO O 73 -41.39 -8.68 -35.50
C PRO O 73 -39.85 -8.79 -35.48
N PRO O 74 -39.23 -8.47 -34.35
CA PRO O 74 -37.80 -8.59 -34.31
C PRO O 74 -37.27 -10.01 -34.21
N LEU O 75 -36.07 -10.20 -34.75
CA LEU O 75 -35.32 -11.41 -34.65
C LEU O 75 -34.74 -11.58 -33.24
N VAL O 76 -34.73 -12.82 -32.74
CA VAL O 76 -34.13 -13.06 -31.47
C VAL O 76 -32.64 -12.71 -31.53
N HIS O 77 -32.03 -12.99 -32.67
CA HIS O 77 -30.63 -12.71 -32.94
C HIS O 77 -30.30 -11.22 -32.85
N THR O 78 -31.27 -10.39 -33.19
CA THR O 78 -31.10 -8.94 -33.12
C THR O 78 -31.14 -8.44 -31.71
N ALA O 79 -32.10 -8.95 -30.94
CA ALA O 79 -32.13 -8.64 -29.51
C ALA O 79 -30.82 -9.01 -28.81
N ALA O 80 -30.31 -10.18 -29.13
CA ALA O 80 -29.08 -10.61 -28.54
C ALA O 80 -27.90 -9.70 -28.93
N SER O 81 -27.86 -9.29 -30.20
CA SER O 81 -26.80 -8.44 -30.71
C SER O 81 -26.80 -7.09 -30.01
N LEU O 82 -27.98 -6.51 -29.77
CA LEU O 82 -28.07 -5.26 -29.07
C LEU O 82 -27.57 -5.37 -27.60
N PHE O 83 -27.94 -6.46 -26.91
CA PHE O 83 -27.36 -6.68 -25.60
C PHE O 83 -25.86 -6.74 -25.70
N LYS O 84 -25.39 -7.58 -26.59
CA LYS O 84 -23.97 -7.80 -26.79
C LYS O 84 -23.21 -6.48 -27.03
N GLU O 85 -23.73 -5.66 -27.96
CA GLU O 85 -23.12 -4.38 -28.28
C GLU O 85 -22.94 -3.52 -27.03
N MET O 86 -23.95 -3.43 -26.21
CA MET O 86 -23.93 -2.62 -25.02
CA MET O 86 -23.93 -2.62 -25.02
C MET O 86 -23.05 -3.22 -23.88
N CYS O 87 -23.19 -4.54 -23.65
CA CYS O 87 -22.41 -5.26 -22.67
C CYS O 87 -20.92 -5.32 -23.02
N TYR O 88 -20.58 -5.38 -24.30
CA TYR O 88 -19.18 -5.43 -24.70
C TYR O 88 -18.52 -4.05 -24.63
N ARG O 89 -19.15 -3.07 -25.27
CA ARG O 89 -18.71 -1.65 -25.25
C ARG O 89 -18.48 -1.11 -23.81
N TYR O 90 -19.43 -1.39 -22.93
CA TYR O 90 -19.36 -0.97 -21.55
C TYR O 90 -18.92 -2.07 -20.56
N ARG O 91 -18.10 -2.99 -21.03
CA ARG O 91 -17.72 -4.20 -20.22
C ARG O 91 -16.91 -3.77 -18.95
N GLU O 92 -16.21 -2.67 -19.03
CA GLU O 92 -15.47 -2.21 -17.89
C GLU O 92 -16.40 -1.56 -16.86
N ASP O 93 -17.63 -1.18 -17.20
CA ASP O 93 -18.51 -0.46 -16.27
C ASP O 93 -19.78 -1.19 -15.90
N LEU O 94 -19.87 -2.47 -16.26
CA LEU O 94 -21.07 -3.23 -16.07
C LEU O 94 -20.72 -4.56 -15.47
N MET O 95 -21.60 -5.07 -14.64
CA MET O 95 -21.53 -6.44 -14.14
C MET O 95 -22.85 -7.11 -14.52
N ALA O 96 -22.87 -7.76 -15.68
CA ALA O 96 -24.11 -8.22 -16.30
C ALA O 96 -23.86 -9.56 -16.99
N GLY O 97 -24.55 -10.58 -16.55
CA GLY O 97 -24.51 -11.90 -17.21
C GLY O 97 -25.95 -12.18 -17.65
N ILE O 98 -26.13 -12.22 -18.97
CA ILE O 98 -27.44 -12.22 -19.60
C ILE O 98 -27.71 -13.51 -20.42
N ILE O 99 -28.94 -13.96 -20.39
CA ILE O 99 -29.40 -14.95 -21.36
C ILE O 99 -30.59 -14.39 -22.14
N ILE O 100 -30.49 -14.39 -23.46
CA ILE O 100 -31.56 -13.86 -24.29
C ILE O 100 -32.22 -15.05 -24.95
N ALA O 101 -33.51 -15.16 -24.76
CA ALA O 101 -34.23 -16.30 -25.39
C ALA O 101 -35.58 -15.85 -25.91
N GLY O 102 -35.98 -16.46 -27.00
CA GLY O 102 -37.29 -16.18 -27.52
C GLY O 102 -37.57 -16.92 -28.83
N TRP O 103 -38.60 -16.45 -29.51
CA TRP O 103 -39.08 -17.03 -30.76
C TRP O 103 -39.24 -15.93 -31.80
N ASP O 104 -38.82 -16.20 -33.02
CA ASP O 104 -39.23 -15.37 -34.20
C ASP O 104 -39.58 -16.28 -35.39
N PRO O 105 -40.28 -15.73 -36.40
CA PRO O 105 -40.77 -16.56 -37.53
C PRO O 105 -39.69 -17.11 -38.43
N GLN O 106 -38.54 -16.50 -38.41
CA GLN O 106 -37.49 -16.87 -39.32
C GLN O 106 -36.65 -18.01 -38.79
N GLU O 107 -36.33 -17.99 -37.49
CA GLU O 107 -35.42 -18.98 -36.96
C GLU O 107 -35.99 -19.82 -35.80
N GLY O 108 -37.22 -19.57 -35.40
CA GLY O 108 -37.84 -20.33 -34.32
C GLY O 108 -37.27 -20.01 -32.91
N GLY O 109 -37.17 -21.05 -32.09
CA GLY O 109 -36.80 -20.93 -30.73
C GLY O 109 -35.30 -20.79 -30.64
N GLN O 110 -34.85 -19.74 -29.97
CA GLN O 110 -33.43 -19.58 -29.87
C GLN O 110 -32.98 -19.11 -28.46
N VAL O 111 -31.81 -19.58 -28.06
CA VAL O 111 -31.15 -19.20 -26.80
C VAL O 111 -29.76 -18.65 -27.08
N TYR O 112 -29.49 -17.47 -26.57
CA TYR O 112 -28.15 -16.87 -26.66
C TYR O 112 -27.65 -16.56 -25.26
N SER O 113 -26.37 -16.83 -25.02
CA SER O 113 -25.67 -16.29 -23.80
C SER O 113 -24.84 -15.08 -24.13
N VAL O 114 -24.99 -14.02 -23.31
CA VAL O 114 -24.11 -12.87 -23.35
C VAL O 114 -23.50 -12.78 -21.92
N PRO O 115 -22.45 -13.54 -21.68
CA PRO O 115 -21.86 -13.54 -20.30
C PRO O 115 -21.05 -12.28 -20.07
N MET O 116 -20.54 -12.15 -18.87
CA MET O 116 -19.73 -10.97 -18.57
C MET O 116 -18.56 -10.85 -19.51
N GLY O 117 -18.31 -9.64 -19.98
CA GLY O 117 -17.29 -9.42 -20.96
C GLY O 117 -17.93 -9.12 -22.34
N GLY O 118 -19.16 -9.56 -22.56
CA GLY O 118 -19.87 -9.19 -23.75
C GLY O 118 -19.65 -10.04 -24.98
N MET O 119 -19.19 -11.28 -24.83
CA MET O 119 -19.20 -12.21 -25.94
C MET O 119 -20.64 -12.63 -26.19
N MET O 120 -20.92 -13.22 -27.34
CA MET O 120 -22.29 -13.75 -27.59
C MET O 120 -22.18 -15.09 -28.28
N VAL O 121 -22.98 -16.07 -27.88
CA VAL O 121 -22.93 -17.41 -28.46
C VAL O 121 -24.33 -18.04 -28.39
N ARG O 122 -24.72 -18.70 -29.46
CA ARG O 122 -25.99 -19.35 -29.47
C ARG O 122 -25.79 -20.74 -28.83
N GLN O 123 -26.74 -21.19 -28.02
CA GLN O 123 -26.65 -22.52 -27.39
C GLN O 123 -27.97 -23.27 -27.36
N SER O 124 -27.94 -24.61 -27.32
CA SER O 124 -29.19 -25.42 -27.13
C SER O 124 -29.87 -25.11 -25.86
N PHE O 125 -29.05 -24.97 -24.84
CA PHE O 125 -29.51 -24.46 -23.53
C PHE O 125 -28.39 -23.68 -22.85
N ALA O 126 -28.75 -22.84 -21.91
CA ALA O 126 -27.75 -21.97 -21.27
C ALA O 126 -28.06 -21.84 -19.79
N ILE O 127 -27.02 -21.67 -19.00
CA ILE O 127 -27.18 -21.41 -17.59
C ILE O 127 -26.21 -20.29 -17.21
N GLY O 128 -26.59 -19.52 -16.23
CA GLY O 128 -25.71 -18.43 -15.74
C GLY O 128 -26.05 -18.04 -14.32
N GLY O 129 -25.31 -17.04 -13.83
CA GLY O 129 -25.43 -16.58 -12.46
C GLY O 129 -24.50 -17.37 -11.55
N SER O 130 -24.37 -16.88 -10.32
CA SER O 130 -23.46 -17.47 -9.34
C SER O 130 -23.86 -18.96 -9.13
N GLY O 131 -25.14 -19.23 -9.04
CA GLY O 131 -25.62 -20.57 -8.77
C GLY O 131 -25.38 -21.61 -9.84
N SER O 132 -25.08 -21.17 -11.07
CA SER O 132 -24.93 -22.08 -12.17
C SER O 132 -23.74 -23.04 -11.98
N SER O 133 -22.70 -22.62 -11.24
CA SER O 133 -21.58 -23.48 -10.91
C SER O 133 -22.05 -24.84 -10.42
N TYR O 134 -23.04 -24.84 -9.55
CA TYR O 134 -23.45 -26.03 -8.84
C TYR O 134 -24.31 -26.98 -9.67
N ILE O 135 -24.74 -26.56 -10.87
CA ILE O 135 -25.50 -27.39 -11.74
C ILE O 135 -24.88 -27.72 -13.08
N TYR O 136 -23.62 -27.41 -13.33
CA TYR O 136 -23.00 -27.87 -14.61
C TYR O 136 -23.06 -29.41 -14.78
N GLY O 137 -22.60 -30.13 -13.76
CA GLY O 137 -22.68 -31.60 -13.79
C GLY O 137 -24.09 -32.14 -14.01
N TYR O 138 -25.08 -31.62 -13.30
CA TYR O 138 -26.45 -31.99 -13.47
C TYR O 138 -26.96 -31.75 -14.92
N VAL O 139 -26.77 -30.54 -15.46
CA VAL O 139 -27.27 -30.29 -16.78
C VAL O 139 -26.53 -31.12 -17.82
N ASP O 140 -25.21 -31.30 -17.67
CA ASP O 140 -24.45 -32.11 -18.62
C ASP O 140 -24.92 -33.60 -18.65
N ALA O 141 -25.36 -34.13 -17.51
CA ALA O 141 -25.79 -35.51 -17.42
C ALA O 141 -27.23 -35.71 -17.83
N THR O 142 -28.08 -34.71 -17.62
CA THR O 142 -29.51 -34.83 -17.79
C THR O 142 -29.97 -34.34 -19.16
N TYR O 143 -29.33 -33.33 -19.73
CA TYR O 143 -29.79 -32.86 -21.04
C TYR O 143 -29.94 -34.03 -22.07
N ARG O 144 -31.00 -33.99 -22.86
CA ARG O 144 -31.19 -34.89 -24.06
C ARG O 144 -31.63 -34.03 -25.26
N GLU O 145 -31.07 -34.31 -26.41
CA GLU O 145 -31.57 -33.76 -27.66
C GLU O 145 -33.07 -34.13 -27.83
N GLY O 146 -33.87 -33.18 -28.28
CA GLY O 146 -35.26 -33.45 -28.64
C GLY O 146 -36.27 -33.49 -27.51
N MET O 147 -35.97 -32.85 -26.38
CA MET O 147 -36.94 -32.71 -25.29
C MET O 147 -38.16 -31.91 -25.72
N THR O 148 -39.31 -32.28 -25.19
CA THR O 148 -40.53 -31.50 -25.45
C THR O 148 -40.53 -30.25 -24.60
N LYS O 149 -41.45 -29.36 -24.89
CA LYS O 149 -41.69 -28.21 -24.04
C LYS O 149 -41.84 -28.61 -22.56
N GLU O 150 -42.71 -29.56 -22.31
CA GLU O 150 -43.00 -30.01 -20.94
C GLU O 150 -41.76 -30.60 -20.25
N GLU O 151 -40.96 -31.32 -20.99
CA GLU O 151 -39.68 -31.82 -20.48
C GLU O 151 -38.67 -30.71 -20.18
N CYS O 152 -38.63 -29.67 -21.04
CA CYS O 152 -37.78 -28.51 -20.85
C CYS O 152 -38.17 -27.77 -19.55
N LEU O 153 -39.48 -27.61 -19.32
CA LEU O 153 -39.97 -26.99 -18.09
C LEU O 153 -39.52 -27.75 -16.85
N GLN O 154 -39.60 -29.09 -16.89
CA GLN O 154 -39.23 -29.94 -15.75
C GLN O 154 -37.72 -29.92 -15.52
N PHE O 155 -36.94 -30.06 -16.60
CA PHE O 155 -35.48 -30.01 -16.60
C PHE O 155 -35.01 -28.68 -16.01
N THR O 156 -35.64 -27.58 -16.47
CA THR O 156 -35.36 -26.25 -15.92
C THR O 156 -35.71 -26.10 -14.43
N ALA O 157 -36.90 -26.56 -14.03
CA ALA O 157 -37.35 -26.41 -12.64
C ALA O 157 -36.45 -27.20 -11.68
N ASN O 158 -36.08 -28.43 -12.11
CA ASN O 158 -35.16 -29.25 -11.33
C ASN O 158 -33.76 -28.60 -11.15
N ALA O 159 -33.16 -28.14 -12.27
CA ALA O 159 -31.84 -27.58 -12.27
C ALA O 159 -31.85 -26.40 -11.36
N LEU O 160 -32.85 -25.53 -11.51
CA LEU O 160 -32.93 -24.35 -10.66
C LEU O 160 -33.12 -24.69 -9.16
N ALA O 161 -33.95 -25.68 -8.87
CA ALA O 161 -34.17 -26.13 -7.49
C ALA O 161 -32.88 -26.60 -6.84
N LEU O 162 -32.07 -27.37 -7.58
CA LEU O 162 -30.79 -27.88 -7.12
C LEU O 162 -29.81 -26.75 -6.83
N ALA O 163 -29.69 -25.81 -7.74
CA ALA O 163 -28.82 -24.63 -7.55
C ALA O 163 -29.28 -23.79 -6.35
N MET O 164 -30.57 -23.59 -6.23
CA MET O 164 -31.14 -22.82 -5.14
C MET O 164 -30.86 -23.45 -3.77
N GLU O 165 -30.80 -24.76 -3.70
CA GLU O 165 -30.52 -25.44 -2.46
C GLU O 165 -29.11 -25.15 -1.93
N ARG O 166 -28.15 -25.16 -2.85
CA ARG O 166 -26.75 -24.98 -2.59
C ARG O 166 -26.15 -23.55 -2.58
N ASP O 167 -26.68 -22.66 -3.44
CA ASP O 167 -26.14 -21.32 -3.58
C ASP O 167 -26.86 -20.38 -2.64
N GLY O 168 -26.11 -19.83 -1.69
CA GLY O 168 -26.63 -18.84 -0.80
C GLY O 168 -27.16 -17.63 -1.56
N SER O 169 -26.60 -17.29 -2.71
CA SER O 169 -27.09 -16.12 -3.44
C SER O 169 -28.33 -16.36 -4.30
N SER O 170 -28.81 -17.60 -4.38
CA SER O 170 -30.02 -17.92 -5.11
C SER O 170 -31.10 -18.41 -4.11
N GLY O 171 -32.37 -18.29 -4.46
CA GLY O 171 -33.44 -18.94 -3.67
C GLY O 171 -34.76 -18.28 -3.91
N GLY O 172 -35.71 -18.60 -3.03
CA GLY O 172 -37.06 -18.02 -3.10
C GLY O 172 -38.01 -18.92 -3.91
N VAL O 173 -38.59 -18.39 -4.98
CA VAL O 173 -39.47 -19.09 -5.92
C VAL O 173 -38.77 -19.26 -7.23
N ILE O 174 -39.29 -20.16 -8.04
CA ILE O 174 -38.77 -20.39 -9.36
C ILE O 174 -39.80 -19.75 -10.32
N ARG O 175 -39.37 -18.82 -11.17
CA ARG O 175 -40.20 -18.23 -12.24
C ARG O 175 -39.83 -18.86 -13.58
N LEU O 176 -40.84 -19.38 -14.29
CA LEU O 176 -40.65 -20.01 -15.57
C LEU O 176 -41.46 -19.26 -16.60
N ALA O 177 -41.01 -19.34 -17.83
CA ALA O 177 -41.73 -18.79 -18.97
C ALA O 177 -41.50 -19.73 -20.16
N ALA O 178 -42.55 -19.98 -20.92
CA ALA O 178 -42.39 -20.66 -22.19
C ALA O 178 -42.81 -19.68 -23.29
N ILE O 179 -42.03 -19.66 -24.36
CA ILE O 179 -42.31 -18.78 -25.49
C ILE O 179 -42.37 -19.59 -26.79
N ALA O 180 -43.41 -19.34 -27.59
CA ALA O 180 -43.60 -20.04 -28.87
C ALA O 180 -44.41 -19.11 -29.77
N GLU O 181 -44.74 -19.58 -30.97
CA GLU O 181 -45.49 -18.73 -31.88
C GLU O 181 -46.77 -18.27 -31.23
N SER O 182 -47.40 -19.15 -30.48
CA SER O 182 -48.69 -18.85 -29.87
C SER O 182 -48.65 -17.82 -28.76
N GLY O 183 -47.47 -17.53 -28.19
CA GLY O 183 -47.35 -16.50 -27.18
C GLY O 183 -46.45 -16.94 -26.02
N VAL O 184 -46.69 -16.31 -24.87
CA VAL O 184 -45.86 -16.47 -23.71
C VAL O 184 -46.73 -16.97 -22.58
N GLU O 185 -46.27 -17.98 -21.88
CA GLU O 185 -46.95 -18.53 -20.71
C GLU O 185 -46.00 -18.44 -19.53
N ARG O 186 -46.39 -17.71 -18.51
CA ARG O 186 -45.58 -17.54 -17.33
C ARG O 186 -46.20 -18.27 -16.16
N GLN O 187 -45.37 -18.84 -15.30
CA GLN O 187 -45.84 -19.42 -14.02
C GLN O 187 -44.76 -19.32 -12.95
N VAL O 188 -45.21 -19.43 -11.70
CA VAL O 188 -44.35 -19.46 -10.51
C VAL O 188 -44.47 -20.82 -9.81
N LEU O 189 -43.34 -21.47 -9.51
CA LEU O 189 -43.29 -22.60 -8.61
C LEU O 189 -42.88 -22.09 -7.26
N LEU O 190 -43.74 -22.28 -6.27
CA LEU O 190 -43.40 -21.88 -4.89
C LEU O 190 -43.67 -22.98 -3.88
N GLY O 191 -43.04 -22.88 -2.71
CA GLY O 191 -43.25 -23.81 -1.63
C GLY O 191 -43.13 -25.26 -2.05
N ASP O 192 -44.17 -26.03 -1.80
CA ASP O 192 -44.18 -27.45 -2.16
C ASP O 192 -44.12 -27.78 -3.65
N GLN O 193 -44.39 -26.79 -4.50
CA GLN O 193 -44.31 -26.99 -5.93
C GLN O 193 -42.88 -27.06 -6.44
N ILE O 194 -41.89 -26.60 -5.66
CA ILE O 194 -40.50 -26.66 -6.09
C ILE O 194 -40.02 -28.10 -5.95
N PRO O 195 -39.34 -28.66 -6.99
CA PRO O 195 -38.83 -30.02 -6.85
C PRO O 195 -37.94 -30.18 -5.64
N LYS O 196 -38.00 -31.35 -5.03
CA LYS O 196 -37.47 -31.64 -3.71
C LYS O 196 -36.53 -32.82 -3.87
N PHE O 197 -35.39 -32.79 -3.21
CA PHE O 197 -34.46 -33.93 -3.20
C PHE O 197 -33.96 -34.05 -1.75
N ALA O 198 -34.09 -35.20 -1.11
CA ALA O 198 -33.59 -35.39 0.29
C ALA O 198 -32.18 -34.85 0.61
N VAL O 199 -32.02 -34.19 1.77
CA VAL O 199 -30.70 -34.14 2.48
C VAL O 199 -30.37 -35.62 2.80
N ALA O 200 -29.09 -35.97 2.68
CA ALA O 200 -28.63 -37.37 2.74
C ALA O 200 -28.10 -37.77 4.14
N THR O 201 -29.00 -37.88 5.12
CA THR O 201 -28.74 -38.34 6.53
C THR O 201 -28.15 -39.77 6.63
N LEU O 202 -27.38 -40.14 7.74
CA LEU O 202 -27.05 -41.56 7.98
C LEU O 202 -28.08 -42.25 8.86
N ARG P 4 18.34 -35.04 35.04
CA ARG P 4 19.45 -34.47 34.22
C ARG P 4 20.87 -35.13 34.39
N GLY P 5 20.99 -36.32 35.00
CA GLY P 5 22.30 -36.93 35.26
C GLY P 5 23.08 -36.41 36.48
N TYR P 6 24.18 -37.06 36.77
CA TYR P 6 25.10 -36.60 37.80
C TYR P 6 26.11 -35.62 37.16
N SER P 7 26.34 -34.50 37.82
CA SER P 7 27.17 -33.42 37.26
C SER P 7 28.66 -33.44 37.66
N PHE P 8 28.99 -34.31 38.60
CA PHE P 8 30.34 -34.43 39.12
C PHE P 8 31.09 -35.48 38.35
N SER P 9 32.42 -35.31 38.25
CA SER P 9 33.28 -36.32 37.64
C SER P 9 33.28 -37.62 38.47
N LEU P 10 33.36 -38.75 37.78
CA LEU P 10 33.49 -40.08 38.39
C LEU P 10 34.89 -40.60 38.23
N THR P 11 35.71 -39.94 37.38
CA THR P 11 37.16 -40.13 37.46
C THR P 11 37.80 -38.86 38.02
N THR P 12 38.61 -39.08 39.06
CA THR P 12 39.33 -38.03 39.81
C THR P 12 40.77 -38.45 40.08
N PHE P 13 41.61 -37.51 40.53
CA PHE P 13 43.01 -37.85 40.82
C PHE P 13 43.14 -38.54 42.17
N SER P 14 43.88 -39.63 42.20
CA SER P 14 44.26 -40.27 43.45
C SER P 14 45.40 -39.44 44.10
N PRO P 15 45.68 -39.66 45.41
CA PRO P 15 46.76 -38.92 46.11
C PRO P 15 48.16 -38.98 45.46
N SER P 16 48.42 -40.06 44.72
CA SER P 16 49.65 -40.22 43.96
C SER P 16 49.57 -39.75 42.52
N GLY P 17 48.52 -39.01 42.16
CA GLY P 17 48.40 -38.43 40.83
C GLY P 17 47.89 -39.33 39.75
N LYS P 18 47.35 -40.49 40.12
CA LYS P 18 46.80 -41.43 39.10
C LYS P 18 45.27 -41.18 38.94
N LEU P 19 44.79 -41.33 37.71
CA LEU P 19 43.35 -41.35 37.42
C LEU P 19 42.94 -42.84 37.33
N VAL P 20 42.57 -43.43 38.48
CA VAL P 20 42.44 -44.90 38.54
C VAL P 20 41.33 -45.44 37.65
N GLN P 21 40.22 -44.72 37.48
CA GLN P 21 39.18 -45.21 36.51
C GLN P 21 39.73 -45.42 35.12
N ILE P 22 40.67 -44.60 34.70
CA ILE P 22 41.30 -44.80 33.40
C ILE P 22 42.16 -46.06 33.43
N GLU P 23 42.94 -46.22 34.49
CA GLU P 23 43.76 -47.43 34.64
C GLU P 23 42.90 -48.67 34.64
N TYR P 24 41.78 -48.61 35.32
CA TYR P 24 40.87 -49.74 35.32
C TYR P 24 40.20 -49.98 33.95
N ALA P 25 39.91 -48.92 33.20
CA ALA P 25 39.48 -49.06 31.82
C ALA P 25 40.54 -49.76 30.97
N LEU P 26 41.81 -49.40 31.17
CA LEU P 26 42.92 -50.11 30.53
C LEU P 26 42.97 -51.58 30.90
N ALA P 27 42.58 -51.93 32.13
CA ALA P 27 42.52 -53.33 32.52
C ALA P 27 41.39 -54.07 31.78
N ALA P 28 40.28 -53.40 31.54
CA ALA P 28 39.26 -54.02 30.64
C ALA P 28 39.80 -54.21 29.21
N VAL P 29 40.61 -53.28 28.72
CA VAL P 29 41.19 -53.43 27.38
C VAL P 29 42.14 -54.61 27.37
N ALA P 30 42.99 -54.70 28.40
CA ALA P 30 44.00 -55.76 28.49
C ALA P 30 43.40 -57.17 28.56
N GLY P 31 42.23 -57.30 29.18
CA GLY P 31 41.48 -58.56 29.16
C GLY P 31 40.61 -58.76 27.92
N GLY P 32 40.66 -57.85 26.95
CA GLY P 32 39.90 -58.01 25.72
C GLY P 32 40.57 -59.01 24.81
N ALA P 33 39.84 -59.41 23.75
CA ALA P 33 40.38 -60.30 22.75
C ALA P 33 41.51 -59.60 22.00
N PRO P 34 42.55 -60.35 21.56
CA PRO P 34 43.68 -59.69 20.89
C PRO P 34 43.33 -59.02 19.57
N SER P 35 43.98 -57.89 19.32
CA SER P 35 43.93 -57.19 18.03
C SER P 35 45.35 -56.80 17.63
N VAL P 36 45.58 -56.75 16.32
CA VAL P 36 46.90 -56.46 15.76
C VAL P 36 46.69 -55.49 14.61
N GLY P 37 47.67 -54.62 14.43
CA GLY P 37 47.76 -53.74 13.29
C GLY P 37 49.20 -53.61 12.82
N ILE P 38 49.39 -53.70 11.51
CA ILE P 38 50.71 -53.57 10.88
C ILE P 38 50.60 -52.62 9.68
N LYS P 39 51.50 -51.63 9.64
CA LYS P 39 51.57 -50.70 8.53
C LYS P 39 52.66 -51.17 7.56
N ALA P 40 52.24 -51.73 6.43
CA ALA P 40 53.16 -52.01 5.32
C ALA P 40 53.53 -50.72 4.60
N ALA P 41 54.46 -50.83 3.67
CA ALA P 41 54.90 -49.70 2.86
C ALA P 41 53.75 -49.19 2.02
N ASN P 42 52.98 -50.12 1.46
CA ASN P 42 51.88 -49.83 0.52
C ASN P 42 50.47 -50.10 1.08
N GLY P 43 50.33 -50.15 2.41
CA GLY P 43 49.02 -50.36 3.03
C GLY P 43 49.06 -50.78 4.48
N VAL P 44 47.88 -50.98 5.06
CA VAL P 44 47.76 -51.33 6.47
C VAL P 44 46.84 -52.52 6.60
N VAL P 45 47.14 -53.37 7.56
CA VAL P 45 46.28 -54.50 7.89
C VAL P 45 45.87 -54.42 9.35
N LEU P 46 44.61 -54.71 9.62
CA LEU P 46 44.08 -54.86 10.95
C LEU P 46 43.56 -56.28 11.09
N ALA P 47 43.92 -56.93 12.18
CA ALA P 47 43.45 -58.29 12.46
C ALA P 47 43.05 -58.45 13.90
N THR P 48 42.03 -59.29 14.12
CA THR P 48 41.50 -59.49 15.45
C THR P 48 40.92 -60.87 15.58
N GLU P 49 40.98 -61.34 16.80
CA GLU P 49 40.47 -62.61 17.18
C GLU P 49 39.03 -62.41 17.60
N LYS P 50 38.15 -63.18 17.00
CA LYS P 50 36.81 -63.32 17.55
C LYS P 50 36.83 -64.18 18.82
N LYS P 51 36.36 -63.63 19.95
CA LYS P 51 36.05 -64.44 21.15
C LYS P 51 34.75 -65.26 20.87
N GLN P 52 34.81 -66.07 19.79
CA GLN P 52 33.64 -66.74 19.21
C GLN P 52 33.56 -68.14 19.76
N LYS P 53 32.85 -68.29 20.87
CA LYS P 53 32.54 -69.60 21.41
C LYS P 53 31.59 -70.28 20.43
N SER P 54 30.48 -70.80 20.98
CA SER P 54 29.38 -71.44 20.26
C SER P 54 29.35 -71.48 18.72
N ILE P 55 29.20 -72.69 18.18
CA ILE P 55 28.64 -72.89 16.83
C ILE P 55 27.34 -72.09 16.63
N LEU P 56 26.61 -71.78 17.70
CA LEU P 56 25.35 -71.10 17.59
C LEU P 56 25.42 -69.65 17.06
N TYR P 57 26.57 -68.99 17.22
CA TYR P 57 26.72 -67.61 16.73
C TYR P 57 26.66 -67.61 15.24
N ASP P 58 26.03 -66.57 14.69
CA ASP P 58 26.21 -66.24 13.29
C ASP P 58 27.37 -65.24 13.28
N GLU P 59 28.54 -65.72 12.85
CA GLU P 59 29.79 -64.95 12.81
C GLU P 59 29.68 -63.73 11.93
N ARG P 60 28.92 -63.81 10.85
CA ARG P 60 28.78 -62.66 9.94
C ARG P 60 27.85 -61.54 10.45
N SER P 61 27.09 -61.79 11.54
CA SER P 61 26.06 -60.85 11.98
C SER P 61 26.58 -59.58 12.66
N VAL P 62 27.77 -59.62 13.26
CA VAL P 62 28.38 -58.44 13.86
C VAL P 62 29.85 -58.47 13.45
N HIS P 63 30.43 -57.34 13.08
CA HIS P 63 31.84 -57.27 12.75
C HIS P 63 32.61 -56.42 13.76
N LYS P 64 33.83 -56.82 14.02
CA LYS P 64 34.76 -56.07 14.87
C LYS P 64 35.57 -55.12 14.02
N VAL P 65 35.87 -55.51 12.81
CA VAL P 65 36.58 -54.70 11.87
C VAL P 65 35.51 -53.97 11.08
N GLU P 66 35.53 -52.64 11.16
CA GLU P 66 34.46 -51.79 10.68
C GLU P 66 34.96 -50.62 9.84
N PRO P 67 34.22 -50.26 8.77
CA PRO P 67 34.60 -49.11 7.97
C PRO P 67 34.07 -47.82 8.58
N ILE P 68 34.86 -46.77 8.50
CA ILE P 68 34.45 -45.42 8.91
C ILE P 68 34.15 -44.56 7.70
N THR P 69 35.00 -44.60 6.70
CA THR P 69 34.81 -43.94 5.42
C THR P 69 35.34 -44.93 4.40
N LYS P 70 35.36 -44.51 3.14
CA LYS P 70 35.97 -45.29 2.05
C LYS P 70 37.43 -45.62 2.31
N HIS P 71 38.13 -44.74 3.03
CA HIS P 71 39.60 -44.81 3.16
C HIS P 71 40.10 -45.10 4.59
N ILE P 72 39.18 -45.20 5.57
CA ILE P 72 39.48 -45.41 6.97
C ILE P 72 38.66 -46.56 7.58
N GLY P 73 39.33 -47.41 8.34
CA GLY P 73 38.67 -48.43 9.17
C GLY P 73 39.29 -48.62 10.56
N LEU P 74 38.56 -49.35 11.41
CA LEU P 74 38.82 -49.51 12.83
C LEU P 74 38.76 -50.97 13.23
N VAL P 75 39.46 -51.26 14.32
CA VAL P 75 39.22 -52.42 15.16
C VAL P 75 39.49 -52.00 16.61
N TYR P 76 39.27 -52.89 17.57
CA TYR P 76 39.43 -52.57 18.98
C TYR P 76 39.76 -53.82 19.80
N SER P 77 40.16 -53.59 21.04
CA SER P 77 40.16 -54.56 22.12
C SER P 77 39.48 -53.92 23.33
N GLY P 78 38.69 -54.70 24.04
CA GLY P 78 37.94 -54.23 25.18
C GLY P 78 36.48 -54.50 25.03
N MET P 79 35.64 -53.61 25.55
CA MET P 79 34.20 -53.85 25.58
C MET P 79 33.47 -53.48 24.29
N GLY P 80 32.84 -54.47 23.68
CA GLY P 80 32.19 -54.31 22.37
C GLY P 80 31.16 -53.20 22.30
N PRO P 81 30.22 -53.14 23.24
CA PRO P 81 29.23 -52.08 23.13
C PRO P 81 29.79 -50.65 23.27
N ASP P 82 30.85 -50.48 24.04
CA ASP P 82 31.54 -49.18 24.09
C ASP P 82 32.12 -48.84 22.69
N TYR P 83 32.68 -49.83 22.02
CA TYR P 83 33.23 -49.65 20.68
C TYR P 83 32.19 -49.17 19.66
N ARG P 84 30.97 -49.72 19.74
CA ARG P 84 29.93 -49.34 18.79
C ARG P 84 29.58 -47.88 18.94
N VAL P 85 29.57 -47.36 20.17
CA VAL P 85 29.38 -45.93 20.41
C VAL P 85 30.41 -45.12 19.59
N LEU P 86 31.66 -45.52 19.71
CA LEU P 86 32.77 -44.78 19.09
C LEU P 86 32.80 -44.92 17.56
N VAL P 87 32.39 -46.08 17.04
CA VAL P 87 32.24 -46.30 15.59
C VAL P 87 31.22 -45.32 15.03
N HIS P 88 30.07 -45.23 15.69
CA HIS P 88 29.01 -44.33 15.30
C HIS P 88 29.48 -42.87 15.31
N ARG P 89 30.16 -42.44 16.37
CA ARG P 89 30.66 -41.08 16.46
C ARG P 89 31.72 -40.81 15.42
N ALA P 90 32.63 -41.76 15.22
CA ALA P 90 33.68 -41.60 14.23
C ALA P 90 33.06 -41.41 12.81
N ARG P 91 32.05 -42.21 12.51
CA ARG P 91 31.34 -42.11 11.25
C ARG P 91 30.74 -40.71 11.08
N LYS P 92 30.05 -40.24 12.12
CA LYS P 92 29.40 -38.95 12.17
C LYS P 92 30.41 -37.79 12.04
N LEU P 93 31.55 -37.88 12.75
CA LEU P 93 32.65 -36.88 12.65
C LEU P 93 33.24 -36.81 11.27
N ALA P 94 33.40 -37.96 10.64
CA ALA P 94 33.92 -38.00 9.28
C ALA P 94 33.02 -37.34 8.23
N GLN P 95 31.71 -37.50 8.42
CA GLN P 95 30.75 -36.88 7.52
C GLN P 95 30.65 -35.37 7.78
N GLN P 96 30.67 -34.96 9.05
CA GLN P 96 30.69 -33.53 9.40
C GLN P 96 31.84 -32.80 8.72
N TYR P 97 33.02 -33.40 8.80
CA TYR P 97 34.21 -32.89 8.11
C TYR P 97 33.97 -32.80 6.60
N TYR P 98 33.47 -33.89 6.03
CA TYR P 98 33.24 -33.95 4.59
C TYR P 98 32.26 -32.85 4.11
N LEU P 99 31.22 -32.58 4.89
CA LEU P 99 30.23 -31.58 4.47
C LEU P 99 30.85 -30.20 4.39
N VAL P 100 31.77 -29.90 5.26
CA VAL P 100 32.38 -28.57 5.29
C VAL P 100 33.47 -28.49 4.22
N TYR P 101 34.37 -29.47 4.18
CA TYR P 101 35.58 -29.34 3.37
C TYR P 101 35.51 -29.98 2.01
N GLN P 102 34.52 -30.85 1.79
CA GLN P 102 34.39 -31.58 0.53
C GLN P 102 35.63 -32.39 0.14
N GLU P 103 36.21 -33.03 1.15
CA GLU P 103 37.43 -33.81 1.02
C GLU P 103 37.34 -34.86 2.15
N PRO P 104 37.72 -36.12 1.89
CA PRO P 104 37.68 -37.10 2.97
C PRO P 104 38.58 -36.67 4.16
N ILE P 105 38.09 -36.90 5.37
CA ILE P 105 38.84 -36.55 6.58
C ILE P 105 40.18 -37.28 6.56
N PRO P 106 41.30 -36.54 6.70
CA PRO P 106 42.59 -37.24 6.94
C PRO P 106 42.54 -38.10 8.19
N THR P 107 43.21 -39.24 8.15
CA THR P 107 43.18 -40.24 9.22
C THR P 107 43.56 -39.63 10.54
N ALA P 108 44.64 -38.86 10.56
CA ALA P 108 45.09 -38.19 11.77
C ALA P 108 44.03 -37.26 12.35
N GLN P 109 43.28 -36.57 11.49
CA GLN P 109 42.26 -35.66 11.95
C GLN P 109 41.07 -36.39 12.55
N LEU P 110 40.72 -37.52 11.96
CA LEU P 110 39.67 -38.35 12.52
C LEU P 110 40.09 -38.90 13.90
N VAL P 111 41.30 -39.40 14.00
CA VAL P 111 41.80 -39.94 15.29
C VAL P 111 41.74 -38.86 16.36
N GLN P 112 42.23 -37.66 16.03
CA GLN P 112 42.17 -36.55 16.97
C GLN P 112 40.78 -36.29 17.50
N ARG P 113 39.79 -36.28 16.61
CA ARG P 113 38.43 -35.95 16.99
C ARG P 113 37.77 -37.09 17.79
N VAL P 114 38.05 -38.33 17.44
CA VAL P 114 37.60 -39.47 18.24
C VAL P 114 38.29 -39.53 19.64
N ALA P 115 39.60 -39.28 19.67
CA ALA P 115 40.38 -39.28 20.90
C ALA P 115 39.88 -38.20 21.84
N SER P 116 39.48 -37.09 21.27
CA SER P 116 38.91 -36.00 22.04
C SER P 116 37.52 -36.38 22.66
N VAL P 117 36.70 -37.15 21.94
CA VAL P 117 35.48 -37.71 22.55
C VAL P 117 35.81 -38.63 23.74
N MET P 118 36.81 -39.48 23.58
CA MET P 118 37.23 -40.38 24.67
C MET P 118 37.70 -39.60 25.90
N GLN P 119 38.42 -38.50 25.70
CA GLN P 119 38.84 -37.60 26.78
C GLN P 119 37.64 -37.07 27.57
N GLU P 120 36.55 -36.68 26.91
CA GLU P 120 35.41 -36.11 27.60
C GLU P 120 34.85 -37.04 28.64
N TYR P 121 34.85 -38.32 28.31
CA TYR P 121 34.32 -39.35 29.20
C TYR P 121 35.25 -39.68 30.38
N THR P 122 36.44 -39.07 30.46
CA THR P 122 37.29 -39.11 31.66
C THR P 122 37.09 -37.94 32.61
N GLN P 123 36.23 -37.00 32.25
CA GLN P 123 36.12 -35.72 33.04
C GLN P 123 34.69 -35.23 33.21
N SER P 124 33.88 -35.42 32.18
CA SER P 124 32.53 -35.00 32.18
C SER P 124 31.68 -35.68 33.27
N GLY P 125 30.51 -35.12 33.57
CA GLY P 125 29.74 -35.53 34.73
C GLY P 125 29.08 -36.88 34.58
N GLY P 126 29.18 -37.72 35.62
CA GLY P 126 28.33 -38.90 35.78
C GLY P 126 28.53 -40.04 34.77
N VAL P 127 29.68 -40.08 34.13
CA VAL P 127 30.04 -41.16 33.23
C VAL P 127 31.41 -41.76 33.59
N ARG P 128 31.59 -43.00 33.17
CA ARG P 128 32.87 -43.67 33.23
C ARG P 128 33.57 -43.58 31.88
N PRO P 129 34.90 -43.78 31.83
CA PRO P 129 35.59 -43.80 30.57
C PRO P 129 35.14 -44.98 29.72
N PHE P 130 35.43 -44.92 28.43
CA PHE P 130 35.29 -46.06 27.55
C PHE P 130 36.30 -47.14 27.92
N GLY P 131 35.83 -48.37 27.94
CA GLY P 131 36.71 -49.52 28.20
C GLY P 131 37.17 -50.14 26.89
N VAL P 132 37.71 -49.31 25.98
CA VAL P 132 38.27 -49.81 24.72
C VAL P 132 39.50 -49.02 24.32
N SER P 133 40.39 -49.71 23.59
CA SER P 133 41.40 -49.05 22.79
C SER P 133 41.09 -49.35 21.33
N LEU P 134 41.23 -48.32 20.48
CA LEU P 134 41.00 -48.42 19.06
C LEU P 134 42.32 -48.48 18.31
N LEU P 135 42.35 -49.29 17.25
CA LEU P 135 43.36 -49.19 16.20
C LEU P 135 42.65 -48.70 14.96
N ILE P 136 43.16 -47.59 14.42
CA ILE P 136 42.58 -46.91 13.28
C ILE P 136 43.57 -46.86 12.12
N CYS P 137 43.12 -47.31 10.95
CA CYS P 137 43.97 -47.32 9.76
C CYS P 137 43.36 -46.47 8.68
N GLY P 138 44.22 -45.95 7.81
CA GLY P 138 43.79 -45.09 6.74
C GLY P 138 44.86 -44.87 5.71
N TRP P 139 44.48 -44.23 4.62
CA TRP P 139 45.36 -43.89 3.53
C TRP P 139 44.99 -42.51 3.06
N ASN P 140 45.92 -41.57 3.14
CA ASN P 140 45.74 -40.24 2.51
C ASN P 140 47.08 -39.53 2.36
N GLU P 141 47.15 -38.50 1.52
CA GLU P 141 48.45 -37.97 1.00
C GLU P 141 49.33 -39.08 0.43
N GLY P 142 48.75 -39.98 -0.36
CA GLY P 142 49.48 -41.10 -0.94
C GLY P 142 50.25 -42.01 0.00
N ARG P 143 49.77 -42.19 1.23
CA ARG P 143 50.59 -42.80 2.29
C ARG P 143 49.71 -43.48 3.34
N PRO P 144 50.18 -44.60 3.94
CA PRO P 144 49.35 -45.30 4.94
C PRO P 144 49.54 -44.77 6.35
N TYR P 145 48.50 -44.86 7.17
CA TYR P 145 48.59 -44.54 8.59
C TYR P 145 47.96 -45.63 9.46
N LEU P 146 48.57 -45.84 10.62
CA LEU P 146 48.07 -46.71 11.68
C LEU P 146 48.17 -45.95 13.03
N PHE P 147 47.03 -45.83 13.72
CA PHE P 147 46.97 -45.13 14.99
C PHE P 147 46.25 -45.97 16.02
N GLN P 148 46.59 -45.71 17.28
CA GLN P 148 45.90 -46.27 18.43
C GLN P 148 45.32 -45.13 19.26
N SER P 149 44.12 -45.33 19.80
CA SER P 149 43.55 -44.37 20.72
C SER P 149 43.07 -45.13 21.96
N ASP P 150 43.49 -44.65 23.13
CA ASP P 150 43.27 -45.35 24.40
C ASP P 150 42.17 -44.70 25.23
N PRO P 151 41.72 -45.39 26.30
CA PRO P 151 40.68 -44.80 27.13
C PRO P 151 40.88 -43.39 27.70
N SER P 152 42.11 -42.94 27.90
CA SER P 152 42.34 -41.53 28.36
C SER P 152 42.03 -40.50 27.27
N GLY P 153 42.05 -40.93 26.00
CA GLY P 153 42.00 -40.01 24.87
C GLY P 153 43.38 -39.73 24.30
N ALA P 154 44.41 -40.39 24.81
CA ALA P 154 45.74 -40.25 24.24
C ALA P 154 45.77 -41.13 23.01
N TYR P 155 46.51 -40.67 21.99
CA TYR P 155 46.70 -41.42 20.74
C TYR P 155 48.16 -41.45 20.28
N PHE P 156 48.50 -42.48 19.52
CA PHE P 156 49.88 -42.80 19.10
C PHE P 156 49.81 -43.31 17.68
N ALA P 157 50.78 -42.93 16.87
CA ALA P 157 50.94 -43.47 15.53
C ALA P 157 51.98 -44.60 15.61
N TRP P 158 51.61 -45.77 15.08
CA TRP P 158 52.40 -46.99 15.18
C TRP P 158 52.80 -47.47 13.78
N LYS P 159 53.95 -48.16 13.70
CA LYS P 159 54.35 -48.94 12.53
C LYS P 159 53.70 -50.32 12.66
N ALA P 160 53.68 -50.83 13.88
CA ALA P 160 52.96 -52.05 14.20
C ALA P 160 52.74 -52.12 15.70
N THR P 161 51.66 -52.77 16.10
CA THR P 161 51.36 -52.96 17.50
C THR P 161 50.29 -54.02 17.71
N ALA P 162 50.05 -54.31 18.98
CA ALA P 162 49.08 -55.29 19.45
C ALA P 162 48.44 -54.76 20.73
N MET P 163 47.22 -55.24 21.00
CA MET P 163 46.49 -54.81 22.17
C MET P 163 45.60 -55.94 22.58
N GLY P 164 45.04 -55.89 23.78
CA GLY P 164 44.19 -57.01 24.29
C GLY P 164 45.01 -58.07 25.03
N LYS P 165 44.41 -59.22 25.35
CA LYS P 165 45.14 -60.33 26.01
C LYS P 165 46.47 -60.60 25.30
N ASN P 166 47.54 -60.64 26.07
CA ASN P 166 48.84 -61.10 25.60
C ASN P 166 49.56 -60.10 24.69
N TYR P 167 49.23 -58.84 24.84
CA TYR P 167 49.72 -57.80 23.92
C TYR P 167 51.22 -57.60 24.06
N VAL P 168 51.71 -57.64 25.30
CA VAL P 168 53.13 -57.42 25.57
C VAL P 168 53.99 -58.38 24.74
N ASN P 169 53.65 -59.67 24.77
CA ASN P 169 54.30 -60.67 23.91
C ASN P 169 54.13 -60.42 22.41
N GLY P 170 52.88 -60.12 22.01
CA GLY P 170 52.56 -59.74 20.63
C GLY P 170 53.39 -58.59 20.12
N LYS P 171 53.66 -57.59 20.97
CA LYS P 171 54.48 -56.44 20.58
C LYS P 171 55.94 -56.82 20.36
N THR P 172 56.51 -57.62 21.25
CA THR P 172 57.88 -58.13 21.05
C THR P 172 57.95 -59.09 19.84
N PHE P 173 56.96 -59.96 19.67
CA PHE P 173 56.85 -60.76 18.44
C PHE P 173 56.97 -59.93 17.15
N LEU P 174 56.30 -58.78 17.10
CA LEU P 174 56.37 -57.86 15.96
C LEU P 174 57.70 -57.09 15.91
N GLU P 175 58.19 -56.69 17.07
CA GLU P 175 59.47 -56.00 17.24
C GLU P 175 60.66 -56.78 16.71
N LYS P 176 60.56 -58.11 16.67
CA LYS P 176 61.57 -58.97 16.02
C LYS P 176 61.00 -59.61 14.74
N ARG P 177 60.41 -58.80 13.85
CA ARG P 177 59.68 -59.35 12.68
C ARG P 177 59.13 -58.39 11.64
N TYR P 178 58.84 -57.15 12.02
CA TYR P 178 58.41 -56.10 11.06
C TYR P 178 59.65 -55.39 10.48
N ASN P 179 59.63 -55.12 9.18
CA ASN P 179 60.59 -54.20 8.57
C ASN P 179 59.84 -53.09 7.81
N GLU P 180 60.50 -51.92 7.68
CA GLU P 180 59.92 -50.73 7.04
C GLU P 180 59.53 -50.97 5.58
N ASP P 181 60.34 -51.74 4.86
CA ASP P 181 60.13 -51.96 3.42
C ASP P 181 59.15 -53.12 3.12
N LEU P 182 58.44 -53.62 4.13
CA LEU P 182 57.57 -54.81 4.01
C LEU P 182 56.29 -54.52 3.19
N GLU P 183 55.87 -55.51 2.41
CA GLU P 183 54.66 -55.42 1.56
C GLU P 183 53.38 -55.75 2.33
N LEU P 184 52.24 -55.39 1.75
CA LEU P 184 50.93 -55.63 2.39
C LEU P 184 50.60 -57.11 2.50
N GLU P 185 50.84 -57.88 1.44
CA GLU P 185 50.47 -59.30 1.43
C GLU P 185 51.28 -60.08 2.49
N ASP P 186 52.54 -59.65 2.72
CA ASP P 186 53.41 -60.26 3.75
C ASP P 186 52.96 -59.82 5.16
N ALA P 187 52.60 -58.54 5.28
CA ALA P 187 52.06 -57.96 6.52
C ALA P 187 50.81 -58.69 7.00
N ILE P 188 49.92 -59.01 6.07
CA ILE P 188 48.72 -59.80 6.39
C ILE P 188 49.18 -61.13 7.00
N HIS P 189 50.15 -61.78 6.36
CA HIS P 189 50.75 -63.03 6.86
C HIS P 189 51.27 -62.86 8.29
N THR P 190 52.05 -61.81 8.57
CA THR P 190 52.67 -61.70 9.91
C THR P 190 51.63 -61.29 10.98
N ALA P 191 50.61 -60.53 10.57
CA ALA P 191 49.50 -60.19 11.46
C ALA P 191 48.74 -61.43 11.96
N ILE P 192 48.47 -62.35 11.02
CA ILE P 192 47.78 -63.59 11.35
C ILE P 192 48.68 -64.51 12.21
N LEU P 193 49.99 -64.46 12.00
CA LEU P 193 50.93 -65.21 12.86
C LEU P 193 50.97 -64.65 14.28
N THR P 194 50.97 -63.32 14.40
CA THR P 194 50.91 -62.65 15.71
C THR P 194 49.68 -63.10 16.52
N LEU P 195 48.54 -63.23 15.86
CA LEU P 195 47.36 -63.75 16.56
C LEU P 195 47.53 -65.21 16.95
N LYS P 196 48.16 -66.01 16.07
CA LYS P 196 48.43 -67.43 16.33
C LYS P 196 49.33 -67.62 17.54
N GLU P 197 50.24 -66.66 17.79
CA GLU P 197 51.08 -66.66 18.99
C GLU P 197 50.31 -66.75 20.31
N SER P 198 49.06 -66.29 20.32
CA SER P 198 48.26 -66.30 21.53
C SER P 198 46.88 -66.92 21.30
N PHE P 199 46.67 -67.64 20.21
CA PHE P 199 45.29 -67.98 19.81
C PHE P 199 44.65 -69.02 20.73
N GLU P 200 45.12 -70.27 20.67
CA GLU P 200 44.52 -71.39 21.38
C GLU P 200 43.13 -71.74 20.82
N GLY P 201 43.07 -72.79 20.00
CA GLY P 201 41.80 -73.25 19.45
C GLY P 201 41.80 -73.79 18.03
N GLN P 202 42.84 -73.51 17.24
CA GLN P 202 42.86 -73.78 15.80
C GLN P 202 42.00 -72.73 15.04
N MET P 203 42.68 -71.99 14.17
CA MET P 203 42.10 -70.83 13.50
C MET P 203 41.35 -71.23 12.28
N THR P 204 40.17 -70.64 12.11
CA THR P 204 39.42 -70.72 10.87
C THR P 204 39.15 -69.30 10.44
N GLU P 205 38.78 -69.16 9.17
CA GLU P 205 38.34 -67.87 8.63
C GLU P 205 37.04 -67.34 9.25
N ASP P 206 36.41 -68.11 10.13
CA ASP P 206 35.21 -67.69 10.84
C ASP P 206 35.44 -67.23 12.26
N ASN P 207 36.67 -67.29 12.75
CA ASN P 207 36.94 -66.73 14.07
C ASN P 207 38.12 -65.79 14.12
N ILE P 208 38.61 -65.35 12.97
CA ILE P 208 39.37 -64.13 12.92
C ILE P 208 38.74 -63.19 11.88
N GLU P 209 38.99 -61.89 12.04
CA GLU P 209 38.54 -60.89 11.09
C GLU P 209 39.74 -60.09 10.69
N VAL P 210 39.83 -59.78 9.40
CA VAL P 210 40.95 -59.03 8.85
C VAL P 210 40.38 -57.95 7.95
N GLY P 211 40.94 -56.76 8.09
CA GLY P 211 40.65 -55.66 7.20
C GLY P 211 41.96 -55.11 6.68
N ILE P 212 41.88 -54.50 5.49
CA ILE P 212 43.05 -53.95 4.85
C ILE P 212 42.75 -52.54 4.34
N CYS P 213 43.82 -51.78 4.15
CA CYS P 213 43.74 -50.39 3.76
C CYS P 213 44.86 -50.07 2.82
N ASN P 214 44.55 -49.50 1.68
CA ASN P 214 45.57 -49.13 0.71
C ASN P 214 45.06 -48.01 -0.19
N GLU P 215 45.75 -47.76 -1.31
CA GLU P 215 45.32 -46.76 -2.29
C GLU P 215 43.86 -46.93 -2.70
N ALA P 216 43.46 -48.17 -2.98
CA ALA P 216 42.09 -48.43 -3.39
C ALA P 216 41.04 -48.11 -2.30
N GLY P 217 41.39 -48.25 -1.02
CA GLY P 217 40.49 -47.91 0.09
C GLY P 217 40.48 -48.95 1.20
N PHE P 218 39.58 -48.77 2.15
CA PHE P 218 39.48 -49.71 3.27
C PHE P 218 38.43 -50.73 2.99
N ARG P 219 38.71 -51.99 3.30
CA ARG P 219 37.66 -53.02 3.30
C ARG P 219 38.03 -54.23 4.16
N ARG P 220 36.99 -54.94 4.60
CA ARG P 220 37.16 -56.24 5.25
C ARG P 220 37.57 -57.28 4.22
N LEU P 221 38.47 -58.17 4.57
CA LEU P 221 38.68 -59.38 3.75
C LEU P 221 37.47 -60.30 3.87
N THR P 222 37.11 -60.97 2.78
CA THR P 222 36.02 -61.95 2.80
C THR P 222 36.54 -63.20 3.47
N PRO P 223 35.63 -64.01 4.03
CA PRO P 223 36.01 -65.32 4.56
C PRO P 223 36.88 -66.17 3.62
N THR P 224 36.55 -66.20 2.32
CA THR P 224 37.36 -66.95 1.33
C THR P 224 38.79 -66.39 1.23
N GLU P 225 38.96 -65.06 1.30
CA GLU P 225 40.31 -64.47 1.24
C GLU P 225 41.12 -64.86 2.48
N VAL P 226 40.47 -64.84 3.64
CA VAL P 226 41.13 -65.17 4.91
C VAL P 226 41.54 -66.64 4.87
N LYS P 227 40.60 -67.51 4.50
CA LYS P 227 40.84 -68.95 4.30
C LYS P 227 42.12 -69.23 3.49
N ASP P 228 42.27 -68.49 2.41
CA ASP P 228 43.46 -68.57 1.58
C ASP P 228 44.75 -68.16 2.26
N TYR P 229 44.74 -67.05 2.98
CA TYR P 229 45.91 -66.66 3.79
C TYR P 229 46.17 -67.70 4.90
N LEU P 230 45.10 -68.33 5.40
CA LEU P 230 45.22 -69.37 6.44
C LEU P 230 45.93 -70.65 5.96
N ALA P 231 45.89 -70.90 4.64
CA ALA P 231 46.83 -71.82 3.97
C ALA P 231 48.18 -71.10 3.89
N ALA P 232 49.21 -71.76 4.40
CA ALA P 232 50.53 -71.18 4.71
C ALA P 232 50.70 -71.11 6.22
N ILE P 233 49.61 -70.90 6.95
CA ILE P 233 49.58 -71.04 8.42
C ILE P 233 48.76 -72.28 8.80
N SER Q 2 23.43 -39.89 44.96
CA SER Q 2 23.99 -38.65 44.29
C SER Q 2 24.93 -37.82 45.20
N ARG Q 3 24.45 -37.34 46.33
CA ARG Q 3 25.35 -36.78 47.36
C ARG Q 3 26.31 -37.85 47.82
N ARG Q 4 25.86 -39.09 47.84
CA ARG Q 4 26.66 -40.21 48.26
C ARG Q 4 27.85 -40.46 47.37
N TYR Q 5 27.72 -40.24 46.06
CA TYR Q 5 28.81 -40.64 45.15
C TYR Q 5 29.68 -39.48 44.72
N ASP Q 6 29.33 -38.26 45.12
CA ASP Q 6 30.06 -37.06 44.67
C ASP Q 6 31.38 -36.99 45.44
N SER Q 7 32.48 -37.10 44.72
CA SER Q 7 33.90 -36.92 45.12
CA SER Q 7 33.77 -37.02 45.42
C SER Q 7 34.16 -35.55 45.80
N ARG Q 8 33.43 -34.55 45.32
CA ARG Q 8 33.56 -33.17 45.78
C ARG Q 8 34.95 -32.60 45.45
N THR Q 9 35.21 -32.44 44.17
CA THR Q 9 36.47 -32.02 43.67
C THR Q 9 36.79 -30.54 43.89
N THR Q 10 35.80 -29.69 44.17
CA THR Q 10 35.98 -28.23 44.14
C THR Q 10 35.68 -27.61 45.49
N ILE Q 11 36.12 -28.29 46.55
CA ILE Q 11 35.94 -27.78 47.93
C ILE Q 11 37.28 -27.65 48.61
N PHE Q 12 37.34 -26.81 49.64
CA PHE Q 12 38.51 -26.75 50.51
C PHE Q 12 38.54 -27.90 51.51
N SER Q 13 39.76 -28.37 51.77
CA SER Q 13 40.10 -29.18 52.97
C SER Q 13 40.31 -28.30 54.21
N PRO Q 14 40.45 -28.92 55.39
CA PRO Q 14 40.61 -28.11 56.58
C PRO Q 14 41.79 -27.16 56.67
N GLU Q 15 42.88 -27.39 55.93
CA GLU Q 15 44.01 -26.44 55.97
C GLU Q 15 43.99 -25.43 54.82
N GLY Q 16 42.85 -25.33 54.14
CA GLY Q 16 42.67 -24.38 53.05
C GLY Q 16 43.26 -24.90 51.79
N ARG Q 17 43.37 -26.21 51.68
CA ARG Q 17 44.00 -26.80 50.52
C ARG Q 17 42.95 -27.33 49.54
N LEU Q 18 43.41 -27.52 48.31
CA LEU Q 18 42.61 -28.02 47.22
C LEU Q 18 43.24 -29.32 46.75
N TYR Q 19 42.74 -30.43 47.28
CA TYR Q 19 43.45 -31.69 47.09
C TYR Q 19 43.61 -32.11 45.64
N GLN Q 20 42.56 -32.00 44.85
CA GLN Q 20 42.65 -32.40 43.45
C GLN Q 20 43.75 -31.64 42.69
N VAL Q 21 43.88 -30.34 42.94
CA VAL Q 21 44.96 -29.54 42.35
C VAL Q 21 46.29 -30.14 42.74
N GLU Q 22 46.48 -30.37 44.04
CA GLU Q 22 47.74 -30.94 44.54
C GLU Q 22 48.03 -32.33 43.96
N TYR Q 23 46.97 -33.13 43.86
CA TYR Q 23 47.11 -34.49 43.31
C TYR Q 23 47.43 -34.44 41.80
N ALA Q 24 46.84 -33.52 41.08
CA ALA Q 24 47.19 -33.28 39.67
C ALA Q 24 48.67 -32.86 39.57
N MET Q 25 49.12 -32.02 40.52
CA MET Q 25 50.52 -31.60 40.56
CA MET Q 25 50.54 -31.61 40.66
C MET Q 25 51.47 -32.81 40.75
N GLU Q 26 51.04 -33.88 41.45
CA GLU Q 26 51.84 -35.14 41.52
C GLU Q 26 51.92 -35.83 40.17
N ALA Q 27 50.81 -35.88 39.44
CA ALA Q 27 50.79 -36.47 38.09
C ALA Q 27 51.83 -35.80 37.20
N ILE Q 28 51.84 -34.47 37.23
CA ILE Q 28 52.75 -33.64 36.42
C ILE Q 28 54.22 -33.92 36.75
N GLY Q 29 54.53 -34.04 38.04
CA GLY Q 29 55.88 -34.28 38.51
C GLY Q 29 56.50 -35.58 38.02
N HIS Q 30 55.65 -36.56 37.69
CA HIS Q 30 56.05 -37.83 37.12
C HIS Q 30 56.18 -37.79 35.59
N ALA Q 31 55.53 -36.85 34.93
CA ALA Q 31 55.56 -36.79 33.45
C ALA Q 31 56.93 -36.33 32.93
N GLY Q 32 57.08 -36.46 31.60
CA GLY Q 32 58.29 -36.08 30.91
C GLY Q 32 58.79 -34.71 31.32
N THR Q 33 60.05 -34.62 31.71
CA THR Q 33 60.67 -33.31 32.00
C THR Q 33 60.61 -32.36 30.78
N CYS Q 34 60.37 -31.09 31.07
CA CYS Q 34 60.18 -30.09 30.04
C CYS Q 34 60.73 -28.74 30.52
N LEU Q 35 61.68 -28.16 29.80
CA LEU Q 35 62.28 -26.90 30.23
C LEU Q 35 62.19 -25.79 29.20
N GLY Q 36 62.19 -24.55 29.69
CA GLY Q 36 62.11 -23.37 28.86
C GLY Q 36 63.24 -22.44 29.22
N ILE Q 37 63.88 -21.82 28.22
CA ILE Q 37 64.97 -20.87 28.48
C ILE Q 37 64.89 -19.63 27.59
N LEU Q 38 64.85 -18.46 28.23
CA LEU Q 38 64.85 -17.16 27.55
C LEU Q 38 66.26 -16.61 27.27
N ALA Q 39 66.49 -16.15 26.04
CA ALA Q 39 67.74 -15.48 25.69
C ALA Q 39 67.46 -14.09 25.13
N ASN Q 40 68.52 -13.34 24.87
CA ASN Q 40 68.42 -12.04 24.20
C ASN Q 40 67.87 -12.10 22.78
N ASP Q 41 68.30 -13.12 22.02
CA ASP Q 41 67.89 -13.26 20.61
C ASP Q 41 66.84 -14.36 20.37
N GLY Q 42 66.14 -14.79 21.41
CA GLY Q 42 65.16 -15.87 21.26
C GLY Q 42 64.78 -16.59 22.55
N VAL Q 43 63.94 -17.61 22.39
CA VAL Q 43 63.44 -18.43 23.48
C VAL Q 43 63.39 -19.86 22.97
N LEU Q 44 63.55 -20.82 23.88
CA LEU Q 44 63.50 -22.22 23.50
C LEU Q 44 62.69 -23.06 24.49
N LEU Q 45 62.29 -24.22 23.99
CA LEU Q 45 61.66 -25.26 24.77
C LEU Q 45 62.42 -26.51 24.49
N ALA Q 46 62.69 -27.31 25.53
CA ALA Q 46 63.32 -28.60 25.36
C ALA Q 46 62.61 -29.61 26.24
N ALA Q 47 62.19 -30.72 25.64
CA ALA Q 47 61.34 -31.67 26.34
C ALA Q 47 61.81 -33.11 26.15
N GLU Q 48 61.74 -33.87 27.23
CA GLU Q 48 61.87 -35.31 27.18
C GLU Q 48 60.71 -35.95 26.42
N ARG Q 49 61.02 -36.71 25.40
CA ARG Q 49 60.03 -37.55 24.74
C ARG Q 49 59.69 -38.79 25.57
N ARG Q 50 58.40 -39.07 25.74
CA ARG Q 50 57.95 -40.36 26.27
C ARG Q 50 57.48 -41.34 25.17
N ASN Q 51 57.02 -40.81 24.03
CA ASN Q 51 56.75 -41.64 22.83
C ASN Q 51 58.11 -41.99 22.19
N ILE Q 52 58.87 -42.80 22.90
CA ILE Q 52 60.35 -42.78 22.74
C ILE Q 52 61.01 -44.02 23.27
N HIS Q 53 61.28 -45.00 22.43
CA HIS Q 53 60.78 -45.16 21.07
C HIS Q 53 59.88 -46.40 21.18
N LYS Q 54 59.62 -47.07 20.05
CA LYS Q 54 59.29 -48.49 20.07
C LYS Q 54 59.28 -48.91 18.58
N LEU Q 55 58.20 -49.57 18.17
CA LEU Q 55 57.67 -49.56 16.82
C LEU Q 55 56.79 -48.30 16.49
N LEU Q 56 56.98 -47.16 17.18
CA LEU Q 56 56.20 -45.93 16.90
C LEU Q 56 56.53 -45.39 15.52
N ASP Q 57 55.59 -44.66 14.88
CA ASP Q 57 55.73 -44.28 13.46
C ASP Q 57 56.33 -42.91 13.18
N GLU Q 58 56.13 -41.90 14.02
CA GLU Q 58 56.62 -40.54 13.70
C GLU Q 58 55.87 -39.96 12.53
N VAL Q 59 54.88 -39.14 12.85
CA VAL Q 59 53.89 -38.68 11.88
C VAL Q 59 53.65 -37.18 11.99
N PHE Q 60 53.73 -36.61 13.20
CA PHE Q 60 53.64 -35.17 13.40
C PHE Q 60 55.03 -34.56 13.54
N PHE Q 61 55.13 -33.24 13.41
CA PHE Q 61 56.44 -32.57 13.51
C PHE Q 61 56.99 -32.52 14.95
N SER Q 62 56.14 -32.80 15.93
CA SER Q 62 56.60 -32.98 17.32
C SER Q 62 55.61 -33.83 18.15
N GLU Q 63 55.96 -34.04 19.41
CA GLU Q 63 55.16 -34.86 20.35
C GLU Q 63 54.50 -33.99 21.41
N LYS Q 64 55.24 -33.01 21.93
CA LYS Q 64 54.78 -32.18 23.04
C LYS Q 64 54.96 -30.67 22.79
N ILE Q 65 55.40 -30.26 21.59
CA ILE Q 65 55.54 -28.84 21.24
C ILE Q 65 54.34 -28.48 20.37
N TYR Q 66 53.53 -27.54 20.81
CA TYR Q 66 52.40 -27.12 20.01
C TYR Q 66 52.54 -25.67 19.59
N LYS Q 67 52.33 -25.41 18.31
CA LYS Q 67 52.15 -24.03 17.82
C LYS Q 67 50.78 -23.52 18.26
N LEU Q 68 50.73 -22.30 18.79
CA LEU Q 68 49.48 -21.69 19.23
C LEU Q 68 48.88 -20.62 18.26
N ASN Q 69 49.76 -19.85 17.64
CA ASN Q 69 49.42 -18.84 16.65
C ASN Q 69 50.77 -18.43 15.99
N GLU Q 70 50.80 -17.32 15.27
CA GLU Q 70 51.99 -16.90 14.52
C GLU Q 70 53.24 -16.66 15.38
N ASP Q 71 53.02 -16.13 16.57
CA ASP Q 71 54.05 -15.69 17.46
C ASP Q 71 54.27 -16.50 18.73
N MET Q 72 53.61 -17.64 18.90
CA MET Q 72 53.69 -18.38 20.16
C MET Q 72 53.59 -19.86 19.99
N ALA Q 73 54.28 -20.55 20.89
CA ALA Q 73 54.24 -22.01 21.01
C ALA Q 73 54.24 -22.41 22.48
N CYS Q 74 53.92 -23.66 22.75
CA CYS Q 74 53.94 -24.14 24.10
C CYS Q 74 54.36 -25.57 24.16
N SER Q 75 54.80 -25.99 25.34
CA SER Q 75 54.97 -27.40 25.64
C SER Q 75 54.20 -27.73 26.88
N VAL Q 76 54.03 -29.02 27.14
CA VAL Q 76 53.20 -29.50 28.24
C VAL Q 76 53.85 -30.66 29.02
N ALA Q 77 53.48 -30.78 30.28
CA ALA Q 77 53.81 -31.95 31.06
C ALA Q 77 52.55 -32.38 31.76
N GLY Q 78 52.24 -33.67 31.68
CA GLY Q 78 51.11 -34.23 32.39
C GLY Q 78 50.23 -35.12 31.53
N ILE Q 79 48.94 -35.07 31.73
CA ILE Q 79 48.03 -35.96 31.03
C ILE Q 79 47.87 -35.47 29.57
N THR Q 80 48.26 -36.28 28.59
CA THR Q 80 48.30 -35.85 27.17
C THR Q 80 46.94 -35.42 26.60
N SER Q 81 45.91 -36.22 26.83
CA SER Q 81 44.57 -35.92 26.38
C SER Q 81 44.07 -34.57 26.97
N ASP Q 82 44.34 -34.33 28.27
CA ASP Q 82 44.02 -33.03 28.87
C ASP Q 82 44.77 -31.91 28.16
N ALA Q 83 46.04 -32.14 27.86
CA ALA Q 83 46.83 -31.12 27.17
C ALA Q 83 46.29 -30.78 25.75
N ASN Q 84 45.74 -31.79 25.05
CA ASN Q 84 45.09 -31.55 23.74
C ASN Q 84 43.86 -30.64 23.85
N VAL Q 85 43.02 -30.86 24.86
CA VAL Q 85 41.90 -29.96 25.11
C VAL Q 85 42.41 -28.51 25.35
N LEU Q 86 43.43 -28.35 26.17
CA LEU Q 86 43.89 -26.99 26.55
C LEU Q 86 44.57 -26.24 25.42
N THR Q 87 45.38 -26.93 24.64
CA THR Q 87 46.07 -26.34 23.50
C THR Q 87 45.09 -25.98 22.36
N ASN Q 88 44.06 -26.79 22.18
CA ASN Q 88 42.98 -26.43 21.29
C ASN Q 88 42.28 -25.13 21.73
N GLU Q 89 41.98 -25.05 23.04
CA GLU Q 89 41.36 -23.85 23.57
C GLU Q 89 42.28 -22.62 23.45
N LEU Q 90 43.59 -22.80 23.62
CA LEU Q 90 44.55 -21.67 23.44
C LEU Q 90 44.50 -21.09 22.02
N ARG Q 91 44.43 -21.98 21.05
CA ARG Q 91 44.33 -21.59 19.64
C ARG Q 91 43.07 -20.81 19.34
N LEU Q 92 41.94 -21.28 19.85
CA LEU Q 92 40.71 -20.53 19.78
C LEU Q 92 40.75 -19.15 20.42
N ILE Q 93 41.31 -19.04 21.62
CA ILE Q 93 41.40 -17.77 22.32
C ILE Q 93 42.25 -16.80 21.48
N ALA Q 94 43.36 -17.30 20.94
CA ALA Q 94 44.24 -16.49 20.13
C ALA Q 94 43.56 -15.99 18.88
N GLN Q 95 42.73 -16.82 18.23
CA GLN Q 95 42.00 -16.40 17.03
C GLN Q 95 40.85 -15.45 17.32
N ARG Q 96 40.22 -15.62 18.49
CA ARG Q 96 39.18 -14.68 18.91
C ARG Q 96 39.73 -13.27 19.12
N TYR Q 97 40.92 -13.19 19.66
CA TYR Q 97 41.52 -11.89 19.90
C TYR Q 97 41.85 -11.27 18.52
N LEU Q 98 42.53 -12.04 17.69
CA LEU Q 98 42.88 -11.58 16.36
C LEU Q 98 41.69 -11.07 15.56
N LEU Q 99 40.56 -11.79 15.64
CA LEU Q 99 39.37 -11.42 14.96
C LEU Q 99 38.89 -10.05 15.42
N GLN Q 100 38.91 -9.87 16.73
CA GLN Q 100 38.38 -8.68 17.38
C GLN Q 100 39.22 -7.41 17.19
N TYR Q 101 40.54 -7.55 17.29
CA TYR Q 101 41.47 -6.41 17.31
C TYR Q 101 42.36 -6.29 16.06
N GLN Q 102 42.43 -7.37 15.30
CA GLN Q 102 43.29 -7.48 14.12
C GLN Q 102 44.76 -7.30 14.41
N GLU Q 103 45.17 -7.75 15.59
CA GLU Q 103 46.59 -7.88 15.94
C GLU Q 103 46.71 -9.16 16.76
N PRO Q 104 47.92 -9.71 16.85
CA PRO Q 104 48.13 -10.91 17.64
C PRO Q 104 47.92 -10.70 19.15
N ILE Q 105 47.45 -11.73 19.85
CA ILE Q 105 47.24 -11.66 21.27
C ILE Q 105 48.60 -11.55 21.94
N PRO Q 106 48.74 -10.60 22.87
CA PRO Q 106 49.97 -10.55 23.65
C PRO Q 106 50.07 -11.78 24.53
N CYS Q 107 51.29 -12.24 24.73
CA CYS Q 107 51.55 -13.54 25.32
C CYS Q 107 50.89 -13.74 26.67
N GLU Q 108 51.01 -12.74 27.53
CA GLU Q 108 50.54 -12.89 28.91
C GLU Q 108 49.02 -12.98 28.92
N GLN Q 109 48.41 -12.31 27.97
CA GLN Q 109 46.96 -12.27 27.84
C GLN Q 109 46.38 -13.63 27.44
N LEU Q 110 47.07 -14.34 26.55
CA LEU Q 110 46.71 -15.70 26.23
C LEU Q 110 46.83 -16.62 27.45
N VAL Q 111 48.00 -16.54 28.11
CA VAL Q 111 48.24 -17.36 29.31
C VAL Q 111 47.13 -17.14 30.34
N THR Q 112 46.87 -15.87 30.63
CA THR Q 112 45.85 -15.48 31.61
C THR Q 112 44.47 -16.01 31.28
N ALA Q 113 44.09 -15.93 30.01
CA ALA Q 113 42.78 -16.38 29.60
C ALA Q 113 42.61 -17.86 29.89
N LEU Q 114 43.61 -18.65 29.55
CA LEU Q 114 43.51 -20.09 29.82
C LEU Q 114 43.49 -20.37 31.31
N CYS Q 115 44.37 -19.69 32.05
CA CYS Q 115 44.46 -19.87 33.50
C CYS Q 115 43.15 -19.57 34.20
N ASP Q 116 42.33 -18.68 33.63
CA ASP Q 116 41.00 -18.43 34.23
C ASP Q 116 40.02 -19.61 34.05
N ILE Q 117 40.20 -20.36 32.95
CA ILE Q 117 39.45 -21.59 32.72
C ILE Q 117 39.90 -22.66 33.75
N LYS Q 118 41.20 -22.83 33.92
CA LYS Q 118 41.74 -23.77 34.93
C LYS Q 118 41.29 -23.39 36.32
N GLN Q 119 41.33 -22.10 36.64
CA GLN Q 119 40.82 -21.63 37.92
C GLN Q 119 39.39 -22.02 38.14
N ALA Q 120 38.53 -21.81 37.13
CA ALA Q 120 37.11 -22.09 37.26
C ALA Q 120 36.85 -23.55 37.67
N TYR Q 121 37.64 -24.45 37.10
CA TYR Q 121 37.56 -25.87 37.35
C TYR Q 121 37.91 -26.24 38.78
N THR Q 122 38.62 -25.38 39.49
CA THR Q 122 38.96 -25.59 40.90
C THR Q 122 37.94 -24.98 41.81
N GLN Q 123 37.05 -24.11 41.31
CA GLN Q 123 36.11 -23.37 42.18
C GLN Q 123 34.63 -23.77 42.03
N PHE Q 124 34.22 -24.19 40.84
CA PHE Q 124 32.86 -24.68 40.68
C PHE Q 124 32.77 -25.76 39.60
N GLY Q 125 31.57 -26.33 39.44
CA GLY Q 125 31.34 -27.38 38.46
C GLY Q 125 31.48 -28.82 38.96
N GLY Q 126 32.21 -29.06 40.05
CA GLY Q 126 32.35 -30.43 40.57
C GLY Q 126 33.10 -31.44 39.69
N LYS Q 127 33.96 -30.93 38.79
CA LYS Q 127 34.77 -31.76 37.93
C LYS Q 127 36.20 -31.86 38.39
N ARG Q 128 36.90 -32.90 37.90
CA ARG Q 128 38.34 -32.99 38.10
C ARG Q 128 39.02 -31.87 37.30
N PRO Q 129 40.12 -31.32 37.82
CA PRO Q 129 40.89 -30.37 37.06
C PRO Q 129 41.64 -31.04 35.92
N PHE Q 130 42.24 -30.18 35.07
CA PHE Q 130 43.15 -30.61 34.01
C PHE Q 130 44.51 -30.92 34.62
N GLY Q 131 45.07 -32.08 34.24
CA GLY Q 131 46.32 -32.59 34.82
C GLY Q 131 47.51 -32.20 33.98
N VAL Q 132 47.68 -30.90 33.84
CA VAL Q 132 48.62 -30.35 32.88
C VAL Q 132 49.29 -29.10 33.45
N SER Q 133 50.60 -29.03 33.28
CA SER Q 133 51.32 -27.77 33.37
C SER Q 133 51.85 -27.44 32.01
N LEU Q 134 52.00 -26.15 31.73
CA LEU Q 134 52.43 -25.72 30.41
C LEU Q 134 53.58 -24.72 30.50
N LEU Q 135 54.51 -24.81 29.56
CA LEU Q 135 55.45 -23.71 29.31
C LEU Q 135 55.08 -23.03 27.98
N TYR Q 136 54.99 -21.71 28.00
CA TYR Q 136 54.63 -20.93 26.82
C TYR Q 136 55.82 -20.09 26.45
N ILE Q 137 56.17 -20.10 25.15
CA ILE Q 137 57.15 -19.17 24.59
C ILE Q 137 56.53 -18.31 23.50
N GLY Q 138 57.05 -17.10 23.36
CA GLY Q 138 56.43 -16.19 22.43
C GLY Q 138 57.17 -14.89 22.29
N TRP Q 139 56.72 -14.11 21.30
CA TRP Q 139 57.17 -12.73 21.12
C TRP Q 139 55.96 -11.87 20.94
N ASP Q 140 55.92 -10.71 21.58
CA ASP Q 140 54.97 -9.67 21.20
C ASP Q 140 55.65 -8.31 21.25
N LYS Q 141 54.92 -7.31 20.77
CA LYS Q 141 55.45 -5.98 20.63
C LYS Q 141 55.48 -5.18 21.91
N HIS Q 142 54.97 -5.73 23.01
CA HIS Q 142 54.98 -5.04 24.27
C HIS Q 142 56.16 -5.41 25.14
N TYR Q 143 56.51 -6.70 25.18
CA TYR Q 143 57.59 -7.20 26.01
C TYR Q 143 58.58 -8.14 25.28
N GLY Q 144 58.54 -8.16 23.96
CA GLY Q 144 59.49 -8.98 23.23
C GLY Q 144 59.42 -10.48 23.56
N PHE Q 145 60.59 -11.11 23.67
CA PHE Q 145 60.69 -12.53 23.92
C PHE Q 145 60.26 -12.84 25.34
N GLN Q 146 59.45 -13.89 25.49
CA GLN Q 146 58.80 -14.17 26.77
C GLN Q 146 58.68 -15.65 26.99
N LEU Q 147 58.67 -16.03 28.26
CA LEU Q 147 58.51 -17.41 28.70
C LEU Q 147 57.60 -17.40 29.92
N TYR Q 148 56.53 -18.22 29.86
CA TYR Q 148 55.53 -18.33 30.92
C TYR Q 148 55.33 -19.77 31.32
N GLN Q 149 54.90 -19.97 32.57
CA GLN Q 149 54.56 -21.28 33.09
C GLN Q 149 53.21 -21.20 33.78
N SER Q 150 52.37 -22.21 33.54
CA SER Q 150 51.09 -22.33 34.22
C SER Q 150 50.85 -23.74 34.71
N ASP Q 151 50.04 -23.87 35.76
CA ASP Q 151 49.77 -25.17 36.37
C ASP Q 151 48.30 -25.35 36.73
N PRO Q 152 47.93 -26.54 37.20
CA PRO Q 152 46.50 -26.79 37.38
C PRO Q 152 45.73 -25.90 38.35
N SER Q 153 46.41 -25.17 39.25
CA SER Q 153 45.71 -24.22 40.13
C SER Q 153 45.13 -23.04 39.36
N GLY Q 154 45.53 -22.87 38.11
CA GLY Q 154 45.18 -21.69 37.34
C GLY Q 154 46.12 -20.54 37.66
N ASN Q 155 47.28 -20.86 38.25
CA ASN Q 155 48.36 -19.93 38.51
C ASN Q 155 49.38 -19.94 37.42
N TYR Q 156 50.00 -18.79 37.18
CA TYR Q 156 51.07 -18.68 36.18
C TYR Q 156 52.13 -17.66 36.61
N GLY Q 157 53.30 -17.77 36.02
CA GLY Q 157 54.31 -16.74 36.15
C GLY Q 157 55.21 -16.64 34.92
N GLY Q 158 55.85 -15.48 34.79
CA GLY Q 158 56.91 -15.28 33.81
C GLY Q 158 58.25 -15.67 34.40
N TRP Q 159 59.11 -16.19 33.52
CA TRP Q 159 60.38 -16.78 33.89
C TRP Q 159 61.44 -16.44 32.84
N LYS Q 160 62.70 -16.32 33.28
CA LYS Q 160 63.83 -16.24 32.35
C LYS Q 160 64.31 -17.66 32.03
N ALA Q 161 64.15 -18.56 32.99
CA ALA Q 161 64.27 -20.01 32.72
C ALA Q 161 63.47 -20.78 33.75
N THR Q 162 62.95 -21.94 33.34
CA THR Q 162 62.22 -22.79 34.26
C THR Q 162 62.09 -24.23 33.75
N CYS Q 163 61.55 -25.11 34.61
CA CYS Q 163 61.37 -26.54 34.30
C CYS Q 163 60.12 -27.10 34.97
N ILE Q 164 59.45 -28.01 34.28
CA ILE Q 164 58.33 -28.75 34.84
C ILE Q 164 58.55 -30.21 34.54
N GLY Q 165 57.81 -31.07 35.25
CA GLY Q 165 57.87 -32.50 35.00
C GLY Q 165 58.98 -33.16 35.82
N ASN Q 166 59.36 -34.37 35.41
CA ASN Q 166 60.35 -35.16 36.15
C ASN Q 166 61.66 -34.45 36.46
N ASN Q 167 62.06 -34.55 37.73
CA ASN Q 167 63.26 -33.89 38.25
C ASN Q 167 63.33 -32.37 38.15
N SER Q 168 62.16 -31.73 38.10
CA SER Q 168 62.06 -30.26 38.10
C SER Q 168 62.98 -29.49 39.05
N ALA Q 169 62.96 -29.89 40.32
CA ALA Q 169 63.74 -29.20 41.40
C ALA Q 169 65.23 -29.19 41.08
N ALA Q 170 65.75 -30.35 40.64
CA ALA Q 170 67.15 -30.50 40.24
C ALA Q 170 67.48 -29.64 39.03
N ALA Q 171 66.61 -29.68 38.01
CA ALA Q 171 66.78 -28.83 36.82
C ALA Q 171 66.81 -27.35 37.15
N VAL Q 172 65.91 -26.88 38.01
CA VAL Q 172 65.91 -25.45 38.39
C VAL Q 172 67.19 -25.08 39.12
N SER Q 173 67.68 -25.97 39.99
CA SER Q 173 68.95 -25.75 40.69
C SER Q 173 70.08 -25.47 39.73
N MET Q 174 70.25 -26.34 38.74
CA MET Q 174 71.26 -26.13 37.69
C MET Q 174 71.11 -24.84 36.92
N LEU Q 175 69.86 -24.45 36.63
CA LEU Q 175 69.58 -23.20 35.91
C LEU Q 175 69.90 -21.97 36.77
N LYS Q 176 69.49 -22.00 38.05
CA LYS Q 176 69.88 -20.96 39.02
C LYS Q 176 71.38 -20.65 39.00
N GLN Q 177 72.23 -21.66 38.85
CA GLN Q 177 73.67 -21.43 38.84
C GLN Q 177 74.27 -21.08 37.48
N ASP Q 178 73.75 -21.58 36.36
CA ASP Q 178 74.40 -21.33 35.06
C ASP Q 178 73.85 -20.17 34.27
N TYR Q 179 72.64 -19.73 34.59
CA TYR Q 179 71.93 -18.79 33.75
C TYR Q 179 72.41 -17.36 34.05
N LYS Q 180 72.74 -16.62 33.00
CA LYS Q 180 73.28 -15.26 33.12
C LYS Q 180 72.22 -14.23 32.75
N GLU Q 181 71.58 -13.63 33.74
CA GLU Q 181 70.55 -12.60 33.50
C GLU Q 181 71.08 -11.46 32.62
N GLY Q 182 70.55 -11.36 31.41
CA GLY Q 182 70.85 -10.26 30.49
C GLY Q 182 71.85 -10.64 29.43
N GLU Q 183 72.46 -11.82 29.57
CA GLU Q 183 73.65 -12.13 28.79
C GLU Q 183 73.59 -13.44 28.03
N MET Q 184 72.44 -14.11 28.02
CA MET Q 184 72.31 -15.39 27.29
C MET Q 184 71.98 -15.17 25.83
N THR Q 185 72.50 -16.06 24.99
CA THR Q 185 72.13 -16.15 23.59
C THR Q 185 71.47 -17.51 23.35
N LEU Q 186 70.85 -17.64 22.19
CA LEU Q 186 70.15 -18.85 21.82
C LEU Q 186 71.10 -20.03 21.78
N LYS Q 187 72.34 -19.77 21.38
CA LYS Q 187 73.37 -20.80 21.29
C LYS Q 187 73.85 -21.27 22.66
N SER Q 188 74.05 -20.33 23.60
CA SER Q 188 74.40 -20.68 24.98
C SER Q 188 73.22 -21.30 25.73
N ALA Q 189 72.01 -20.80 25.50
CA ALA Q 189 70.80 -21.38 26.10
C ALA Q 189 70.57 -22.82 25.62
N LEU Q 190 70.73 -23.05 24.31
CA LEU Q 190 70.70 -24.41 23.75
C LEU Q 190 71.70 -25.31 24.48
N ALA Q 191 72.93 -24.80 24.69
CA ALA Q 191 73.96 -25.56 25.39
C ALA Q 191 73.55 -25.84 26.83
N LEU Q 192 73.02 -24.84 27.53
CA LEU Q 192 72.54 -25.04 28.89
C LEU Q 192 71.38 -26.04 28.96
N ALA Q 193 70.49 -26.02 27.98
CA ALA Q 193 69.34 -26.94 27.96
C ALA Q 193 69.80 -28.39 27.92
N ILE Q 194 70.75 -28.66 27.03
CA ILE Q 194 71.31 -30.02 26.92
C ILE Q 194 72.07 -30.44 28.18
N LYS Q 195 72.81 -29.52 28.78
CA LYS Q 195 73.45 -29.76 30.08
C LYS Q 195 72.44 -30.26 31.10
N VAL Q 196 71.32 -29.54 31.23
CA VAL Q 196 70.29 -29.80 32.23
C VAL Q 196 69.57 -31.13 31.98
N LEU Q 197 69.17 -31.39 30.73
CA LEU Q 197 68.52 -32.68 30.40
C LEU Q 197 69.46 -33.86 30.59
N ASN Q 198 70.75 -33.62 30.34
CA ASN Q 198 71.76 -34.64 30.55
C ASN Q 198 71.82 -35.05 32.02
N LYS Q 199 71.84 -34.08 32.93
CA LYS Q 199 71.81 -34.37 34.37
C LYS Q 199 70.48 -34.96 34.84
N THR Q 200 69.35 -34.48 34.31
CA THR Q 200 68.01 -34.85 34.83
C THR Q 200 67.32 -36.05 34.16
N MET Q 201 67.92 -36.62 33.12
CA MET Q 201 67.42 -37.87 32.55
C MET Q 201 68.12 -39.13 33.05
N ASP Q 202 67.56 -39.70 34.11
CA ASP Q 202 68.03 -40.99 34.70
C ASP Q 202 67.78 -42.29 33.85
N VAL Q 203 67.10 -42.19 32.69
CA VAL Q 203 67.39 -43.05 31.52
C VAL Q 203 68.74 -42.54 30.98
N SER Q 204 69.80 -43.31 31.23
CA SER Q 204 71.19 -42.80 31.53
C SER Q 204 71.90 -41.97 30.43
N LYS Q 205 72.24 -42.60 29.31
CA LYS Q 205 73.00 -41.95 28.24
C LYS Q 205 72.00 -41.25 27.29
N LEU Q 206 71.89 -39.93 27.43
CA LEU Q 206 71.03 -39.03 26.60
C LEU Q 206 71.23 -39.17 25.08
N SER Q 207 70.16 -38.95 24.34
CA SER Q 207 70.11 -39.29 22.93
C SER Q 207 69.11 -38.40 22.20
N ALA Q 208 69.39 -38.09 20.94
CA ALA Q 208 68.52 -37.20 20.16
C ALA Q 208 67.10 -37.75 19.98
N GLU Q 209 66.97 -39.08 19.88
CA GLU Q 209 65.68 -39.74 19.77
C GLU Q 209 64.83 -39.59 21.05
N LYS Q 210 65.46 -39.26 22.17
CA LYS Q 210 64.77 -39.05 23.46
C LYS Q 210 64.45 -37.56 23.83
N VAL Q 211 64.83 -36.57 22.99
CA VAL Q 211 64.46 -35.15 23.25
C VAL Q 211 63.90 -34.40 22.04
N GLU Q 212 63.21 -33.33 22.36
CA GLU Q 212 62.63 -32.41 21.38
C GLU Q 212 63.03 -31.02 21.77
N ILE Q 213 63.47 -30.25 20.80
CA ILE Q 213 63.86 -28.88 21.04
C ILE Q 213 63.22 -28.01 19.96
N ALA Q 214 62.60 -26.93 20.42
CA ALA Q 214 62.03 -25.93 19.54
C ALA Q 214 62.60 -24.61 19.91
N THR Q 215 62.85 -23.78 18.90
CA THR Q 215 63.30 -22.41 19.10
C THR Q 215 62.30 -21.43 18.49
N LEU Q 216 62.20 -20.26 19.10
CA LEU Q 216 61.36 -19.16 18.65
C LEU Q 216 62.25 -17.92 18.55
N THR Q 217 62.38 -17.41 17.33
CA THR Q 217 63.21 -16.26 17.00
C THR Q 217 62.48 -15.25 16.12
N ARG Q 218 63.13 -14.11 15.88
CA ARG Q 218 62.64 -13.06 14.99
C ARG Q 218 63.60 -12.86 13.80
N GLU Q 219 63.04 -12.67 12.62
CA GLU Q 219 63.76 -12.52 11.36
C GLU Q 219 62.89 -11.71 10.39
N ASN Q 220 63.37 -10.52 10.03
CA ASN Q 220 62.69 -9.63 9.08
C ASN Q 220 61.31 -9.26 9.58
N GLY Q 221 61.23 -8.92 10.86
CA GLY Q 221 59.97 -8.51 11.49
C GLY Q 221 58.87 -9.56 11.55
N LYS Q 222 59.27 -10.83 11.56
CA LYS Q 222 58.37 -11.96 11.49
C LYS Q 222 58.87 -13.01 12.49
N THR Q 223 57.97 -13.64 13.25
CA THR Q 223 58.40 -14.70 14.20
C THR Q 223 58.64 -16.02 13.48
N VAL Q 224 59.69 -16.74 13.87
CA VAL Q 224 60.00 -18.06 13.29
C VAL Q 224 60.02 -19.05 14.43
N ILE Q 225 59.30 -20.15 14.25
CA ILE Q 225 59.17 -21.21 15.24
C ILE Q 225 59.64 -22.46 14.55
N ARG Q 226 60.66 -23.15 15.08
CA ARG Q 226 61.29 -24.28 14.39
C ARG Q 226 61.53 -25.37 15.40
N VAL Q 227 61.16 -26.60 15.04
CA VAL Q 227 61.52 -27.80 15.81
C VAL Q 227 62.82 -28.27 15.19
N LEU Q 228 63.91 -28.26 15.98
CA LEU Q 228 65.24 -28.68 15.49
C LEU Q 228 65.19 -30.11 14.95
N LYS Q 229 65.84 -30.35 13.82
CA LYS Q 229 65.90 -31.69 13.22
C LYS Q 229 66.92 -32.51 14.03
N GLN Q 230 66.88 -33.84 13.86
CA GLN Q 230 67.71 -34.72 14.72
C GLN Q 230 69.21 -34.47 14.56
N LYS Q 231 69.65 -34.09 13.34
CA LYS Q 231 71.04 -33.71 13.04
C LYS Q 231 71.56 -32.63 13.99
N GLU Q 232 70.79 -31.56 14.16
CA GLU Q 232 71.18 -30.45 15.04
C GLU Q 232 71.16 -30.87 16.51
N VAL Q 233 70.27 -31.79 16.88
CA VAL Q 233 70.18 -32.28 18.26
C VAL Q 233 71.40 -33.15 18.64
N GLU Q 234 71.81 -34.05 17.74
CA GLU Q 234 73.01 -34.89 17.95
C GLU Q 234 74.25 -34.01 18.05
N GLN Q 235 74.35 -33.07 17.11
CA GLN Q 235 75.44 -32.10 17.03
C GLN Q 235 75.59 -31.34 18.35
N LEU Q 236 74.48 -30.94 18.97
CA LEU Q 236 74.56 -30.21 20.25
C LEU Q 236 74.94 -31.10 21.42
N ILE Q 237 74.48 -32.36 21.38
CA ILE Q 237 74.85 -33.36 22.39
C ILE Q 237 76.35 -33.64 22.28
N LYS Q 238 76.85 -33.81 21.04
CA LYS Q 238 78.29 -33.96 20.77
C LYS Q 238 79.10 -32.79 21.39
N LYS Q 239 78.70 -31.54 21.11
CA LYS Q 239 79.39 -30.35 21.66
C LYS Q 239 79.38 -30.31 23.18
N HIS Q 240 78.28 -30.72 23.80
CA HIS Q 240 78.22 -30.87 25.26
C HIS Q 240 79.22 -31.95 25.78
N GLU Q 241 79.30 -33.08 25.09
CA GLU Q 241 80.19 -34.19 25.48
C GLU Q 241 81.66 -33.84 25.23
N GLU Q 242 81.95 -33.12 24.14
CA GLU Q 242 83.27 -32.49 23.96
C GLU Q 242 83.58 -31.50 25.08
N GLU Q 243 82.61 -30.63 25.41
CA GLU Q 243 82.80 -29.64 26.46
C GLU Q 243 83.13 -30.23 27.85
N GLU Q 244 82.63 -31.43 28.16
CA GLU Q 244 83.00 -32.13 29.43
C GLU Q 244 84.42 -32.74 29.36
N ALA Q 245 85.40 -32.08 30.01
CA ALA Q 245 86.82 -32.00 29.56
C ALA Q 245 86.85 -31.04 28.35
N LYS Q 246 87.07 -29.73 28.52
CA LYS Q 246 88.15 -29.08 29.32
C LYS Q 246 88.19 -29.19 30.86
N ALA Q 247 87.08 -29.57 31.50
CA ALA Q 247 87.06 -29.85 32.95
C ALA Q 247 88.28 -30.64 33.53
N GLU Q 248 88.82 -31.60 32.76
CA GLU Q 248 89.80 -32.60 33.24
C GLU Q 248 91.22 -32.29 32.76
N ARG Q 249 92.26 -32.67 33.55
CA ARG Q 249 93.69 -32.33 33.28
C ARG Q 249 94.61 -33.54 33.10
N SER R 2 24.13 -28.77 35.11
CA SER R 2 25.09 -28.01 35.96
C SER R 2 25.11 -28.43 37.45
N TYR R 3 26.23 -28.19 38.09
CA TYR R 3 26.49 -28.77 39.38
C TYR R 3 25.85 -27.94 40.47
N ASP R 4 24.85 -28.49 41.13
CA ASP R 4 24.07 -27.79 42.14
C ASP R 4 24.33 -28.17 43.60
N ARG R 5 25.39 -28.91 43.92
CA ARG R 5 25.64 -29.32 45.29
C ARG R 5 25.77 -28.10 46.22
N ALA R 6 25.10 -28.11 47.36
CA ALA R 6 25.35 -27.15 48.44
C ALA R 6 26.72 -27.43 48.98
N ILE R 7 27.64 -26.52 48.81
CA ILE R 7 29.00 -26.73 49.25
C ILE R 7 29.23 -26.07 50.61
N THR R 8 28.81 -24.84 50.79
CA THR R 8 28.99 -24.18 52.09
C THR R 8 27.70 -24.34 52.87
N VAL R 9 27.76 -25.01 54.01
CA VAL R 9 26.59 -25.32 54.82
C VAL R 9 26.96 -25.12 56.27
N PHE R 10 25.97 -25.00 57.12
CA PHE R 10 26.22 -24.89 58.54
C PHE R 10 26.55 -26.23 59.15
N SER R 11 27.36 -26.17 60.19
CA SER R 11 27.66 -27.26 61.10
C SER R 11 27.01 -27.04 62.46
N PRO R 12 27.06 -28.07 63.35
CA PRO R 12 26.33 -27.94 64.61
C PRO R 12 26.52 -26.76 65.55
N ASP R 13 27.63 -26.09 65.55
CA ASP R 13 27.62 -24.98 66.50
C ASP R 13 27.61 -23.61 65.73
N GLY R 14 26.96 -23.62 64.55
CA GLY R 14 26.76 -22.43 63.76
C GLY R 14 27.91 -22.03 62.86
N HIS R 15 28.86 -22.92 62.68
CA HIS R 15 29.99 -22.65 61.80
C HIS R 15 29.70 -22.96 60.34
N LEU R 16 30.37 -22.19 59.50
CA LEU R 16 30.47 -22.40 58.09
C LEU R 16 31.89 -22.82 57.78
N PHE R 17 32.12 -24.13 57.83
CA PHE R 17 33.46 -24.68 57.64
C PHE R 17 34.16 -24.31 56.33
N GLN R 18 33.47 -24.29 55.18
CA GLN R 18 34.15 -23.91 53.96
C GLN R 18 34.71 -22.51 54.01
N VAL R 19 33.98 -21.61 54.68
CA VAL R 19 34.45 -20.20 54.89
C VAL R 19 35.67 -20.19 55.82
N GLU R 20 35.57 -20.92 56.91
CA GLU R 20 36.73 -21.04 57.84
C GLU R 20 37.95 -21.60 57.11
N TYR R 21 37.73 -22.59 56.22
CA TYR R 21 38.84 -23.18 55.49
C TYR R 21 39.40 -22.23 54.48
N ALA R 22 38.53 -21.45 53.85
CA ALA R 22 38.98 -20.37 52.95
C ALA R 22 39.87 -19.38 53.72
N GLN R 23 39.45 -19.04 54.94
CA GLN R 23 40.30 -18.26 55.87
C GLN R 23 41.65 -18.91 56.22
N GLU R 24 41.71 -20.23 56.32
CA GLU R 24 43.00 -20.92 56.46
C GLU R 24 43.89 -20.69 55.23
N ALA R 25 43.28 -20.69 54.04
CA ALA R 25 44.04 -20.46 52.82
C ALA R 25 44.63 -19.06 52.77
N VAL R 26 43.91 -18.07 53.32
CA VAL R 26 44.37 -16.68 53.43
C VAL R 26 45.57 -16.63 54.39
N LYS R 27 45.51 -17.38 55.48
CA LYS R 27 46.57 -17.35 56.48
C LYS R 27 47.89 -17.93 56.01
N LYS R 28 47.87 -18.80 55.00
CA LYS R 28 49.10 -19.30 54.40
C LYS R 28 49.57 -18.45 53.20
N GLY R 29 48.93 -17.32 52.94
CA GLY R 29 49.39 -16.45 51.86
C GLY R 29 50.53 -15.61 52.40
N SER R 30 51.20 -14.89 51.50
CA SER R 30 52.20 -13.92 51.87
C SER R 30 51.56 -12.79 52.64
N THR R 31 52.28 -12.25 53.62
CA THR R 31 51.81 -11.14 54.44
C THR R 31 51.56 -9.95 53.56
N ALA R 32 50.51 -9.20 53.86
CA ALA R 32 50.25 -7.91 53.16
C ALA R 32 49.84 -6.91 54.20
N VAL R 33 50.26 -5.66 54.02
CA VAL R 33 50.04 -4.63 55.03
C VAL R 33 49.59 -3.39 54.36
N GLY R 34 48.71 -2.67 55.03
CA GLY R 34 48.26 -1.37 54.56
C GLY R 34 48.35 -0.37 55.71
N VAL R 35 48.81 0.84 55.40
CA VAL R 35 48.67 1.94 56.33
C VAL R 35 48.04 3.14 55.64
N ARG R 36 46.99 3.66 56.28
CA ARG R 36 46.35 4.89 55.87
C ARG R 36 47.12 6.08 56.49
N GLY R 37 47.84 6.81 55.64
CA GLY R 37 48.50 8.05 56.02
C GLY R 37 47.59 9.25 56.04
N ARG R 38 48.21 10.43 56.18
CA ARG R 38 47.52 11.71 56.25
C ARG R 38 47.07 12.11 54.84
N ASP R 39 47.98 12.06 53.88
CA ASP R 39 47.58 12.29 52.48
C ASP R 39 48.29 11.33 51.52
N ILE R 40 48.50 10.13 52.03
CA ILE R 40 49.09 9.06 51.28
C ILE R 40 48.46 7.77 51.82
N VAL R 41 48.46 6.72 51.00
CA VAL R 41 48.09 5.39 51.49
C VAL R 41 49.11 4.42 50.89
N VAL R 42 49.53 3.46 51.70
CA VAL R 42 50.67 2.63 51.36
C VAL R 42 50.27 1.16 51.51
N LEU R 43 50.75 0.34 50.58
CA LEU R 43 50.55 -1.10 50.63
C LEU R 43 51.89 -1.77 50.45
N GLY R 44 52.18 -2.72 51.31
CA GLY R 44 53.40 -3.51 51.20
C GLY R 44 53.05 -4.97 51.33
N VAL R 45 53.79 -5.80 50.63
CA VAL R 45 53.53 -7.20 50.65
C VAL R 45 54.80 -8.00 50.53
N GLU R 46 54.80 -9.14 51.19
CA GLU R 46 55.94 -10.01 51.30
C GLU R 46 56.23 -10.81 50.02
N LYS R 47 57.53 -11.04 49.82
CA LYS R 47 58.11 -12.15 49.03
C LYS R 47 57.40 -12.52 47.75
N LYS R 48 56.27 -13.23 47.86
CA LYS R 48 55.97 -14.37 46.99
C LYS R 48 57.13 -15.39 47.30
N SER R 49 58.14 -15.54 46.43
CA SER R 49 59.27 -16.47 46.65
C SER R 49 60.69 -15.86 46.80
N VAL R 50 60.95 -14.77 46.07
CA VAL R 50 62.25 -14.56 45.46
C VAL R 50 62.29 -15.55 44.27
N ALA R 51 63.45 -16.15 43.98
CA ALA R 51 63.72 -16.97 42.78
C ALA R 51 64.28 -16.06 41.69
N LYS R 52 65.61 -16.12 41.51
CA LYS R 52 66.35 -15.18 40.67
C LYS R 52 65.90 -15.20 39.21
N LEU R 53 65.42 -16.36 38.76
CA LEU R 53 65.00 -16.53 37.38
C LEU R 53 63.58 -16.03 37.05
N GLN R 54 62.84 -15.58 38.07
CA GLN R 54 61.48 -15.12 37.92
C GLN R 54 61.45 -13.74 37.31
N ASP R 55 60.61 -13.56 36.29
CA ASP R 55 60.23 -12.22 35.83
C ASP R 55 59.34 -11.55 36.91
N GLU R 56 59.97 -10.70 37.71
CA GLU R 56 59.34 -9.90 38.79
C GLU R 56 57.95 -9.34 38.43
N ARG R 57 57.89 -8.63 37.29
CA ARG R 57 56.65 -7.97 36.76
C ARG R 57 55.36 -8.84 36.80
N THR R 58 55.52 -10.12 36.49
CA THR R 58 54.39 -11.05 36.25
C THR R 58 53.70 -11.61 37.51
N VAL R 59 54.20 -11.27 38.69
CA VAL R 59 53.69 -11.87 39.93
C VAL R 59 53.41 -10.87 41.04
N ARG R 60 53.18 -9.60 40.71
CA ARG R 60 52.89 -8.60 41.74
C ARG R 60 51.57 -8.92 42.42
N LYS R 61 51.50 -8.60 43.70
CA LYS R 61 50.35 -8.84 44.55
C LYS R 61 49.61 -7.52 44.82
N ILE R 62 50.05 -6.42 44.21
CA ILE R 62 49.37 -5.14 44.33
C ILE R 62 48.88 -4.77 42.93
N ALA R 64 46.02 -2.36 40.33
CA ALA R 64 45.13 -1.24 40.11
C ALA R 64 43.75 -1.76 39.75
N LEU R 65 42.70 -1.23 40.36
CA LEU R 65 41.31 -1.55 39.96
C LEU R 65 40.75 -0.49 39.02
N ASP R 66 41.13 0.76 39.28
CA ASP R 66 40.76 1.91 38.51
C ASP R 66 41.89 2.91 38.76
N ASP R 67 41.76 4.14 38.28
CA ASP R 67 42.82 5.15 38.53
C ASP R 67 42.96 5.54 39.99
N ASN R 68 41.83 5.63 40.69
CA ASN R 68 41.81 6.08 42.10
C ASN R 68 41.67 4.97 43.20
N VAL R 69 41.89 3.70 42.85
CA VAL R 69 41.65 2.57 43.77
C VAL R 69 42.55 1.40 43.39
N CYS R 70 43.27 0.88 44.34
CA CYS R 70 44.06 -0.31 44.10
C CYS R 70 43.87 -1.26 45.27
N MET R 71 44.46 -2.45 45.16
CA MET R 71 44.27 -3.46 46.16
C MET R 71 45.42 -4.42 46.21
N ALA R 72 45.65 -4.92 47.42
CA ALA R 72 46.51 -6.03 47.62
C ALA R 72 45.65 -7.17 48.18
N PHE R 73 46.14 -8.39 48.02
CA PHE R 73 45.43 -9.55 48.55
C PHE R 73 46.40 -10.49 49.21
N ALA R 74 45.87 -11.39 50.01
CA ALA R 74 46.59 -12.58 50.46
C ALA R 74 45.69 -13.78 50.29
N GLY R 75 46.27 -14.88 49.84
CA GLY R 75 45.60 -16.15 49.74
C GLY R 75 45.86 -16.75 48.37
N LEU R 76 44.84 -17.39 47.80
CA LEU R 76 45.00 -18.09 46.53
C LEU R 76 45.10 -17.07 45.38
N THR R 77 46.25 -17.04 44.72
CA THR R 77 46.53 -16.00 43.75
C THR R 77 45.55 -16.08 42.58
N ALA R 78 45.24 -17.30 42.12
CA ALA R 78 44.28 -17.50 41.05
C ALA R 78 42.90 -17.00 41.41
N ASP R 79 42.48 -17.25 42.65
CA ASP R 79 41.22 -16.73 43.12
C ASP R 79 41.26 -15.20 43.07
N ALA R 80 42.35 -14.59 43.51
CA ALA R 80 42.42 -13.14 43.53
C ALA R 80 42.22 -12.51 42.12
N ARG R 81 42.81 -13.15 41.11
CA ARG R 81 42.83 -12.64 39.76
C ARG R 81 41.40 -12.53 39.26
N ILE R 82 40.58 -13.48 39.65
CA ILE R 82 39.17 -13.46 39.28
C ILE R 82 38.45 -12.31 39.98
N VAL R 83 38.67 -12.15 41.28
CA VAL R 83 38.03 -11.08 42.05
C VAL R 83 38.47 -9.73 41.49
N ILE R 84 39.76 -9.61 41.19
CA ILE R 84 40.30 -8.37 40.64
C ILE R 84 39.64 -8.00 39.32
N ASN R 85 39.52 -8.95 38.41
CA ASN R 85 38.92 -8.67 37.11
C ASN R 85 37.44 -8.31 37.21
N ARG R 86 36.70 -9.03 38.04
CA ARG R 86 35.30 -8.70 38.28
C ARG R 86 35.16 -7.27 38.83
N ALA R 87 36.03 -6.90 39.76
CA ALA R 87 36.04 -5.53 40.32
C ALA R 87 36.39 -4.48 39.25
N ARG R 88 37.36 -4.80 38.38
CA ARG R 88 37.74 -3.91 37.30
C ARG R 88 36.55 -3.66 36.36
N VAL R 89 35.82 -4.72 36.03
CA VAL R 89 34.67 -4.62 35.17
C VAL R 89 33.66 -3.71 35.83
N GLU R 90 33.40 -3.95 37.10
CA GLU R 90 32.42 -3.14 37.86
C GLU R 90 32.75 -1.63 37.97
N CYS R 91 34.03 -1.28 38.15
CA CYS R 91 34.47 0.14 38.17
C CYS R 91 34.10 0.88 36.87
N GLN R 92 34.21 0.19 35.74
CA GLN R 92 33.76 0.71 34.45
C GLN R 92 32.23 0.78 34.30
N SER R 93 31.48 -0.21 34.80
CA SER R 93 30.02 -0.07 34.86
C SER R 93 29.57 1.10 35.71
N HIS R 94 30.22 1.34 36.84
CA HIS R 94 29.84 2.45 37.73
C HIS R 94 30.05 3.77 36.94
N ARG R 95 31.30 4.07 36.55
CA ARG R 95 31.63 5.24 35.69
C ARG R 95 30.65 5.42 34.52
N LEU R 96 30.23 4.32 33.92
CA LEU R 96 29.25 4.38 32.83
C LEU R 96 27.96 5.05 33.31
N THR R 97 27.39 4.57 34.41
CA THR R 97 25.98 4.91 34.80
C THR R 97 25.82 6.04 35.85
N VAL R 98 26.93 6.46 36.42
CA VAL R 98 26.96 7.56 37.42
C VAL R 98 27.96 8.67 37.03
N GLU R 99 28.85 8.42 36.07
CA GLU R 99 29.78 9.43 35.58
C GLU R 99 30.68 9.99 36.69
N ASP R 100 30.97 9.13 37.67
CA ASP R 100 31.97 9.41 38.69
C ASP R 100 32.76 8.15 38.87
N PRO R 101 34.01 8.30 39.31
CA PRO R 101 34.73 7.12 39.71
C PRO R 101 34.06 6.53 40.95
N VAL R 102 34.25 5.23 41.12
CA VAL R 102 33.73 4.54 42.28
C VAL R 102 34.38 5.19 43.51
N THR R 103 33.64 5.28 44.62
CA THR R 103 34.31 5.46 45.91
C THR R 103 35.00 4.15 46.28
N VAL R 104 35.96 4.24 47.19
CA VAL R 104 36.67 3.07 47.67
C VAL R 104 35.69 2.13 48.41
N GLU R 105 34.76 2.71 49.14
CA GLU R 105 33.74 1.97 49.81
C GLU R 105 32.80 1.25 48.87
N TYR R 106 32.41 1.91 47.80
CA TYR R 106 31.52 1.31 46.82
C TYR R 106 32.10 0.01 46.27
N ILE R 107 33.33 0.07 45.81
CA ILE R 107 33.93 -1.10 45.21
C ILE R 107 34.25 -2.20 46.25
N THR R 108 34.59 -1.77 47.48
CA THR R 108 34.80 -2.65 48.60
C THR R 108 33.52 -3.45 48.90
N ARG R 109 32.41 -2.72 49.01
CA ARG R 109 31.10 -3.27 49.21
C ARG R 109 30.70 -4.30 48.08
N TYR R 110 31.04 -3.95 46.85
CA TYR R 110 30.83 -4.80 45.72
C TYR R 110 31.67 -6.10 45.80
N ILE R 111 32.97 -5.98 46.07
CA ILE R 111 33.83 -7.14 46.25
C ILE R 111 33.33 -8.04 47.38
N ALA R 112 32.96 -7.41 48.50
CA ALA R 112 32.54 -8.13 49.67
C ALA R 112 31.23 -8.95 49.42
N SER R 113 30.31 -8.38 48.66
CA SER R 113 29.04 -9.07 48.41
C SER R 113 29.18 -10.16 47.34
N LEU R 114 30.12 -10.00 46.43
CA LEU R 114 30.57 -11.10 45.58
C LEU R 114 31.09 -12.28 46.40
N LYS R 115 32.01 -11.97 47.33
CA LYS R 115 32.54 -12.97 48.22
C LYS R 115 31.41 -13.63 49.03
N GLN R 116 30.49 -12.85 49.57
CA GLN R 116 29.43 -13.41 50.40
C GLN R 116 28.58 -14.37 49.56
N ARG R 117 28.21 -13.95 48.37
CA ARG R 117 27.47 -14.81 47.41
C ARG R 117 28.09 -16.18 47.18
N TYR R 118 29.40 -16.24 47.03
CA TYR R 118 30.05 -17.51 46.83
C TYR R 118 30.11 -18.39 48.13
N THR R 119 29.58 -17.89 49.25
CA THR R 119 29.41 -18.70 50.46
C THR R 119 27.98 -19.19 50.63
N GLN R 120 27.09 -18.78 49.75
CA GLN R 120 25.70 -19.11 49.85
C GLN R 120 25.07 -19.62 48.54
N SER R 121 25.88 -20.02 47.57
CA SER R 121 25.38 -20.43 46.25
C SER R 121 25.83 -21.82 45.93
N ASN R 122 24.93 -22.58 45.35
CA ASN R 122 25.20 -23.95 45.00
C ASN R 122 26.29 -24.10 43.97
N GLY R 123 27.03 -25.20 44.06
CA GLY R 123 28.06 -25.50 43.11
C GLY R 123 29.43 -24.84 43.25
N ARG R 124 29.58 -23.89 44.18
CA ARG R 124 30.77 -23.03 44.29
C ARG R 124 31.37 -23.12 45.69
N ARG R 125 32.70 -23.06 45.76
CA ARG R 125 33.35 -22.84 47.02
C ARG R 125 33.65 -21.36 47.20
N PRO R 126 33.83 -20.94 48.45
CA PRO R 126 34.20 -19.53 48.66
C PRO R 126 35.53 -19.13 48.02
N PHE R 127 35.77 -17.83 47.88
CA PHE R 127 37.07 -17.35 47.39
C PHE R 127 38.04 -17.47 48.55
N GLY R 128 39.21 -18.04 48.31
CA GLY R 128 40.26 -18.11 49.32
C GLY R 128 41.18 -16.91 49.36
N ILE R 129 40.62 -15.70 49.51
CA ILE R 129 41.40 -14.47 49.62
C ILE R 129 40.77 -13.45 50.54
N SER R 130 41.64 -12.62 51.12
CA SER R 130 41.27 -11.35 51.72
C SER R 130 41.91 -10.26 50.92
N ALA R 131 41.38 -9.04 51.03
CA ALA R 131 41.89 -7.94 50.24
C ALA R 131 42.00 -6.70 51.08
N LEU R 132 43.05 -5.93 50.82
CA LEU R 132 43.20 -4.59 51.36
C LEU R 132 43.00 -3.62 50.20
N ILE R 133 42.04 -2.72 50.35
CA ILE R 133 41.62 -1.89 49.26
C ILE R 133 41.81 -0.45 49.69
N VAL R 134 42.53 0.31 48.85
CA VAL R 134 42.88 1.67 49.20
C VAL R 134 42.62 2.62 48.09
N GLY R 135 42.30 3.84 48.48
CA GLY R 135 42.31 4.94 47.55
C GLY R 135 41.93 6.23 48.23
N PHE R 136 41.40 7.16 47.42
CA PHE R 136 40.92 8.43 47.86
C PHE R 136 39.53 8.68 47.34
N ASP R 137 38.67 9.20 48.20
CA ASP R 137 37.38 9.75 47.77
C ASP R 137 37.47 11.12 47.08
N PHE R 138 36.42 11.47 46.33
CA PHE R 138 36.31 12.74 45.57
C PHE R 138 36.78 13.95 46.37
N ASP R 139 36.48 13.98 47.67
CA ASP R 139 36.87 15.07 48.59
C ASP R 139 38.27 14.95 49.23
N GLY R 140 39.14 14.12 48.64
CA GLY R 140 40.49 13.95 49.14
C GLY R 140 40.69 13.07 50.37
N THR R 141 39.63 12.57 50.99
CA THR R 141 39.79 11.66 52.15
C THR R 141 40.44 10.31 51.75
N PRO R 142 41.58 9.97 52.39
CA PRO R 142 42.26 8.68 52.15
C PRO R 142 41.51 7.50 52.82
N ARG R 143 41.58 6.29 52.24
CA ARG R 143 40.74 5.14 52.69
C ARG R 143 41.47 3.82 52.67
N LEU R 144 41.24 2.99 53.66
CA LEU R 144 41.82 1.67 53.70
C LEU R 144 40.70 0.74 54.15
N TYR R 145 40.29 -0.20 53.30
CA TYR R 145 39.23 -1.19 53.65
C TYR R 145 39.82 -2.56 53.57
N GLN R 146 39.25 -3.48 54.33
CA GLN R 146 39.61 -4.88 54.20
C GLN R 146 38.36 -5.74 53.96
N THR R 147 38.48 -6.74 53.09
CA THR R 147 37.42 -7.78 52.89
C THR R 147 37.98 -9.15 53.24
N ASP R 148 37.12 -10.09 53.63
CA ASP R 148 37.57 -11.49 53.80
C ASP R 148 36.61 -12.47 53.18
N PRO R 149 36.98 -13.78 53.12
CA PRO R 149 36.21 -14.76 52.40
C PRO R 149 34.73 -14.81 52.76
N SER R 150 34.35 -14.47 53.99
CA SER R 150 32.96 -14.42 54.38
C SER R 150 32.15 -13.32 53.70
N GLY R 151 32.81 -12.32 53.14
CA GLY R 151 32.11 -11.12 52.64
C GLY R 151 31.94 -10.00 53.65
N THR R 152 32.48 -10.20 54.85
CA THR R 152 32.64 -9.15 55.86
C THR R 152 33.60 -8.11 55.35
N TYR R 153 33.29 -6.85 55.59
CA TYR R 153 34.27 -5.80 55.33
C TYR R 153 34.22 -4.70 56.37
N HIS R 154 35.37 -4.08 56.57
CA HIS R 154 35.53 -2.93 57.49
C HIS R 154 36.60 -1.93 57.01
N ALA R 155 36.52 -0.70 57.49
CA ALA R 155 37.59 0.32 57.29
C ALA R 155 38.62 0.21 58.43
N TRP R 156 39.87 0.51 58.09
CA TRP R 156 40.99 0.40 59.00
C TRP R 156 41.94 1.60 58.86
N LYS R 157 42.60 1.89 59.98
CA LYS R 157 43.69 2.88 60.03
C LYS R 157 44.95 2.25 59.49
N ALA R 158 45.14 1.01 59.85
CA ALA R 158 46.21 0.17 59.34
C ALA R 158 45.78 -1.24 59.62
N ASN R 159 46.32 -2.19 58.86
CA ASN R 159 46.01 -3.60 59.03
C ASN R 159 47.01 -4.47 58.30
N ALA R 160 47.02 -5.74 58.67
CA ALA R 160 47.73 -6.76 57.95
C ALA R 160 46.81 -7.97 57.71
N ILE R 161 47.08 -8.73 56.64
CA ILE R 161 46.43 -10.01 56.33
C ILE R 161 47.52 -10.96 55.84
N GLY R 162 47.22 -12.27 55.78
CA GLY R 162 48.23 -13.26 55.39
C GLY R 162 49.02 -13.82 56.58
N ARG R 163 50.08 -14.58 56.30
CA ARG R 163 50.84 -15.23 57.36
C ARG R 163 51.52 -14.20 58.25
N GLY R 164 51.34 -14.37 59.54
CA GLY R 164 51.90 -13.44 60.49
C GLY R 164 51.11 -12.17 60.65
N ALA R 165 49.91 -12.10 60.10
CA ALA R 165 49.05 -10.94 60.34
C ALA R 165 48.83 -10.63 61.84
N LYS R 166 48.76 -11.66 62.70
CA LYS R 166 48.47 -11.48 64.14
C LYS R 166 49.54 -10.59 64.77
N SER R 167 50.80 -10.98 64.58
CA SER R 167 51.91 -10.21 65.13
C SER R 167 52.10 -8.85 64.41
N VAL R 168 51.94 -8.82 63.09
CA VAL R 168 52.06 -7.55 62.34
C VAL R 168 50.99 -6.57 62.83
N ARG R 169 49.76 -7.03 63.01
CA ARG R 169 48.72 -6.15 63.56
C ARG R 169 49.09 -5.65 64.98
N GLU R 170 49.68 -6.55 65.80
CA GLU R 170 50.14 -6.18 67.15
C GLU R 170 51.15 -5.03 67.09
N PHE R 171 52.19 -5.19 66.26
CA PHE R 171 53.13 -4.11 65.96
C PHE R 171 52.49 -2.78 65.52
N LEU R 172 51.48 -2.83 64.65
CA LEU R 172 50.83 -1.62 64.15
C LEU R 172 50.00 -0.92 65.23
N GLU R 173 49.35 -1.72 66.08
CA GLU R 173 48.61 -1.20 67.24
C GLU R 173 49.51 -0.35 68.13
N LYS R 174 50.76 -0.77 68.34
CA LYS R 174 51.69 0.00 69.20
C LYS R 174 52.28 1.20 68.44
N ASN R 175 52.54 1.03 67.14
CA ASN R 175 53.35 1.97 66.35
C ASN R 175 52.56 2.93 65.44
N TYR R 176 51.24 2.82 65.37
CA TYR R 176 50.46 3.73 64.53
C TYR R 176 50.05 4.92 65.38
N THR R 177 50.74 6.02 65.16
CA THR R 177 50.49 7.27 65.89
C THR R 177 50.57 8.46 64.93
N ASP R 178 50.02 9.59 65.36
CA ASP R 178 50.09 10.84 64.58
C ASP R 178 51.52 11.11 64.13
N GLU R 179 52.48 10.79 65.00
CA GLU R 179 53.92 10.93 64.74
C GLU R 179 54.49 9.98 63.67
N ALA R 180 54.11 8.69 63.71
CA ALA R 180 54.56 7.74 62.66
C ALA R 180 54.04 8.02 61.25
N ILE R 181 52.95 8.81 61.14
CA ILE R 181 52.35 9.22 59.85
C ILE R 181 52.32 10.75 59.63
N GLU R 182 53.17 11.49 60.33
CA GLU R 182 53.28 12.93 60.14
C GLU R 182 53.73 13.23 58.73
N THR R 183 54.65 12.43 58.22
CA THR R 183 55.13 12.57 56.84
C THR R 183 55.06 11.29 56.01
N ASP R 184 55.19 11.48 54.70
CA ASP R 184 55.16 10.40 53.72
C ASP R 184 56.23 9.32 53.92
N ASP R 185 57.47 9.74 54.16
CA ASP R 185 58.60 8.81 54.36
C ASP R 185 58.41 7.90 55.59
N LEU R 186 57.80 8.45 56.65
CA LEU R 186 57.57 7.71 57.90
C LEU R 186 56.44 6.70 57.74
N THR R 187 55.36 7.12 57.07
CA THR R 187 54.27 6.24 56.65
C THR R 187 54.80 5.05 55.86
N ILE R 188 55.59 5.33 54.83
CA ILE R 188 56.24 4.26 54.08
C ILE R 188 57.10 3.37 54.96
N LYS R 189 57.94 3.98 55.81
CA LYS R 189 58.83 3.22 56.75
C LYS R 189 58.04 2.35 57.77
N LEU R 190 56.94 2.90 58.28
CA LEU R 190 56.02 2.14 59.16
C LEU R 190 55.57 0.81 58.54
N VAL R 191 55.30 0.82 57.22
CA VAL R 191 54.94 -0.41 56.48
C VAL R 191 56.12 -1.36 56.38
N ILE R 192 57.28 -0.82 56.02
CA ILE R 192 58.49 -1.63 55.88
C ILE R 192 58.93 -2.24 57.25
N LYS R 193 58.81 -1.45 58.33
CA LYS R 193 59.08 -1.98 59.68
C LYS R 193 58.07 -3.09 59.99
N ALA R 194 56.78 -2.80 59.78
CA ALA R 194 55.73 -3.80 60.00
C ALA R 194 56.03 -5.14 59.30
N LEU R 195 56.38 -5.10 58.01
CA LEU R 195 56.79 -6.32 57.30
C LEU R 195 58.04 -6.97 57.93
N LEU R 196 59.06 -6.14 58.22
CA LEU R 196 60.34 -6.66 58.79
C LEU R 196 60.09 -7.48 60.07
N GLU R 197 59.05 -7.13 60.81
CA GLU R 197 58.56 -7.95 61.91
C GLU R 197 58.35 -9.44 61.60
N VAL R 198 57.98 -9.80 60.36
CA VAL R 198 57.84 -11.23 59.98
C VAL R 198 58.60 -11.69 58.73
N VAL R 199 58.97 -10.78 57.84
CA VAL R 199 59.50 -11.18 56.54
C VAL R 199 60.86 -11.87 56.67
N GLN R 200 60.85 -13.19 56.41
CA GLN R 200 61.96 -14.09 56.58
C GLN R 200 63.08 -13.80 55.56
N SER R 201 63.82 -12.71 55.84
CA SER R 201 65.00 -12.21 55.07
C SER R 201 65.03 -10.66 55.10
N GLY R 202 63.91 -10.06 54.70
CA GLY R 202 63.62 -8.63 54.95
C GLY R 202 64.08 -7.56 53.96
N GLY R 203 65.16 -7.80 53.20
CA GLY R 203 65.61 -6.86 52.16
C GLY R 203 64.63 -6.73 51.00
N LYS R 204 64.79 -7.59 49.99
CA LYS R 204 63.87 -7.65 48.85
C LYS R 204 63.77 -9.05 48.19
N ASN R 205 62.72 -9.87 48.45
CA ASN R 205 61.66 -9.69 49.47
C ASN R 205 60.76 -8.48 49.18
N ILE R 206 59.83 -8.19 50.06
CA ILE R 206 58.99 -6.95 50.04
C ILE R 206 58.79 -6.15 48.68
N GLU R 207 57.56 -6.21 48.14
CA GLU R 207 57.06 -5.27 47.11
C GLU R 207 56.27 -4.16 47.84
N LEU R 208 56.37 -2.94 47.32
CA LEU R 208 55.71 -1.81 47.95
C LEU R 208 55.15 -0.80 46.96
N ALA R 209 54.00 -0.23 47.31
CA ALA R 209 53.34 0.80 46.51
C ALA R 209 52.66 1.85 47.37
N VAL R 210 52.52 3.05 46.78
CA VAL R 210 51.96 4.22 47.41
C VAL R 210 50.89 4.81 46.51
N MET R 211 49.96 5.55 47.10
CA MET R 211 49.00 6.31 46.35
C MET R 211 48.82 7.64 47.02
N ARG R 212 48.98 8.72 46.26
CA ARG R 212 48.82 10.08 46.77
C ARG R 212 47.55 10.69 46.20
N ARG R 213 46.97 11.62 46.96
CA ARG R 213 45.75 12.34 46.53
C ARG R 213 45.92 12.82 45.08
N ASP R 214 45.01 12.38 44.22
CA ASP R 214 45.02 12.70 42.78
C ASP R 214 46.16 12.11 41.94
N GLN R 215 47.15 11.46 42.56
CA GLN R 215 48.44 11.21 41.91
C GLN R 215 48.56 9.85 41.21
N SER R 216 47.56 8.97 41.36
CA SER R 216 47.59 7.59 40.82
C SER R 216 48.74 6.71 41.39
N LEU R 217 48.71 5.42 41.10
CA LEU R 217 49.56 4.42 41.76
C LEU R 217 51.02 4.58 41.37
N LYS R 218 51.93 4.50 42.34
CA LYS R 218 53.38 4.44 42.10
C LYS R 218 53.95 3.26 42.86
N ILE R 219 54.65 2.36 42.17
CA ILE R 219 55.36 1.24 42.84
C ILE R 219 56.85 1.59 42.99
N LEU R 220 57.45 1.23 44.12
CA LEU R 220 58.91 1.35 44.36
C LEU R 220 59.39 -0.04 43.93
N ASN R 221 60.50 -0.32 43.24
CA ASN R 221 61.80 0.35 43.14
C ASN R 221 62.76 -0.28 44.14
N PRO R 222 63.46 -1.37 43.75
CA PRO R 222 64.25 -2.09 44.77
C PRO R 222 65.42 -1.29 45.36
N GLU R 223 65.99 -0.39 44.56
CA GLU R 223 66.99 0.57 45.05
C GLU R 223 66.42 1.49 46.15
N GLU R 224 65.28 2.12 45.87
CA GLU R 224 64.64 3.06 46.80
C GLU R 224 64.11 2.39 48.06
N ILE R 225 63.79 1.10 47.95
CA ILE R 225 63.29 0.29 49.08
C ILE R 225 64.41 -0.03 50.07
N GLU R 226 65.51 -0.56 49.54
CA GLU R 226 66.64 -1.00 50.39
C GLU R 226 67.32 0.12 51.17
N LYS R 227 67.13 1.36 50.72
CA LYS R 227 67.42 2.56 51.54
C LYS R 227 66.74 2.47 52.90
N TYR R 228 65.42 2.34 52.86
CA TYR R 228 64.60 2.24 54.06
C TYR R 228 64.92 0.98 54.88
N VAL R 229 65.31 -0.11 54.21
CA VAL R 229 65.60 -1.39 54.87
C VAL R 229 66.82 -1.26 55.79
N ALA R 230 67.91 -0.71 55.26
CA ALA R 230 69.14 -0.41 56.03
C ALA R 230 68.89 0.61 57.14
N GLU R 231 68.23 1.71 56.77
CA GLU R 231 67.80 2.77 57.69
C GLU R 231 66.91 2.31 58.88
N ILE R 232 66.31 1.12 58.77
CA ILE R 232 65.54 0.45 59.85
C ILE R 232 66.31 -0.71 60.54
N GLU R 233 67.18 -1.39 59.78
CA GLU R 233 67.99 -2.52 60.22
C GLU R 233 69.10 -2.11 61.18
N LYS R 234 69.83 -1.07 60.78
CA LYS R 234 70.85 -0.48 61.65
C LYS R 234 70.25 0.24 62.88
N GLU R 235 68.98 0.67 62.81
CA GLU R 235 68.27 1.19 63.99
C GLU R 235 67.88 0.11 65.02
N LYS R 236 67.52 -1.09 64.54
CA LYS R 236 67.18 -2.24 65.43
C LYS R 236 68.39 -3.06 65.94
N GLU R 237 69.60 -2.70 65.49
CA GLU R 237 70.85 -3.31 66.00
C GLU R 237 71.25 -2.53 67.23
N GLU R 238 71.28 -1.21 67.07
CA GLU R 238 71.61 -0.24 68.13
C GLU R 238 70.84 -0.49 69.44
N ASN R 239 69.53 -0.74 69.32
CA ASN R 239 68.68 -1.00 70.50
C ASN R 239 69.07 -2.21 71.37
N GLU R 240 69.79 -3.18 70.79
CA GLU R 240 70.38 -4.29 71.53
C GLU R 240 71.69 -3.86 72.21
N ASP S 9 27.27 -37.60 55.64
CA ASP S 9 26.67 -36.40 54.94
C ASP S 9 25.19 -36.65 54.56
N ARG S 10 24.43 -35.57 54.68
CA ARG S 10 23.01 -35.52 54.46
C ARG S 10 22.75 -34.19 53.76
N GLY S 11 21.54 -34.03 53.25
CA GLY S 11 21.19 -32.88 52.48
C GLY S 11 20.69 -31.73 53.33
N VAL S 12 20.77 -30.52 52.76
CA VAL S 12 20.40 -29.31 53.46
C VAL S 12 18.93 -29.23 53.86
N ASN S 13 18.04 -29.95 53.19
CA ASN S 13 16.64 -29.99 53.61
C ASN S 13 16.22 -31.24 54.38
N THR S 14 17.09 -31.75 55.24
CA THR S 14 16.83 -32.97 56.02
C THR S 14 16.24 -32.57 57.31
N PHE S 15 15.12 -33.21 57.67
CA PHE S 15 14.55 -33.12 59.02
C PHE S 15 15.28 -34.05 60.01
N SER S 16 15.43 -33.56 61.25
CA SER S 16 15.90 -34.35 62.37
C SER S 16 14.71 -35.14 62.90
N PRO S 17 14.98 -36.12 63.77
CA PRO S 17 13.86 -36.90 64.31
C PRO S 17 12.94 -36.12 65.23
N GLU S 18 13.37 -34.94 65.66
CA GLU S 18 12.53 -34.07 66.48
C GLU S 18 11.67 -33.17 65.64
N GLY S 19 11.78 -33.26 64.31
CA GLY S 19 10.94 -32.47 63.44
C GLY S 19 11.47 -31.08 63.19
N ARG S 20 12.79 -30.92 63.17
CA ARG S 20 13.41 -29.64 62.82
C ARG S 20 14.39 -29.82 61.67
N LEU S 21 14.58 -28.75 60.91
CA LEU S 21 15.56 -28.73 59.87
C LEU S 21 16.92 -28.43 60.50
N PHE S 22 17.83 -29.39 60.37
CA PHE S 22 19.18 -29.27 60.89
C PHE S 22 19.79 -27.91 60.57
N GLN S 23 19.69 -27.48 59.30
CA GLN S 23 20.34 -26.25 58.86
C GLN S 23 19.78 -25.01 59.54
N VAL S 24 18.46 -24.99 59.76
CA VAL S 24 17.82 -23.87 60.44
C VAL S 24 18.25 -23.86 61.93
N GLU S 25 18.30 -25.02 62.57
CA GLU S 25 18.80 -25.11 63.97
C GLU S 25 20.21 -24.63 64.04
N TYR S 26 21.06 -25.06 63.11
CA TYR S 26 22.45 -24.63 63.15
C TYR S 26 22.61 -23.13 62.90
N ALA S 27 21.79 -22.59 61.98
CA ALA S 27 21.79 -21.17 61.74
C ALA S 27 21.37 -20.42 63.00
N ILE S 28 20.41 -20.96 63.73
CA ILE S 28 19.99 -20.36 65.03
C ILE S 28 21.16 -20.34 66.07
N GLU S 29 21.99 -21.37 66.04
CA GLU S 29 23.21 -21.43 66.84
C GLU S 29 24.21 -20.34 66.48
N ALA S 30 24.32 -20.01 65.19
CA ALA S 30 25.17 -18.92 64.75
C ALA S 30 24.73 -17.53 65.29
N ILE S 31 23.44 -17.31 65.53
CA ILE S 31 22.95 -16.04 66.08
C ILE S 31 23.52 -15.83 67.49
N LYS S 32 23.70 -16.93 68.23
CA LYS S 32 24.20 -16.87 69.60
C LYS S 32 25.66 -16.42 69.62
N LEU S 33 26.36 -16.48 68.50
CA LEU S 33 27.72 -15.96 68.40
C LEU S 33 27.74 -14.46 68.07
N GLY S 34 26.61 -13.83 67.76
CA GLY S 34 26.59 -12.43 67.36
C GLY S 34 26.64 -11.51 68.57
N SER S 35 26.87 -10.23 68.30
CA SER S 35 26.83 -9.19 69.36
C SER S 35 25.41 -8.96 69.77
N THR S 36 25.21 -8.51 70.98
CA THR S 36 23.89 -8.28 71.51
C THR S 36 23.24 -7.04 70.86
N ALA S 37 21.97 -7.15 70.50
CA ALA S 37 21.19 -6.01 70.06
C ALA S 37 19.87 -6.05 70.79
N ILE S 38 19.33 -4.87 71.04
CA ILE S 38 18.13 -4.67 71.85
C ILE S 38 17.15 -3.74 71.16
N GLY S 39 15.86 -4.07 71.25
CA GLY S 39 14.85 -3.24 70.74
C GLY S 39 13.79 -3.04 71.77
N ILE S 40 13.24 -1.84 71.84
CA ILE S 40 12.15 -1.54 72.75
C ILE S 40 11.14 -0.65 72.02
N GLN S 41 9.87 -1.01 72.17
CA GLN S 41 8.75 -0.32 71.61
C GLN S 41 7.98 0.41 72.72
N THR S 42 7.88 1.73 72.57
CA THR S 42 7.08 2.59 73.45
C THR S 42 6.04 3.33 72.57
N SER S 43 5.04 3.89 73.23
CA SER S 43 4.07 4.75 72.59
C SER S 43 4.68 6.02 71.96
N GLU S 44 5.91 6.39 72.31
CA GLU S 44 6.59 7.54 71.69
C GLU S 44 7.60 7.18 70.60
N GLY S 45 7.76 5.89 70.33
CA GLY S 45 8.69 5.45 69.27
C GLY S 45 9.39 4.17 69.64
N VAL S 46 10.26 3.72 68.77
CA VAL S 46 11.06 2.59 69.10
C VAL S 46 12.55 2.92 69.03
N CYS S 47 13.32 2.29 69.94
CA CYS S 47 14.77 2.36 69.92
C CYS S 47 15.38 1.00 69.65
N LEU S 48 16.50 1.06 68.96
CA LEU S 48 17.32 -0.08 68.62
C LEU S 48 18.70 0.29 69.11
N ALA S 49 19.35 -0.65 69.79
CA ALA S 49 20.70 -0.44 70.36
C ALA S 49 21.50 -1.70 70.16
N VAL S 50 22.76 -1.54 69.80
CA VAL S 50 23.58 -2.68 69.46
C VAL S 50 25.03 -2.48 69.96
N GLU S 51 25.61 -3.59 70.40
CA GLU S 51 26.99 -3.70 70.78
C GLU S 51 27.78 -3.84 69.50
N LYS S 52 28.78 -2.97 69.28
CA LYS S 52 29.59 -3.03 68.06
C LYS S 52 30.53 -4.20 68.10
N ARG S 53 31.21 -4.36 69.23
CA ARG S 53 32.19 -5.41 69.43
C ARG S 53 33.45 -5.13 68.62
N ILE S 54 34.21 -4.12 69.08
CA ILE S 54 35.44 -3.67 68.40
C ILE S 54 36.52 -4.69 68.71
N THR S 55 37.22 -5.18 67.69
CA THR S 55 38.24 -6.22 67.86
C THR S 55 39.67 -5.69 67.82
N SER S 56 39.89 -4.45 67.37
CA SER S 56 41.20 -3.80 67.32
C SER S 56 40.99 -2.27 67.33
N PRO S 57 41.84 -1.51 68.06
CA PRO S 57 41.72 -0.02 67.95
C PRO S 57 41.99 0.56 66.54
N LEU S 58 42.74 -0.19 65.73
CA LEU S 58 42.99 0.17 64.32
C LEU S 58 41.74 0.11 63.43
N MET S 59 40.71 -0.60 63.86
CA MET S 59 39.47 -0.68 63.12
C MET S 59 38.71 0.62 63.32
N GLU S 60 38.25 1.24 62.23
CA GLU S 60 37.31 2.33 62.29
C GLU S 60 35.94 1.89 62.81
N PRO S 61 35.56 2.35 64.02
CA PRO S 61 34.23 2.01 64.57
C PRO S 61 33.01 2.39 63.75
N SER S 62 33.07 3.51 63.05
CA SER S 62 31.92 3.94 62.27
C SER S 62 31.70 3.06 61.02
N SER S 63 32.67 2.23 60.64
CA SER S 63 32.47 1.23 59.59
C SER S 63 31.82 -0.08 60.08
N ILE S 64 31.38 -0.13 61.33
CA ILE S 64 30.58 -1.27 61.82
C ILE S 64 29.15 -0.74 61.82
N GLU S 65 28.32 -1.21 60.90
CA GLU S 65 26.97 -0.74 60.85
C GLU S 65 26.07 -1.94 61.03
N LYS S 66 25.47 -2.02 62.21
CA LYS S 66 24.59 -3.10 62.59
C LYS S 66 23.18 -2.59 62.86
N ILE S 67 22.98 -1.28 62.75
CA ILE S 67 21.69 -0.67 62.65
C ILE S 67 21.69 0.02 61.27
N VAL S 68 20.65 -0.20 60.47
CA VAL S 68 20.54 0.41 59.15
C VAL S 68 19.12 0.96 58.95
N GLU S 69 19.01 1.97 58.09
CA GLU S 69 17.72 2.48 57.68
C GLU S 69 17.17 1.56 56.56
N ILE S 70 15.90 1.19 56.69
CA ILE S 70 15.16 0.47 55.61
C ILE S 70 14.41 1.48 54.74
N ASP S 71 13.66 2.35 55.42
CA ASP S 71 13.01 3.48 54.84
C ASP S 71 12.97 4.55 55.95
N ALA S 72 12.42 5.70 55.67
CA ALA S 72 12.45 6.84 56.59
C ALA S 72 11.77 6.48 57.89
N HIS S 73 10.82 5.54 57.82
CA HIS S 73 9.98 5.21 58.97
C HIS S 73 10.34 3.83 59.59
N ILE S 74 11.42 3.20 59.14
CA ILE S 74 11.77 1.83 59.58
C ILE S 74 13.26 1.65 59.62
N GLY S 75 13.76 1.22 60.76
CA GLY S 75 15.15 0.77 60.92
C GLY S 75 15.26 -0.70 61.26
N CYS S 76 16.46 -1.20 61.11
CA CYS S 76 16.77 -2.58 61.31
C CYS S 76 18.09 -2.81 62.08
N ALA S 77 18.03 -3.55 63.20
CA ALA S 77 19.21 -4.01 63.95
C ALA S 77 19.41 -5.51 63.69
N MET S 78 20.65 -5.92 63.49
CA MET S 78 20.94 -7.30 63.13
C MET S 78 21.93 -7.92 64.13
N SER S 79 21.89 -9.25 64.25
CA SER S 79 22.91 -9.99 64.92
C SER S 79 23.13 -11.32 64.27
N GLY S 80 24.40 -11.74 64.22
CA GLY S 80 24.77 -13.05 63.76
C GLY S 80 25.83 -12.85 62.72
N LEU S 81 25.69 -13.53 61.57
CA LEU S 81 26.67 -13.43 60.50
C LEU S 81 26.28 -12.27 59.64
N ILE S 82 26.99 -11.16 59.84
CA ILE S 82 26.56 -9.86 59.32
C ILE S 82 26.56 -9.81 57.79
N ALA S 83 27.49 -10.50 57.13
CA ALA S 83 27.54 -10.47 55.68
C ALA S 83 26.25 -11.05 55.09
N ASP S 84 25.72 -12.11 55.73
CA ASP S 84 24.43 -12.68 55.35
C ASP S 84 23.29 -11.66 55.40
N ALA S 85 23.36 -10.70 56.31
CA ALA S 85 22.26 -9.78 56.47
C ALA S 85 22.07 -8.86 55.24
N LYS S 86 23.11 -8.70 54.40
CA LYS S 86 23.11 -7.69 53.34
C LYS S 86 22.02 -7.89 52.36
N THR S 87 21.89 -9.10 51.82
CA THR S 87 20.84 -9.36 50.89
C THR S 87 19.47 -9.20 51.53
N LEU S 88 19.35 -9.44 52.83
CA LEU S 88 18.05 -9.29 53.51
C LEU S 88 17.62 -7.83 53.61
N ILE S 89 18.59 -7.00 54.01
CA ILE S 89 18.39 -5.58 54.16
C ILE S 89 18.02 -4.97 52.78
N ASP S 90 18.72 -5.41 51.73
CA ASP S 90 18.47 -4.87 50.37
C ASP S 90 17.07 -5.20 49.97
N LYS S 91 16.65 -6.42 50.29
CA LYS S 91 15.31 -6.90 49.93
C LYS S 91 14.28 -6.09 50.68
N ALA S 92 14.53 -5.72 51.93
CA ALA S 92 13.56 -4.93 52.66
C ALA S 92 13.43 -3.52 52.02
N ARG S 93 14.54 -2.99 51.59
CA ARG S 93 14.63 -1.66 50.98
C ARG S 93 13.87 -1.58 49.68
N VAL S 94 14.21 -2.50 48.78
CA VAL S 94 13.58 -2.65 47.50
C VAL S 94 12.08 -2.87 47.63
N GLU S 95 11.67 -3.72 48.55
CA GLU S 95 10.24 -3.94 48.80
C GLU S 95 9.45 -2.70 49.24
N THR S 96 10.04 -1.87 50.13
CA THR S 96 9.34 -0.70 50.62
C THR S 96 9.18 0.30 49.47
N GLN S 97 10.19 0.39 48.60
CA GLN S 97 10.10 1.26 47.45
C GLN S 97 9.17 0.78 46.33
N ASN S 98 9.12 -0.54 46.11
CA ASN S 98 8.10 -1.12 45.22
C ASN S 98 6.72 -0.84 45.71
N HIS S 99 6.53 -0.99 47.01
CA HIS S 99 5.24 -0.72 47.59
C HIS S 99 4.86 0.76 47.38
N TRP S 100 5.81 1.67 47.63
CA TRP S 100 5.58 3.08 47.42
C TRP S 100 5.23 3.35 45.94
N PHE S 101 6.00 2.77 45.04
CA PHE S 101 5.78 2.95 43.59
C PHE S 101 4.34 2.52 43.22
N THR S 102 3.92 1.35 43.66
CA THR S 102 2.64 0.77 43.19
C THR S 102 1.43 1.39 43.87
N TYR S 103 1.56 1.62 45.18
CA TYR S 103 0.42 2.01 46.02
C TYR S 103 0.42 3.44 46.51
N ASN S 104 1.52 4.15 46.32
CA ASN S 104 1.63 5.55 46.79
C ASN S 104 1.36 5.71 48.27
N GLU S 105 1.97 4.84 49.08
CA GLU S 105 1.81 4.84 50.53
C GLU S 105 3.03 4.12 51.12
N THR S 106 3.27 4.31 52.42
CA THR S 106 4.35 3.55 53.11
C THR S 106 3.91 2.17 53.47
N MET S 107 4.84 1.25 53.46
CA MET S 107 4.59 -0.14 53.81
C MET S 107 4.57 -0.25 55.31
N THR S 108 3.70 -1.09 55.85
CA THR S 108 3.77 -1.37 57.32
C THR S 108 5.02 -2.15 57.77
N VAL S 109 5.40 -1.96 59.03
CA VAL S 109 6.55 -2.68 59.60
C VAL S 109 6.32 -4.18 59.51
N GLU S 110 5.11 -4.60 59.86
CA GLU S 110 4.73 -5.99 59.76
C GLU S 110 4.89 -6.54 58.33
N SER S 111 4.42 -5.76 57.36
CA SER S 111 4.49 -6.16 55.95
C SER S 111 5.90 -6.29 55.47
N VAL S 112 6.75 -5.34 55.84
CA VAL S 112 8.15 -5.43 55.43
C VAL S 112 8.78 -6.67 56.07
N THR S 113 8.51 -6.90 57.36
CA THR S 113 9.09 -8.07 58.03
C THR S 113 8.65 -9.36 57.38
N GLN S 114 7.35 -9.41 57.03
CA GLN S 114 6.78 -10.56 56.30
C GLN S 114 7.50 -10.84 54.97
N ALA S 115 7.74 -9.79 54.20
CA ALA S 115 8.37 -9.98 52.87
C ALA S 115 9.78 -10.52 52.99
N VAL S 116 10.51 -10.03 53.98
CA VAL S 116 11.83 -10.57 54.23
C VAL S 116 11.75 -12.02 54.72
N SER S 117 10.82 -12.29 55.62
CA SER S 117 10.73 -13.60 56.21
C SER S 117 10.38 -14.69 55.19
N ASN S 118 9.66 -14.34 54.13
CA ASN S 118 9.42 -15.26 53.03
C ASN S 118 10.65 -15.73 52.27
N LEU S 119 11.80 -15.11 52.46
CA LEU S 119 13.03 -15.66 51.92
C LEU S 119 13.63 -16.82 52.77
N ALA S 120 13.27 -16.84 54.05
N ALA S 120 13.30 -16.97 54.06
CA ALA S 120 13.75 -17.80 54.96
CA ALA S 120 14.21 -17.74 54.99
C ALA S 120 12.78 -18.90 54.65
C ALA S 120 14.49 -19.23 54.67
N LEU S 121 13.44 -19.99 54.35
CA LEU S 121 13.42 -21.39 53.92
C LEU S 121 13.65 -21.62 52.42
N GLN S 122 13.97 -20.58 51.65
CA GLN S 122 14.23 -20.74 50.22
C GLN S 122 15.66 -21.10 49.92
N PHE S 123 16.05 -22.28 50.38
CA PHE S 123 17.36 -22.86 50.10
C PHE S 123 17.18 -24.34 49.71
N GLY S 124 18.14 -24.90 48.98
CA GLY S 124 18.06 -26.27 48.53
C GLY S 124 18.87 -26.52 47.29
N GLU S 125 19.13 -27.81 47.00
CA GLU S 125 20.12 -28.25 45.99
C GLU S 125 19.60 -29.14 44.84
N GLU S 126 18.27 -29.22 44.66
CA GLU S 126 17.60 -30.05 43.63
C GLU S 126 16.62 -29.26 42.76
N ASP S 127 15.71 -28.47 43.36
CA ASP S 127 14.73 -27.69 42.54
C ASP S 127 15.51 -26.51 41.95
N ALA S 128 16.01 -25.63 42.82
CA ALA S 128 17.16 -24.73 42.58
C ALA S 128 17.28 -24.09 41.19
N ASP S 129 16.92 -22.79 41.09
CA ASP S 129 16.86 -22.04 39.81
C ASP S 129 18.28 -21.73 39.25
N PRO S 130 18.82 -20.50 39.41
CA PRO S 130 20.28 -20.33 39.27
C PRO S 130 21.15 -21.31 40.08
N GLY S 131 22.35 -20.86 40.46
CA GLY S 131 22.94 -21.30 41.73
C GLY S 131 22.23 -20.54 42.87
N ALA S 132 20.98 -20.93 43.20
CA ALA S 132 20.15 -20.26 44.23
C ALA S 132 20.76 -20.54 45.62
N MET S 133 20.13 -20.05 46.71
CA MET S 133 20.69 -20.16 48.09
C MET S 133 20.97 -21.62 48.47
N SER S 134 22.18 -21.90 48.93
CA SER S 134 22.56 -23.22 49.39
C SER S 134 22.28 -23.53 50.87
N ARG S 135 21.92 -22.51 51.65
CA ARG S 135 21.79 -22.66 53.08
C ARG S 135 20.96 -21.51 53.60
N PRO S 136 20.41 -21.63 54.81
CA PRO S 136 19.73 -20.46 55.37
C PRO S 136 20.69 -19.27 55.77
N PHE S 137 20.07 -18.14 56.09
CA PHE S 137 20.73 -16.91 56.57
C PHE S 137 21.05 -17.05 58.09
N GLY S 138 22.31 -16.77 58.46
CA GLY S 138 22.80 -16.90 59.85
C GLY S 138 22.59 -15.63 60.65
N VAL S 139 21.37 -15.08 60.59
CA VAL S 139 21.06 -13.73 60.99
C VAL S 139 19.78 -13.71 61.75
N ALA S 140 19.72 -12.95 62.81
CA ALA S 140 18.44 -12.53 63.36
C ALA S 140 18.26 -11.02 63.15
N LEU S 141 17.02 -10.57 63.11
CA LEU S 141 16.71 -9.17 62.83
C LEU S 141 15.63 -8.62 63.72
N LEU S 142 15.82 -7.37 64.10
CA LEU S 142 14.82 -6.56 64.74
C LEU S 142 14.46 -5.39 63.80
N PHE S 143 13.19 -5.31 63.38
CA PHE S 143 12.71 -4.23 62.56
C PHE S 143 11.93 -3.34 63.53
N GLY S 144 12.32 -2.07 63.61
CA GLY S 144 11.63 -1.10 64.44
C GLY S 144 11.20 0.13 63.60
N GLY S 145 9.98 0.56 63.79
CA GLY S 145 9.47 1.63 63.00
C GLY S 145 8.11 2.12 63.43
N VAL S 146 7.59 3.10 62.67
CA VAL S 146 6.31 3.70 62.94
C VAL S 146 5.45 3.69 61.65
N ASP S 147 4.22 3.17 61.76
CA ASP S 147 3.23 3.18 60.69
C ASP S 147 1.91 3.54 61.32
N GLU S 148 0.80 3.43 60.59
CA GLU S 148 -0.54 3.74 61.17
C GLU S 148 -0.98 2.90 62.38
N LYS S 149 -0.36 1.75 62.63
CA LYS S 149 -0.61 1.03 63.88
C LYS S 149 0.10 1.69 65.06
N GLY S 150 0.93 2.70 64.82
CA GLY S 150 1.79 3.32 65.83
C GLY S 150 3.21 2.76 65.73
N PRO S 151 4.05 3.05 66.75
CA PRO S 151 5.38 2.44 66.85
C PRO S 151 5.33 0.90 66.94
N GLN S 152 6.34 0.23 66.38
CA GLN S 152 6.29 -1.20 66.23
C GLN S 152 7.64 -1.87 66.08
N LEU S 153 7.81 -2.97 66.82
CA LEU S 153 9.03 -3.74 66.80
C LEU S 153 8.71 -5.20 66.50
N PHE S 154 9.49 -5.79 65.61
CA PHE S 154 9.27 -7.16 65.18
C PHE S 154 10.60 -7.83 65.16
N HIS S 155 10.58 -9.10 65.54
CA HIS S 155 11.77 -9.93 65.57
C HIS S 155 11.60 -10.99 64.46
N MET S 156 12.68 -11.29 63.78
CA MET S 156 12.72 -12.40 62.83
C MET S 156 14.02 -13.23 63.02
N ASP S 157 13.93 -14.53 62.86
CA ASP S 157 15.08 -15.42 62.92
C ASP S 157 15.20 -16.32 61.68
N PRO S 158 16.25 -17.16 61.60
CA PRO S 158 16.46 -17.94 60.38
C PRO S 158 15.36 -18.94 59.97
N SER S 159 14.43 -19.26 60.85
CA SER S 159 13.32 -20.13 60.52
C SER S 159 12.25 -19.42 59.63
N GLY S 160 12.28 -18.09 59.57
CA GLY S 160 11.25 -17.35 58.90
C GLY S 160 10.09 -17.02 59.81
N THR S 161 10.18 -17.37 61.09
CA THR S 161 9.17 -16.97 62.05
C THR S 161 9.43 -15.51 62.45
N PHE S 162 8.38 -14.71 62.47
CA PHE S 162 8.49 -13.31 62.86
C PHE S 162 7.34 -12.98 63.75
N VAL S 163 7.54 -12.03 64.66
CA VAL S 163 6.51 -11.71 65.63
C VAL S 163 6.77 -10.31 66.23
N GLN S 164 5.70 -9.62 66.59
CA GLN S 164 5.78 -8.32 67.29
C GLN S 164 6.29 -8.57 68.71
N CYS S 165 7.18 -7.70 69.21
CA CYS S 165 7.69 -7.76 70.58
C CYS S 165 7.64 -6.38 71.23
N ASP S 166 7.24 -6.28 72.49
CA ASP S 166 7.34 -5.01 73.20
C ASP S 166 8.78 -4.61 73.48
N ALA S 167 9.61 -5.61 73.76
CA ALA S 167 11.05 -5.47 73.93
C ALA S 167 11.71 -6.81 73.64
N ARG S 168 12.88 -6.81 73.05
CA ARG S 168 13.55 -8.03 72.64
C ARG S 168 15.03 -7.84 72.46
N ALA S 169 15.78 -8.81 72.95
CA ALA S 169 17.22 -8.85 72.74
C ALA S 169 17.59 -10.08 71.90
N ILE S 170 18.63 -9.96 71.11
CA ILE S 170 19.14 -11.03 70.26
C ILE S 170 20.64 -11.04 70.37
N GLY S 171 21.21 -12.17 70.02
CA GLY S 171 22.67 -12.33 70.05
C GLY S 171 23.14 -13.02 71.33
N SER S 172 24.47 -13.02 71.52
CA SER S 172 25.14 -13.83 72.59
C SER S 172 24.51 -13.68 73.96
N ALA S 173 24.23 -12.44 74.38
CA ALA S 173 23.77 -12.27 75.75
C ALA S 173 22.24 -12.14 75.92
N SER S 174 21.46 -12.68 74.97
CA SER S 174 20.05 -12.39 74.90
C SER S 174 19.22 -12.94 76.01
N GLU S 175 19.57 -14.12 76.51
CA GLU S 175 18.82 -14.72 77.67
C GLU S 175 18.77 -13.81 78.87
N GLY S 176 19.93 -13.30 79.23
CA GLY S 176 20.04 -12.36 80.40
C GLY S 176 19.54 -10.95 80.11
N ALA S 177 19.84 -10.42 78.92
CA ALA S 177 19.27 -9.13 78.51
C ALA S 177 17.74 -9.22 78.47
N GLN S 178 17.21 -10.35 78.02
CA GLN S 178 15.76 -10.47 77.90
C GLN S 178 15.18 -10.44 79.29
N SER S 179 15.88 -11.05 80.25
CA SER S 179 15.46 -11.06 81.62
C SER S 179 15.37 -9.65 82.22
N SER S 180 16.46 -8.89 82.08
CA SER S 180 16.43 -7.48 82.46
C SER S 180 15.33 -6.68 81.71
N LEU S 181 15.05 -6.98 80.44
CA LEU S 181 13.94 -6.30 79.73
C LEU S 181 12.58 -6.59 80.33
N GLN S 182 12.28 -7.84 80.68
CA GLN S 182 11.02 -8.18 81.40
C GLN S 182 10.88 -7.30 82.65
N GLU S 183 11.97 -7.13 83.39
CA GLU S 183 11.99 -6.38 84.64
C GLU S 183 11.70 -4.89 84.41
N VAL S 184 12.44 -4.23 83.54
CA VAL S 184 12.30 -2.76 83.35
C VAL S 184 11.11 -2.31 82.47
N TYR S 185 10.63 -3.16 81.55
CA TYR S 185 9.60 -2.73 80.60
C TYR S 185 8.22 -2.50 81.23
N HIS S 186 7.55 -1.43 80.82
CA HIS S 186 6.13 -1.21 81.15
C HIS S 186 5.46 -0.47 79.98
N LYS S 187 4.18 -0.76 79.74
CA LYS S 187 3.40 -0.19 78.59
C LYS S 187 3.53 1.35 78.45
N SER S 188 3.55 2.06 79.57
CA SER S 188 3.58 3.53 79.58
C SER S 188 5.00 4.14 79.67
N MET S 189 6.04 3.30 79.62
CA MET S 189 7.43 3.79 79.56
C MET S 189 7.63 4.83 78.44
N THR S 190 8.41 5.87 78.72
CA THR S 190 8.76 6.86 77.70
C THR S 190 9.87 6.34 76.80
N LEU S 191 10.00 6.92 75.61
CA LEU S 191 11.14 6.64 74.78
C LEU S 191 12.46 6.92 75.45
N LYS S 192 12.60 8.06 76.14
CA LYS S 192 13.89 8.35 76.76
C LYS S 192 14.25 7.35 77.87
N GLU S 193 13.26 6.86 78.62
CA GLU S 193 13.47 5.77 79.59
C GLU S 193 13.91 4.47 78.89
N ALA S 194 13.31 4.19 77.72
CA ALA S 194 13.65 3.01 76.96
C ALA S 194 15.08 3.07 76.46
N ILE S 195 15.51 4.25 76.04
CA ILE S 195 16.90 4.44 75.63
C ILE S 195 17.90 4.16 76.79
N LYS S 196 17.60 4.69 77.96
CA LYS S 196 18.47 4.55 79.13
C LYS S 196 18.53 3.08 79.58
N SER S 197 17.35 2.49 79.75
CA SER S 197 17.22 1.05 80.07
C SER S 197 18.09 0.16 79.15
N SER S 198 18.07 0.43 77.85
CA SER S 198 18.77 -0.45 76.93
C SER S 198 20.26 -0.19 76.94
N LEU S 199 20.67 1.04 77.20
CA LEU S 199 22.08 1.30 77.42
C LEU S 199 22.59 0.68 78.75
N ILE S 200 21.77 0.70 79.79
CA ILE S 200 22.09 0.04 81.06
C ILE S 200 22.28 -1.48 80.88
N ILE S 201 21.38 -2.10 80.12
CA ILE S 201 21.43 -3.53 79.89
C ILE S 201 22.66 -3.87 79.02
N LEU S 202 22.92 -3.11 77.95
CA LEU S 202 24.10 -3.35 77.12
C LEU S 202 25.32 -3.24 77.97
N LYS S 203 25.36 -2.21 78.82
CA LYS S 203 26.48 -2.04 79.72
C LYS S 203 26.75 -3.32 80.56
N GLN S 204 25.72 -3.90 81.21
CA GLN S 204 25.90 -5.16 81.99
C GLN S 204 26.46 -6.26 81.09
N VAL S 205 25.84 -6.48 79.93
CA VAL S 205 26.07 -7.74 79.19
C VAL S 205 27.26 -7.70 78.29
N MET S 206 27.72 -6.52 77.93
CA MET S 206 28.95 -6.34 77.15
C MET S 206 30.24 -6.76 77.89
N GLU S 207 31.13 -7.45 77.18
CA GLU S 207 32.48 -7.79 77.69
C GLU S 207 33.33 -6.54 77.82
N GLU S 208 33.34 -5.73 76.77
CA GLU S 208 34.01 -4.43 76.77
C GLU S 208 33.25 -3.37 77.60
N LYS S 209 33.99 -2.44 78.15
CA LYS S 209 33.43 -1.33 78.93
C LYS S 209 32.67 -0.44 77.94
N LEU S 210 31.38 -0.21 78.17
CA LEU S 210 30.59 0.59 77.25
C LEU S 210 31.18 2.00 77.12
N ASN S 211 31.13 2.56 75.92
CA ASN S 211 31.38 3.97 75.67
C ASN S 211 30.69 4.40 74.37
N ALA S 212 30.88 5.66 73.98
CA ALA S 212 30.15 6.24 72.86
C ALA S 212 30.60 5.85 71.46
N THR S 213 31.66 5.04 71.35
CA THR S 213 32.14 4.54 70.04
C THR S 213 31.96 3.03 69.83
N ASN S 214 31.80 2.23 70.88
CA ASN S 214 31.56 0.77 70.70
C ASN S 214 30.09 0.29 70.86
N ILE S 215 29.14 1.21 70.73
CA ILE S 215 27.73 0.93 70.63
C ILE S 215 27.11 1.78 69.49
N GLU S 216 25.94 1.40 69.00
CA GLU S 216 25.12 2.28 68.12
C GLU S 216 23.75 2.33 68.71
N LEU S 217 23.05 3.42 68.47
CA LEU S 217 21.66 3.54 68.88
C LEU S 217 20.89 4.26 67.78
N ALA S 218 19.66 3.82 67.51
CA ALA S 218 18.78 4.57 66.58
C ALA S 218 17.40 4.61 67.12
N THR S 219 16.63 5.62 66.70
CA THR S 219 15.21 5.70 67.05
C THR S 219 14.35 5.92 65.82
N VAL S 220 13.05 5.68 65.96
CA VAL S 220 12.07 6.13 65.01
C VAL S 220 10.85 6.52 65.84
N GLN S 221 10.27 7.67 65.56
CA GLN S 221 9.22 8.26 66.39
C GLN S 221 8.11 8.71 65.48
N PRO S 222 6.86 8.78 65.98
CA PRO S 222 5.77 9.33 65.18
C PRO S 222 6.08 10.68 64.52
N GLY S 223 6.74 11.56 65.24
CA GLY S 223 7.08 12.82 64.63
C GLY S 223 8.13 12.75 63.54
N GLN S 224 9.10 11.86 63.71
CA GLN S 224 10.44 12.09 63.19
C GLN S 224 10.99 10.85 62.52
N ASN S 225 11.75 11.07 61.46
CA ASN S 225 12.34 9.97 60.76
C ASN S 225 13.39 9.18 61.55
N PHE S 226 13.66 7.96 61.06
CA PHE S 226 14.82 7.19 61.43
C PHE S 226 16.01 8.11 61.76
N HIS S 227 16.54 7.96 62.96
CA HIS S 227 17.65 8.79 63.41
C HIS S 227 18.71 7.98 64.19
N MET S 228 19.89 7.84 63.56
CA MET S 228 21.10 7.34 64.18
C MET S 228 21.69 8.38 65.13
N PHE S 229 21.96 7.98 66.38
CA PHE S 229 22.62 8.87 67.36
C PHE S 229 24.08 9.16 66.95
N THR S 230 24.44 10.43 67.05
CA THR S 230 25.83 10.92 66.90
C THR S 230 26.67 10.53 68.16
N LYS S 231 28.00 10.52 68.04
CA LYS S 231 28.90 10.36 69.22
C LYS S 231 28.45 11.28 70.32
N GLU S 232 28.19 12.53 69.96
CA GLU S 232 27.81 13.57 70.92
C GLU S 232 26.50 13.19 71.62
N GLU S 233 25.45 12.88 70.85
CA GLU S 233 24.16 12.52 71.44
C GLU S 233 24.26 11.26 72.32
N LEU S 234 25.20 10.38 71.98
CA LEU S 234 25.43 9.15 72.75
C LEU S 234 26.09 9.51 74.12
N GLU S 235 27.22 10.22 74.06
CA GLU S 235 27.90 10.77 75.25
C GLU S 235 26.91 11.39 76.25
N GLU S 236 26.05 12.27 75.76
CA GLU S 236 24.96 12.82 76.59
C GLU S 236 24.22 11.71 77.36
N VAL S 237 23.68 10.72 76.64
CA VAL S 237 22.91 9.62 77.28
C VAL S 237 23.79 8.73 78.17
N ILE S 238 25.05 8.55 77.82
CA ILE S 238 25.97 7.71 78.60
C ILE S 238 26.30 8.28 79.99
N LYS S 239 26.26 9.61 80.16
CA LYS S 239 26.53 10.27 81.47
C LYS S 239 25.86 9.61 82.69
N ASP S 240 24.55 9.40 82.59
CA ASP S 240 23.78 8.77 83.67
C ASP S 240 24.24 7.32 83.93
N ILE S 241 24.97 6.77 82.95
CA ILE S 241 25.80 5.53 83.01
C ILE S 241 24.94 4.28 83.12
N PHE T 2 19.78 -50.91 61.92
CA PHE T 2 18.44 -51.00 61.26
C PHE T 2 17.67 -49.64 60.98
N ARG T 3 18.34 -48.45 61.01
CA ARG T 3 17.66 -47.10 60.74
C ARG T 3 18.44 -45.98 60.02
N ASN T 4 19.67 -45.76 60.46
CA ASN T 4 20.40 -44.50 60.18
C ASN T 4 20.65 -44.23 58.69
N GLN T 5 20.93 -45.28 57.88
CA GLN T 5 21.12 -45.07 56.44
C GLN T 5 19.80 -44.81 55.69
N TYR T 6 18.66 -45.08 56.35
CA TYR T 6 17.35 -44.87 55.82
C TYR T 6 16.65 -43.62 56.29
N ASP T 7 17.28 -42.73 57.05
CA ASP T 7 16.46 -41.62 57.56
C ASP T 7 16.78 -40.24 57.10
N ASN T 8 17.63 -40.09 56.12
CA ASN T 8 17.99 -38.74 55.75
C ASN T 8 17.39 -38.27 54.42
N ASP T 9 16.87 -39.19 53.60
CA ASP T 9 16.37 -38.85 52.27
C ASP T 9 14.93 -39.26 52.12
N VAL T 10 14.10 -38.34 51.68
CA VAL T 10 12.69 -38.65 51.41
C VAL T 10 12.47 -39.69 50.29
N THR T 11 13.46 -39.92 49.44
CA THR T 11 13.41 -40.96 48.47
C THR T 11 13.84 -42.38 48.91
N VAL T 12 14.20 -42.57 50.17
CA VAL T 12 14.72 -43.87 50.61
C VAL T 12 13.65 -44.49 51.46
N TRP T 13 13.05 -45.57 50.91
CA TRP T 13 12.18 -46.45 51.66
C TRP T 13 13.02 -47.22 52.67
N SER T 14 12.52 -47.37 53.88
CA SER T 14 13.17 -48.29 54.85
C SER T 14 12.76 -49.76 54.58
N PRO T 15 13.47 -50.70 55.22
CA PRO T 15 13.09 -52.11 54.99
C PRO T 15 11.71 -52.48 55.53
N GLN T 16 11.10 -51.65 56.35
CA GLN T 16 9.74 -51.84 56.84
C GLN T 16 8.67 -51.19 55.96
N GLY T 17 9.04 -50.61 54.82
CA GLY T 17 8.07 -49.93 53.97
C GLY T 17 7.59 -48.60 54.53
N ARG T 18 8.55 -47.87 55.12
N ARG T 18 8.44 -47.82 55.18
CA ARG T 18 8.33 -46.54 55.69
CA ARG T 18 8.06 -46.40 55.43
C ARG T 18 9.28 -45.51 55.12
C ARG T 18 9.20 -45.51 55.09
N ILE T 19 8.97 -44.25 55.33
CA ILE T 19 9.84 -43.19 54.87
C ILE T 19 10.06 -42.30 56.09
N HIS T 20 11.24 -42.45 56.67
CA HIS T 20 11.54 -41.76 57.95
C HIS T 20 11.50 -40.23 57.83
N GLN T 21 11.94 -39.66 56.71
CA GLN T 21 11.79 -38.18 56.52
C GLN T 21 10.35 -37.69 56.63
N ILE T 22 9.40 -38.47 56.15
CA ILE T 22 7.99 -38.09 56.24
C ILE T 22 7.58 -38.16 57.71
N GLU T 23 7.94 -39.23 58.37
CA GLU T 23 7.66 -39.37 59.85
C GLU T 23 8.27 -38.28 60.71
N TYR T 24 9.50 -37.91 60.39
CA TYR T 24 10.14 -36.83 61.09
C TYR T 24 9.43 -35.49 60.86
N ALA T 25 9.01 -35.20 59.62
CA ALA T 25 8.23 -34.00 59.32
C ALA T 25 6.94 -33.95 60.14
N MET T 26 6.35 -35.12 60.38
CA MET T 26 5.14 -35.17 61.20
C MET T 26 5.40 -34.80 62.64
N GLU T 27 6.63 -34.95 63.12
CA GLU T 27 6.95 -34.51 64.48
C GLU T 27 6.89 -33.03 64.58
N ALA T 28 7.20 -32.33 63.48
CA ALA T 28 7.12 -30.90 63.48
C ALA T 28 5.72 -30.50 63.84
N VAL T 29 4.71 -31.22 63.41
CA VAL T 29 3.35 -30.82 63.76
C VAL T 29 2.98 -31.22 65.20
N LYS T 30 3.36 -32.43 65.62
CA LYS T 30 3.11 -32.87 67.03
C LYS T 30 3.69 -31.93 68.06
N GLN T 31 4.82 -31.31 67.77
CA GLN T 31 5.41 -30.32 68.67
C GLN T 31 4.86 -28.90 68.54
N GLY T 32 3.97 -28.62 67.58
CA GLY T 32 3.35 -27.30 67.50
C GLY T 32 2.30 -27.18 68.58
N SER T 33 1.82 -25.97 68.85
CA SER T 33 0.81 -25.80 69.85
C SER T 33 -0.54 -26.27 69.32
N ALA T 34 -1.39 -26.73 70.22
CA ALA T 34 -2.58 -27.46 69.81
C ALA T 34 -3.62 -26.56 69.18
N THR T 35 -4.36 -27.15 68.24
CA THR T 35 -5.51 -26.51 67.67
C THR T 35 -6.63 -27.55 67.49
N VAL T 36 -7.86 -27.05 67.53
CA VAL T 36 -9.05 -27.85 67.43
C VAL T 36 -9.91 -27.28 66.31
N GLY T 37 -10.52 -28.20 65.55
CA GLY T 37 -11.49 -27.88 64.54
C GLY T 37 -12.72 -28.77 64.73
N LEU T 38 -13.89 -28.16 64.63
CA LEU T 38 -15.15 -28.88 64.69
C LEU T 38 -16.27 -28.18 63.90
N LYS T 39 -17.36 -28.89 63.64
CA LYS T 39 -18.50 -28.33 62.88
C LYS T 39 -19.88 -28.78 63.34
N SER T 40 -20.86 -27.97 62.96
CA SER T 40 -22.25 -28.25 63.21
C SER T 40 -22.89 -28.41 61.85
N LYS T 41 -24.22 -28.42 61.80
CA LYS T 41 -24.95 -28.40 60.52
C LYS T 41 -24.65 -27.13 59.73
N THR T 42 -24.40 -26.01 60.42
CA THR T 42 -24.31 -24.68 59.80
C THR T 42 -23.00 -23.91 59.92
N HIS T 43 -22.12 -24.26 60.86
CA HIS T 43 -20.88 -23.55 61.01
C HIS T 43 -19.68 -24.51 61.10
N ALA T 44 -18.51 -24.00 60.71
CA ALA T 44 -17.23 -24.65 60.97
C ALA T 44 -16.38 -23.71 61.81
N VAL T 45 -15.85 -24.23 62.92
CA VAL T 45 -15.01 -23.45 63.84
C VAL T 45 -13.60 -24.05 64.06
N LEU T 46 -12.64 -23.13 64.12
CA LEU T 46 -11.28 -23.42 64.54
C LEU T 46 -10.97 -22.66 65.82
N VAL T 47 -10.19 -23.31 66.66
CA VAL T 47 -9.83 -22.78 67.94
C VAL T 47 -8.36 -23.12 68.12
N ALA T 48 -7.54 -22.15 68.48
CA ALA T 48 -6.08 -22.39 68.59
C ALA T 48 -5.44 -21.83 69.84
N LEU T 49 -4.47 -22.57 70.36
CA LEU T 49 -3.58 -22.04 71.40
C LEU T 49 -2.36 -21.38 70.79
N LYS T 50 -2.15 -20.11 71.10
CA LYS T 50 -0.99 -19.41 70.60
C LYS T 50 0.11 -19.43 71.65
N ARG T 51 1.33 -19.77 71.23
CA ARG T 51 2.52 -19.65 72.10
C ARG T 51 3.14 -18.27 72.02
N ALA T 52 3.56 -17.71 73.15
CA ALA T 52 4.41 -16.52 73.18
C ALA T 52 5.83 -16.95 73.60
N GLN T 53 6.82 -16.60 72.76
CA GLN T 53 8.24 -16.94 72.98
C GLN T 53 8.67 -16.55 74.40
N SER T 54 8.39 -15.29 74.75
CA SER T 54 8.64 -14.71 76.08
C SER T 54 7.37 -13.97 76.56
N GLU T 55 7.44 -13.43 77.78
CA GLU T 55 6.34 -12.63 78.35
C GLU T 55 6.01 -11.33 77.57
N LEU T 56 7.00 -10.79 76.83
CA LEU T 56 6.89 -9.51 76.07
C LEU T 56 6.58 -9.70 74.55
N ALA T 57 6.82 -10.91 74.03
CA ALA T 57 6.38 -11.28 72.68
C ALA T 57 4.85 -11.34 72.57
N ALA T 58 4.35 -10.98 71.38
CA ALA T 58 2.97 -11.24 71.05
C ALA T 58 2.91 -12.76 70.84
N HIS T 59 1.71 -13.28 70.93
CA HIS T 59 1.46 -14.68 70.60
C HIS T 59 1.42 -14.81 69.04
N GLN T 60 1.93 -15.95 68.59
CA GLN T 60 2.09 -16.30 67.22
C GLN T 60 0.72 -16.48 66.56
N LYS T 61 0.49 -15.86 65.41
CA LYS T 61 -0.70 -16.18 64.65
C LYS T 61 -0.74 -17.69 64.38
N LYS T 62 -1.88 -18.28 64.70
CA LYS T 62 -2.18 -19.63 64.31
C LYS T 62 -3.29 -19.76 63.27
N ILE T 63 -4.11 -18.73 63.11
CA ILE T 63 -5.28 -18.85 62.25
C ILE T 63 -5.14 -17.83 61.12
N LEU T 64 -5.38 -18.24 59.88
CA LEU T 64 -5.11 -17.43 58.66
C LEU T 64 -6.27 -17.47 57.69
N HIS T 65 -6.58 -16.30 57.11
CA HIS T 65 -7.65 -16.19 56.12
CA HIS T 65 -7.61 -16.14 56.08
C HIS T 65 -7.14 -16.77 54.78
N VAL T 66 -7.99 -17.54 54.09
CA VAL T 66 -7.63 -18.07 52.75
C VAL T 66 -8.54 -17.41 51.68
N ASP T 67 -9.85 -17.45 51.91
CA ASP T 67 -10.85 -16.79 51.08
C ASP T 67 -12.08 -16.47 51.96
N ASN T 68 -13.09 -15.81 51.44
CA ASN T 68 -14.29 -15.52 52.24
C ASN T 68 -14.91 -16.74 52.91
N HIS T 69 -14.72 -17.91 52.32
CA HIS T 69 -15.42 -19.12 52.71
C HIS T 69 -14.49 -20.17 53.32
N ILE T 70 -13.21 -19.83 53.51
CA ILE T 70 -12.19 -20.81 53.96
C ILE T 70 -11.16 -20.12 54.81
N GLY T 71 -10.87 -20.69 55.97
CA GLY T 71 -9.73 -20.28 56.79
C GLY T 71 -8.98 -21.49 57.29
N ILE T 72 -7.78 -21.29 57.80
CA ILE T 72 -6.94 -22.40 58.27
C ILE T 72 -6.34 -22.15 59.65
N SER T 73 -6.05 -23.27 60.33
CA SER T 73 -5.26 -23.28 61.58
C SER T 73 -4.02 -24.14 61.29
N ILE T 74 -2.86 -23.71 61.79
CA ILE T 74 -1.57 -24.30 61.43
C ILE T 74 -0.86 -24.97 62.66
N ALA T 75 -0.01 -25.93 62.39
CA ALA T 75 0.85 -26.45 63.38
C ALA T 75 2.09 -27.04 62.72
N GLY T 76 3.27 -26.57 63.13
CA GLY T 76 4.53 -26.97 62.50
C GLY T 76 5.27 -25.77 62.01
N LEU T 77 6.08 -25.92 60.97
CA LEU T 77 6.96 -24.84 60.56
C LEU T 77 6.14 -23.69 59.97
N THR T 78 6.28 -22.53 60.59
CA THR T 78 5.53 -21.32 60.22
C THR T 78 5.72 -20.89 58.77
N ALA T 79 6.95 -21.03 58.28
CA ALA T 79 7.32 -20.61 56.96
C ALA T 79 6.70 -21.53 55.89
N ASP T 80 6.66 -22.85 56.18
CA ASP T 80 5.89 -23.80 55.36
C ASP T 80 4.39 -23.52 55.43
N ALA T 81 3.88 -23.17 56.61
CA ALA T 81 2.51 -22.81 56.75
C ALA T 81 2.16 -21.61 55.83
N ARG T 82 3.01 -20.60 55.79
CA ARG T 82 2.74 -19.44 54.88
C ARG T 82 2.80 -19.80 53.38
N LEU T 83 3.76 -20.61 53.00
CA LEU T 83 3.91 -20.98 51.62
C LEU T 83 2.65 -21.75 51.11
N LEU T 84 2.16 -22.66 51.96
CA LEU T 84 0.98 -23.44 51.68
C LEU T 84 -0.27 -22.56 51.68
N CYS T 85 -0.38 -21.71 52.67
CA CYS T 85 -1.47 -20.77 52.73
C CYS T 85 -1.52 -19.89 51.48
N ASN T 86 -0.36 -19.48 51.00
CA ASN T 86 -0.29 -18.64 49.82
C ASN T 86 -0.73 -19.43 48.57
N PHE T 87 -0.31 -20.69 48.50
CA PHE T 87 -0.77 -21.59 47.44
C PHE T 87 -2.29 -21.69 47.44
N MET T 88 -2.86 -21.87 48.61
CA MET T 88 -4.31 -22.00 48.73
C MET T 88 -5.09 -20.77 48.27
N ARG T 89 -4.60 -19.61 48.74
CA ARG T 89 -5.13 -18.31 48.39
C ARG T 89 -5.20 -18.09 46.90
N GLN T 90 -4.12 -18.44 46.24
CA GLN T 90 -3.97 -18.30 44.84
C GLN T 90 -4.96 -19.26 44.07
N GLU T 91 -5.12 -20.48 44.58
CA GLU T 91 -6.05 -21.44 43.95
C GLU T 91 -7.48 -20.89 44.06
N CYS T 92 -7.80 -20.30 45.22
CA CYS T 92 -9.08 -19.66 45.42
C CYS T 92 -9.31 -18.41 44.52
N LEU T 93 -8.27 -17.60 44.32
CA LEU T 93 -8.36 -16.45 43.40
C LEU T 93 -8.55 -16.93 41.94
N ASP T 94 -7.77 -17.90 41.51
CA ASP T 94 -7.93 -18.52 40.18
C ASP T 94 -9.35 -19.03 39.90
N SER T 95 -9.93 -19.70 40.85
CA SER T 95 -11.26 -20.21 40.65
C SER T 95 -12.28 -19.12 40.53
N ARG T 96 -12.19 -18.08 41.34
CA ARG T 96 -13.10 -16.92 41.20
C ARG T 96 -12.86 -16.13 39.88
N PHE T 97 -11.63 -16.02 39.42
CA PHE T 97 -11.31 -15.38 38.16
C PHE T 97 -11.95 -16.15 36.97
N VAL T 98 -11.72 -17.45 36.96
CA VAL T 98 -12.13 -18.28 35.84
C VAL T 98 -13.66 -18.51 35.84
N PHE T 99 -14.20 -18.89 37.00
CA PHE T 99 -15.58 -19.40 37.14
C PHE T 99 -16.58 -18.46 37.84
N ASP T 100 -16.05 -17.39 38.40
CA ASP T 100 -16.86 -16.46 39.19
C ASP T 100 -17.66 -17.15 40.29
N ARG T 101 -17.07 -18.13 40.95
CA ARG T 101 -17.68 -18.75 42.13
C ARG T 101 -16.62 -19.37 43.07
N PRO T 102 -16.97 -19.54 44.37
CA PRO T 102 -15.93 -20.04 45.35
C PRO T 102 -15.44 -21.43 45.01
N LEU T 103 -14.16 -21.68 45.20
CA LEU T 103 -13.58 -22.98 44.92
C LEU T 103 -14.14 -23.94 46.00
N PRO T 104 -14.76 -25.03 45.59
CA PRO T 104 -15.22 -25.96 46.61
C PRO T 104 -14.11 -26.46 47.54
N VAL T 105 -14.45 -26.56 48.81
CA VAL T 105 -13.44 -26.88 49.85
C VAL T 105 -12.72 -28.20 49.60
N SER T 106 -13.46 -29.25 49.24
CA SER T 106 -12.83 -30.56 49.00
C SER T 106 -11.94 -30.54 47.79
N ARG T 107 -12.26 -29.71 46.78
CA ARG T 107 -11.34 -29.58 45.63
C ARG T 107 -10.03 -28.87 46.01
N LEU T 108 -10.10 -27.82 46.81
CA LEU T 108 -8.87 -27.17 47.33
C LEU T 108 -8.03 -28.17 48.12
N VAL T 109 -8.67 -28.94 48.98
CA VAL T 109 -7.90 -29.94 49.79
C VAL T 109 -7.17 -30.95 48.89
N SER T 110 -7.83 -31.45 47.85
CA SER T 110 -7.19 -32.27 46.84
C SER T 110 -5.97 -31.67 46.20
N LEU T 111 -6.09 -30.41 45.76
CA LEU T 111 -4.97 -29.67 45.21
C LEU T 111 -3.81 -29.62 46.25
N ILE T 112 -4.12 -29.43 47.51
CA ILE T 112 -3.07 -29.53 48.55
C ILE T 112 -2.36 -30.89 48.56
N GLY T 113 -3.15 -31.97 48.51
CA GLY T 113 -2.58 -33.35 48.51
C GLY T 113 -1.64 -33.56 47.33
N SER T 114 -2.04 -33.08 46.15
CA SER T 114 -1.17 -33.20 44.96
C SER T 114 0.06 -32.40 45.11
N LYS T 115 -0.09 -31.12 45.43
CA LYS T 115 1.08 -30.28 45.58
C LYS T 115 2.03 -30.86 46.64
N THR T 116 1.52 -31.19 47.81
CA THR T 116 2.41 -31.61 48.91
C THR T 116 2.99 -33.02 48.75
N GLN T 117 2.44 -33.83 47.84
CA GLN T 117 2.99 -35.18 47.59
C GLN T 117 4.29 -35.14 46.77
N ILE T 118 4.34 -34.19 45.84
CA ILE T 118 5.43 -34.10 44.88
C ILE T 118 6.82 -34.14 45.50
N PRO T 119 7.07 -33.25 46.48
CA PRO T 119 8.42 -33.34 47.00
C PRO T 119 8.73 -34.59 47.87
N THR T 120 7.74 -35.39 48.21
CA THR T 120 8.01 -36.64 48.97
C THR T 120 8.61 -37.75 48.09
N GLN T 121 8.76 -37.50 46.80
CA GLN T 121 9.20 -38.49 45.85
C GLN T 121 10.40 -38.13 45.01
N ARG T 122 10.99 -36.97 45.24
CA ARG T 122 12.14 -36.50 44.48
C ARG T 122 13.37 -36.21 45.36
N TYR T 123 14.54 -36.59 44.88
CA TYR T 123 15.74 -36.53 45.63
C TYR T 123 16.09 -35.12 45.98
N GLY T 124 16.47 -34.90 47.24
CA GLY T 124 16.90 -33.58 47.68
C GLY T 124 15.73 -32.65 47.96
N ARG T 125 14.48 -33.08 47.80
CA ARG T 125 13.36 -32.30 48.22
C ARG T 125 12.94 -32.81 49.62
N ARG T 126 12.00 -32.15 50.25
CA ARG T 126 11.59 -32.56 51.55
C ARG T 126 10.10 -32.41 51.70
N PRO T 127 9.49 -33.16 52.62
CA PRO T 127 8.09 -32.85 52.88
C PRO T 127 7.84 -31.48 53.48
N TYR T 128 6.59 -31.05 53.37
CA TYR T 128 6.12 -29.86 54.08
C TYR T 128 6.07 -30.22 55.58
N GLY T 129 6.59 -29.37 56.43
CA GLY T 129 6.60 -29.67 57.84
C GLY T 129 5.48 -28.98 58.54
N VAL T 130 4.27 -29.07 57.99
CA VAL T 130 3.13 -28.39 58.56
C VAL T 130 1.87 -29.22 58.39
N GLY T 131 0.97 -29.10 59.36
CA GLY T 131 -0.30 -29.72 59.32
C GLY T 131 -1.31 -28.62 59.42
N LEU T 132 -2.42 -28.78 58.71
CA LEU T 132 -3.47 -27.81 58.72
C LEU T 132 -4.78 -28.40 59.15
N LEU T 133 -5.56 -27.63 59.92
CA LEU T 133 -7.00 -27.82 60.01
C LEU T 133 -7.68 -26.76 59.15
N ILE T 134 -8.62 -27.18 58.30
CA ILE T 134 -9.19 -26.29 57.27
C ILE T 134 -10.70 -26.20 57.53
N ALA T 135 -11.16 -25.00 57.84
CA ALA T 135 -12.58 -24.72 58.03
C ALA T 135 -13.12 -24.02 56.80
N GLY T 136 -14.22 -24.54 56.26
CA GLY T 136 -14.85 -24.00 55.08
C GLY T 136 -16.35 -24.19 55.05
N TYR T 137 -17.01 -23.42 54.18
CA TYR T 137 -18.43 -23.55 53.93
C TYR T 137 -18.70 -23.34 52.45
N ASP T 138 -19.40 -24.30 51.86
CA ASP T 138 -19.75 -24.27 50.45
C ASP T 138 -21.13 -24.96 50.22
N ASP T 139 -21.44 -25.28 48.98
CA ASP T 139 -22.75 -25.86 48.62
C ASP T 139 -23.06 -27.11 49.38
N MET T 140 -22.02 -27.88 49.70
CA MET T 140 -22.19 -29.07 50.53
C MET T 140 -22.10 -28.80 52.03
N GLY T 141 -22.17 -27.55 52.47
CA GLY T 141 -22.26 -27.24 53.89
C GLY T 141 -20.88 -26.98 54.53
N PRO T 142 -20.80 -27.07 55.88
CA PRO T 142 -19.56 -26.77 56.56
C PRO T 142 -18.59 -27.93 56.44
N HIS T 143 -17.29 -27.62 56.45
CA HIS T 143 -16.27 -28.65 56.48
C HIS T 143 -15.11 -28.38 57.45
N ILE T 144 -14.54 -29.49 57.92
CA ILE T 144 -13.30 -29.50 58.63
C ILE T 144 -12.43 -30.54 57.98
N PHE T 145 -11.33 -30.10 57.34
CA PHE T 145 -10.34 -31.04 56.79
C PHE T 145 -9.03 -30.92 57.56
N GLN T 146 -8.24 -31.98 57.47
CA GLN T 146 -6.91 -32.01 58.03
C GLN T 146 -5.93 -32.44 56.98
N THR T 147 -4.77 -31.80 56.93
CA THR T 147 -3.71 -32.15 55.98
C THR T 147 -2.43 -32.45 56.74
N CYS T 148 -1.56 -33.27 56.17
CA CYS T 148 -0.40 -33.76 56.85
C CYS T 148 0.79 -33.67 56.00
N PRO T 149 1.99 -33.66 56.61
CA PRO T 149 3.24 -33.72 55.87
C PRO T 149 3.37 -34.91 54.93
N SER T 150 2.62 -36.00 55.18
CA SER T 150 2.64 -37.13 54.25
C SER T 150 1.91 -36.85 52.92
N ALA T 151 1.22 -35.69 52.85
CA ALA T 151 0.36 -35.28 51.73
C ALA T 151 -1.03 -35.89 51.81
N ASN T 152 -1.25 -36.78 52.80
CA ASN T 152 -2.57 -37.35 53.03
CA ASN T 152 -2.55 -37.33 53.09
C ASN T 152 -3.44 -36.28 53.68
N TYR T 153 -4.74 -36.46 53.53
CA TYR T 153 -5.70 -35.58 54.13
C TYR T 153 -6.96 -36.33 54.47
N PHE T 154 -7.78 -35.71 55.31
CA PHE T 154 -8.87 -36.37 55.99
C PHE T 154 -10.01 -35.41 56.07
N ASP T 155 -11.22 -35.92 55.88
CA ASP T 155 -12.45 -35.17 56.08
C ASP T 155 -12.96 -35.54 57.45
N CYS T 156 -13.26 -34.54 58.28
CA CYS T 156 -13.40 -34.75 59.71
C CYS T 156 -14.70 -34.22 60.26
N ARG T 157 -15.25 -34.94 61.24
CA ARG T 157 -16.36 -34.40 62.04
C ARG T 157 -15.80 -33.37 63.01
N ALA T 158 -14.59 -33.66 63.48
CA ALA T 158 -13.80 -32.77 64.32
C ALA T 158 -12.42 -33.33 64.40
N MET T 159 -11.47 -32.53 64.86
CA MET T 159 -10.07 -32.98 64.91
C MET T 159 -9.26 -32.02 65.78
N SER T 160 -8.12 -32.53 66.26
CA SER T 160 -7.09 -31.76 66.98
C SER T 160 -5.74 -32.30 66.61
N ILE T 161 -4.79 -31.38 66.47
CA ILE T 161 -3.40 -31.69 66.14
C ILE T 161 -2.53 -30.80 67.04
N GLY T 162 -1.28 -31.21 67.23
CA GLY T 162 -0.32 -30.44 67.98
C GLY T 162 -0.10 -31.06 69.35
N ALA T 163 0.64 -30.37 70.20
CA ALA T 163 1.12 -30.97 71.49
C ALA T 163 -0.04 -31.25 72.41
N ARG T 164 -0.11 -32.49 72.86
CA ARG T 164 -1.16 -32.99 73.73
C ARG T 164 -2.55 -32.94 73.13
N SER T 165 -2.64 -32.99 71.81
CA SER T 165 -3.92 -33.01 71.13
C SER T 165 -4.72 -34.31 71.32
N GLN T 166 -4.05 -35.39 71.73
CA GLN T 166 -4.74 -36.63 72.13
C GLN T 166 -5.87 -36.38 73.12
N SER T 167 -5.63 -35.51 74.09
CA SER T 167 -6.65 -35.18 75.08
C SER T 167 -7.81 -34.47 74.48
N ALA T 168 -7.50 -33.54 73.57
CA ALA T 168 -8.55 -32.85 72.82
C ALA T 168 -9.35 -33.82 71.99
N ARG T 169 -8.66 -34.75 71.33
CA ARG T 169 -9.33 -35.76 70.51
C ARG T 169 -10.29 -36.60 71.33
N THR T 170 -9.81 -37.04 72.50
CA THR T 170 -10.63 -37.81 73.44
C THR T 170 -11.91 -37.03 73.84
N TYR T 171 -11.77 -35.76 74.21
CA TYR T 171 -12.96 -34.95 74.49
C TYR T 171 -13.90 -34.92 73.29
N LEU T 172 -13.35 -34.63 72.12
CA LEU T 172 -14.17 -34.49 70.91
C LEU T 172 -14.97 -35.75 70.62
N GLU T 173 -14.34 -36.92 70.69
CA GLU T 173 -15.06 -38.20 70.55
C GLU T 173 -16.18 -38.36 71.55
N ARG T 174 -15.92 -37.96 72.78
CA ARG T 174 -16.88 -38.03 73.85
C ARG T 174 -18.16 -37.22 73.53
N HIS T 175 -18.03 -36.05 72.90
CA HIS T 175 -19.19 -35.15 72.72
C HIS T 175 -19.70 -34.96 71.29
N MET T 176 -19.13 -35.70 70.34
CA MET T 176 -19.34 -35.38 68.92
C MET T 176 -20.75 -35.60 68.43
N SER T 177 -21.48 -36.51 69.05
CA SER T 177 -22.90 -36.72 68.75
C SER T 177 -23.79 -35.54 69.10
N GLU T 178 -23.30 -34.58 69.90
CA GLU T 178 -23.99 -33.31 70.14
C GLU T 178 -23.68 -32.17 69.11
N PHE T 179 -22.59 -32.29 68.34
CA PHE T 179 -22.11 -31.13 67.56
C PHE T 179 -23.08 -30.69 66.45
N MET T 180 -23.68 -31.63 65.74
CA MET T 180 -24.42 -31.29 64.52
C MET T 180 -25.59 -30.28 64.76
N GLU T 181 -26.19 -30.33 65.95
CA GLU T 181 -27.31 -29.45 66.30
C GLU T 181 -26.96 -28.28 67.21
N CYS T 182 -25.69 -28.05 67.51
CA CYS T 182 -25.32 -26.93 68.36
C CYS T 182 -25.52 -25.61 67.65
N ASN T 183 -25.97 -24.59 68.40
CA ASN T 183 -25.84 -23.22 67.94
C ASN T 183 -24.36 -22.84 67.99
N LEU T 184 -24.03 -21.69 67.41
CA LEU T 184 -22.62 -21.31 67.27
C LEU T 184 -21.85 -21.23 68.64
N ASN T 185 -22.46 -20.60 69.63
CA ASN T 185 -21.80 -20.43 70.95
C ASN T 185 -21.54 -21.75 71.65
N GLU T 186 -22.52 -22.63 71.58
CA GLU T 186 -22.35 -23.99 72.07
C GLU T 186 -21.20 -24.71 71.37
N LEU T 187 -21.12 -24.57 70.05
CA LEU T 187 -20.09 -25.25 69.27
C LEU T 187 -18.69 -24.76 69.61
N VAL T 188 -18.54 -23.43 69.71
CA VAL T 188 -17.26 -22.83 70.04
C VAL T 188 -16.87 -23.24 71.48
N LYS T 189 -17.81 -23.14 72.42
CA LYS T 189 -17.58 -23.57 73.81
C LYS T 189 -17.03 -25.01 73.82
N HIS T 190 -17.65 -25.91 73.06
CA HIS T 190 -17.08 -27.26 72.86
C HIS T 190 -15.64 -27.27 72.34
N GLY T 191 -15.35 -26.44 71.33
CA GLY T 191 -14.00 -26.30 70.80
C GLY T 191 -12.98 -25.85 71.85
N LEU T 192 -13.36 -24.82 72.62
CA LEU T 192 -12.54 -24.32 73.72
C LEU T 192 -12.33 -25.37 74.84
N ARG T 193 -13.38 -26.13 75.19
CA ARG T 193 -13.26 -27.19 76.19
C ARG T 193 -12.29 -28.26 75.76
N ALA T 194 -12.39 -28.67 74.49
CA ALA T 194 -11.45 -29.63 73.94
C ALA T 194 -10.00 -29.11 74.03
N LEU T 195 -9.80 -27.86 73.59
CA LEU T 195 -8.49 -27.24 73.55
C LEU T 195 -7.94 -27.10 74.98
N ARG T 196 -8.81 -26.76 75.91
CA ARG T 196 -8.44 -26.61 77.30
C ARG T 196 -7.88 -27.91 77.91
N GLU T 197 -8.35 -29.06 77.43
CA GLU T 197 -7.77 -30.34 77.84
C GLU T 197 -6.32 -30.53 77.47
N THR T 198 -5.82 -29.80 76.48
CA THR T 198 -4.41 -29.90 76.11
C THR T 198 -3.52 -29.24 77.14
N LEU T 199 -4.06 -28.30 77.92
CA LEU T 199 -3.25 -27.53 78.86
C LEU T 199 -2.78 -28.29 80.10
N PRO T 200 -1.55 -27.97 80.57
CA PRO T 200 -1.18 -28.38 81.93
C PRO T 200 -2.25 -27.91 82.92
N ALA T 201 -2.55 -28.74 83.94
CA ALA T 201 -3.63 -28.48 84.92
C ALA T 201 -3.60 -27.08 85.53
N GLU T 202 -2.39 -26.56 85.75
CA GLU T 202 -2.12 -25.22 86.30
C GLU T 202 -2.57 -24.06 85.38
N GLN T 203 -2.42 -24.28 84.06
CA GLN T 203 -2.65 -23.28 83.02
C GLN T 203 -4.15 -23.12 82.64
N ASP T 204 -4.54 -21.94 82.17
CA ASP T 204 -5.92 -21.65 81.72
C ASP T 204 -6.03 -20.98 80.37
N LEU T 205 -7.19 -21.07 79.74
CA LEU T 205 -7.48 -20.26 78.54
C LEU T 205 -7.65 -18.81 78.93
N THR T 206 -7.02 -17.91 78.20
CA THR T 206 -7.15 -16.49 78.46
C THR T 206 -7.34 -15.80 77.14
N THR T 207 -7.66 -14.52 77.16
CA THR T 207 -7.76 -13.76 75.95
C THR T 207 -6.41 -13.59 75.26
N LYS T 208 -5.31 -13.78 75.96
CA LYS T 208 -3.97 -13.68 75.35
C LYS T 208 -3.56 -14.92 74.57
N ASN T 209 -3.98 -16.11 75.01
CA ASN T 209 -3.53 -17.35 74.34
C ASN T 209 -4.52 -18.08 73.39
N VAL T 210 -5.76 -17.60 73.27
CA VAL T 210 -6.77 -18.28 72.49
C VAL T 210 -7.00 -17.45 71.25
N SER T 211 -7.11 -18.15 70.12
CA SER T 211 -7.48 -17.54 68.84
C SER T 211 -8.64 -18.38 68.26
N ILE T 212 -9.65 -17.68 67.71
CA ILE T 212 -10.86 -18.33 67.17
C ILE T 212 -11.13 -17.92 65.71
N GLY T 213 -11.53 -18.92 64.93
CA GLY T 213 -11.87 -18.80 63.51
C GLY T 213 -13.22 -19.44 63.25
N ILE T 214 -14.11 -18.73 62.55
CA ILE T 214 -15.49 -19.16 62.36
C ILE T 214 -15.95 -18.84 60.93
N VAL T 215 -16.61 -19.80 60.30
CA VAL T 215 -17.29 -19.59 59.04
C VAL T 215 -18.59 -20.38 59.00
N GLY T 216 -19.59 -19.89 58.27
CA GLY T 216 -20.83 -20.66 58.13
C GLY T 216 -21.77 -20.09 57.12
N LYS T 217 -23.00 -20.62 57.11
CA LYS T 217 -24.08 -20.23 56.16
C LYS T 217 -24.28 -18.70 56.10
N ASP T 218 -24.20 -18.05 57.25
CA ASP T 218 -24.47 -16.62 57.39
C ASP T 218 -23.21 -15.75 57.45
N LEU T 219 -22.03 -16.36 57.50
CA LEU T 219 -20.85 -15.71 58.03
C LEU T 219 -19.56 -16.07 57.29
N GLU T 220 -18.88 -15.05 56.80
CA GLU T 220 -17.59 -15.22 56.14
C GLU T 220 -16.49 -15.52 57.14
N PHE T 221 -15.41 -16.14 56.68
CA PHE T 221 -14.38 -16.55 57.61
C PHE T 221 -13.87 -15.35 58.37
N THR T 222 -14.07 -15.40 59.69
CA THR T 222 -13.73 -14.31 60.59
C THR T 222 -12.79 -14.81 61.70
N ILE T 223 -11.77 -14.01 61.98
CA ILE T 223 -10.80 -14.34 63.03
C ILE T 223 -11.04 -13.47 64.26
N TYR T 224 -11.01 -14.09 65.44
CA TYR T 224 -11.24 -13.44 66.72
C TYR T 224 -10.01 -13.60 67.61
N ASP T 225 -9.39 -12.48 67.99
CA ASP T 225 -8.23 -12.44 68.84
C ASP T 225 -8.41 -11.45 69.96
N ASP T 226 -7.67 -11.69 71.06
CA ASP T 226 -7.55 -10.76 72.20
C ASP T 226 -8.89 -10.38 72.81
N ASP T 227 -9.30 -9.11 72.79
CA ASP T 227 -10.59 -8.74 73.40
C ASP T 227 -11.78 -9.41 72.74
N ASP T 228 -11.68 -9.65 71.43
CA ASP T 228 -12.77 -10.28 70.69
C ASP T 228 -13.07 -11.75 71.07
N VAL T 229 -12.17 -12.42 71.77
CA VAL T 229 -12.46 -13.79 72.21
C VAL T 229 -13.22 -13.81 73.53
N SER T 230 -13.21 -12.71 74.29
CA SER T 230 -13.88 -12.63 75.62
C SER T 230 -15.33 -13.06 75.66
N PRO T 231 -16.16 -12.60 74.71
CA PRO T 231 -17.54 -13.15 74.66
C PRO T 231 -17.63 -14.69 74.68
N PHE T 232 -16.71 -15.35 73.99
CA PHE T 232 -16.72 -16.80 73.89
C PHE T 232 -16.18 -17.45 75.14
N LEU T 233 -15.24 -16.80 75.82
CA LEU T 233 -14.62 -17.37 77.03
C LEU T 233 -15.47 -17.29 78.29
N GLU T 234 -16.35 -16.28 78.38
CA GLU T 234 -17.42 -16.33 79.38
C GLU T 234 -18.77 -16.59 78.76
N GLY T 235 -19.25 -17.83 78.75
CA GLY T 235 -18.42 -19.08 78.73
C GLY T 235 -18.17 -19.75 80.04
N LEU T 236 -16.98 -20.35 80.18
CA LEU T 236 -16.39 -20.72 81.47
C LEU T 236 -17.01 -21.88 82.23
N GLU T 237 -17.54 -22.87 81.51
CA GLU T 237 -18.10 -24.06 82.16
C GLU T 237 -16.98 -24.99 82.64
N GLU T 238 -16.42 -24.68 83.83
CA GLU T 238 -15.39 -25.49 84.57
C GLU T 238 -14.39 -24.58 85.30
N ARG T 239 -13.50 -25.09 86.16
CA ARG T 239 -13.50 -26.44 86.83
C ARG T 239 -13.37 -27.66 85.92
N THR U 6 19.29 -55.78 51.83
CA THR U 6 20.65 -56.15 52.31
C THR U 6 21.63 -54.95 52.45
N GLY U 7 22.10 -54.37 51.32
CA GLY U 7 23.47 -53.76 51.29
C GLY U 7 23.87 -52.34 50.86
N TYR U 8 23.46 -51.77 49.71
CA TYR U 8 22.78 -52.29 48.43
C TYR U 8 21.30 -51.96 48.24
N ASP U 9 20.66 -51.40 49.25
CA ASP U 9 19.21 -51.21 49.23
C ASP U 9 18.80 -49.72 49.38
N LEU U 10 19.66 -48.77 49.01
CA LEU U 10 19.34 -47.38 49.22
C LEU U 10 18.83 -46.62 47.96
N SER U 11 19.03 -47.17 46.77
CA SER U 11 18.67 -46.51 45.52
C SER U 11 18.00 -47.50 44.57
N ALA U 12 16.93 -47.05 43.92
CA ALA U 12 16.34 -47.81 42.81
C ALA U 12 17.24 -47.91 41.55
N SER U 13 18.34 -47.15 41.46
CA SER U 13 19.35 -47.37 40.41
C SER U 13 20.49 -48.34 40.78
N THR U 14 20.33 -49.10 41.86
CA THR U 14 21.36 -50.05 42.27
C THR U 14 20.77 -51.47 42.35
N PHE U 15 21.33 -52.40 41.59
CA PHE U 15 21.02 -53.83 41.80
C PHE U 15 21.81 -54.32 43.00
N SER U 16 21.21 -55.22 43.76
CA SER U 16 21.97 -56.06 44.73
C SER U 16 22.74 -57.15 43.96
N PRO U 17 23.76 -57.77 44.57
CA PRO U 17 24.48 -58.85 43.86
C PRO U 17 23.61 -60.02 43.34
N ASP U 18 22.44 -60.25 43.93
CA ASP U 18 21.52 -61.29 43.46
C ASP U 18 20.52 -60.76 42.46
N GLY U 19 20.70 -59.53 41.96
CA GLY U 19 19.87 -59.01 40.87
C GLY U 19 18.51 -58.55 41.35
N ARG U 20 18.43 -58.07 42.59
CA ARG U 20 17.19 -57.54 43.13
C ARG U 20 17.31 -56.02 43.21
N VAL U 21 16.15 -55.36 43.28
CA VAL U 21 16.07 -53.95 43.48
C VAL U 21 15.29 -53.76 44.76
N PHE U 22 16.01 -53.60 45.87
CA PHE U 22 15.34 -53.61 47.16
C PHE U 22 14.42 -52.41 47.42
N GLN U 23 14.78 -51.21 46.90
CA GLN U 23 13.85 -50.07 47.04
C GLN U 23 12.46 -50.39 46.47
N VAL U 24 12.40 -51.14 45.38
CA VAL U 24 11.08 -51.56 44.84
C VAL U 24 10.42 -52.54 45.81
N GLU U 25 11.19 -53.48 46.34
CA GLU U 25 10.67 -54.45 47.34
C GLU U 25 10.18 -53.76 48.62
N TYR U 26 10.88 -52.69 49.05
CA TYR U 26 10.45 -52.00 50.26
C TYR U 26 9.16 -51.24 50.04
N ALA U 27 8.99 -50.72 48.84
CA ALA U 27 7.75 -50.06 48.44
C ALA U 27 6.59 -51.04 48.40
N MET U 28 6.84 -52.23 47.87
CA MET U 28 5.89 -53.37 48.02
C MET U 28 5.51 -53.67 49.45
N LYS U 29 6.45 -53.53 50.40
CA LYS U 29 6.13 -53.74 51.81
C LYS U 29 5.13 -52.72 52.33
N ALA U 30 5.21 -51.47 51.85
CA ALA U 30 4.18 -50.47 52.22
C ALA U 30 2.75 -50.86 51.76
N VAL U 31 2.66 -51.55 50.63
CA VAL U 31 1.36 -52.01 50.14
C VAL U 31 0.95 -53.15 51.04
N GLU U 32 1.87 -54.06 51.29
CA GLU U 32 1.51 -55.19 52.16
C GLU U 32 1.19 -54.87 53.64
N ASN U 33 1.53 -53.66 54.13
CA ASN U 33 1.04 -53.16 55.44
C ASN U 33 -0.37 -52.49 55.44
N SER U 34 -0.88 -52.23 54.26
CA SER U 34 -2.18 -51.64 54.06
C SER U 34 -3.33 -52.66 54.23
N SER U 35 -4.52 -52.22 54.64
CA SER U 35 -5.69 -53.09 54.66
C SER U 35 -6.13 -53.49 53.25
N THR U 36 -7.00 -54.51 53.16
CA THR U 36 -7.12 -55.27 51.94
C THR U 36 -8.18 -54.65 50.99
N ALA U 37 -7.86 -54.64 49.71
CA ALA U 37 -8.83 -54.28 48.66
C ALA U 37 -8.94 -55.47 47.72
N ILE U 38 -10.12 -55.70 47.14
CA ILE U 38 -10.27 -56.76 46.16
C ILE U 38 -11.10 -56.31 44.93
N GLY U 39 -10.83 -56.96 43.80
CA GLY U 39 -11.62 -56.79 42.64
C GLY U 39 -12.02 -58.15 42.12
N ILE U 40 -13.24 -58.23 41.60
CA ILE U 40 -13.72 -59.41 40.99
C ILE U 40 -14.40 -59.03 39.66
N ARG U 41 -13.91 -59.64 38.59
CA ARG U 41 -14.53 -59.59 37.27
C ARG U 41 -15.57 -60.69 37.15
N CYS U 42 -16.71 -60.38 36.55
CA CYS U 42 -17.72 -61.41 36.33
C CYS U 42 -18.38 -61.30 34.96
N LYS U 43 -19.55 -61.95 34.83
CA LYS U 43 -20.23 -62.13 33.55
C LYS U 43 -20.48 -60.78 32.91
N ASP U 44 -20.93 -59.80 33.68
CA ASP U 44 -21.42 -58.55 33.15
C ASP U 44 -20.79 -57.26 33.77
N GLY U 45 -19.58 -57.37 34.33
CA GLY U 45 -18.90 -56.23 34.90
C GLY U 45 -17.84 -56.54 35.97
N VAL U 46 -17.45 -55.51 36.68
CA VAL U 46 -16.38 -55.62 37.71
C VAL U 46 -16.88 -54.97 38.99
N VAL U 47 -16.58 -55.60 40.11
CA VAL U 47 -16.93 -55.07 41.44
C VAL U 47 -15.65 -54.96 42.29
N PHE U 48 -15.54 -53.84 43.02
CA PHE U 48 -14.43 -53.57 43.91
C PHE U 48 -14.96 -53.45 45.30
N GLY U 49 -14.21 -53.96 46.25
CA GLY U 49 -14.47 -53.75 47.68
C GLY U 49 -13.19 -53.42 48.43
N VAL U 50 -13.29 -52.56 49.44
CA VAL U 50 -12.12 -52.19 50.28
C VAL U 50 -12.47 -52.22 51.75
N GLU U 51 -11.60 -52.86 52.51
CA GLU U 51 -11.66 -52.85 53.95
C GLU U 51 -11.02 -51.52 54.32
N LYS U 52 -11.83 -50.55 54.71
CA LYS U 52 -11.30 -49.25 54.97
C LYS U 52 -11.26 -49.07 56.49
N LEU U 53 -10.06 -49.13 57.08
CA LEU U 53 -9.91 -49.07 58.54
C LEU U 53 -10.28 -47.68 59.00
N VAL U 54 -11.00 -47.60 60.11
CA VAL U 54 -11.32 -46.28 60.66
C VAL U 54 -10.39 -46.08 61.87
N LEU U 55 -9.47 -45.13 61.73
CA LEU U 55 -8.42 -44.94 62.71
C LEU U 55 -8.91 -44.03 63.79
N SER U 56 -9.92 -43.23 63.49
CA SER U 56 -10.57 -42.43 64.50
C SER U 56 -12.04 -42.28 64.18
N LYS U 57 -12.85 -42.28 65.23
CA LYS U 57 -14.29 -42.01 65.12
C LYS U 57 -14.57 -40.54 64.79
N LEU U 58 -13.57 -39.67 64.85
CA LEU U 58 -13.69 -38.27 64.45
C LEU U 58 -13.77 -38.02 62.94
N TYR U 59 -13.36 -38.98 62.11
CA TYR U 59 -13.48 -38.89 60.65
C TYR U 59 -14.92 -39.10 60.16
N GLU U 60 -15.31 -38.38 59.08
CA GLU U 60 -16.59 -38.61 58.39
C GLU U 60 -16.61 -39.95 57.71
N GLU U 61 -17.79 -40.56 57.58
CA GLU U 61 -18.04 -41.62 56.56
C GLU U 61 -17.59 -41.15 55.18
N GLY U 62 -16.85 -41.97 54.46
CA GLY U 62 -16.30 -41.58 53.14
C GLY U 62 -14.94 -40.91 53.16
N SER U 63 -14.49 -40.36 54.28
CA SER U 63 -13.10 -39.83 54.33
C SER U 63 -12.08 -40.86 53.81
N ASN U 64 -11.00 -40.39 53.20
CA ASN U 64 -9.95 -41.30 52.70
C ASN U 64 -10.45 -42.43 51.83
N LYS U 65 -11.32 -42.11 50.87
CA LYS U 65 -11.75 -43.03 49.84
C LYS U 65 -10.55 -43.72 49.21
N ARG U 66 -10.66 -45.04 48.99
CA ARG U 66 -9.66 -45.80 48.28
C ARG U 66 -10.20 -46.30 46.94
N LEU U 67 -11.41 -45.86 46.58
CA LEU U 67 -11.99 -46.15 45.26
C LEU U 67 -12.17 -44.85 44.50
N PHE U 68 -11.64 -44.77 43.29
CA PHE U 68 -11.66 -43.55 42.44
C PHE U 68 -12.29 -43.76 41.07
N ASN U 69 -12.91 -42.73 40.51
CA ASN U 69 -13.28 -42.75 39.10
C ASN U 69 -12.10 -42.15 38.38
N VAL U 70 -11.48 -42.91 37.47
CA VAL U 70 -10.44 -42.32 36.65
C VAL U 70 -10.86 -41.97 35.21
N ASP U 71 -11.90 -42.62 34.70
CA ASP U 71 -12.65 -42.11 33.54
C ASP U 71 -14.09 -42.50 33.79
N ARG U 72 -15.02 -42.06 32.93
CA ARG U 72 -16.43 -42.31 33.24
C ARG U 72 -16.72 -43.82 33.25
N HIS U 73 -15.93 -44.56 32.50
CA HIS U 73 -16.02 -46.01 32.40
C HIS U 73 -14.98 -46.79 33.20
N VAL U 74 -14.13 -46.14 34.00
CA VAL U 74 -12.99 -46.81 34.64
C VAL U 74 -12.90 -46.45 36.10
N GLY U 75 -12.86 -47.48 36.93
CA GLY U 75 -12.70 -47.34 38.37
C GLY U 75 -11.33 -47.81 38.79
N MET U 76 -10.86 -47.24 39.90
CA MET U 76 -9.54 -47.56 40.39
C MET U 76 -9.66 -47.87 41.90
N ALA U 77 -9.07 -48.99 42.32
CA ALA U 77 -9.06 -49.41 43.73
C ALA U 77 -7.61 -49.55 44.18
N VAL U 78 -7.29 -48.99 45.35
CA VAL U 78 -5.89 -48.80 45.72
C VAL U 78 -5.56 -49.38 47.10
N ALA U 79 -4.28 -49.62 47.32
CA ALA U 79 -3.73 -49.95 48.63
C ALA U 79 -2.32 -49.43 48.69
N GLY U 80 -1.85 -49.11 49.90
CA GLY U 80 -0.49 -48.61 50.11
C GLY U 80 -0.57 -47.16 50.51
N LEU U 81 0.49 -46.42 50.27
CA LEU U 81 0.56 -45.03 50.74
C LEU U 81 -0.42 -44.17 49.93
N LEU U 82 -1.37 -43.55 50.61
CA LEU U 82 -2.55 -43.05 49.96
C LEU U 82 -2.23 -41.82 49.10
N ALA U 83 -1.34 -40.95 49.56
CA ALA U 83 -0.90 -39.79 48.76
C ALA U 83 -0.25 -40.24 47.44
N ASP U 84 0.51 -41.35 47.47
CA ASP U 84 1.06 -41.91 46.24
C ASP U 84 -0.10 -42.42 45.37
N ALA U 85 -1.08 -43.09 45.94
CA ALA U 85 -2.21 -43.64 45.17
C ALA U 85 -3.02 -42.49 44.51
N ARG U 86 -3.29 -41.39 45.25
CA ARG U 86 -4.05 -40.29 44.70
C ARG U 86 -3.36 -39.62 43.52
N SER U 87 -2.04 -39.56 43.62
CA SER U 87 -1.26 -39.00 42.55
C SER U 87 -1.31 -39.91 41.30
N LEU U 88 -1.27 -41.23 41.51
CA LEU U 88 -1.45 -42.18 40.39
C LEU U 88 -2.83 -42.13 39.77
N ALA U 89 -3.84 -41.87 40.58
CA ALA U 89 -5.17 -41.65 40.08
C ALA U 89 -5.20 -40.38 39.19
N ASP U 90 -4.46 -39.34 39.57
CA ASP U 90 -4.38 -38.16 38.68
C ASP U 90 -3.65 -38.45 37.37
N ILE U 91 -2.59 -39.26 37.43
CA ILE U 91 -1.87 -39.65 36.22
C ILE U 91 -2.89 -40.42 35.30
N ALA U 92 -3.61 -41.37 35.88
CA ALA U 92 -4.55 -42.17 35.16
C ALA U 92 -5.61 -41.28 34.50
N ARG U 93 -6.15 -40.33 35.25
CA ARG U 93 -7.13 -39.39 34.73
C ARG U 93 -6.65 -38.64 33.54
N GLU U 94 -5.45 -38.09 33.67
CA GLU U 94 -4.82 -37.33 32.63
C GLU U 94 -4.60 -38.18 31.39
N GLU U 95 -4.17 -39.40 31.59
CA GLU U 95 -3.93 -40.30 30.48
C GLU U 95 -5.19 -40.62 29.71
N ALA U 96 -6.29 -40.79 30.44
CA ALA U 96 -7.57 -41.09 29.83
C ALA U 96 -8.08 -39.85 29.07
N SER U 97 -7.90 -38.66 29.65
CA SER U 97 -8.33 -37.41 29.06
C SER U 97 -7.58 -37.09 27.77
N ASN U 98 -6.26 -37.23 27.78
CA ASN U 98 -5.44 -37.01 26.57
C ASN U 98 -5.73 -38.05 25.47
N PHE U 99 -6.03 -39.26 25.87
CA PHE U 99 -6.32 -40.32 24.90
C PHE U 99 -7.59 -39.97 24.10
N ARG U 100 -8.64 -39.53 24.79
CA ARG U 100 -9.84 -39.02 24.15
C ARG U 100 -9.56 -37.82 23.23
N SER U 101 -8.81 -36.83 23.70
CA SER U 101 -8.47 -35.67 22.89
C SER U 101 -7.68 -36.00 21.60
N ASN U 102 -6.74 -36.94 21.67
CA ASN U 102 -5.89 -37.25 20.53
C ASN U 102 -6.57 -38.24 19.56
N PHE U 103 -7.27 -39.21 20.09
CA PHE U 103 -7.80 -40.34 19.29
C PHE U 103 -9.31 -40.36 19.12
N GLY U 104 -10.04 -39.59 19.91
CA GLY U 104 -11.47 -39.37 19.73
C GLY U 104 -12.36 -40.47 20.28
N TYR U 105 -11.89 -41.30 21.18
CA TYR U 105 -12.78 -42.31 21.80
C TYR U 105 -12.27 -42.70 23.20
N ASN U 106 -13.13 -43.39 23.96
CA ASN U 106 -12.79 -43.80 25.31
C ASN U 106 -11.61 -44.72 25.35
N ILE U 107 -10.64 -44.43 26.22
CA ILE U 107 -9.44 -45.26 26.31
C ILE U 107 -9.78 -46.69 26.68
N PRO U 108 -9.21 -47.65 25.96
CA PRO U 108 -9.42 -49.04 26.34
C PRO U 108 -8.65 -49.33 27.60
N LEU U 109 -9.25 -50.15 28.43
CA LEU U 109 -8.77 -50.42 29.74
C LEU U 109 -7.34 -50.93 29.71
N LYS U 110 -7.08 -51.88 28.82
CA LYS U 110 -5.75 -52.46 28.75
C LYS U 110 -4.68 -51.42 28.44
N HIS U 111 -4.95 -50.57 27.45
CA HIS U 111 -4.06 -49.49 27.11
C HIS U 111 -3.86 -48.53 28.31
N LEU U 112 -4.92 -48.20 29.04
CA LEU U 112 -4.78 -47.29 30.17
C LEU U 112 -3.86 -47.94 31.23
N ALA U 113 -4.15 -49.22 31.54
CA ALA U 113 -3.30 -49.98 32.44
C ALA U 113 -1.87 -49.98 32.01
N ASP U 114 -1.60 -50.28 30.75
CA ASP U 114 -0.21 -50.34 30.29
C ASP U 114 0.47 -48.98 30.40
N ARG U 115 -0.24 -47.89 30.08
CA ARG U 115 0.37 -46.55 30.12
C ARG U 115 0.71 -46.12 31.53
N VAL U 116 -0.23 -46.24 32.43
CA VAL U 116 0.02 -45.87 33.82
C VAL U 116 1.14 -46.80 34.41
N ALA U 117 1.11 -48.08 34.03
CA ALA U 117 2.19 -49.01 34.46
C ALA U 117 3.58 -48.58 34.02
N MET U 118 3.69 -48.02 32.83
CA MET U 118 4.98 -47.55 32.37
C MET U 118 5.46 -46.32 33.11
N TYR U 119 4.49 -45.52 33.56
CA TYR U 119 4.77 -44.41 34.45
C TYR U 119 5.31 -44.89 35.85
N VAL U 120 4.60 -45.84 36.48
CA VAL U 120 5.04 -46.46 37.72
C VAL U 120 6.44 -47.06 37.52
N HIS U 121 6.64 -47.75 36.40
CA HIS U 121 7.93 -48.33 36.07
C HIS U 121 9.08 -47.36 35.99
N ALA U 122 8.83 -46.19 35.41
CA ALA U 122 9.84 -45.14 35.31
C ALA U 122 10.36 -44.67 36.67
N TYR U 123 9.60 -44.88 37.75
CA TYR U 123 10.08 -44.54 39.08
C TYR U 123 10.86 -45.68 39.78
N THR U 124 11.31 -46.70 39.02
CA THR U 124 12.04 -47.83 39.58
C THR U 124 13.46 -47.98 39.01
N LEU U 125 13.92 -46.98 38.29
CA LEU U 125 15.22 -46.99 37.61
C LEU U 125 16.25 -46.02 38.19
N TYR U 126 15.85 -45.07 39.04
CA TYR U 126 16.73 -43.88 39.30
C TYR U 126 17.01 -43.55 40.78
N SER U 127 18.19 -42.99 41.08
CA SER U 127 18.41 -42.41 42.40
C SER U 127 17.63 -41.11 42.55
N ALA U 128 17.28 -40.45 41.44
CA ALA U 128 16.59 -39.18 41.49
C ALA U 128 15.17 -39.24 42.05
N VAL U 129 14.51 -40.40 42.02
CA VAL U 129 13.14 -40.49 42.50
C VAL U 129 12.97 -41.86 43.21
N ARG U 130 11.90 -42.02 44.00
CA ARG U 130 11.58 -43.26 44.60
C ARG U 130 10.36 -43.95 44.00
N PRO U 131 10.28 -45.28 44.15
CA PRO U 131 9.12 -46.03 43.67
C PRO U 131 7.85 -45.64 44.39
N PHE U 132 6.71 -45.70 43.71
CA PHE U 132 5.40 -45.49 44.33
C PHE U 132 5.16 -46.55 45.36
N GLY U 133 4.57 -46.19 46.50
CA GLY U 133 4.26 -47.16 47.55
C GLY U 133 2.83 -47.64 47.45
N CYS U 134 2.41 -48.05 46.25
CA CYS U 134 1.01 -48.41 46.04
CA CYS U 134 0.99 -48.30 45.92
C CYS U 134 0.86 -49.45 44.95
N SER U 135 -0.16 -50.28 45.13
CA SER U 135 -0.65 -51.16 44.07
C SER U 135 -2.08 -50.74 43.85
N PHE U 136 -2.55 -50.97 42.62
CA PHE U 136 -3.91 -50.56 42.30
C PHE U 136 -4.54 -51.44 41.25
N MET U 137 -5.86 -51.52 41.32
CA MET U 137 -6.64 -52.21 40.33
C MET U 137 -7.41 -51.20 39.47
N LEU U 138 -7.57 -51.52 38.18
CA LEU U 138 -8.42 -50.77 37.25
C LEU U 138 -9.52 -51.71 36.67
N GLY U 139 -10.76 -51.24 36.68
CA GLY U 139 -11.90 -52.02 36.26
C GLY U 139 -12.75 -51.24 35.27
N SER U 140 -13.16 -51.89 34.19
CA SER U 140 -14.19 -51.34 33.32
C SER U 140 -15.07 -52.43 32.63
N TYR U 141 -16.14 -51.92 32.01
CA TYR U 141 -17.02 -52.67 31.24
C TYR U 141 -17.45 -51.88 30.01
N SER U 142 -17.54 -52.56 28.88
CA SER U 142 -18.27 -52.03 27.70
C SER U 142 -18.87 -53.20 26.97
N VAL U 143 -19.78 -52.89 26.06
CA VAL U 143 -20.40 -53.97 25.28
C VAL U 143 -19.35 -54.55 24.34
N ASN U 144 -18.59 -53.70 23.66
CA ASN U 144 -17.51 -54.15 22.77
C ASN U 144 -16.35 -54.94 23.39
N ASP U 145 -15.84 -54.50 24.55
CA ASP U 145 -14.66 -55.15 25.19
C ASP U 145 -14.99 -56.12 26.34
N GLY U 146 -16.24 -56.15 26.78
CA GLY U 146 -16.62 -56.92 27.95
C GLY U 146 -16.07 -56.33 29.24
N ALA U 147 -15.98 -57.19 30.25
CA ALA U 147 -15.51 -56.83 31.57
C ALA U 147 -14.00 -56.97 31.61
N GLN U 148 -13.32 -55.99 32.17
CA GLN U 148 -11.88 -56.09 32.39
C GLN U 148 -11.39 -55.53 33.72
N LEU U 149 -10.44 -56.28 34.31
CA LEU U 149 -9.87 -56.01 35.61
C LEU U 149 -8.36 -56.19 35.46
N TYR U 150 -7.61 -55.11 35.70
CA TYR U 150 -6.13 -55.14 35.70
C TYR U 150 -5.58 -54.75 37.05
N MET U 151 -4.36 -55.18 37.31
CA MET U 151 -3.70 -54.84 38.55
C MET U 151 -2.27 -54.49 38.28
N ILE U 152 -1.84 -53.40 38.92
CA ILE U 152 -0.52 -52.89 38.75
C ILE U 152 0.15 -52.75 40.13
N ASP U 153 1.42 -53.15 40.22
CA ASP U 153 2.21 -53.07 41.47
C ASP U 153 3.36 -52.07 41.35
N PRO U 154 4.09 -51.83 42.47
CA PRO U 154 5.14 -50.79 42.47
C PRO U 154 6.29 -51.07 41.53
N SER U 155 6.46 -52.30 41.03
CA SER U 155 7.52 -52.50 40.04
C SER U 155 7.07 -52.01 38.65
N GLY U 156 5.78 -51.77 38.47
CA GLY U 156 5.23 -51.42 37.13
C GLY U 156 4.67 -52.59 36.32
N VAL U 157 4.60 -53.78 36.93
CA VAL U 157 4.02 -54.97 36.24
C VAL U 157 2.47 -54.86 36.25
N SER U 158 1.88 -55.27 35.14
CA SER U 158 0.48 -55.11 34.87
C SER U 158 -0.09 -56.41 34.26
N TYR U 159 -1.08 -57.02 34.90
CA TYR U 159 -1.74 -58.21 34.33
C TYR U 159 -3.24 -58.01 34.47
N GLY U 160 -3.98 -58.73 33.63
CA GLY U 160 -5.42 -58.87 33.76
C GLY U 160 -5.88 -60.11 34.53
N TYR U 161 -6.99 -59.97 35.27
CA TYR U 161 -7.40 -60.92 36.28
C TYR U 161 -8.88 -61.21 36.20
N TRP U 162 -9.23 -62.43 36.65
CA TRP U 162 -10.60 -62.75 37.02
C TRP U 162 -10.96 -62.27 38.42
N GLY U 163 -9.99 -62.39 39.32
CA GLY U 163 -10.14 -61.91 40.70
C GLY U 163 -8.80 -61.50 41.24
N CYS U 164 -8.78 -60.54 42.16
CA CYS U 164 -7.52 -59.96 42.58
C CYS U 164 -7.64 -59.37 43.95
N ALA U 165 -6.54 -59.39 44.68
CA ALA U 165 -6.50 -58.79 46.00
C ALA U 165 -5.12 -58.20 46.26
N ILE U 166 -5.13 -57.11 47.00
CA ILE U 166 -3.91 -56.39 47.36
C ILE U 166 -4.02 -55.95 48.82
N GLY U 167 -2.88 -55.80 49.46
CA GLY U 167 -2.87 -55.42 50.87
C GLY U 167 -2.51 -56.61 51.76
N LYS U 168 -2.69 -56.43 53.06
CA LYS U 168 -2.11 -57.35 54.07
C LYS U 168 -2.76 -58.72 54.15
N ALA U 169 -4.02 -58.85 53.77
CA ALA U 169 -4.69 -60.17 53.79
C ALA U 169 -4.94 -60.69 52.35
N ARG U 170 -3.97 -60.39 51.50
CA ARG U 170 -3.99 -60.70 50.07
C ARG U 170 -4.23 -62.21 49.81
N GLN U 171 -3.37 -63.04 50.39
CA GLN U 171 -3.45 -64.52 50.25
C GLN U 171 -4.74 -65.13 50.77
N ALA U 172 -5.14 -64.74 51.97
CA ALA U 172 -6.44 -65.17 52.49
C ALA U 172 -7.62 -64.78 51.58
N ALA U 173 -7.58 -63.57 51.04
CA ALA U 173 -8.62 -63.11 50.14
C ALA U 173 -8.66 -63.94 48.85
N LYS U 174 -7.50 -64.16 48.22
CA LYS U 174 -7.40 -64.93 47.00
C LYS U 174 -8.02 -66.32 47.16
N THR U 175 -7.71 -67.00 48.27
CA THR U 175 -8.24 -68.35 48.47
C THR U 175 -9.77 -68.34 48.57
N GLU U 176 -10.37 -67.32 49.18
CA GLU U 176 -11.85 -67.20 49.18
C GLU U 176 -12.41 -66.91 47.79
N ILE U 177 -11.74 -66.03 47.04
CA ILE U 177 -12.14 -65.62 45.69
C ILE U 177 -12.12 -66.83 44.75
N GLU U 178 -11.07 -67.66 44.86
CA GLU U 178 -10.97 -68.95 44.17
C GLU U 178 -12.17 -69.89 44.34
N LYS U 179 -12.92 -69.77 45.42
CA LYS U 179 -14.14 -70.54 45.59
C LYS U 179 -15.29 -70.12 44.71
N LEU U 180 -15.26 -68.93 44.12
CA LEU U 180 -16.37 -68.46 43.30
C LEU U 180 -16.21 -68.88 41.86
N GLN U 181 -17.35 -69.16 41.21
CA GLN U 181 -17.40 -69.35 39.77
C GLN U 181 -17.82 -68.01 39.16
N MET U 182 -16.91 -67.04 39.22
CA MET U 182 -17.28 -65.65 38.89
C MET U 182 -17.68 -65.45 37.44
N LYS U 183 -17.17 -66.25 36.51
CA LYS U 183 -17.52 -66.19 35.06
C LYS U 183 -19.00 -66.27 34.77
N GLU U 184 -19.75 -66.93 35.64
CA GLU U 184 -21.18 -67.12 35.47
C GLU U 184 -22.04 -66.23 36.35
N MET U 185 -21.47 -65.41 37.22
CA MET U 185 -22.26 -64.64 38.17
C MET U 185 -22.39 -63.20 37.66
N THR U 186 -23.38 -62.48 38.20
CA THR U 186 -23.62 -61.09 37.86
C THR U 186 -23.03 -60.17 38.96
N CYS U 187 -22.87 -58.91 38.61
CA CYS U 187 -22.47 -57.91 39.56
C CYS U 187 -23.37 -57.88 40.79
N ARG U 188 -24.69 -58.02 40.63
CA ARG U 188 -25.63 -57.96 41.78
C ARG U 188 -25.36 -59.11 42.76
N ASP U 189 -24.96 -60.28 42.25
CA ASP U 189 -24.54 -61.43 43.07
C ASP U 189 -23.15 -61.22 43.71
N ILE U 190 -22.23 -60.68 42.89
CA ILE U 190 -20.82 -60.58 43.28
C ILE U 190 -20.61 -59.57 44.41
N VAL U 191 -21.34 -58.47 44.45
CA VAL U 191 -21.15 -57.49 45.59
C VAL U 191 -21.27 -58.19 46.94
N LYS U 192 -22.25 -59.07 47.03
CA LYS U 192 -22.50 -59.79 48.27
C LYS U 192 -21.27 -60.62 48.63
N GLU U 193 -20.70 -61.28 47.62
CA GLU U 193 -19.49 -62.10 47.80
C GLU U 193 -18.21 -61.29 48.10
N VAL U 194 -18.13 -60.06 47.55
CA VAL U 194 -17.03 -59.15 47.86
C VAL U 194 -17.12 -58.74 49.33
N ALA U 195 -18.30 -58.33 49.78
CA ALA U 195 -18.50 -57.98 51.17
C ALA U 195 -18.21 -59.15 52.07
N LYS U 196 -18.65 -60.33 51.67
CA LYS U 196 -18.41 -61.54 52.48
C LYS U 196 -16.90 -61.79 52.67
N ILE U 197 -16.15 -61.74 51.57
CA ILE U 197 -14.70 -61.96 51.62
C ILE U 197 -13.94 -60.93 52.44
N ILE U 198 -14.36 -59.67 52.36
CA ILE U 198 -13.74 -58.60 53.21
C ILE U 198 -13.99 -58.97 54.70
N TYR U 199 -15.21 -59.33 55.06
CA TYR U 199 -15.50 -59.74 56.45
C TYR U 199 -14.70 -60.96 56.95
N ILE U 200 -14.44 -61.90 56.07
CA ILE U 200 -13.65 -63.08 56.43
C ILE U 200 -12.22 -62.68 56.74
N VAL U 201 -11.61 -61.93 55.84
CA VAL U 201 -10.18 -61.62 55.98
C VAL U 201 -9.85 -60.55 56.99
N HIS U 202 -10.83 -59.74 57.37
CA HIS U 202 -10.70 -58.73 58.40
C HIS U 202 -10.35 -59.38 59.72
N ASP U 203 -9.32 -58.85 60.37
CA ASP U 203 -8.89 -59.29 61.67
C ASP U 203 -9.54 -58.37 62.72
N GLU U 204 -10.69 -58.81 63.26
CA GLU U 204 -11.52 -57.99 64.18
C GLU U 204 -10.86 -57.76 65.54
N VAL U 205 -10.01 -58.70 65.97
CA VAL U 205 -9.16 -58.48 67.13
C VAL U 205 -8.11 -57.37 66.82
N LYS U 206 -7.17 -57.63 65.92
CA LYS U 206 -6.07 -56.69 65.60
C LYS U 206 -6.62 -55.79 64.51
N ASP U 207 -7.02 -54.58 64.91
CA ASP U 207 -7.81 -53.59 64.10
C ASP U 207 -9.36 -53.78 64.19
N LYS U 208 -9.93 -53.21 65.25
CA LYS U 208 -11.38 -53.01 65.36
C LYS U 208 -11.70 -51.77 64.50
N ALA U 209 -12.82 -51.86 63.78
CA ALA U 209 -13.51 -50.76 63.10
C ALA U 209 -13.06 -50.50 61.67
N PHE U 210 -13.94 -50.91 60.75
CA PHE U 210 -13.78 -50.59 59.34
C PHE U 210 -15.09 -50.18 58.68
N GLU U 211 -14.99 -49.45 57.57
CA GLU U 211 -16.11 -49.17 56.69
C GLU U 211 -15.84 -50.05 55.50
N LEU U 212 -16.90 -50.65 54.99
CA LEU U 212 -16.81 -51.28 53.71
C LEU U 212 -17.03 -50.24 52.59
N GLU U 213 -16.15 -50.25 51.60
CA GLU U 213 -16.32 -49.40 50.46
C GLU U 213 -16.54 -50.28 49.25
N LEU U 214 -17.57 -49.99 48.47
CA LEU U 214 -17.97 -50.81 47.31
C LEU U 214 -18.30 -49.97 46.06
N SER U 215 -17.77 -50.38 44.92
CA SER U 215 -18.05 -49.73 43.64
C SER U 215 -18.15 -50.80 42.58
N TRP U 216 -18.78 -50.44 41.47
CA TRP U 216 -18.87 -51.31 40.34
C TRP U 216 -19.02 -50.65 39.00
N VAL U 217 -18.80 -51.46 37.96
CA VAL U 217 -18.97 -51.00 36.61
C VAL U 217 -19.40 -52.19 35.80
N GLY U 218 -20.55 -52.09 35.14
CA GLY U 218 -21.08 -53.24 34.40
C GLY U 218 -22.27 -52.90 33.52
N GLU U 219 -22.85 -53.91 32.87
CA GLU U 219 -24.10 -53.71 32.13
C GLU U 219 -25.11 -52.93 32.96
N LEU U 220 -25.23 -53.24 34.24
CA LEU U 220 -26.23 -52.61 35.09
C LEU U 220 -26.01 -51.11 35.35
N THR U 221 -24.78 -50.60 35.14
CA THR U 221 -24.51 -49.17 35.28
C THR U 221 -24.28 -48.55 33.92
N ASN U 222 -24.53 -49.34 32.88
CA ASN U 222 -24.34 -48.96 31.50
C ASN U 222 -22.90 -48.53 31.22
N GLY U 223 -21.93 -49.29 31.72
CA GLY U 223 -20.53 -49.01 31.48
C GLY U 223 -19.97 -47.81 32.23
N ARG U 224 -20.72 -47.23 33.16
CA ARG U 224 -20.25 -46.15 34.01
C ARG U 224 -19.74 -46.73 35.36
N HIS U 225 -18.56 -46.29 35.84
CA HIS U 225 -18.06 -46.72 37.16
C HIS U 225 -18.73 -45.86 38.22
N GLU U 226 -19.33 -46.47 39.22
CA GLU U 226 -20.19 -45.80 40.21
C GLU U 226 -20.00 -46.43 41.59
N ILE U 227 -20.30 -45.67 42.66
CA ILE U 227 -20.40 -46.28 43.99
C ILE U 227 -21.58 -47.27 43.93
N VAL U 228 -21.49 -48.36 44.70
CA VAL U 228 -22.63 -49.24 44.86
C VAL U 228 -23.65 -48.46 45.69
N PRO U 229 -24.92 -48.43 45.25
CA PRO U 229 -25.89 -47.65 46.05
C PRO U 229 -25.98 -48.15 47.50
N LYS U 230 -26.30 -47.24 48.40
CA LYS U 230 -26.32 -47.48 49.85
C LYS U 230 -27.18 -48.67 50.27
N ASP U 231 -28.42 -48.77 49.76
CA ASP U 231 -29.30 -49.90 50.13
C ASP U 231 -28.69 -51.27 49.76
N ILE U 232 -28.13 -51.37 48.56
CA ILE U 232 -27.43 -52.58 48.15
C ILE U 232 -26.17 -52.87 48.99
N ARG U 233 -25.41 -51.84 49.37
CA ARG U 233 -24.24 -52.05 50.22
C ARG U 233 -24.65 -52.63 51.55
N GLU U 234 -25.72 -52.10 52.14
CA GLU U 234 -26.14 -52.52 53.48
C GLU U 234 -26.65 -53.96 53.49
N GLU U 235 -27.40 -54.35 52.46
CA GLU U 235 -27.78 -55.76 52.25
C GLU U 235 -26.57 -56.66 52.08
N ALA U 236 -25.53 -56.19 51.38
CA ALA U 236 -24.30 -57.00 51.21
C ALA U 236 -23.56 -57.15 52.54
N GLU U 237 -23.50 -56.07 53.32
CA GLU U 237 -22.89 -56.09 54.65
C GLU U 237 -23.59 -57.08 55.56
N LYS U 238 -24.91 -56.95 55.59
CA LYS U 238 -25.76 -57.82 56.39
C LYS U 238 -25.58 -59.31 56.00
N TYR U 239 -25.56 -59.59 54.70
CA TYR U 239 -25.26 -60.91 54.17
C TYR U 239 -23.89 -61.41 54.62
N ALA U 240 -22.89 -60.55 54.54
CA ALA U 240 -21.51 -60.87 54.99
C ALA U 240 -21.42 -61.17 56.48
N LYS U 241 -22.09 -60.33 57.28
CA LYS U 241 -22.07 -60.39 58.75
C LYS U 241 -22.73 -61.71 59.19
N GLU U 242 -23.96 -61.94 58.74
CA GLU U 242 -24.70 -63.17 59.04
C GLU U 242 -23.97 -64.43 58.50
N SER U 243 -23.29 -64.31 57.37
CA SER U 243 -22.49 -65.43 56.83
C SER U 243 -21.33 -65.79 57.76
N LEU U 244 -20.77 -64.79 58.42
CA LEU U 244 -19.70 -64.95 59.41
C LEU U 244 -20.13 -65.65 60.70
N LYS U 245 -21.36 -65.40 61.19
CA LYS U 245 -21.88 -66.03 62.45
C LYS U 245 -22.67 -67.32 62.18
N SER V 2 43.08 -57.57 42.13
CA SER V 2 42.35 -58.37 41.07
C SER V 2 41.92 -59.76 41.57
N ARG V 3 41.11 -60.44 40.75
CA ARG V 3 40.31 -61.66 41.08
C ARG V 3 39.19 -61.40 42.13
N GLY V 4 38.08 -60.78 41.69
CA GLY V 4 36.98 -60.35 42.57
C GLY V 4 37.24 -59.14 43.49
N SER V 5 38.23 -58.31 43.18
CA SER V 5 38.48 -57.11 43.97
C SER V 5 37.47 -55.96 43.70
N SER V 6 37.44 -55.04 44.65
CA SER V 6 36.50 -53.94 44.63
C SER V 6 37.07 -52.75 45.39
N ALA V 7 36.94 -51.56 44.80
CA ALA V 7 37.25 -50.29 45.45
C ALA V 7 36.07 -49.33 45.27
N GLY V 8 35.85 -48.51 46.31
CA GLY V 8 34.97 -47.36 46.25
C GLY V 8 33.57 -47.80 46.00
N PHE V 9 32.93 -47.18 45.00
CA PHE V 9 31.53 -47.45 44.72
C PHE V 9 31.26 -48.41 43.53
N ASP V 10 32.24 -49.22 43.18
CA ASP V 10 32.15 -50.07 41.99
C ASP V 10 31.18 -51.25 42.06
N ARG V 11 30.56 -51.50 43.22
CA ARG V 11 29.44 -52.45 43.28
C ARG V 11 28.07 -51.78 43.33
N HIS V 12 28.03 -50.46 43.44
CA HIS V 12 26.78 -49.69 43.49
C HIS V 12 26.36 -49.01 42.18
N ILE V 13 27.35 -48.56 41.40
CA ILE V 13 27.15 -47.85 40.17
C ILE V 13 28.08 -48.39 39.12
N THR V 14 27.84 -48.00 37.86
CA THR V 14 28.58 -48.51 36.73
C THR V 14 29.90 -47.79 36.49
N ILE V 15 30.81 -47.99 37.43
CA ILE V 15 32.22 -47.58 37.25
C ILE V 15 33.00 -48.88 37.24
N PHE V 16 34.22 -48.79 36.68
CA PHE V 16 35.09 -49.93 36.56
C PHE V 16 35.61 -50.37 37.93
N SER V 17 35.66 -51.68 38.13
CA SER V 17 36.35 -52.31 39.27
C SER V 17 37.81 -52.40 38.89
N PRO V 18 38.69 -52.78 39.86
CA PRO V 18 40.13 -52.85 39.53
C PRO V 18 40.54 -53.87 38.47
N GLU V 19 39.69 -54.86 38.21
CA GLU V 19 39.92 -55.75 37.06
C GLU V 19 39.33 -55.23 35.75
N GLY V 20 38.63 -54.10 35.78
CA GLY V 20 37.95 -53.60 34.59
C GLY V 20 36.58 -54.20 34.34
N ARG V 21 35.92 -54.67 35.40
CA ARG V 21 34.56 -55.17 35.35
C ARG V 21 33.53 -54.13 35.75
N LEU V 22 32.29 -54.39 35.36
CA LEU V 22 31.13 -53.61 35.74
C LEU V 22 30.21 -54.54 36.52
N TYR V 23 30.40 -54.59 37.85
CA TYR V 23 29.56 -55.42 38.69
C TYR V 23 28.05 -55.18 38.52
N GLN V 24 27.63 -53.91 38.37
CA GLN V 24 26.20 -53.60 38.23
C GLN V 24 25.59 -54.22 36.97
N VAL V 25 26.38 -54.30 35.92
CA VAL V 25 25.97 -54.98 34.69
C VAL V 25 25.87 -56.48 34.94
N GLU V 26 26.87 -57.04 35.59
CA GLU V 26 26.84 -58.48 35.93
C GLU V 26 25.61 -58.78 36.79
N TYR V 27 25.27 -57.89 37.71
CA TYR V 27 24.10 -58.11 38.55
C TYR V 27 22.75 -58.05 37.78
N ALA V 28 22.71 -57.26 36.70
CA ALA V 28 21.54 -57.18 35.86
C ALA V 28 21.28 -58.53 35.16
N PHE V 29 22.35 -59.29 34.86
CA PHE V 29 22.18 -60.63 34.32
C PHE V 29 21.55 -61.56 35.35
N LYS V 30 21.92 -61.44 36.62
CA LYS V 30 21.29 -62.22 37.67
C LYS V 30 19.83 -61.86 37.78
N ALA V 31 19.51 -60.57 37.67
CA ALA V 31 18.12 -60.12 37.69
C ALA V 31 17.24 -60.83 36.62
N ILE V 32 17.82 -61.23 35.49
CA ILE V 32 17.09 -61.94 34.42
C ILE V 32 16.50 -63.26 34.94
N ASN V 33 17.25 -63.95 35.77
CA ASN V 33 16.83 -65.21 36.37
C ASN V 33 15.85 -65.12 37.53
N GLN V 34 15.71 -63.95 38.15
CA GLN V 34 14.69 -63.77 39.19
C GLN V 34 13.31 -64.24 38.76
N GLY V 35 12.94 -63.96 37.52
CA GLY V 35 11.66 -64.40 36.94
C GLY V 35 11.43 -65.89 36.91
N GLY V 36 12.50 -66.69 36.90
CA GLY V 36 12.39 -68.13 36.95
C GLY V 36 12.02 -68.81 35.64
N LEU V 37 12.03 -68.10 34.52
CA LEU V 37 11.61 -68.65 33.24
C LEU V 37 12.80 -68.84 32.31
N THR V 38 12.60 -69.71 31.30
CA THR V 38 13.56 -69.97 30.21
C THR V 38 12.85 -69.81 28.84
N SER V 39 13.58 -69.23 27.88
CA SER V 39 13.11 -69.02 26.52
C SER V 39 14.13 -69.58 25.52
N VAL V 40 13.62 -70.06 24.38
CA VAL V 40 14.42 -70.66 23.31
C VAL V 40 13.97 -70.15 21.94
N ALA V 41 14.94 -69.97 21.04
CA ALA V 41 14.66 -69.50 19.69
C ALA V 41 15.50 -70.24 18.68
N VAL V 42 14.90 -70.68 17.56
CA VAL V 42 15.68 -71.32 16.47
C VAL V 42 15.29 -70.82 15.06
N ARG V 43 16.28 -70.80 14.18
CA ARG V 43 16.06 -70.44 12.79
C ARG V 43 16.44 -71.64 11.87
N GLY V 44 15.66 -71.82 10.81
CA GLY V 44 16.03 -72.64 9.69
C GLY V 44 15.98 -71.82 8.44
N LYS V 45 15.97 -72.52 7.32
CA LYS V 45 15.93 -71.87 6.02
C LYS V 45 14.59 -71.21 5.75
N ASP V 46 13.51 -71.77 6.28
CA ASP V 46 12.14 -71.35 5.96
C ASP V 46 11.46 -70.52 7.03
N CYS V 47 11.84 -70.75 8.29
CA CYS V 47 11.18 -70.10 9.41
C CYS V 47 12.09 -69.81 10.58
N ALA V 48 11.62 -68.92 11.46
CA ALA V 48 12.25 -68.68 12.76
C ALA V 48 11.15 -68.81 13.80
N VAL V 49 11.48 -69.42 14.95
CA VAL V 49 10.51 -69.74 15.98
C VAL V 49 11.02 -69.31 17.34
N ILE V 50 10.10 -68.84 18.17
CA ILE V 50 10.39 -68.49 19.57
C ILE V 50 9.44 -69.33 20.40
N VAL V 51 9.99 -69.97 21.44
CA VAL V 51 9.20 -70.69 22.44
C VAL V 51 9.63 -70.26 23.85
N THR V 52 8.67 -70.08 24.73
CA THR V 52 8.98 -69.79 26.13
C THR V 52 7.98 -70.53 26.98
N GLN V 53 8.32 -70.64 28.26
CA GLN V 53 7.41 -71.16 29.26
C GLN V 53 6.31 -70.18 29.55
N LYS V 54 5.18 -70.72 29.96
CA LYS V 54 4.05 -69.95 30.35
C LYS V 54 3.58 -70.55 31.63
N LYS V 55 3.80 -69.87 32.74
CA LYS V 55 3.39 -70.32 34.06
C LYS V 55 2.24 -69.46 34.54
N VAL V 56 1.07 -70.06 34.70
CA VAL V 56 -0.14 -69.39 35.23
C VAL V 56 -0.48 -70.15 36.53
N PRO V 57 0.31 -69.94 37.61
CA PRO V 57 0.10 -70.69 38.87
C PRO V 57 -1.25 -70.39 39.50
N ASP V 58 -1.65 -69.12 39.42
CA ASP V 58 -2.90 -68.66 40.00
C ASP V 58 -4.18 -69.27 39.35
N LYS V 59 -4.73 -68.68 38.30
CA LYS V 59 -6.04 -69.08 37.75
C LYS V 59 -7.08 -68.02 38.04
N LEU V 60 -6.86 -67.24 39.09
CA LEU V 60 -7.52 -65.96 39.19
C LEU V 60 -6.96 -64.96 38.15
N LEU V 61 -5.86 -65.32 37.48
CA LEU V 61 -5.30 -64.58 36.36
C LEU V 61 -6.11 -64.80 35.12
N ASP V 62 -6.27 -63.75 34.32
CA ASP V 62 -6.77 -63.87 32.96
C ASP V 62 -5.56 -64.30 32.14
N SER V 63 -5.47 -65.60 31.84
CA SER V 63 -4.24 -66.15 31.27
C SER V 63 -3.93 -65.64 29.87
N SER V 64 -4.91 -65.04 29.20
CA SER V 64 -4.65 -64.44 27.89
C SER V 64 -3.81 -63.14 28.01
N THR V 65 -3.69 -62.58 29.22
CA THR V 65 -2.80 -61.45 29.46
C THR V 65 -1.44 -61.87 29.96
N VAL V 66 -1.22 -63.18 30.14
CA VAL V 66 0.06 -63.69 30.63
C VAL V 66 0.83 -64.17 29.43
N THR V 67 1.70 -63.30 28.93
CA THR V 67 2.53 -63.62 27.80
C THR V 67 3.89 -62.93 27.95
N HIS V 68 4.89 -63.55 27.38
CA HIS V 68 6.17 -62.96 27.18
C HIS V 68 6.48 -62.78 25.70
N LEU V 69 5.48 -62.93 24.82
CA LEU V 69 5.64 -62.77 23.38
C LEU V 69 5.01 -61.46 22.98
N PHE V 70 5.67 -60.74 22.08
CA PHE V 70 5.17 -59.42 21.70
C PHE V 70 5.40 -59.15 20.23
N LYS V 71 4.40 -58.54 19.63
CA LYS V 71 4.57 -58.09 18.27
C LYS V 71 5.22 -56.68 18.33
N ILE V 72 6.28 -56.50 17.56
CA ILE V 72 6.96 -55.23 17.46
C ILE V 72 6.48 -54.43 16.27
N THR V 73 6.47 -55.08 15.12
CA THR V 73 5.81 -54.62 13.89
C THR V 73 5.02 -55.85 13.42
N GLU V 74 4.31 -55.72 12.31
CA GLU V 74 3.59 -56.85 11.73
C GLU V 74 4.51 -58.04 11.39
N ASN V 75 5.75 -57.75 10.99
CA ASN V 75 6.74 -58.73 10.58
C ASN V 75 7.86 -59.04 11.61
N ILE V 76 7.85 -58.40 12.79
CA ILE V 76 8.86 -58.66 13.79
C ILE V 76 8.20 -59.04 15.11
N GLY V 77 8.57 -60.23 15.58
CA GLY V 77 8.13 -60.69 16.88
C GLY V 77 9.28 -60.77 17.88
N CYS V 78 8.91 -60.91 19.13
CA CYS V 78 9.88 -60.92 20.19
C CYS V 78 9.44 -61.74 21.40
N VAL V 79 10.41 -62.38 22.04
CA VAL V 79 10.20 -62.94 23.36
C VAL V 79 11.11 -62.22 24.36
N MET V 80 10.51 -61.81 25.49
CA MET V 80 11.21 -61.14 26.58
CA MET V 80 11.21 -61.14 26.58
C MET V 80 11.46 -62.12 27.73
N THR V 81 12.65 -62.03 28.32
CA THR V 81 13.03 -62.83 29.46
C THR V 81 13.64 -61.91 30.52
N GLY V 82 13.13 -62.00 31.75
CA GLY V 82 13.67 -61.29 32.87
C GLY V 82 12.59 -60.51 33.56
N MET V 83 12.96 -59.37 34.14
CA MET V 83 12.05 -58.60 34.94
C MET V 83 10.98 -58.01 33.99
N THR V 84 9.74 -58.05 34.46
CA THR V 84 8.60 -57.94 33.61
C THR V 84 8.37 -56.54 33.15
N ALA V 85 8.27 -55.63 34.10
CA ALA V 85 8.05 -54.24 33.78
C ALA V 85 9.23 -53.69 32.94
N ASP V 86 10.48 -54.00 33.31
CA ASP V 86 11.62 -53.67 32.46
C ASP V 86 11.40 -54.13 31.03
N SER V 87 10.98 -55.39 30.87
CA SER V 87 10.71 -55.97 29.56
C SER V 87 9.66 -55.20 28.77
N ARG V 88 8.53 -54.87 29.41
CA ARG V 88 7.46 -54.18 28.75
C ARG V 88 7.94 -52.83 28.28
N SER V 89 8.81 -52.19 29.06
CA SER V 89 9.43 -50.93 28.68
C SER V 89 10.28 -51.09 27.43
N GLN V 90 11.09 -52.13 27.41
CA GLN V 90 11.96 -52.34 26.28
C GLN V 90 11.14 -52.66 25.00
N VAL V 91 10.02 -53.36 25.19
CA VAL V 91 9.10 -53.66 24.11
C VAL V 91 8.54 -52.34 23.50
N GLN V 92 8.09 -51.41 24.36
CA GLN V 92 7.58 -50.12 23.86
C GLN V 92 8.63 -49.33 23.12
N ARG V 93 9.83 -49.34 23.64
CA ARG V 93 10.91 -48.68 22.96
C ARG V 93 11.18 -49.27 21.59
N ALA V 94 11.27 -50.57 21.51
CA ALA V 94 11.38 -51.28 20.23
C ALA V 94 10.29 -50.92 19.19
N ARG V 95 9.04 -50.85 19.65
CA ARG V 95 7.93 -50.49 18.81
C ARG V 95 8.07 -49.06 18.29
N TYR V 96 8.51 -48.17 19.18
CA TYR V 96 8.75 -46.78 18.83
C TYR V 96 9.91 -46.69 17.81
N GLU V 97 10.99 -47.44 18.04
CA GLU V 97 12.13 -47.35 17.11
C GLU V 97 11.75 -47.81 15.72
N ALA V 98 11.00 -48.91 15.64
CA ALA V 98 10.62 -49.48 14.37
C ALA V 98 9.66 -48.55 13.62
N ALA V 99 8.71 -47.94 14.33
CA ALA V 99 7.74 -47.09 13.69
C ALA V 99 8.43 -45.81 13.15
N ASN V 100 9.30 -45.26 13.96
CA ASN V 100 10.10 -44.12 13.59
C ASN V 100 11.02 -44.40 12.40
N TRP V 101 11.62 -45.58 12.37
CA TRP V 101 12.48 -45.94 11.26
C TRP V 101 11.65 -45.94 9.93
N LYS V 102 10.48 -46.56 9.96
CA LYS V 102 9.62 -46.62 8.77
C LYS V 102 9.20 -45.25 8.26
N TYR V 103 8.81 -44.37 9.19
CA TYR V 103 8.43 -43.01 8.89
C TYR V 103 9.57 -42.19 8.23
N LYS V 104 10.78 -42.31 8.76
CA LYS V 104 11.93 -41.59 8.23
C LYS V 104 12.51 -42.16 6.96
N TYR V 105 12.52 -43.49 6.80
CA TYR V 105 13.30 -44.12 5.72
C TYR V 105 12.49 -44.87 4.67
N GLY V 106 11.19 -45.07 4.93
CA GLY V 106 10.24 -45.61 3.93
C GLY V 106 10.26 -47.10 3.69
N TYR V 107 10.94 -47.83 4.57
CA TYR V 107 10.96 -49.29 4.51
C TYR V 107 11.08 -49.81 5.90
N GLU V 108 10.74 -51.07 6.08
CA GLU V 108 10.70 -51.67 7.42
C GLU V 108 12.09 -51.81 8.08
N ILE V 109 12.18 -51.56 9.37
CA ILE V 109 13.46 -51.77 10.03
C ILE V 109 13.89 -53.26 9.88
N PRO V 110 15.13 -53.53 9.40
CA PRO V 110 15.66 -54.89 9.49
C PRO V 110 15.76 -55.33 10.95
N VAL V 111 15.64 -56.64 11.18
CA VAL V 111 15.72 -57.16 12.54
C VAL V 111 17.08 -56.86 13.16
N ASP V 112 18.17 -57.03 12.41
CA ASP V 112 19.50 -56.74 12.91
C ASP V 112 19.66 -55.29 13.36
N MET V 113 19.09 -54.36 12.61
CA MET V 113 19.11 -52.96 12.99
C MET V 113 18.28 -52.65 14.23
N LEU V 114 17.11 -53.29 14.36
CA LEU V 114 16.29 -53.04 15.53
C LEU V 114 17.03 -53.56 16.82
N CYS V 115 17.61 -54.72 16.70
CA CYS V 115 18.36 -55.29 17.80
C CYS V 115 19.54 -54.39 18.17
N LYS V 116 20.32 -53.95 17.20
CA LYS V 116 21.43 -53.06 17.42
C LYS V 116 20.99 -51.78 18.11
N ARG V 117 19.88 -51.20 17.66
CA ARG V 117 19.38 -50.00 18.30
C ARG V 117 19.03 -50.21 19.76
N ILE V 118 18.36 -51.29 20.09
CA ILE V 118 18.02 -51.56 21.49
C ILE V 118 19.27 -51.84 22.32
N ALA V 119 20.19 -52.59 21.74
CA ALA V 119 21.48 -52.78 22.35
C ALA V 119 22.27 -51.46 22.62
N ASP V 120 22.25 -50.53 21.70
CA ASP V 120 22.95 -49.23 21.87
C ASP V 120 22.31 -48.36 22.95
N ILE V 121 20.98 -48.40 23.04
CA ILE V 121 20.25 -47.77 24.11
C ILE V 121 20.66 -48.38 25.48
N SER V 122 20.78 -49.70 25.53
CA SER V 122 21.18 -50.39 26.77
C SER V 122 22.62 -50.04 27.16
N GLN V 123 23.47 -49.91 26.15
CA GLN V 123 24.84 -49.51 26.38
C GLN V 123 24.93 -48.24 27.24
N VAL V 124 24.06 -47.26 26.97
CA VAL V 124 24.09 -46.00 27.73
C VAL V 124 23.95 -46.23 29.27
N TYR V 125 23.14 -47.20 29.67
CA TYR V 125 22.92 -47.51 31.06
C TYR V 125 24.13 -48.18 31.72
N THR V 126 25.04 -48.74 30.92
CA THR V 126 26.27 -49.30 31.45
C THR V 126 27.37 -48.24 31.67
N GLN V 127 27.15 -47.02 31.18
CA GLN V 127 28.20 -46.00 31.17
C GLN V 127 27.82 -44.75 31.93
N ASN V 128 26.52 -44.51 32.09
CA ASN V 128 26.01 -43.38 32.87
C ASN V 128 25.51 -43.83 34.23
N ALA V 129 25.90 -43.14 35.30
CA ALA V 129 25.84 -43.68 36.69
C ALA V 129 24.47 -43.64 37.34
N GLU V 130 23.62 -42.74 36.86
CA GLU V 130 22.38 -42.39 37.57
C GLU V 130 21.15 -43.31 37.39
N MET V 131 21.19 -44.22 36.44
CA MET V 131 20.12 -45.23 36.27
C MET V 131 20.71 -46.62 36.26
N ARG V 132 19.92 -47.63 36.59
CA ARG V 132 20.36 -49.02 36.46
C ARG V 132 20.09 -49.57 35.06
N PRO V 133 20.84 -50.60 34.67
CA PRO V 133 20.40 -51.38 33.50
C PRO V 133 19.02 -52.02 33.69
N LEU V 134 18.36 -52.35 32.59
CA LEU V 134 17.13 -53.11 32.62
C LEU V 134 17.53 -54.57 32.83
N GLY V 135 16.86 -55.23 33.76
CA GLY V 135 17.18 -56.61 34.07
C GLY V 135 16.45 -57.58 33.16
N CYS V 136 16.66 -57.44 31.87
CA CYS V 136 15.92 -58.25 30.90
C CYS V 136 16.72 -58.49 29.62
N MET V 138 16.13 -59.52 25.30
CA MET V 138 15.17 -59.47 24.19
C MET V 138 15.66 -60.38 23.12
N ILE V 139 14.79 -61.27 22.65
CA ILE V 139 15.07 -62.06 21.44
C ILE V 139 14.09 -61.67 20.34
N LEU V 140 14.63 -61.33 19.17
CA LEU V 140 13.84 -60.84 18.02
C LEU V 140 13.87 -61.88 16.88
N ILE V 141 12.71 -62.11 16.26
CA ILE V 141 12.63 -62.88 14.99
C ILE V 141 11.97 -62.08 13.85
N GLY V 142 12.43 -62.31 12.63
CA GLY V 142 11.84 -61.72 11.43
C GLY V 142 12.44 -62.30 10.17
N ILE V 143 11.79 -62.05 9.02
CA ILE V 143 12.35 -62.46 7.73
C ILE V 143 13.03 -61.28 7.08
N ASP V 144 14.30 -61.46 6.71
CA ASP V 144 15.00 -60.52 5.87
C ASP V 144 14.88 -60.98 4.41
N GLU V 145 14.63 -60.01 3.53
CA GLU V 145 14.40 -60.29 2.12
C GLU V 145 15.60 -60.92 1.44
N GLU V 146 16.83 -60.58 1.85
CA GLU V 146 18.06 -61.17 1.29
C GLU V 146 18.61 -62.33 2.11
N GLN V 147 18.72 -62.18 3.45
CA GLN V 147 19.37 -63.19 4.33
C GLN V 147 18.42 -64.30 4.89
N GLY V 148 17.11 -64.21 4.67
CA GLY V 148 16.16 -65.24 5.14
C GLY V 148 15.73 -64.99 6.56
N PRO V 149 15.19 -66.02 7.24
CA PRO V 149 14.77 -65.90 8.64
C PRO V 149 15.92 -65.48 9.54
N GLN V 150 15.63 -64.64 10.52
CA GLN V 150 16.66 -64.14 11.43
C GLN V 150 16.27 -64.35 12.88
N VAL V 151 17.24 -64.73 13.71
CA VAL V 151 17.07 -64.58 15.16
C VAL V 151 18.20 -63.76 15.80
N TYR V 152 17.80 -62.73 16.55
CA TYR V 152 18.75 -61.83 17.18
C TYR V 152 18.42 -61.74 18.66
N LYS V 153 19.48 -61.56 19.43
CA LYS V 153 19.33 -61.37 20.90
C LYS V 153 20.19 -60.20 21.34
N CYS V 154 19.67 -59.37 22.23
CA CYS V 154 20.49 -58.40 22.96
C CYS V 154 20.29 -58.47 24.48
N ASP V 155 21.26 -57.96 25.22
CA ASP V 155 21.34 -58.14 26.69
C ASP V 155 21.61 -56.84 27.48
N PRO V 156 21.62 -56.92 28.82
CA PRO V 156 21.83 -55.70 29.60
C PRO V 156 23.20 -55.05 29.49
N ALA V 157 24.18 -55.75 28.93
CA ALA V 157 25.47 -55.17 28.64
C ALA V 157 25.47 -54.33 27.39
N GLY V 158 24.43 -54.48 26.55
CA GLY V 158 24.40 -53.86 25.22
C GLY V 158 25.14 -54.69 24.17
N TYR V 159 25.47 -55.95 24.50
CA TYR V 159 25.97 -56.90 23.48
C TYR V 159 24.77 -57.41 22.65
N TYR V 160 25.00 -57.67 21.38
CA TYR V 160 23.94 -58.29 20.55
C TYR V 160 24.56 -59.15 19.45
N CYS V 161 23.78 -60.10 18.97
CA CYS V 161 24.26 -61.00 17.93
C CYS V 161 23.12 -61.66 17.24
N GLY V 162 23.36 -62.03 15.98
CA GLY V 162 22.52 -62.97 15.24
C GLY V 162 22.87 -64.43 15.58
N PHE V 163 21.89 -65.32 15.55
CA PHE V 163 22.08 -66.70 15.96
C PHE V 163 21.41 -67.70 15.01
N LYS V 164 21.97 -68.90 14.97
CA LYS V 164 21.31 -70.06 14.35
C LYS V 164 20.22 -70.56 15.30
N ALA V 165 20.56 -70.57 16.59
CA ALA V 165 19.58 -70.78 17.65
C ALA V 165 20.14 -70.21 18.93
N THR V 166 19.29 -69.94 19.90
CA THR V 166 19.78 -69.39 21.17
C THR V 166 18.75 -69.53 22.28
N ALA V 167 19.11 -69.04 23.46
CA ALA V 167 18.20 -69.11 24.62
C ALA V 167 18.49 -68.05 25.66
N ALA V 168 17.56 -67.93 26.61
CA ALA V 168 17.70 -66.95 27.69
C ALA V 168 17.03 -67.45 28.96
N GLY V 169 17.50 -66.92 30.10
CA GLY V 169 16.92 -67.22 31.42
C GLY V 169 17.59 -68.40 32.17
N VAL V 170 16.86 -68.93 33.16
CA VAL V 170 17.43 -69.88 34.13
C VAL V 170 18.24 -71.02 33.46
N LYS V 171 17.69 -71.66 32.41
CA LYS V 171 18.35 -72.81 31.73
C LYS V 171 19.09 -72.48 30.42
N GLN V 172 19.60 -71.25 30.31
CA GLN V 172 20.24 -70.78 29.07
C GLN V 172 21.44 -71.61 28.68
N THR V 173 22.29 -71.91 29.65
CA THR V 173 23.55 -72.66 29.42
C THR V 173 23.29 -74.12 28.99
N GLU V 174 22.30 -74.77 29.62
CA GLU V 174 21.86 -76.13 29.24
C GLU V 174 21.22 -76.13 27.85
N SER V 175 20.41 -75.09 27.55
CA SER V 175 19.81 -74.95 26.22
C SER V 175 20.88 -74.71 25.17
N THR V 176 21.86 -73.89 25.49
CA THR V 176 22.97 -73.64 24.57
C THR V 176 23.72 -74.94 24.22
N SER V 177 24.12 -75.71 25.25
CA SER V 177 24.65 -77.09 25.11
C SER V 177 23.83 -78.01 24.23
N PHE V 178 22.55 -78.17 24.57
CA PHE V 178 21.62 -78.97 23.76
C PHE V 178 21.68 -78.53 22.30
N LEU V 179 21.55 -77.21 22.06
CA LEU V 179 21.41 -76.69 20.70
C LEU V 179 22.72 -76.85 19.92
N GLU V 180 23.87 -76.59 20.57
CA GLU V 180 25.19 -76.79 19.93
C GLU V 180 25.37 -78.25 19.48
N LYS V 181 25.09 -79.19 20.39
CA LYS V 181 25.20 -80.63 20.06
C LYS V 181 24.35 -80.95 18.84
N LYS V 182 23.15 -80.37 18.77
CA LYS V 182 22.21 -80.65 17.68
C LYS V 182 22.55 -79.93 16.36
N VAL V 183 22.97 -78.68 16.42
CA VAL V 183 23.36 -77.90 15.24
C VAL V 183 24.71 -78.37 14.65
N LYS V 184 25.54 -79.05 15.46
CA LYS V 184 26.82 -79.60 14.98
C LYS V 184 26.72 -80.56 13.78
N LYS V 185 25.66 -81.35 13.71
CA LYS V 185 25.35 -82.19 12.54
C LYS V 185 24.78 -81.33 11.37
N LYS V 186 25.37 -81.45 10.18
CA LYS V 186 24.79 -80.95 8.90
C LYS V 186 23.90 -82.02 8.18
N GLN V 193 13.28 -79.89 11.64
CA GLN V 193 12.04 -79.18 12.01
C GLN V 193 12.29 -78.13 13.12
N THR V 194 12.15 -76.84 12.80
CA THR V 194 12.60 -75.77 13.72
C THR V 194 11.71 -75.68 14.96
N VAL V 195 10.39 -75.74 14.76
CA VAL V 195 9.43 -75.69 15.88
C VAL V 195 9.63 -76.85 16.84
N GLU V 196 9.94 -78.05 16.32
CA GLU V 196 10.17 -79.25 17.16
C GLU V 196 11.52 -79.22 17.93
N THR V 197 12.60 -78.79 17.29
CA THR V 197 13.87 -78.54 17.98
C THR V 197 13.67 -77.58 19.16
N ALA V 198 12.95 -76.48 18.92
CA ALA V 198 12.73 -75.47 19.96
C ALA V 198 12.02 -76.06 21.18
N ILE V 199 10.92 -76.76 20.95
CA ILE V 199 10.09 -77.22 22.07
C ILE V 199 10.80 -78.43 22.74
N THR V 200 11.50 -79.24 21.93
CA THR V 200 12.31 -80.37 22.47
C THR V 200 13.46 -79.86 23.35
N CYS V 201 14.18 -78.83 22.87
CA CYS V 201 15.19 -78.17 23.69
C CYS V 201 14.63 -77.77 25.05
N LEU V 202 13.52 -77.06 25.02
CA LEU V 202 12.96 -76.54 26.26
C LEU V 202 12.48 -77.66 27.20
N SER V 203 11.87 -78.69 26.62
CA SER V 203 11.36 -79.84 27.37
C SER V 203 12.48 -80.64 28.06
N THR V 204 13.59 -80.84 27.33
CA THR V 204 14.79 -81.51 27.86
C THR V 204 15.38 -80.77 29.03
N VAL V 205 15.74 -79.51 28.80
CA VAL V 205 16.48 -78.76 29.80
C VAL V 205 15.66 -78.49 31.08
N LEU V 206 14.32 -78.51 30.99
CA LEU V 206 13.42 -78.40 32.15
C LEU V 206 12.93 -79.75 32.69
N SER V 207 13.06 -80.81 31.88
CA SER V 207 12.45 -82.12 32.16
C SER V 207 10.94 -82.00 32.40
N ILE V 208 10.17 -81.52 31.42
CA ILE V 208 8.74 -81.30 31.69
C ILE V 208 7.73 -82.11 30.84
N ASP V 209 7.89 -82.22 29.52
CA ASP V 209 6.85 -82.88 28.68
C ASP V 209 5.53 -82.07 28.81
N PHE V 210 5.40 -81.06 27.95
CA PHE V 210 4.47 -79.96 28.21
C PHE V 210 3.03 -80.27 27.88
N LYS V 211 2.10 -79.64 28.58
CA LYS V 211 0.76 -79.47 28.05
C LYS V 211 0.76 -78.25 27.12
N PRO V 212 -0.23 -78.14 26.22
CA PRO V 212 -0.22 -76.99 25.29
C PRO V 212 -0.43 -75.61 25.94
N SER V 213 -0.96 -75.56 27.15
CA SER V 213 -1.18 -74.30 27.86
C SER V 213 0.03 -73.84 28.71
N GLU V 214 1.14 -74.59 28.67
CA GLU V 214 2.34 -74.31 29.46
C GLU V 214 3.51 -73.77 28.64
N ILE V 215 3.35 -73.68 27.31
CA ILE V 215 4.30 -72.94 26.49
C ILE V 215 3.55 -71.94 25.60
N GLU V 216 4.30 -70.99 25.05
CA GLU V 216 3.84 -70.12 23.98
C GLU V 216 4.83 -70.25 22.84
N VAL V 217 4.33 -70.06 21.64
CA VAL V 217 5.12 -70.27 20.44
C VAL V 217 4.74 -69.16 19.48
N GLY V 218 5.75 -68.57 18.86
CA GLY V 218 5.59 -67.52 17.86
C GLY V 218 6.50 -67.85 16.70
N VAL V 219 6.06 -67.49 15.49
CA VAL V 219 6.75 -67.87 14.25
C VAL V 219 6.71 -66.78 13.17
N VAL V 220 7.72 -66.77 12.33
CA VAL V 220 7.68 -66.04 11.07
C VAL V 220 8.18 -67.04 10.04
N THR V 221 7.65 -66.98 8.82
CA THR V 221 8.10 -67.87 7.74
C THR V 221 8.30 -67.07 6.45
N VAL V 222 9.13 -67.61 5.57
CA VAL V 222 9.36 -66.98 4.27
C VAL V 222 8.02 -66.86 3.49
N GLU V 223 7.15 -67.88 3.58
CA GLU V 223 5.81 -67.86 2.95
C GLU V 223 4.91 -66.84 3.60
N ASN V 224 4.97 -66.79 4.91
CA ASN V 224 4.10 -65.93 5.72
C ASN V 224 4.95 -65.11 6.69
N PRO V 225 5.49 -63.96 6.22
CA PRO V 225 6.43 -63.20 7.09
C PRO V 225 5.79 -62.54 8.31
N LYS V 226 4.46 -62.38 8.32
CA LYS V 226 3.77 -61.76 9.47
C LYS V 226 3.98 -62.58 10.73
N PHE V 227 4.33 -61.92 11.83
CA PHE V 227 4.53 -62.62 13.10
C PHE V 227 3.21 -63.23 13.54
N ARG V 228 3.25 -64.49 13.94
CA ARG V 228 2.04 -65.25 14.29
C ARG V 228 2.28 -66.00 15.58
N ILE V 229 1.33 -65.89 16.51
CA ILE V 229 1.35 -66.66 17.72
C ILE V 229 0.45 -67.87 17.55
N LEU V 230 0.98 -69.06 17.84
CA LEU V 230 0.19 -70.27 17.73
C LEU V 230 -0.89 -70.30 18.80
N THR V 231 -2.03 -70.87 18.43
CA THR V 231 -3.14 -71.19 19.33
C THR V 231 -2.77 -72.45 20.13
N GLU V 232 -3.55 -72.74 21.16
CA GLU V 232 -3.34 -73.94 22.00
C GLU V 232 -3.43 -75.23 21.16
N ALA V 233 -4.39 -75.27 20.26
CA ALA V 233 -4.57 -76.38 19.36
C ALA V 233 -3.38 -76.56 18.43
N GLU V 234 -2.88 -75.46 17.87
CA GLU V 234 -1.74 -75.56 16.95
C GLU V 234 -0.52 -76.07 17.67
N ILE V 235 -0.34 -75.65 18.91
CA ILE V 235 0.74 -76.14 19.77
C ILE V 235 0.50 -77.62 20.07
N ASP V 236 -0.74 -77.95 20.42
CA ASP V 236 -1.08 -79.34 20.74
C ASP V 236 -0.72 -80.28 19.60
N ALA V 237 -1.05 -79.90 18.37
CA ALA V 237 -0.67 -80.69 17.19
C ALA V 237 0.83 -81.00 17.17
N HIS V 238 1.66 -80.05 17.58
CA HIS V 238 3.10 -80.23 17.60
C HIS V 238 3.51 -81.15 18.72
N LEU V 239 2.85 -81.02 19.87
CA LEU V 239 3.16 -81.85 21.02
C LEU V 239 2.81 -83.32 20.76
N VAL V 240 1.69 -83.52 20.06
CA VAL V 240 1.20 -84.84 19.71
C VAL V 240 2.15 -85.47 18.69
N ALA V 241 2.48 -84.75 17.64
CA ALA V 241 3.38 -85.24 16.59
C ALA V 241 4.76 -85.57 17.14
N LEU V 242 5.18 -84.85 18.19
CA LEU V 242 6.42 -85.19 18.90
C LEU V 242 6.29 -86.47 19.74
N ALA V 243 5.19 -86.59 20.49
CA ALA V 243 4.93 -87.73 21.38
C ALA V 243 4.93 -89.07 20.62
N GLU V 244 4.39 -89.06 19.41
CA GLU V 244 4.28 -90.23 18.58
C GLU V 244 5.56 -90.35 17.74
N ARG V 245 6.72 -90.19 18.40
CA ARG V 245 8.07 -90.20 17.76
C ARG V 245 8.05 -90.69 16.33
N THR W 1 17.74 -24.01 -16.21
CA THR W 1 18.05 -25.43 -16.03
C THR W 1 17.00 -26.28 -16.80
N THR W 2 17.49 -27.28 -17.52
CA THR W 2 16.68 -28.41 -17.95
C THR W 2 17.24 -29.71 -17.39
N ILE W 3 16.45 -30.40 -16.57
CA ILE W 3 16.78 -31.74 -16.08
C ILE W 3 15.62 -32.68 -16.28
N ALA W 4 15.97 -33.94 -16.44
CA ALA W 4 15.00 -34.94 -16.85
C ALA W 4 15.49 -36.33 -16.49
N GLY W 5 14.52 -37.23 -16.36
CA GLY W 5 14.84 -38.60 -16.16
C GLY W 5 13.81 -39.53 -16.79
N VAL W 6 14.25 -40.76 -17.05
CA VAL W 6 13.43 -41.81 -17.65
C VAL W 6 13.74 -43.16 -16.97
N VAL W 7 12.70 -43.95 -16.73
CA VAL W 7 12.83 -45.38 -16.47
C VAL W 7 12.83 -46.17 -17.79
N TYR W 8 13.89 -46.94 -18.04
CA TYR W 8 13.98 -47.85 -19.22
C TYR W 8 13.98 -49.31 -18.76
N LYS W 9 14.11 -50.26 -19.70
CA LYS W 9 13.88 -51.69 -19.39
C LYS W 9 14.69 -52.15 -18.22
N ASP W 10 15.95 -51.73 -18.18
CA ASP W 10 16.92 -52.20 -17.17
C ASP W 10 17.42 -51.16 -16.17
N GLY W 11 16.78 -50.01 -16.09
CA GLY W 11 17.25 -48.96 -15.18
C GLY W 11 16.67 -47.58 -15.40
N ILE W 12 17.54 -46.60 -15.16
CA ILE W 12 17.21 -45.18 -15.15
C ILE W 12 18.20 -44.44 -16.05
N VAL W 13 17.72 -43.52 -16.88
CA VAL W 13 18.61 -42.51 -17.50
C VAL W 13 18.23 -41.12 -16.99
N LEU W 14 19.21 -40.40 -16.42
CA LEU W 14 19.06 -38.98 -16.00
C LEU W 14 19.80 -38.11 -16.97
N GLY W 15 19.33 -36.88 -17.12
CA GLY W 15 19.92 -35.89 -18.02
C GLY W 15 19.90 -34.48 -17.45
N ALA W 16 20.81 -33.65 -17.95
CA ALA W 16 20.91 -32.26 -17.53
C ALA W 16 21.67 -31.40 -18.51
N ASP W 17 21.31 -30.12 -18.57
CA ASP W 17 22.13 -29.15 -19.27
C ASP W 17 23.29 -28.72 -18.36
N THR W 18 24.14 -27.81 -18.84
CA THR W 18 25.25 -27.32 -18.03
C THR W 18 25.38 -25.82 -17.87
N ARG W 19 24.30 -25.06 -18.09
CA ARG W 19 24.31 -23.60 -17.89
C ARG W 19 23.88 -23.16 -16.49
N ALA W 20 24.58 -22.23 -15.89
CA ALA W 20 24.07 -21.51 -14.73
C ALA W 20 24.02 -20.05 -15.05
N THR W 21 22.93 -19.37 -14.70
CA THR W 21 22.81 -17.94 -14.95
C THR W 21 22.73 -17.17 -13.66
N GLU W 22 23.14 -15.91 -13.72
CA GLU W 22 22.92 -14.95 -12.67
C GLU W 22 22.37 -13.72 -13.35
N GLY W 23 21.22 -13.27 -12.92
CA GLY W 23 20.40 -12.40 -13.74
C GLY W 23 20.11 -13.10 -15.06
N MET W 24 20.26 -12.38 -16.15
CA MET W 24 20.12 -13.00 -17.46
C MET W 24 21.49 -13.04 -18.14
N VAL W 25 22.52 -13.36 -17.36
CA VAL W 25 23.89 -13.55 -17.82
C VAL W 25 24.34 -14.95 -17.47
N VAL W 26 25.05 -15.60 -18.37
CA VAL W 26 25.61 -16.91 -18.11
C VAL W 26 26.85 -16.74 -17.27
N ALA W 27 26.86 -17.38 -16.12
CA ALA W 27 28.01 -17.34 -15.20
C ALA W 27 28.89 -18.56 -15.37
N ASP W 28 28.25 -19.72 -15.54
CA ASP W 28 28.96 -20.97 -15.72
C ASP W 28 28.41 -21.63 -16.96
N LYS W 29 29.30 -21.96 -17.87
CA LYS W 29 28.95 -22.64 -19.09
C LYS W 29 29.01 -24.13 -18.94
N ASN W 30 29.64 -24.61 -17.88
CA ASN W 30 29.80 -26.05 -17.68
C ASN W 30 29.65 -26.50 -16.24
N CYS W 31 28.51 -26.21 -15.65
CA CYS W 31 28.31 -26.62 -14.30
C CYS W 31 27.74 -28.02 -14.35
N SER W 32 27.92 -28.80 -13.29
CA SER W 32 27.49 -30.18 -13.21
C SER W 32 26.24 -30.25 -12.38
N LYS W 33 25.13 -30.69 -12.98
CA LYS W 33 23.85 -30.72 -12.28
C LYS W 33 23.36 -32.10 -11.86
N ILE W 34 24.10 -33.14 -12.23
CA ILE W 34 23.75 -34.51 -11.84
C ILE W 34 24.62 -34.86 -10.64
N HIS W 35 24.01 -34.87 -9.45
CA HIS W 35 24.71 -35.03 -8.17
C HIS W 35 24.72 -36.49 -7.65
N PHE W 36 25.88 -36.94 -7.16
CA PHE W 36 26.01 -38.20 -6.42
C PHE W 36 25.13 -38.20 -5.16
N ILE W 37 24.32 -39.25 -4.99
CA ILE W 37 23.62 -39.50 -3.74
C ILE W 37 24.25 -40.72 -3.03
N SER W 38 24.30 -41.83 -3.75
CA SER W 38 24.99 -43.03 -3.31
C SER W 38 25.45 -43.77 -4.58
N PRO W 39 26.21 -44.88 -4.48
CA PRO W 39 26.74 -45.45 -5.73
C PRO W 39 25.65 -45.89 -6.69
N ASN W 40 24.47 -46.23 -6.19
CA ASN W 40 23.31 -46.66 -7.00
C ASN W 40 22.19 -45.59 -7.20
N ILE W 41 22.43 -44.36 -6.71
CA ILE W 41 21.41 -43.30 -6.73
C ILE W 41 22.02 -41.94 -7.07
N TYR W 42 21.47 -41.29 -8.09
CA TYR W 42 21.87 -39.93 -8.44
C TYR W 42 20.63 -38.99 -8.42
N CYS W 43 20.90 -37.68 -8.44
CA CYS W 43 19.88 -36.67 -8.32
C CYS W 43 20.23 -35.44 -9.14
N CYS W 44 19.40 -35.11 -10.13
CA CYS W 44 19.56 -33.85 -10.87
C CYS W 44 18.96 -32.71 -10.10
N GLY W 45 19.59 -31.54 -10.18
CA GLY W 45 19.13 -30.38 -9.41
C GLY W 45 18.86 -29.19 -10.28
N ALA W 46 17.71 -28.58 -10.03
CA ALA W 46 17.30 -27.32 -10.62
C ALA W 46 16.84 -26.33 -9.52
N GLY W 47 16.84 -25.05 -9.84
CA GLY W 47 16.33 -24.01 -8.92
C GLY W 47 17.51 -23.27 -8.35
N THR W 48 17.48 -22.92 -7.07
CA THR W 48 18.56 -22.17 -6.45
C THR W 48 19.77 -23.08 -6.28
N ALA W 49 20.86 -22.72 -6.93
CA ALA W 49 21.99 -23.59 -7.07
C ALA W 49 22.59 -23.97 -5.74
N ALA W 50 22.78 -23.00 -4.84
CA ALA W 50 23.37 -23.31 -3.54
C ALA W 50 22.49 -24.30 -2.82
N ASP W 51 21.16 -24.15 -2.97
CA ASP W 51 20.22 -25.03 -2.28
C ASP W 51 20.23 -26.46 -2.84
N THR W 52 20.43 -26.61 -4.13
CA THR W 52 20.48 -27.97 -4.69
C THR W 52 21.79 -28.65 -4.35
N ASP W 53 22.91 -27.92 -4.45
CA ASP W 53 24.20 -28.46 -3.98
C ASP W 53 24.16 -28.94 -2.53
N MET W 54 23.70 -28.09 -1.64
CA MET W 54 23.80 -28.36 -0.21
C MET W 54 22.79 -29.38 0.24
N THR W 55 21.60 -29.36 -0.35
CA THR W 55 20.55 -30.35 -0.04
C THR W 55 20.99 -31.77 -0.46
N THR W 56 21.51 -31.92 -1.69
CA THR W 56 21.96 -33.24 -2.15
C THR W 56 23.16 -33.75 -1.37
N GLN W 57 24.13 -32.86 -1.07
CA GLN W 57 25.30 -33.21 -0.25
C GLN W 57 24.88 -33.72 1.11
N LEU W 58 23.98 -33.02 1.78
CA LEU W 58 23.52 -33.39 3.10
C LEU W 58 22.83 -34.76 3.11
N ILE W 59 21.91 -34.94 2.16
CA ILE W 59 21.19 -36.23 2.07
C ILE W 59 22.13 -37.37 1.69
N SER W 60 23.05 -37.13 0.79
CA SER W 60 24.06 -38.11 0.42
C SER W 60 24.91 -38.53 1.63
N SER W 61 25.27 -37.56 2.46
CA SER W 61 26.06 -37.79 3.65
C SER W 61 25.28 -38.61 4.70
N ASN W 62 24.04 -38.23 4.95
CA ASN W 62 23.19 -38.97 5.86
C ASN W 62 22.89 -40.37 5.37
N LEU W 63 22.80 -40.55 4.05
CA LEU W 63 22.58 -41.88 3.47
C LEU W 63 23.80 -42.76 3.60
N GLU W 64 24.99 -42.16 3.49
CA GLU W 64 26.20 -42.91 3.70
C GLU W 64 26.27 -43.36 5.16
N LEU W 65 25.98 -42.50 6.13
CA LEU W 65 25.81 -42.92 7.55
C LEU W 65 24.82 -44.08 7.66
N HIS W 66 23.70 -43.97 6.94
CA HIS W 66 22.68 -45.00 6.96
C HIS W 66 23.23 -46.34 6.44
N SER W 67 23.86 -46.33 5.26
CA SER W 67 24.33 -47.59 4.67
C SER W 67 25.53 -48.18 5.39
N LEU W 68 26.37 -47.34 6.00
CA LEU W 68 27.47 -47.81 6.84
C LEU W 68 26.89 -48.63 8.01
N SER W 69 25.82 -48.11 8.59
CA SER W 69 25.18 -48.77 9.69
C SER W 69 24.46 -50.08 9.25
N THR W 70 23.67 -50.03 8.19
CA THR W 70 22.89 -51.20 7.77
C THR W 70 23.70 -52.25 7.05
N GLY W 71 24.85 -51.86 6.50
CA GLY W 71 25.64 -52.72 5.64
C GLY W 71 24.97 -53.02 4.31
N ARG W 72 23.96 -52.25 3.92
CA ARG W 72 23.20 -52.51 2.70
C ARG W 72 23.23 -51.33 1.77
N LEU W 73 23.04 -51.65 0.52
CA LEU W 73 22.83 -50.65 -0.50
C LEU W 73 21.56 -49.82 -0.16
N PRO W 74 21.67 -48.50 -0.21
CA PRO W 74 20.50 -47.70 0.12
C PRO W 74 19.34 -47.83 -0.89
N ARG W 75 18.15 -47.45 -0.46
CA ARG W 75 16.98 -47.47 -1.34
C ARG W 75 16.60 -46.07 -1.82
N VAL W 76 15.96 -46.01 -2.98
CA VAL W 76 15.57 -44.71 -3.57
C VAL W 76 14.47 -44.10 -2.73
N VAL W 77 13.55 -44.93 -2.22
CA VAL W 77 12.50 -44.40 -1.34
C VAL W 77 13.07 -43.68 -0.10
N THR W 78 14.23 -44.09 0.38
CA THR W 78 14.84 -43.46 1.55
C THR W 78 15.37 -42.09 1.21
N ALA W 79 16.11 -41.97 0.09
CA ALA W 79 16.53 -40.64 -0.37
C ALA W 79 15.31 -39.74 -0.54
N ASN W 80 14.24 -40.27 -1.13
CA ASN W 80 13.01 -39.50 -1.38
C ASN W 80 12.40 -38.97 -0.09
N ARG W 81 12.21 -39.84 0.88
CA ARG W 81 11.72 -39.42 2.21
C ARG W 81 12.57 -38.38 2.90
N MET W 82 13.88 -38.58 2.91
CA MET W 82 14.78 -37.61 3.57
C MET W 82 14.68 -36.25 2.87
N LEU W 83 14.72 -36.24 1.55
CA LEU W 83 14.61 -34.99 0.81
C LEU W 83 13.27 -34.31 1.03
N LYS W 84 12.18 -35.05 0.92
CA LYS W 84 10.86 -34.38 1.01
C LYS W 84 10.53 -33.93 2.44
N GLN W 85 10.96 -34.69 3.43
CA GLN W 85 10.75 -34.27 4.81
C GLN W 85 11.52 -32.99 5.18
N MET W 86 12.73 -32.84 4.67
CA MET W 86 13.47 -31.63 4.86
C MET W 86 12.85 -30.44 4.09
N LEU W 87 12.60 -30.62 2.79
CA LEU W 87 12.00 -29.56 1.97
C LEU W 87 10.66 -29.10 2.51
N PHE W 88 9.87 -30.03 3.03
CA PHE W 88 8.63 -29.65 3.65
C PHE W 88 8.83 -28.75 4.88
N ARG W 89 9.75 -29.18 5.74
CA ARG W 89 10.04 -28.46 6.95
C ARG W 89 10.39 -26.96 6.63
N TYR W 90 11.12 -26.72 5.55
CA TYR W 90 11.52 -25.38 5.14
C TYR W 90 10.48 -24.61 4.29
N GLN W 91 9.31 -25.22 3.99
CA GLN W 91 8.17 -24.52 3.44
C GLN W 91 8.43 -23.87 2.08
N GLY W 92 9.27 -24.49 1.27
CA GLY W 92 9.61 -23.93 -0.01
C GLY W 92 10.73 -22.92 0.04
N TYR W 93 11.27 -22.56 1.22
CA TYR W 93 12.37 -21.59 1.22
C TYR W 93 13.68 -22.14 0.74
N ILE W 94 13.83 -23.44 0.74
CA ILE W 94 14.97 -24.07 0.07
C ILE W 94 14.53 -24.35 -1.35
N GLY W 95 15.10 -23.66 -2.32
CA GLY W 95 14.58 -23.68 -3.68
C GLY W 95 15.10 -24.82 -4.53
N ALA W 96 14.96 -26.06 -4.05
CA ALA W 96 15.55 -27.25 -4.72
C ALA W 96 14.45 -28.00 -5.44
N ALA W 97 14.58 -28.09 -6.77
CA ALA W 97 13.71 -28.88 -7.60
C ALA W 97 14.55 -30.02 -8.20
N LEU W 98 14.15 -31.27 -7.90
CA LEU W 98 15.02 -32.44 -8.04
C LEU W 98 14.40 -33.56 -8.88
N VAL W 99 15.24 -34.20 -9.69
CA VAL W 99 14.89 -35.46 -10.33
C VAL W 99 15.78 -36.53 -9.67
N LEU W 100 15.17 -37.40 -8.85
CA LEU W 100 15.89 -38.42 -8.10
C LEU W 100 15.72 -39.79 -8.82
N GLY W 101 16.82 -40.42 -9.18
CA GLY W 101 16.74 -41.70 -9.85
C GLY W 101 17.74 -42.67 -9.29
N GLY W 102 17.31 -43.93 -9.11
CA GLY W 102 18.23 -44.99 -8.82
C GLY W 102 17.74 -46.41 -9.03
N VAL W 103 18.62 -47.35 -8.65
CA VAL W 103 18.33 -48.76 -8.70
C VAL W 103 18.68 -49.42 -7.37
N ASP W 104 17.69 -50.06 -6.75
CA ASP W 104 17.89 -50.78 -5.46
CA ASP W 104 17.86 -50.73 -5.47
C ASP W 104 17.40 -52.20 -5.53
N VAL W 105 17.35 -52.82 -4.38
CA VAL W 105 16.90 -54.20 -4.23
C VAL W 105 15.51 -54.43 -4.76
N THR W 106 14.66 -53.40 -4.79
CA THR W 106 13.34 -53.46 -5.49
C THR W 106 13.29 -52.96 -6.94
N GLY W 107 14.44 -52.73 -7.58
CA GLY W 107 14.47 -52.26 -8.98
C GLY W 107 14.68 -50.76 -9.22
N PRO W 108 14.44 -50.30 -10.46
CA PRO W 108 14.59 -48.89 -10.80
C PRO W 108 13.46 -48.04 -10.24
N HIS W 109 13.79 -46.86 -9.78
CA HIS W 109 12.78 -45.90 -9.29
C HIS W 109 13.16 -44.47 -9.66
N LEU W 110 12.17 -43.67 -10.01
CA LEU W 110 12.37 -42.27 -10.41
C LEU W 110 11.34 -41.40 -9.71
N TYR W 111 11.80 -40.31 -9.10
CA TYR W 111 10.88 -39.35 -8.47
C TYR W 111 11.15 -37.92 -8.91
N SER W 112 10.12 -37.09 -8.96
CA SER W 112 10.32 -35.66 -9.03
C SER W 112 10.05 -35.13 -7.62
N ILE W 113 10.89 -34.21 -7.16
CA ILE W 113 10.73 -33.64 -5.83
C ILE W 113 10.72 -32.14 -5.94
N TYR W 114 9.69 -31.53 -5.39
CA TYR W 114 9.47 -30.11 -5.49
C TYR W 114 9.89 -29.35 -4.23
N PRO W 115 10.17 -28.02 -4.37
CA PRO W 115 10.69 -27.25 -3.24
C PRO W 115 9.85 -27.26 -1.99
N HIS W 116 8.53 -27.30 -2.14
CA HIS W 116 7.65 -27.33 -0.97
C HIS W 116 7.55 -28.75 -0.31
N GLY W 117 8.13 -29.75 -0.94
CA GLY W 117 8.18 -31.09 -0.36
C GLY W 117 7.21 -32.10 -0.92
N SER W 118 6.50 -31.79 -2.00
CA SER W 118 5.70 -32.83 -2.66
C SER W 118 6.62 -33.66 -3.56
N THR W 119 6.28 -34.92 -3.72
CA THR W 119 6.97 -35.76 -4.66
C THR W 119 5.97 -36.53 -5.52
N ASP W 120 6.44 -36.96 -6.65
CA ASP W 120 5.68 -37.77 -7.57
C ASP W 120 6.61 -38.87 -8.02
N LYS W 121 6.12 -40.11 -7.97
CA LYS W 121 6.83 -41.29 -8.50
C LYS W 121 6.27 -41.65 -9.90
N LEU W 122 7.12 -41.62 -10.92
CA LEU W 122 6.69 -41.61 -12.31
C LEU W 122 7.76 -42.20 -13.22
N PRO W 123 7.36 -42.65 -14.44
CA PRO W 123 8.32 -43.28 -15.34
C PRO W 123 9.11 -42.27 -16.18
N TYR W 124 8.68 -41.02 -16.22
CA TYR W 124 9.46 -39.89 -16.79
C TYR W 124 9.06 -38.53 -16.16
N VAL W 125 10.06 -37.68 -15.92
CA VAL W 125 9.87 -36.40 -15.26
C VAL W 125 10.84 -35.38 -15.81
N THR W 126 10.47 -34.10 -15.67
CA THR W 126 11.34 -33.01 -16.04
C THR W 126 11.16 -31.90 -15.01
N MET W 127 12.19 -31.10 -14.86
CA MET W 127 12.17 -29.95 -13.97
CA MET W 127 12.18 -29.95 -13.98
C MET W 127 13.08 -28.84 -14.49
N GLY W 128 12.90 -27.66 -13.90
CA GLY W 128 13.66 -26.48 -14.28
C GLY W 128 12.92 -25.66 -15.33
N SER W 129 13.51 -24.53 -15.69
CA SER W 129 12.83 -23.58 -16.57
C SER W 129 12.64 -24.16 -17.97
N GLY W 130 13.44 -25.17 -18.33
CA GLY W 130 13.26 -25.91 -19.58
C GLY W 130 12.36 -27.13 -19.53
N SER W 131 11.61 -27.29 -18.44
CA SER W 131 10.96 -28.57 -18.23
C SER W 131 9.80 -28.83 -19.18
N LEU W 132 9.10 -27.81 -19.65
CA LEU W 132 7.98 -28.08 -20.55
C LEU W 132 8.51 -28.49 -21.92
N ALA W 133 9.63 -27.94 -22.34
CA ALA W 133 10.23 -28.32 -23.60
C ALA W 133 10.66 -29.77 -23.56
N ALA W 134 11.39 -30.13 -22.50
CA ALA W 134 11.77 -31.52 -22.26
C ALA W 134 10.54 -32.47 -22.16
N MET W 135 9.48 -32.04 -21.46
CA MET W 135 8.31 -32.90 -21.32
C MET W 135 7.57 -33.11 -22.62
N ALA W 136 7.60 -32.12 -23.51
CA ALA W 136 6.95 -32.28 -24.79
C ALA W 136 7.59 -33.43 -25.52
N VAL W 137 8.91 -33.50 -25.48
CA VAL W 137 9.64 -34.57 -26.13
C VAL W 137 9.22 -35.92 -25.56
N PHE W 138 9.10 -35.99 -24.25
CA PHE W 138 8.72 -37.24 -23.58
C PHE W 138 7.28 -37.64 -23.92
N GLU W 139 6.35 -36.71 -23.88
CA GLU W 139 4.97 -37.05 -24.23
C GLU W 139 4.85 -37.56 -25.66
N ASP W 140 5.64 -37.00 -26.56
CA ASP W 140 5.60 -37.34 -27.96
C ASP W 140 6.27 -38.69 -28.24
N LYS W 141 7.28 -39.09 -27.46
CA LYS W 141 8.17 -40.19 -27.84
C LYS W 141 8.46 -41.27 -26.82
N PHE W 142 8.11 -41.07 -25.56
CA PHE W 142 8.41 -42.08 -24.57
C PHE W 142 7.63 -43.36 -24.90
N ARG W 143 8.27 -44.49 -24.72
CA ARG W 143 7.58 -45.77 -24.70
C ARG W 143 8.08 -46.51 -23.47
N PRO W 144 7.25 -47.39 -22.88
CA PRO W 144 7.72 -48.23 -21.78
C PRO W 144 8.78 -49.22 -22.26
N ASP W 145 9.72 -49.57 -21.37
CA ASP W 145 10.67 -50.66 -21.60
C ASP W 145 11.58 -50.40 -22.77
N MET W 146 12.06 -49.18 -22.90
CA MET W 146 13.06 -48.89 -23.91
C MET W 146 14.39 -49.57 -23.59
N GLU W 147 15.13 -49.87 -24.65
CA GLU W 147 16.51 -50.32 -24.53
C GLU W 147 17.36 -49.12 -24.13
N GLU W 148 18.53 -49.41 -23.59
CA GLU W 148 19.45 -48.42 -23.07
C GLU W 148 19.73 -47.28 -24.05
N GLU W 149 20.07 -47.61 -25.29
CA GLU W 149 20.44 -46.58 -26.26
C GLU W 149 19.26 -45.72 -26.69
N GLU W 150 18.05 -46.29 -26.73
CA GLU W 150 16.87 -45.51 -27.05
C GLU W 150 16.58 -44.52 -25.95
N ALA W 151 16.63 -45.00 -24.70
CA ALA W 151 16.43 -44.14 -23.52
C ALA W 151 17.42 -42.99 -23.45
N LYS W 152 18.68 -43.28 -23.77
CA LYS W 152 19.73 -42.27 -23.85
C LYS W 152 19.43 -41.25 -24.94
N ASN W 153 19.09 -41.71 -26.13
CA ASN W 153 18.64 -40.83 -27.21
C ASN W 153 17.46 -39.97 -26.78
N LEU W 154 16.45 -40.56 -26.15
CA LEU W 154 15.27 -39.81 -25.78
C LEU W 154 15.63 -38.73 -24.74
N VAL W 155 16.39 -39.09 -23.72
CA VAL W 155 16.77 -38.10 -22.72
C VAL W 155 17.58 -36.96 -23.34
N SER W 156 18.56 -37.23 -24.18
CA SER W 156 19.37 -36.13 -24.72
C SER W 156 18.57 -35.25 -25.65
N GLU W 157 17.61 -35.83 -26.39
CA GLU W 157 16.68 -35.04 -27.17
C GLU W 157 15.85 -34.10 -26.29
N ALA W 158 15.38 -34.64 -25.18
CA ALA W 158 14.60 -33.84 -24.23
C ALA W 158 15.42 -32.69 -23.63
N ILE W 159 16.68 -32.94 -23.30
CA ILE W 159 17.54 -31.89 -22.75
C ILE W 159 17.85 -30.89 -23.82
N ALA W 160 18.11 -31.37 -25.03
CA ALA W 160 18.36 -30.48 -26.17
C ALA W 160 17.18 -29.52 -26.42
N ALA W 161 15.94 -30.03 -26.35
CA ALA W 161 14.77 -29.18 -26.46
C ALA W 161 14.78 -28.02 -25.44
N GLY W 162 15.17 -28.32 -24.20
CA GLY W 162 15.29 -27.28 -23.17
C GLY W 162 16.39 -26.28 -23.50
N ILE W 163 17.53 -26.80 -23.95
CA ILE W 163 18.72 -26.03 -24.32
C ILE W 163 18.43 -24.97 -25.38
N PHE W 164 17.72 -25.39 -26.40
CA PHE W 164 17.50 -24.54 -27.53
C PHE W 164 16.30 -23.64 -27.38
N ASN W 165 15.37 -23.94 -26.47
CA ASN W 165 14.14 -23.16 -26.37
C ASN W 165 13.94 -22.40 -25.08
N ASP W 166 14.82 -22.63 -24.11
CA ASP W 166 14.79 -21.97 -22.81
C ASP W 166 16.08 -21.15 -22.69
N LEU W 167 15.90 -19.85 -22.47
CA LEU W 167 17.04 -18.96 -22.31
C LEU W 167 17.79 -19.27 -21.00
N GLY W 168 17.11 -19.91 -20.06
CA GLY W 168 17.74 -20.44 -18.84
C GLY W 168 18.61 -21.64 -18.97
N SER W 169 18.65 -22.27 -20.15
CA SER W 169 19.39 -23.54 -20.34
C SER W 169 20.35 -23.40 -21.51
N GLY W 170 21.43 -24.15 -21.46
CA GLY W 170 22.41 -24.12 -22.53
C GLY W 170 23.59 -25.05 -22.39
N SER W 171 24.52 -24.86 -23.31
CA SER W 171 25.81 -25.53 -23.32
C SER W 171 25.61 -27.04 -23.52
N ASN W 172 26.18 -27.88 -22.64
CA ASN W 172 26.31 -29.31 -22.91
C ASN W 172 25.16 -30.11 -22.37
N ILE W 173 25.08 -31.37 -22.82
CA ILE W 173 24.17 -32.37 -22.28
C ILE W 173 24.99 -33.40 -21.50
N ASP W 174 24.72 -33.56 -20.20
CA ASP W 174 25.28 -34.66 -19.36
C ASP W 174 24.21 -35.73 -19.20
N LEU W 175 24.60 -37.00 -19.22
CA LEU W 175 23.70 -38.09 -18.85
C LEU W 175 24.30 -38.92 -17.72
N CYS W 176 23.45 -39.59 -16.95
CA CYS W 176 23.86 -40.65 -16.04
C CYS W 176 22.97 -41.87 -16.22
N VAL W 177 23.56 -43.01 -16.55
CA VAL W 177 22.84 -44.27 -16.79
C VAL W 177 23.08 -45.25 -15.64
N ILE W 178 21.99 -45.74 -15.05
CA ILE W 178 22.07 -46.52 -13.81
C ILE W 178 21.27 -47.78 -14.04
N SER W 179 21.94 -48.93 -14.00
CA SER W 179 21.31 -50.25 -14.01
C SER W 179 21.81 -51.08 -12.85
N LYS W 180 21.25 -52.29 -12.69
CA LYS W 180 21.76 -53.28 -11.68
C LYS W 180 23.27 -53.49 -11.82
N ASN W 181 23.74 -53.56 -13.05
CA ASN W 181 25.12 -53.90 -13.36
C ASN W 181 26.12 -52.77 -13.58
N LYS W 182 25.65 -51.53 -13.71
CA LYS W 182 26.46 -50.49 -14.32
C LYS W 182 26.05 -49.12 -13.82
N LEU W 183 27.02 -48.22 -13.75
CA LEU W 183 26.77 -46.81 -13.64
C LEU W 183 27.64 -46.09 -14.65
N ASP W 184 27.00 -45.41 -15.61
CA ASP W 184 27.71 -44.58 -16.59
C ASP W 184 27.40 -43.13 -16.37
N PHE W 185 28.39 -42.39 -15.90
CA PHE W 185 28.26 -40.97 -15.66
C PHE W 185 28.91 -40.35 -16.89
N LEU W 186 28.09 -39.83 -17.79
CA LEU W 186 28.56 -39.39 -19.07
C LEU W 186 28.54 -37.87 -19.13
N ARG W 187 29.64 -37.27 -18.65
CA ARG W 187 29.82 -35.80 -18.62
C ARG W 187 31.07 -35.40 -19.43
N PRO W 188 30.97 -34.75 -20.61
CA PRO W 188 29.73 -34.43 -21.34
C PRO W 188 29.26 -35.62 -22.15
N TYR W 189 27.97 -35.71 -22.39
CA TYR W 189 27.44 -36.68 -23.30
C TYR W 189 27.49 -36.14 -24.70
N THR W 190 27.06 -34.89 -24.89
CA THR W 190 27.07 -34.15 -26.15
C THR W 190 27.47 -32.70 -25.91
N VAL W 191 28.06 -32.07 -26.92
CA VAL W 191 28.46 -30.67 -26.87
C VAL W 191 27.80 -30.03 -28.08
N PRO W 192 26.48 -29.76 -28.02
CA PRO W 192 25.85 -29.13 -29.18
C PRO W 192 26.17 -27.64 -29.38
N ASN W 193 26.85 -27.01 -28.44
CA ASN W 193 27.16 -25.57 -28.57
C ASN W 193 28.66 -25.31 -28.43
N LYS W 194 29.18 -24.41 -29.27
CA LYS W 194 30.63 -24.05 -29.29
C LYS W 194 30.78 -22.54 -29.54
N LYS W 195 31.76 -21.90 -28.88
CA LYS W 195 32.06 -20.46 -29.14
C LYS W 195 32.62 -20.34 -30.54
N GLY W 196 32.16 -19.33 -31.26
CA GLY W 196 32.61 -19.09 -32.63
C GLY W 196 34.08 -18.75 -32.65
N THR W 197 34.73 -19.00 -33.79
CA THR W 197 36.18 -18.87 -33.88
C THR W 197 36.63 -17.41 -33.87
N ARG W 198 37.69 -17.12 -33.11
CA ARG W 198 38.04 -15.75 -32.71
C ARG W 198 38.87 -15.08 -33.80
N LEU W 199 38.34 -14.00 -34.35
CA LEU W 199 38.79 -13.47 -35.64
C LEU W 199 40.04 -12.60 -35.65
N GLY W 200 40.16 -11.66 -34.73
CA GLY W 200 41.39 -10.87 -34.60
C GLY W 200 42.32 -11.54 -33.61
N ARG W 201 43.63 -11.47 -33.85
CA ARG W 201 44.62 -11.56 -32.76
C ARG W 201 44.70 -10.14 -32.15
N TYR W 202 44.86 -10.07 -30.84
CA TYR W 202 44.95 -8.81 -30.10
C TYR W 202 46.28 -8.73 -29.35
N ARG W 203 47.31 -9.38 -29.86
CA ARG W 203 48.43 -9.80 -28.99
C ARG W 203 49.12 -8.59 -28.32
N CYS W 204 48.70 -8.25 -27.08
CA CYS W 204 49.19 -7.06 -26.37
C CYS W 204 50.59 -7.32 -25.84
N GLU W 205 51.57 -6.57 -26.34
CA GLU W 205 52.97 -6.77 -25.98
C GLU W 205 53.28 -6.34 -24.53
N LYS W 206 54.27 -6.99 -23.89
CA LYS W 206 54.75 -6.59 -22.55
C LYS W 206 55.04 -5.09 -22.56
N GLY W 207 54.54 -4.34 -21.58
CA GLY W 207 54.70 -2.88 -21.53
C GLY W 207 53.50 -2.08 -21.98
N THR W 208 52.55 -2.71 -22.68
CA THR W 208 51.29 -2.05 -23.11
C THR W 208 50.52 -1.42 -21.93
N THR W 209 50.54 -2.10 -20.78
CA THR W 209 49.89 -1.66 -19.58
C THR W 209 50.89 -0.87 -18.71
N ALA W 210 50.58 0.39 -18.44
CA ALA W 210 51.42 1.23 -17.63
C ALA W 210 51.26 0.84 -16.16
N VAL W 211 52.38 0.73 -15.47
CA VAL W 211 52.41 0.32 -14.06
C VAL W 211 52.85 1.49 -13.19
N LEU W 212 52.17 1.74 -12.06
CA LEU W 212 52.57 2.79 -11.09
C LEU W 212 53.51 2.26 -10.02
N THR W 213 53.25 1.04 -9.55
CA THR W 213 53.94 0.45 -8.42
C THR W 213 54.23 -0.99 -8.70
N GLU W 214 55.32 -1.49 -8.16
CA GLU W 214 55.64 -2.91 -8.24
C GLU W 214 56.34 -3.39 -6.98
N LYS W 215 55.99 -4.62 -6.57
CA LYS W 215 56.62 -5.26 -5.45
C LYS W 215 56.70 -6.75 -5.77
N ILE W 216 57.90 -7.30 -5.74
CA ILE W 216 58.10 -8.73 -5.89
C ILE W 216 58.30 -9.32 -4.50
N THR W 217 57.48 -10.30 -4.13
CA THR W 217 57.68 -11.06 -2.89
C THR W 217 58.13 -12.48 -3.25
N PRO W 218 59.40 -12.82 -2.96
CA PRO W 218 59.88 -14.19 -3.27
C PRO W 218 59.32 -15.23 -2.29
N LEU W 219 59.19 -16.50 -2.70
CA LEU W 219 58.67 -17.60 -1.84
C LEU W 219 59.53 -18.90 -1.86
N GLU W 220 59.60 -19.62 -0.73
CA GLU W 220 60.52 -20.76 -0.51
C GLU W 220 59.86 -22.11 -0.80
N SER X 2 19.95 -0.95 -5.05
CA SER X 2 20.54 -2.33 -4.89
C SER X 2 21.68 -2.43 -3.86
N ILE X 3 21.57 -3.38 -2.93
CA ILE X 3 22.49 -3.51 -1.80
C ILE X 3 23.91 -3.70 -2.30
N MET X 4 24.08 -4.55 -3.30
CA MET X 4 25.40 -4.87 -3.87
C MET X 4 26.04 -3.73 -4.64
N SER X 5 25.30 -2.69 -4.99
CA SER X 5 25.90 -1.55 -5.67
C SER X 5 26.13 -0.30 -4.81
N TYR X 6 25.77 -0.38 -3.53
CA TYR X 6 25.88 0.73 -2.57
C TYR X 6 27.33 1.24 -2.48
N ASN X 7 28.29 0.32 -2.46
CA ASN X 7 29.72 0.62 -2.41
C ASN X 7 30.47 0.47 -3.74
N GLY X 8 29.86 -0.23 -4.68
CA GLY X 8 30.46 -0.48 -5.97
C GLY X 8 31.61 -1.45 -5.85
N GLY X 9 32.31 -1.63 -6.97
CA GLY X 9 33.54 -2.36 -6.99
C GLY X 9 33.52 -3.61 -7.83
N ALA X 10 34.73 -4.08 -8.12
CA ALA X 10 34.92 -5.16 -9.05
C ALA X 10 36.17 -5.95 -8.71
N VAL X 11 36.05 -7.27 -8.77
CA VAL X 11 37.19 -8.16 -8.68
C VAL X 11 37.12 -9.15 -9.84
N MET X 12 38.28 -9.59 -10.30
CA MET X 12 38.36 -10.73 -11.21
C MET X 12 39.60 -11.61 -10.94
N ALA X 13 39.51 -12.85 -11.38
CA ALA X 13 40.67 -13.74 -11.38
C ALA X 13 40.78 -14.44 -12.71
N MET X 14 41.99 -14.85 -13.04
CA MET X 14 42.31 -15.40 -14.35
C MET X 14 43.42 -16.43 -14.28
N LYS X 15 43.30 -17.47 -15.08
CA LYS X 15 44.21 -18.60 -15.08
C LYS X 15 45.18 -18.54 -16.27
N GLY X 16 46.43 -18.90 -16.03
CA GLY X 16 47.45 -19.07 -17.04
C GLY X 16 48.18 -20.40 -16.87
N LYS X 17 49.28 -20.51 -17.60
N LYS X 17 49.29 -20.63 -17.56
CA LYS X 17 50.25 -21.59 -17.55
CA LYS X 17 49.94 -21.97 -17.57
C LYS X 17 51.14 -21.34 -16.35
C LYS X 17 50.09 -22.69 -16.21
N ASN X 18 50.96 -22.16 -15.35
CA ASN X 18 51.41 -22.49 -14.03
C ASN X 18 51.40 -21.22 -13.17
N CYS X 19 50.39 -20.39 -13.41
CA CYS X 19 50.24 -19.16 -12.69
C CYS X 19 48.78 -18.74 -12.69
N VAL X 20 48.43 -17.89 -11.74
CA VAL X 20 47.10 -17.28 -11.67
C VAL X 20 47.23 -15.81 -11.38
N ALA X 21 46.15 -15.07 -11.70
CA ALA X 21 46.10 -13.62 -11.49
C ALA X 21 44.81 -13.25 -10.80
N ILE X 22 44.90 -12.25 -9.92
CA ILE X 22 43.75 -11.70 -9.29
C ILE X 22 43.90 -10.18 -9.19
N ALA X 23 42.79 -9.48 -9.42
CA ALA X 23 42.77 -8.02 -9.56
C ALA X 23 41.49 -7.42 -8.98
N ALA X 24 41.59 -6.15 -8.61
CA ALA X 24 40.50 -5.42 -8.00
C ALA X 24 40.63 -3.95 -8.25
N ASP X 25 39.51 -3.24 -8.28
CA ASP X 25 39.55 -1.78 -8.21
C ASP X 25 39.89 -1.36 -6.80
N ARG X 26 40.06 -0.06 -6.57
CA ARG X 26 40.57 0.46 -5.30
CA ARG X 26 40.58 0.47 -5.31
C ARG X 26 39.64 1.45 -4.61
N ARG X 27 38.51 1.79 -5.25
CA ARG X 27 37.52 2.72 -4.68
C ARG X 27 36.77 2.14 -3.49
N PHE X 28 36.64 2.93 -2.43
CA PHE X 28 35.64 2.77 -1.41
C PHE X 28 34.79 4.04 -1.53
N GLY X 29 33.55 3.85 -1.98
CA GLY X 29 32.57 4.93 -2.09
C GLY X 29 31.26 4.52 -1.44
N ILE X 30 30.49 5.52 -1.07
CA ILE X 30 29.16 5.38 -0.55
C ILE X 30 28.24 6.09 -1.54
N GLN X 31 27.51 5.27 -2.32
CA GLN X 31 26.75 5.70 -3.49
C GLN X 31 27.56 6.56 -4.43
N ALA X 32 27.21 7.82 -4.61
CA ALA X 32 27.98 8.65 -5.56
C ALA X 32 29.35 9.09 -5.01
N GLN X 33 29.47 9.15 -3.69
CA GLN X 33 30.66 9.73 -3.09
C GLN X 33 31.83 8.76 -2.91
N MET X 34 32.96 9.08 -3.54
CA MET X 34 34.22 8.40 -3.23
C MET X 34 34.65 8.86 -1.81
N VAL X 35 35.07 7.92 -0.98
CA VAL X 35 35.55 8.19 0.39
C VAL X 35 37.05 8.02 0.44
N THR X 36 37.53 6.96 -0.20
CA THR X 36 38.93 6.59 -0.19
C THR X 36 39.30 5.90 -1.51
N THR X 37 40.59 5.87 -1.87
CA THR X 37 41.07 5.29 -3.14
C THR X 37 42.11 4.19 -2.99
N ASP X 38 42.18 3.59 -1.81
CA ASP X 38 43.14 2.53 -1.56
C ASP X 38 42.50 1.46 -0.67
N PHE X 39 41.24 1.10 -0.96
CA PHE X 39 40.52 0.15 -0.13
C PHE X 39 40.91 -1.25 -0.58
N GLN X 40 41.25 -2.08 0.38
CA GLN X 40 41.69 -3.43 0.09
C GLN X 40 40.49 -4.37 -0.09
N LYS X 41 40.54 -5.15 -1.15
CA LYS X 41 39.50 -6.14 -1.50
C LYS X 41 40.03 -7.53 -1.72
N ILE X 42 41.35 -7.65 -1.92
CA ILE X 42 42.03 -8.92 -2.08
C ILE X 42 42.89 -9.14 -0.81
N PHE X 43 42.77 -10.34 -0.23
CA PHE X 43 43.39 -10.72 1.02
C PHE X 43 44.10 -12.08 0.90
N PRO X 44 45.33 -12.17 1.43
CA PRO X 44 46.07 -13.44 1.37
C PRO X 44 45.45 -14.50 2.27
N MET X 45 45.42 -15.72 1.78
CA MET X 45 44.90 -16.85 2.54
C MET X 45 45.91 -17.99 2.51
N GLY X 46 47.16 -17.65 2.29
CA GLY X 46 48.18 -18.62 1.91
C GLY X 46 49.23 -17.90 1.10
N ASP X 47 50.40 -18.49 1.04
CA ASP X 47 51.50 -17.89 0.29
C ASP X 47 51.11 -17.78 -1.17
N ARG X 48 50.38 -18.77 -1.67
CA ARG X 48 50.00 -18.82 -3.08
C ARG X 48 48.48 -18.89 -3.29
N LEU X 49 47.74 -18.22 -2.40
CA LEU X 49 46.28 -18.34 -2.39
C LEU X 49 45.64 -17.10 -1.80
N TYR X 50 44.81 -16.47 -2.63
CA TYR X 50 44.19 -15.17 -2.37
C TYR X 50 42.67 -15.21 -2.63
N ILE X 51 41.93 -14.39 -1.88
CA ILE X 51 40.51 -14.26 -2.04
C ILE X 51 40.21 -12.79 -2.29
N GLY X 52 39.40 -12.54 -3.31
CA GLY X 52 38.96 -11.19 -3.71
C GLY X 52 37.49 -11.08 -3.43
N LEU X 53 37.06 -9.99 -2.80
CA LEU X 53 35.67 -9.84 -2.42
C LEU X 53 35.13 -8.50 -2.87
N ALA X 54 34.09 -8.52 -3.68
CA ALA X 54 33.35 -7.31 -3.98
C ALA X 54 31.98 -7.43 -3.35
N GLY X 55 31.33 -6.28 -3.21
CA GLY X 55 30.01 -6.18 -2.66
C GLY X 55 30.01 -5.12 -1.58
N LEU X 56 29.18 -5.32 -0.56
CA LEU X 56 29.02 -4.35 0.48
C LEU X 56 30.30 -4.37 1.34
N ALA X 57 30.90 -3.20 1.54
CA ALA X 57 32.26 -3.11 2.06
C ALA X 57 32.31 -3.71 3.46
N THR X 58 31.32 -3.42 4.28
CA THR X 58 31.30 -3.98 5.62
C THR X 58 31.42 -5.52 5.63
N ASP X 59 30.77 -6.19 4.66
CA ASP X 59 30.77 -7.65 4.58
C ASP X 59 32.03 -8.19 3.89
N VAL X 60 32.60 -7.45 2.94
CA VAL X 60 33.93 -7.77 2.40
C VAL X 60 34.92 -7.98 3.54
N GLN X 61 34.89 -7.06 4.50
CA GLN X 61 35.82 -7.09 5.62
C GLN X 61 35.45 -8.20 6.61
N THR X 62 34.18 -8.30 6.99
CA THR X 62 33.76 -9.35 7.92
C THR X 62 34.05 -10.76 7.39
N VAL X 63 33.76 -10.99 6.11
CA VAL X 63 33.99 -12.31 5.53
C VAL X 63 35.46 -12.63 5.46
N ALA X 64 36.27 -11.65 5.06
CA ALA X 64 37.70 -11.87 5.03
C ALA X 64 38.23 -12.25 6.43
N GLN X 65 37.76 -11.56 7.46
CA GLN X 65 38.26 -11.75 8.85
C GLN X 65 37.76 -13.04 9.47
N ARG X 66 36.47 -13.35 9.25
CA ARG X 66 35.90 -14.60 9.77
C ARG X 66 36.46 -15.80 9.01
N LEU X 67 36.73 -15.61 7.72
CA LEU X 67 37.38 -16.65 6.97
C LEU X 67 38.81 -16.92 7.48
N LYS X 68 39.58 -15.87 7.70
CA LYS X 68 40.94 -16.02 8.22
C LYS X 68 40.94 -16.76 9.58
N PHE X 69 40.01 -16.43 10.46
CA PHE X 69 39.83 -17.10 11.76
C PHE X 69 39.70 -18.60 11.57
N ARG X 70 38.84 -18.99 10.66
CA ARG X 70 38.57 -20.40 10.41
C ARG X 70 39.75 -21.07 9.73
N LEU X 71 40.37 -20.37 8.79
CA LEU X 71 41.54 -20.92 8.10
C LEU X 71 42.76 -21.14 9.06
N ASN X 72 43.02 -20.17 9.91
CA ASN X 72 44.13 -20.27 10.83
C ASN X 72 43.97 -21.49 11.75
N LEU X 73 42.76 -21.68 12.28
CA LEU X 73 42.46 -22.84 13.11
C LEU X 73 42.65 -24.10 12.31
N TYR X 74 42.11 -24.13 11.10
CA TYR X 74 42.30 -25.28 10.23
C TYR X 74 43.77 -25.62 10.05
N GLU X 75 44.59 -24.64 9.68
CA GLU X 75 46.02 -24.89 9.42
C GLU X 75 46.81 -25.32 10.67
N LEU X 76 46.57 -24.70 11.81
CA LEU X 76 47.14 -25.16 13.11
C LEU X 76 46.77 -26.60 13.45
N LYS X 77 45.53 -26.99 13.19
CA LYS X 77 45.01 -28.29 13.59
C LYS X 77 45.44 -29.41 12.63
N GLU X 78 45.47 -29.10 11.32
CA GLU X 78 45.89 -30.02 10.30
C GLU X 78 47.39 -29.83 10.20
N GLY X 79 48.08 -30.64 9.46
CA GLY X 79 49.51 -30.41 9.47
C GLY X 79 50.02 -29.22 8.66
N ARG X 80 49.15 -28.44 8.01
CA ARG X 80 49.45 -28.05 6.63
C ARG X 80 48.74 -26.85 6.08
N GLN X 81 49.20 -26.42 4.91
CA GLN X 81 48.53 -25.40 4.15
C GLN X 81 47.26 -25.93 3.48
N ILE X 82 46.18 -25.15 3.51
CA ILE X 82 44.89 -25.51 2.86
C ILE X 82 45.01 -25.56 1.34
N LYS X 83 44.37 -26.56 0.73
CA LYS X 83 44.27 -26.64 -0.72
C LYS X 83 43.20 -25.66 -1.26
N PRO X 84 43.43 -25.11 -2.47
CA PRO X 84 42.49 -24.12 -3.04
C PRO X 84 41.03 -24.58 -3.02
N TYR X 85 40.78 -25.78 -3.53
CA TYR X 85 39.46 -26.38 -3.54
C TYR X 85 38.86 -26.46 -2.12
N THR X 86 39.69 -26.79 -1.14
CA THR X 86 39.24 -26.86 0.25
C THR X 86 38.88 -25.49 0.79
N LEU X 87 39.63 -24.45 0.44
CA LEU X 87 39.25 -23.07 0.84
C LEU X 87 37.88 -22.70 0.25
N MET X 88 37.69 -23.00 -1.03
CA MET X 88 36.39 -22.78 -1.65
C MET X 88 35.25 -23.39 -0.84
N SER X 89 35.46 -24.62 -0.38
CA SER X 89 34.44 -25.33 0.41
C SER X 89 34.21 -24.68 1.75
N MET X 90 35.28 -24.26 2.39
CA MET X 90 35.26 -23.54 3.68
C MET X 90 34.45 -22.27 3.53
N VAL X 91 34.73 -21.50 2.47
CA VAL X 91 34.01 -20.26 2.19
C VAL X 91 32.53 -20.56 1.87
N ALA X 92 32.28 -21.55 1.04
CA ALA X 92 30.88 -21.92 0.73
C ALA X 92 30.10 -22.21 1.99
N ASN X 93 30.74 -22.94 2.90
CA ASN X 93 30.08 -23.33 4.13
C ASN X 93 29.81 -22.10 4.97
N LEU X 94 30.79 -21.21 5.08
CA LEU X 94 30.59 -19.94 5.80
C LEU X 94 29.42 -19.12 5.25
N LEU X 95 29.37 -18.96 3.94
CA LEU X 95 28.29 -18.16 3.33
C LEU X 95 26.91 -18.81 3.49
N TYR X 96 26.84 -20.12 3.30
CA TYR X 96 25.56 -20.81 3.36
C TYR X 96 24.96 -20.88 4.76
N GLU X 97 25.77 -20.79 5.82
CA GLU X 97 25.23 -20.61 7.19
C GLU X 97 24.33 -19.42 7.32
N LYS X 98 24.55 -18.40 6.52
CA LYS X 98 23.72 -17.20 6.51
C LYS X 98 22.69 -17.20 5.36
N ARG X 99 22.30 -18.42 4.93
CA ARG X 99 21.40 -18.60 3.77
C ARG X 99 20.25 -17.65 3.83
N PHE X 100 19.63 -17.49 4.97
CA PHE X 100 18.46 -16.66 5.09
C PHE X 100 18.70 -15.23 5.61
N GLY X 101 19.95 -14.73 5.57
CA GLY X 101 20.28 -13.33 5.95
C GLY X 101 21.72 -13.14 5.56
N PRO X 102 22.01 -13.23 4.26
CA PRO X 102 23.37 -13.43 3.82
C PRO X 102 24.26 -12.23 3.93
N TYR X 103 25.56 -12.49 3.82
CA TYR X 103 26.58 -11.46 3.65
C TYR X 103 26.50 -11.03 2.21
N TYR X 104 26.57 -9.73 1.95
CA TYR X 104 26.48 -9.22 0.56
C TYR X 104 27.79 -9.10 -0.12
N THR X 105 28.39 -10.26 -0.35
CA THR X 105 29.66 -10.34 -1.02
C THR X 105 29.71 -11.61 -1.86
N GLU X 106 30.41 -11.54 -2.98
CA GLU X 106 30.53 -12.64 -3.91
C GLU X 106 31.99 -12.77 -4.26
N PRO X 107 32.68 -13.70 -3.58
CA PRO X 107 34.13 -13.75 -3.68
C PRO X 107 34.66 -14.44 -4.91
N VAL X 108 35.89 -14.12 -5.28
CA VAL X 108 36.65 -14.96 -6.19
C VAL X 108 37.92 -15.43 -5.46
N ILE X 109 38.36 -16.64 -5.80
CA ILE X 109 39.54 -17.22 -5.18
C ILE X 109 40.54 -17.51 -6.29
N ALA X 110 41.81 -17.21 -6.04
CA ALA X 110 42.85 -17.50 -7.01
C ALA X 110 44.04 -18.05 -6.25
N GLY X 111 44.56 -19.17 -6.70
CA GLY X 111 45.78 -19.67 -6.11
C GLY X 111 46.39 -20.87 -6.77
N LEU X 112 47.51 -21.33 -6.20
CA LEU X 112 48.21 -22.51 -6.67
C LEU X 112 48.14 -23.55 -5.57
N ASP X 113 47.98 -24.82 -5.94
CA ASP X 113 48.00 -25.87 -4.93
C ASP X 113 49.34 -25.87 -4.18
N PRO X 114 49.31 -25.93 -2.82
CA PRO X 114 50.58 -25.79 -2.09
C PRO X 114 51.60 -26.92 -2.26
N LYS X 115 51.18 -28.10 -2.71
CA LYS X 115 52.09 -29.21 -3.04
C LYS X 115 52.38 -29.28 -4.56
N THR X 116 51.34 -29.36 -5.39
CA THR X 116 51.51 -29.53 -6.84
C THR X 116 51.65 -28.22 -7.68
N PHE X 117 51.40 -27.05 -7.08
CA PHE X 117 51.46 -25.76 -7.79
C PHE X 117 50.52 -25.63 -9.02
N LYS X 118 49.47 -26.46 -9.04
CA LYS X 118 48.48 -26.43 -10.10
C LYS X 118 47.57 -25.21 -9.93
N PRO X 119 47.28 -24.49 -11.01
CA PRO X 119 46.43 -23.29 -10.89
C PRO X 119 44.95 -23.59 -10.58
N PHE X 120 44.34 -22.72 -9.78
CA PHE X 120 42.94 -22.86 -9.41
C PHE X 120 42.30 -21.50 -9.37
N ILE X 121 41.12 -21.39 -9.99
CA ILE X 121 40.26 -20.23 -9.78
C ILE X 121 38.83 -20.66 -9.59
N CYS X 122 38.11 -19.86 -8.81
CA CYS X 122 36.67 -20.04 -8.65
C CYS X 122 36.02 -18.75 -8.19
N SER X 123 34.69 -18.77 -8.15
CA SER X 123 33.92 -17.72 -7.53
C SER X 123 32.75 -18.36 -6.82
N LEU X 124 32.10 -17.61 -5.95
CA LEU X 124 30.90 -18.09 -5.32
C LEU X 124 29.87 -16.99 -5.30
N ASP X 125 28.59 -17.35 -5.31
CA ASP X 125 27.55 -16.35 -5.10
C ASP X 125 27.42 -16.10 -3.61
N LEU X 126 26.55 -15.17 -3.23
CA LEU X 126 26.47 -14.72 -1.84
C LEU X 126 26.00 -15.71 -0.82
N ILE X 127 25.33 -16.78 -1.29
CA ILE X 127 24.93 -17.86 -0.41
C ILE X 127 25.79 -19.11 -0.53
N GLY X 128 26.89 -19.01 -1.25
CA GLY X 128 27.91 -20.03 -1.24
C GLY X 128 27.84 -21.11 -2.32
N CYS X 129 27.16 -20.87 -3.44
CA CYS X 129 27.23 -21.77 -4.58
C CYS X 129 28.59 -21.63 -5.21
N PRO X 130 29.38 -22.72 -5.24
CA PRO X 130 30.67 -22.58 -5.88
C PRO X 130 30.64 -22.78 -7.41
N MET X 131 31.55 -22.08 -8.09
CA MET X 131 31.73 -22.20 -9.51
C MET X 131 33.22 -22.16 -9.86
N VAL X 132 33.77 -23.31 -10.22
CA VAL X 132 35.17 -23.46 -10.67
C VAL X 132 35.23 -23.33 -12.20
N THR X 133 36.22 -22.60 -12.74
CA THR X 133 36.44 -22.52 -14.20
C THR X 133 37.91 -22.66 -14.54
N ASP X 134 38.18 -22.89 -15.81
CA ASP X 134 39.56 -23.02 -16.32
C ASP X 134 40.06 -21.79 -17.02
N ASP X 135 39.34 -20.67 -16.92
CA ASP X 135 39.72 -19.45 -17.61
C ASP X 135 39.68 -18.19 -16.74
N PHE X 136 38.48 -17.77 -16.36
CA PHE X 136 38.31 -16.53 -15.60
C PHE X 136 37.00 -16.56 -14.85
N VAL X 137 36.96 -15.74 -13.80
CA VAL X 137 35.76 -15.46 -13.05
C VAL X 137 35.75 -13.97 -12.76
N VAL X 138 34.54 -13.41 -12.66
CA VAL X 138 34.35 -11.98 -12.39
C VAL X 138 33.27 -11.76 -11.34
N SER X 139 33.37 -10.68 -10.58
CA SER X 139 32.34 -10.35 -9.60
C SER X 139 32.33 -8.85 -9.33
N GLY X 140 31.14 -8.26 -9.29
CA GLY X 140 31.02 -6.83 -8.99
C GLY X 140 30.03 -6.07 -9.84
N THR X 141 29.99 -4.76 -9.69
CA THR X 141 28.98 -3.92 -10.35
C THR X 141 29.15 -3.76 -11.86
N CYS X 142 30.29 -4.17 -12.40
CA CYS X 142 30.53 -4.12 -13.81
C CYS X 142 30.81 -5.52 -14.34
N ALA X 143 30.10 -6.53 -13.85
CA ALA X 143 30.34 -7.90 -14.27
C ALA X 143 30.21 -8.06 -15.79
N GLU X 144 29.23 -7.40 -16.40
CA GLU X 144 29.02 -7.49 -17.85
C GLU X 144 30.17 -6.93 -18.66
N GLN X 145 30.63 -5.75 -18.28
CA GLN X 145 31.82 -5.16 -18.84
C GLN X 145 32.98 -6.12 -18.68
N MET X 146 33.15 -6.68 -17.49
CA MET X 146 34.22 -7.64 -17.26
C MET X 146 34.10 -8.90 -18.15
N TYR X 147 32.90 -9.44 -18.30
CA TYR X 147 32.70 -10.60 -19.16
C TYR X 147 33.03 -10.29 -20.63
N GLY X 148 32.66 -9.11 -21.09
CA GLY X 148 32.96 -8.70 -22.46
C GLY X 148 34.46 -8.71 -22.71
N MET X 149 35.24 -8.17 -21.77
CA MET X 149 36.68 -8.09 -21.94
C MET X 149 37.31 -9.46 -21.85
N CYS X 150 36.94 -10.22 -20.83
CA CYS X 150 37.51 -11.56 -20.63
C CYS X 150 37.17 -12.49 -21.79
N GLU X 151 35.92 -12.52 -22.21
CA GLU X 151 35.56 -13.36 -23.36
C GLU X 151 36.33 -13.03 -24.61
N SER X 152 36.63 -11.75 -24.84
CA SER X 152 37.36 -11.33 -26.04
C SER X 152 38.90 -11.44 -25.94
N LEU X 153 39.50 -11.31 -24.76
CA LEU X 153 40.95 -11.29 -24.64
C LEU X 153 41.54 -12.60 -24.12
N TRP X 154 40.88 -13.28 -23.20
CA TRP X 154 41.50 -14.44 -22.56
C TRP X 154 41.89 -15.51 -23.57
N GLU X 155 43.05 -16.11 -23.35
CA GLU X 155 43.52 -17.22 -24.17
C GLU X 155 44.15 -18.27 -23.27
N PRO X 156 44.15 -19.55 -23.69
CA PRO X 156 44.78 -20.57 -22.86
C PRO X 156 46.30 -20.46 -22.77
N ASN X 157 46.84 -21.06 -21.72
CA ASN X 157 48.27 -21.22 -21.53
C ASN X 157 49.12 -19.94 -21.56
N MET X 158 48.62 -18.85 -21.01
CA MET X 158 49.39 -17.61 -21.02
C MET X 158 50.50 -17.64 -20.00
N ASP X 159 51.66 -17.11 -20.38
CA ASP X 159 52.77 -17.00 -19.46
C ASP X 159 52.49 -15.80 -18.54
N PRO X 160 53.24 -15.68 -17.42
CA PRO X 160 52.98 -14.60 -16.47
C PRO X 160 52.83 -13.19 -17.05
N ASP X 161 53.66 -12.82 -18.03
CA ASP X 161 53.63 -11.45 -18.60
C ASP X 161 52.37 -11.16 -19.41
N HIS X 162 51.97 -12.12 -20.22
CA HIS X 162 50.75 -11.99 -21.02
C HIS X 162 49.54 -12.02 -20.10
N LEU X 163 49.58 -12.90 -19.09
CA LEU X 163 48.52 -12.97 -18.09
C LEU X 163 48.30 -11.63 -17.43
N PHE X 164 49.40 -11.00 -17.02
CA PHE X 164 49.36 -9.65 -16.44
C PHE X 164 48.71 -8.63 -17.36
N GLU X 165 49.17 -8.56 -18.60
CA GLU X 165 48.63 -7.59 -19.56
C GLU X 165 47.14 -7.86 -19.85
N THR X 166 46.74 -9.12 -19.90
CA THR X 166 45.36 -9.45 -20.20
C THR X 166 44.40 -9.08 -19.08
N ILE X 167 44.75 -9.44 -17.84
CA ILE X 167 43.89 -9.18 -16.68
C ILE X 167 43.84 -7.70 -16.45
N SER X 168 44.98 -7.02 -16.63
CA SER X 168 45.05 -5.55 -16.49
C SER X 168 44.14 -4.80 -17.47
N GLN X 169 44.14 -5.25 -18.72
CA GLN X 169 43.35 -4.60 -19.75
C GLN X 169 41.89 -4.96 -19.59
N ALA X 170 41.61 -6.20 -19.19
CA ALA X 170 40.23 -6.55 -18.89
C ALA X 170 39.68 -5.67 -17.77
N MET X 171 40.41 -5.49 -16.67
CA MET X 171 39.94 -4.62 -15.56
C MET X 171 39.80 -3.17 -15.93
N LEU X 172 40.87 -2.59 -16.47
CA LEU X 172 40.89 -1.13 -16.73
C LEU X 172 39.75 -0.68 -17.60
N ASN X 173 39.57 -1.39 -18.70
CA ASN X 173 38.55 -1.06 -19.69
C ASN X 173 37.12 -1.38 -19.22
N ALA X 174 36.97 -2.44 -18.41
CA ALA X 174 35.69 -2.74 -17.78
C ALA X 174 35.25 -1.65 -16.81
N VAL X 175 36.13 -1.26 -15.88
CA VAL X 175 35.76 -0.29 -14.84
C VAL X 175 35.59 1.13 -15.35
N ASP X 176 36.24 1.40 -16.47
CA ASP X 176 36.02 2.68 -17.17
C ASP X 176 34.66 2.82 -17.82
N ARG X 177 33.90 1.73 -17.89
CA ARG X 177 32.49 1.83 -18.22
C ARG X 177 31.50 1.75 -17.05
N ASP X 178 32.00 1.93 -15.81
CA ASP X 178 31.21 1.80 -14.58
C ASP X 178 31.45 2.99 -13.62
N ALA X 179 30.39 3.74 -13.33
CA ALA X 179 30.49 4.95 -12.56
C ALA X 179 31.04 4.74 -11.14
N VAL X 180 30.70 3.59 -10.55
CA VAL X 180 31.00 3.27 -9.14
C VAL X 180 32.09 2.20 -8.93
N SER X 181 32.84 1.91 -9.98
CA SER X 181 34.09 1.17 -9.83
C SER X 181 35.27 1.96 -10.38
N GLY X 182 36.44 1.67 -9.82
CA GLY X 182 37.70 2.14 -10.35
C GLY X 182 38.50 2.87 -9.29
N MET X 183 38.85 4.13 -9.57
CA MET X 183 39.82 4.92 -8.81
C MET X 183 41.11 4.16 -8.54
N GLY X 184 41.57 3.36 -9.50
CA GLY X 184 42.76 2.55 -9.37
C GLY X 184 42.43 1.09 -9.53
N VAL X 185 43.45 0.32 -9.91
CA VAL X 185 43.39 -1.14 -10.05
C VAL X 185 44.69 -1.74 -9.43
N ILE X 186 44.54 -2.78 -8.62
CA ILE X 186 45.68 -3.54 -8.11
C ILE X 186 45.63 -4.94 -8.71
N VAL X 187 46.80 -5.50 -9.05
CA VAL X 187 46.90 -6.83 -9.68
C VAL X 187 47.98 -7.66 -8.97
N HIS X 188 47.65 -8.91 -8.65
CA HIS X 188 48.61 -9.83 -8.03
C HIS X 188 48.80 -10.97 -9.00
N ILE X 189 50.04 -11.27 -9.39
CA ILE X 189 50.36 -12.44 -10.19
C ILE X 189 50.99 -13.48 -9.29
N ILE X 190 50.41 -14.67 -9.26
CA ILE X 190 50.89 -15.74 -8.39
C ILE X 190 51.58 -16.84 -9.21
N GLU X 191 52.87 -17.02 -8.92
CA GLU X 191 53.70 -18.10 -9.50
C GLU X 191 54.26 -18.99 -8.37
N LYS X 192 54.79 -20.15 -8.73
CA LYS X 192 55.42 -21.11 -7.78
C LYS X 192 56.44 -20.45 -6.89
N ASP X 193 57.29 -19.63 -7.47
CA ASP X 193 58.42 -19.04 -6.75
C ASP X 193 58.27 -17.57 -6.30
N LYS X 194 57.15 -16.90 -6.58
CA LYS X 194 56.98 -15.47 -6.16
C LYS X 194 55.59 -14.88 -6.44
N ILE X 195 55.25 -13.83 -5.69
CA ILE X 195 54.09 -13.00 -5.92
C ILE X 195 54.56 -11.65 -6.44
N THR X 196 53.99 -11.21 -7.56
CA THR X 196 54.21 -9.88 -8.09
C THR X 196 52.93 -9.05 -7.96
N THR X 197 53.06 -7.91 -7.27
CA THR X 197 51.95 -7.03 -6.96
C THR X 197 52.17 -5.67 -7.61
N ARG X 198 51.19 -5.25 -8.41
CA ARG X 198 51.25 -3.98 -9.16
C ARG X 198 50.00 -3.17 -9.02
N THR X 199 50.16 -1.84 -8.91
CA THR X 199 49.07 -0.91 -9.16
C THR X 199 49.24 -0.30 -10.54
N LEU X 200 48.12 -0.05 -11.23
CA LEU X 200 48.11 0.38 -12.63
C LEU X 200 47.84 1.87 -12.76
N LYS X 201 48.45 2.47 -13.77
CA LYS X 201 48.07 3.83 -14.17
C LYS X 201 46.61 3.75 -14.64
N ALA X 202 45.74 4.57 -14.08
CA ALA X 202 44.32 4.40 -14.26
C ALA X 202 43.56 5.68 -14.04
N ARG X 203 42.45 5.81 -14.76
CA ARG X 203 41.55 6.93 -14.61
C ARG X 203 41.10 7.10 -13.15
N MET X 204 40.97 8.36 -12.73
CA MET X 204 40.54 8.71 -11.36
C MET X 204 39.28 9.57 -11.33
N ASP X 205 38.40 9.33 -12.33
CA ASP X 205 37.04 9.92 -12.37
C ASP X 205 35.90 8.86 -12.18
N MET Y 1 22.65 19.62 12.08
CA MET Y 1 23.10 18.24 11.66
C MET Y 1 24.61 18.16 11.52
N GLU Y 2 25.16 17.01 11.89
CA GLU Y 2 26.43 16.98 12.61
C GLU Y 2 27.62 16.86 11.68
N TYR Y 3 28.66 17.63 11.95
CA TYR Y 3 29.85 17.64 11.12
C TYR Y 3 31.04 17.16 11.96
N LEU Y 4 31.83 16.26 11.36
CA LEU Y 4 33.11 15.80 11.86
C LEU Y 4 34.14 15.95 10.76
N ILE Y 5 35.39 16.26 11.16
CA ILE Y 5 36.49 16.32 10.22
C ILE Y 5 37.79 15.92 10.92
N GLY Y 6 38.67 15.25 10.16
CA GLY Y 6 39.99 14.88 10.63
C GLY Y 6 41.01 15.11 9.53
N ILE Y 7 42.21 15.54 9.92
CA ILE Y 7 43.35 15.76 9.01
C ILE Y 7 44.56 15.19 9.72
N GLN Y 8 45.20 14.20 9.08
CA GLN Y 8 46.38 13.53 9.63
C GLN Y 8 47.61 14.11 8.93
N GLY Y 9 48.53 14.65 9.72
CA GLY Y 9 49.87 15.00 9.25
C GLY Y 9 50.95 14.01 9.64
N PRO Y 10 52.22 14.39 9.45
CA PRO Y 10 53.30 13.44 9.61
C PRO Y 10 53.42 12.85 11.00
N ASP Y 11 53.15 13.64 12.03
CA ASP Y 11 53.30 13.20 13.42
C ASP Y 11 52.19 13.73 14.34
N TYR Y 12 51.04 14.03 13.78
CA TYR Y 12 49.87 14.43 14.56
C TYR Y 12 48.59 14.12 13.73
N VAL Y 13 47.43 14.13 14.39
CA VAL Y 13 46.13 14.14 13.74
C VAL Y 13 45.38 15.26 14.37
N LEU Y 14 44.73 16.07 13.53
CA LEU Y 14 43.93 17.19 13.95
C LEU Y 14 42.49 16.75 13.68
N VAL Y 15 41.57 17.10 14.57
CA VAL Y 15 40.16 16.77 14.41
C VAL Y 15 39.31 17.92 14.90
N ALA Y 16 38.11 18.02 14.33
CA ALA Y 16 37.18 19.03 14.77
C ALA Y 16 35.76 18.52 14.60
N SER Y 17 34.83 19.08 15.34
CA SER Y 17 33.45 18.70 15.28
C SER Y 17 32.58 19.90 15.62
N ASP Y 18 31.36 19.94 15.10
CA ASP Y 18 30.46 21.03 15.46
C ASP Y 18 29.93 20.88 16.88
N ARG Y 19 29.33 21.93 17.42
CA ARG Y 19 28.95 21.95 18.84
C ARG Y 19 27.48 22.20 19.05
N VAL Y 20 26.68 21.85 18.04
CA VAL Y 20 25.27 21.98 18.12
C VAL Y 20 24.64 20.65 18.49
N ALA Y 21 23.65 20.71 19.37
CA ALA Y 21 22.70 19.63 19.58
C ALA Y 21 21.37 20.19 19.19
N ALA Y 22 20.79 19.65 18.16
CA ALA Y 22 19.54 20.19 17.64
C ALA Y 22 18.41 19.24 17.84
N SER Y 23 17.23 19.81 17.83
CA SER Y 23 16.01 19.07 17.90
C SER Y 23 14.91 19.79 17.13
N ASN Y 24 14.40 19.17 16.06
CA ASN Y 24 13.38 19.74 15.19
C ASN Y 24 13.96 21.04 14.61
N ILE Y 25 13.37 22.20 14.87
CA ILE Y 25 13.92 23.45 14.30
C ILE Y 25 14.88 24.24 15.22
N VAL Y 26 15.15 23.77 16.42
CA VAL Y 26 15.92 24.57 17.40
C VAL Y 26 17.25 23.96 17.73
N GLN Y 27 18.29 24.79 17.85
CA GLN Y 27 19.55 24.36 18.52
C GLN Y 27 19.23 24.36 20.03
N MET Y 28 19.42 23.23 20.68
CA MET Y 28 19.14 23.10 22.12
C MET Y 28 20.38 23.26 22.97
N LYS Y 29 21.55 23.13 22.35
CA LYS Y 29 22.83 23.33 23.01
C LYS Y 29 23.83 23.78 21.97
N ASP Y 30 24.60 24.81 22.32
CA ASP Y 30 25.62 25.36 21.41
C ASP Y 30 27.04 25.09 21.84
N ASP Y 31 27.23 24.40 22.96
CA ASP Y 31 28.55 23.96 23.41
C ASP Y 31 28.62 22.42 23.55
N HIS Y 32 27.99 21.72 22.64
CA HIS Y 32 28.04 20.29 22.60
C HIS Y 32 29.42 19.82 22.17
N ASP Y 33 29.82 18.69 22.72
CA ASP Y 33 31.09 18.08 22.41
C ASP Y 33 30.81 16.67 21.90
N LYS Y 34 31.33 16.36 20.72
CA LYS Y 34 31.09 15.09 20.05
C LYS Y 34 32.33 14.21 20.04
N MET Y 35 33.32 14.56 20.87
CA MET Y 35 34.53 13.76 20.99
C MET Y 35 34.55 13.01 22.32
N PHE Y 36 35.11 11.82 22.29
CA PHE Y 36 35.17 10.92 23.43
C PHE Y 36 36.59 10.46 23.53
N LYS Y 37 37.20 10.68 24.69
CA LYS Y 37 38.56 10.23 24.93
C LYS Y 37 38.53 8.74 25.27
N MET Y 38 39.21 7.92 24.47
CA MET Y 38 39.23 6.48 24.71
C MET Y 38 40.41 6.09 25.57
N SER Y 39 41.49 6.85 25.41
CA SER Y 39 42.80 6.58 26.00
C SER Y 39 43.61 7.88 25.91
N GLU Y 40 44.87 7.85 26.35
CA GLU Y 40 45.74 9.05 26.31
C GLU Y 40 45.99 9.61 24.91
N LYS Y 41 46.01 8.73 23.92
CA LYS Y 41 46.36 9.07 22.58
C LYS Y 41 45.28 8.65 21.56
N ILE Y 42 44.01 8.56 21.98
CA ILE Y 42 42.90 8.16 21.12
C ILE Y 42 41.64 8.97 21.38
N LEU Y 43 41.11 9.58 20.31
CA LEU Y 43 39.78 10.20 20.34
C LEU Y 43 38.80 9.48 19.35
N LEU Y 44 37.56 9.27 19.79
CA LEU Y 44 36.50 8.75 18.98
C LEU Y 44 35.48 9.87 18.81
N LEU Y 45 35.16 10.23 17.56
CA LEU Y 45 34.18 11.26 17.29
C LEU Y 45 32.99 10.52 16.68
N CYS Y 46 31.79 10.83 17.18
CA CYS Y 46 30.61 10.05 16.91
CA CYS Y 46 30.58 10.06 16.87
C CYS Y 46 29.41 10.97 16.65
N VAL Y 47 28.71 10.67 15.54
CA VAL Y 47 27.47 11.33 15.16
C VAL Y 47 26.48 10.27 14.66
N GLY Y 48 25.22 10.64 14.58
CA GLY Y 48 24.19 9.75 14.13
C GLY Y 48 22.92 9.92 14.95
N GLU Y 49 22.19 8.81 15.12
CA GLU Y 49 20.91 8.87 15.78
C GLU Y 49 21.08 9.12 17.26
N ALA Y 50 20.16 9.90 17.81
CA ALA Y 50 20.08 10.14 19.23
C ALA Y 50 19.94 8.81 20.02
N GLY Y 51 20.66 8.75 21.13
CA GLY Y 51 20.68 7.59 22.01
C GLY Y 51 21.79 6.70 21.56
N ASP Y 52 21.69 6.20 20.31
CA ASP Y 52 22.68 5.29 19.73
C ASP Y 52 24.08 5.87 19.83
N THR Y 53 24.24 7.16 19.60
CA THR Y 53 25.56 7.72 19.45
C THR Y 53 26.27 7.68 20.80
N VAL Y 54 25.66 8.22 21.84
CA VAL Y 54 26.29 8.16 23.16
C VAL Y 54 26.40 6.69 23.67
N GLN Y 55 25.34 5.92 23.54
CA GLN Y 55 25.35 4.56 24.06
C GLN Y 55 26.49 3.78 23.41
N PHE Y 56 26.62 3.93 22.08
CA PHE Y 56 27.70 3.26 21.39
C PHE Y 56 29.10 3.78 21.80
N ALA Y 57 29.29 5.08 21.74
CA ALA Y 57 30.60 5.70 22.08
C ALA Y 57 31.08 5.36 23.52
N GLU Y 58 30.19 5.49 24.49
CA GLU Y 58 30.50 5.15 25.88
C GLU Y 58 30.75 3.66 26.15
N TYR Y 59 30.12 2.78 25.40
CA TYR Y 59 30.41 1.37 25.54
C TYR Y 59 31.84 1.06 25.09
N ILE Y 60 32.22 1.62 23.95
CA ILE Y 60 33.57 1.43 23.42
C ILE Y 60 34.61 2.02 24.42
N GLN Y 61 34.31 3.19 24.93
CA GLN Y 61 35.18 3.93 25.79
C GLN Y 61 35.46 3.11 27.08
N LYS Y 62 34.41 2.70 27.78
CA LYS Y 62 34.50 1.89 28.96
C LYS Y 62 35.28 0.61 28.73
N ASN Y 63 35.13 0.00 27.57
CA ASN Y 63 35.83 -1.22 27.26
C ASN Y 63 37.29 -1.01 26.88
N VAL Y 64 37.60 0.11 26.23
CA VAL Y 64 39.02 0.46 25.95
C VAL Y 64 39.77 0.73 27.28
N GLN Y 65 39.10 1.41 28.19
CA GLN Y 65 39.62 1.72 29.50
C GLN Y 65 39.75 0.43 30.33
N LEU Y 66 38.78 -0.45 30.22
CA LEU Y 66 38.86 -1.74 30.90
C LEU Y 66 40.10 -2.50 30.41
N TYR Y 67 40.36 -2.48 29.10
CA TYR Y 67 41.52 -3.16 28.57
C TYR Y 67 42.82 -2.62 29.23
N LYS Y 68 42.91 -1.28 29.37
CA LYS Y 68 44.06 -0.64 29.98
C LYS Y 68 44.24 -1.11 31.43
N MET Y 69 43.17 -1.16 32.19
CA MET Y 69 43.20 -1.67 33.56
C MET Y 69 43.58 -3.13 33.66
N ARG Y 70 43.08 -3.99 32.79
CA ARG Y 70 43.40 -5.40 32.87
C ARG Y 70 44.84 -5.64 32.46
N ASN Y 71 45.34 -4.88 31.49
CA ASN Y 71 46.61 -5.25 30.90
C ASN Y 71 47.78 -4.36 31.23
N GLY Y 72 47.57 -3.19 31.80
CA GLY Y 72 48.69 -2.34 32.13
C GLY Y 72 49.15 -1.36 31.07
N TYR Y 73 48.76 -1.56 29.79
CA TYR Y 73 49.09 -0.67 28.67
C TYR Y 73 47.81 -0.50 27.80
N GLU Y 74 47.85 0.45 26.88
CA GLU Y 74 46.67 0.84 26.08
C GLU Y 74 46.57 0.11 24.75
N LEU Y 75 45.34 -0.02 24.26
CA LEU Y 75 45.17 -0.45 22.87
C LEU Y 75 45.76 0.57 21.93
N SER Y 76 46.38 0.10 20.84
CA SER Y 76 46.80 0.96 19.74
C SER Y 76 45.54 1.58 19.02
N PRO Y 77 45.67 2.76 18.35
CA PRO Y 77 44.56 3.28 17.58
C PRO Y 77 43.94 2.28 16.57
N THR Y 78 44.79 1.49 15.93
CA THR Y 78 44.36 0.51 14.98
C THR Y 78 43.56 -0.62 15.62
N ALA Y 79 44.06 -1.10 16.77
CA ALA Y 79 43.36 -2.13 17.51
C ALA Y 79 42.04 -1.60 18.04
N ALA Y 80 42.00 -0.34 18.50
CA ALA Y 80 40.74 0.24 19.01
C ALA Y 80 39.72 0.38 17.83
N ALA Y 81 40.22 0.73 16.66
CA ALA Y 81 39.38 0.95 15.48
C ALA Y 81 38.76 -0.37 15.10
N ASN Y 82 39.56 -1.41 15.08
CA ASN Y 82 39.04 -2.73 14.72
C ASN Y 82 38.10 -3.28 15.75
N PHE Y 83 38.41 -3.01 17.00
CA PHE Y 83 37.50 -3.40 18.09
C PHE Y 83 36.15 -2.71 17.88
N THR Y 84 36.22 -1.44 17.55
CA THR Y 84 35.05 -0.62 17.36
C THR Y 84 34.21 -1.19 16.18
N ARG Y 85 34.91 -1.49 15.09
CA ARG Y 85 34.29 -2.11 13.93
C ARG Y 85 33.65 -3.46 14.23
N ARG Y 86 34.33 -4.31 14.99
CA ARG Y 86 33.79 -5.67 15.34
C ARG Y 86 32.46 -5.52 16.00
N ASN Y 87 32.38 -4.60 16.94
CA ASN Y 87 31.14 -4.37 17.64
C ASN Y 87 30.02 -3.88 16.72
N LEU Y 88 30.30 -2.86 15.90
CA LEU Y 88 29.26 -2.26 15.09
C LEU Y 88 28.74 -3.31 14.11
N ALA Y 89 29.66 -3.99 13.45
CA ALA Y 89 29.37 -5.03 12.47
C ALA Y 89 28.59 -6.21 13.06
N ASP Y 90 29.01 -6.66 14.23
CA ASP Y 90 28.31 -7.72 14.95
C ASP Y 90 26.87 -7.31 15.32
N CYS Y 91 26.62 -6.02 15.55
CA CYS Y 91 25.28 -5.54 15.86
C CYS Y 91 24.38 -5.25 14.68
N LEU Y 92 24.97 -5.20 13.49
CA LEU Y 92 24.29 -4.71 12.28
C LEU Y 92 23.03 -5.52 11.90
N ARG Y 93 23.12 -6.83 12.01
CA ARG Y 93 22.00 -7.66 11.71
C ARG Y 93 21.29 -8.14 12.96
N SER Y 94 21.55 -7.52 14.11
CA SER Y 94 20.96 -7.94 15.37
C SER Y 94 19.71 -7.19 15.62
N ARG Y 95 19.12 -7.45 16.78
CA ARG Y 95 17.99 -6.66 17.33
C ARG Y 95 18.40 -5.25 17.78
N THR Y 96 19.70 -5.00 17.99
CA THR Y 96 20.18 -3.70 18.47
C THR Y 96 21.26 -3.14 17.57
N PRO Y 97 20.91 -2.72 16.34
CA PRO Y 97 21.90 -2.04 15.52
C PRO Y 97 22.13 -0.62 16.07
N TYR Y 98 23.33 -0.07 15.88
CA TYR Y 98 23.62 1.33 16.25
C TYR Y 98 23.76 2.23 15.00
N HIS Y 99 22.90 3.22 14.84
CA HIS Y 99 23.00 4.11 13.63
CA HIS Y 99 22.95 4.09 13.68
C HIS Y 99 23.92 5.26 13.97
N VAL Y 100 25.21 5.01 13.77
CA VAL Y 100 26.25 5.97 14.06
C VAL Y 100 27.27 6.00 12.97
N ASN Y 101 27.86 7.18 12.73
CA ASN Y 101 29.02 7.35 11.88
C ASN Y 101 30.18 7.87 12.74
N LEU Y 102 31.41 7.44 12.46
CA LEU Y 102 32.52 7.69 13.33
C LEU Y 102 33.78 8.13 12.60
N LEU Y 103 34.60 8.92 13.30
CA LEU Y 103 36.05 9.04 13.05
C LEU Y 103 36.81 8.58 14.30
N LEU Y 104 37.86 7.81 14.10
CA LEU Y 104 38.77 7.48 15.16
C LEU Y 104 40.11 8.08 14.84
N ALA Y 105 40.59 8.94 15.74
CA ALA Y 105 41.90 9.59 15.62
C ALA Y 105 42.83 9.11 16.74
N GLY Y 106 44.07 8.80 16.37
CA GLY Y 106 45.04 8.35 17.37
C GLY Y 106 46.47 8.56 17.00
N TYR Y 107 47.32 8.41 18.01
CA TYR Y 107 48.75 8.42 17.84
C TYR Y 107 49.33 7.20 18.50
N ASP Y 108 50.08 6.41 17.75
CA ASP Y 108 50.77 5.23 18.28
C ASP Y 108 52.30 5.47 18.37
N GLU Y 109 52.90 5.06 19.48
CA GLU Y 109 54.34 5.18 19.69
C GLU Y 109 55.14 4.69 18.48
N HIS Y 110 54.74 3.56 17.91
CA HIS Y 110 55.51 2.89 16.85
C HIS Y 110 54.99 2.99 15.42
N GLU Y 111 53.69 3.23 15.24
CA GLU Y 111 53.05 3.36 13.92
C GLU Y 111 52.80 4.83 13.50
N GLY Y 112 52.85 5.78 14.44
CA GLY Y 112 52.65 7.21 14.10
C GLY Y 112 51.19 7.57 14.21
N PRO Y 113 50.80 8.75 13.73
CA PRO Y 113 49.41 9.14 13.79
C PRO Y 113 48.50 8.33 12.83
N ALA Y 114 47.22 8.21 13.17
CA ALA Y 114 46.25 7.50 12.30
C ALA Y 114 44.88 8.13 12.40
N LEU Y 115 44.18 8.13 11.25
CA LEU Y 115 42.80 8.53 11.15
C LEU Y 115 41.99 7.43 10.45
N TYR Y 116 40.87 7.09 11.05
CA TYR Y 116 40.00 6.02 10.61
C TYR Y 116 38.61 6.57 10.42
N TYR Y 117 38.02 6.20 9.29
CA TYR Y 117 36.64 6.52 8.94
C TYR Y 117 35.79 5.27 9.07
N MET Y 118 34.65 5.41 9.73
CA MET Y 118 33.68 4.34 9.79
C MET Y 118 32.26 4.83 9.54
N ASP Y 119 31.50 4.14 8.70
CA ASP Y 119 30.07 4.41 8.56
C ASP Y 119 29.23 3.43 9.40
N TYR Y 120 27.91 3.68 9.45
CA TYR Y 120 26.99 2.90 10.25
C TYR Y 120 26.91 1.44 9.84
N LEU Y 121 27.22 1.15 8.60
CA LEU Y 121 27.33 -0.24 8.15
C LEU Y 121 28.56 -0.99 8.70
N ALA Y 122 29.51 -0.22 9.23
CA ALA Y 122 30.74 -0.70 9.83
C ALA Y 122 31.83 -1.02 8.81
N ALA Y 123 31.79 -0.37 7.64
CA ALA Y 123 32.93 -0.35 6.74
C ALA Y 123 34.02 0.54 7.36
N LEU Y 124 35.25 0.03 7.46
CA LEU Y 124 36.36 0.76 8.11
C LEU Y 124 37.43 1.09 7.08
N ALA Y 125 37.82 2.36 7.01
CA ALA Y 125 38.81 2.84 6.04
C ALA Y 125 39.79 3.71 6.74
N LYS Y 126 41.06 3.46 6.53
CA LYS Y 126 42.11 4.38 7.01
C LYS Y 126 42.27 5.48 5.93
N ALA Y 127 42.41 6.73 6.34
CA ALA Y 127 42.47 7.85 5.43
C ALA Y 127 43.40 8.95 5.91
N PRO Y 128 43.97 9.76 5.00
CA PRO Y 128 44.79 10.88 5.46
C PRO Y 128 43.97 12.06 5.95
N PHE Y 129 42.71 12.12 5.50
CA PHE Y 129 41.73 13.05 6.00
C PHE Y 129 40.34 12.52 5.68
N ALA Y 130 39.33 13.06 6.35
CA ALA Y 130 37.98 12.54 6.13
C ALA Y 130 37.02 13.47 6.83
N ALA Y 131 35.74 13.32 6.52
CA ALA Y 131 34.66 14.09 7.12
C ALA Y 131 33.34 13.35 7.03
N HIS Y 132 32.42 13.68 7.92
CA HIS Y 132 31.09 13.10 8.00
C HIS Y 132 30.10 14.21 8.10
N GLY Y 133 28.87 13.91 7.70
CA GLY Y 133 27.77 14.87 7.74
C GLY Y 133 27.59 15.52 6.38
N TYR Y 134 26.45 16.10 6.14
CA TYR Y 134 26.18 16.91 4.96
C TYR Y 134 27.28 17.93 4.67
N GLY Y 135 27.85 18.54 5.72
CA GLY Y 135 28.96 19.43 5.57
C GLY Y 135 30.15 18.87 4.84
N ALA Y 136 30.32 17.57 4.90
CA ALA Y 136 31.42 16.87 4.21
C ALA Y 136 31.37 17.00 2.70
N PHE Y 137 30.16 17.10 2.16
CA PHE Y 137 29.98 17.28 0.74
C PHE Y 137 30.58 18.61 0.24
N LEU Y 138 30.59 19.62 1.08
CA LEU Y 138 31.15 20.92 0.72
C LEU Y 138 32.61 21.12 1.10
N THR Y 139 33.17 20.25 1.96
CA THR Y 139 34.53 20.39 2.43
C THR Y 139 35.54 19.38 1.91
N LEU Y 140 35.10 18.20 1.54
CA LEU Y 140 36.06 17.19 1.10
C LEU Y 140 36.92 17.60 -0.10
N SER Y 141 36.37 18.37 -1.04
CA SER Y 141 37.11 18.79 -2.23
C SER Y 141 38.10 19.88 -1.87
N ILE Y 142 37.77 20.70 -0.86
CA ILE Y 142 38.72 21.65 -0.28
C ILE Y 142 39.93 20.91 0.28
N LEU Y 143 39.69 19.84 1.03
CA LEU Y 143 40.78 19.01 1.52
C LEU Y 143 41.56 18.37 0.39
N ASP Y 144 40.87 17.82 -0.61
CA ASP Y 144 41.57 17.24 -1.79
C ASP Y 144 42.43 18.25 -2.49
N ARG Y 145 41.97 19.50 -2.55
CA ARG Y 145 42.66 20.57 -3.28
C ARG Y 145 44.01 20.98 -2.60
N TYR Y 146 44.01 21.13 -1.28
CA TYR Y 146 45.13 21.73 -0.55
C TYR Y 146 45.93 20.77 0.34
N TYR Y 147 45.42 19.60 0.67
CA TYR Y 147 46.17 18.73 1.58
C TYR Y 147 47.44 18.20 0.90
N THR Y 148 48.51 18.06 1.68
CA THR Y 148 49.68 17.25 1.28
C THR Y 148 50.15 16.44 2.48
N PRO Y 149 50.71 15.24 2.25
CA PRO Y 149 51.04 14.37 3.39
C PRO Y 149 51.94 15.00 4.45
N THR Y 150 52.77 15.97 4.04
CA THR Y 150 53.68 16.61 4.99
C THR Y 150 53.11 17.91 5.56
N ILE Y 151 51.83 18.17 5.33
CA ILE Y 151 51.20 19.38 5.88
C ILE Y 151 51.55 19.58 7.36
N SER Y 152 51.94 20.79 7.71
CA SER Y 152 52.31 21.14 9.10
C SER Y 152 51.06 21.40 9.89
N ARG Y 153 51.17 21.37 11.21
CA ARG Y 153 49.98 21.54 12.01
C ARG Y 153 49.41 22.97 11.89
N GLU Y 154 50.28 23.97 11.86
CA GLU Y 154 49.87 25.38 11.61
C GLU Y 154 49.07 25.59 10.31
N ARG Y 155 49.49 24.93 9.22
CA ARG Y 155 48.78 24.94 7.94
C ARG Y 155 47.52 23.99 7.95
N ALA Y 156 47.56 22.87 8.67
CA ALA Y 156 46.39 22.02 8.93
C ALA Y 156 45.25 22.80 9.59
N VAL Y 157 45.57 23.59 10.62
CA VAL Y 157 44.55 24.44 11.27
C VAL Y 157 44.01 25.49 10.31
N GLU Y 158 44.88 26.01 9.45
CA GLU Y 158 44.44 26.90 8.39
C GLU Y 158 43.48 26.24 7.37
N LEU Y 159 43.83 25.04 6.92
CA LEU Y 159 43.04 24.25 6.00
C LEU Y 159 41.69 23.92 6.63
N LEU Y 160 41.71 23.46 7.90
CA LEU Y 160 40.49 23.27 8.68
C LEU Y 160 39.60 24.50 8.68
N ARG Y 161 40.20 25.67 8.92
CA ARG Y 161 39.46 26.93 8.95
C ARG Y 161 38.81 27.27 7.61
N LYS Y 162 39.49 26.95 6.52
CA LYS Y 162 38.92 27.11 5.15
C LYS Y 162 37.63 26.28 5.01
N CYS Y 163 37.70 25.01 5.44
CA CYS Y 163 36.55 24.12 5.47
C CYS Y 163 35.38 24.70 6.28
N LEU Y 164 35.67 25.17 7.49
CA LEU Y 164 34.63 25.70 8.38
C LEU Y 164 34.04 26.98 7.89
N GLU Y 165 34.85 27.81 7.24
CA GLU Y 165 34.35 29.02 6.57
C GLU Y 165 33.44 28.68 5.41
N GLU Y 166 33.80 27.66 4.65
CA GLU Y 166 32.92 27.19 3.55
C GLU Y 166 31.54 26.77 4.05
N LEU Y 167 31.44 26.20 5.27
CA LEU Y 167 30.12 25.87 5.83
C LEU Y 167 29.30 27.12 6.20
N GLN Y 168 29.98 28.13 6.77
CA GLN Y 168 29.34 29.44 7.03
C GLN Y 168 28.81 30.07 5.70
N LYS Y 169 29.59 29.96 4.63
CA LYS Y 169 29.21 30.59 3.39
C LYS Y 169 28.08 29.84 2.70
N ARG Y 170 28.25 28.54 2.52
CA ARG Y 170 27.51 27.73 1.58
C ARG Y 170 26.50 26.75 2.18
N PHE Y 171 26.70 26.28 3.40
CA PHE Y 171 25.85 25.27 4.01
C PHE Y 171 24.54 25.87 4.57
N ILE Y 172 23.42 25.22 4.38
CA ILE Y 172 22.14 25.74 4.82
C ILE Y 172 21.89 25.68 6.34
N LEU Y 173 22.68 24.89 7.07
CA LEU Y 173 22.52 24.83 8.49
C LEU Y 173 23.46 25.76 9.24
N ASN Y 174 22.93 26.26 10.33
CA ASN Y 174 23.63 27.14 11.26
C ASN Y 174 24.51 26.35 12.23
N LEU Y 175 25.79 26.22 11.86
CA LEU Y 175 26.82 25.62 12.67
C LEU Y 175 27.89 26.65 13.00
N PRO Y 176 27.67 27.45 14.05
CA PRO Y 176 28.55 28.60 14.25
C PRO Y 176 29.87 28.40 15.03
N THR Y 177 30.03 27.26 15.72
CA THR Y 177 31.23 26.98 16.48
C THR Y 177 31.63 25.52 16.42
N PHE Y 178 32.92 25.29 16.59
CA PHE Y 178 33.55 23.99 16.43
C PHE Y 178 34.61 23.70 17.48
N SER Y 179 34.57 22.47 18.01
CA SER Y 179 35.60 21.96 18.90
C SER Y 179 36.76 21.62 18.03
N VAL Y 180 37.98 21.89 18.50
CA VAL Y 180 39.18 21.48 17.78
C VAL Y 180 40.17 20.87 18.78
N ARG Y 181 40.79 19.76 18.37
CA ARG Y 181 41.79 19.06 19.20
C ARG Y 181 42.84 18.44 18.31
N ILE Y 182 44.04 18.22 18.86
CA ILE Y 182 45.12 17.56 18.14
C ILE Y 182 45.67 16.49 19.02
N ILE Y 183 46.20 15.45 18.38
CA ILE Y 183 46.84 14.34 19.05
C ILE Y 183 48.20 14.06 18.43
N ASP Y 184 49.20 13.92 19.30
CA ASP Y 184 50.57 13.65 18.89
C ASP Y 184 51.28 12.79 19.98
N LYS Y 185 52.60 12.63 19.84
CA LYS Y 185 53.42 11.86 20.80
C LYS Y 185 53.16 12.22 22.27
N ASN Y 186 52.74 13.45 22.55
CA ASN Y 186 52.45 13.91 23.90
C ASN Y 186 51.00 13.90 24.30
N GLY Y 187 50.15 13.13 23.59
CA GLY Y 187 48.75 13.01 23.94
C GLY Y 187 47.83 13.98 23.20
N ILE Y 188 46.73 14.34 23.87
CA ILE Y 188 45.61 15.04 23.32
C ILE Y 188 45.62 16.44 23.84
N HIS Y 189 45.55 17.41 22.92
CA HIS Y 189 45.61 18.83 23.24
C HIS Y 189 44.36 19.54 22.75
N ASP Y 190 43.79 20.36 23.61
CA ASP Y 190 42.65 21.18 23.28
C ASP Y 190 43.09 22.46 22.61
N LEU Y 191 42.73 22.67 21.34
CA LEU Y 191 42.94 23.98 20.71
C LEU Y 191 41.72 24.86 20.98
N ASP Y 192 41.82 26.14 20.65
CA ASP Y 192 40.72 27.07 20.84
C ASP Y 192 39.63 26.64 19.88
N ASN Y 193 38.39 26.88 20.30
CA ASN Y 193 37.26 26.69 19.45
C ASN Y 193 37.36 27.69 18.29
N ILE Y 194 36.89 27.24 17.13
CA ILE Y 194 36.80 28.08 15.95
C ILE Y 194 35.35 28.45 15.89
N SER Y 195 35.11 29.75 15.96
CA SER Y 195 33.79 30.32 16.09
C SER Y 195 33.55 31.45 15.09
N PHE Y 196 32.26 31.74 14.86
CA PHE Y 196 31.82 32.76 13.90
C PHE Y 196 30.75 33.62 14.60
N LEU Z 2 -3.60 10.94 27.14
CA LEU Z 2 -3.38 12.36 27.28
C LEU Z 2 -2.04 12.90 26.88
N LEU Z 3 -2.02 14.18 26.37
CA LEU Z 3 -0.82 14.91 25.98
C LEU Z 3 -0.56 16.06 26.95
N THR AA 1 2.05 20.47 26.11
CA THR AA 1 2.74 21.18 27.24
C THR AA 1 3.69 22.25 26.80
N THR AA 2 3.90 23.24 27.70
CA THR AA 2 5.13 24.00 27.76
C THR AA 2 5.81 23.90 29.15
N THR AA 3 7.07 23.49 29.16
CA THR AA 3 7.91 23.57 30.34
C THR AA 3 9.21 24.29 30.04
N LEU AA 4 9.77 24.93 31.04
CA LEU AA 4 11.10 25.50 30.90
C LEU AA 4 11.90 25.36 32.18
N ALA AA 5 13.22 25.40 32.05
CA ALA AA 5 14.09 25.53 33.20
C ALA AA 5 15.35 26.27 32.82
N PHE AA 6 15.95 26.94 33.80
CA PHE AA 6 17.26 27.63 33.58
C PHE AA 6 18.12 27.72 34.81
N LYS AA 7 19.42 27.47 34.63
CA LYS AA 7 20.39 27.73 35.70
C LYS AA 7 20.68 29.20 35.76
N PHE AA 8 20.91 29.71 36.95
CA PHE AA 8 21.42 31.09 37.11
C PHE AA 8 22.13 31.21 38.45
N ARG AA 9 22.64 32.43 38.76
CA ARG AA 9 23.44 32.67 39.97
C ARG AA 9 22.81 32.07 41.23
N HIS AA 10 21.51 32.23 41.40
CA HIS AA 10 20.81 31.70 42.57
C HIS AA 10 20.09 30.33 42.42
N GLY AA 11 20.60 29.47 41.52
CA GLY AA 11 20.10 28.09 41.39
C GLY AA 11 19.40 27.79 40.05
N VAL AA 12 18.23 27.17 40.10
CA VAL AA 12 17.54 26.79 38.86
C VAL AA 12 16.08 27.02 39.00
N ILE AA 13 15.55 27.81 38.07
CA ILE AA 13 14.12 28.04 37.92
C ILE AA 13 13.50 26.94 37.05
N VAL AA 14 12.31 26.51 37.45
CA VAL AA 14 11.55 25.46 36.74
C VAL AA 14 10.12 25.89 36.69
N ALA AA 15 9.54 25.87 35.49
CA ALA AA 15 8.16 26.27 35.32
C ALA AA 15 7.40 25.44 34.26
N ALA AA 16 6.08 25.39 34.42
CA ALA AA 16 5.27 24.56 33.58
C ALA AA 16 3.89 25.13 33.48
N ASP AA 17 3.22 24.83 32.37
CA ASP AA 17 1.78 25.04 32.27
C ASP AA 17 1.05 23.90 32.93
N SER AA 18 -0.28 23.85 32.81
CA SER AA 18 -1.04 22.84 33.51
C SER AA 18 -2.16 22.17 32.72
N ARG AA 19 -2.06 22.21 31.37
CA ARG AA 19 -3.10 21.66 30.50
C ARG AA 19 -2.82 20.21 30.13
N ALA AA 20 -3.89 19.44 29.99
CA ALA AA 20 -3.83 18.16 29.30
C ALA AA 20 -4.86 18.12 28.22
N THR AA 21 -4.53 17.43 27.12
CA THR AA 21 -5.45 17.25 26.03
C THR AA 21 -5.52 15.80 25.57
N ALA AA 22 -6.72 15.42 25.13
CA ALA AA 22 -6.94 14.19 24.41
C ALA AA 22 -7.45 14.54 23.02
N GLY AA 23 -6.64 14.36 21.99
CA GLY AA 23 -6.90 15.02 20.70
C GLY AA 23 -7.03 16.54 20.93
N ALA AA 24 -8.09 17.11 20.41
CA ALA AA 24 -8.39 18.52 20.63
C ALA AA 24 -9.24 18.81 21.88
N TYR AA 25 -9.66 17.75 22.62
CA TYR AA 25 -10.44 17.96 23.82
C TYR AA 25 -9.49 18.41 24.93
N ILE AA 26 -9.84 19.47 25.67
CA ILE AA 26 -9.09 19.84 26.89
C ILE AA 26 -9.58 18.93 28.04
N ALA AA 27 -8.69 18.05 28.46
CA ALA AA 27 -9.01 17.05 29.54
C ALA AA 27 -8.80 17.63 30.93
N SER AA 28 -7.86 18.57 31.06
CA SER AA 28 -7.60 19.21 32.33
C SER AA 28 -6.92 20.54 32.20
N GLN AA 29 -7.12 21.40 33.21
CA GLN AA 29 -6.36 22.69 33.36
C GLN AA 29 -5.56 22.67 34.66
N THR AA 30 -5.48 21.51 35.32
CA THR AA 30 -4.92 21.41 36.67
C THR AA 30 -3.95 20.26 36.83
N VAL AA 31 -3.16 20.00 35.81
CA VAL AA 31 -2.15 18.98 35.86
C VAL AA 31 -0.91 19.53 36.63
N LYS AA 32 -0.31 18.67 37.44
CA LYS AA 32 0.99 18.94 38.03
C LYS AA 32 2.09 18.34 37.19
N LYS AA 33 2.83 19.13 36.45
CA LYS AA 33 3.86 18.63 35.56
C LYS AA 33 5.27 18.66 36.10
N VAL AA 34 5.45 19.15 37.32
CA VAL AA 34 6.73 19.11 38.02
C VAL AA 34 6.66 17.98 39.06
N ILE AA 35 7.52 17.00 38.91
CA ILE AA 35 7.58 15.88 39.84
C ILE AA 35 8.70 16.13 40.89
N GLU AA 36 8.34 15.96 42.14
CA GLU AA 36 9.27 16.13 43.28
C GLU AA 36 9.97 14.80 43.54
N ILE AA 37 11.16 14.60 42.97
CA ILE AA 37 11.92 13.35 43.06
C ILE AA 37 12.55 13.24 44.45
N ASN AA 38 13.18 14.28 44.96
CA ASN AA 38 13.50 14.37 46.39
C ASN AA 38 13.54 15.85 46.74
N PRO AA 39 13.82 16.22 48.00
CA PRO AA 39 13.85 17.65 48.36
C PRO AA 39 14.81 18.55 47.60
N TYR AA 40 15.74 18.00 46.82
CA TYR AA 40 16.72 18.79 46.03
C TYR AA 40 16.76 18.43 44.48
N LEU AA 41 15.75 17.69 44.00
CA LEU AA 41 15.65 17.19 42.64
C LEU AA 41 14.23 17.21 42.08
N LEU AA 42 14.05 17.92 40.97
CA LEU AA 42 12.79 17.95 40.27
C LEU AA 42 12.92 17.37 38.89
N GLY AA 43 11.82 16.78 38.42
CA GLY AA 43 11.69 16.28 37.03
C GLY AA 43 10.51 17.00 36.43
N THR AA 44 10.59 17.39 35.16
CA THR AA 44 9.42 17.96 34.47
C THR AA 44 8.86 16.99 33.39
N MET AA 45 7.55 17.12 33.12
CA MET AA 45 6.81 16.27 32.17
C MET AA 45 6.27 17.02 30.94
N ALA AA 46 6.68 16.55 29.77
CA ALA AA 46 6.08 16.99 28.54
C ALA AA 46 6.01 15.78 27.62
N GLY AA 47 4.92 15.68 26.86
CA GLY AA 47 4.74 14.58 25.87
C GLY AA 47 3.61 13.73 26.34
N GLY AA 48 3.78 12.41 26.22
CA GLY AA 48 2.78 11.50 26.67
C GLY AA 48 2.68 11.48 28.20
N ALA AA 49 1.48 11.73 28.71
CA ALA AA 49 1.25 11.89 30.14
C ALA AA 49 1.58 10.63 30.94
N ALA AA 50 1.08 9.50 30.47
CA ALA AA 50 1.34 8.22 31.10
C ALA AA 50 2.80 7.84 31.07
N ASP AA 51 3.44 8.05 29.93
CA ASP AA 51 4.81 7.70 29.80
C ASP AA 51 5.67 8.58 30.76
N CYS AA 52 5.47 9.89 30.72
CA CYS AA 52 6.19 10.77 31.65
C CYS AA 52 6.01 10.40 33.12
N SER AA 53 4.76 10.25 33.58
CA SER AA 53 4.51 9.96 35.02
C SER AA 53 5.11 8.63 35.42
N PHE AA 54 4.96 7.62 34.57
CA PHE AA 54 5.43 6.30 34.93
C PHE AA 54 6.95 6.29 35.05
N TRP AA 55 7.63 6.75 34.00
CA TRP AA 55 9.10 6.69 33.97
C TRP AA 55 9.78 7.65 35.01
N GLU AA 56 9.16 8.78 35.30
CA GLU AA 56 9.72 9.66 36.31
C GLU AA 56 9.44 9.16 37.75
N ARG AA 57 8.32 8.47 37.94
CA ARG AA 57 8.02 7.87 39.23
C ARG AA 57 8.99 6.69 39.49
N LEU AA 58 9.35 5.98 38.43
CA LEU AA 58 10.34 4.95 38.50
C LEU AA 58 11.71 5.48 38.79
N LEU AA 59 12.06 6.57 38.13
CA LEU AA 59 13.28 7.26 38.45
C LEU AA 59 13.37 7.61 39.91
N ALA AA 60 12.28 8.14 40.45
CA ALA AA 60 12.24 8.55 41.87
C ALA AA 60 12.48 7.32 42.78
N ARG AA 61 11.80 6.22 42.49
CA ARG AA 61 12.10 4.96 43.20
C ARG AA 61 13.59 4.61 43.19
N GLN AA 62 14.20 4.66 42.01
CA GLN AA 62 15.59 4.26 41.84
C GLN AA 62 16.53 5.20 42.60
N CYS AA 63 16.27 6.50 42.52
CA CYS AA 63 17.08 7.50 43.24
C CYS AA 63 17.03 7.27 44.77
N ARG AA 64 15.86 6.94 45.28
CA ARG AA 64 15.68 6.62 46.68
C ARG AA 64 16.47 5.34 47.11
N ILE AA 65 16.36 4.28 46.33
CA ILE AA 65 17.17 3.07 46.55
C ILE AA 65 18.64 3.40 46.53
N TYR AA 66 19.06 4.23 45.57
CA TYR AA 66 20.45 4.66 45.47
C TYR AA 66 20.90 5.32 46.75
N GLU AA 67 20.08 6.21 47.29
CA GLU AA 67 20.40 6.99 48.47
C GLU AA 67 20.55 6.09 49.70
N LEU AA 68 19.62 5.13 49.85
CA LEU AA 68 19.68 4.11 50.90
C LEU AA 68 20.93 3.23 50.78
N ARG AA 69 21.26 2.74 49.59
CA ARG AA 69 22.47 1.91 49.42
C ARG AA 69 23.81 2.63 49.61
N ASN AA 70 23.89 3.90 49.20
CA ASN AA 70 25.15 4.61 49.11
C ASN AA 70 25.34 5.66 50.20
N LYS AA 71 24.30 5.99 50.94
CA LYS AA 71 24.37 6.95 52.07
C LYS AA 71 24.68 8.35 51.61
N GLU AA 72 24.22 8.69 50.41
CA GLU AA 72 24.29 10.05 49.88
C GLU AA 72 23.32 10.24 48.73
N ARG AA 73 22.81 11.47 48.63
CA ARG AA 73 22.07 12.06 47.51
C ARG AA 73 22.71 11.59 46.21
N ILE AA 74 21.87 11.10 45.30
CA ILE AA 74 22.29 10.95 43.87
C ILE AA 74 22.57 12.35 43.24
N SER AA 75 23.59 12.41 42.41
CA SER AA 75 23.84 13.59 41.62
C SER AA 75 22.80 13.78 40.49
N VAL AA 76 22.68 15.01 40.00
CA VAL AA 76 21.84 15.33 38.85
C VAL AA 76 22.32 14.57 37.62
N ALA AA 77 23.63 14.50 37.44
CA ALA AA 77 24.21 13.75 36.32
C ALA AA 77 23.79 12.27 36.32
N ALA AA 78 23.97 11.64 37.48
CA ALA AA 78 23.64 10.26 37.64
C ALA AA 78 22.13 9.97 37.53
N ALA AA 79 21.27 10.86 38.05
CA ALA AA 79 19.85 10.66 38.00
C ALA AA 79 19.35 10.74 36.55
N SER AA 80 19.85 11.75 35.83
CA SER AA 80 19.49 11.97 34.46
C SER AA 80 19.93 10.77 33.60
N LYS AA 81 21.10 10.22 33.95
CA LYS AA 81 21.62 9.08 33.26
C LYS AA 81 20.81 7.81 33.54
N LEU AA 82 20.32 7.63 34.77
CA LEU AA 82 19.50 6.48 35.09
C LEU AA 82 18.24 6.53 34.18
N LEU AA 83 17.61 7.69 34.09
CA LEU AA 83 16.42 7.87 33.24
C LEU AA 83 16.69 7.60 31.76
N ALA AA 84 17.78 8.15 31.23
CA ALA AA 84 18.16 7.93 29.83
C ALA AA 84 18.36 6.44 29.53
N ASN AA 85 19.08 5.74 30.42
CA ASN AA 85 19.31 4.33 30.27
C ASN AA 85 18.04 3.51 30.36
N MET AA 86 17.10 3.86 31.23
CA MET AA 86 15.79 3.20 31.26
C MET AA 86 15.02 3.31 29.92
N VAL AA 87 14.88 4.51 29.36
CA VAL AA 87 14.08 4.70 28.16
C VAL AA 87 14.79 4.25 26.86
N TYR AA 88 16.13 4.18 26.85
CA TYR AA 88 16.89 3.85 25.65
C TYR AA 88 16.40 2.54 25.05
N GLN AA 89 16.08 1.60 25.91
CA GLN AA 89 15.68 0.24 25.47
C GLN AA 89 14.39 0.22 24.73
N TYR AA 90 13.57 1.24 24.95
CA TYR AA 90 12.28 1.34 24.35
C TYR AA 90 12.26 2.21 23.12
N LYS AA 91 13.41 2.69 22.64
CA LYS AA 91 13.37 3.52 21.42
C LYS AA 91 12.65 2.82 20.26
N GLY AA 92 11.79 3.56 19.59
CA GLY AA 92 11.09 3.07 18.46
C GLY AA 92 9.80 2.35 18.78
N MET AA 93 9.46 2.21 20.07
CA MET AA 93 8.22 1.57 20.46
C MET AA 93 7.12 2.59 20.75
N GLY AA 94 7.42 3.87 20.55
CA GLY AA 94 6.40 4.90 20.59
C GLY AA 94 6.21 5.57 21.93
N LEU AA 95 7.19 5.47 22.84
CA LEU AA 95 7.16 6.32 24.04
C LEU AA 95 7.38 7.77 23.59
N SER AA 96 6.69 8.69 24.24
CA SER AA 96 6.83 10.11 23.92
C SER AA 96 7.04 10.80 25.25
N MET AA 97 8.28 11.18 25.51
CA MET AA 97 8.65 11.82 26.80
CA MET AA 97 8.61 11.87 26.75
C MET AA 97 9.73 12.87 26.53
N GLY AA 98 9.51 14.07 27.03
CA GLY AA 98 10.55 15.13 27.06
C GLY AA 98 10.67 15.68 28.48
N THR AA 99 11.82 15.50 29.11
CA THR AA 99 11.97 15.87 30.54
C THR AA 99 13.22 16.68 30.85
N MET AA 100 13.10 17.56 31.83
CA MET AA 100 14.25 18.25 32.40
C MET AA 100 14.46 17.72 33.83
N ILE AA 101 15.68 17.25 34.11
CA ILE AA 101 16.07 16.87 35.47
C ILE AA 101 16.84 18.09 36.10
N CYS AA 102 16.32 18.64 37.19
CA CYS AA 102 16.74 19.91 37.74
C CYS AA 102 17.08 19.73 39.21
N GLY AA 103 18.33 20.05 39.57
CA GLY AA 103 18.74 19.96 40.97
C GLY AA 103 19.92 20.85 41.34
N TRP AA 104 20.49 20.53 42.50
CA TRP AA 104 21.68 21.23 43.02
C TRP AA 104 22.44 20.13 43.80
N ASP AA 105 23.61 19.76 43.34
CA ASP AA 105 24.42 18.72 43.93
C ASP AA 105 25.85 19.26 44.16
N LYS AA 106 26.84 18.40 44.30
CA LYS AA 106 28.19 18.88 44.70
C LYS AA 106 28.83 19.74 43.60
N ARG AA 107 28.36 19.63 42.36
CA ARG AA 107 28.88 20.46 41.29
C ARG AA 107 28.07 21.75 41.18
N GLY AA 108 27.17 22.03 42.12
CA GLY AA 108 26.28 23.19 42.03
C GLY AA 108 24.97 22.93 41.27
N PRO AA 109 24.35 24.00 40.75
CA PRO AA 109 23.07 23.82 40.03
C PRO AA 109 23.21 22.91 38.85
N GLY AA 110 22.25 22.01 38.66
CA GLY AA 110 22.31 21.07 37.55
C GLY AA 110 21.06 21.09 36.74
N LEU AA 111 21.23 20.95 35.45
CA LEU AA 111 20.07 20.87 34.53
C LEU AA 111 20.37 20.06 33.30
N TYR AA 112 19.59 18.97 33.13
CA TYR AA 112 19.72 18.07 32.00
C TYR AA 112 18.39 17.87 31.27
N TYR AA 113 18.46 17.89 29.95
CA TYR AA 113 17.32 17.52 29.09
C TYR AA 113 17.44 16.06 28.72
N VAL AA 114 16.36 15.32 28.91
CA VAL AA 114 16.33 13.85 28.64
C VAL AA 114 15.03 13.52 27.90
N ASP AA 115 15.10 12.75 26.81
CA ASP AA 115 13.88 12.39 26.09
C ASP AA 115 13.83 10.96 25.62
N SER AA 116 12.68 10.57 25.14
CA SER AA 116 12.45 9.20 24.62
C SER AA 116 13.15 8.87 23.31
N GLU AA 117 13.66 9.90 22.61
CA GLU AA 117 14.51 9.73 21.42
C GLU AA 117 15.92 9.27 21.71
N GLY AA 118 16.31 9.41 22.96
CA GLY AA 118 17.64 9.01 23.41
C GLY AA 118 18.56 10.16 23.82
N ASN AA 119 18.15 11.42 23.65
CA ASN AA 119 18.99 12.57 24.01
C ASN AA 119 19.14 12.67 25.51
N ARG AA 120 20.35 13.00 25.93
CA ARG AA 120 20.61 13.42 27.30
C ARG AA 120 21.67 14.52 27.24
N ILE AA 121 21.34 15.74 27.69
CA ILE AA 121 22.28 16.88 27.55
C ILE AA 121 22.16 17.87 28.65
N SER AA 122 23.32 18.32 29.14
CA SER AA 122 23.41 19.37 30.15
C SER AA 122 23.31 20.73 29.47
N GLY AA 123 22.78 21.70 30.16
CA GLY AA 123 22.71 23.00 29.58
C GLY AA 123 22.20 24.05 30.52
N ALA AA 124 22.32 25.31 30.08
CA ALA AA 124 22.03 26.43 30.96
C ALA AA 124 20.54 26.67 31.00
N THR AA 125 19.88 26.49 29.86
CA THR AA 125 18.47 26.76 29.72
C THR AA 125 17.87 25.74 28.75
N PHE AA 126 16.60 25.43 28.92
CA PHE AA 126 15.88 24.53 28.04
C PHE AA 126 14.42 24.89 28.07
N SER AA 127 13.69 24.56 27.00
CA SER AA 127 12.23 24.54 27.03
C SER AA 127 11.79 23.27 26.25
N VAL AA 128 10.68 22.67 26.65
CA VAL AA 128 10.28 21.35 26.10
C VAL AA 128 8.76 21.29 25.98
N GLY AA 129 8.25 20.67 24.89
CA GLY AA 129 6.82 20.57 24.67
C GLY AA 129 6.37 21.32 23.44
N SER AA 130 5.08 21.19 23.13
CA SER AA 130 4.50 21.74 21.95
C SER AA 130 4.60 23.27 22.01
N GLY AA 131 4.63 23.86 23.22
CA GLY AA 131 4.83 25.30 23.34
C GLY AA 131 6.26 25.80 23.45
N SER AA 132 7.25 24.92 23.35
CA SER AA 132 8.62 25.29 23.62
C SER AA 132 9.18 26.37 22.72
N VAL AA 133 8.78 26.38 21.45
CA VAL AA 133 9.32 27.33 20.55
C VAL AA 133 8.93 28.78 20.93
N TYR AA 134 7.75 28.96 21.50
CA TYR AA 134 7.24 30.24 21.94
C TYR AA 134 7.94 30.65 23.24
N ALA AA 135 8.09 29.70 24.17
CA ALA AA 135 8.80 29.98 25.42
C ALA AA 135 10.25 30.32 25.18
N TYR AA 136 10.91 29.67 24.22
CA TYR AA 136 12.31 29.97 23.93
C TYR AA 136 12.52 31.44 23.53
N GLY AA 137 11.63 31.95 22.68
CA GLY AA 137 11.75 33.30 22.21
C GLY AA 137 11.77 34.24 23.39
N VAL AA 138 10.81 34.08 24.31
CA VAL AA 138 10.74 35.06 25.38
C VAL AA 138 11.82 34.84 26.43
N MET AA 139 12.09 33.59 26.77
CA MET AA 139 13.15 33.27 27.70
C MET AA 139 14.48 33.73 27.15
N ASP AA 140 14.78 33.43 25.89
CA ASP AA 140 16.06 33.76 25.36
C ASP AA 140 16.29 35.28 25.38
N ARG AA 141 15.25 36.09 25.14
CA ARG AA 141 15.45 37.57 25.07
CA ARG AA 141 15.43 37.55 25.08
C ARG AA 141 15.58 38.20 26.45
N GLY AA 142 15.20 37.50 27.51
CA GLY AA 142 15.30 38.07 28.86
C GLY AA 142 16.30 37.40 29.81
N TYR AA 143 16.91 36.30 29.38
CA TYR AA 143 17.73 35.51 30.23
C TYR AA 143 19.08 36.19 30.47
N SER AA 144 19.55 36.06 31.70
CA SER AA 144 20.91 36.37 32.05
C SER AA 144 21.26 35.53 33.26
N TYR AA 145 22.51 35.07 33.30
CA TYR AA 145 23.01 34.31 34.46
C TYR AA 145 22.91 35.15 35.76
N ASP AA 146 23.01 36.48 35.63
CA ASP AA 146 22.95 37.37 36.79
C ASP AA 146 21.60 37.99 37.03
N LEU AA 147 20.55 37.36 36.56
CA LEU AA 147 19.22 37.80 36.95
C LEU AA 147 19.08 37.80 38.47
N GLU AA 148 18.36 38.77 39.00
CA GLU AA 148 17.90 38.71 40.39
C GLU AA 148 16.76 37.69 40.54
N VAL AA 149 16.61 37.18 41.75
CA VAL AA 149 15.64 36.16 42.00
C VAL AA 149 14.29 36.55 41.42
N GLU AA 150 13.77 37.72 41.78
CA GLU AA 150 12.41 38.08 41.37
C GLU AA 150 12.30 38.34 39.87
N GLN AA 151 13.41 38.76 39.26
CA GLN AA 151 13.43 38.94 37.83
C GLN AA 151 13.37 37.55 37.12
N ALA AA 152 14.01 36.55 37.70
CA ALA AA 152 14.05 35.21 37.12
C ALA AA 152 12.66 34.59 37.21
N TYR AA 153 11.98 34.79 38.32
CA TYR AA 153 10.60 34.36 38.46
C TYR AA 153 9.72 35.01 37.40
N ASP AA 154 9.92 36.30 37.16
CA ASP AA 154 9.06 37.04 36.23
C ASP AA 154 9.21 36.52 34.82
N LEU AA 155 10.47 36.28 34.43
CA LEU AA 155 10.80 35.80 33.12
C LEU AA 155 10.18 34.42 32.83
N ALA AA 156 10.37 33.48 33.78
CA ALA AA 156 9.82 32.12 33.69
C ALA AA 156 8.32 32.16 33.50
N ARG AA 157 7.68 32.91 34.39
CA ARG AA 157 6.24 33.06 34.39
C ARG AA 157 5.72 33.65 33.06
N ARG AA 158 6.42 34.68 32.55
CA ARG AA 158 6.03 35.35 31.33
C ARG AA 158 6.25 34.48 30.09
N ALA AA 159 7.35 33.77 30.05
CA ALA AA 159 7.66 32.88 28.95
C ALA AA 159 6.61 31.76 28.81
N ILE AA 160 6.24 31.12 29.91
CA ILE AA 160 5.20 30.08 29.88
C ILE AA 160 3.88 30.71 29.47
N TYR AA 161 3.59 31.87 30.04
CA TYR AA 161 2.40 32.61 29.70
C TYR AA 161 2.24 32.81 28.18
N GLN AA 162 3.31 33.31 27.55
CA GLN AA 162 3.27 33.64 26.11
C GLN AA 162 3.11 32.36 25.27
N ALA AA 163 3.71 31.27 25.74
CA ALA AA 163 3.49 29.95 25.15
C ALA AA 163 2.02 29.52 25.24
N THR AA 164 1.37 29.67 26.40
CA THR AA 164 -0.05 29.32 26.46
C THR AA 164 -0.95 30.13 25.44
N TYR AA 165 -0.53 31.35 25.12
CA TYR AA 165 -1.24 32.25 24.23
C TYR AA 165 -1.18 31.77 22.80
N ARG AA 166 0.00 31.37 22.33
CA ARG AA 166 0.17 30.88 20.94
C ARG AA 166 -0.18 29.38 20.71
N ASP AA 167 0.20 28.50 21.62
CA ASP AA 167 0.05 27.06 21.49
C ASP AA 167 -1.30 26.57 22.05
N ALA AA 168 -2.12 26.01 21.16
CA ALA AA 168 -3.41 25.47 21.56
C ALA AA 168 -3.28 24.34 22.63
N TYR AA 169 -2.16 23.64 22.62
CA TYR AA 169 -1.98 22.50 23.53
C TYR AA 169 -1.34 22.89 24.89
N SER AA 170 -1.15 24.20 25.14
CA SER AA 170 -0.66 24.68 26.43
C SER AA 170 -1.69 25.62 27.03
N GLY AA 171 -1.83 25.52 28.35
CA GLY AA 171 -2.71 26.44 29.07
C GLY AA 171 -2.81 26.21 30.54
N GLY AA 172 -3.78 26.88 31.15
CA GLY AA 172 -4.15 26.68 32.52
C GLY AA 172 -3.53 27.68 33.47
N ALA AA 173 -2.49 27.25 34.16
CA ALA AA 173 -1.85 28.06 35.17
C ALA AA 173 -0.38 27.82 35.02
N VAL AA 174 0.40 28.79 35.42
CA VAL AA 174 1.85 28.66 35.39
C VAL AA 174 2.26 28.26 36.80
N ASN AA 175 2.91 27.10 36.91
CA ASN AA 175 3.46 26.61 38.18
C ASN AA 175 4.94 26.73 38.16
N LEU AA 176 5.45 27.39 39.20
CA LEU AA 176 6.86 27.86 39.24
C LEU AA 176 7.54 27.29 40.50
N TYR AA 177 8.77 26.83 40.29
CA TYR AA 177 9.60 26.26 41.33
C TYR AA 177 10.99 26.88 41.21
N HIS AA 178 11.73 26.79 42.31
CA HIS AA 178 13.07 27.33 42.38
C HIS AA 178 13.90 26.34 43.16
N VAL AA 179 14.96 25.80 42.55
CA VAL AA 179 15.89 24.90 43.24
C VAL AA 179 17.04 25.74 43.80
N ARG AA 180 17.14 25.73 45.13
CA ARG AA 180 18.19 26.47 45.91
C ARG AA 180 19.10 25.43 46.51
N GLU AA 181 20.22 25.87 47.09
CA GLU AA 181 21.24 24.95 47.60
C GLU AA 181 20.75 24.08 48.75
N ASP AA 182 19.76 24.55 49.51
CA ASP AA 182 19.13 23.78 50.56
C ASP AA 182 17.81 23.10 50.20
N GLY AA 183 17.52 22.93 48.91
CA GLY AA 183 16.27 22.33 48.47
C GLY AA 183 15.44 23.23 47.55
N TRP AA 184 14.45 22.63 46.90
CA TRP AA 184 13.56 23.39 46.02
C TRP AA 184 12.45 23.93 46.88
N ILE AA 185 11.87 25.02 46.41
CA ILE AA 185 10.62 25.53 46.95
C ILE AA 185 9.62 25.67 45.79
N ARG AA 186 8.36 25.50 46.11
CA ARG AA 186 7.27 25.85 45.24
CA ARG AA 186 7.29 25.86 45.18
C ARG AA 186 7.04 27.36 45.34
N VAL AA 187 7.25 28.12 44.27
CA VAL AA 187 7.18 29.60 44.35
C VAL AA 187 5.78 30.08 44.13
N SER AA 188 5.12 29.70 43.03
CA SER AA 188 3.77 30.21 42.75
C SER AA 188 2.97 29.37 41.78
N SER AA 189 1.66 29.52 41.84
CA SER AA 189 0.72 29.00 40.87
C SER AA 189 -0.21 30.13 40.44
N ASP AA 190 -0.07 30.60 39.20
CA ASP AA 190 -0.88 31.71 38.68
C ASP AA 190 -1.73 31.34 37.45
N ASN AA 191 -3.04 31.43 37.56
CA ASN AA 191 -3.87 31.21 36.44
C ASN AA 191 -3.51 32.20 35.28
N VAL AA 192 -3.46 31.63 34.09
CA VAL AA 192 -3.10 32.34 32.88
C VAL AA 192 -4.07 33.50 32.63
N ALA AA 193 -5.34 33.34 33.01
CA ALA AA 193 -6.34 34.42 32.92
C ALA AA 193 -6.07 35.62 33.86
N ASP AA 194 -5.55 35.36 35.06
CA ASP AA 194 -5.16 36.42 35.99
C ASP AA 194 -3.86 37.09 35.50
N LEU AA 195 -2.92 36.32 34.96
CA LEU AA 195 -1.72 36.90 34.31
C LEU AA 195 -2.02 37.77 33.08
N HIS AA 196 -3.10 37.45 32.37
CA HIS AA 196 -3.48 38.22 31.16
C HIS AA 196 -3.95 39.63 31.54
N GLU AA 197 -4.76 39.68 32.59
CA GLU AA 197 -5.19 40.92 33.23
C GLU AA 197 -3.96 41.78 33.56
N LYS AA 198 -3.00 41.19 34.25
CA LYS AA 198 -1.79 41.87 34.65
C LYS AA 198 -0.88 42.35 33.47
N TYR AA 199 -0.59 41.53 32.49
CA TYR AA 199 0.47 41.91 31.51
C TYR AA 199 0.02 42.89 30.39
N SER AA 200 0.88 43.68 29.69
CA SER AA 200 2.34 44.04 29.84
C SER AA 200 3.18 44.15 28.47
N GLY AA 201 2.53 44.37 27.32
CA GLY AA 201 3.24 44.97 26.14
C GLY AA 201 3.57 46.46 26.52
N ARG BA 1 -7.31 -8.47 8.61
CA ARG BA 1 -6.99 -7.84 9.92
C ARG BA 1 -8.16 -8.12 10.89
N PHE BA 2 -8.04 -9.23 11.64
CA PHE BA 2 -8.74 -9.39 12.91
C PHE BA 2 -8.41 -8.16 13.74
N SER BA 3 -9.42 -7.40 14.23
CA SER BA 3 -9.21 -6.37 15.30
C SER BA 3 -9.60 -6.89 16.66
N PRO BA 4 -8.67 -6.78 17.63
CA PRO BA 4 -8.95 -7.23 18.98
C PRO BA 4 -9.81 -6.28 19.79
N TYR BA 5 -10.32 -5.18 19.21
CA TYR BA 5 -11.12 -4.21 19.95
C TYR BA 5 -12.40 -3.94 19.25
N VAL BA 6 -13.40 -3.54 19.99
CA VAL BA 6 -14.58 -2.93 19.45
C VAL BA 6 -15.04 -1.89 20.46
N PHE BA 7 -15.82 -0.90 19.99
CA PHE BA 7 -16.34 0.13 20.88
C PHE BA 7 -17.76 -0.22 21.37
N ASN BA 8 -17.99 -0.25 22.66
CA ASN BA 8 -19.30 -0.64 23.21
C ASN BA 8 -20.05 0.46 23.94
N GLY BA 9 -19.52 1.66 23.89
CA GLY BA 9 -20.27 2.84 24.32
C GLY BA 9 -20.25 3.04 25.81
N GLY BA 10 -21.02 4.00 26.28
CA GLY BA 10 -21.15 4.16 27.74
C GLY BA 10 -20.49 5.40 28.27
N THR BA 11 -21.21 6.04 29.17
CA THR BA 11 -20.79 7.29 29.78
C THR BA 11 -20.74 7.13 31.29
N ILE BA 12 -19.64 7.62 31.86
CA ILE BA 12 -19.39 7.63 33.31
C ILE BA 12 -19.11 9.05 33.89
N LEU BA 13 -19.37 9.19 35.17
CA LEU BA 13 -19.27 10.45 35.88
C LEU BA 13 -18.98 10.19 37.36
N ALA BA 14 -18.08 10.97 37.94
CA ALA BA 14 -17.88 11.00 39.40
C ALA BA 14 -17.74 12.44 39.93
N ILE BA 15 -18.39 12.69 41.06
CA ILE BA 15 -18.37 13.97 41.76
C ILE BA 15 -17.90 13.75 43.23
N ALA BA 16 -16.91 14.53 43.65
CA ALA BA 16 -16.45 14.56 45.07
C ALA BA 16 -17.18 15.65 45.87
N GLY BA 17 -17.86 15.27 46.94
CA GLY BA 17 -18.41 16.24 47.91
C GLY BA 17 -17.52 16.31 49.16
N GLU BA 18 -17.95 17.09 50.13
CA GLU BA 18 -17.21 17.21 51.38
C GLU BA 18 -17.23 15.92 52.15
N ASP BA 19 -18.36 15.23 52.16
CA ASP BA 19 -18.49 13.95 52.84
C ASP BA 19 -19.21 12.89 51.98
N PHE BA 20 -19.13 13.00 50.66
CA PHE BA 20 -19.70 11.96 49.80
C PHE BA 20 -18.93 11.87 48.52
N ALA BA 21 -19.14 10.79 47.82
CA ALA BA 21 -18.76 10.68 46.45
C ALA BA 21 -19.90 10.03 45.67
N ILE BA 22 -20.14 10.54 44.44
CA ILE BA 22 -21.09 9.94 43.52
C ILE BA 22 -20.31 9.31 42.36
N VAL BA 23 -20.69 8.10 41.93
CA VAL BA 23 -20.24 7.53 40.67
C VAL BA 23 -21.51 7.11 39.93
N ALA BA 24 -21.62 7.59 38.71
CA ALA BA 24 -22.84 7.38 37.91
C ALA BA 24 -22.46 6.90 36.51
N SER BA 25 -23.37 6.15 35.89
CA SER BA 25 -23.22 5.68 34.52
C SER BA 25 -24.54 5.32 33.86
N ASP BA 26 -24.59 5.36 32.54
CA ASP BA 26 -25.79 4.88 31.81
C ASP BA 26 -25.70 3.33 31.72
N THR BA 27 -26.77 2.67 31.26
CA THR BA 27 -26.82 1.20 31.32
C THR BA 27 -26.80 0.52 29.96
N ARG BA 28 -26.57 1.27 28.89
CA ARG BA 28 -26.64 0.73 27.53
C ARG BA 28 -25.32 0.16 27.13
N LEU BA 29 -25.36 -1.00 26.53
CA LEU BA 29 -24.19 -1.56 25.91
C LEU BA 29 -24.50 -1.74 24.42
N SER BA 30 -23.65 -1.19 23.57
CA SER BA 30 -23.89 -1.11 22.11
C SER BA 30 -22.78 -1.79 21.37
N GLU BA 31 -23.00 -1.97 20.08
CA GLU BA 31 -21.98 -2.36 19.15
C GLU BA 31 -22.44 -1.96 17.76
N GLY BA 32 -21.63 -1.22 17.04
CA GLY BA 32 -22.02 -0.67 15.70
C GLY BA 32 -23.23 0.23 15.81
N PHE BA 33 -24.28 -0.13 15.11
CA PHE BA 33 -25.56 0.58 15.22
C PHE BA 33 -26.61 -0.14 16.05
N SER BA 34 -26.21 -1.15 16.81
CA SER BA 34 -27.14 -2.04 17.59
C SER BA 34 -26.93 -1.95 19.10
N ILE BA 35 -27.95 -2.40 19.83
CA ILE BA 35 -27.94 -2.47 21.27
C ILE BA 35 -27.84 -3.92 21.70
N HIS BA 36 -26.82 -4.21 22.50
CA HIS BA 36 -26.63 -5.55 23.06
C HIS BA 36 -27.61 -5.73 24.18
N THR BA 37 -27.60 -4.81 25.13
CA THR BA 37 -28.54 -4.86 26.23
C THR BA 37 -28.76 -3.47 26.75
N ARG BA 38 -29.90 -3.29 27.38
CA ARG BA 38 -30.30 -2.04 28.00
C ARG BA 38 -30.02 -1.99 29.50
N ASP BA 39 -29.43 -3.06 30.05
CA ASP BA 39 -29.17 -3.13 31.47
C ASP BA 39 -27.76 -3.64 31.79
N SER BA 40 -26.79 -2.82 31.50
CA SER BA 40 -25.37 -3.12 31.68
C SER BA 40 -24.75 -1.85 32.31
N PRO BA 41 -24.85 -1.72 33.62
CA PRO BA 41 -24.11 -0.64 34.34
C PRO BA 41 -22.60 -0.71 34.19
N LYS BA 42 -21.99 0.45 34.30
CA LYS BA 42 -20.56 0.59 34.13
C LYS BA 42 -19.82 0.87 35.47
N CYS BA 43 -20.55 0.79 36.58
CA CYS BA 43 -20.03 1.03 37.91
CA CYS BA 43 -20.06 1.00 37.93
C CYS BA 43 -19.81 -0.35 38.58
N TYR BA 44 -18.72 -0.48 39.35
CA TYR BA 44 -18.35 -1.72 40.04
C TYR BA 44 -17.88 -1.33 41.46
N LYS BA 45 -18.50 -1.93 42.46
CA LYS BA 45 -18.06 -1.74 43.88
C LYS BA 45 -16.72 -2.42 44.13
N LEU BA 46 -15.75 -1.68 44.63
CA LEU BA 46 -14.46 -2.26 44.97
C LEU BA 46 -14.33 -2.55 46.48
N THR BA 47 -14.71 -1.59 47.33
CA THR BA 47 -14.74 -1.71 48.79
C THR BA 47 -15.96 -0.95 49.22
N ASP BA 48 -16.20 -0.93 50.52
CA ASP BA 48 -17.29 -0.11 51.12
C ASP BA 48 -17.14 1.38 50.90
N LYS BA 49 -15.95 1.81 50.50
CA LYS BA 49 -15.56 3.22 50.36
C LYS BA 49 -15.20 3.61 48.95
N THR BA 50 -15.10 2.66 48.02
CA THR BA 50 -14.62 2.93 46.69
C THR BA 50 -15.46 2.23 45.58
N VAL BA 51 -15.80 3.00 44.55
CA VAL BA 51 -16.49 2.50 43.40
C VAL BA 51 -15.70 2.94 42.18
N ILE BA 52 -15.68 2.10 41.16
CA ILE BA 52 -15.03 2.45 39.89
C ILE BA 52 -16.04 2.42 38.73
N GLY BA 53 -15.93 3.40 37.84
CA GLY BA 53 -16.71 3.45 36.56
C GLY BA 53 -15.80 3.13 35.40
N CYS BA 54 -16.24 2.27 34.50
CA CYS BA 54 -15.44 1.78 33.36
C CYS BA 54 -16.26 1.77 32.09
N SER BA 55 -15.76 2.42 31.05
CA SER BA 55 -16.40 2.34 29.76
C SER BA 55 -15.40 2.15 28.68
N GLY BA 56 -15.88 1.68 27.52
CA GLY BA 56 -15.03 1.51 26.35
C GLY BA 56 -15.31 0.15 25.72
N PHE BA 57 -14.25 -0.62 25.51
CA PHE BA 57 -14.36 -1.94 25.01
C PHE BA 57 -14.73 -2.85 26.19
N HIS BA 58 -15.94 -3.41 26.09
CA HIS BA 58 -16.47 -4.23 27.18
C HIS BA 58 -15.65 -5.46 27.55
N GLY BA 59 -15.05 -6.12 26.61
CA GLY BA 59 -14.14 -7.22 26.93
C GLY BA 59 -13.01 -6.83 27.90
N ASP BA 60 -12.46 -5.62 27.71
CA ASP BA 60 -11.45 -5.07 28.62
C ASP BA 60 -12.05 -4.59 29.88
N CYS BA 61 -13.24 -4.05 29.86
CA CYS BA 61 -13.87 -3.66 31.11
C CYS BA 61 -14.08 -4.86 32.06
N LEU BA 62 -14.54 -5.98 31.49
CA LEU BA 62 -14.74 -7.16 32.30
C LEU BA 62 -13.41 -7.70 32.84
N THR BA 63 -12.41 -7.87 31.98
CA THR BA 63 -11.14 -8.38 32.41
C THR BA 63 -10.45 -7.50 33.46
N LEU BA 64 -10.41 -6.19 33.21
CA LEU BA 64 -9.74 -5.25 34.12
C LEU BA 64 -10.38 -5.26 35.51
N THR BA 65 -11.71 -5.22 35.59
CA THR BA 65 -12.37 -5.22 36.86
C THR BA 65 -12.14 -6.52 37.64
N LYS BA 66 -12.10 -7.66 36.98
CA LYS BA 66 -11.74 -8.93 37.63
C LYS BA 66 -10.28 -8.95 38.15
N ILE BA 67 -9.35 -8.35 37.40
CA ILE BA 67 -7.98 -8.16 37.86
C ILE BA 67 -7.93 -7.28 39.12
N ILE BA 68 -8.69 -6.19 39.12
CA ILE BA 68 -8.67 -5.27 40.24
C ILE BA 68 -9.22 -5.99 41.46
N GLU BA 69 -10.34 -6.73 41.28
CA GLU BA 69 -10.91 -7.54 42.38
C GLU BA 69 -9.91 -8.50 43.02
N ALA BA 70 -9.21 -9.27 42.18
CA ALA BA 70 -8.20 -10.20 42.66
C ALA BA 70 -7.06 -9.47 43.40
N ARG BA 71 -6.61 -8.34 42.85
CA ARG BA 71 -5.51 -7.56 43.47
C ARG BA 71 -5.87 -6.98 44.81
N LEU BA 72 -7.13 -6.56 44.98
CA LEU BA 72 -7.61 -6.07 46.25
C LEU BA 72 -7.61 -7.12 47.38
N LYS BA 73 -8.02 -8.35 47.06
CA LYS BA 73 -7.89 -9.47 47.98
C LYS BA 73 -6.46 -9.84 48.28
N MET BA 74 -5.60 -9.89 47.26
CA MET BA 74 -4.19 -10.17 47.49
C MET BA 74 -3.58 -9.15 48.46
N TYR BA 75 -3.86 -7.87 48.21
CA TYR BA 75 -3.38 -6.75 49.07
C TYR BA 75 -3.84 -6.96 50.50
N LYS BA 76 -5.12 -7.22 50.66
CA LYS BA 76 -5.71 -7.39 51.97
C LYS BA 76 -5.12 -8.60 52.75
N HIS BA 77 -4.82 -9.69 52.06
CA HIS BA 77 -4.14 -10.82 52.66
C HIS BA 77 -2.70 -10.51 53.03
N SER BA 78 -1.95 -9.78 52.21
CA SER BA 78 -0.57 -9.53 52.61
C SER BA 78 -0.39 -8.39 53.61
N ASN BA 79 -1.29 -7.41 53.62
CA ASN BA 79 -1.17 -6.24 54.50
C ASN BA 79 -2.22 -6.15 55.62
N ASN BA 80 -3.17 -7.08 55.69
CA ASN BA 80 -4.21 -7.06 56.74
C ASN BA 80 -5.04 -5.81 56.89
N LYS BA 81 -5.34 -5.16 55.78
CA LYS BA 81 -6.29 -4.06 55.72
C LYS BA 81 -6.75 -3.91 54.28
N ALA BA 82 -7.95 -3.35 54.10
CA ALA BA 82 -8.48 -2.99 52.79
C ALA BA 82 -7.63 -1.87 52.14
N MET BA 83 -7.51 -1.92 50.82
CA MET BA 83 -6.88 -0.83 50.05
C MET BA 83 -7.68 0.46 50.13
N THR BA 84 -6.98 1.55 50.33
CA THR BA 84 -7.59 2.87 50.31
C THR BA 84 -7.92 3.26 48.87
N THR BA 85 -8.77 4.25 48.78
CA THR BA 85 -9.18 4.83 47.47
C THR BA 85 -7.97 5.26 46.70
N GLY BA 86 -7.06 5.96 47.38
CA GLY BA 86 -5.84 6.46 46.78
C GLY BA 86 -4.86 5.40 46.37
N ALA BA 87 -4.75 4.34 47.18
CA ALA BA 87 -3.88 3.23 46.82
C ALA BA 87 -4.42 2.44 45.63
N ILE BA 88 -5.74 2.29 45.56
CA ILE BA 88 -6.41 1.66 44.38
C ILE BA 88 -6.11 2.46 43.10
N ALA BA 89 -6.17 3.79 43.22
CA ALA BA 89 -5.86 4.64 42.07
C ALA BA 89 -4.44 4.46 41.61
N ALA BA 90 -3.50 4.50 42.56
CA ALA BA 90 -2.07 4.34 42.25
C ALA BA 90 -1.81 2.95 41.64
N MET BA 91 -2.43 1.91 42.21
CA MET BA 91 -2.26 0.58 41.66
C MET BA 91 -2.79 0.48 40.22
N LEU BA 92 -3.97 1.01 39.99
CA LEU BA 92 -4.66 0.92 38.67
C LEU BA 92 -3.83 1.59 37.60
N SER BA 93 -3.11 2.66 38.00
CA SER BA 93 -2.18 3.28 37.06
C SER BA 93 -1.13 2.30 36.58
N THR BA 94 -0.54 1.54 37.51
CA THR BA 94 0.47 0.56 37.12
C THR BA 94 -0.09 -0.63 36.30
N ILE BA 95 -1.31 -1.04 36.57
CA ILE BA 95 -1.96 -2.13 35.82
C ILE BA 95 -2.21 -1.68 34.36
N LEU BA 96 -2.66 -0.42 34.20
CA LEU BA 96 -2.88 0.12 32.87
C LEU BA 96 -1.57 0.20 32.12
N TYR BA 97 -0.50 0.64 32.80
CA TYR BA 97 0.80 0.79 32.16
C TYR BA 97 1.41 -0.56 31.76
N SER BA 98 1.06 -1.65 32.50
CA SER BA 98 1.63 -2.95 32.16
C SER BA 98 1.22 -3.33 30.74
N ARG BA 99 0.08 -2.81 30.25
CA ARG BA 99 -0.35 -3.00 28.84
C ARG BA 99 -0.05 -1.81 27.91
N ARG BA 100 1.01 -1.05 28.21
CA ARG BA 100 1.32 0.14 27.46
C ARG BA 100 1.34 -0.11 25.95
N PHE BA 101 1.85 -1.25 25.54
CA PHE BA 101 1.95 -1.63 24.13
C PHE BA 101 0.82 -2.49 23.58
N PHE BA 102 -0.22 -2.78 24.37
CA PHE BA 102 -1.49 -3.43 23.90
C PHE BA 102 -2.57 -3.01 24.89
N PRO BA 103 -2.99 -1.74 24.86
CA PRO BA 103 -3.75 -1.19 25.96
C PRO BA 103 -5.11 -1.78 26.22
N TYR BA 104 -5.51 -1.72 27.48
CA TYR BA 104 -6.88 -1.81 27.88
C TYR BA 104 -7.61 -0.60 27.33
N TYR BA 105 -8.57 -0.88 26.42
CA TYR BA 105 -9.43 0.19 25.87
C TYR BA 105 -10.57 0.50 26.82
N VAL BA 106 -10.22 1.20 27.91
CA VAL BA 106 -11.13 1.49 29.00
C VAL BA 106 -10.87 2.91 29.48
N TYR BA 107 -11.91 3.67 29.73
CA TYR BA 107 -11.83 4.93 30.44
C TYR BA 107 -12.30 4.61 31.85
N ASN BA 108 -11.49 4.97 32.85
CA ASN BA 108 -11.75 4.66 34.24
C ASN BA 108 -11.86 5.92 35.06
N ILE BA 109 -12.86 5.96 35.92
CA ILE BA 109 -13.00 7.01 36.93
C ILE BA 109 -13.30 6.31 38.27
N ILE BA 110 -12.44 6.55 39.26
CA ILE BA 110 -12.65 6.11 40.66
C ILE BA 110 -13.35 7.19 41.49
N GLY BA 111 -14.41 6.83 42.20
CA GLY BA 111 -15.03 7.71 43.14
C GLY BA 111 -15.14 7.01 44.49
N GLY BA 112 -14.82 7.75 45.56
CA GLY BA 112 -14.88 7.22 46.89
C GLY BA 112 -14.47 8.19 47.99
N LEU BA 113 -14.27 7.65 49.19
CA LEU BA 113 -13.86 8.47 50.35
C LEU BA 113 -12.37 8.30 50.59
N ASP BA 114 -11.68 9.43 50.84
CA ASP BA 114 -10.29 9.38 51.21
C ASP BA 114 -10.14 9.00 52.68
N GLU BA 115 -8.91 9.02 53.19
CA GLU BA 115 -8.69 8.61 54.61
C GLU BA 115 -9.20 9.60 55.63
N GLU BA 116 -9.51 10.81 55.22
CA GLU BA 116 -10.13 11.76 56.13
C GLU BA 116 -11.65 11.75 56.01
N GLY BA 117 -12.22 10.85 55.21
CA GLY BA 117 -13.67 10.76 55.03
C GLY BA 117 -14.22 11.73 54.00
N LYS BA 118 -13.35 12.41 53.30
CA LYS BA 118 -13.81 13.34 52.24
C LYS BA 118 -13.95 12.64 50.88
N GLY BA 119 -14.82 13.21 50.01
CA GLY BA 119 -14.97 12.76 48.63
C GLY BA 119 -13.65 12.80 47.88
N ALA BA 120 -13.39 11.77 47.09
CA ALA BA 120 -12.23 11.72 46.24
C ALA BA 120 -12.60 11.12 44.87
N VAL BA 121 -12.19 11.81 43.81
CA VAL BA 121 -12.33 11.35 42.45
C VAL BA 121 -10.97 11.28 41.80
N TYR BA 122 -10.70 10.13 41.15
CA TYR BA 122 -9.52 9.98 40.29
C TYR BA 122 -9.96 9.53 38.91
N SER BA 123 -9.36 10.13 37.90
CA SER BA 123 -9.68 9.91 36.50
C SER BA 123 -8.42 9.47 35.76
N PHE BA 124 -8.58 8.64 34.76
CA PHE BA 124 -7.47 7.97 34.10
C PHE BA 124 -7.61 8.04 32.58
N ASP BA 125 -6.47 8.04 31.89
CA ASP BA 125 -6.43 7.66 30.50
C ASP BA 125 -6.15 6.11 30.36
N PRO BA 126 -6.35 5.57 29.15
CA PRO BA 126 -6.24 4.11 28.97
C PRO BA 126 -4.93 3.45 29.36
N VAL BA 127 -3.82 4.20 29.32
CA VAL BA 127 -2.51 3.67 29.69
C VAL BA 127 -2.03 4.10 31.06
N GLY BA 128 -2.90 4.70 31.86
CA GLY BA 128 -2.59 4.88 33.27
C GLY BA 128 -2.24 6.25 33.84
N SER BA 129 -2.19 7.29 32.99
CA SER BA 129 -2.06 8.67 33.48
C SER BA 129 -3.27 8.92 34.35
N TYR BA 130 -3.07 9.53 35.52
CA TYR BA 130 -4.22 9.87 36.37
C TYR BA 130 -3.97 11.06 37.28
N GLN BA 131 -5.04 11.59 37.82
CA GLN BA 131 -4.95 12.59 38.85
C GLN BA 131 -6.23 12.66 39.60
N ARG BA 132 -6.18 13.36 40.72
CA ARG BA 132 -7.34 13.63 41.52
C ARG BA 132 -8.10 14.84 40.92
N ASP BA 133 -9.41 14.82 40.97
CA ASP BA 133 -10.26 15.85 40.45
C ASP BA 133 -11.35 16.07 41.46
N SER BA 134 -12.01 17.19 41.36
CA SER BA 134 -13.23 17.47 42.09
C SER BA 134 -14.44 16.80 41.47
N PHE BA 135 -14.46 16.72 40.14
CA PHE BA 135 -15.52 16.08 39.39
C PHE BA 135 -15.06 15.82 37.97
N LYS BA 136 -15.56 14.73 37.39
CA LYS BA 136 -15.03 14.30 36.12
C LYS BA 136 -16.00 13.42 35.32
N ALA BA 137 -16.15 13.71 34.01
CA ALA BA 137 -16.94 12.87 33.13
C ALA BA 137 -16.02 12.04 32.26
N GLY BA 138 -16.50 10.86 31.85
CA GLY BA 138 -15.72 9.97 30.98
C GLY BA 138 -16.59 9.22 30.03
N GLY BA 139 -15.96 8.65 29.01
CA GLY BA 139 -16.67 7.84 28.06
C GLY BA 139 -17.34 8.68 26.98
N SER BA 140 -18.36 8.06 26.39
CA SER BA 140 -18.93 8.48 25.14
C SER BA 140 -19.41 9.95 25.06
N ALA BA 141 -20.20 10.35 26.03
CA ALA BA 141 -20.74 11.67 26.11
C ALA BA 141 -19.94 12.61 27.06
N SER BA 142 -18.67 12.32 27.33
CA SER BA 142 -17.96 13.12 28.30
C SER BA 142 -17.81 14.57 27.90
N ALA BA 143 -17.64 14.86 26.61
CA ALA BA 143 -17.54 16.24 26.20
C ALA BA 143 -18.84 17.00 26.30
N MET BA 144 -19.94 16.27 26.36
CA MET BA 144 -21.23 16.88 26.65
C MET BA 144 -21.43 17.12 28.14
N LEU BA 145 -20.95 16.24 29.01
CA LEU BA 145 -21.22 16.44 30.43
C LEU BA 145 -20.27 17.47 31.06
N GLN BA 146 -19.00 17.43 30.69
CA GLN BA 146 -17.99 18.16 31.45
C GLN BA 146 -18.21 19.68 31.49
N PRO BA 147 -18.53 20.32 30.33
CA PRO BA 147 -18.64 21.79 30.34
C PRO BA 147 -19.68 22.35 31.30
N LEU BA 148 -20.83 21.69 31.36
CA LEU BA 148 -21.87 22.11 32.26
C LEU BA 148 -21.43 21.95 33.75
N LEU BA 149 -20.67 20.90 34.04
CA LEU BA 149 -20.14 20.74 35.40
C LEU BA 149 -19.05 21.80 35.72
N ASP BA 150 -18.15 22.09 34.76
CA ASP BA 150 -17.21 23.22 34.88
C ASP BA 150 -17.91 24.53 35.33
N ASN BA 151 -19.04 24.81 34.66
CA ASN BA 151 -19.86 25.98 34.90
C ASN BA 151 -20.60 25.94 36.25
N GLN BA 152 -21.34 24.87 36.50
CA GLN BA 152 -22.25 24.79 37.62
C GLN BA 152 -21.60 24.41 38.94
N VAL BA 153 -20.60 23.53 38.90
CA VAL BA 153 -19.88 23.01 40.08
C VAL BA 153 -18.60 23.80 40.28
N GLY BA 154 -17.87 24.06 39.22
CA GLY BA 154 -16.67 24.91 39.30
C GLY BA 154 -16.96 26.42 39.29
N PHE BA 155 -18.23 26.83 39.08
CA PHE BA 155 -18.61 28.23 38.98
C PHE BA 155 -17.86 28.97 37.88
N LYS BA 156 -17.39 28.23 36.91
CA LYS BA 156 -16.64 28.86 35.81
C LYS BA 156 -17.41 29.86 34.91
N ASN BA 157 -16.70 30.90 34.48
CA ASN BA 157 -17.20 31.98 33.64
C ASN BA 157 -18.37 32.78 34.26
N MET BA 158 -18.62 32.63 35.54
CA MET BA 158 -19.70 33.35 36.21
C MET BA 158 -19.18 34.49 37.12
N GLN BA 159 -19.74 35.69 36.94
CA GLN BA 159 -19.45 36.85 37.83
C GLN BA 159 -20.50 36.93 38.91
N ASN BA 160 -20.08 37.48 40.08
CA ASN BA 160 -20.99 37.84 41.17
C ASN BA 160 -21.92 36.69 41.57
N VAL BA 161 -21.36 35.49 41.75
CA VAL BA 161 -22.10 34.30 42.24
C VAL BA 161 -21.31 33.77 43.44
N GLU BA 162 -21.99 33.44 44.54
CA GLU BA 162 -21.31 32.90 45.78
C GLU BA 162 -20.90 31.46 45.54
N HIS BA 163 -19.61 31.20 45.73
CA HIS BA 163 -19.00 29.86 45.57
C HIS BA 163 -19.32 28.98 46.79
N VAL BA 164 -20.56 28.54 46.89
CA VAL BA 164 -21.00 27.68 47.99
C VAL BA 164 -20.52 26.22 47.85
N PRO BA 165 -20.44 25.50 48.99
CA PRO BA 165 -20.10 24.06 48.94
C PRO BA 165 -21.17 23.26 48.23
N LEU BA 166 -20.75 22.17 47.61
CA LEU BA 166 -21.67 21.31 46.86
C LEU BA 166 -22.44 20.40 47.78
N SER BA 167 -23.74 20.62 47.86
CA SER BA 167 -24.65 19.75 48.60
C SER BA 167 -24.92 18.48 47.79
N LEU BA 168 -25.19 17.40 48.52
CA LEU BA 168 -25.55 16.15 47.90
C LEU BA 168 -26.78 16.30 46.94
N ASP BA 169 -27.80 17.04 47.38
CA ASP BA 169 -29.05 17.19 46.64
C ASP BA 169 -28.82 17.91 45.33
N ARG BA 170 -28.04 18.98 45.38
CA ARG BA 170 -27.71 19.68 44.16
C ARG BA 170 -26.89 18.79 43.24
N ALA BA 171 -25.89 18.11 43.79
CA ALA BA 171 -25.02 17.23 43.00
C ALA BA 171 -25.84 16.14 42.28
N MET BA 172 -26.83 15.61 42.97
CA MET BA 172 -27.74 14.65 42.39
C MET BA 172 -28.62 15.20 41.24
N ARG BA 173 -29.13 16.41 41.41
CA ARG BA 173 -29.92 17.06 40.36
C ARG BA 173 -29.04 17.32 39.17
N LEU BA 174 -27.79 17.72 39.40
CA LEU BA 174 -26.83 17.93 38.32
C LEU BA 174 -26.53 16.65 37.51
N VAL BA 175 -26.28 15.56 38.23
CA VAL BA 175 -25.99 14.31 37.61
C VAL BA 175 -27.14 13.90 36.68
N LYS BA 176 -28.35 13.94 37.17
CA LYS BA 176 -29.49 13.53 36.38
C LYS BA 176 -29.71 14.43 35.16
N ASP BA 177 -29.58 15.74 35.36
CA ASP BA 177 -29.67 16.69 34.26
C ASP BA 177 -28.71 16.41 33.14
N VAL BA 178 -27.41 16.24 33.46
CA VAL BA 178 -26.40 16.10 32.39
C VAL BA 178 -26.57 14.81 31.62
N PHE BA 179 -26.97 13.75 32.29
CA PHE BA 179 -27.25 12.49 31.57
C PHE BA 179 -28.49 12.56 30.67
N ILE BA 180 -29.50 13.29 31.15
CA ILE BA 180 -30.70 13.52 30.37
C ILE BA 180 -30.37 14.35 29.13
N SER BA 181 -29.54 15.40 29.29
CA SER BA 181 -29.08 16.16 28.14
C SER BA 181 -28.24 15.33 27.19
N ALA BA 182 -27.39 14.48 27.75
CA ALA BA 182 -26.57 13.62 26.95
C ALA BA 182 -27.41 12.62 26.15
N ALA BA 183 -28.45 12.05 26.77
CA ALA BA 183 -29.26 11.05 26.08
C ALA BA 183 -29.98 11.64 24.84
N GLU BA 184 -30.18 12.97 24.85
CA GLU BA 184 -30.70 13.72 23.70
C GLU BA 184 -29.79 13.68 22.47
N ARG BA 185 -28.48 13.60 22.65
CA ARG BA 185 -27.54 13.84 21.58
C ARG BA 185 -26.52 12.71 21.27
N ASP BA 186 -26.00 12.04 22.29
CA ASP BA 186 -25.10 10.92 22.12
C ASP BA 186 -25.98 9.69 21.84
N VAL BA 187 -25.77 9.09 20.67
CA VAL BA 187 -26.56 7.86 20.33
C VAL BA 187 -26.26 6.71 21.29
N TYR BA 188 -25.08 6.68 21.91
CA TYR BA 188 -24.70 5.55 22.79
C TYR BA 188 -25.21 5.64 24.23
N THR BA 189 -25.61 6.83 24.68
CA THR BA 189 -26.08 7.03 26.01
C THR BA 189 -27.60 7.00 26.07
N GLY BA 190 -28.10 6.10 26.88
CA GLY BA 190 -29.53 5.94 27.00
C GLY BA 190 -29.93 4.84 27.94
N ASP BA 191 -31.22 4.53 27.89
CA ASP BA 191 -31.89 3.41 28.64
C ASP BA 191 -32.13 3.70 30.10
N ALA BA 192 -31.06 3.83 30.87
CA ALA BA 192 -31.18 4.14 32.28
C ALA BA 192 -29.89 4.75 32.82
N LEU BA 193 -30.05 5.56 33.88
CA LEU BA 193 -28.96 6.16 34.60
C LEU BA 193 -28.86 5.43 35.98
N ARG BA 194 -27.71 4.83 36.27
CA ARG BA 194 -27.41 4.21 37.59
C ARG BA 194 -26.50 5.15 38.40
N ILE BA 195 -26.93 5.50 39.60
CA ILE BA 195 -26.18 6.39 40.52
C ILE BA 195 -25.78 5.67 41.80
N CYS BA 196 -24.48 5.63 42.11
CA CYS BA 196 -23.96 5.10 43.40
C CYS BA 196 -23.54 6.31 44.24
N ILE BA 197 -24.03 6.36 45.47
CA ILE BA 197 -23.64 7.38 46.44
C ILE BA 197 -22.84 6.72 47.57
N VAL BA 198 -21.55 7.02 47.63
CA VAL BA 198 -20.66 6.55 48.69
C VAL BA 198 -20.61 7.60 49.83
N THR BA 199 -20.98 7.18 51.03
CA THR BA 199 -20.79 7.99 52.27
C THR BA 199 -20.25 7.06 53.33
N LYS BA 200 -19.95 7.60 54.52
CA LYS BA 200 -19.52 6.77 55.65
C LYS BA 200 -20.53 5.69 56.08
N GLU BA 201 -21.82 5.93 55.87
CA GLU BA 201 -22.85 4.92 56.13
C GLU BA 201 -22.84 3.73 55.14
N GLY BA 202 -22.30 3.95 53.94
CA GLY BA 202 -22.11 2.89 52.95
C GLY BA 202 -22.38 3.41 51.54
N ILE BA 203 -22.87 2.51 50.67
CA ILE BA 203 -23.04 2.79 49.24
C ILE BA 203 -24.48 2.52 48.89
N ARG BA 204 -25.23 3.56 48.52
CA ARG BA 204 -26.58 3.32 48.11
C ARG BA 204 -26.76 3.69 46.63
N GLU BA 205 -27.85 3.22 46.09
CA GLU BA 205 -28.03 3.07 44.67
C GLU BA 205 -29.33 3.73 44.31
N GLU BA 206 -29.32 4.63 43.35
CA GLU BA 206 -30.54 5.15 42.69
C GLU BA 206 -30.50 4.81 41.20
N THR BA 207 -31.65 4.56 40.60
CA THR BA 207 -31.74 4.41 39.15
C THR BA 207 -32.85 5.27 38.58
N VAL BA 208 -32.58 5.94 37.47
CA VAL BA 208 -33.55 6.81 36.77
C VAL BA 208 -33.63 6.46 35.26
N SER BA 209 -34.83 6.48 34.73
CA SER BA 209 -35.08 6.08 33.36
C SER BA 209 -34.52 7.13 32.38
N LEU BA 210 -33.94 6.68 31.28
CA LEU BA 210 -33.54 7.55 30.16
C LEU BA 210 -34.23 7.07 28.89
N ARG BA 211 -34.26 7.93 27.89
CA ARG BA 211 -34.82 7.60 26.55
C ARG BA 211 -34.25 6.28 26.00
N LYS BA 212 -35.10 5.52 25.35
CA LYS BA 212 -34.74 4.20 24.80
C LYS BA 212 -34.36 4.13 23.31
N ASP BA 213 -34.51 5.26 22.59
CA ASP BA 213 -34.17 5.33 21.16
C ASP BA 213 -32.67 5.48 20.87
N THR CA 1 -7.92 -19.06 14.87
CA THR CA 1 -8.40 -18.77 13.50
C THR CA 1 -8.20 -17.32 13.12
N GLN CA 2 -7.47 -17.09 12.05
CA GLN CA 2 -7.44 -15.82 11.36
C GLN CA 2 -8.57 -15.68 10.31
N ASN CA 3 -8.86 -16.77 9.59
CA ASN CA 3 -9.80 -16.75 8.50
C ASN CA 3 -10.83 -17.83 8.65
N PRO CA 4 -12.05 -17.49 9.03
CA PRO CA 4 -13.02 -18.57 9.17
C PRO CA 4 -13.29 -19.42 7.87
N MET CA 5 -13.63 -20.68 8.03
CA MET CA 5 -13.82 -21.57 6.88
C MET CA 5 -15.29 -21.98 6.82
N VAL CA 6 -15.68 -23.12 7.38
CA VAL CA 6 -17.08 -23.44 7.43
C VAL CA 6 -17.70 -22.75 8.60
N THR CA 7 -18.85 -22.08 8.42
CA THR CA 7 -19.46 -21.24 9.43
C THR CA 7 -20.94 -21.48 9.60
N GLY CA 8 -21.46 -21.16 10.80
CA GLY CA 8 -22.87 -21.14 11.07
C GLY CA 8 -23.35 -19.72 11.31
N THR CA 9 -24.64 -19.50 11.05
CA THR CA 9 -25.25 -18.21 11.15
C THR CA 9 -25.88 -18.05 12.52
N SER CA 10 -26.93 -17.28 12.64
CA SER CA 10 -27.53 -16.93 13.93
C SER CA 10 -27.81 -18.07 14.94
N VAL CA 11 -27.76 -17.69 16.22
CA VAL CA 11 -28.29 -18.46 17.31
C VAL CA 11 -29.18 -17.53 18.08
N LEU CA 12 -30.35 -18.02 18.48
CA LEU CA 12 -31.36 -17.30 19.25
C LEU CA 12 -31.49 -17.93 20.64
N GLY CA 13 -31.89 -17.12 21.62
CA GLY CA 13 -32.22 -17.59 22.96
C GLY CA 13 -33.22 -16.67 23.64
N VAL CA 14 -34.11 -17.25 24.42
CA VAL CA 14 -35.10 -16.46 25.15
C VAL CA 14 -35.45 -17.17 26.46
N LYS CA 15 -35.55 -16.41 27.54
CA LYS CA 15 -35.93 -16.94 28.82
C LYS CA 15 -37.44 -17.07 28.88
N PHE CA 16 -37.87 -18.13 29.57
CA PHE CA 16 -39.29 -18.36 29.92
C PHE CA 16 -39.41 -18.87 31.37
N GLU CA 17 -40.64 -18.93 31.85
CA GLU CA 17 -40.91 -19.32 33.23
C GLU CA 17 -40.61 -20.81 33.37
N GLY CA 18 -39.52 -21.11 34.04
CA GLY CA 18 -39.05 -22.47 34.25
C GLY CA 18 -37.94 -22.91 33.34
N GLY CA 19 -37.42 -22.01 32.52
CA GLY CA 19 -36.35 -22.43 31.61
C GLY CA 19 -35.84 -21.42 30.61
N VAL CA 20 -35.11 -21.95 29.64
CA VAL CA 20 -34.59 -21.19 28.55
C VAL CA 20 -34.71 -22.07 27.31
N VAL CA 21 -35.01 -21.44 26.18
CA VAL CA 21 -34.99 -22.11 24.87
C VAL CA 21 -33.97 -21.42 23.97
N ILE CA 22 -33.20 -22.22 23.25
CA ILE CA 22 -32.33 -21.72 22.19
C ILE CA 22 -32.59 -22.45 20.85
N ALA CA 23 -32.22 -21.80 19.76
CA ALA CA 23 -32.45 -22.33 18.46
C ALA CA 23 -31.31 -22.04 17.49
N ALA CA 24 -31.05 -22.96 16.58
CA ALA CA 24 -30.07 -22.75 15.56
C ALA CA 24 -30.28 -23.71 14.43
N ASP CA 25 -30.09 -23.19 13.22
CA ASP CA 25 -30.19 -24.00 12.04
C ASP CA 25 -29.00 -24.98 11.92
N MET CA 26 -29.10 -25.90 10.99
CA MET CA 26 -28.19 -27.03 10.90
C MET CA 26 -27.21 -26.96 9.76
N LEU CA 27 -26.84 -25.72 9.37
CA LEU CA 27 -26.05 -25.48 8.20
C LEU CA 27 -24.63 -25.04 8.56
N GLY CA 28 -23.66 -25.63 7.89
CA GLY CA 28 -22.33 -25.13 7.80
C GLY CA 28 -22.08 -24.58 6.40
N SER CA 29 -21.90 -23.24 6.26
CA SER CA 29 -21.68 -22.66 4.96
C SER CA 29 -20.21 -22.49 4.71
N TYR CA 30 -19.79 -22.59 3.45
CA TYR CA 30 -18.40 -22.40 3.02
C TYR CA 30 -18.47 -21.25 2.05
N GLY CA 31 -18.36 -20.04 2.57
CA GLY CA 31 -18.66 -18.86 1.85
C GLY CA 31 -20.16 -18.84 1.57
N SER CA 32 -20.56 -18.65 0.32
CA SER CA 32 -21.99 -18.65 -0.01
C SER CA 32 -22.56 -20.07 -0.14
N LEU CA 33 -21.71 -21.07 -0.40
CA LEU CA 33 -22.11 -22.47 -0.56
C LEU CA 33 -22.70 -23.05 0.73
N ALA CA 34 -23.91 -23.59 0.61
CA ALA CA 34 -24.55 -24.28 1.72
C ALA CA 34 -24.02 -25.75 1.67
N ARG CA 35 -22.95 -26.00 2.40
CA ARG CA 35 -22.08 -27.13 2.15
C ARG CA 35 -22.47 -28.35 2.98
N PHE CA 36 -22.56 -28.14 4.29
CA PHE CA 36 -22.88 -29.26 5.24
C PHE CA 36 -24.21 -28.97 5.86
N ARG CA 37 -25.23 -29.69 5.39
CA ARG CA 37 -26.61 -29.33 5.73
C ARG CA 37 -27.26 -30.12 6.87
N ASN CA 38 -26.49 -30.92 7.57
CA ASN CA 38 -27.03 -31.62 8.74
C ASN CA 38 -26.09 -31.64 9.94
N ILE CA 39 -25.56 -30.49 10.35
CA ILE CA 39 -24.64 -30.41 11.48
C ILE CA 39 -25.37 -29.71 12.60
N SER CA 40 -25.11 -30.13 13.84
CA SER CA 40 -25.73 -29.55 15.01
C SER CA 40 -24.77 -28.46 15.51
N ARG CA 41 -25.34 -27.29 15.80
CA ARG CA 41 -24.59 -26.14 16.34
C ARG CA 41 -24.95 -25.86 17.80
N ILE CA 42 -25.52 -26.84 18.44
CA ILE CA 42 -25.95 -26.78 19.82
C ILE CA 42 -25.31 -27.96 20.53
N MET CA 43 -24.93 -27.71 21.77
CA MET CA 43 -24.25 -28.68 22.65
C MET CA 43 -24.97 -28.73 24.00
N ARG CA 44 -25.27 -29.91 24.49
CA ARG CA 44 -25.62 -30.07 25.92
C ARG CA 44 -24.30 -30.03 26.71
N VAL CA 45 -24.11 -29.06 27.58
CA VAL CA 45 -22.86 -28.97 28.32
C VAL CA 45 -22.91 -29.92 29.56
N ASN CA 46 -23.91 -29.72 30.40
CA ASN CA 46 -24.29 -30.64 31.48
C ASN CA 46 -25.82 -30.54 31.66
N ASN CA 47 -26.34 -31.01 32.77
CA ASN CA 47 -27.79 -31.05 32.96
C ASN CA 47 -28.52 -29.76 33.07
N SER CA 48 -27.78 -28.73 33.40
CA SER CA 48 -28.35 -27.44 33.70
C SER CA 48 -28.04 -26.39 32.57
N THR CA 49 -27.16 -26.75 31.63
CA THR CA 49 -26.54 -25.81 30.73
C THR CA 49 -26.44 -26.29 29.30
N MET CA 50 -26.77 -25.39 28.39
CA MET CA 50 -26.56 -25.65 26.96
C MET CA 50 -25.96 -24.47 26.28
N LEU CA 51 -25.38 -24.75 25.12
CA LEU CA 51 -24.60 -23.78 24.37
C LEU CA 51 -24.92 -23.87 22.89
N GLY CA 52 -25.13 -22.70 22.27
CA GLY CA 52 -25.18 -22.60 20.80
C GLY CA 52 -24.15 -21.64 20.19
N ALA CA 53 -23.57 -22.01 19.05
CA ALA CA 53 -22.49 -21.26 18.44
C ALA CA 53 -22.72 -20.87 16.96
N SER CA 54 -22.60 -19.56 16.71
CA SER CA 54 -22.31 -18.98 15.39
C SER CA 54 -20.83 -18.98 15.10
N GLY CA 55 -20.50 -18.82 13.83
CA GLY CA 55 -19.15 -18.63 13.40
C GLY CA 55 -18.50 -19.94 13.06
N ASP CA 56 -17.17 -20.00 13.14
CA ASP CA 56 -16.40 -21.09 12.55
C ASP CA 56 -16.69 -22.46 13.27
N TYR CA 57 -17.14 -23.43 12.50
CA TYR CA 57 -17.59 -24.66 13.08
C TYR CA 57 -16.47 -25.50 13.69
N ALA CA 58 -15.28 -25.48 13.08
CA ALA CA 58 -14.12 -26.19 13.60
C ALA CA 58 -13.72 -25.66 14.96
N ASP CA 59 -13.77 -24.33 15.13
CA ASP CA 59 -13.57 -23.75 16.43
C ASP CA 59 -14.64 -24.13 17.42
N PHE CA 60 -15.90 -24.18 16.98
CA PHE CA 60 -16.95 -24.69 17.85
C PHE CA 60 -16.68 -26.17 18.27
N GLN CA 61 -16.22 -26.99 17.35
CA GLN CA 61 -15.93 -28.37 17.68
C GLN CA 61 -14.80 -28.43 18.74
N TYR CA 62 -13.85 -27.51 18.65
CA TYR CA 62 -12.75 -27.48 19.62
C TYR CA 62 -13.29 -27.14 21.00
N LEU CA 63 -14.14 -26.13 21.08
CA LEU CA 63 -14.73 -25.77 22.34
C LEU CA 63 -15.53 -26.93 22.91
N LYS CA 64 -16.31 -27.62 22.07
CA LYS CA 64 -17.09 -28.75 22.48
C LYS CA 64 -16.23 -29.83 23.10
N GLN CA 65 -15.11 -30.12 22.44
CA GLN CA 65 -14.15 -31.08 22.90
C GLN CA 65 -13.53 -30.65 24.29
N VAL CA 66 -13.12 -29.38 24.42
CA VAL CA 66 -12.54 -28.88 25.69
C VAL CA 66 -13.60 -28.87 26.79
N LEU CA 67 -14.76 -28.34 26.50
CA LEU CA 67 -15.76 -28.18 27.53
C LEU CA 67 -16.35 -29.53 27.99
N GLY CA 68 -16.54 -30.42 27.03
CA GLY CA 68 -16.97 -31.77 27.31
C GLY CA 68 -16.02 -32.50 28.28
N GLN CA 69 -14.71 -32.38 28.04
CA GLN CA 69 -13.72 -32.97 28.88
C GLN CA 69 -13.74 -32.35 30.28
N MET CA 70 -13.99 -31.05 30.40
CA MET CA 70 -14.07 -30.41 31.73
C MET CA 70 -15.26 -30.92 32.52
N VAL CA 71 -16.41 -31.12 31.86
CA VAL CA 71 -17.58 -31.66 32.58
C VAL CA 71 -17.34 -33.12 32.99
N ILE CA 72 -16.73 -33.94 32.14
CA ILE CA 72 -16.32 -35.29 32.53
C ILE CA 72 -15.39 -35.25 33.77
N ASP CA 73 -14.34 -34.42 33.73
CA ASP CA 73 -13.37 -34.31 34.80
C ASP CA 73 -14.08 -34.05 36.10
N GLU CA 74 -14.99 -33.11 36.08
CA GLU CA 74 -15.77 -32.78 37.25
C GLU CA 74 -16.67 -33.92 37.75
N GLU CA 75 -17.33 -34.63 36.83
CA GLU CA 75 -18.23 -35.74 37.19
C GLU CA 75 -17.46 -36.84 37.88
N LEU CA 76 -16.24 -37.12 37.41
CA LEU CA 76 -15.35 -38.05 38.04
C LEU CA 76 -15.19 -37.83 39.55
N LEU CA 77 -15.29 -36.60 40.04
CA LEU CA 77 -15.03 -36.35 41.45
C LEU CA 77 -16.20 -36.75 42.34
N GLY CA 78 -17.39 -36.79 41.77
CA GLY CA 78 -18.61 -37.12 42.50
C GLY CA 78 -18.76 -36.46 43.86
N ASP CA 79 -18.43 -35.17 43.91
CA ASP CA 79 -18.39 -34.41 45.16
C ASP CA 79 -19.63 -33.49 45.40
N GLY CA 80 -20.70 -33.63 44.64
CA GLY CA 80 -21.86 -32.75 44.85
C GLY CA 80 -21.73 -31.27 44.38
N HIS CA 81 -20.66 -30.93 43.68
CA HIS CA 81 -20.52 -29.59 43.11
C HIS CA 81 -20.53 -29.76 41.60
N SER CA 82 -21.23 -28.85 40.94
CA SER CA 82 -21.38 -28.86 39.50
C SER CA 82 -21.26 -27.50 38.93
N TYR CA 83 -20.63 -27.37 37.78
CA TYR CA 83 -20.58 -26.04 37.09
C TYR CA 83 -21.99 -25.51 36.77
N SER CA 84 -22.35 -24.38 37.37
CA SER CA 84 -23.58 -23.70 37.08
C SER CA 84 -23.49 -23.09 35.67
N PRO CA 85 -24.64 -22.69 35.09
CA PRO CA 85 -24.62 -22.04 33.76
C PRO CA 85 -23.80 -20.77 33.79
N ARG CA 86 -23.89 -20.05 34.89
CA ARG CA 86 -23.09 -18.85 35.10
C ARG CA 86 -21.59 -19.11 35.11
N ALA CA 87 -21.18 -20.21 35.69
CA ALA CA 87 -19.76 -20.55 35.77
C ALA CA 87 -19.21 -20.92 34.40
N ILE CA 88 -20.00 -21.66 33.66
CA ILE CA 88 -19.62 -22.02 32.29
C ILE CA 88 -19.51 -20.74 31.41
N HIS CA 89 -20.44 -19.82 31.59
CA HIS CA 89 -20.41 -18.55 30.89
C HIS CA 89 -19.14 -17.75 31.27
N SER CA 90 -18.78 -17.75 32.56
CA SER CA 90 -17.57 -17.10 33.00
C SER CA 90 -16.38 -17.74 32.37
N TRP CA 91 -16.30 -19.06 32.44
CA TRP CA 91 -15.17 -19.75 31.84
C TRP CA 91 -14.99 -19.38 30.35
N LEU CA 92 -16.12 -19.35 29.65
CA LEU CA 92 -16.11 -19.08 28.23
C LEU CA 92 -15.67 -17.64 27.95
N THR CA 93 -16.16 -16.70 28.72
CA THR CA 93 -15.65 -15.34 28.61
C THR CA 93 -14.11 -15.30 28.70
N ARG CA 94 -13.53 -16.01 29.68
CA ARG CA 94 -12.08 -15.96 29.92
C ARG CA 94 -11.34 -16.60 28.81
N ALA CA 95 -11.88 -17.73 28.32
CA ALA CA 95 -11.24 -18.43 27.27
C ALA CA 95 -11.23 -17.61 25.95
N MET CA 96 -12.36 -16.98 25.60
CA MET CA 96 -12.42 -16.16 24.39
C MET CA 96 -11.52 -14.90 24.52
N TYR CA 97 -11.57 -14.21 25.66
CA TYR CA 97 -10.70 -13.05 25.90
C TYR CA 97 -9.23 -13.40 25.78
N SER CA 98 -8.86 -14.48 26.40
CA SER CA 98 -7.49 -14.94 26.37
C SER CA 98 -6.97 -15.27 24.99
N ARG CA 99 -7.80 -15.92 24.17
CA ARG CA 99 -7.44 -16.20 22.79
C ARG CA 99 -7.38 -14.91 21.94
N ARG CA 100 -8.35 -14.04 22.14
CA ARG CA 100 -8.34 -12.65 21.54
C ARG CA 100 -7.05 -11.95 21.87
N SER CA 101 -6.59 -12.04 23.14
CA SER CA 101 -5.40 -11.24 23.58
C SER CA 101 -4.09 -11.84 23.07
N LYS CA 102 -4.12 -13.10 22.61
CA LYS CA 102 -3.00 -13.65 21.84
C LYS CA 102 -3.09 -13.42 20.35
N MET CA 103 -4.08 -12.64 19.88
CA MET CA 103 -4.29 -12.37 18.46
C MET CA 103 -4.56 -13.66 17.64
N ASN CA 104 -5.28 -14.60 18.24
CA ASN CA 104 -5.57 -15.88 17.62
C ASN CA 104 -6.92 -16.30 18.16
N PRO CA 105 -7.96 -15.56 17.80
CA PRO CA 105 -9.27 -15.84 18.35
C PRO CA 105 -9.86 -17.22 17.97
N LEU CA 106 -10.83 -17.66 18.76
CA LEU CA 106 -11.77 -18.64 18.38
C LEU CA 106 -12.88 -17.83 17.76
N TRP CA 107 -13.14 -18.10 16.48
CA TRP CA 107 -14.05 -17.30 15.67
C TRP CA 107 -15.53 -17.67 15.85
N ASN CA 108 -16.06 -17.39 17.03
CA ASN CA 108 -17.39 -17.73 17.41
C ASN CA 108 -18.09 -16.65 18.19
N THR CA 109 -19.42 -16.69 18.11
CA THR CA 109 -20.28 -15.93 18.96
C THR CA 109 -21.22 -16.91 19.56
N MET CA 110 -21.36 -16.89 20.90
CA MET CA 110 -22.10 -17.93 21.59
C MET CA 110 -23.20 -17.48 22.52
N VAL CA 111 -24.18 -18.37 22.67
CA VAL CA 111 -25.33 -18.18 23.54
C VAL CA 111 -25.35 -19.36 24.50
N ILE CA 112 -25.26 -19.05 25.80
CA ILE CA 112 -25.30 -20.05 26.88
C ILE CA 112 -26.68 -19.90 27.54
N GLY CA 113 -27.39 -21.02 27.65
CA GLY CA 113 -28.69 -21.05 28.27
C GLY CA 113 -28.68 -22.05 29.39
N GLY CA 114 -29.36 -21.75 30.47
CA GLY CA 114 -29.33 -22.60 31.59
C GLY CA 114 -30.47 -22.44 32.56
N TYR CA 115 -30.61 -23.43 33.43
CA TYR CA 115 -31.61 -23.40 34.49
C TYR CA 115 -31.01 -24.06 35.75
N ALA CA 116 -30.93 -23.32 36.84
CA ALA CA 116 -30.29 -23.78 38.08
C ALA CA 116 -30.86 -22.99 39.24
N ASP CA 117 -31.10 -23.70 40.35
CA ASP CA 117 -31.65 -23.09 41.59
C ASP CA 117 -32.88 -22.24 41.30
N GLY CA 118 -33.81 -22.76 40.50
CA GLY CA 118 -34.99 -21.97 40.11
C GLY CA 118 -34.83 -20.73 39.22
N GLU CA 119 -33.62 -20.38 38.76
CA GLU CA 119 -33.38 -19.18 37.94
C GLU CA 119 -33.05 -19.56 36.48
N SER CA 120 -33.62 -18.83 35.53
CA SER CA 120 -33.22 -18.98 34.11
C SER CA 120 -31.96 -18.18 33.82
N PHE CA 121 -30.96 -18.79 33.22
CA PHE CA 121 -29.75 -18.08 32.81
C PHE CA 121 -29.65 -17.97 31.29
N LEU CA 122 -29.37 -16.77 30.79
CA LEU CA 122 -29.08 -16.57 29.39
C LEU CA 122 -27.91 -15.61 29.21
N GLY CA 123 -26.86 -16.06 28.55
CA GLY CA 123 -25.68 -15.22 28.38
C GLY CA 123 -25.02 -15.31 27.02
N TYR CA 124 -24.37 -14.23 26.63
CA TYR CA 124 -23.73 -14.04 25.39
C TYR CA 124 -22.22 -13.96 25.59
N VAL CA 125 -21.43 -14.61 24.73
CA VAL CA 125 -19.98 -14.35 24.66
C VAL CA 125 -19.56 -14.27 23.21
N ASP CA 126 -18.71 -13.29 22.85
CA ASP CA 126 -18.24 -13.17 21.44
C ASP CA 126 -16.77 -13.47 21.39
N MET CA 127 -16.21 -13.40 20.19
CA MET CA 127 -14.83 -13.77 20.03
C MET CA 127 -13.79 -12.81 20.67
N LEU CA 128 -14.24 -11.67 21.14
CA LEU CA 128 -13.37 -10.70 21.77
C LEU CA 128 -13.51 -10.74 23.29
N GLY CA 129 -14.36 -11.60 23.84
CA GLY CA 129 -14.60 -11.61 25.26
C GLY CA 129 -15.64 -10.63 25.74
N VAL CA 130 -16.39 -10.01 24.82
CA VAL CA 130 -17.58 -9.27 25.18
C VAL CA 130 -18.67 -10.23 25.70
N ALA CA 131 -19.19 -10.02 26.90
CA ALA CA 131 -20.15 -10.94 27.49
C ALA CA 131 -21.12 -10.20 28.35
N TYR CA 132 -22.35 -10.69 28.38
CA TYR CA 132 -23.39 -10.07 29.17
C TYR CA 132 -24.56 -11.01 29.25
N GLU CA 133 -25.51 -10.66 30.09
CA GLU CA 133 -26.76 -11.41 30.17
C GLU CA 133 -27.97 -10.61 29.69
N ALA CA 134 -28.99 -11.31 29.21
CA ALA CA 134 -30.22 -10.64 28.82
C ALA CA 134 -31.40 -11.59 28.74
N PRO CA 135 -32.63 -11.05 28.79
CA PRO CA 135 -33.85 -11.85 28.65
C PRO CA 135 -33.96 -12.60 27.33
N SER CA 136 -33.37 -12.03 26.29
CA SER CA 136 -33.29 -12.65 24.99
C SER CA 136 -31.98 -12.27 24.30
N LEU CA 137 -31.52 -13.12 23.40
CA LEU CA 137 -30.29 -12.92 22.68
C LEU CA 137 -30.48 -13.37 21.22
N ALA CA 138 -29.73 -12.74 20.33
CA ALA CA 138 -29.63 -13.20 18.95
C ALA CA 138 -28.32 -12.77 18.35
N THR CA 139 -27.55 -13.74 17.86
CA THR CA 139 -26.28 -13.48 17.24
C THR CA 139 -26.46 -13.26 15.71
N GLY CA 140 -25.43 -12.70 15.08
CA GLY CA 140 -25.35 -12.54 13.63
C GLY CA 140 -26.50 -11.75 13.09
N TYR CA 141 -27.06 -12.23 11.98
CA TYR CA 141 -28.20 -11.50 11.36
C TYR CA 141 -29.38 -11.47 12.28
N GLY CA 142 -29.42 -12.44 13.19
CA GLY CA 142 -30.43 -12.44 14.19
C GLY CA 142 -30.50 -11.21 15.06
N ALA CA 143 -29.36 -10.61 15.28
CA ALA CA 143 -29.32 -9.32 16.04
C ALA CA 143 -30.18 -8.23 15.37
N TYR CA 144 -30.22 -8.21 14.05
CA TYR CA 144 -31.01 -7.25 13.26
C TYR CA 144 -32.44 -7.66 12.94
N LEU CA 145 -32.66 -8.96 12.75
CA LEU CA 145 -33.95 -9.50 12.32
C LEU CA 145 -34.76 -10.13 13.45
N ALA CA 146 -34.13 -10.86 14.38
CA ALA CA 146 -34.87 -11.57 15.42
C ALA CA 146 -35.01 -10.78 16.70
N GLN CA 147 -33.92 -10.15 17.15
CA GLN CA 147 -33.94 -9.40 18.43
C GLN CA 147 -34.99 -8.31 18.50
N PRO CA 148 -35.24 -7.55 17.41
CA PRO CA 148 -36.32 -6.58 17.49
C PRO CA 148 -37.70 -7.21 17.83
N LEU CA 149 -37.99 -8.37 17.26
CA LEU CA 149 -39.23 -9.07 17.56
C LEU CA 149 -39.24 -9.62 19.00
N LEU CA 150 -38.14 -10.24 19.39
CA LEU CA 150 -38.04 -10.79 20.76
C LEU CA 150 -38.24 -9.68 21.82
N ARG CA 151 -37.60 -8.55 21.64
CA ARG CA 151 -37.71 -7.45 22.63
C ARG CA 151 -39.05 -6.75 22.64
N GLU CA 152 -39.68 -6.59 21.49
CA GLU CA 152 -41.01 -6.05 21.42
C GLU CA 152 -42.03 -6.90 22.21
N VAL CA 153 -41.99 -8.23 22.02
CA VAL CA 153 -42.87 -9.13 22.77
C VAL CA 153 -42.59 -9.02 24.29
N LEU CA 154 -41.34 -9.19 24.66
CA LEU CA 154 -40.91 -9.13 26.08
C LEU CA 154 -41.17 -7.81 26.82
N GLU CA 155 -41.36 -6.70 26.07
CA GLU CA 155 -41.80 -5.39 26.65
C GLU CA 155 -43.25 -5.43 27.07
N LYS CA 156 -44.11 -5.91 26.19
CA LYS CA 156 -45.52 -6.10 26.48
C LYS CA 156 -45.80 -7.22 27.50
N GLN CA 157 -44.87 -8.15 27.69
CA GLN CA 157 -45.08 -9.30 28.54
C GLN CA 157 -43.73 -9.92 28.87
N PRO CA 158 -43.10 -9.47 29.96
CA PRO CA 158 -41.78 -9.97 30.28
C PRO CA 158 -41.69 -11.45 30.60
N VAL CA 159 -42.78 -12.02 31.12
CA VAL CA 159 -42.74 -13.40 31.58
C VAL CA 159 -43.55 -14.18 30.60
N LEU CA 160 -42.86 -15.07 29.89
CA LEU CA 160 -43.44 -15.92 28.87
C LEU CA 160 -43.53 -17.34 29.38
N SER CA 161 -44.54 -18.04 28.94
CA SER CA 161 -44.62 -19.46 29.17
C SER CA 161 -43.71 -20.17 28.19
N GLN CA 162 -43.48 -21.45 28.46
CA GLN CA 162 -42.62 -22.26 27.62
C GLN CA 162 -43.15 -22.30 26.21
N THR CA 163 -44.47 -22.51 26.05
CA THR CA 163 -45.05 -22.62 24.72
C THR CA 163 -45.09 -21.26 23.95
N GLU CA 164 -45.33 -20.15 24.66
CA GLU CA 164 -45.25 -18.82 24.07
C GLU CA 164 -43.83 -18.46 23.54
N ALA CA 165 -42.81 -18.85 24.29
CA ALA CA 165 -41.43 -18.66 23.92
C ALA CA 165 -41.07 -19.55 22.73
N ARG CA 166 -41.54 -20.77 22.75
CA ARG CA 166 -41.32 -21.64 21.60
C ARG CA 166 -41.96 -21.10 20.27
N ASP CA 167 -43.19 -20.57 20.34
CA ASP CA 167 -43.82 -20.03 19.15
CA ASP CA 167 -43.90 -19.91 19.18
C ASP CA 167 -43.09 -18.74 18.69
N LEU CA 168 -42.60 -17.97 19.65
CA LEU CA 168 -41.86 -16.74 19.34
C LEU CA 168 -40.53 -17.06 18.63
N VAL CA 169 -39.85 -18.08 19.12
CA VAL CA 169 -38.65 -18.56 18.47
C VAL CA 169 -38.91 -19.07 17.04
N GLU CA 170 -39.95 -19.87 16.86
CA GLU CA 170 -40.33 -20.34 15.54
C GLU CA 170 -40.63 -19.19 14.56
N ARG CA 171 -41.31 -18.14 15.03
CA ARG CA 171 -41.63 -16.97 14.21
C ARG CA 171 -40.34 -16.26 13.78
N CYS CA 172 -39.39 -16.15 14.70
CA CYS CA 172 -38.09 -15.52 14.39
C CYS CA 172 -37.32 -16.39 13.42
N MET CA 173 -37.36 -17.71 13.55
CA MET CA 173 -36.60 -18.57 12.65
C MET CA 173 -37.13 -18.44 11.22
N ARG CA 174 -38.44 -18.18 11.09
CA ARG CA 174 -39.07 -18.03 9.79
C ARG CA 174 -38.55 -16.74 9.13
N VAL CA 175 -38.49 -15.65 9.89
CA VAL CA 175 -38.01 -14.37 9.38
C VAL CA 175 -36.57 -14.53 8.89
N LEU CA 176 -35.75 -15.24 9.66
CA LEU CA 176 -34.36 -15.45 9.29
C LEU CA 176 -34.22 -16.24 8.01
N TYR CA 177 -35.03 -17.30 7.87
CA TYR CA 177 -35.03 -18.04 6.62
C TYR CA 177 -35.44 -17.15 5.42
N TYR CA 178 -36.37 -16.28 5.63
CA TYR CA 178 -36.72 -15.32 4.53
C TYR CA 178 -35.65 -14.29 4.15
N ARG CA 179 -34.86 -13.83 5.12
CA ARG CA 179 -34.02 -12.60 4.97
C ARG CA 179 -32.54 -12.71 5.16
N ASP CA 180 -32.06 -13.82 5.70
CA ASP CA 180 -30.64 -14.16 5.82
C ASP CA 180 -30.27 -15.18 4.74
N ALA CA 181 -29.42 -14.77 3.81
CA ALA CA 181 -28.98 -15.65 2.73
C ALA CA 181 -28.04 -16.79 3.10
N ARG CA 182 -27.60 -16.86 4.37
CA ARG CA 182 -26.80 -17.98 4.87
C ARG CA 182 -27.61 -18.90 5.81
N SER CA 183 -28.93 -18.72 5.88
CA SER CA 183 -29.77 -19.54 6.68
C SER CA 183 -30.22 -20.78 5.87
N TYR CA 184 -30.90 -21.67 6.60
CA TYR CA 184 -31.39 -22.93 6.06
C TYR CA 184 -32.60 -23.36 6.88
N ASN CA 185 -33.62 -23.88 6.19
CA ASN CA 185 -34.90 -24.20 6.83
C ASN CA 185 -34.97 -25.60 7.49
N ARG CA 186 -33.99 -25.90 8.29
CA ARG CA 186 -33.82 -27.15 8.98
C ARG CA 186 -33.04 -26.73 10.25
N PHE CA 187 -33.74 -26.71 11.38
CA PHE CA 187 -33.14 -26.23 12.64
C PHE CA 187 -33.44 -27.14 13.84
N GLN CA 188 -32.71 -26.88 14.93
CA GLN CA 188 -32.91 -27.52 16.19
C GLN CA 188 -33.41 -26.51 17.22
N ILE CA 189 -34.20 -27.00 18.16
CA ILE CA 189 -34.60 -26.22 19.31
C ILE CA 189 -34.13 -26.99 20.51
N ALA CA 190 -33.46 -26.32 21.42
CA ALA CA 190 -32.97 -26.93 22.65
C ALA CA 190 -33.59 -26.20 23.83
N THR CA 191 -34.06 -26.94 24.81
CA THR CA 191 -34.77 -26.37 25.93
C THR CA 191 -34.12 -26.86 27.24
N VAL CA 192 -34.02 -25.99 28.23
CA VAL CA 192 -33.50 -26.42 29.51
C VAL CA 192 -34.54 -26.04 30.51
N THR CA 193 -34.85 -26.99 31.39
CA THR CA 193 -35.80 -26.82 32.49
C THR CA 193 -35.23 -27.57 33.72
N GLU CA 194 -35.99 -27.61 34.81
CA GLU CA 194 -35.82 -28.56 35.94
C GLU CA 194 -35.45 -29.99 35.54
N LYS CA 195 -36.01 -30.46 34.44
CA LYS CA 195 -35.82 -31.83 33.99
C LYS CA 195 -34.51 -32.06 33.30
N GLY CA 196 -33.79 -31.01 32.89
CA GLY CA 196 -32.56 -31.19 32.11
C GLY CA 196 -32.61 -30.47 30.78
N VAL CA 197 -31.75 -30.94 29.88
CA VAL CA 197 -31.61 -30.39 28.57
C VAL CA 197 -32.18 -31.33 27.50
N GLU CA 198 -33.12 -30.83 26.71
CA GLU CA 198 -33.68 -31.53 25.56
C GLU CA 198 -33.30 -30.76 24.26
N ILE CA 199 -32.80 -31.50 23.26
CA ILE CA 199 -32.53 -31.01 21.92
C ILE CA 199 -33.54 -31.71 20.97
N GLU CA 200 -34.39 -30.92 20.30
CA GLU CA 200 -35.32 -31.42 19.29
C GLU CA 200 -34.91 -31.00 17.91
N GLY CA 201 -35.17 -31.88 16.96
N GLY CA 201 -35.16 -31.88 16.95
CA GLY CA 201 -34.97 -31.59 15.55
CA GLY CA 201 -34.97 -31.58 15.54
C GLY CA 201 -34.80 -32.88 14.79
C GLY CA 201 -34.81 -32.86 14.79
N PRO CA 202 -34.63 -32.80 13.46
CA PRO CA 202 -34.66 -31.59 12.62
C PRO CA 202 -36.05 -31.02 12.47
N LEU CA 203 -36.15 -29.69 12.51
CA LEU CA 203 -37.41 -28.96 12.44
C LEU CA 203 -37.39 -28.03 11.24
N SER CA 204 -38.58 -27.66 10.79
CA SER CA 204 -38.82 -26.77 9.62
C SER CA 204 -39.88 -25.79 9.91
N THR CA 205 -39.78 -24.60 9.35
CA THR CA 205 -40.89 -23.64 9.45
C THR CA 205 -41.69 -23.77 8.16
N GLU CA 206 -43.01 -23.61 8.27
CA GLU CA 206 -43.87 -23.38 7.10
C GLU CA 206 -43.55 -21.97 6.56
N THR CA 207 -43.64 -21.82 5.26
CA THR CA 207 -43.37 -20.52 4.65
C THR CA 207 -44.52 -20.07 3.76
N ASN CA 208 -44.61 -18.76 3.52
CA ASN CA 208 -45.62 -18.23 2.67
C ASN CA 208 -44.99 -17.40 1.57
N TRP CA 209 -45.37 -17.68 0.33
CA TRP CA 209 -44.79 -17.05 -0.85
C TRP CA 209 -45.86 -16.31 -1.70
N ASP CA 210 -46.97 -15.90 -1.07
CA ASP CA 210 -48.08 -15.22 -1.74
C ASP CA 210 -47.62 -13.93 -2.41
N ILE CA 211 -46.64 -13.26 -1.80
CA ILE CA 211 -46.16 -12.01 -2.32
C ILE CA 211 -45.54 -12.17 -3.73
N ALA CA 212 -45.10 -13.38 -4.08
CA ALA CA 212 -44.63 -13.65 -5.41
C ALA CA 212 -45.62 -13.23 -6.52
N HIS CA 213 -46.92 -13.26 -6.21
CA HIS CA 213 -47.98 -12.78 -7.14
C HIS CA 213 -48.51 -11.34 -6.90
N MET CA 214 -47.89 -10.57 -5.99
CA MET CA 214 -48.27 -9.19 -5.67
C MET CA 214 -47.26 -8.16 -6.21
N ILE CA 215 -46.67 -8.39 -7.38
CA ILE CA 215 -45.76 -7.36 -7.92
C ILE CA 215 -46.70 -6.15 -8.28
N SER CA 216 -46.78 -5.22 -7.28
CA SER CA 216 -48.10 -4.72 -6.69
C SER CA 216 -48.93 -3.61 -7.41
N THR DA 1 -8.35 -30.70 -8.08
CA THR DA 1 -8.83 -32.00 -7.69
C THR DA 1 -10.35 -32.16 -7.60
N THR DA 2 -10.79 -33.38 -7.86
CA THR DA 2 -12.10 -33.83 -7.41
C THR DA 2 -11.95 -35.17 -6.70
N ILE DA 3 -12.55 -35.27 -5.51
CA ILE DA 3 -12.52 -36.48 -4.67
C ILE DA 3 -13.90 -36.75 -4.13
N MET DA 4 -14.15 -38.02 -3.85
CA MET DA 4 -15.46 -38.47 -3.43
C MET DA 4 -15.37 -39.83 -2.73
N ALA DA 5 -16.25 -40.05 -1.78
CA ALA DA 5 -16.38 -41.34 -1.16
C ALA DA 5 -17.83 -41.56 -0.82
N VAL DA 6 -18.24 -42.84 -0.85
CA VAL DA 6 -19.61 -43.18 -0.65
C VAL DA 6 -19.73 -44.43 0.27
N GLN DA 7 -20.61 -44.36 1.25
CA GLN DA 7 -20.86 -45.49 2.13
C GLN DA 7 -21.86 -46.49 1.45
N PHE DA 8 -21.62 -47.78 1.60
CA PHE DA 8 -22.62 -48.82 1.33
C PHE DA 8 -22.70 -49.85 2.48
N ASP DA 9 -23.69 -50.73 2.45
CA ASP DA 9 -23.83 -51.70 3.52
C ASP DA 9 -22.69 -52.70 3.40
N GLY DA 10 -21.72 -52.59 4.30
CA GLY DA 10 -20.52 -53.43 4.27
C GLY DA 10 -19.23 -52.77 3.81
N GLY DA 11 -19.24 -51.47 3.45
CA GLY DA 11 -18.00 -50.87 3.00
C GLY DA 11 -18.14 -49.49 2.48
N VAL DA 12 -17.11 -49.11 1.74
CA VAL DA 12 -17.05 -47.81 1.12
C VAL DA 12 -16.45 -47.90 -0.28
N VAL DA 13 -16.86 -46.95 -1.11
CA VAL DA 13 -16.21 -46.63 -2.38
C VAL DA 13 -15.59 -45.25 -2.32
N LEU DA 14 -14.37 -45.13 -2.85
CA LEU DA 14 -13.67 -43.86 -2.92
C LEU DA 14 -13.25 -43.66 -4.31
N GLY DA 15 -13.17 -42.39 -4.72
CA GLY DA 15 -12.66 -42.01 -6.05
C GLY DA 15 -11.95 -40.65 -6.11
N ALA DA 16 -11.02 -40.53 -7.06
CA ALA DA 16 -10.35 -39.28 -7.36
C ALA DA 16 -10.02 -39.19 -8.81
N ASP DA 17 -9.82 -37.95 -9.26
CA ASP DA 17 -9.23 -37.70 -10.58
C ASP DA 17 -7.73 -37.85 -10.42
N SER DA 18 -6.95 -37.60 -11.46
CA SER DA 18 -5.50 -37.78 -11.33
C SER DA 18 -4.66 -36.58 -11.72
N ARG DA 19 -5.23 -35.38 -11.72
CA ARG DA 19 -4.51 -34.18 -12.24
C ARG DA 19 -3.79 -33.39 -11.11
N THR DA 20 -2.51 -33.08 -11.28
CA THR DA 20 -1.78 -32.16 -10.42
C THR DA 20 -1.33 -30.99 -11.25
N THR DA 21 -1.62 -29.77 -10.82
CA THR DA 21 -1.22 -28.57 -11.56
C THR DA 21 -0.37 -27.58 -10.77
N THR DA 22 0.55 -26.89 -11.43
CA THR DA 22 1.15 -25.62 -10.95
C THR DA 22 0.74 -24.62 -11.98
N GLY DA 23 -0.02 -23.61 -11.57
CA GLY DA 23 -0.57 -22.65 -12.55
C GLY DA 23 -1.48 -23.49 -13.39
N SER DA 24 -1.39 -23.35 -14.70
CA SER DA 24 -2.19 -24.20 -15.53
C SER DA 24 -1.34 -25.30 -16.26
N TYR DA 25 -0.09 -25.55 -15.79
CA TYR DA 25 0.74 -26.68 -16.24
C TYR DA 25 0.41 -27.97 -15.45
N ILE DA 26 0.26 -29.08 -16.16
CA ILE DA 26 -0.08 -30.33 -15.53
C ILE DA 26 1.23 -31.01 -15.21
N ALA DA 27 1.59 -31.00 -13.94
CA ALA DA 27 2.86 -31.56 -13.49
C ALA DA 27 2.77 -33.06 -13.30
N ASN DA 28 1.57 -33.57 -13.06
CA ASN DA 28 1.35 -35.00 -13.07
C ASN DA 28 -0.04 -35.28 -13.60
N ARG DA 29 -0.17 -36.09 -14.66
CA ARG DA 29 -1.48 -36.42 -15.26
C ARG DA 29 -2.09 -37.72 -14.73
N VAL DA 30 -1.27 -38.50 -14.01
CA VAL DA 30 -1.73 -39.81 -13.49
C VAL DA 30 -1.50 -39.93 -12.00
N THR DA 31 -1.63 -38.79 -11.31
CA THR DA 31 -1.54 -38.72 -9.85
C THR DA 31 -2.43 -39.74 -9.11
N ASP DA 32 -1.89 -40.30 -8.04
CA ASP DA 32 -2.67 -41.16 -7.21
C ASP DA 32 -3.01 -40.37 -5.93
N LYS DA 33 -4.26 -39.97 -5.79
CA LYS DA 33 -4.70 -39.15 -4.66
C LYS DA 33 -5.44 -39.95 -3.58
N LEU DA 34 -5.52 -41.26 -3.73
CA LEU DA 34 -6.13 -42.10 -2.70
C LEU DA 34 -4.96 -42.77 -2.03
N THR DA 35 -4.66 -42.42 -0.80
CA THR DA 35 -3.50 -43.04 -0.13
C THR DA 35 -3.95 -43.95 1.00
N PRO DA 36 -3.38 -45.17 1.05
CA PRO DA 36 -3.74 -46.06 2.16
C PRO DA 36 -3.13 -45.57 3.48
N ILE DA 37 -3.96 -45.41 4.50
CA ILE DA 37 -3.49 -45.07 5.87
C ILE DA 37 -3.33 -46.31 6.77
N HIS DA 38 -4.15 -47.33 6.53
CA HIS DA 38 -3.99 -48.64 7.18
C HIS DA 38 -4.62 -49.66 6.24
N ASP DA 39 -4.68 -50.95 6.63
CA ASP DA 39 -5.20 -52.03 5.78
C ASP DA 39 -6.54 -51.73 5.13
N ARG DA 40 -7.46 -51.15 5.88
CA ARG DA 40 -8.79 -50.85 5.37
C ARG DA 40 -9.26 -49.39 5.59
N ILE DA 41 -8.31 -48.46 5.58
CA ILE DA 41 -8.61 -47.03 5.77
C ILE DA 41 -7.78 -46.23 4.78
N PHE DA 42 -8.46 -45.45 3.96
CA PHE DA 42 -7.82 -44.63 2.93
C PHE DA 42 -8.13 -43.18 3.20
N CYS DA 43 -7.27 -42.30 2.72
CA CYS DA 43 -7.70 -40.89 2.60
C CYS DA 43 -7.65 -40.42 1.15
N CYS DA 44 -8.58 -39.54 0.80
CA CYS DA 44 -8.56 -38.86 -0.48
C CYS DA 44 -8.02 -37.48 -0.25
N ARG DA 45 -7.09 -37.03 -1.06
CA ARG DA 45 -6.34 -35.85 -0.84
C ARG DA 45 -6.69 -34.75 -1.83
N SER DA 46 -7.05 -33.57 -1.32
CA SER DA 46 -7.13 -32.35 -2.14
C SER DA 46 -6.48 -31.17 -1.45
N GLY DA 47 -6.08 -30.20 -2.27
CA GLY DA 47 -5.50 -28.93 -1.84
C GLY DA 47 -4.06 -29.01 -2.20
N SER DA 48 -3.19 -28.56 -1.35
CA SER DA 48 -1.77 -28.64 -1.59
C SER DA 48 -1.21 -30.08 -1.49
N ALA DA 49 -0.46 -30.47 -2.51
CA ALA DA 49 0.17 -31.73 -2.59
C ALA DA 49 1.20 -31.93 -1.50
N ALA DA 50 2.03 -30.94 -1.22
CA ALA DA 50 3.03 -31.08 -0.19
C ALA DA 50 2.39 -31.27 1.17
N ASP DA 51 1.39 -30.45 1.47
CA ASP DA 51 0.69 -30.53 2.74
C ASP DA 51 -0.08 -31.84 2.96
N THR DA 52 -0.85 -32.25 1.99
CA THR DA 52 -1.60 -33.49 2.15
C THR DA 52 -0.71 -34.76 2.18
N GLN DA 53 0.37 -34.80 1.42
CA GLN DA 53 1.34 -35.86 1.55
C GLN DA 53 2.00 -35.87 2.94
N ALA DA 54 2.40 -34.68 3.46
CA ALA DA 54 3.09 -34.61 4.77
C ALA DA 54 2.14 -35.11 5.84
N VAL DA 55 0.90 -34.63 5.80
CA VAL DA 55 -0.09 -34.98 6.82
C VAL DA 55 -0.47 -36.46 6.77
N ALA DA 56 -0.66 -36.99 5.55
CA ALA DA 56 -1.01 -38.40 5.39
C ALA DA 56 0.10 -39.30 5.90
N ASP DA 57 1.36 -38.96 5.61
CA ASP DA 57 2.52 -39.71 6.10
C ASP DA 57 2.63 -39.72 7.67
N ALA DA 58 2.36 -38.56 8.28
CA ALA DA 58 2.36 -38.43 9.71
C ALA DA 58 1.24 -39.20 10.36
N VAL DA 59 0.05 -39.14 9.79
CA VAL DA 59 -1.10 -39.88 10.36
C VAL DA 59 -0.88 -41.38 10.26
N THR DA 60 -0.30 -41.80 9.13
CA THR DA 60 -0.05 -43.23 8.90
C THR DA 60 0.85 -43.73 10.05
N TYR DA 61 1.90 -42.95 10.31
CA TYR DA 61 2.80 -43.23 11.41
C TYR DA 61 2.10 -43.30 12.75
N GLN DA 62 1.31 -42.28 13.09
CA GLN DA 62 0.56 -42.28 14.35
C GLN DA 62 -0.42 -43.45 14.47
N LEU DA 63 -1.14 -43.75 13.41
CA LEU DA 63 -2.13 -44.81 13.44
C LEU DA 63 -1.50 -46.24 13.54
N GLY DA 64 -0.38 -46.45 12.86
CA GLY DA 64 0.28 -47.71 12.85
C GLY DA 64 0.83 -48.04 14.21
N PHE DA 65 1.40 -47.05 14.88
CA PHE DA 65 1.98 -47.26 16.20
C PHE DA 65 0.86 -47.54 17.16
N HIS DA 66 -0.15 -46.66 17.11
CA HIS DA 66 -1.37 -46.83 17.91
C HIS DA 66 -1.98 -48.25 17.79
N SER DA 67 -2.01 -48.75 16.55
CA SER DA 67 -2.63 -50.01 16.26
C SER DA 67 -1.83 -51.23 16.77
N ILE DA 68 -0.51 -51.16 16.66
CA ILE DA 68 0.37 -52.17 17.27
C ILE DA 68 0.23 -52.19 18.79
N GLU DA 69 0.23 -51.03 19.41
CA GLU DA 69 0.03 -50.93 20.87
C GLU DA 69 -1.25 -51.59 21.37
N LEU DA 70 -2.34 -51.35 20.64
CA LEU DA 70 -3.64 -51.87 21.00
C LEU DA 70 -3.84 -53.31 20.57
N ASN DA 71 -3.03 -53.78 19.60
CA ASN DA 71 -3.14 -55.10 19.05
C ASN DA 71 -4.52 -55.38 18.45
N GLU DA 72 -5.08 -54.38 17.78
CA GLU DA 72 -6.38 -54.49 17.11
C GLU DA 72 -6.40 -53.60 15.87
N PRO DA 73 -7.27 -53.92 14.90
CA PRO DA 73 -7.37 -52.99 13.73
C PRO DA 73 -7.91 -51.62 14.16
N PRO DA 74 -7.42 -50.57 13.55
CA PRO DA 74 -7.87 -49.23 13.98
C PRO DA 74 -9.28 -48.93 13.52
N LEU DA 75 -9.98 -48.10 14.29
CA LEU DA 75 -11.26 -47.54 13.92
C LEU DA 75 -11.13 -46.47 12.84
N VAL DA 76 -12.11 -46.44 11.94
CA VAL DA 76 -12.07 -45.42 10.90
C VAL DA 76 -12.18 -44.05 11.56
N HIS DA 77 -13.03 -43.97 12.58
CA HIS DA 77 -13.23 -42.76 13.35
C HIS DA 77 -11.92 -42.23 14.00
N THR DA 78 -11.03 -43.12 14.40
CA THR DA 78 -9.74 -42.77 14.94
C THR DA 78 -8.82 -42.17 13.88
N ALA DA 79 -8.77 -42.80 12.69
CA ALA DA 79 -7.99 -42.22 11.60
C ALA DA 79 -8.48 -40.81 11.29
N ALA DA 80 -9.79 -40.64 11.28
CA ALA DA 80 -10.38 -39.34 10.99
C ALA DA 80 -10.02 -38.29 12.05
N SER DA 81 -10.05 -38.72 13.30
CA SER DA 81 -9.71 -37.83 14.43
C SER DA 81 -8.30 -37.36 14.38
N LEU DA 82 -7.39 -38.23 13.99
CA LEU DA 82 -5.98 -37.84 13.90
C LEU DA 82 -5.76 -36.81 12.76
N PHE DA 83 -6.40 -37.01 11.62
CA PHE DA 83 -6.36 -36.04 10.55
C PHE DA 83 -6.88 -34.70 11.02
N LYS DA 84 -8.06 -34.76 11.66
CA LYS DA 84 -8.72 -33.59 12.22
C LYS DA 84 -7.80 -32.82 13.21
N GLU DA 85 -7.19 -33.52 14.14
CA GLU DA 85 -6.33 -32.88 15.13
C GLU DA 85 -5.22 -32.15 14.45
N MET DA 86 -4.57 -32.77 13.48
CA MET DA 86 -3.47 -32.16 12.80
C MET DA 86 -3.90 -30.97 11.86
N CYS DA 87 -4.97 -31.21 11.09
CA CYS DA 87 -5.54 -30.19 10.17
C CYS DA 87 -6.12 -28.99 10.92
N TYR DA 88 -6.66 -29.18 12.12
CA TYR DA 88 -7.21 -28.10 12.88
C TYR DA 88 -6.13 -27.28 13.57
N ARG DA 89 -5.25 -27.94 14.36
CA ARG DA 89 -4.08 -27.33 15.01
C ARG DA 89 -3.21 -26.52 14.03
N TYR DA 90 -2.91 -27.07 12.87
CA TYR DA 90 -2.13 -26.39 11.85
C TYR DA 90 -2.92 -25.69 10.72
N ARG DA 91 -4.15 -25.29 11.02
CA ARG DA 91 -5.11 -24.80 10.01
C ARG DA 91 -4.58 -23.51 9.39
N GLU DA 92 -3.78 -22.76 10.12
CA GLU DA 92 -3.18 -21.60 9.49
C GLU DA 92 -2.05 -21.90 8.51
N ASP DA 93 -1.44 -23.07 8.59
CA ASP DA 93 -0.24 -23.41 7.80
C ASP DA 93 -0.47 -24.54 6.80
N LEU DA 94 -1.72 -24.91 6.57
CA LEU DA 94 -2.00 -26.05 5.72
C LEU DA 94 -3.13 -25.69 4.79
N MET DA 95 -3.06 -26.22 3.58
CA MET DA 95 -4.15 -26.16 2.64
C MET DA 95 -4.49 -27.62 2.28
N ALA DA 96 -5.44 -28.20 3.00
CA ALA DA 96 -5.72 -29.62 2.94
C ALA DA 96 -7.20 -29.81 3.09
N GLY DA 97 -7.83 -30.40 2.05
CA GLY DA 97 -9.22 -30.82 2.13
C GLY DA 97 -9.22 -32.36 1.97
N ILE DA 98 -9.62 -33.06 3.03
CA ILE DA 98 -9.44 -34.49 3.15
C ILE DA 98 -10.79 -35.22 3.24
N ILE DA 99 -10.84 -36.41 2.64
CA ILE DA 99 -11.92 -37.36 2.97
C ILE DA 99 -11.27 -38.62 3.50
N ILE DA 100 -11.74 -39.06 4.67
CA ILE DA 100 -11.24 -40.34 5.25
C ILE DA 100 -12.34 -41.39 5.10
N ALA DA 101 -12.02 -42.53 4.51
CA ALA DA 101 -13.06 -43.57 4.33
C ALA DA 101 -12.46 -44.95 4.47
N GLY DA 102 -13.25 -45.83 5.05
CA GLY DA 102 -12.76 -47.17 5.24
C GLY DA 102 -13.74 -48.05 5.95
N TRP DA 103 -13.23 -49.18 6.41
CA TRP DA 103 -14.05 -50.18 7.11
C TRP DA 103 -13.32 -50.57 8.38
N ASP DA 104 -14.07 -50.70 9.46
CA ASP DA 104 -13.58 -51.43 10.65
C ASP DA 104 -14.66 -52.36 11.22
N PRO DA 105 -14.27 -53.34 12.10
CA PRO DA 105 -15.27 -54.37 12.54
C PRO DA 105 -16.36 -53.84 13.43
N GLN DA 106 -16.12 -52.70 14.05
CA GLN DA 106 -17.04 -52.16 15.01
C GLN DA 106 -18.17 -51.37 14.34
N GLU DA 107 -17.82 -50.52 13.39
CA GLU DA 107 -18.79 -49.57 12.80
C GLU DA 107 -18.97 -49.73 11.30
N GLY DA 108 -18.28 -50.67 10.67
CA GLY DA 108 -18.47 -50.95 9.25
C GLY DA 108 -17.94 -49.84 8.34
N GLY DA 109 -18.67 -49.57 7.27
CA GLY DA 109 -18.25 -48.67 6.24
C GLY DA 109 -18.50 -47.23 6.68
N GLN DA 110 -17.45 -46.44 6.70
CA GLN DA 110 -17.64 -45.07 7.13
C GLN DA 110 -16.92 -44.03 6.26
N VAL DA 111 -17.54 -42.87 6.11
CA VAL DA 111 -16.98 -41.72 5.37
C VAL DA 111 -16.98 -40.46 6.24
N TYR DA 112 -15.81 -39.85 6.39
CA TYR DA 112 -15.64 -38.61 7.14
C TYR DA 112 -15.03 -37.54 6.27
N SER DA 113 -15.59 -36.34 6.31
CA SER DA 113 -14.96 -35.17 5.70
C SER DA 113 -14.17 -34.37 6.71
N VAL DA 114 -12.92 -34.03 6.37
CA VAL DA 114 -12.15 -33.07 7.14
C VAL DA 114 -11.77 -31.94 6.18
N PRO DA 115 -12.66 -31.01 6.00
CA PRO DA 115 -12.41 -29.93 5.04
C PRO DA 115 -11.42 -28.92 5.60
N MET DA 116 -11.08 -27.95 4.76
CA MET DA 116 -10.15 -26.91 5.20
C MET DA 116 -10.67 -26.21 6.43
N GLY DA 117 -9.75 -25.98 7.38
CA GLY DA 117 -10.14 -25.45 8.67
C GLY DA 117 -10.08 -26.52 9.78
N GLY DA 118 -10.28 -27.79 9.42
CA GLY DA 118 -10.16 -28.90 10.36
C GLY DA 118 -11.38 -29.29 11.14
N MET DA 119 -12.58 -28.99 10.65
CA MET DA 119 -13.77 -29.56 11.23
C MET DA 119 -13.82 -31.04 10.83
N MET DA 120 -14.67 -31.83 11.46
CA MET DA 120 -14.84 -33.26 11.03
C MET DA 120 -16.27 -33.65 11.12
N VAL DA 121 -16.79 -34.36 10.11
CA VAL DA 121 -18.18 -34.72 10.11
C VAL DA 121 -18.33 -36.02 9.38
N ARG DA 122 -19.20 -36.89 9.90
CA ARG DA 122 -19.48 -38.15 9.23
C ARG DA 122 -20.57 -37.93 8.18
N GLN DA 123 -20.45 -38.56 7.03
CA GLN DA 123 -21.45 -38.40 5.97
C GLN DA 123 -21.77 -39.71 5.22
N SER DA 124 -22.97 -39.82 4.67
CA SER DA 124 -23.31 -40.97 3.75
C SER DA 124 -22.42 -41.01 2.56
N PHE DA 125 -22.19 -39.82 1.99
CA PHE DA 125 -21.18 -39.63 0.95
C PHE DA 125 -20.59 -38.24 1.07
N ALA DA 126 -19.41 -38.08 0.49
CA ALA DA 126 -18.72 -36.81 0.57
C ALA DA 126 -18.07 -36.51 -0.76
N ILE DA 127 -17.96 -35.21 -1.06
CA ILE DA 127 -17.19 -34.74 -2.19
C ILE DA 127 -16.32 -33.59 -1.76
N GLY DA 128 -15.20 -33.42 -2.42
CA GLY DA 128 -14.33 -32.28 -2.11
C GLY DA 128 -13.42 -32.01 -3.26
N GLY DA 129 -12.55 -31.02 -3.07
CA GLY DA 129 -11.69 -30.53 -4.11
C GLY DA 129 -12.38 -29.45 -4.94
N SER DA 130 -11.59 -28.74 -5.74
CA SER DA 130 -12.04 -27.59 -6.51
C SER DA 130 -13.19 -28.05 -7.44
N GLY DA 131 -13.06 -29.23 -8.02
CA GLY DA 131 -14.06 -29.73 -8.95
C GLY DA 131 -15.41 -30.07 -8.39
N SER DA 132 -15.47 -30.24 -7.07
CA SER DA 132 -16.68 -30.68 -6.41
C SER DA 132 -17.82 -29.65 -6.57
N SER DA 133 -17.49 -28.36 -6.71
CA SER DA 133 -18.49 -27.32 -6.97
C SER DA 133 -19.44 -27.76 -8.10
N TYR DA 134 -18.89 -28.31 -9.17
CA TYR DA 134 -19.64 -28.55 -10.36
C TYR DA 134 -20.52 -29.77 -10.33
N ILE DA 135 -20.39 -30.59 -9.27
CA ILE DA 135 -21.24 -31.72 -9.11
C ILE DA 135 -22.15 -31.73 -7.92
N TYR DA 136 -22.30 -30.63 -7.17
CA TYR DA 136 -23.26 -30.67 -6.04
C TYR DA 136 -24.67 -31.03 -6.52
N GLY DA 137 -25.12 -30.33 -7.52
CA GLY DA 137 -26.43 -30.65 -8.11
C GLY DA 137 -26.61 -32.10 -8.57
N TYR DA 138 -25.63 -32.62 -9.29
CA TYR DA 138 -25.68 -33.97 -9.74
C TYR DA 138 -25.79 -34.95 -8.59
N VAL DA 139 -24.90 -34.84 -7.58
CA VAL DA 139 -24.95 -35.76 -6.49
C VAL DA 139 -26.24 -35.60 -5.70
N ASP DA 140 -26.69 -34.38 -5.48
CA ASP DA 140 -27.94 -34.18 -4.74
C ASP DA 140 -29.15 -34.83 -5.49
N ALA DA 141 -29.15 -34.84 -6.84
CA ALA DA 141 -30.28 -35.38 -7.63
C ALA DA 141 -30.18 -36.90 -7.78
N THR DA 142 -28.97 -37.45 -7.77
CA THR DA 142 -28.73 -38.81 -8.12
C THR DA 142 -28.56 -39.71 -6.89
N TYR DA 143 -28.04 -39.22 -5.78
CA TYR DA 143 -27.92 -40.07 -4.61
C TYR DA 143 -29.23 -40.79 -4.26
N ARG DA 144 -29.13 -42.05 -3.89
CA ARG DA 144 -30.27 -42.81 -3.32
C ARG DA 144 -29.78 -43.58 -2.09
N GLU DA 145 -30.55 -43.56 -1.01
CA GLU DA 145 -30.31 -44.44 0.13
C GLU DA 145 -30.28 -45.93 -0.33
N GLY DA 146 -29.35 -46.69 0.21
CA GLY DA 146 -29.29 -48.14 0.01
C GLY DA 146 -28.67 -48.62 -1.29
N MET DA 147 -27.83 -47.80 -1.92
CA MET DA 147 -27.10 -48.23 -3.13
CA MET DA 147 -27.12 -48.22 -3.13
C MET DA 147 -26.18 -49.41 -2.85
N THR DA 148 -26.06 -50.31 -3.81
CA THR DA 148 -25.10 -51.41 -3.72
C THR DA 148 -23.69 -50.92 -4.00
N LYS DA 149 -22.72 -51.76 -3.71
CA LYS DA 149 -21.33 -51.48 -4.03
C LYS DA 149 -21.17 -51.05 -5.50
N GLU DA 150 -21.73 -51.84 -6.38
CA GLU DA 150 -21.62 -51.63 -7.82
C GLU DA 150 -22.27 -50.30 -8.26
N GLU DA 151 -23.40 -49.98 -7.66
CA GLU DA 151 -24.06 -48.70 -7.86
C GLU DA 151 -23.25 -47.49 -7.34
N CYS DA 152 -22.59 -47.67 -6.17
CA CYS DA 152 -21.68 -46.65 -5.60
C CYS DA 152 -20.49 -46.44 -6.53
N LEU DA 153 -19.93 -47.52 -7.08
CA LEU DA 153 -18.82 -47.37 -8.05
C LEU DA 153 -19.25 -46.59 -9.30
N GLN DA 154 -20.45 -46.87 -9.84
CA GLN DA 154 -20.99 -46.17 -11.03
C GLN DA 154 -21.32 -44.69 -10.77
N PHE DA 155 -21.98 -44.43 -9.64
CA PHE DA 155 -22.31 -43.10 -9.11
C PHE DA 155 -21.06 -42.25 -8.97
N THR DA 156 -20.04 -42.82 -8.34
CA THR DA 156 -18.75 -42.18 -8.16
C THR DA 156 -18.02 -41.93 -9.48
N ALA DA 157 -17.97 -42.93 -10.36
CA ALA DA 157 -17.30 -42.73 -11.64
C ALA DA 157 -17.97 -41.62 -12.49
N ASN DA 158 -19.31 -41.59 -12.49
CA ASN DA 158 -20.07 -40.60 -13.22
C ASN DA 158 -19.87 -39.19 -12.67
N ALA DA 159 -19.97 -39.04 -11.35
CA ALA DA 159 -19.77 -37.75 -10.71
C ALA DA 159 -18.41 -37.22 -11.04
N LEU DA 160 -17.40 -38.07 -10.89
CA LEU DA 160 -16.02 -37.59 -11.17
C LEU DA 160 -15.82 -37.23 -12.64
N ALA DA 161 -16.40 -38.04 -13.55
CA ALA DA 161 -16.31 -37.75 -14.99
C ALA DA 161 -16.86 -36.36 -15.32
N LEU DA 162 -18.02 -36.04 -14.72
CA LEU DA 162 -18.70 -34.76 -14.92
C LEU DA 162 -17.88 -33.58 -14.40
N ALA DA 163 -17.34 -33.71 -13.19
CA ALA DA 163 -16.45 -32.68 -12.62
C ALA DA 163 -15.20 -32.52 -13.47
N MET DA 164 -14.61 -33.63 -13.90
CA MET DA 164 -13.38 -33.56 -14.69
C MET DA 164 -13.60 -32.84 -16.02
N GLU DA 165 -14.77 -32.98 -16.60
CA GLU DA 165 -15.08 -32.34 -17.86
C GLU DA 165 -15.02 -30.79 -17.76
N ARG DA 166 -15.57 -30.27 -16.66
CA ARG DA 166 -15.72 -28.89 -16.38
C ARG DA 166 -14.59 -28.16 -15.65
N ASP DA 167 -13.93 -28.83 -14.70
CA ASP DA 167 -12.92 -28.20 -13.86
C ASP DA 167 -11.56 -28.34 -14.51
N GLY DA 168 -11.00 -27.21 -14.88
CA GLY DA 168 -9.64 -27.13 -15.38
C GLY DA 168 -8.61 -27.77 -14.40
N SER DA 169 -8.89 -27.73 -13.12
CA SER DA 169 -7.95 -28.32 -12.16
C SER DA 169 -8.08 -29.80 -11.93
N SER DA 170 -9.09 -30.44 -12.54
CA SER DA 170 -9.31 -31.88 -12.43
C SER DA 170 -9.16 -32.53 -13.80
N GLY DA 171 -8.79 -33.80 -13.84
CA GLY DA 171 -8.76 -34.53 -15.10
C GLY DA 171 -7.90 -35.77 -15.08
N GLY DA 172 -7.69 -36.35 -16.27
CA GLY DA 172 -6.78 -37.47 -16.46
C GLY DA 172 -7.54 -38.78 -16.43
N VAL DA 173 -7.21 -39.65 -15.48
CA VAL DA 173 -7.93 -40.92 -15.25
C VAL DA 173 -8.68 -40.83 -13.92
N ILE DA 174 -9.60 -41.77 -13.73
CA ILE DA 174 -10.38 -41.86 -12.52
C ILE DA 174 -9.85 -43.06 -11.77
N ARG DA 175 -9.39 -42.86 -10.54
CA ARG DA 175 -8.96 -43.96 -9.64
C ARG DA 175 -10.06 -44.25 -8.64
N LEU DA 176 -10.47 -45.53 -8.57
CA LEU DA 176 -11.52 -45.97 -7.67
C LEU DA 176 -10.96 -47.04 -6.78
N ALA DA 177 -11.54 -47.16 -5.59
CA ALA DA 177 -11.19 -48.17 -4.62
C ALA DA 177 -12.45 -48.54 -3.90
N ALA DA 178 -12.62 -49.85 -3.65
CA ALA DA 178 -13.67 -50.31 -2.78
C ALA DA 178 -13.05 -51.02 -1.58
N ILE DA 179 -13.61 -50.77 -0.41
CA ILE DA 179 -13.08 -51.29 0.83
C ILE DA 179 -14.20 -51.95 1.57
N ALA DA 180 -13.93 -53.16 2.02
CA ALA DA 180 -14.87 -53.91 2.79
C ALA DA 180 -14.08 -54.88 3.70
N GLU DA 181 -14.81 -55.70 4.46
CA GLU DA 181 -14.17 -56.68 5.31
C GLU DA 181 -13.20 -57.55 4.52
N SER DA 182 -13.58 -57.95 3.32
CA SER DA 182 -12.73 -58.80 2.50
C SER DA 182 -11.42 -58.19 2.03
N GLY DA 183 -11.32 -56.85 2.01
CA GLY DA 183 -10.09 -56.17 1.60
C GLY DA 183 -10.35 -54.96 0.74
N VAL DA 184 -9.35 -54.63 -0.08
CA VAL DA 184 -9.34 -53.41 -0.90
C VAL DA 184 -9.16 -53.80 -2.36
N GLU DA 185 -10.03 -53.26 -3.23
CA GLU DA 185 -10.00 -53.50 -4.66
C GLU DA 185 -9.85 -52.17 -5.36
N ARG DA 186 -8.75 -52.00 -6.07
CA ARG DA 186 -8.44 -50.81 -6.74
C ARG DA 186 -8.57 -51.01 -8.25
N GLN DA 187 -9.05 -50.00 -8.96
CA GLN DA 187 -9.01 -49.97 -10.42
C GLN DA 187 -8.88 -48.54 -10.95
N VAL DA 188 -8.46 -48.43 -12.20
CA VAL DA 188 -8.36 -47.20 -12.96
C VAL DA 188 -9.35 -47.24 -14.12
N LEU DA 189 -10.14 -46.19 -14.30
CA LEU DA 189 -10.91 -45.96 -15.53
C LEU DA 189 -10.14 -44.98 -16.37
N LEU DA 190 -9.77 -45.36 -17.59
CA LEU DA 190 -9.06 -44.47 -18.49
C LEU DA 190 -9.64 -44.47 -19.88
N GLY DA 191 -9.34 -43.41 -20.64
CA GLY DA 191 -9.81 -43.28 -22.01
C GLY DA 191 -11.30 -43.55 -22.15
N ASP DA 192 -11.64 -44.49 -23.02
CA ASP DA 192 -13.04 -44.84 -23.30
C ASP DA 192 -13.82 -45.41 -22.14
N GLN DA 193 -13.12 -45.87 -21.11
CA GLN DA 193 -13.78 -46.40 -19.95
C GLN DA 193 -14.45 -45.31 -19.10
N ILE DA 194 -14.04 -44.04 -19.25
CA ILE DA 194 -14.59 -42.93 -18.42
C ILE DA 194 -15.99 -42.64 -18.97
N PRO DA 195 -17.02 -42.56 -18.10
CA PRO DA 195 -18.34 -42.23 -18.59
C PRO DA 195 -18.34 -40.96 -19.39
N LYS DA 196 -19.19 -40.95 -20.41
CA LYS DA 196 -19.19 -39.98 -21.50
C LYS DA 196 -20.58 -39.36 -21.54
N PHE DA 197 -20.65 -38.04 -21.71
CA PHE DA 197 -21.94 -37.36 -21.88
C PHE DA 197 -21.71 -36.33 -23.00
N ALA DA 198 -22.49 -36.36 -24.08
CA ALA DA 198 -22.36 -35.35 -25.20
C ALA DA 198 -22.24 -33.87 -24.76
N VAL DA 199 -21.32 -33.11 -25.39
CA VAL DA 199 -21.46 -31.62 -25.50
C VAL DA 199 -22.77 -31.44 -26.28
N ALA DA 200 -23.58 -30.48 -25.85
CA ALA DA 200 -24.98 -30.40 -26.30
C ALA DA 200 -25.05 -29.50 -27.53
N THR DA 201 -24.42 -29.96 -28.61
CA THR DA 201 -24.22 -29.19 -29.87
C THR DA 201 -25.54 -28.83 -30.53
N LEU DA 202 -25.49 -27.78 -31.36
CA LEU DA 202 -26.73 -27.15 -31.83
C LEU DA 202 -27.55 -28.03 -32.82
N PRO DA 203 -28.87 -28.30 -32.49
CA PRO DA 203 -29.80 -28.97 -33.42
C PRO DA 203 -29.89 -28.35 -34.84
#